data_3O8O
#
_entry.id   3O8O
#
_cell.length_a   180.046
_cell.length_b   186.205
_cell.length_c   236.507
_cell.angle_alpha   90.00
_cell.angle_beta   90.00
_cell.angle_gamma   90.00
#
_symmetry.space_group_name_H-M   'P 21 21 21'
#
loop_
_entity.id
_entity.type
_entity.pdbx_description
1 polymer '6-phosphofructokinase subunit alpha'
2 polymer '6-phosphofructokinase subunit beta'
3 non-polymer 6-O-phosphono-beta-D-fructofuranose
4 non-polymer 2,6-di-O-phosphono-beta-D-fructofuranose
#
loop_
_entity_poly.entity_id
_entity_poly.type
_entity_poly.pdbx_seq_one_letter_code
_entity_poly.pdbx_strand_id
1 'polypeptide(L)'
;SSQKKKKIAVMTSGGDSPGMNAAVRAVVRTGIHFGCDVFAVYEGYEGLLRGGKYLKKMAWEDVRGWLSEGGTLIGTARSM
EFRKREGRRQAAGNLISQGIDALVVCGGDGSLTGADLFRHEWPSLVDELVAEGRFTKEEVAPYKNLSIVGLVGSIDNDMS
GTDSTIGAYSALERICEMVDYIDATAKSHSRAFVVEVMGRHCGWLALMAGIATGADYIFIPERAVPHGKWQDELKEVCQR
HRSKGRRNNTIIVAEGALDDQLNPVTANDVKDALIELGLDTKVTILGHVQRGGTAVAHDRWLATLQGVDAVKAVLEFTPE
TPSPLIGILENKIIRMPLVESVKLTKSVATAIENKDFDKAISLRDTEFIELYENFLSTTVKDDGSELLPVSDRLNIGIVH
VGAPSAALNAATRAATLYCLSHGHKPYAIMNGFSGLIQTGEVKELSWIDVENWHNLGGSEIGTNRSVASEDLGTIAYYFQ
KNKLDGLIILGGFEGFRSLKQLRDGRTQHPIFNIPMCLIPATVSNNVPGTEYSLGVDTCLNALVNYTDDIKQSASATRRR
VFVCEVQGGHSGYIASFTGLITGAVSVYTPEKKIDLASIREDITLLKENFRHDKGENRNGKLLVRNEQASSVYSTQLLAD
IISEASKGKFGVRTAIPGHVQQGGVPSSKDRVTASRFAVKCIKFIEQWNKKNEASPNTDAKVLRFKFDTHGEKVPTVEHE
DDSAAVICVNGSHVSFKPIANLWENETNVELRKGFEVHWAEYNKIGDILSGRLKLRAEVAALAAENK
;
A,C,E,G
2 'polypeptide(L)'
;RPQKAIAVMTSGGDAPGMNSNVRAIVRSAIFKGCRAFVVMEGYEGLVRGGPEYIKEFHWEDVRGWSAEGGTNIGTARCME
FKKREGRLLGAQHLIEAGVDALIVCGGDGSLTGADLFRSEWPSLIEELLKTNRISNEQYERMKHLNICGTVGSIDNDMST
TDATIGAYSALDRICKAIDYVEATANSHSRAFVVEVMGRNCGWLALLAGIATSADYIFIPEKPATSSEWQDQMCDIVSKH
RSRGKRTTIVVVAEGAIAADLTPISPSDVHKVLVDRLGLDTRITTLGHVQRGGTAVAYDRILATLQGLEAVNAVLESTPD
TPSPLIAVNENKIVRKPLMESVKLTKAVAEAIQAKDFKRAMSLRDTEFIEHLNNFMAINSADHNEPKLPKDKRLKIAIVN
VGAPAGGINSAVYSMATYCMSQGHRPYAIYNGWSGLARHESVRSLNWKDMLGWQSRGGSEIGTNRVTPEEADLGMIAYYF
QKYEFDGLIIVGGFEAFESLHQLERARESYPAFRIPMVLIPATLSNNVPGTEYSLGSDTALNALMEYCDVVKQSASSTRG
RAFVVDCQGGNSGYLATYASLAVGAQVSYVPEEGISLEQLSEDIEYLAQSFEKAEGRGRFGKLILKSTNASKALSATKLA
EVITAEADGRFDAKPAYPGHVQQGGLPSPIDRTRATRMAIKAVGFIKDNQAAIAEARAAEENFNADDKTISDTAAVVGVK
GSHVVYNSIRQLYDYETEVSMRMPKVIHWQATRLIADHLVGRKRVD
;
B,D,F,H
#
loop_
_chem_comp.id
_chem_comp.type
_chem_comp.name
_chem_comp.formula
F6P D-saccharide, beta linking 6-O-phosphono-beta-D-fructofuranose 'C6 H13 O9 P'
FDP D-saccharide, beta linking 2,6-di-O-phosphono-beta-D-fructofuranose 'C6 H14 O12 P2'
#
# COMPACT_ATOMS: atom_id res chain seq x y z
N LYS A 5 -70.21 -9.93 9.94
CA LYS A 5 -69.76 -8.74 9.14
C LYS A 5 -69.66 -7.52 10.09
N LYS A 6 -68.55 -7.43 10.84
CA LYS A 6 -68.34 -6.35 11.82
C LYS A 6 -68.46 -4.95 11.26
N LYS A 7 -69.38 -4.16 11.79
CA LYS A 7 -69.51 -2.79 11.33
C LYS A 7 -68.81 -1.92 12.36
N ILE A 8 -68.21 -0.82 11.91
CA ILE A 8 -67.54 0.08 12.83
C ILE A 8 -67.99 1.47 12.48
N ALA A 9 -68.02 2.33 13.49
CA ALA A 9 -68.44 3.71 13.30
C ALA A 9 -67.42 4.67 13.84
N VAL A 10 -67.12 5.69 13.03
CA VAL A 10 -66.16 6.73 13.42
C VAL A 10 -66.89 8.05 13.59
N MET A 11 -66.56 8.73 14.67
CA MET A 11 -67.18 10.00 14.95
C MET A 11 -66.08 10.98 15.30
N THR A 12 -66.30 12.25 14.96
CA THR A 12 -65.32 13.30 15.22
C THR A 12 -66.02 14.38 16.08
N SER A 13 -65.74 14.32 17.38
CA SER A 13 -66.34 15.21 18.35
C SER A 13 -65.39 16.23 18.98
N GLY A 14 -65.93 17.31 19.52
CA GLY A 14 -65.10 18.31 20.17
C GLY A 14 -64.55 19.33 19.20
N GLY A 15 -63.55 20.10 19.63
CA GLY A 15 -62.94 21.09 18.76
C GLY A 15 -62.26 20.33 17.64
N ASP A 16 -62.46 20.76 16.40
CA ASP A 16 -61.83 20.08 15.28
C ASP A 16 -60.34 20.40 15.32
N SER A 17 -59.55 19.64 14.55
CA SER A 17 -58.12 19.90 14.49
C SER A 17 -57.61 19.33 13.17
N PRO A 18 -56.58 19.99 12.58
CA PRO A 18 -56.06 19.50 11.32
C PRO A 18 -55.58 18.07 11.47
N GLY A 19 -56.02 17.20 10.55
CA GLY A 19 -55.63 15.81 10.58
C GLY A 19 -56.75 14.83 10.81
N MET A 20 -57.87 15.31 11.35
CA MET A 20 -59.00 14.44 11.62
C MET A 20 -59.44 13.70 10.38
N ASN A 21 -59.63 14.42 9.28
CA ASN A 21 -60.05 13.76 8.04
C ASN A 21 -59.06 12.66 7.68
N ALA A 22 -57.76 12.92 7.87
CA ALA A 22 -56.73 11.94 7.59
C ALA A 22 -57.02 10.72 8.44
N ALA A 23 -57.30 10.98 9.71
CA ALA A 23 -57.61 9.96 10.70
C ALA A 23 -58.84 9.13 10.32
N VAL A 24 -59.92 9.81 9.95
CA VAL A 24 -61.12 9.11 9.58
C VAL A 24 -60.84 8.25 8.36
N ARG A 25 -60.22 8.85 7.35
CA ARG A 25 -59.92 8.13 6.12
C ARG A 25 -59.19 6.82 6.35
N ALA A 26 -58.35 6.78 7.36
CA ALA A 26 -57.62 5.55 7.63
C ALA A 26 -58.59 4.54 8.17
N VAL A 27 -59.30 4.90 9.24
CA VAL A 27 -60.26 4.01 9.89
C VAL A 27 -61.21 3.38 8.89
N VAL A 28 -61.81 4.21 8.05
CA VAL A 28 -62.70 3.70 7.02
C VAL A 28 -61.98 2.63 6.22
N ARG A 29 -60.91 3.02 5.51
CA ARG A 29 -60.18 2.09 4.68
C ARG A 29 -59.52 0.90 5.36
N THR A 30 -58.92 1.13 6.52
CA THR A 30 -58.30 0.02 7.22
C THR A 30 -59.39 -0.99 7.54
N GLY A 31 -60.58 -0.49 7.83
CA GLY A 31 -61.67 -1.39 8.14
C GLY A 31 -62.11 -2.16 6.90
N ILE A 32 -62.51 -1.42 5.87
CA ILE A 32 -62.95 -2.04 4.64
C ILE A 32 -61.94 -3.11 4.20
N HIS A 33 -60.66 -2.82 4.37
CA HIS A 33 -59.61 -3.75 3.99
C HIS A 33 -59.72 -5.05 4.76
N PHE A 34 -60.05 -4.93 6.05
CA PHE A 34 -60.19 -6.10 6.90
C PHE A 34 -61.62 -6.62 6.87
N GLY A 35 -62.27 -6.42 5.73
CA GLY A 35 -63.62 -6.90 5.56
C GLY A 35 -64.74 -6.25 6.37
N CYS A 36 -64.42 -5.38 7.35
CA CYS A 36 -65.48 -4.75 8.13
C CYS A 36 -66.26 -3.77 7.28
N ASP A 37 -67.24 -3.12 7.90
CA ASP A 37 -68.03 -2.10 7.22
C ASP A 37 -67.83 -0.90 8.11
N VAL A 38 -67.61 0.27 7.53
CA VAL A 38 -67.42 1.42 8.39
C VAL A 38 -68.51 2.46 8.13
N PHE A 39 -68.92 3.11 9.20
CA PHE A 39 -69.95 4.13 9.14
C PHE A 39 -69.46 5.44 9.76
N ALA A 40 -69.75 6.52 9.05
CA ALA A 40 -69.38 7.84 9.50
C ALA A 40 -70.52 8.36 10.34
N VAL A 41 -70.20 9.14 11.36
CA VAL A 41 -71.22 9.71 12.20
C VAL A 41 -71.11 11.23 12.09
N TYR A 42 -72.08 11.84 11.44
CA TYR A 42 -72.04 13.29 11.27
C TYR A 42 -72.41 14.13 12.49
N GLU A 43 -71.83 15.32 12.56
CA GLU A 43 -72.06 16.25 13.66
C GLU A 43 -71.82 15.64 15.04
N GLY A 44 -70.87 14.72 15.13
CA GLY A 44 -70.48 14.12 16.40
C GLY A 44 -71.57 13.42 17.15
N TYR A 45 -71.52 13.50 18.48
CA TYR A 45 -72.52 12.85 19.32
C TYR A 45 -73.94 13.25 18.90
N GLU A 46 -74.12 14.53 18.58
CA GLU A 46 -75.41 15.01 18.13
C GLU A 46 -75.92 14.05 17.07
N GLY A 47 -75.16 13.91 16.00
CA GLY A 47 -75.55 13.02 14.92
C GLY A 47 -75.72 11.58 15.36
N LEU A 48 -74.95 11.15 16.35
CA LEU A 48 -75.06 9.76 16.83
C LEU A 48 -76.43 9.63 17.47
N LEU A 49 -76.87 10.71 18.13
CA LEU A 49 -78.15 10.80 18.81
C LEU A 49 -79.22 10.73 17.75
N ARG A 50 -79.21 11.71 16.86
CA ARG A 50 -80.19 11.80 15.76
C ARG A 50 -80.35 10.51 14.96
N GLY A 51 -79.44 9.55 15.16
CA GLY A 51 -79.51 8.30 14.42
C GLY A 51 -79.70 8.50 12.92
N GLY A 52 -79.91 7.38 12.22
CA GLY A 52 -80.14 7.36 10.77
C GLY A 52 -79.83 8.59 9.95
N LYS A 53 -79.24 8.39 8.77
CA LYS A 53 -78.86 9.49 7.87
C LYS A 53 -77.68 10.23 8.50
N TYR A 54 -77.84 10.71 9.73
CA TYR A 54 -76.74 11.36 10.44
C TYR A 54 -75.74 10.24 10.79
N LEU A 55 -75.93 9.10 10.15
CA LEU A 55 -75.09 7.94 10.35
C LEU A 55 -75.01 7.32 8.94
N LYS A 56 -73.80 7.19 8.38
CA LYS A 56 -73.68 6.68 7.01
C LYS A 56 -72.60 5.66 6.65
N LYS A 57 -72.99 4.70 5.82
CA LYS A 57 -72.10 3.63 5.35
C LYS A 57 -71.11 4.29 4.40
N MET A 58 -69.82 4.17 4.70
CA MET A 58 -68.77 4.78 3.90
C MET A 58 -68.17 3.86 2.87
N ALA A 59 -68.01 4.41 1.66
CA ALA A 59 -67.43 3.69 0.54
C ALA A 59 -65.92 3.92 0.57
N TRP A 60 -65.15 3.16 -0.22
CA TRP A 60 -63.70 3.35 -0.24
C TRP A 60 -63.36 4.76 -0.73
N GLU A 61 -64.03 5.16 -1.80
CA GLU A 61 -63.79 6.46 -2.40
C GLU A 61 -64.46 7.59 -1.65
N ASP A 62 -65.18 7.25 -0.59
CA ASP A 62 -65.84 8.29 0.18
C ASP A 62 -64.84 9.18 0.92
N VAL A 63 -63.63 8.66 1.10
CA VAL A 63 -62.60 9.42 1.77
C VAL A 63 -61.41 9.79 0.87
N ARG A 64 -61.57 9.71 -0.44
CA ARG A 64 -60.47 10.04 -1.31
C ARG A 64 -60.12 11.53 -1.17
N GLY A 65 -58.84 11.84 -1.00
CA GLY A 65 -58.39 13.22 -0.86
C GLY A 65 -58.47 13.79 0.55
N TRP A 66 -58.93 12.99 1.49
CA TRP A 66 -59.10 13.45 2.86
C TRP A 66 -57.81 13.75 3.60
N LEU A 67 -56.69 13.39 2.98
CA LEU A 67 -55.39 13.64 3.59
C LEU A 67 -55.04 15.11 3.57
N SER A 68 -55.61 15.84 2.62
CA SER A 68 -55.33 17.27 2.45
C SER A 68 -56.54 18.21 2.64
N GLU A 69 -57.40 17.85 3.61
CA GLU A 69 -58.61 18.60 3.94
C GLU A 69 -58.62 19.20 5.33
N GLY A 70 -59.08 20.44 5.42
CA GLY A 70 -59.12 21.11 6.71
C GLY A 70 -60.13 20.51 7.67
N GLY A 71 -60.15 21.00 8.91
CA GLY A 71 -61.09 20.50 9.92
C GLY A 71 -61.56 19.07 9.75
N THR A 72 -62.83 18.82 10.09
CA THR A 72 -63.41 17.48 9.91
C THR A 72 -64.61 17.51 8.96
N LEU A 73 -64.53 16.69 7.93
CA LEU A 73 -65.55 16.62 6.93
C LEU A 73 -66.82 15.92 7.40
N ILE A 74 -66.83 15.39 8.60
CA ILE A 74 -68.04 14.75 9.06
C ILE A 74 -68.51 15.53 10.26
N GLY A 75 -68.14 16.82 10.27
CA GLY A 75 -68.54 17.72 11.35
C GLY A 75 -68.37 17.30 12.81
N THR A 76 -68.61 18.28 13.68
CA THR A 76 -68.52 18.07 15.11
C THR A 76 -69.45 19.08 15.79
N ALA A 77 -70.57 18.56 16.26
CA ALA A 77 -71.56 19.36 16.96
C ALA A 77 -71.62 18.91 18.43
N ARG A 78 -72.10 19.82 19.28
CA ARG A 78 -72.25 19.56 20.71
C ARG A 78 -73.70 19.08 20.89
N SER A 79 -73.89 18.02 21.69
CA SER A 79 -75.25 17.48 21.90
C SER A 79 -75.73 17.38 23.35
N MET A 80 -76.73 18.19 23.72
CA MET A 80 -77.29 18.21 25.08
C MET A 80 -77.98 16.86 25.34
N GLU A 81 -78.88 16.50 24.43
CA GLU A 81 -79.65 15.28 24.53
C GLU A 81 -78.82 14.06 24.91
N PHE A 82 -77.56 14.04 24.49
CA PHE A 82 -76.72 12.90 24.81
C PHE A 82 -76.45 12.84 26.31
N ARG A 83 -76.50 14.01 26.95
CA ARG A 83 -76.22 14.08 28.38
C ARG A 83 -77.21 13.24 29.18
N LYS A 84 -78.41 13.06 28.63
CA LYS A 84 -79.45 12.27 29.29
C LYS A 84 -79.43 10.83 28.77
N ARG A 85 -79.52 9.85 29.67
CA ARG A 85 -79.53 8.43 29.31
C ARG A 85 -80.54 8.06 28.23
N GLU A 86 -81.59 8.85 28.11
CA GLU A 86 -82.61 8.62 27.08
C GLU A 86 -81.83 8.71 25.76
N GLY A 87 -81.11 9.82 25.61
CA GLY A 87 -80.32 10.05 24.40
C GLY A 87 -79.29 8.96 24.17
N ARG A 88 -78.54 8.62 25.22
CA ARG A 88 -77.53 7.58 25.07
C ARG A 88 -78.24 6.35 24.55
N ARG A 89 -79.22 5.88 25.31
CA ARG A 89 -80.00 4.71 24.90
C ARG A 89 -80.47 4.90 23.46
N GLN A 90 -80.98 6.10 23.19
CA GLN A 90 -81.48 6.50 21.88
C GLN A 90 -80.47 6.12 20.81
N ALA A 91 -79.28 6.73 20.87
CA ALA A 91 -78.21 6.45 19.93
C ALA A 91 -77.91 4.95 19.90
N ALA A 92 -77.55 4.39 21.05
CA ALA A 92 -77.25 2.96 21.16
C ALA A 92 -78.19 2.20 20.24
N GLY A 93 -79.45 2.59 20.24
CA GLY A 93 -80.41 1.93 19.39
C GLY A 93 -80.03 2.08 17.93
N ASN A 94 -79.69 3.31 17.53
CA ASN A 94 -79.31 3.61 16.15
C ASN A 94 -78.17 2.72 15.64
N LEU A 95 -77.14 2.54 16.48
CA LEU A 95 -75.98 1.73 16.09
C LEU A 95 -76.41 0.29 15.97
N ILE A 96 -77.07 -0.20 17.02
CA ILE A 96 -77.56 -1.59 17.07
C ILE A 96 -78.44 -1.84 15.85
N SER A 97 -79.19 -0.80 15.49
CA SER A 97 -80.07 -0.82 14.33
C SER A 97 -79.31 -1.10 13.02
N GLN A 98 -78.03 -0.71 13.00
CA GLN A 98 -77.17 -0.88 11.82
C GLN A 98 -76.24 -2.07 11.97
N GLY A 99 -76.27 -2.67 13.15
CA GLY A 99 -75.43 -3.83 13.37
C GLY A 99 -74.04 -3.39 13.69
N ILE A 100 -73.94 -2.25 14.38
CA ILE A 100 -72.66 -1.67 14.78
C ILE A 100 -72.43 -1.88 16.27
N ASP A 101 -71.24 -2.40 16.58
CA ASP A 101 -70.86 -2.65 17.97
C ASP A 101 -69.40 -2.22 18.25
N ALA A 102 -68.96 -1.22 17.48
CA ALA A 102 -67.62 -0.67 17.60
C ALA A 102 -67.63 0.82 17.26
N LEU A 103 -67.16 1.62 18.21
CA LEU A 103 -67.11 3.05 18.03
C LEU A 103 -65.68 3.60 18.17
N VAL A 104 -65.22 4.32 17.13
CA VAL A 104 -63.89 4.95 17.09
C VAL A 104 -64.08 6.45 17.21
N VAL A 105 -63.79 7.00 18.37
CA VAL A 105 -63.97 8.42 18.57
C VAL A 105 -62.65 9.18 18.47
N CYS A 106 -62.66 10.21 17.64
CA CYS A 106 -61.48 11.05 17.44
C CYS A 106 -61.80 12.49 17.85
N GLY A 107 -61.23 12.94 18.97
CA GLY A 107 -61.50 14.30 19.41
C GLY A 107 -60.82 14.74 20.68
N GLY A 108 -61.21 15.95 21.14
CA GLY A 108 -60.67 16.52 22.35
C GLY A 108 -60.72 15.59 23.54
N ASP A 109 -59.96 15.92 24.59
CA ASP A 109 -59.93 15.08 25.80
C ASP A 109 -61.35 14.78 26.30
N GLY A 110 -62.21 15.80 26.24
CA GLY A 110 -63.58 15.63 26.67
C GLY A 110 -64.25 14.44 26.00
N SER A 111 -64.54 14.59 24.71
CA SER A 111 -65.21 13.53 23.91
C SER A 111 -64.67 12.15 24.24
N LEU A 112 -63.36 12.06 24.44
CA LEU A 112 -62.71 10.79 24.75
C LEU A 112 -63.31 10.24 26.04
N THR A 113 -63.45 11.08 27.07
CA THR A 113 -64.01 10.66 28.36
C THR A 113 -65.42 10.07 28.19
N GLY A 114 -66.34 10.94 27.75
CA GLY A 114 -67.72 10.55 27.52
C GLY A 114 -67.86 9.30 26.67
N ALA A 115 -66.83 9.03 25.86
CA ALA A 115 -66.82 7.84 25.00
C ALA A 115 -66.64 6.57 25.84
N ASP A 116 -66.08 6.71 27.04
CA ASP A 116 -65.90 5.55 27.92
C ASP A 116 -67.18 5.29 28.72
N LEU A 117 -67.73 6.36 29.29
CA LEU A 117 -68.98 6.26 30.08
C LEU A 117 -70.04 5.58 29.22
N PHE A 118 -69.86 5.67 27.91
CA PHE A 118 -70.81 5.05 26.99
C PHE A 118 -70.63 3.54 26.94
N ARG A 119 -69.43 3.08 26.61
CA ARG A 119 -69.19 1.64 26.55
C ARG A 119 -69.50 1.06 27.94
N HIS A 120 -69.05 1.76 28.98
CA HIS A 120 -69.32 1.34 30.35
C HIS A 120 -70.73 1.85 30.67
N GLU A 121 -71.74 1.19 30.13
CA GLU A 121 -73.15 1.60 30.32
C GLU A 121 -73.97 1.14 29.12
N TRP A 122 -73.28 0.49 28.18
CA TRP A 122 -73.94 0.01 26.98
C TRP A 122 -74.85 -1.17 27.24
N PRO A 123 -74.31 -2.31 27.73
CA PRO A 123 -75.16 -3.47 28.01
C PRO A 123 -76.44 -3.02 28.74
N SER A 124 -76.25 -2.19 29.76
CA SER A 124 -77.33 -1.61 30.56
C SER A 124 -78.40 -1.05 29.64
N LEU A 125 -78.02 -0.08 28.79
CA LEU A 125 -78.94 0.57 27.82
C LEU A 125 -79.47 -0.44 26.81
N VAL A 126 -78.77 -1.54 26.65
CA VAL A 126 -79.18 -2.56 25.71
C VAL A 126 -80.41 -3.26 26.29
N ASP A 127 -80.40 -3.51 27.60
CA ASP A 127 -81.53 -4.16 28.29
C ASP A 127 -82.79 -3.33 28.02
N GLU A 128 -82.71 -2.04 28.36
CA GLU A 128 -83.81 -1.11 28.16
C GLU A 128 -84.46 -1.29 26.77
N LEU A 129 -83.64 -1.33 25.72
CA LEU A 129 -84.13 -1.48 24.36
C LEU A 129 -84.78 -2.85 24.14
N VAL A 130 -84.27 -3.87 24.84
CA VAL A 130 -84.82 -5.24 24.78
C VAL A 130 -86.23 -5.11 25.36
N ALA A 131 -86.27 -4.52 26.57
CA ALA A 131 -87.50 -4.25 27.28
C ALA A 131 -88.35 -3.34 26.42
N GLU A 132 -88.51 -2.09 26.85
CA GLU A 132 -89.32 -1.10 26.11
C GLU A 132 -89.27 -1.29 24.58
N GLY A 133 -90.25 -2.06 24.07
CA GLY A 133 -90.34 -2.36 22.64
C GLY A 133 -88.97 -2.54 21.99
N ARG A 134 -88.65 -1.55 21.14
CA ARG A 134 -87.35 -1.44 20.43
C ARG A 134 -86.74 -2.74 19.81
N PHE A 135 -85.98 -3.49 20.63
CA PHE A 135 -85.32 -4.73 20.16
C PHE A 135 -85.56 -5.98 21.00
N THR A 136 -85.63 -7.09 20.28
CA THR A 136 -85.79 -8.41 20.87
C THR A 136 -84.47 -8.78 21.58
N LYS A 137 -84.52 -9.71 22.54
CA LYS A 137 -83.29 -10.16 23.22
C LYS A 137 -82.46 -10.93 22.20
N GLU A 138 -83.15 -11.47 21.20
CA GLU A 138 -82.53 -12.23 20.13
C GLU A 138 -81.71 -11.38 19.14
N GLU A 139 -82.28 -10.24 18.71
CA GLU A 139 -81.58 -9.33 17.80
C GLU A 139 -80.38 -8.66 18.53
N VAL A 140 -80.68 -8.06 19.69
CA VAL A 140 -79.67 -7.39 20.51
C VAL A 140 -78.64 -8.41 21.04
N ALA A 141 -78.66 -9.63 20.49
CA ALA A 141 -77.77 -10.72 20.94
C ALA A 141 -76.29 -10.51 20.67
N PRO A 142 -75.85 -10.59 19.40
CA PRO A 142 -74.44 -10.41 19.00
C PRO A 142 -73.89 -8.99 19.26
N TYR A 143 -74.77 -8.01 19.19
CA TYR A 143 -74.42 -6.63 19.44
C TYR A 143 -74.51 -6.28 20.92
N LYS A 144 -74.09 -7.24 21.77
CA LYS A 144 -74.15 -7.10 23.23
C LYS A 144 -73.15 -6.15 23.86
N ASN A 145 -71.88 -6.28 23.49
CA ASN A 145 -70.85 -5.39 24.06
C ASN A 145 -70.31 -4.37 23.06
N LEU A 146 -69.92 -3.20 23.57
CA LEU A 146 -69.37 -2.13 22.73
C LEU A 146 -67.86 -2.17 22.71
N SER A 147 -67.30 -1.91 21.53
CA SER A 147 -65.86 -1.83 21.34
C SER A 147 -65.54 -0.34 21.21
N ILE A 148 -64.60 0.17 22.01
CA ILE A 148 -64.29 1.58 21.93
C ILE A 148 -62.83 1.94 21.87
N VAL A 149 -62.48 2.70 20.83
CA VAL A 149 -61.12 3.19 20.62
C VAL A 149 -61.12 4.70 20.49
N GLY A 150 -60.24 5.35 21.25
CA GLY A 150 -60.17 6.79 21.17
C GLY A 150 -58.93 7.28 20.44
N LEU A 151 -59.08 8.41 19.75
CA LEU A 151 -57.98 9.07 19.04
C LEU A 151 -58.00 10.52 19.54
N VAL A 152 -56.84 11.04 19.92
CA VAL A 152 -56.80 12.41 20.44
C VAL A 152 -56.60 13.47 19.37
N GLY A 153 -57.71 14.09 18.95
CA GLY A 153 -57.65 15.14 17.94
C GLY A 153 -57.72 16.47 18.65
N SER A 154 -56.57 17.13 18.77
CA SER A 154 -56.52 18.41 19.46
C SER A 154 -55.25 19.16 19.14
N ILE A 155 -55.33 20.48 19.07
CA ILE A 155 -54.15 21.25 18.76
C ILE A 155 -53.39 21.61 20.01
N ASP A 156 -53.99 21.37 21.17
CA ASP A 156 -53.35 21.72 22.45
C ASP A 156 -52.28 20.76 22.94
N ASN A 157 -52.28 19.53 22.44
CA ASN A 157 -51.30 18.54 22.88
C ASN A 157 -51.26 18.51 24.41
N ASP A 158 -52.42 18.55 25.03
CA ASP A 158 -52.57 18.56 26.48
C ASP A 158 -53.07 17.24 27.02
N MET A 159 -52.86 16.16 26.27
CA MET A 159 -53.28 14.83 26.69
C MET A 159 -52.12 14.01 27.27
N SER A 160 -51.81 14.22 28.55
CA SER A 160 -50.74 13.48 29.19
C SER A 160 -50.85 12.00 28.85
N GLY A 161 -49.72 11.41 28.51
CA GLY A 161 -49.71 10.00 28.16
C GLY A 161 -49.19 9.75 26.76
N THR A 162 -49.55 10.62 25.82
CA THR A 162 -49.08 10.50 24.45
C THR A 162 -48.25 11.74 24.18
N ASP A 163 -47.16 11.56 23.43
CA ASP A 163 -46.23 12.65 23.11
C ASP A 163 -46.75 13.71 22.15
N SER A 164 -47.73 13.35 21.34
CA SER A 164 -48.24 14.30 20.37
C SER A 164 -49.72 14.07 20.05
N THR A 165 -50.54 15.11 20.03
CA THR A 165 -51.94 14.90 19.69
C THR A 165 -52.21 15.35 18.26
N ILE A 166 -53.03 14.61 17.52
CA ILE A 166 -53.31 15.00 16.15
C ILE A 166 -53.68 16.46 16.05
N GLY A 167 -52.97 17.21 15.20
CA GLY A 167 -53.26 18.62 15.00
C GLY A 167 -52.37 19.61 15.73
N ALA A 168 -51.66 19.15 16.75
CA ALA A 168 -50.82 20.07 17.53
C ALA A 168 -49.75 20.77 16.69
N TYR A 169 -49.03 19.98 15.90
CA TYR A 169 -47.99 20.55 15.06
C TYR A 169 -48.56 21.44 13.97
N SER A 170 -49.74 21.08 13.47
CA SER A 170 -50.34 21.91 12.44
C SER A 170 -50.65 23.31 13.02
N ALA A 171 -51.24 23.34 14.20
CA ALA A 171 -51.55 24.62 14.84
C ALA A 171 -50.25 25.40 15.05
N LEU A 172 -49.24 24.70 15.56
CA LEU A 172 -47.94 25.31 15.80
C LEU A 172 -47.45 25.94 14.51
N GLU A 173 -47.47 25.17 13.43
CA GLU A 173 -47.03 25.69 12.15
C GLU A 173 -47.79 26.97 11.84
N ARG A 174 -49.10 26.96 12.06
CA ARG A 174 -49.90 28.15 11.81
C ARG A 174 -49.44 29.35 12.64
N ILE A 175 -49.14 29.11 13.92
CA ILE A 175 -48.67 30.19 14.76
C ILE A 175 -47.42 30.77 14.14
N CYS A 176 -46.43 29.90 13.88
CA CYS A 176 -45.18 30.34 13.29
C CYS A 176 -45.42 31.21 12.07
N GLU A 177 -46.32 30.76 11.20
CA GLU A 177 -46.62 31.51 9.99
C GLU A 177 -47.00 32.92 10.38
N MET A 178 -48.08 33.04 11.16
CA MET A 178 -48.55 34.35 11.57
C MET A 178 -47.46 35.17 12.22
N VAL A 179 -46.74 34.60 13.18
CA VAL A 179 -45.68 35.38 13.82
C VAL A 179 -44.61 35.86 12.82
N ASP A 180 -44.26 35.01 11.86
CA ASP A 180 -43.27 35.38 10.86
C ASP A 180 -43.75 36.63 10.13
N TYR A 181 -45.04 36.69 9.80
CA TYR A 181 -45.58 37.88 9.12
C TYR A 181 -45.36 39.10 10.02
N ILE A 182 -45.86 38.99 11.24
CA ILE A 182 -45.74 40.06 12.21
C ILE A 182 -44.31 40.57 12.29
N ASP A 183 -43.35 39.65 12.23
CA ASP A 183 -41.95 40.03 12.30
C ASP A 183 -41.60 41.14 11.32
N ALA A 184 -42.03 40.99 10.09
CA ALA A 184 -41.67 42.00 9.11
C ALA A 184 -42.04 43.41 9.56
N THR A 185 -43.30 43.59 9.92
CA THR A 185 -43.78 44.89 10.33
C THR A 185 -43.18 45.31 11.67
N ALA A 186 -43.11 44.39 12.63
CA ALA A 186 -42.53 44.71 13.93
C ALA A 186 -41.09 45.25 13.77
N LYS A 187 -40.32 44.61 12.90
CA LYS A 187 -38.95 45.02 12.62
C LYS A 187 -38.92 46.44 12.08
N SER A 188 -39.83 46.77 11.17
CA SER A 188 -39.89 48.11 10.60
C SER A 188 -40.03 49.24 11.63
N HIS A 189 -40.96 49.04 12.56
CA HIS A 189 -41.24 50.03 13.58
C HIS A 189 -40.54 49.74 14.90
N SER A 190 -39.53 48.88 14.87
CA SER A 190 -38.78 48.53 16.08
C SER A 190 -39.69 48.36 17.29
N ARG A 191 -40.85 47.74 17.08
CA ARG A 191 -41.81 47.54 18.15
C ARG A 191 -41.65 46.26 18.95
N ALA A 192 -42.66 45.98 19.76
CA ALA A 192 -42.65 44.78 20.57
C ALA A 192 -44.05 44.26 20.44
N PHE A 193 -44.21 43.01 20.03
CA PHE A 193 -45.56 42.45 19.95
C PHE A 193 -45.78 41.35 20.94
N VAL A 194 -46.97 41.37 21.54
CA VAL A 194 -47.34 40.35 22.49
C VAL A 194 -48.37 39.53 21.74
N VAL A 195 -47.98 38.30 21.40
CA VAL A 195 -48.81 37.38 20.64
C VAL A 195 -49.49 36.36 21.52
N GLU A 196 -50.82 36.32 21.41
CA GLU A 196 -51.60 35.39 22.21
C GLU A 196 -51.98 34.15 21.42
N VAL A 197 -51.60 32.98 21.96
CA VAL A 197 -51.87 31.72 21.27
C VAL A 197 -52.76 30.77 22.04
N MET A 198 -53.52 29.95 21.32
CA MET A 198 -54.40 28.98 21.95
C MET A 198 -53.61 27.96 22.72
N GLY A 199 -54.31 26.97 23.26
CA GLY A 199 -53.64 25.97 24.04
C GLY A 199 -54.47 25.55 25.24
N ARG A 200 -55.63 26.19 25.40
CA ARG A 200 -56.52 25.89 26.52
C ARG A 200 -55.69 26.12 27.77
N HIS A 201 -55.43 25.06 28.54
CA HIS A 201 -54.65 25.25 29.77
C HIS A 201 -53.26 24.65 29.64
N CYS A 202 -52.82 24.51 28.40
CA CYS A 202 -51.51 23.92 28.12
C CYS A 202 -50.63 24.89 27.37
N GLY A 203 -49.38 25.00 27.81
CA GLY A 203 -48.44 25.90 27.17
C GLY A 203 -47.55 25.28 26.10
N TRP A 204 -47.75 24.01 25.78
CA TRP A 204 -46.94 23.38 24.76
C TRP A 204 -46.88 24.27 23.52
N LEU A 205 -48.04 24.64 23.01
CA LEU A 205 -48.08 25.51 21.84
C LEU A 205 -47.23 26.79 22.05
N ALA A 206 -47.45 27.49 23.15
CA ALA A 206 -46.69 28.70 23.40
C ALA A 206 -45.18 28.38 23.48
N LEU A 207 -44.82 27.42 24.32
CA LEU A 207 -43.44 27.00 24.49
C LEU A 207 -42.76 26.68 23.16
N MET A 208 -43.41 25.90 22.30
CA MET A 208 -42.81 25.58 21.01
C MET A 208 -42.65 26.87 20.25
N ALA A 209 -43.73 27.63 20.12
CA ALA A 209 -43.71 28.90 19.39
C ALA A 209 -42.64 29.82 19.95
N GLY A 210 -42.44 29.76 21.25
CA GLY A 210 -41.44 30.62 21.83
C GLY A 210 -40.12 30.34 21.16
N ILE A 211 -39.66 29.09 21.27
CA ILE A 211 -38.41 28.67 20.68
C ILE A 211 -38.40 28.88 19.18
N ALA A 212 -39.46 28.48 18.50
CA ALA A 212 -39.52 28.59 17.05
C ALA A 212 -39.57 29.98 16.47
N THR A 213 -39.82 31.01 17.28
CA THR A 213 -39.90 32.37 16.72
C THR A 213 -38.85 33.29 17.28
N GLY A 214 -37.92 32.72 18.04
CA GLY A 214 -36.86 33.51 18.62
C GLY A 214 -37.37 34.50 19.64
N ALA A 215 -38.47 34.13 20.28
CA ALA A 215 -39.13 34.96 21.29
C ALA A 215 -38.18 35.48 22.35
N ASP A 216 -38.52 36.65 22.90
CA ASP A 216 -37.75 37.28 23.97
C ASP A 216 -38.18 36.71 25.30
N TYR A 217 -39.43 36.26 25.36
CA TYR A 217 -39.98 35.74 26.61
C TYR A 217 -41.28 35.00 26.32
N ILE A 218 -41.61 34.03 27.17
CA ILE A 218 -42.87 33.31 27.01
C ILE A 218 -43.62 33.33 28.34
N PHE A 219 -44.89 32.90 28.29
CA PHE A 219 -45.74 32.81 29.47
C PHE A 219 -46.58 31.56 29.38
N ILE A 220 -46.21 30.55 30.16
CA ILE A 220 -46.95 29.30 30.17
C ILE A 220 -47.36 28.87 31.58
N PRO A 221 -48.58 28.36 31.72
CA PRO A 221 -49.09 27.91 33.04
C PRO A 221 -48.19 26.90 33.74
N GLU A 222 -47.67 25.91 33.03
CA GLU A 222 -46.82 24.91 33.65
C GLU A 222 -45.62 25.55 34.35
N ARG A 223 -45.52 26.88 34.25
CA ARG A 223 -44.41 27.59 34.87
C ARG A 223 -44.86 28.96 35.30
N ALA A 224 -45.94 29.03 36.08
CA ALA A 224 -46.50 30.29 36.53
C ALA A 224 -45.36 31.24 36.85
N VAL A 225 -45.43 32.44 36.28
CA VAL A 225 -44.39 33.44 36.52
C VAL A 225 -44.46 34.00 37.94
N PRO A 226 -43.34 34.54 38.43
CA PRO A 226 -43.26 35.11 39.77
C PRO A 226 -44.43 36.08 39.93
N HIS A 227 -45.44 35.63 40.67
CA HIS A 227 -46.66 36.40 40.89
C HIS A 227 -46.54 37.93 40.90
N GLY A 228 -45.46 38.46 41.47
CA GLY A 228 -45.34 39.91 41.50
C GLY A 228 -44.11 40.51 40.84
N LYS A 229 -43.07 39.70 40.63
CA LYS A 229 -41.83 40.19 40.03
C LYS A 229 -41.62 40.04 38.51
N TRP A 230 -42.45 39.27 37.81
CA TRP A 230 -42.22 39.05 36.38
C TRP A 230 -42.15 40.24 35.45
N GLN A 231 -42.90 41.30 35.70
CA GLN A 231 -42.86 42.45 34.80
C GLN A 231 -41.46 43.10 34.71
N ASP A 232 -40.69 42.99 35.77
CA ASP A 232 -39.36 43.56 35.71
C ASP A 232 -38.45 42.60 34.97
N GLU A 233 -38.54 41.32 35.32
CA GLU A 233 -37.72 40.29 34.66
C GLU A 233 -37.92 40.44 33.17
N LEU A 234 -39.16 40.66 32.76
CA LEU A 234 -39.51 40.82 31.35
C LEU A 234 -38.85 42.06 30.77
N LYS A 235 -39.11 43.22 31.36
CA LYS A 235 -38.52 44.47 30.87
C LYS A 235 -37.02 44.32 30.78
N GLU A 236 -36.44 43.77 31.83
CA GLU A 236 -35.01 43.56 31.91
C GLU A 236 -34.54 42.88 30.63
N VAL A 237 -35.06 41.68 30.37
CA VAL A 237 -34.71 40.91 29.18
C VAL A 237 -34.86 41.70 27.88
N CYS A 238 -36.06 42.20 27.60
CA CYS A 238 -36.28 42.96 26.39
C CYS A 238 -35.28 44.09 26.28
N GLN A 239 -35.12 44.84 27.36
CA GLN A 239 -34.20 45.95 27.37
C GLN A 239 -32.82 45.48 26.89
N ARG A 240 -32.28 44.50 27.61
CA ARG A 240 -30.98 43.94 27.29
C ARG A 240 -30.86 43.53 25.81
N HIS A 241 -31.85 42.82 25.29
CA HIS A 241 -31.81 42.39 23.91
C HIS A 241 -31.84 43.55 22.96
N ARG A 242 -32.62 44.57 23.29
CA ARG A 242 -32.73 45.73 22.41
C ARG A 242 -31.42 46.49 22.36
N SER A 243 -30.69 46.49 23.47
CA SER A 243 -29.42 47.19 23.52
C SER A 243 -28.39 46.45 22.68
N LYS A 244 -28.53 45.12 22.61
CA LYS A 244 -27.59 44.33 21.82
C LYS A 244 -27.89 44.48 20.36
N GLY A 245 -28.91 45.26 20.04
CA GLY A 245 -29.25 45.50 18.66
C GLY A 245 -30.60 45.01 18.16
N ARG A 246 -31.31 44.23 18.98
CA ARG A 246 -32.61 43.74 18.55
C ARG A 246 -33.55 44.90 18.37
N ARG A 247 -34.22 44.97 17.24
CA ARG A 247 -35.14 46.07 16.98
C ARG A 247 -36.53 45.84 17.51
N ASN A 248 -37.01 44.61 17.41
CA ASN A 248 -38.35 44.29 17.85
C ASN A 248 -38.34 43.16 18.85
N ASN A 249 -39.29 43.18 19.78
CA ASN A 249 -39.37 42.12 20.75
C ASN A 249 -40.61 41.32 20.44
N THR A 250 -40.60 40.05 20.81
CA THR A 250 -41.72 39.14 20.54
C THR A 250 -41.93 38.29 21.77
N ILE A 251 -43.09 38.44 22.38
CA ILE A 251 -43.42 37.69 23.59
C ILE A 251 -44.62 36.85 23.26
N ILE A 252 -44.51 35.57 23.54
CA ILE A 252 -45.59 34.65 23.28
C ILE A 252 -46.30 34.35 24.59
N VAL A 253 -47.59 34.65 24.62
CA VAL A 253 -48.40 34.45 25.82
C VAL A 253 -49.47 33.41 25.62
N ALA A 254 -49.46 32.37 26.44
CA ALA A 254 -50.45 31.31 26.35
C ALA A 254 -51.82 31.74 26.93
N GLU A 255 -52.91 31.30 26.31
CA GLU A 255 -54.24 31.62 26.80
C GLU A 255 -54.29 31.32 28.29
N GLY A 256 -53.84 30.12 28.65
CA GLY A 256 -53.86 29.69 30.04
C GLY A 256 -52.75 30.22 30.91
N ALA A 257 -52.13 31.32 30.47
CA ALA A 257 -51.05 31.93 31.20
C ALA A 257 -51.51 32.44 32.56
N LEU A 258 -50.73 32.14 33.61
CA LEU A 258 -51.02 32.58 34.98
C LEU A 258 -49.78 32.66 35.88
N ASP A 259 -49.88 33.41 36.98
CA ASP A 259 -48.74 33.56 37.90
C ASP A 259 -48.74 32.64 39.12
N ASP A 260 -47.86 32.93 40.06
CA ASP A 260 -47.74 32.14 41.30
C ASP A 260 -49.07 31.97 42.00
N GLN A 261 -49.76 33.10 42.18
CA GLN A 261 -51.05 33.15 42.86
C GLN A 261 -52.22 32.79 41.96
N LEU A 262 -51.96 32.00 40.94
CA LEU A 262 -53.00 31.58 40.02
C LEU A 262 -53.78 32.73 39.39
N ASN A 263 -53.17 33.92 39.38
CA ASN A 263 -53.79 35.08 38.76
C ASN A 263 -53.46 34.99 37.27
N PRO A 264 -54.48 35.06 36.41
CA PRO A 264 -54.20 34.97 34.98
C PRO A 264 -53.29 36.12 34.54
N VAL A 265 -52.26 35.81 33.74
CA VAL A 265 -51.34 36.80 33.19
C VAL A 265 -51.80 37.08 31.77
N THR A 266 -52.36 38.26 31.57
CA THR A 266 -52.91 38.62 30.29
C THR A 266 -51.99 39.23 29.27
N ALA A 267 -52.36 39.05 28.00
CA ALA A 267 -51.62 39.60 26.90
C ALA A 267 -51.44 41.09 27.18
N ASN A 268 -52.51 41.73 27.66
CA ASN A 268 -52.46 43.17 27.97
C ASN A 268 -51.72 43.47 29.25
N ASP A 269 -51.74 42.53 30.18
CA ASP A 269 -50.99 42.70 31.41
C ASP A 269 -49.55 42.87 30.91
N VAL A 270 -49.15 41.92 30.07
CA VAL A 270 -47.82 41.90 29.48
C VAL A 270 -47.61 43.18 28.65
N LYS A 271 -48.59 43.53 27.82
CA LYS A 271 -48.47 44.74 27.01
C LYS A 271 -48.22 45.97 27.89
N ASP A 272 -49.08 46.19 28.88
CA ASP A 272 -48.94 47.33 29.79
C ASP A 272 -47.50 47.40 30.31
N ALA A 273 -47.02 46.30 30.87
CA ALA A 273 -45.66 46.25 31.40
C ALA A 273 -44.63 46.74 30.39
N LEU A 274 -44.77 46.35 29.14
CA LEU A 274 -43.84 46.77 28.10
C LEU A 274 -44.03 48.24 27.77
N ILE A 275 -45.30 48.70 27.78
CA ILE A 275 -45.62 50.11 27.50
C ILE A 275 -44.93 50.96 28.57
N GLU A 276 -44.99 50.44 29.79
CA GLU A 276 -44.38 51.10 30.93
C GLU A 276 -42.88 51.29 30.69
N LEU A 277 -42.20 50.27 30.15
CA LEU A 277 -40.77 50.39 29.88
C LEU A 277 -40.55 51.41 28.76
N GLY A 278 -41.64 51.77 28.08
CA GLY A 278 -41.56 52.75 27.02
C GLY A 278 -41.49 52.26 25.57
N LEU A 279 -41.72 50.97 25.36
CA LEU A 279 -41.66 50.38 24.02
C LEU A 279 -43.00 50.47 23.29
N ASP A 280 -42.96 50.83 22.00
CA ASP A 280 -44.18 50.89 21.20
C ASP A 280 -44.68 49.46 21.21
N THR A 281 -45.79 49.20 21.89
CA THR A 281 -46.28 47.83 21.99
C THR A 281 -47.66 47.48 21.45
N LYS A 282 -47.78 46.36 20.75
CA LYS A 282 -49.06 45.93 20.22
C LYS A 282 -49.40 44.52 20.68
N VAL A 283 -50.68 44.17 20.61
CA VAL A 283 -51.14 42.84 21.01
C VAL A 283 -51.88 42.15 19.87
N THR A 284 -51.54 40.89 19.64
CA THR A 284 -52.21 40.18 18.58
C THR A 284 -52.73 38.85 19.11
N ILE A 285 -54.01 38.61 18.89
CA ILE A 285 -54.63 37.36 19.31
C ILE A 285 -54.89 36.62 18.00
N LEU A 286 -54.08 35.59 17.73
CA LEU A 286 -54.21 34.88 16.47
C LEU A 286 -55.59 34.29 16.30
N GLY A 287 -56.18 33.84 17.39
CA GLY A 287 -57.50 33.28 17.25
C GLY A 287 -57.52 31.96 16.51
N HIS A 288 -58.63 31.69 15.84
CA HIS A 288 -58.81 30.42 15.14
C HIS A 288 -57.97 30.08 13.92
N VAL A 289 -57.11 30.98 13.50
CA VAL A 289 -56.27 30.64 12.36
C VAL A 289 -55.49 29.39 12.80
N GLN A 290 -55.38 29.22 14.11
CA GLN A 290 -54.67 28.09 14.70
C GLN A 290 -55.43 26.76 14.65
N ARG A 291 -56.60 26.78 14.02
CA ARG A 291 -57.44 25.58 13.95
C ARG A 291 -57.72 25.16 12.52
N GLY A 292 -57.50 26.10 11.58
CA GLY A 292 -57.74 25.81 10.18
C GLY A 292 -56.53 25.29 9.45
N GLY A 293 -56.56 25.36 8.13
CA GLY A 293 -55.42 24.89 7.37
C GLY A 293 -55.41 23.39 7.32
N THR A 294 -54.71 22.83 6.35
CA THR A 294 -54.65 21.38 6.19
C THR A 294 -53.70 20.86 7.24
N ALA A 295 -53.54 19.54 7.28
CA ALA A 295 -52.62 18.97 8.23
C ALA A 295 -51.18 19.01 7.66
N VAL A 296 -50.23 19.24 8.54
CA VAL A 296 -48.84 19.27 8.17
C VAL A 296 -48.40 17.80 8.07
N ALA A 297 -47.25 17.56 7.45
CA ALA A 297 -46.74 16.20 7.27
C ALA A 297 -46.79 15.37 8.54
N HIS A 298 -46.44 15.97 9.66
CA HIS A 298 -46.47 15.22 10.90
C HIS A 298 -47.89 14.76 11.29
N ASP A 299 -48.86 15.66 11.19
CA ASP A 299 -50.21 15.28 11.54
C ASP A 299 -50.80 14.30 10.53
N ARG A 300 -50.57 14.51 9.25
CA ARG A 300 -51.10 13.54 8.28
C ARG A 300 -50.52 12.18 8.61
N TRP A 301 -49.22 12.15 8.85
CA TRP A 301 -48.57 10.89 9.19
C TRP A 301 -49.10 10.29 10.48
N LEU A 302 -49.22 11.12 11.53
CA LEU A 302 -49.71 10.67 12.83
C LEU A 302 -51.16 10.18 12.74
N ALA A 303 -52.02 11.02 12.17
CA ALA A 303 -53.42 10.65 12.02
C ALA A 303 -53.61 9.36 11.26
N THR A 304 -52.89 9.20 10.14
CA THR A 304 -53.04 7.99 9.33
C THR A 304 -52.64 6.72 10.06
N LEU A 305 -51.49 6.75 10.70
CA LEU A 305 -51.06 5.56 11.40
C LEU A 305 -51.97 5.28 12.56
N GLN A 306 -52.24 6.28 13.38
CA GLN A 306 -53.11 6.06 14.51
C GLN A 306 -54.46 5.54 14.05
N GLY A 307 -54.97 6.08 12.96
CA GLY A 307 -56.26 5.64 12.45
C GLY A 307 -56.24 4.15 12.17
N VAL A 308 -55.20 3.67 11.52
CA VAL A 308 -55.10 2.26 11.20
C VAL A 308 -55.01 1.38 12.46
N ASP A 309 -54.31 1.84 13.48
CA ASP A 309 -54.20 1.01 14.68
C ASP A 309 -55.52 0.94 15.44
N ALA A 310 -56.33 1.98 15.35
CA ALA A 310 -57.61 1.98 16.02
C ALA A 310 -58.47 0.87 15.45
N VAL A 311 -58.41 0.66 14.14
CA VAL A 311 -59.21 -0.40 13.55
C VAL A 311 -58.62 -1.71 14.03
N LYS A 312 -57.31 -1.85 13.94
CA LYS A 312 -56.68 -3.09 14.37
C LYS A 312 -57.02 -3.37 15.82
N ALA A 313 -56.95 -2.33 16.66
CA ALA A 313 -57.25 -2.49 18.07
C ALA A 313 -58.70 -2.95 18.27
N VAL A 314 -59.59 -2.44 17.43
CA VAL A 314 -61.01 -2.77 17.49
C VAL A 314 -61.19 -4.25 17.17
N LEU A 315 -60.50 -4.72 16.13
CA LEU A 315 -60.60 -6.12 15.73
C LEU A 315 -59.96 -7.02 16.78
N GLU A 316 -59.15 -6.46 17.67
CA GLU A 316 -58.50 -7.23 18.72
C GLU A 316 -59.19 -7.04 20.07
N PHE A 317 -60.32 -6.34 20.05
CA PHE A 317 -61.05 -6.12 21.29
C PHE A 317 -61.50 -7.41 21.91
N THR A 318 -61.69 -7.38 23.23
CA THR A 318 -62.15 -8.55 23.95
C THR A 318 -63.09 -8.01 25.01
N PRO A 319 -63.85 -8.88 25.67
CA PRO A 319 -64.75 -8.35 26.69
C PRO A 319 -64.03 -7.54 27.77
N GLU A 320 -63.02 -8.16 28.37
CA GLU A 320 -62.32 -7.50 29.46
C GLU A 320 -61.29 -6.43 29.12
N THR A 321 -60.88 -6.31 27.86
CA THR A 321 -59.89 -5.27 27.56
C THR A 321 -60.52 -3.92 27.83
N PRO A 322 -59.80 -3.04 28.55
CA PRO A 322 -60.35 -1.71 28.84
C PRO A 322 -60.26 -0.81 27.62
N SER A 323 -61.02 0.28 27.62
CA SER A 323 -61.04 1.21 26.50
C SER A 323 -59.67 1.79 26.19
N PRO A 324 -59.14 1.49 24.99
CA PRO A 324 -57.83 1.96 24.55
C PRO A 324 -57.85 3.32 23.88
N LEU A 325 -56.79 4.07 24.15
CA LEU A 325 -56.57 5.39 23.57
C LEU A 325 -55.27 5.21 22.79
N ILE A 326 -55.32 5.46 21.48
CA ILE A 326 -54.12 5.32 20.64
C ILE A 326 -53.16 6.52 20.82
N GLY A 327 -51.90 6.25 21.18
CA GLY A 327 -50.96 7.34 21.36
C GLY A 327 -49.65 7.15 20.60
N ILE A 328 -48.61 7.85 21.05
CA ILE A 328 -47.29 7.75 20.43
C ILE A 328 -46.26 7.95 21.54
N LEU A 329 -45.25 7.09 21.65
CA LEU A 329 -44.31 7.33 22.73
C LEU A 329 -42.82 7.37 22.45
N GLU A 330 -42.33 6.50 21.60
CA GLU A 330 -40.91 6.57 21.30
C GLU A 330 -40.98 6.71 19.79
N ASN A 331 -41.86 7.61 19.38
CA ASN A 331 -42.12 7.90 17.98
C ASN A 331 -42.66 6.62 17.33
N LYS A 332 -43.19 5.75 18.17
CA LYS A 332 -43.80 4.50 17.73
C LYS A 332 -45.23 4.60 18.25
N ILE A 333 -46.17 3.96 17.54
CA ILE A 333 -47.54 4.03 17.99
C ILE A 333 -47.88 3.01 19.05
N ILE A 334 -48.51 3.49 20.11
CA ILE A 334 -48.89 2.66 21.23
C ILE A 334 -50.36 2.84 21.57
N ARG A 335 -50.84 1.96 22.45
CA ARG A 335 -52.22 1.99 22.93
C ARG A 335 -52.07 2.14 24.41
N MET A 336 -53.02 2.81 25.05
CA MET A 336 -52.97 3.01 26.48
C MET A 336 -54.38 3.07 27.08
N PRO A 337 -54.52 2.63 28.34
CA PRO A 337 -55.84 2.64 28.97
C PRO A 337 -56.37 4.07 29.02
N LEU A 338 -57.40 4.34 28.21
CA LEU A 338 -58.02 5.66 28.12
C LEU A 338 -58.33 6.29 29.47
N VAL A 339 -58.96 5.51 30.35
CA VAL A 339 -59.32 6.00 31.68
C VAL A 339 -58.11 6.56 32.43
N GLU A 340 -56.98 5.89 32.28
CA GLU A 340 -55.74 6.34 32.92
C GLU A 340 -55.35 7.72 32.42
N SER A 341 -55.21 7.85 31.10
CA SER A 341 -54.83 9.10 30.50
C SER A 341 -55.75 10.24 30.88
N VAL A 342 -57.07 10.02 30.85
CA VAL A 342 -57.99 11.09 31.21
C VAL A 342 -57.76 11.56 32.64
N LYS A 343 -57.38 10.64 33.52
CA LYS A 343 -57.12 10.98 34.93
C LYS A 343 -55.84 11.76 35.04
N LEU A 344 -54.79 11.21 34.43
CA LEU A 344 -53.47 11.83 34.43
C LEU A 344 -53.53 13.26 33.91
N THR A 345 -54.29 13.50 32.85
CA THR A 345 -54.41 14.85 32.32
C THR A 345 -55.38 15.65 33.19
N LYS A 346 -56.39 14.98 33.75
CA LYS A 346 -57.36 15.66 34.59
C LYS A 346 -56.57 16.17 35.79
N SER A 347 -55.59 15.37 36.20
CA SER A 347 -54.75 15.69 37.35
C SER A 347 -53.84 16.89 37.19
N VAL A 348 -53.58 17.26 35.96
CA VAL A 348 -52.69 18.41 35.69
C VAL A 348 -53.25 19.69 36.30
N ALA A 349 -54.55 19.90 36.11
CA ALA A 349 -55.21 21.07 36.68
C ALA A 349 -55.09 21.00 38.20
N THR A 350 -55.36 19.81 38.75
CA THR A 350 -55.29 19.57 40.18
C THR A 350 -54.01 20.21 40.74
N ALA A 351 -52.87 19.81 40.21
CA ALA A 351 -51.57 20.33 40.67
C ALA A 351 -51.49 21.86 40.52
N ILE A 352 -52.07 22.36 39.46
CA ILE A 352 -52.07 23.80 39.23
C ILE A 352 -52.93 24.50 40.28
N GLU A 353 -54.06 23.88 40.66
CA GLU A 353 -54.94 24.45 41.68
C GLU A 353 -54.16 24.55 43.00
N ASN A 354 -53.29 23.56 43.26
CA ASN A 354 -52.50 23.53 44.48
C ASN A 354 -51.14 24.08 44.23
N LYS A 355 -51.07 25.09 43.35
CA LYS A 355 -49.82 25.75 42.98
C LYS A 355 -48.60 24.84 42.91
N ASP A 356 -48.80 23.55 42.64
CA ASP A 356 -47.69 22.62 42.56
C ASP A 356 -47.31 22.43 41.09
N PHE A 357 -46.84 23.52 40.50
CA PHE A 357 -46.45 23.57 39.11
C PHE A 357 -45.48 22.46 38.73
N ASP A 358 -44.51 22.20 39.60
CA ASP A 358 -43.54 21.14 39.33
C ASP A 358 -44.27 19.84 39.02
N LYS A 359 -45.26 19.48 39.84
CA LYS A 359 -46.01 18.26 39.59
C LYS A 359 -46.62 18.38 38.21
N ALA A 360 -47.28 19.51 38.00
CA ALA A 360 -47.95 19.80 36.74
C ALA A 360 -47.09 19.49 35.52
N ILE A 361 -46.01 20.24 35.40
CA ILE A 361 -45.09 20.14 34.28
C ILE A 361 -44.61 18.74 33.93
N SER A 362 -44.38 17.93 34.95
CA SER A 362 -43.93 16.57 34.69
C SER A 362 -45.02 15.74 34.02
N LEU A 363 -46.26 16.19 34.08
CA LEU A 363 -47.36 15.46 33.47
C LEU A 363 -47.46 15.70 31.98
N ARG A 364 -46.76 16.74 31.51
CA ARG A 364 -46.78 17.09 30.08
C ARG A 364 -45.93 16.09 29.27
N ASP A 365 -45.94 16.22 27.95
CA ASP A 365 -45.20 15.30 27.08
C ASP A 365 -43.75 15.01 27.48
N THR A 366 -43.22 13.91 26.94
CA THR A 366 -41.87 13.43 27.21
C THR A 366 -40.78 14.50 27.17
N GLU A 367 -40.85 15.39 26.19
CA GLU A 367 -39.82 16.43 26.03
C GLU A 367 -40.11 17.84 26.58
N PHE A 368 -41.31 18.05 27.13
CA PHE A 368 -41.69 19.37 27.64
C PHE A 368 -40.66 20.08 28.53
N ILE A 369 -40.24 19.45 29.63
CA ILE A 369 -39.27 20.10 30.53
C ILE A 369 -37.99 20.47 29.79
N GLU A 370 -37.47 19.54 28.98
CA GLU A 370 -36.25 19.80 28.22
C GLU A 370 -36.42 21.09 27.42
N LEU A 371 -37.43 21.13 26.57
CA LEU A 371 -37.69 22.30 25.75
C LEU A 371 -37.60 23.57 26.59
N TYR A 372 -38.44 23.67 27.61
CA TYR A 372 -38.46 24.85 28.46
C TYR A 372 -37.06 25.25 28.89
N GLU A 373 -36.28 24.28 29.31
CA GLU A 373 -34.91 24.56 29.72
C GLU A 373 -34.14 25.14 28.51
N ASN A 374 -34.26 24.46 27.38
CA ASN A 374 -33.59 24.90 26.18
C ASN A 374 -33.90 26.37 26.00
N PHE A 375 -35.18 26.70 25.94
CA PHE A 375 -35.62 28.08 25.74
C PHE A 375 -34.98 29.09 26.66
N LEU A 376 -34.82 28.75 27.92
CA LEU A 376 -34.24 29.68 28.88
C LEU A 376 -32.78 29.91 28.62
N SER A 377 -32.03 28.84 28.47
CA SER A 377 -30.58 28.95 28.27
C SER A 377 -30.17 29.57 26.94
N THR A 378 -31.15 29.71 26.05
CA THR A 378 -30.91 30.24 24.72
C THR A 378 -31.47 31.66 24.60
N THR A 379 -32.25 32.08 25.59
CA THR A 379 -32.90 33.39 25.53
C THR A 379 -32.86 34.31 26.74
N VAL A 380 -32.96 33.75 27.95
CA VAL A 380 -32.97 34.59 29.14
C VAL A 380 -31.65 34.66 29.93
N LYS A 381 -30.88 33.58 29.88
CA LYS A 381 -29.60 33.49 30.59
C LYS A 381 -28.42 34.24 29.96
N ASP A 382 -28.69 35.10 28.96
CA ASP A 382 -27.64 35.87 28.31
C ASP A 382 -27.38 37.10 29.16
N ASP A 383 -27.64 36.93 30.46
CA ASP A 383 -27.49 37.96 31.49
C ASP A 383 -26.02 38.05 31.94
N GLY A 384 -25.23 37.03 31.63
CA GLY A 384 -23.86 36.98 32.08
C GLY A 384 -23.98 36.09 33.29
N SER A 385 -25.19 36.12 33.85
CA SER A 385 -25.58 35.35 35.03
C SER A 385 -25.31 33.86 34.82
N GLU A 386 -26.37 33.13 34.46
CA GLU A 386 -26.28 31.71 34.20
C GLU A 386 -24.93 31.34 33.58
N LEU A 387 -24.58 30.09 33.83
CA LEU A 387 -23.32 29.53 33.37
C LEU A 387 -22.49 30.44 32.47
N LEU A 388 -21.67 31.27 33.10
CA LEU A 388 -20.71 32.11 32.41
C LEU A 388 -19.38 31.47 32.90
N PRO A 389 -19.20 30.13 32.67
CA PRO A 389 -18.01 29.40 33.10
C PRO A 389 -16.80 30.23 33.43
N VAL A 390 -16.11 29.80 34.48
CA VAL A 390 -14.90 30.44 34.96
C VAL A 390 -14.02 30.82 33.77
N SER A 391 -12.96 30.06 33.53
CA SER A 391 -12.08 30.30 32.39
C SER A 391 -11.55 28.96 31.94
N ASP A 392 -12.50 28.22 31.37
CA ASP A 392 -12.38 26.93 30.78
C ASP A 392 -13.55 27.14 29.79
N ARG A 393 -13.54 28.37 29.29
CA ARG A 393 -14.46 28.89 28.29
C ARG A 393 -13.77 28.45 27.03
N LEU A 394 -14.52 28.22 25.97
CA LEU A 394 -13.90 27.72 24.77
C LEU A 394 -14.10 28.43 23.46
N ASN A 395 -13.26 28.03 22.50
CA ASN A 395 -13.32 28.50 21.13
C ASN A 395 -13.95 27.32 20.38
N ILE A 396 -15.21 27.47 19.97
CA ILE A 396 -15.91 26.41 19.27
C ILE A 396 -16.09 26.83 17.83
N GLY A 397 -15.64 25.99 16.90
CA GLY A 397 -15.78 26.27 15.49
C GLY A 397 -17.06 25.64 14.98
N ILE A 398 -17.63 26.21 13.92
CA ILE A 398 -18.87 25.70 13.33
C ILE A 398 -18.79 25.71 11.79
N VAL A 399 -19.05 24.55 11.16
CA VAL A 399 -19.05 24.44 9.69
C VAL A 399 -20.31 23.79 9.12
N HIS A 400 -20.59 24.12 7.86
CA HIS A 400 -21.71 23.50 7.20
C HIS A 400 -21.18 22.61 6.06
N VAL A 401 -21.27 21.30 6.24
CA VAL A 401 -20.83 20.41 5.18
C VAL A 401 -21.99 19.71 4.45
N GLY A 402 -22.25 20.16 3.23
CA GLY A 402 -23.30 19.54 2.43
C GLY A 402 -24.24 20.44 1.67
N ALA A 403 -25.24 19.83 1.03
CA ALA A 403 -26.22 20.64 0.30
C ALA A 403 -27.04 21.41 1.33
N PRO A 404 -27.51 22.60 0.98
CA PRO A 404 -28.28 23.34 1.97
C PRO A 404 -29.49 22.62 2.55
N SER A 405 -29.74 22.86 3.83
CA SER A 405 -30.88 22.31 4.55
C SER A 405 -31.59 23.59 5.02
N ALA A 406 -32.67 23.46 5.80
CA ALA A 406 -33.40 24.65 6.26
C ALA A 406 -33.25 24.98 7.73
N ALA A 407 -32.52 24.15 8.46
CA ALA A 407 -32.32 24.41 9.88
C ALA A 407 -30.88 24.77 10.31
N LEU A 408 -29.96 24.93 9.34
CA LEU A 408 -28.56 25.27 9.66
C LEU A 408 -28.46 26.59 10.39
N ASN A 409 -29.09 27.64 9.85
CA ASN A 409 -29.00 28.92 10.52
C ASN A 409 -29.61 28.85 11.92
N ALA A 410 -30.79 28.26 12.03
CA ALA A 410 -31.45 28.16 13.33
C ALA A 410 -30.57 27.39 14.29
N ALA A 411 -29.96 26.32 13.81
CA ALA A 411 -29.07 25.51 14.66
C ALA A 411 -27.84 26.27 15.00
N THR A 412 -27.24 26.91 14.00
CA THR A 412 -26.04 27.68 14.22
C THR A 412 -26.36 28.77 15.25
N ARG A 413 -27.53 29.39 15.13
CA ARG A 413 -27.93 30.43 16.05
C ARG A 413 -28.05 29.93 17.47
N ALA A 414 -28.73 28.82 17.66
CA ALA A 414 -28.88 28.25 19.00
C ALA A 414 -27.52 28.04 19.59
N ALA A 415 -26.63 27.45 18.80
CA ALA A 415 -25.28 27.20 19.29
C ALA A 415 -24.56 28.52 19.64
N THR A 416 -24.68 29.53 18.78
CA THR A 416 -24.00 30.78 19.05
C THR A 416 -24.48 31.37 20.35
N LEU A 417 -25.80 31.56 20.46
CA LEU A 417 -26.36 32.14 21.68
C LEU A 417 -25.91 31.39 22.92
N TYR A 418 -26.07 30.09 22.90
CA TYR A 418 -25.65 29.33 24.04
C TYR A 418 -24.17 29.60 24.32
N CYS A 419 -23.35 29.55 23.29
CA CYS A 419 -21.93 29.76 23.48
C CYS A 419 -21.71 31.04 24.22
N LEU A 420 -22.23 32.13 23.66
CA LEU A 420 -22.07 33.45 24.30
C LEU A 420 -22.57 33.47 25.76
N SER A 421 -23.71 32.81 26.00
CA SER A 421 -24.27 32.69 27.33
C SER A 421 -23.12 32.27 28.27
N HIS A 422 -22.46 31.15 27.98
CA HIS A 422 -21.36 30.65 28.81
C HIS A 422 -20.03 31.37 28.67
N GLY A 423 -19.94 32.27 27.72
CA GLY A 423 -18.69 32.97 27.55
C GLY A 423 -17.74 32.30 26.56
N HIS A 424 -18.23 31.30 25.86
CA HIS A 424 -17.44 30.61 24.87
C HIS A 424 -17.35 31.53 23.63
N LYS A 425 -16.38 31.31 22.75
CA LYS A 425 -16.30 32.11 21.53
C LYS A 425 -16.68 31.22 20.35
N PRO A 426 -17.83 31.53 19.74
CA PRO A 426 -18.31 30.74 18.61
C PRO A 426 -17.77 31.23 17.29
N TYR A 427 -17.06 30.37 16.58
CA TYR A 427 -16.51 30.75 15.29
C TYR A 427 -17.24 30.12 14.14
N ALA A 428 -17.39 30.89 13.09
CA ALA A 428 -18.06 30.41 11.91
C ALA A 428 -16.98 30.06 10.89
N ILE A 429 -16.91 28.80 10.45
CA ILE A 429 -15.89 28.46 9.45
C ILE A 429 -16.61 28.69 8.11
N MET A 430 -16.40 29.85 7.52
CA MET A 430 -17.07 30.16 6.27
C MET A 430 -16.89 29.17 5.10
N ASN A 431 -17.97 28.98 4.36
CA ASN A 431 -18.01 28.13 3.18
C ASN A 431 -17.46 26.72 3.28
N GLY A 432 -17.89 25.99 4.29
CA GLY A 432 -17.41 24.62 4.40
C GLY A 432 -15.91 24.47 4.36
N PHE A 433 -15.46 23.22 4.27
CA PHE A 433 -14.03 22.92 4.26
C PHE A 433 -13.30 23.46 3.06
N SER A 434 -13.92 23.39 1.90
CA SER A 434 -13.27 23.90 0.73
C SER A 434 -12.98 25.41 0.92
N GLY A 435 -13.88 26.10 1.62
CA GLY A 435 -13.68 27.52 1.87
C GLY A 435 -12.55 27.80 2.85
N LEU A 436 -12.44 26.97 3.88
CA LEU A 436 -11.39 27.16 4.87
C LEU A 436 -10.05 26.97 4.20
N ILE A 437 -9.93 25.85 3.50
CA ILE A 437 -8.69 25.53 2.79
C ILE A 437 -8.31 26.64 1.82
N GLN A 438 -9.26 27.13 1.06
CA GLN A 438 -8.97 28.17 0.11
C GLN A 438 -8.79 29.56 0.71
N THR A 439 -9.31 29.81 1.90
CA THR A 439 -9.20 31.17 2.42
C THR A 439 -8.88 31.36 3.89
N GLY A 440 -9.01 30.30 4.67
CA GLY A 440 -8.76 30.38 6.10
C GLY A 440 -9.72 31.32 6.81
N GLU A 441 -10.81 31.72 6.13
CA GLU A 441 -11.81 32.63 6.72
C GLU A 441 -12.56 32.00 7.89
N VAL A 442 -12.43 32.60 9.07
CA VAL A 442 -13.11 32.09 10.25
C VAL A 442 -13.54 33.30 11.04
N LYS A 443 -14.79 33.77 10.88
CA LYS A 443 -15.29 34.94 11.60
C LYS A 443 -15.97 34.61 12.92
N GLU A 444 -15.66 35.40 13.95
CA GLU A 444 -16.25 35.24 15.28
C GLU A 444 -17.69 35.76 15.22
N LEU A 445 -18.63 34.95 15.70
CA LEU A 445 -20.04 35.33 15.68
C LEU A 445 -20.50 36.10 16.92
N SER A 446 -21.29 37.14 16.68
CA SER A 446 -21.78 38.00 17.76
C SER A 446 -23.27 37.79 17.95
N TRP A 447 -23.76 38.15 19.13
CA TRP A 447 -25.17 38.02 19.44
C TRP A 447 -26.07 38.56 18.33
N ILE A 448 -25.77 39.76 17.86
CA ILE A 448 -26.62 40.37 16.86
C ILE A 448 -26.45 39.77 15.44
N ASP A 449 -25.29 39.19 15.15
CA ASP A 449 -25.09 38.57 13.84
C ASP A 449 -26.11 37.47 13.60
N VAL A 450 -26.33 36.69 14.64
CA VAL A 450 -27.20 35.52 14.60
C VAL A 450 -28.68 35.83 14.71
N GLU A 451 -29.02 37.11 14.75
CA GLU A 451 -30.40 37.56 14.84
C GLU A 451 -31.31 37.09 13.71
N ASN A 452 -32.53 36.69 14.03
CA ASN A 452 -33.45 36.27 12.99
C ASN A 452 -32.99 35.10 12.14
N TRP A 453 -32.00 34.35 12.60
CA TRP A 453 -31.55 33.19 11.86
C TRP A 453 -32.50 32.04 12.14
N HIS A 454 -33.23 32.13 13.26
CA HIS A 454 -34.17 31.08 13.68
C HIS A 454 -35.21 30.64 12.64
N ASN A 455 -35.46 31.44 11.62
CA ASN A 455 -36.44 31.03 10.65
C ASN A 455 -35.90 31.25 9.24
N LEU A 456 -34.59 31.45 9.16
CA LEU A 456 -33.92 31.69 7.90
C LEU A 456 -33.40 30.39 7.27
N GLY A 457 -33.94 30.04 6.11
CA GLY A 457 -33.49 28.82 5.44
C GLY A 457 -32.15 29.02 4.78
N GLY A 458 -31.63 27.96 4.18
CA GLY A 458 -30.33 28.04 3.52
C GLY A 458 -29.19 28.13 4.52
N SER A 459 -28.04 28.64 4.08
CA SER A 459 -26.89 28.78 4.94
C SER A 459 -26.20 30.13 4.84
N GLU A 460 -26.41 30.98 5.84
CA GLU A 460 -25.80 32.30 5.85
C GLU A 460 -24.26 32.30 5.80
N ILE A 461 -23.61 31.28 6.35
CA ILE A 461 -22.16 31.25 6.34
C ILE A 461 -21.63 30.47 5.13
N GLY A 462 -22.51 29.79 4.42
CA GLY A 462 -22.08 29.03 3.27
C GLY A 462 -21.95 27.55 3.57
N THR A 463 -22.42 26.71 2.65
CA THR A 463 -22.34 25.28 2.85
C THR A 463 -22.09 24.62 1.50
N ASN A 464 -21.24 23.60 1.47
CA ASN A 464 -20.98 22.91 0.20
C ASN A 464 -20.53 21.48 0.50
N ARG A 465 -20.51 20.63 -0.54
CA ARG A 465 -20.16 19.22 -0.34
C ARG A 465 -18.69 18.83 -0.16
N SER A 466 -17.77 19.74 -0.42
CA SER A 466 -16.36 19.43 -0.24
C SER A 466 -16.15 18.74 1.12
N VAL A 467 -15.35 17.68 1.14
CA VAL A 467 -15.09 16.97 2.38
C VAL A 467 -13.72 17.32 2.92
N ALA A 468 -13.51 17.01 4.20
CA ALA A 468 -12.25 17.33 4.88
C ALA A 468 -10.99 16.80 4.21
N SER A 469 -11.07 15.60 3.66
CA SER A 469 -9.91 14.99 3.02
C SER A 469 -9.42 15.81 1.83
N GLU A 470 -10.07 16.89 1.49
CA GLU A 470 -9.58 17.65 0.37
C GLU A 470 -8.17 18.21 0.67
N ASP A 471 -7.86 18.40 1.96
CA ASP A 471 -6.55 18.90 2.42
C ASP A 471 -6.56 18.91 3.95
N LEU A 472 -6.75 17.73 4.52
CA LEU A 472 -6.78 17.53 5.97
C LEU A 472 -5.72 18.33 6.71
N GLY A 473 -4.60 18.59 6.04
CA GLY A 473 -3.52 19.32 6.67
C GLY A 473 -3.82 20.78 6.86
N THR A 474 -4.08 21.47 5.76
CA THR A 474 -4.40 22.89 5.84
C THR A 474 -5.55 23.11 6.81
N ILE A 475 -6.51 22.20 6.82
CA ILE A 475 -7.63 22.31 7.74
C ILE A 475 -7.04 22.30 9.16
N ALA A 476 -6.33 21.24 9.49
CA ALA A 476 -5.69 21.17 10.80
C ALA A 476 -4.95 22.49 11.10
N TYR A 477 -4.22 22.97 10.10
CA TYR A 477 -3.48 24.19 10.24
C TYR A 477 -4.32 25.32 10.79
N TYR A 478 -5.51 25.53 10.22
CA TYR A 478 -6.37 26.62 10.67
C TYR A 478 -7.09 26.35 11.98
N PHE A 479 -7.42 25.09 12.22
CA PHE A 479 -8.11 24.77 13.45
C PHE A 479 -7.17 25.22 14.55
N GLN A 480 -5.89 24.97 14.36
CA GLN A 480 -4.90 25.32 15.36
C GLN A 480 -4.71 26.82 15.43
N LYS A 481 -4.48 27.43 14.28
CA LYS A 481 -4.30 28.88 14.23
C LYS A 481 -5.39 29.60 14.96
N ASN A 482 -6.60 29.06 14.89
CA ASN A 482 -7.76 29.67 15.54
C ASN A 482 -8.03 29.15 16.92
N LYS A 483 -7.07 28.41 17.46
CA LYS A 483 -7.18 27.87 18.81
C LYS A 483 -8.55 27.22 19.09
N LEU A 484 -9.04 26.40 18.16
CA LEU A 484 -10.33 25.75 18.37
C LEU A 484 -10.26 24.66 19.43
N ASP A 485 -11.24 24.63 20.33
CA ASP A 485 -11.25 23.61 21.37
C ASP A 485 -12.27 22.57 20.98
N GLY A 486 -13.20 22.98 20.13
CA GLY A 486 -14.25 22.08 19.69
C GLY A 486 -14.72 22.43 18.30
N LEU A 487 -15.42 21.47 17.69
CA LEU A 487 -15.93 21.64 16.34
C LEU A 487 -17.35 21.10 16.17
N ILE A 488 -18.23 21.89 15.56
CA ILE A 488 -19.59 21.42 15.30
C ILE A 488 -19.73 21.39 13.79
N ILE A 489 -20.09 20.22 13.27
CA ILE A 489 -20.31 20.06 11.85
C ILE A 489 -21.81 19.89 11.63
N LEU A 490 -22.39 20.80 10.85
CA LEU A 490 -23.79 20.74 10.51
C LEU A 490 -23.85 20.29 9.05
N GLY A 491 -24.43 19.12 8.80
CA GLY A 491 -24.49 18.65 7.43
C GLY A 491 -24.93 17.22 7.23
N GLY A 492 -24.84 16.76 5.99
CA GLY A 492 -25.27 15.41 5.65
C GLY A 492 -24.19 14.35 5.54
N PHE A 493 -24.32 13.44 4.58
CA PHE A 493 -23.33 12.39 4.46
C PHE A 493 -21.90 12.95 4.37
N GLU A 494 -21.68 13.94 3.52
CA GLU A 494 -20.32 14.51 3.42
C GLU A 494 -19.83 14.96 4.79
N GLY A 495 -20.74 15.46 5.61
CA GLY A 495 -20.36 15.91 6.94
C GLY A 495 -20.00 14.70 7.77
N PHE A 496 -20.77 13.63 7.61
CA PHE A 496 -20.54 12.36 8.31
C PHE A 496 -19.21 11.76 7.83
N ARG A 497 -19.01 11.81 6.51
CA ARG A 497 -17.77 11.31 5.95
C ARG A 497 -16.65 12.15 6.54
N SER A 498 -16.80 13.46 6.48
CA SER A 498 -15.80 14.36 7.04
C SER A 498 -15.48 14.11 8.53
N LEU A 499 -16.49 13.86 9.35
CA LEU A 499 -16.24 13.61 10.76
C LEU A 499 -15.36 12.40 10.90
N LYS A 500 -15.67 11.36 10.12
CA LYS A 500 -14.87 10.14 10.17
C LYS A 500 -13.44 10.50 9.78
N GLN A 501 -13.30 11.17 8.64
CA GLN A 501 -11.98 11.56 8.16
C GLN A 501 -11.19 12.28 9.25
N LEU A 502 -11.79 13.24 9.93
CA LEU A 502 -11.06 13.94 10.97
C LEU A 502 -10.68 13.02 12.14
N ARG A 503 -11.56 12.09 12.51
CA ARG A 503 -11.26 11.15 13.59
C ARG A 503 -9.94 10.45 13.22
N ASP A 504 -9.88 9.91 12.02
CA ASP A 504 -8.69 9.21 11.58
C ASP A 504 -7.49 10.14 11.60
N GLY A 505 -7.70 11.36 11.13
CA GLY A 505 -6.61 12.32 11.08
C GLY A 505 -5.93 12.60 12.39
N ARG A 506 -6.57 12.18 13.49
CA ARG A 506 -6.04 12.41 14.82
C ARG A 506 -4.63 11.93 15.04
N THR A 507 -4.31 10.77 14.49
CA THR A 507 -2.97 10.24 14.64
C THR A 507 -1.96 11.23 14.08
N GLN A 508 -2.22 11.71 12.87
CA GLN A 508 -1.32 12.65 12.22
C GLN A 508 -1.54 14.13 12.54
N HIS A 509 -2.59 14.46 13.28
CA HIS A 509 -2.86 15.84 13.61
C HIS A 509 -3.41 16.03 14.99
N PRO A 510 -2.55 16.38 15.95
CA PRO A 510 -2.97 16.59 17.34
C PRO A 510 -4.23 17.44 17.52
N ILE A 511 -4.33 18.56 16.80
CA ILE A 511 -5.47 19.45 16.93
C ILE A 511 -6.83 18.80 16.73
N PHE A 512 -6.87 17.67 16.02
CA PHE A 512 -8.15 17.02 15.78
C PHE A 512 -8.59 16.22 16.99
N ASN A 513 -7.87 16.33 18.08
CA ASN A 513 -8.26 15.60 19.27
C ASN A 513 -9.25 16.42 20.09
N ILE A 514 -9.59 17.60 19.60
CA ILE A 514 -10.57 18.43 20.28
C ILE A 514 -11.87 17.70 20.02
N PRO A 515 -12.86 17.85 20.88
CA PRO A 515 -14.14 17.17 20.65
C PRO A 515 -14.69 17.61 19.31
N MET A 516 -15.36 16.71 18.60
CA MET A 516 -15.95 17.03 17.31
C MET A 516 -17.24 16.25 17.13
N CYS A 517 -18.36 16.94 16.93
CA CYS A 517 -19.62 16.22 16.75
C CYS A 517 -20.36 16.69 15.52
N LEU A 518 -21.22 15.83 14.98
CA LEU A 518 -22.00 16.15 13.78
C LEU A 518 -23.46 16.27 14.14
N ILE A 519 -24.12 17.28 13.61
CA ILE A 519 -25.56 17.41 13.83
C ILE A 519 -26.03 17.04 12.41
N PRO A 520 -26.59 15.84 12.20
CA PRO A 520 -27.01 15.54 10.83
C PRO A 520 -28.03 16.54 10.32
N ALA A 521 -27.83 16.95 9.08
CA ALA A 521 -28.67 17.93 8.44
C ALA A 521 -28.78 17.62 6.97
N THR A 522 -29.98 17.31 6.51
CA THR A 522 -30.17 17.01 5.11
C THR A 522 -31.63 16.66 4.91
N VAL A 523 -32.19 17.02 3.76
CA VAL A 523 -33.57 16.71 3.50
C VAL A 523 -33.67 15.21 3.35
N SER A 524 -32.57 14.59 2.94
CA SER A 524 -32.56 13.15 2.70
C SER A 524 -32.69 12.17 3.85
N ASN A 525 -32.33 12.60 5.04
CA ASN A 525 -32.37 11.70 6.19
C ASN A 525 -31.51 10.46 5.89
N ASN A 526 -30.42 10.66 5.18
CA ASN A 526 -29.54 9.57 4.80
C ASN A 526 -28.25 9.51 5.61
N VAL A 527 -28.27 10.02 6.83
CA VAL A 527 -27.08 10.01 7.66
C VAL A 527 -27.19 8.94 8.69
N PRO A 528 -26.32 7.93 8.59
CA PRO A 528 -26.24 6.77 9.46
C PRO A 528 -26.32 7.04 10.96
N GLY A 529 -27.02 6.16 11.67
CA GLY A 529 -27.10 6.29 13.11
C GLY A 529 -28.28 7.04 13.69
N THR A 530 -28.87 7.95 12.93
CA THR A 530 -29.99 8.72 13.46
C THR A 530 -31.20 8.53 12.59
N GLU A 531 -32.39 8.66 13.19
CA GLU A 531 -33.64 8.51 12.46
C GLU A 531 -34.12 9.84 11.93
N TYR A 532 -33.52 10.93 12.39
CA TYR A 532 -33.94 12.25 11.98
C TYR A 532 -32.86 13.32 11.74
N SER A 533 -32.56 13.60 10.48
CA SER A 533 -31.60 14.64 10.20
C SER A 533 -32.37 15.97 10.17
N LEU A 534 -31.71 17.08 10.51
CA LEU A 534 -32.42 18.34 10.49
C LEU A 534 -32.79 18.68 9.06
N GLY A 535 -33.92 19.34 8.87
CA GLY A 535 -34.35 19.73 7.54
C GLY A 535 -35.31 18.76 6.93
N VAL A 536 -35.45 17.58 7.54
CA VAL A 536 -36.35 16.58 7.02
C VAL A 536 -37.79 17.01 7.08
N ASP A 537 -38.23 17.45 8.24
CA ASP A 537 -39.59 17.85 8.34
C ASP A 537 -39.90 18.99 7.36
N THR A 538 -38.98 19.94 7.22
CA THR A 538 -39.22 21.04 6.29
C THR A 538 -39.40 20.45 4.90
N CYS A 539 -38.54 19.52 4.55
CA CYS A 539 -38.64 18.89 3.24
C CYS A 539 -40.03 18.26 3.03
N LEU A 540 -40.38 17.33 3.93
CA LEU A 540 -41.64 16.61 3.84
C LEU A 540 -42.83 17.56 3.67
N ASN A 541 -42.80 18.68 4.36
CA ASN A 541 -43.87 19.63 4.21
C ASN A 541 -43.79 20.30 2.86
N ALA A 542 -42.60 20.67 2.42
CA ALA A 542 -42.49 21.32 1.11
C ALA A 542 -43.15 20.40 0.10
N LEU A 543 -42.86 19.11 0.25
CA LEU A 543 -43.43 18.14 -0.65
C LEU A 543 -44.96 18.05 -0.55
N VAL A 544 -45.47 18.07 0.68
CA VAL A 544 -46.90 18.06 0.88
C VAL A 544 -47.52 19.21 0.05
N ASN A 545 -47.12 20.45 0.36
CA ASN A 545 -47.62 21.61 -0.36
C ASN A 545 -47.41 21.42 -1.85
N TYR A 546 -46.27 20.85 -2.22
CA TYR A 546 -46.04 20.64 -3.63
C TYR A 546 -47.05 19.65 -4.19
N THR A 547 -47.13 18.46 -3.62
CA THR A 547 -48.04 17.49 -4.17
C THR A 547 -49.49 17.95 -4.09
N ASP A 548 -49.86 18.58 -2.97
CA ASP A 548 -51.22 19.08 -2.83
C ASP A 548 -51.64 19.90 -4.04
N ASP A 549 -50.70 20.70 -4.55
CA ASP A 549 -51.00 21.55 -5.70
C ASP A 549 -51.02 20.79 -7.02
N ILE A 550 -50.07 19.90 -7.27
CA ILE A 550 -50.15 19.25 -8.56
C ILE A 550 -51.27 18.23 -8.52
N LYS A 551 -51.55 17.73 -7.33
CA LYS A 551 -52.61 16.76 -7.17
C LYS A 551 -53.89 17.46 -7.66
N GLN A 552 -54.12 18.67 -7.18
CA GLN A 552 -55.28 19.42 -7.60
C GLN A 552 -55.29 19.67 -9.12
N SER A 553 -54.13 19.73 -9.75
CA SER A 553 -54.06 19.99 -11.18
C SER A 553 -54.52 18.79 -11.97
N ALA A 554 -54.25 17.62 -11.42
CA ALA A 554 -54.65 16.37 -12.05
C ALA A 554 -56.17 16.19 -11.96
N SER A 555 -56.69 16.48 -10.77
CA SER A 555 -58.11 16.39 -10.49
C SER A 555 -58.90 17.32 -11.41
N ALA A 556 -58.36 18.50 -11.67
CA ALA A 556 -59.02 19.43 -12.55
C ALA A 556 -59.18 18.87 -13.97
N THR A 557 -58.10 18.38 -14.58
CA THR A 557 -58.19 17.89 -15.94
C THR A 557 -58.79 16.50 -16.04
N ARG A 558 -59.05 15.89 -14.89
CA ARG A 558 -59.67 14.56 -14.87
C ARG A 558 -58.80 13.44 -15.46
N ARG A 559 -58.98 12.23 -14.94
CA ARG A 559 -58.26 11.04 -15.42
C ARG A 559 -56.79 11.31 -15.76
N ARG A 560 -55.99 11.56 -14.74
CA ARG A 560 -54.58 11.88 -14.95
C ARG A 560 -53.68 11.47 -13.77
N VAL A 561 -52.52 10.91 -14.11
CA VAL A 561 -51.56 10.46 -13.13
C VAL A 561 -50.30 11.30 -13.18
N PHE A 562 -49.73 11.58 -12.03
CA PHE A 562 -48.49 12.33 -11.97
C PHE A 562 -47.34 11.48 -11.39
N VAL A 563 -46.22 11.35 -12.10
CA VAL A 563 -45.08 10.59 -11.57
C VAL A 563 -44.18 11.62 -10.94
N CYS A 564 -44.18 11.67 -9.62
CA CYS A 564 -43.42 12.67 -8.90
C CYS A 564 -42.10 12.18 -8.29
N GLU A 565 -41.00 12.80 -8.73
CA GLU A 565 -39.66 12.42 -8.31
C GLU A 565 -39.27 13.17 -7.10
N VAL A 566 -38.89 12.42 -6.09
CA VAL A 566 -38.52 12.97 -4.81
C VAL A 566 -37.01 12.83 -4.54
N GLN A 567 -36.45 13.72 -3.73
CA GLN A 567 -35.02 13.65 -3.44
C GLN A 567 -34.68 12.58 -2.40
N GLY A 568 -33.53 12.65 -1.77
CA GLY A 568 -33.19 11.62 -0.81
C GLY A 568 -32.04 10.71 -1.23
N GLY A 569 -31.49 10.97 -2.42
CA GLY A 569 -30.38 10.19 -2.93
C GLY A 569 -30.70 8.71 -2.98
N HIS A 570 -29.90 7.90 -2.32
CA HIS A 570 -30.13 6.46 -2.31
C HIS A 570 -30.87 6.04 -1.04
N SER A 571 -31.72 6.93 -0.56
CA SER A 571 -32.50 6.60 0.62
C SER A 571 -33.93 6.99 0.39
N GLY A 572 -34.77 5.98 0.17
CA GLY A 572 -36.17 6.24 -0.07
C GLY A 572 -37.02 6.60 1.14
N TYR A 573 -36.40 6.96 2.26
CA TYR A 573 -37.16 7.36 3.44
C TYR A 573 -38.15 8.46 3.08
N ILE A 574 -37.66 9.53 2.48
CA ILE A 574 -38.55 10.60 2.12
C ILE A 574 -39.61 10.02 1.21
N ALA A 575 -39.19 9.24 0.21
CA ALA A 575 -40.14 8.64 -0.74
C ALA A 575 -41.20 7.84 -0.04
N SER A 576 -40.82 6.98 0.88
CA SER A 576 -41.82 6.21 1.59
C SER A 576 -42.79 7.12 2.33
N PHE A 577 -42.27 7.87 3.28
CA PHE A 577 -43.08 8.79 4.05
C PHE A 577 -44.01 9.64 3.15
N THR A 578 -43.49 10.19 2.06
CA THR A 578 -44.30 11.02 1.19
C THR A 578 -45.44 10.18 0.64
N GLY A 579 -45.11 9.00 0.17
CA GLY A 579 -46.11 8.12 -0.39
C GLY A 579 -47.27 7.92 0.56
N LEU A 580 -46.93 7.58 1.80
CA LEU A 580 -47.93 7.36 2.84
C LEU A 580 -48.87 8.55 3.02
N ILE A 581 -48.36 9.77 3.28
CA ILE A 581 -49.23 10.95 3.46
C ILE A 581 -49.74 11.61 2.15
N THR A 582 -49.62 10.86 1.07
CA THR A 582 -50.02 11.34 -0.23
C THR A 582 -51.04 10.41 -0.87
N GLY A 583 -51.09 9.19 -0.35
CA GLY A 583 -51.99 8.19 -0.90
C GLY A 583 -51.49 7.70 -2.25
N ALA A 584 -50.18 7.82 -2.48
CA ALA A 584 -49.59 7.40 -3.74
C ALA A 584 -49.90 5.94 -4.00
N VAL A 585 -50.36 5.66 -5.21
CA VAL A 585 -50.72 4.29 -5.56
C VAL A 585 -49.51 3.41 -5.76
N SER A 586 -48.37 4.05 -5.93
CA SER A 586 -47.14 3.32 -6.15
C SER A 586 -45.97 4.17 -5.73
N VAL A 587 -45.07 3.58 -4.95
CA VAL A 587 -43.89 4.28 -4.50
C VAL A 587 -42.65 3.51 -4.95
N TYR A 588 -41.87 4.09 -5.86
CA TYR A 588 -40.67 3.40 -6.32
C TYR A 588 -39.46 3.89 -5.56
N THR A 589 -38.89 3.02 -4.74
CA THR A 589 -37.70 3.37 -3.97
C THR A 589 -36.52 2.51 -4.42
N PRO A 590 -35.31 2.83 -3.94
CA PRO A 590 -34.10 2.08 -4.29
C PRO A 590 -34.06 0.74 -3.53
N GLU A 591 -34.74 0.72 -2.40
CA GLU A 591 -34.84 -0.45 -1.54
C GLU A 591 -35.77 -1.49 -2.17
N LYS A 592 -36.71 -1.04 -3.01
CA LYS A 592 -37.66 -1.92 -3.68
C LYS A 592 -37.39 -2.02 -5.19
N LYS A 593 -37.22 -3.25 -5.67
CA LYS A 593 -36.93 -3.54 -7.08
C LYS A 593 -37.95 -2.98 -8.06
N ILE A 594 -37.44 -2.39 -9.16
CA ILE A 594 -38.29 -1.82 -10.23
C ILE A 594 -38.13 -2.56 -11.55
N ASP A 595 -38.68 -3.75 -11.70
CA ASP A 595 -38.53 -4.42 -12.99
C ASP A 595 -39.80 -4.28 -13.81
N LEU A 596 -39.79 -4.79 -15.05
CA LEU A 596 -40.99 -4.72 -15.89
C LEU A 596 -42.14 -5.30 -15.13
N ALA A 597 -41.85 -6.31 -14.30
CA ALA A 597 -42.90 -6.95 -13.52
C ALA A 597 -43.62 -5.86 -12.75
N SER A 598 -42.87 -5.17 -11.91
CA SER A 598 -43.47 -4.15 -11.10
C SER A 598 -44.20 -3.10 -11.94
N ILE A 599 -43.53 -2.55 -12.94
CA ILE A 599 -44.18 -1.51 -13.74
C ILE A 599 -45.54 -1.97 -14.23
N ARG A 600 -45.64 -3.23 -14.63
CA ARG A 600 -46.90 -3.73 -15.12
C ARG A 600 -47.93 -3.81 -14.01
N GLU A 601 -47.55 -4.32 -12.84
CA GLU A 601 -48.54 -4.38 -11.76
C GLU A 601 -49.00 -2.94 -11.47
N ASP A 602 -48.18 -1.96 -11.85
CA ASP A 602 -48.53 -0.56 -11.61
C ASP A 602 -49.48 -0.08 -12.67
N ILE A 603 -49.16 -0.39 -13.92
CA ILE A 603 -50.04 0.04 -14.98
C ILE A 603 -51.41 -0.56 -14.70
N THR A 604 -51.42 -1.79 -14.21
CA THR A 604 -52.65 -2.50 -13.84
C THR A 604 -53.45 -1.73 -12.80
N LEU A 605 -52.97 -1.64 -11.57
CA LEU A 605 -53.70 -0.89 -10.57
C LEU A 605 -54.27 0.41 -11.14
N LEU A 606 -53.45 1.19 -11.85
CA LEU A 606 -53.92 2.44 -12.43
C LEU A 606 -55.12 2.17 -13.35
N LYS A 607 -54.87 1.65 -14.56
CA LYS A 607 -55.91 1.30 -15.54
C LYS A 607 -57.18 0.85 -14.83
N GLU A 608 -57.04 -0.17 -13.99
CA GLU A 608 -58.16 -0.70 -13.23
C GLU A 608 -58.77 0.45 -12.47
N ASN A 609 -58.03 0.97 -11.50
CA ASN A 609 -58.51 2.09 -10.69
C ASN A 609 -59.32 3.07 -11.58
N PHE A 610 -58.76 3.43 -12.73
CA PHE A 610 -59.41 4.38 -13.62
C PHE A 610 -60.70 3.94 -14.27
N ARG A 611 -60.93 2.64 -14.38
CA ARG A 611 -62.17 2.16 -14.99
C ARG A 611 -63.36 2.74 -14.20
N HIS A 612 -63.12 2.98 -12.91
CA HIS A 612 -64.15 3.53 -12.03
C HIS A 612 -64.29 5.06 -12.18
N ASP A 613 -63.44 5.81 -11.46
CA ASP A 613 -63.42 7.28 -11.45
C ASP A 613 -64.85 7.89 -11.30
N LYS A 614 -65.38 8.43 -12.41
CA LYS A 614 -66.71 9.04 -12.44
C LYS A 614 -66.83 10.22 -11.49
N GLY A 615 -66.69 9.97 -10.18
CA GLY A 615 -66.74 11.04 -9.21
C GLY A 615 -65.97 12.26 -9.68
N GLU A 616 -64.88 12.02 -10.42
CA GLU A 616 -64.03 13.09 -10.93
C GLU A 616 -63.70 14.13 -9.85
N ASN A 617 -63.95 15.40 -10.19
CA ASN A 617 -63.69 16.54 -9.31
C ASN A 617 -62.39 16.42 -8.51
N ARG A 618 -62.37 15.51 -7.53
CA ARG A 618 -61.18 15.27 -6.72
C ARG A 618 -60.71 13.84 -6.94
N ASN A 619 -60.26 13.53 -8.16
CA ASN A 619 -59.80 12.16 -8.49
C ASN A 619 -58.38 11.93 -9.06
N GLY A 620 -57.48 12.92 -8.97
CA GLY A 620 -56.14 12.75 -9.48
C GLY A 620 -55.28 11.77 -8.71
N LYS A 621 -54.55 10.92 -9.42
CA LYS A 621 -53.68 9.95 -8.79
C LYS A 621 -52.20 10.18 -9.05
N LEU A 622 -51.35 9.79 -8.10
CA LEU A 622 -49.94 9.97 -8.29
C LEU A 622 -49.00 8.88 -7.79
N LEU A 623 -47.84 8.79 -8.46
CA LEU A 623 -46.80 7.84 -8.09
C LEU A 623 -45.63 8.60 -7.48
N VAL A 624 -44.99 8.02 -6.48
CA VAL A 624 -43.85 8.68 -5.85
C VAL A 624 -42.60 7.88 -6.17
N ARG A 625 -41.71 8.48 -6.97
CA ARG A 625 -40.46 7.83 -7.35
C ARG A 625 -39.26 8.54 -6.79
N ASN A 626 -38.43 7.78 -6.10
CA ASN A 626 -37.23 8.29 -5.50
C ASN A 626 -36.17 8.61 -6.55
N GLU A 627 -35.42 9.69 -6.31
CA GLU A 627 -34.36 10.21 -7.18
C GLU A 627 -33.42 9.21 -7.85
N GLN A 628 -33.03 8.16 -7.14
CA GLN A 628 -32.14 7.18 -7.73
C GLN A 628 -32.84 5.82 -7.87
N ALA A 629 -34.16 5.80 -7.72
CA ALA A 629 -34.93 4.55 -7.81
C ALA A 629 -34.40 3.55 -8.82
N SER A 630 -34.15 4.02 -10.03
CA SER A 630 -33.60 3.18 -11.09
C SER A 630 -32.88 4.02 -12.14
N SER A 631 -31.62 3.66 -12.38
CA SER A 631 -30.80 4.36 -13.35
C SER A 631 -31.38 4.14 -14.70
N VAL A 632 -32.03 3.01 -14.92
CA VAL A 632 -32.62 2.77 -16.22
C VAL A 632 -33.94 3.48 -16.36
N TYR A 633 -34.88 3.22 -15.45
CA TYR A 633 -36.18 3.84 -15.51
C TYR A 633 -36.21 5.19 -14.86
N SER A 634 -35.94 6.19 -15.66
CA SER A 634 -35.99 7.55 -15.19
C SER A 634 -37.45 7.96 -14.97
N THR A 635 -37.64 9.09 -14.30
CA THR A 635 -38.98 9.57 -14.09
C THR A 635 -39.66 9.72 -15.44
N GLN A 636 -38.97 10.29 -16.42
CA GLN A 636 -39.55 10.44 -17.74
C GLN A 636 -39.85 9.10 -18.42
N LEU A 637 -38.88 8.19 -18.48
CA LEU A 637 -39.12 6.92 -19.14
C LEU A 637 -40.31 6.25 -18.49
N LEU A 638 -40.38 6.36 -17.17
CA LEU A 638 -41.48 5.74 -16.43
C LEU A 638 -42.82 6.33 -16.82
N ALA A 639 -42.91 7.65 -16.84
CA ALA A 639 -44.15 8.30 -17.23
C ALA A 639 -44.57 7.95 -18.66
N ASP A 640 -43.63 7.95 -19.60
CA ASP A 640 -43.94 7.64 -21.01
C ASP A 640 -44.33 6.18 -21.20
N ILE A 641 -43.59 5.28 -20.56
CA ILE A 641 -43.93 3.87 -20.69
C ILE A 641 -45.35 3.72 -20.23
N ILE A 642 -45.72 4.42 -19.14
CA ILE A 642 -47.10 4.35 -18.60
C ILE A 642 -48.17 5.01 -19.53
N SER A 643 -47.87 6.17 -20.09
CA SER A 643 -48.81 6.81 -21.03
C SER A 643 -49.10 5.86 -22.18
N GLU A 644 -48.03 5.33 -22.76
CA GLU A 644 -48.14 4.42 -23.86
C GLU A 644 -49.08 3.24 -23.59
N ALA A 645 -49.14 2.78 -22.34
CA ALA A 645 -50.00 1.68 -21.97
C ALA A 645 -51.42 2.14 -21.69
N SER A 646 -51.57 3.38 -21.23
CA SER A 646 -52.89 3.91 -20.92
C SER A 646 -53.77 3.80 -22.14
N LYS A 647 -53.18 4.03 -23.31
CA LYS A 647 -53.95 3.97 -24.54
C LYS A 647 -55.11 4.96 -24.43
N GLY A 648 -54.77 6.24 -24.38
CA GLY A 648 -55.78 7.28 -24.27
C GLY A 648 -56.77 7.19 -23.11
N LYS A 649 -56.77 6.10 -22.34
CA LYS A 649 -57.72 6.00 -21.22
C LYS A 649 -57.44 7.02 -20.14
N PHE A 650 -56.18 7.43 -20.01
CA PHE A 650 -55.79 8.45 -19.03
C PHE A 650 -54.45 9.09 -19.42
N GLY A 651 -54.15 10.22 -18.79
CA GLY A 651 -52.92 10.92 -19.09
C GLY A 651 -51.86 10.91 -17.98
N VAL A 652 -50.62 11.16 -18.38
CA VAL A 652 -49.54 11.14 -17.39
C VAL A 652 -48.71 12.40 -17.48
N ARG A 653 -48.10 12.77 -16.38
CA ARG A 653 -47.26 13.95 -16.34
C ARG A 653 -46.21 13.68 -15.30
N THR A 654 -45.07 14.36 -15.40
CA THR A 654 -43.97 14.16 -14.44
C THR A 654 -43.89 15.37 -13.55
N ALA A 655 -43.37 15.19 -12.36
CA ALA A 655 -43.23 16.29 -11.44
C ALA A 655 -41.89 16.12 -10.76
N ILE A 656 -41.05 17.15 -10.82
CA ILE A 656 -39.74 17.04 -10.20
C ILE A 656 -39.49 18.28 -9.36
N PRO A 657 -40.15 18.37 -8.20
CA PRO A 657 -40.05 19.47 -7.24
C PRO A 657 -38.67 20.07 -7.33
N GLY A 658 -37.69 19.20 -7.11
CA GLY A 658 -36.31 19.60 -7.20
C GLY A 658 -35.77 20.19 -5.93
N HIS A 659 -34.99 21.27 -6.08
CA HIS A 659 -34.36 21.94 -4.96
C HIS A 659 -35.27 22.64 -3.96
N VAL A 660 -36.56 22.80 -4.28
CA VAL A 660 -37.48 23.44 -3.33
C VAL A 660 -37.63 22.56 -2.13
N GLN A 661 -37.35 21.28 -2.29
CA GLN A 661 -37.46 20.39 -1.16
C GLN A 661 -36.50 20.84 -0.07
N GLN A 662 -35.56 21.72 -0.41
CA GLN A 662 -34.61 22.23 0.58
C GLN A 662 -35.31 23.20 1.52
N GLY A 663 -36.46 23.71 1.08
CA GLY A 663 -37.22 24.64 1.88
C GLY A 663 -36.93 26.10 1.66
N GLY A 664 -37.82 26.95 2.16
CA GLY A 664 -37.65 28.37 2.06
C GLY A 664 -37.38 28.75 3.50
N VAL A 665 -38.32 28.40 4.36
CA VAL A 665 -38.19 28.68 5.76
C VAL A 665 -38.32 27.36 6.50
N PRO A 666 -37.57 27.19 7.59
CA PRO A 666 -37.73 25.93 8.29
C PRO A 666 -39.11 25.81 8.94
N SER A 667 -39.59 24.57 8.98
CA SER A 667 -40.86 24.24 9.58
C SER A 667 -40.64 24.38 11.09
N SER A 668 -41.72 24.59 11.83
CA SER A 668 -41.62 24.74 13.27
C SER A 668 -40.88 23.58 13.93
N LYS A 669 -41.14 22.34 13.48
CA LYS A 669 -40.45 21.21 14.10
C LYS A 669 -38.92 21.34 13.97
N ASP A 670 -38.43 21.64 12.76
CA ASP A 670 -37.00 21.80 12.52
C ASP A 670 -36.43 22.95 13.34
N ARG A 671 -37.11 24.08 13.34
CA ARG A 671 -36.58 25.21 14.10
C ARG A 671 -36.35 24.80 15.54
N VAL A 672 -37.28 24.06 16.14
CA VAL A 672 -37.13 23.65 17.53
C VAL A 672 -36.04 22.61 17.71
N THR A 673 -36.07 21.56 16.89
CA THR A 673 -35.08 20.51 17.03
C THR A 673 -33.65 21.07 16.89
N ALA A 674 -33.46 21.97 15.92
CA ALA A 674 -32.14 22.56 15.72
C ALA A 674 -31.63 23.16 17.03
N SER A 675 -32.52 23.88 17.73
CA SER A 675 -32.16 24.50 18.99
C SER A 675 -31.81 23.47 20.06
N ARG A 676 -32.58 22.39 20.16
CA ARG A 676 -32.27 21.36 21.14
C ARG A 676 -30.91 20.75 20.80
N PHE A 677 -30.80 20.22 19.58
CA PHE A 677 -29.55 19.58 19.18
C PHE A 677 -28.34 20.51 19.25
N ALA A 678 -28.50 21.74 18.77
CA ALA A 678 -27.36 22.63 18.82
C ALA A 678 -26.83 22.70 20.26
N VAL A 679 -27.70 22.98 21.21
CA VAL A 679 -27.23 23.07 22.59
C VAL A 679 -26.59 21.77 23.09
N LYS A 680 -27.27 20.64 22.87
CA LYS A 680 -26.76 19.36 23.33
C LYS A 680 -25.31 19.19 22.89
N CYS A 681 -25.00 19.69 21.70
CA CYS A 681 -23.64 19.57 21.20
C CYS A 681 -22.66 20.46 21.91
N ILE A 682 -23.04 21.70 22.20
CA ILE A 682 -22.13 22.59 22.91
C ILE A 682 -21.80 21.97 24.27
N LYS A 683 -22.83 21.44 24.95
CA LYS A 683 -22.64 20.75 26.22
C LYS A 683 -21.67 19.59 25.98
N PHE A 684 -21.94 18.76 24.97
CA PHE A 684 -21.07 17.62 24.64
C PHE A 684 -19.62 18.04 24.51
N ILE A 685 -19.40 19.19 23.89
CA ILE A 685 -18.05 19.70 23.71
C ILE A 685 -17.52 20.10 25.07
N GLU A 686 -18.33 20.79 25.85
CA GLU A 686 -17.90 21.18 27.17
C GLU A 686 -17.47 19.94 27.97
N GLN A 687 -18.35 18.95 28.05
CA GLN A 687 -18.07 17.72 28.79
C GLN A 687 -16.73 17.09 28.44
N TRP A 688 -16.50 16.86 27.15
CA TRP A 688 -15.24 16.26 26.71
C TRP A 688 -14.04 17.15 26.97
N ASN A 689 -14.22 18.45 26.82
CA ASN A 689 -13.12 19.35 27.05
C ASN A 689 -12.67 19.25 28.50
N LYS A 690 -13.61 19.09 29.42
CA LYS A 690 -13.26 18.97 30.83
C LYS A 690 -12.75 17.57 31.11
N LYS A 691 -13.38 16.57 30.47
CA LYS A 691 -12.99 15.18 30.65
C LYS A 691 -11.56 14.93 30.18
N ASN A 692 -10.89 15.97 29.71
CA ASN A 692 -9.51 15.85 29.24
C ASN A 692 -8.66 16.90 29.94
N GLU A 693 -8.02 16.50 31.04
CA GLU A 693 -7.17 17.43 31.80
C GLU A 693 -5.71 16.96 31.89
N GLU A 720 -11.25 6.34 22.90
CA GLU A 720 -11.20 7.80 22.98
C GLU A 720 -11.85 8.48 21.78
N ASP A 721 -12.40 7.67 20.87
CA ASP A 721 -13.05 8.22 19.70
C ASP A 721 -14.43 8.69 20.10
N ASP A 722 -14.85 8.27 21.28
CA ASP A 722 -16.15 8.67 21.76
C ASP A 722 -16.28 10.19 21.80
N SER A 723 -15.17 10.91 21.61
CA SER A 723 -15.20 12.37 21.63
C SER A 723 -15.53 12.89 20.24
N ALA A 724 -15.60 11.99 19.28
CA ALA A 724 -15.91 12.35 17.91
C ALA A 724 -17.18 11.59 17.54
N ALA A 725 -18.33 12.12 17.95
CA ALA A 725 -19.60 11.46 17.71
C ALA A 725 -20.61 12.23 16.87
N VAL A 726 -21.75 11.56 16.65
CA VAL A 726 -22.84 12.10 15.89
C VAL A 726 -24.02 12.14 16.86
N ILE A 727 -24.71 13.26 16.98
CA ILE A 727 -25.86 13.34 17.86
C ILE A 727 -26.96 12.61 17.09
N CYS A 728 -27.53 11.60 17.73
CA CYS A 728 -28.56 10.80 17.07
C CYS A 728 -29.90 10.75 17.78
N VAL A 729 -30.94 10.48 17.00
CA VAL A 729 -32.27 10.34 17.54
C VAL A 729 -32.67 8.98 17.09
N ASN A 730 -33.09 8.16 18.05
CA ASN A 730 -33.57 6.82 17.77
C ASN A 730 -34.84 6.64 18.58
N GLY A 731 -35.95 6.50 17.86
CA GLY A 731 -37.23 6.36 18.50
C GLY A 731 -37.31 7.28 19.70
N SER A 732 -37.26 8.60 19.47
CA SER A 732 -37.37 9.56 20.56
C SER A 732 -36.16 9.72 21.48
N HIS A 733 -35.29 8.73 21.56
CA HIS A 733 -34.12 8.86 22.42
C HIS A 733 -32.94 9.50 21.69
N VAL A 734 -32.44 10.63 22.21
CA VAL A 734 -31.31 11.28 21.56
C VAL A 734 -30.02 11.03 22.34
N SER A 735 -28.97 10.65 21.61
CA SER A 735 -27.68 10.32 22.18
C SER A 735 -26.53 10.62 21.22
N PHE A 736 -25.31 10.41 21.69
CA PHE A 736 -24.12 10.63 20.87
C PHE A 736 -23.50 9.29 20.50
N LYS A 737 -23.18 9.11 19.22
CA LYS A 737 -22.61 7.87 18.76
C LYS A 737 -21.25 8.07 18.15
N PRO A 738 -20.23 7.38 18.67
CA PRO A 738 -18.87 7.52 18.12
C PRO A 738 -18.85 7.27 16.61
N ILE A 739 -18.18 8.15 15.89
CA ILE A 739 -18.14 8.05 14.44
C ILE A 739 -17.56 6.77 13.91
N ALA A 740 -16.62 6.17 14.62
CA ALA A 740 -16.04 4.93 14.13
C ALA A 740 -16.96 3.70 14.17
N ASN A 741 -17.55 3.37 15.32
CA ASN A 741 -18.47 2.22 15.39
C ASN A 741 -19.56 2.40 14.33
N LEU A 742 -19.85 3.65 14.02
CA LEU A 742 -20.89 4.01 13.07
C LEU A 742 -20.48 3.82 11.60
N TRP A 743 -19.24 4.14 11.29
CA TRP A 743 -18.78 4.02 9.92
C TRP A 743 -18.63 2.53 9.58
N GLU A 744 -19.68 1.79 9.87
CA GLU A 744 -19.80 0.35 9.62
C GLU A 744 -21.29 -0.03 9.91
N ASN A 745 -22.14 0.95 9.58
CA ASN A 745 -23.61 0.97 9.66
C ASN A 745 -23.91 1.84 8.44
N GLU A 746 -22.82 2.17 7.73
CA GLU A 746 -22.86 2.99 6.55
C GLU A 746 -22.71 2.17 5.26
N THR A 747 -22.98 2.79 4.13
CA THR A 747 -22.83 2.13 2.86
C THR A 747 -21.77 2.99 2.16
N ASN A 748 -20.75 3.41 2.91
CA ASN A 748 -19.70 4.26 2.35
C ASN A 748 -19.67 4.12 0.85
N VAL A 749 -19.00 3.07 0.38
CA VAL A 749 -18.87 2.76 -1.04
C VAL A 749 -20.26 2.75 -1.68
N GLU A 750 -20.54 3.83 -2.42
CA GLU A 750 -21.80 4.04 -3.12
C GLU A 750 -22.92 4.37 -2.14
N LEU A 751 -24.10 4.64 -2.69
CA LEU A 751 -25.30 4.95 -1.93
C LEU A 751 -25.24 6.12 -0.91
N ARG A 752 -24.27 6.09 0.00
CA ARG A 752 -24.13 7.13 1.02
C ARG A 752 -25.36 7.25 1.93
N LYS A 753 -25.75 6.12 2.51
CA LYS A 753 -26.90 6.03 3.39
C LYS A 753 -26.48 5.02 4.43
N GLY A 754 -27.20 4.94 5.53
CA GLY A 754 -26.85 3.94 6.52
C GLY A 754 -27.51 2.64 6.07
N PHE A 755 -27.02 1.50 6.54
CA PHE A 755 -27.64 0.24 6.15
C PHE A 755 -29.06 0.21 6.72
N GLU A 756 -29.22 0.71 7.94
CA GLU A 756 -30.52 0.74 8.60
C GLU A 756 -31.71 1.26 7.78
N VAL A 757 -32.85 0.61 7.99
CA VAL A 757 -34.07 0.97 7.32
C VAL A 757 -35.24 0.80 8.28
N HIS A 758 -35.54 1.91 8.95
CA HIS A 758 -36.60 2.08 9.95
C HIS A 758 -37.86 2.72 9.36
N TRP A 759 -38.32 2.25 8.21
CA TRP A 759 -39.52 2.85 7.62
C TRP A 759 -40.42 1.82 6.98
N ALA A 760 -39.88 0.65 6.61
CA ALA A 760 -40.68 -0.41 5.97
C ALA A 760 -42.09 -0.25 6.50
N GLU A 761 -42.19 -0.43 7.81
CA GLU A 761 -43.40 -0.27 8.58
C GLU A 761 -44.51 0.49 7.81
N TYR A 762 -44.21 1.73 7.41
CA TYR A 762 -45.20 2.55 6.68
C TYR A 762 -45.68 1.78 5.46
N ASN A 763 -44.81 1.70 4.47
CA ASN A 763 -45.07 1.03 3.19
C ASN A 763 -46.20 0.01 3.20
N LYS A 764 -46.08 -1.03 4.01
CA LYS A 764 -47.13 -2.05 4.11
C LYS A 764 -48.46 -1.32 4.34
N ILE A 765 -48.49 -0.46 5.34
CA ILE A 765 -49.69 0.32 5.65
C ILE A 765 -50.08 1.06 4.38
N GLY A 766 -49.09 1.75 3.84
CA GLY A 766 -49.30 2.53 2.64
C GLY A 766 -49.84 1.65 1.55
N ASP A 767 -49.35 0.43 1.45
CA ASP A 767 -49.86 -0.41 0.41
C ASP A 767 -51.35 -0.72 0.64
N ILE A 768 -51.81 -0.64 1.90
CA ILE A 768 -53.23 -0.86 2.16
C ILE A 768 -54.05 0.38 1.79
N LEU A 769 -53.89 1.44 2.58
CA LEU A 769 -54.68 2.64 2.38
C LEU A 769 -54.51 3.20 1.01
N SER A 770 -53.38 2.89 0.37
CA SER A 770 -53.10 3.40 -0.98
C SER A 770 -54.14 2.92 -1.99
N GLY A 771 -54.83 1.85 -1.62
CA GLY A 771 -55.83 1.32 -2.53
C GLY A 771 -55.13 0.31 -3.41
N ARG A 772 -53.90 -0.04 -3.06
CA ARG A 772 -53.14 -1.00 -3.86
C ARG A 772 -53.61 -2.43 -3.72
N LEU A 773 -53.37 -3.05 -2.57
CA LEU A 773 -53.78 -4.43 -2.39
C LEU A 773 -55.20 -4.70 -2.88
N LYS A 774 -56.02 -3.64 -2.84
CA LYS A 774 -57.41 -3.70 -3.31
C LYS A 774 -57.39 -3.78 -4.83
N LEU A 775 -56.88 -2.73 -5.48
CA LEU A 775 -56.77 -2.68 -6.94
C LEU A 775 -56.08 -3.97 -7.46
N ARG A 776 -55.02 -4.39 -6.77
CA ARG A 776 -54.30 -5.58 -7.16
C ARG A 776 -55.30 -6.74 -7.16
N ALA A 777 -56.01 -6.91 -6.04
CA ALA A 777 -57.01 -7.98 -5.92
C ALA A 777 -58.16 -7.82 -6.95
N GLU A 778 -58.65 -6.58 -7.09
CA GLU A 778 -59.71 -6.28 -8.04
C GLU A 778 -59.39 -6.99 -9.35
N VAL A 779 -58.09 -7.21 -9.54
CA VAL A 779 -57.56 -7.88 -10.71
C VAL A 779 -57.66 -9.40 -10.51
N ALA A 780 -58.72 -9.93 -11.12
CA ALA A 780 -59.14 -11.32 -11.09
C ALA A 780 -60.66 -11.15 -11.09
N PRO B 2 -20.13 67.28 -12.04
CA PRO B 2 -19.97 66.07 -11.18
C PRO B 2 -21.25 65.25 -11.28
N GLN B 3 -21.53 64.47 -10.24
CA GLN B 3 -22.76 63.69 -10.19
C GLN B 3 -23.60 64.04 -8.96
N LYS B 4 -24.90 64.07 -9.18
CA LYS B 4 -25.88 64.40 -8.18
C LYS B 4 -26.34 63.17 -7.38
N ALA B 5 -27.28 63.37 -6.48
CA ALA B 5 -27.73 62.25 -5.66
C ALA B 5 -29.19 62.26 -5.30
N ILE B 6 -29.76 61.06 -5.20
CA ILE B 6 -31.15 60.88 -4.84
C ILE B 6 -31.19 60.04 -3.56
N ALA B 7 -32.21 60.25 -2.74
CA ALA B 7 -32.29 59.50 -1.51
C ALA B 7 -33.71 59.06 -1.22
N VAL B 8 -33.88 57.89 -0.62
CA VAL B 8 -35.22 57.42 -0.31
C VAL B 8 -35.41 57.19 1.17
N MET B 9 -36.66 57.32 1.60
CA MET B 9 -37.00 57.08 2.99
C MET B 9 -38.42 56.54 2.98
N THR B 10 -38.72 55.70 3.96
CA THR B 10 -40.06 55.13 4.08
C THR B 10 -40.62 55.71 5.35
N SER B 11 -41.75 56.38 5.25
CA SER B 11 -42.34 56.99 6.42
C SER B 11 -43.75 56.47 6.59
N GLY B 12 -44.23 56.51 7.84
CA GLY B 12 -45.57 56.06 8.10
C GLY B 12 -45.62 54.56 8.28
N GLY B 13 -46.83 54.02 8.30
CA GLY B 13 -46.99 52.59 8.49
C GLY B 13 -46.38 51.85 7.35
N ASP B 14 -45.52 50.88 7.66
CA ASP B 14 -44.85 50.09 6.64
C ASP B 14 -45.89 49.27 5.91
N ALA B 15 -45.56 48.87 4.69
CA ALA B 15 -46.47 48.06 3.89
C ALA B 15 -45.63 47.12 3.02
N PRO B 16 -46.11 45.90 2.80
CA PRO B 16 -45.38 44.94 1.99
C PRO B 16 -45.12 45.52 0.62
N GLY B 17 -43.86 45.56 0.22
CA GLY B 17 -43.53 46.10 -1.08
C GLY B 17 -42.66 47.33 -1.03
N MET B 18 -42.47 47.87 0.17
CA MET B 18 -41.63 49.06 0.27
C MET B 18 -40.20 48.71 -0.13
N ASN B 19 -39.76 47.52 0.28
CA ASN B 19 -38.42 47.05 -0.05
C ASN B 19 -38.23 46.94 -1.56
N SER B 20 -39.25 46.47 -2.26
CA SER B 20 -39.14 46.39 -3.70
C SER B 20 -39.03 47.80 -4.21
N ASN B 21 -39.73 48.73 -3.55
CA ASN B 21 -39.70 50.15 -3.94
C ASN B 21 -38.29 50.70 -3.70
N VAL B 22 -37.81 50.58 -2.49
CA VAL B 22 -36.48 51.05 -2.19
C VAL B 22 -35.50 50.46 -3.21
N ARG B 23 -35.54 49.15 -3.39
CA ARG B 23 -34.65 48.47 -4.32
C ARG B 23 -34.60 49.08 -5.71
N ALA B 24 -35.76 49.29 -6.31
CA ALA B 24 -35.78 49.86 -7.65
C ALA B 24 -35.22 51.27 -7.64
N ILE B 25 -35.67 52.08 -6.67
CA ILE B 25 -35.19 53.47 -6.55
C ILE B 25 -33.66 53.53 -6.47
N VAL B 26 -33.07 52.74 -5.61
CA VAL B 26 -31.62 52.72 -5.47
C VAL B 26 -30.98 52.32 -6.79
N ARG B 27 -31.47 51.24 -7.41
CA ARG B 27 -30.91 50.77 -8.68
C ARG B 27 -31.12 51.75 -9.81
N SER B 28 -32.35 52.23 -9.95
CA SER B 28 -32.71 53.19 -10.98
C SER B 28 -31.79 54.39 -10.90
N ALA B 29 -31.61 54.91 -9.69
CA ALA B 29 -30.73 56.03 -9.48
C ALA B 29 -29.33 55.67 -10.00
N ILE B 30 -28.73 54.62 -9.43
CA ILE B 30 -27.38 54.22 -9.82
C ILE B 30 -27.25 54.01 -11.31
N PHE B 31 -28.34 53.53 -11.92
CA PHE B 31 -28.36 53.29 -13.35
C PHE B 31 -28.27 54.61 -14.11
N LYS B 32 -29.08 55.59 -13.69
CA LYS B 32 -29.09 56.92 -14.29
C LYS B 32 -27.79 57.68 -14.09
N GLY B 33 -26.95 57.20 -13.18
CA GLY B 33 -25.68 57.85 -12.93
C GLY B 33 -25.60 58.65 -11.65
N CYS B 34 -26.69 58.66 -10.87
CA CYS B 34 -26.70 59.38 -9.61
C CYS B 34 -26.13 58.50 -8.50
N ARG B 35 -25.95 59.10 -7.34
CA ARG B 35 -25.44 58.34 -6.21
C ARG B 35 -26.71 58.06 -5.44
N ALA B 36 -26.82 56.84 -4.93
CA ALA B 36 -28.00 56.42 -4.20
C ALA B 36 -27.81 56.58 -2.70
N PHE B 37 -28.82 57.17 -2.07
CA PHE B 37 -28.80 57.33 -0.62
C PHE B 37 -30.08 56.79 0.00
N VAL B 38 -29.92 56.20 1.17
CA VAL B 38 -31.03 55.65 1.91
C VAL B 38 -31.11 56.42 3.24
N VAL B 39 -32.31 56.74 3.68
CA VAL B 39 -32.47 57.46 4.93
C VAL B 39 -33.08 56.51 5.93
N MET B 40 -32.33 56.21 6.99
CA MET B 40 -32.81 55.29 8.01
C MET B 40 -33.88 55.92 8.93
N GLU B 41 -34.73 55.07 9.49
CA GLU B 41 -35.79 55.47 10.41
C GLU B 41 -36.64 56.67 10.04
N GLY B 42 -37.05 56.78 8.76
CA GLY B 42 -37.90 57.88 8.33
C GLY B 42 -37.35 59.28 8.53
N TYR B 43 -38.24 60.24 8.80
CA TYR B 43 -37.80 61.62 8.99
C TYR B 43 -36.79 61.77 10.13
N GLU B 44 -37.00 61.01 11.22
CA GLU B 44 -36.09 61.06 12.36
C GLU B 44 -34.70 61.02 11.77
N GLY B 45 -34.53 60.13 10.79
CA GLY B 45 -33.25 59.95 10.13
C GLY B 45 -32.70 61.25 9.62
N LEU B 46 -33.58 62.15 9.20
CA LEU B 46 -33.14 63.42 8.70
C LEU B 46 -32.67 64.33 9.83
N VAL B 47 -33.34 64.24 10.97
CA VAL B 47 -32.96 65.06 12.12
C VAL B 47 -31.58 64.59 12.55
N ARG B 48 -31.43 63.30 12.79
CA ARG B 48 -30.11 62.76 13.14
C ARG B 48 -29.42 62.83 11.77
N GLY B 49 -28.11 62.73 11.73
CA GLY B 49 -27.50 62.84 10.40
C GLY B 49 -26.29 62.01 10.02
N GLY B 50 -25.52 62.58 9.09
CA GLY B 50 -24.33 61.91 8.59
C GLY B 50 -24.59 60.47 8.21
N PRO B 51 -23.54 59.68 8.01
CA PRO B 51 -23.76 58.28 7.64
C PRO B 51 -24.53 57.60 8.78
N GLU B 52 -24.83 56.32 8.60
CA GLU B 52 -25.58 55.56 9.59
C GLU B 52 -27.07 55.91 9.43
N TYR B 53 -27.40 57.19 9.26
CA TYR B 53 -28.79 57.55 9.07
C TYR B 53 -29.11 58.04 7.69
N ILE B 54 -28.12 58.62 7.02
CA ILE B 54 -28.30 59.05 5.65
C ILE B 54 -27.09 58.39 5.02
N LYS B 55 -27.26 57.10 4.76
CA LYS B 55 -26.22 56.23 4.22
C LYS B 55 -26.26 56.04 2.71
N GLU B 56 -25.08 56.10 2.08
CA GLU B 56 -24.97 55.91 0.63
C GLU B 56 -24.98 54.41 0.33
N PHE B 57 -25.84 54.03 -0.60
CA PHE B 57 -26.00 52.63 -0.97
C PHE B 57 -25.39 52.33 -2.31
N HIS B 58 -25.01 51.07 -2.47
CA HIS B 58 -24.43 50.59 -3.70
C HIS B 58 -25.27 49.47 -4.28
N TRP B 59 -25.24 49.34 -5.59
CA TRP B 59 -26.01 48.33 -6.31
C TRP B 59 -26.26 47.04 -5.50
N GLU B 60 -25.21 46.43 -5.00
CA GLU B 60 -25.36 45.18 -4.26
C GLU B 60 -26.10 45.33 -2.90
N ASP B 61 -26.25 46.54 -2.41
CA ASP B 61 -26.89 46.71 -1.12
C ASP B 61 -28.38 46.38 -1.01
N VAL B 62 -29.11 46.45 -2.11
CA VAL B 62 -30.51 46.10 -2.05
C VAL B 62 -30.74 44.70 -2.63
N ARG B 63 -29.65 43.97 -2.81
CA ARG B 63 -29.68 42.63 -3.36
C ARG B 63 -30.65 41.75 -2.58
N GLY B 64 -31.57 41.11 -3.29
CA GLY B 64 -32.55 40.24 -2.68
C GLY B 64 -33.71 40.90 -1.94
N TRP B 65 -33.74 42.22 -1.94
CA TRP B 65 -34.78 42.93 -1.24
C TRP B 65 -36.22 42.72 -1.69
N SER B 66 -36.43 42.52 -2.98
CA SER B 66 -37.76 42.32 -3.51
C SER B 66 -38.51 41.19 -2.79
N ALA B 67 -37.79 40.37 -2.03
CA ALA B 67 -38.43 39.27 -1.33
C ALA B 67 -38.44 39.39 0.19
N GLU B 68 -38.38 40.60 0.71
CA GLU B 68 -38.39 40.78 2.15
C GLU B 68 -39.48 41.73 2.62
N GLY B 69 -40.10 41.40 3.75
CA GLY B 69 -41.16 42.23 4.28
C GLY B 69 -40.72 43.53 4.94
N GLY B 70 -41.70 44.39 5.22
CA GLY B 70 -41.42 45.67 5.86
C GLY B 70 -40.46 46.57 5.10
N THR B 71 -39.83 47.46 5.84
CA THR B 71 -38.85 48.38 5.28
C THR B 71 -37.52 48.02 5.87
N ASN B 72 -36.55 47.68 5.02
CA ASN B 72 -35.24 47.37 5.55
C ASN B 72 -34.57 48.65 6.06
N ILE B 73 -34.97 49.81 5.54
CA ILE B 73 -34.39 51.06 6.01
C ILE B 73 -35.20 51.64 7.19
N GLY B 74 -36.26 50.93 7.59
CA GLY B 74 -37.08 51.35 8.71
C GLY B 74 -37.99 52.57 8.54
N THR B 75 -38.77 52.86 9.58
CA THR B 75 -39.69 53.99 9.58
C THR B 75 -40.02 54.27 11.04
N ALA B 76 -39.88 55.52 11.44
CA ALA B 76 -40.16 55.92 12.82
C ALA B 76 -41.15 57.08 12.90
N ARG B 77 -41.70 57.27 14.09
CA ARG B 77 -42.66 58.34 14.32
C ARG B 77 -41.82 59.60 14.39
N CYS B 78 -42.18 60.60 13.60
CA CYS B 78 -41.41 61.84 13.60
C CYS B 78 -41.79 62.83 14.69
N MET B 79 -40.87 63.03 15.62
CA MET B 79 -41.06 63.96 16.74
C MET B 79 -40.41 65.29 16.33
N GLU B 80 -39.09 65.29 16.45
CA GLU B 80 -38.20 66.41 16.14
C GLU B 80 -38.48 67.18 14.84
N PHE B 81 -38.91 66.46 13.79
CA PHE B 81 -39.18 67.09 12.50
C PHE B 81 -40.40 68.02 12.55
N LYS B 82 -41.17 67.95 13.64
CA LYS B 82 -42.34 68.81 13.77
C LYS B 82 -41.82 70.24 14.00
N LYS B 83 -40.81 70.34 14.87
CA LYS B 83 -40.17 71.61 15.21
C LYS B 83 -39.30 72.14 14.04
N ARG B 84 -39.06 73.45 14.01
CA ARG B 84 -38.25 74.01 12.93
C ARG B 84 -36.78 73.61 13.06
N GLU B 85 -36.28 73.47 14.28
CA GLU B 85 -34.90 73.07 14.43
C GLU B 85 -34.69 71.68 13.83
N GLY B 86 -35.74 70.85 13.92
CA GLY B 86 -35.68 69.52 13.34
C GLY B 86 -35.57 69.66 11.83
N ARG B 87 -36.55 70.31 11.22
CA ARG B 87 -36.58 70.51 9.77
C ARG B 87 -35.33 71.25 9.30
N LEU B 88 -34.71 72.04 10.18
CA LEU B 88 -33.51 72.75 9.79
C LEU B 88 -32.39 71.71 9.70
N LEU B 89 -32.26 70.91 10.76
CA LEU B 89 -31.23 69.87 10.79
C LEU B 89 -31.37 68.96 9.58
N GLY B 90 -32.63 68.61 9.27
CA GLY B 90 -32.89 67.75 8.13
C GLY B 90 -32.21 68.29 6.91
N ALA B 91 -32.53 69.53 6.55
CA ALA B 91 -31.93 70.17 5.39
C ALA B 91 -30.39 70.20 5.50
N GLN B 92 -29.85 70.52 6.69
CA GLN B 92 -28.40 70.55 6.83
C GLN B 92 -27.82 69.19 6.44
N HIS B 93 -28.25 68.15 7.15
CA HIS B 93 -27.79 66.80 6.88
C HIS B 93 -27.94 66.37 5.42
N LEU B 94 -29.07 66.66 4.79
CA LEU B 94 -29.23 66.30 3.40
C LEU B 94 -28.11 66.97 2.61
N ILE B 95 -28.04 68.31 2.75
CA ILE B 95 -27.05 69.11 2.07
C ILE B 95 -25.66 68.62 2.39
N GLU B 96 -25.41 68.26 3.65
CA GLU B 96 -24.09 67.76 4.01
C GLU B 96 -23.80 66.46 3.27
N ALA B 97 -24.85 65.74 2.89
CA ALA B 97 -24.71 64.49 2.18
C ALA B 97 -24.72 64.69 0.66
N GLY B 98 -24.99 65.92 0.23
CA GLY B 98 -25.03 66.22 -1.19
C GLY B 98 -26.33 65.79 -1.83
N VAL B 99 -27.31 65.54 -0.98
CA VAL B 99 -28.60 65.10 -1.45
C VAL B 99 -29.58 66.26 -1.58
N ASP B 100 -30.03 66.53 -2.81
CA ASP B 100 -31.01 67.60 -3.06
C ASP B 100 -32.20 67.02 -3.81
N ALA B 101 -32.27 65.69 -3.82
CA ALA B 101 -33.35 64.96 -4.47
C ALA B 101 -33.86 63.94 -3.45
N LEU B 102 -35.08 64.11 -2.98
CA LEU B 102 -35.62 63.21 -1.99
C LEU B 102 -36.88 62.50 -2.42
N ILE B 103 -36.87 61.17 -2.32
CA ILE B 103 -38.04 60.35 -2.66
C ILE B 103 -38.53 59.66 -1.40
N VAL B 104 -39.79 59.88 -1.04
CA VAL B 104 -40.30 59.22 0.14
C VAL B 104 -41.51 58.37 -0.21
N CYS B 105 -41.50 57.17 0.37
CA CYS B 105 -42.54 56.18 0.16
C CYS B 105 -43.28 55.99 1.47
N GLY B 106 -44.60 56.09 1.43
CA GLY B 106 -45.39 55.92 2.64
C GLY B 106 -46.80 56.45 2.49
N GLY B 107 -47.43 56.75 3.61
CA GLY B 107 -48.80 57.28 3.61
C GLY B 107 -48.87 58.74 3.21
N ASP B 108 -50.06 59.19 2.82
CA ASP B 108 -50.24 60.59 2.39
C ASP B 108 -49.74 61.58 3.45
N GLY B 109 -49.98 61.28 4.72
CA GLY B 109 -49.50 62.15 5.77
C GLY B 109 -48.02 62.40 5.56
N SER B 110 -47.27 61.33 5.31
CA SER B 110 -45.83 61.44 5.10
C SER B 110 -45.53 62.17 3.79
N LEU B 111 -46.41 62.01 2.82
CA LEU B 111 -46.21 62.65 1.53
C LEU B 111 -46.25 64.16 1.67
N THR B 112 -47.33 64.69 2.25
CA THR B 112 -47.46 66.14 2.41
C THR B 112 -46.31 66.69 3.21
N GLY B 113 -45.94 65.98 4.26
CA GLY B 113 -44.82 66.45 5.07
C GLY B 113 -43.65 66.79 4.16
N ALA B 114 -43.40 65.92 3.17
CA ALA B 114 -42.32 66.09 2.20
C ALA B 114 -42.46 67.38 1.41
N ASP B 115 -43.67 67.60 0.88
CA ASP B 115 -43.98 68.82 0.11
C ASP B 115 -43.71 70.07 0.95
N LEU B 116 -44.34 70.16 2.13
CA LEU B 116 -44.14 71.30 3.00
C LEU B 116 -42.64 71.54 3.14
N PHE B 117 -41.91 70.48 3.46
CA PHE B 117 -40.46 70.55 3.59
C PHE B 117 -39.88 71.21 2.35
N ARG B 118 -40.31 70.73 1.19
CA ARG B 118 -39.83 71.27 -0.08
C ARG B 118 -40.02 72.79 -0.16
N SER B 119 -41.23 73.24 0.14
CA SER B 119 -41.53 74.66 0.09
C SER B 119 -40.72 75.45 1.13
N GLU B 120 -40.62 74.86 2.32
CA GLU B 120 -39.87 75.48 3.40
C GLU B 120 -38.35 75.38 3.20
N TRP B 121 -37.93 74.67 2.16
CA TRP B 121 -36.50 74.50 1.88
C TRP B 121 -35.75 75.83 1.70
N PRO B 122 -36.19 76.67 0.74
CA PRO B 122 -35.48 77.93 0.55
C PRO B 122 -35.31 78.65 1.91
N SER B 123 -36.42 78.79 2.63
CA SER B 123 -36.40 79.44 3.94
C SER B 123 -35.38 78.83 4.91
N LEU B 124 -35.21 77.51 4.85
CA LEU B 124 -34.27 76.80 5.72
C LEU B 124 -32.82 77.01 5.32
N ILE B 125 -32.51 76.82 4.06
CA ILE B 125 -31.13 77.02 3.64
C ILE B 125 -30.67 78.43 3.97
N GLU B 126 -31.57 79.40 3.81
CA GLU B 126 -31.21 80.80 4.10
C GLU B 126 -30.73 80.91 5.54
N GLU B 127 -31.54 80.45 6.48
CA GLU B 127 -31.11 80.51 7.86
C GLU B 127 -29.80 79.73 7.96
N LEU B 128 -29.78 78.54 7.38
CA LEU B 128 -28.59 77.70 7.42
C LEU B 128 -27.40 78.52 6.99
N LEU B 129 -27.55 79.28 5.90
CA LEU B 129 -26.44 80.12 5.43
C LEU B 129 -26.16 81.20 6.47
N LYS B 130 -27.19 82.00 6.77
CA LYS B 130 -27.06 83.08 7.74
C LYS B 130 -26.74 82.49 9.10
N THR B 131 -25.62 81.78 9.19
CA THR B 131 -25.22 81.15 10.44
C THR B 131 -24.27 80.00 10.14
N ASN B 132 -23.72 79.98 8.92
CA ASN B 132 -22.80 78.92 8.48
C ASN B 132 -23.50 77.59 8.29
N ARG B 133 -23.07 76.57 9.03
CA ARG B 133 -23.68 75.25 8.93
C ARG B 133 -23.46 74.68 7.51
N ILE B 134 -23.76 75.48 6.50
CA ILE B 134 -23.56 75.09 5.10
C ILE B 134 -22.73 76.17 4.43
N SER B 135 -21.76 75.77 3.61
CA SER B 135 -20.91 76.74 2.93
C SER B 135 -21.71 77.52 1.90
N ASN B 136 -21.12 78.59 1.36
CA ASN B 136 -21.80 79.38 0.35
C ASN B 136 -21.86 78.48 -0.89
N GLU B 137 -20.75 77.78 -1.12
CA GLU B 137 -20.60 76.84 -2.24
C GLU B 137 -21.79 75.88 -2.27
N GLN B 138 -22.11 75.33 -1.10
CA GLN B 138 -23.23 74.39 -0.98
C GLN B 138 -24.57 75.06 -1.31
N TYR B 139 -24.84 76.17 -0.62
CA TYR B 139 -26.07 76.94 -0.80
C TYR B 139 -26.48 77.04 -2.26
N GLU B 140 -25.55 77.57 -3.07
CA GLU B 140 -25.75 77.76 -4.50
C GLU B 140 -26.01 76.40 -5.14
N ARG B 141 -25.06 75.49 -4.94
CA ARG B 141 -25.11 74.12 -5.47
C ARG B 141 -26.46 73.41 -5.27
N MET B 142 -27.17 73.71 -4.19
CA MET B 142 -28.45 73.06 -3.98
C MET B 142 -29.47 73.88 -3.20
N LYS B 143 -29.88 75.00 -3.79
CA LYS B 143 -30.85 75.87 -3.14
C LYS B 143 -32.29 75.39 -3.35
N HIS B 144 -32.45 74.27 -4.05
CA HIS B 144 -33.77 73.72 -4.31
C HIS B 144 -33.89 72.25 -3.98
N LEU B 145 -35.02 71.89 -3.36
CA LEU B 145 -35.26 70.50 -3.02
C LEU B 145 -36.25 69.88 -4.02
N ASN B 146 -35.85 68.77 -4.62
CA ASN B 146 -36.74 68.09 -5.55
C ASN B 146 -37.22 66.82 -4.85
N ILE B 147 -38.53 66.60 -4.84
CA ILE B 147 -39.05 65.41 -4.22
C ILE B 147 -40.07 64.72 -5.11
N CYS B 148 -40.40 63.49 -4.73
CA CYS B 148 -41.41 62.70 -5.41
C CYS B 148 -41.99 61.74 -4.43
N GLY B 149 -43.28 61.49 -4.58
CA GLY B 149 -43.93 60.62 -3.64
C GLY B 149 -44.26 59.29 -4.24
N THR B 150 -44.27 58.30 -3.36
CA THR B 150 -44.57 56.92 -3.72
C THR B 150 -45.46 56.50 -2.54
N VAL B 151 -46.73 56.24 -2.83
CA VAL B 151 -47.68 55.87 -1.78
C VAL B 151 -47.75 54.39 -1.49
N GLY B 152 -47.31 54.06 -0.28
CA GLY B 152 -47.33 52.69 0.17
C GLY B 152 -48.24 52.58 1.37
N SER B 153 -49.24 51.73 1.26
CA SER B 153 -50.19 51.53 2.35
C SER B 153 -51.07 50.34 2.06
N ILE B 154 -51.37 49.54 3.09
CA ILE B 154 -52.24 48.39 2.87
C ILE B 154 -53.71 48.76 2.72
N ASP B 155 -54.06 49.99 3.12
CA ASP B 155 -55.44 50.50 3.10
C ASP B 155 -56.08 50.83 1.74
N ASN B 156 -55.27 51.18 0.75
CA ASN B 156 -55.75 51.52 -0.59
C ASN B 156 -56.80 52.61 -0.46
N ASP B 157 -56.43 53.71 0.19
CA ASP B 157 -57.38 54.79 0.37
C ASP B 157 -56.88 56.17 -0.10
N MET B 158 -55.94 56.18 -1.03
CA MET B 158 -55.42 57.45 -1.57
C MET B 158 -56.13 57.54 -2.91
N SER B 159 -57.03 58.51 -3.00
CA SER B 159 -57.90 58.71 -4.16
C SER B 159 -57.42 58.76 -5.60
N THR B 160 -56.23 59.31 -5.85
CA THR B 160 -55.78 59.41 -7.23
C THR B 160 -55.12 58.14 -7.82
N THR B 161 -54.91 57.13 -6.98
CA THR B 161 -54.29 55.87 -7.41
C THR B 161 -55.20 54.66 -7.16
N ASP B 162 -55.24 53.72 -8.10
CA ASP B 162 -56.10 52.55 -7.94
C ASP B 162 -55.60 51.58 -6.88
N ALA B 163 -54.28 51.45 -6.78
CA ALA B 163 -53.69 50.53 -5.82
C ALA B 163 -52.50 51.09 -5.08
N THR B 164 -52.57 51.11 -3.75
CA THR B 164 -51.43 51.60 -2.99
C THR B 164 -50.50 50.40 -2.86
N ILE B 165 -49.21 50.65 -2.81
CA ILE B 165 -48.29 49.55 -2.68
C ILE B 165 -48.61 48.85 -1.37
N GLY B 166 -48.81 47.54 -1.40
CA GLY B 166 -49.11 46.80 -0.19
C GLY B 166 -50.56 46.41 0.00
N ALA B 167 -51.45 47.09 -0.72
CA ALA B 167 -52.87 46.82 -0.62
C ALA B 167 -53.18 45.35 -0.89
N TYR B 168 -52.91 44.90 -2.10
CA TYR B 168 -53.18 43.51 -2.45
C TYR B 168 -52.45 42.49 -1.58
N SER B 169 -51.30 42.85 -1.04
CA SER B 169 -50.56 41.93 -0.17
C SER B 169 -51.39 41.78 1.10
N ALA B 170 -51.89 42.89 1.62
CA ALA B 170 -52.72 42.84 2.81
C ALA B 170 -53.94 41.98 2.48
N LEU B 171 -54.55 42.21 1.32
CA LEU B 171 -55.73 41.44 0.91
C LEU B 171 -55.44 39.95 0.90
N ASP B 172 -54.23 39.58 0.47
CA ASP B 172 -53.76 38.18 0.42
C ASP B 172 -53.69 37.64 1.85
N ARG B 173 -53.08 38.40 2.73
CA ARG B 173 -52.98 37.99 4.10
C ARG B 173 -54.35 37.74 4.70
N ILE B 174 -55.30 38.63 4.40
CA ILE B 174 -56.66 38.54 4.91
C ILE B 174 -57.35 37.26 4.45
N CYS B 175 -57.37 37.06 3.14
CA CYS B 175 -58.03 35.89 2.56
C CYS B 175 -57.40 34.61 3.04
N LYS B 176 -56.12 34.66 3.42
CA LYS B 176 -55.45 33.45 3.91
C LYS B 176 -55.95 33.13 5.31
N ALA B 177 -56.13 34.17 6.12
CA ALA B 177 -56.60 33.96 7.48
C ALA B 177 -58.05 33.48 7.47
N ILE B 178 -58.87 34.12 6.64
CA ILE B 178 -60.26 33.71 6.57
C ILE B 178 -60.32 32.28 6.10
N ASP B 179 -59.50 31.91 5.11
CA ASP B 179 -59.56 30.52 4.64
C ASP B 179 -59.20 29.52 5.75
N TYR B 180 -58.42 29.96 6.72
CA TYR B 180 -58.09 29.06 7.81
C TYR B 180 -59.29 28.97 8.73
N VAL B 181 -59.79 30.14 9.14
CA VAL B 181 -60.95 30.24 10.01
C VAL B 181 -62.13 29.42 9.48
N GLU B 182 -62.35 29.54 8.18
CA GLU B 182 -63.43 28.84 7.52
C GLU B 182 -63.45 27.35 7.80
N ALA B 183 -62.29 26.72 7.86
CA ALA B 183 -62.25 25.26 8.10
C ALA B 183 -62.69 24.84 9.48
N THR B 184 -62.31 25.58 10.51
CA THR B 184 -62.74 25.18 11.83
C THR B 184 -64.21 25.60 11.98
N ALA B 185 -64.55 26.70 11.32
CA ALA B 185 -65.92 27.20 11.34
C ALA B 185 -66.84 26.15 10.76
N ASN B 186 -66.43 25.56 9.65
CA ASN B 186 -67.23 24.51 9.00
C ASN B 186 -67.37 23.25 9.87
N SER B 187 -66.39 22.99 10.73
CA SER B 187 -66.45 21.82 11.58
C SER B 187 -67.58 21.96 12.58
N HIS B 188 -67.73 23.17 13.14
CA HIS B 188 -68.76 23.44 14.13
C HIS B 188 -69.94 24.25 13.59
N SER B 189 -70.04 24.37 12.28
CA SER B 189 -71.09 25.16 11.62
C SER B 189 -71.30 26.47 12.37
N ARG B 190 -70.18 27.10 12.71
CA ARG B 190 -70.16 28.36 13.44
C ARG B 190 -70.25 29.60 12.57
N ALA B 191 -70.19 30.73 13.27
CA ALA B 191 -70.24 32.04 12.67
C ALA B 191 -69.05 32.84 13.22
N PHE B 192 -68.37 33.54 12.33
CA PHE B 192 -67.22 34.33 12.73
C PHE B 192 -67.35 35.75 12.20
N VAL B 193 -66.98 36.69 13.06
CA VAL B 193 -66.99 38.10 12.70
C VAL B 193 -65.50 38.43 12.62
N VAL B 194 -64.99 38.55 11.40
CA VAL B 194 -63.58 38.85 11.22
C VAL B 194 -63.32 40.34 11.10
N GLU B 195 -62.63 40.89 12.08
CA GLU B 195 -62.29 42.32 12.07
C GLU B 195 -61.04 42.55 11.21
N VAL B 196 -61.21 43.33 10.16
CA VAL B 196 -60.15 43.62 9.21
C VAL B 196 -59.64 45.08 9.23
N MET B 197 -58.39 45.28 8.86
CA MET B 197 -57.82 46.62 8.85
C MET B 197 -58.33 47.47 7.70
N GLY B 198 -57.71 48.63 7.52
CA GLY B 198 -58.11 49.53 6.46
C GLY B 198 -58.36 50.95 6.92
N ARG B 199 -58.20 51.17 8.22
CA ARG B 199 -58.42 52.50 8.77
C ARG B 199 -59.85 52.95 8.46
N ASN B 200 -59.97 53.94 7.57
CA ASN B 200 -61.31 54.44 7.23
C ASN B 200 -61.77 54.01 5.86
N CYS B 201 -61.00 53.14 5.22
CA CYS B 201 -61.35 52.64 3.91
C CYS B 201 -61.89 51.24 4.05
N GLY B 202 -62.72 50.83 3.11
CA GLY B 202 -63.30 49.50 3.21
C GLY B 202 -62.91 48.62 2.03
N TRP B 203 -61.91 49.07 1.28
CA TRP B 203 -61.42 48.34 0.12
C TRP B 203 -61.02 46.89 0.48
N LEU B 204 -60.30 46.74 1.59
CA LEU B 204 -59.87 45.43 2.06
C LEU B 204 -61.02 44.54 2.48
N ALA B 205 -61.96 45.08 3.26
CA ALA B 205 -63.12 44.30 3.70
C ALA B 205 -63.99 43.85 2.51
N LEU B 206 -64.23 44.77 1.59
CA LEU B 206 -65.05 44.45 0.42
C LEU B 206 -64.43 43.31 -0.43
N LEU B 207 -63.23 43.56 -0.98
CA LEU B 207 -62.51 42.57 -1.80
C LEU B 207 -62.40 41.25 -1.08
N ALA B 208 -62.11 41.31 0.22
CA ALA B 208 -61.99 40.08 0.99
C ALA B 208 -63.29 39.33 0.95
N GLY B 209 -64.38 39.99 1.32
CA GLY B 209 -65.67 39.35 1.34
C GLY B 209 -66.06 38.73 0.03
N ILE B 210 -65.71 39.41 -1.07
CA ILE B 210 -66.03 38.91 -2.40
C ILE B 210 -65.25 37.64 -2.68
N ALA B 211 -63.99 37.67 -2.27
CA ALA B 211 -63.04 36.58 -2.44
C ALA B 211 -63.33 35.40 -1.53
N THR B 212 -63.66 35.67 -0.27
CA THR B 212 -63.93 34.59 0.67
C THR B 212 -65.40 34.19 0.74
N SER B 213 -66.26 34.83 -0.07
CA SER B 213 -67.72 34.59 -0.09
C SER B 213 -68.31 34.74 1.30
N ALA B 214 -68.06 35.89 1.91
CA ALA B 214 -68.56 36.17 3.23
C ALA B 214 -70.06 36.37 3.10
N ASP B 215 -70.80 36.16 4.19
CA ASP B 215 -72.25 36.34 4.12
C ASP B 215 -72.65 37.81 4.17
N TYR B 216 -71.78 38.64 4.74
CA TYR B 216 -72.10 40.06 4.85
C TYR B 216 -70.85 40.86 5.20
N ILE B 217 -70.75 42.05 4.64
CA ILE B 217 -69.60 42.91 4.90
C ILE B 217 -70.05 44.26 5.46
N PHE B 218 -69.27 44.79 6.39
CA PHE B 218 -69.57 46.08 7.01
C PHE B 218 -68.50 47.07 6.58
N ILE B 219 -68.76 47.80 5.51
CA ILE B 219 -67.78 48.79 5.06
C ILE B 219 -68.28 50.21 5.37
N PRO B 220 -67.35 51.15 5.58
CA PRO B 220 -67.69 52.53 5.91
C PRO B 220 -68.23 53.41 4.76
N GLU B 221 -68.02 52.99 3.52
CA GLU B 221 -68.48 53.78 2.38
C GLU B 221 -69.96 53.54 2.10
N LYS B 222 -70.56 52.58 2.79
CA LYS B 222 -71.96 52.30 2.61
C LYS B 222 -72.51 52.03 4.01
N PRO B 223 -72.61 53.09 4.83
CA PRO B 223 -73.10 53.03 6.21
C PRO B 223 -74.55 52.56 6.26
N ALA B 224 -75.28 52.81 5.17
CA ALA B 224 -76.69 52.43 5.03
C ALA B 224 -77.20 51.51 6.14
N THR B 225 -77.84 52.05 7.17
CA THR B 225 -78.35 51.18 8.24
C THR B 225 -79.01 51.76 9.51
N SER B 226 -78.27 51.61 10.60
CA SER B 226 -78.61 52.02 11.97
C SER B 226 -79.45 50.90 12.54
N SER B 227 -80.52 50.57 11.84
CA SER B 227 -81.43 49.52 12.25
C SER B 227 -81.53 48.55 11.09
N GLU B 228 -81.14 49.08 9.93
CA GLU B 228 -81.16 48.35 8.68
C GLU B 228 -80.19 47.14 8.68
N TRP B 229 -78.95 47.37 9.11
CA TRP B 229 -77.98 46.30 9.10
C TRP B 229 -78.34 45.07 9.92
N GLN B 230 -78.88 45.23 11.13
CA GLN B 230 -79.23 44.03 11.88
C GLN B 230 -80.21 43.17 11.09
N ASP B 231 -81.19 43.80 10.44
CA ASP B 231 -82.18 43.01 9.68
C ASP B 231 -81.56 42.57 8.37
N GLN B 232 -80.89 43.51 7.71
CA GLN B 232 -80.24 43.23 6.43
C GLN B 232 -79.44 41.94 6.58
N MET B 233 -78.49 41.98 7.51
CA MET B 233 -77.60 40.86 7.78
C MET B 233 -78.33 39.59 8.23
N CYS B 234 -79.12 39.69 9.31
CA CYS B 234 -79.84 38.53 9.82
C CYS B 234 -80.66 37.78 8.75
N ASP B 235 -81.28 38.56 7.87
CA ASP B 235 -82.10 37.97 6.83
C ASP B 235 -81.29 37.08 5.88
N ILE B 236 -80.29 37.68 5.20
CA ILE B 236 -79.48 36.92 4.25
C ILE B 236 -78.68 35.81 4.96
N VAL B 237 -78.26 36.05 6.19
CA VAL B 237 -77.55 34.99 6.89
C VAL B 237 -78.50 33.81 7.05
N SER B 238 -79.64 34.08 7.69
CA SER B 238 -80.64 33.05 7.92
C SER B 238 -80.91 32.24 6.66
N LYS B 239 -81.18 32.95 5.58
CA LYS B 239 -81.45 32.31 4.30
C LYS B 239 -80.30 31.41 3.89
N HIS B 240 -79.08 31.91 4.03
CA HIS B 240 -77.91 31.13 3.67
C HIS B 240 -77.79 29.87 4.52
N ARG B 241 -77.80 30.05 5.84
CA ARG B 241 -77.64 28.94 6.76
C ARG B 241 -78.75 27.93 6.62
N SER B 242 -79.98 28.43 6.55
CA SER B 242 -81.13 27.57 6.40
C SER B 242 -81.09 26.77 5.11
N ARG B 243 -80.43 27.31 4.10
CA ARG B 243 -80.35 26.58 2.84
C ARG B 243 -79.12 25.65 2.71
N GLY B 244 -78.36 25.50 3.79
CA GLY B 244 -77.21 24.60 3.74
C GLY B 244 -75.88 25.09 4.28
N LYS B 245 -75.47 26.29 3.86
CA LYS B 245 -74.20 26.82 4.31
C LYS B 245 -73.99 26.61 5.81
N ARG B 246 -73.00 25.79 6.19
CA ARG B 246 -72.69 25.49 7.58
C ARG B 246 -71.99 26.61 8.32
N THR B 247 -71.36 27.49 7.57
CA THR B 247 -70.59 28.58 8.15
C THR B 247 -71.16 29.95 7.85
N THR B 248 -70.82 30.89 8.73
CA THR B 248 -71.23 32.29 8.56
C THR B 248 -70.01 33.19 8.86
N ILE B 249 -69.57 33.85 7.82
CA ILE B 249 -68.41 34.72 7.87
C ILE B 249 -68.86 36.10 7.48
N VAL B 250 -68.73 37.01 8.45
CA VAL B 250 -69.12 38.41 8.29
C VAL B 250 -67.86 39.25 8.41
N VAL B 251 -67.48 39.86 7.30
CA VAL B 251 -66.28 40.69 7.29
C VAL B 251 -66.65 42.10 7.71
N VAL B 252 -66.03 42.58 8.80
CA VAL B 252 -66.27 43.91 9.36
C VAL B 252 -65.05 44.85 9.30
N ALA B 253 -65.10 45.86 8.43
CA ALA B 253 -64.03 46.86 8.28
C ALA B 253 -63.73 47.47 9.64
N GLU B 254 -62.47 47.60 10.01
CA GLU B 254 -62.23 48.15 11.33
C GLU B 254 -62.93 49.50 11.55
N GLY B 255 -63.03 50.30 10.50
CA GLY B 255 -63.67 51.59 10.63
C GLY B 255 -65.09 51.71 10.07
N ALA B 256 -65.86 50.63 10.18
CA ALA B 256 -67.23 50.67 9.69
C ALA B 256 -68.06 51.48 10.68
N ILE B 257 -69.10 52.10 10.14
CA ILE B 257 -70.02 52.96 10.90
C ILE B 257 -71.42 52.74 10.37
N ALA B 258 -72.42 53.27 11.10
CA ALA B 258 -73.82 53.17 10.66
C ALA B 258 -74.13 54.48 9.91
N ALA B 259 -75.34 54.60 9.35
CA ALA B 259 -75.67 55.81 8.60
C ALA B 259 -75.58 57.08 9.43
N ASP B 260 -75.78 56.94 10.74
CA ASP B 260 -75.69 58.07 11.65
C ASP B 260 -74.25 58.43 12.02
N LEU B 261 -73.29 57.88 11.27
CA LEU B 261 -71.87 58.14 11.52
C LEU B 261 -71.30 57.52 12.80
N THR B 262 -72.13 56.89 13.62
CA THR B 262 -71.63 56.25 14.84
C THR B 262 -70.92 54.98 14.40
N PRO B 263 -69.91 54.54 15.16
CA PRO B 263 -69.20 53.33 14.76
C PRO B 263 -69.91 52.00 15.04
N ILE B 264 -69.67 51.03 14.14
CA ILE B 264 -70.20 49.68 14.25
C ILE B 264 -69.01 48.76 14.53
N SER B 265 -69.01 48.13 15.70
CA SER B 265 -67.92 47.26 16.12
C SER B 265 -68.19 45.79 15.89
N PRO B 266 -67.14 44.96 15.91
CA PRO B 266 -67.29 43.52 15.71
C PRO B 266 -68.22 43.02 16.80
N SER B 267 -68.02 43.53 18.01
CA SER B 267 -68.86 43.13 19.12
C SER B 267 -70.29 43.38 18.74
N ASP B 268 -70.56 44.60 18.29
CA ASP B 268 -71.90 44.98 17.88
C ASP B 268 -72.52 43.91 16.99
N VAL B 269 -71.74 43.42 16.03
CA VAL B 269 -72.24 42.40 15.11
C VAL B 269 -72.31 41.01 15.75
N HIS B 270 -71.38 40.73 16.65
CA HIS B 270 -71.32 39.45 17.37
C HIS B 270 -72.61 39.27 18.15
N LYS B 271 -72.91 40.25 19.00
CA LYS B 271 -74.11 40.28 19.84
C LYS B 271 -75.35 39.93 19.01
N VAL B 272 -75.60 40.72 17.97
CA VAL B 272 -76.74 40.49 17.09
C VAL B 272 -76.80 39.05 16.56
N LEU B 273 -75.68 38.55 16.05
CA LEU B 273 -75.65 37.18 15.52
C LEU B 273 -76.09 36.18 16.60
N VAL B 274 -75.60 36.38 17.82
CA VAL B 274 -75.94 35.48 18.91
C VAL B 274 -77.34 35.70 19.44
N ASP B 275 -77.65 36.94 19.82
CA ASP B 275 -78.95 37.27 20.38
C ASP B 275 -80.12 36.98 19.44
N ARG B 276 -80.14 37.70 18.33
CA ARG B 276 -81.18 37.57 17.33
C ARG B 276 -81.28 36.23 16.60
N LEU B 277 -80.16 35.76 16.04
CA LEU B 277 -80.11 34.50 15.30
C LEU B 277 -79.73 33.30 16.17
N GLY B 278 -79.21 33.60 17.37
CA GLY B 278 -78.84 32.57 18.32
C GLY B 278 -77.84 31.52 17.86
N LEU B 279 -76.81 31.94 17.16
CA LEU B 279 -75.81 30.98 16.68
C LEU B 279 -74.44 31.22 17.29
N ASP B 280 -73.70 30.12 17.42
CA ASP B 280 -72.37 30.13 18.00
C ASP B 280 -71.50 31.11 17.21
N THR B 281 -71.07 32.17 17.88
CA THR B 281 -70.26 33.17 17.21
C THR B 281 -68.97 33.51 17.92
N ARG B 282 -67.95 33.82 17.12
CA ARG B 282 -66.63 34.18 17.62
C ARG B 282 -66.14 35.38 16.82
N ILE B 283 -65.33 36.21 17.48
CA ILE B 283 -64.76 37.40 16.85
C ILE B 283 -63.29 37.16 16.61
N THR B 284 -62.82 37.53 15.44
CA THR B 284 -61.42 37.35 15.08
C THR B 284 -60.83 38.69 14.65
N THR B 285 -59.75 39.13 15.30
CA THR B 285 -59.15 40.36 14.86
C THR B 285 -57.75 40.07 14.33
N LEU B 286 -57.65 40.02 13.01
CA LEU B 286 -56.41 39.71 12.33
C LEU B 286 -55.26 40.61 12.77
N GLY B 287 -55.53 41.90 12.92
CA GLY B 287 -54.47 42.78 13.36
C GLY B 287 -53.36 42.91 12.35
N HIS B 288 -52.14 43.16 12.83
CA HIS B 288 -50.99 43.36 11.96
C HIS B 288 -50.49 42.25 11.03
N VAL B 289 -50.97 41.01 11.14
CA VAL B 289 -50.48 40.01 10.21
C VAL B 289 -50.83 40.55 8.83
N GLN B 290 -51.76 41.49 8.79
CA GLN B 290 -52.17 42.09 7.54
C GLN B 290 -51.07 43.02 7.02
N ARG B 291 -50.18 43.43 7.92
CA ARG B 291 -49.10 44.33 7.57
C ARG B 291 -47.81 43.60 7.24
N GLY B 292 -47.69 42.36 7.73
CA GLY B 292 -46.50 41.56 7.50
C GLY B 292 -46.51 40.74 6.22
N GLY B 293 -45.57 39.81 6.14
CA GLY B 293 -45.48 38.99 4.95
C GLY B 293 -44.71 39.66 3.83
N THR B 294 -44.25 38.86 2.87
CA THR B 294 -43.49 39.35 1.74
C THR B 294 -44.44 39.93 0.72
N ALA B 295 -43.97 40.88 -0.08
CA ALA B 295 -44.88 41.44 -1.06
C ALA B 295 -45.36 40.41 -2.09
N VAL B 296 -46.66 40.46 -2.38
CA VAL B 296 -47.30 39.61 -3.38
C VAL B 296 -46.72 40.06 -4.72
N ALA B 297 -46.70 39.17 -5.71
CA ALA B 297 -46.15 39.50 -7.02
C ALA B 297 -46.63 40.84 -7.54
N TYR B 298 -47.93 41.09 -7.43
CA TYR B 298 -48.45 42.35 -7.92
C TYR B 298 -47.75 43.51 -7.22
N ASP B 299 -47.65 43.46 -5.89
CA ASP B 299 -47.00 44.55 -5.18
C ASP B 299 -45.54 44.68 -5.57
N ARG B 300 -44.80 43.59 -5.58
CA ARG B 300 -43.41 43.71 -5.98
C ARG B 300 -43.32 44.43 -7.33
N ILE B 301 -44.02 43.90 -8.33
CA ILE B 301 -44.00 44.48 -9.68
C ILE B 301 -44.48 45.92 -9.71
N LEU B 302 -45.48 46.23 -8.90
CA LEU B 302 -45.98 47.60 -8.86
C LEU B 302 -44.94 48.52 -8.27
N ALA B 303 -44.46 48.17 -7.09
CA ALA B 303 -43.46 48.97 -6.41
C ALA B 303 -42.16 49.07 -7.19
N THR B 304 -41.85 48.05 -7.98
CA THR B 304 -40.64 48.11 -8.76
C THR B 304 -40.75 49.12 -9.88
N LEU B 305 -41.89 49.14 -10.58
CA LEU B 305 -42.06 50.10 -11.67
C LEU B 305 -42.24 51.53 -11.17
N GLN B 306 -43.02 51.70 -10.13
CA GLN B 306 -43.24 53.03 -9.59
C GLN B 306 -41.93 53.63 -9.12
N GLY B 307 -41.16 52.84 -8.39
CA GLY B 307 -39.88 53.33 -7.93
C GLY B 307 -39.06 53.83 -9.12
N LEU B 308 -39.01 53.06 -10.19
CA LEU B 308 -38.25 53.48 -11.35
C LEU B 308 -38.72 54.84 -11.80
N GLU B 309 -40.04 54.96 -11.95
CA GLU B 309 -40.65 56.20 -12.40
C GLU B 309 -40.38 57.33 -11.39
N ALA B 310 -40.48 57.01 -10.11
CA ALA B 310 -40.23 58.03 -9.08
C ALA B 310 -38.85 58.67 -9.25
N VAL B 311 -37.87 57.91 -9.70
CA VAL B 311 -36.56 58.50 -9.90
C VAL B 311 -36.63 59.44 -11.11
N ASN B 312 -37.25 58.97 -12.20
CA ASN B 312 -37.38 59.81 -13.38
C ASN B 312 -38.04 61.14 -13.06
N ALA B 313 -39.06 61.10 -12.19
CA ALA B 313 -39.79 62.30 -11.78
C ALA B 313 -38.92 63.33 -11.07
N VAL B 314 -38.31 62.95 -9.95
CA VAL B 314 -37.47 63.90 -9.23
C VAL B 314 -36.33 64.37 -10.10
N LEU B 315 -35.88 63.51 -11.01
CA LEU B 315 -34.79 63.87 -11.91
C LEU B 315 -35.18 64.90 -12.96
N GLU B 316 -36.47 65.07 -13.19
CA GLU B 316 -36.90 66.09 -14.15
C GLU B 316 -37.81 67.13 -13.51
N SER B 317 -37.92 67.12 -12.18
CA SER B 317 -38.74 68.13 -11.52
C SER B 317 -37.89 69.40 -11.47
N THR B 318 -38.57 70.55 -11.45
CA THR B 318 -37.91 71.86 -11.40
C THR B 318 -38.53 72.74 -10.31
N PRO B 319 -37.88 73.89 -10.02
CA PRO B 319 -38.42 74.78 -8.98
C PRO B 319 -39.86 75.18 -9.25
N ASP B 320 -40.30 75.11 -10.51
CA ASP B 320 -41.67 75.51 -10.83
C ASP B 320 -42.65 74.35 -10.90
N THR B 321 -42.14 73.12 -11.12
CA THR B 321 -42.98 71.92 -11.21
C THR B 321 -43.59 71.51 -9.86
N PRO B 322 -44.93 71.32 -9.81
CA PRO B 322 -45.59 70.93 -8.57
C PRO B 322 -45.06 69.57 -8.11
N SER B 323 -44.98 69.36 -6.80
CA SER B 323 -44.48 68.09 -6.30
C SER B 323 -45.29 66.92 -6.85
N PRO B 324 -44.61 65.97 -7.53
CA PRO B 324 -45.19 64.78 -8.15
C PRO B 324 -45.38 63.63 -7.16
N LEU B 325 -46.05 62.58 -7.65
CA LEU B 325 -46.35 61.39 -6.87
C LEU B 325 -46.71 60.32 -7.90
N ILE B 326 -46.15 59.12 -7.77
CA ILE B 326 -46.47 58.09 -8.74
C ILE B 326 -47.63 57.20 -8.35
N ALA B 327 -48.52 56.96 -9.30
CA ALA B 327 -49.70 56.12 -9.06
C ALA B 327 -50.04 55.21 -10.24
N VAL B 328 -51.17 54.53 -10.13
CA VAL B 328 -51.62 53.65 -11.19
C VAL B 328 -53.08 53.93 -11.52
N ASN B 329 -53.36 54.04 -12.82
CA ASN B 329 -54.71 54.26 -13.30
C ASN B 329 -54.87 53.30 -14.45
N GLU B 330 -55.89 52.45 -14.39
CA GLU B 330 -56.12 51.46 -15.45
C GLU B 330 -54.77 50.77 -15.72
N ASN B 331 -54.25 50.07 -14.70
CA ASN B 331 -52.96 49.41 -14.83
C ASN B 331 -52.01 50.14 -15.79
N LYS B 332 -51.72 51.40 -15.45
CA LYS B 332 -50.82 52.24 -16.22
C LYS B 332 -50.11 53.13 -15.18
N ILE B 333 -48.79 53.05 -15.15
CA ILE B 333 -48.01 53.83 -14.19
C ILE B 333 -48.03 55.32 -14.56
N VAL B 334 -48.56 56.15 -13.68
CA VAL B 334 -48.65 57.58 -13.99
C VAL B 334 -48.30 58.53 -12.85
N ARG B 335 -47.98 59.77 -13.23
CA ARG B 335 -47.64 60.82 -12.28
C ARG B 335 -48.89 61.63 -11.94
N LYS B 336 -49.03 61.99 -10.68
CA LYS B 336 -50.17 62.77 -10.21
C LYS B 336 -49.64 63.89 -9.30
N PRO B 337 -50.35 65.03 -9.25
CA PRO B 337 -49.83 66.07 -8.36
C PRO B 337 -50.13 65.77 -6.87
N LEU B 338 -49.05 65.77 -6.09
CA LEU B 338 -49.06 65.49 -4.65
C LEU B 338 -50.23 66.17 -3.94
N MET B 339 -50.32 67.49 -4.08
CA MET B 339 -51.38 68.26 -3.43
C MET B 339 -52.80 67.89 -3.83
N GLU B 340 -53.11 67.98 -5.12
CA GLU B 340 -54.45 67.64 -5.61
C GLU B 340 -54.81 66.27 -5.06
N SER B 341 -53.89 65.34 -5.22
CA SER B 341 -54.07 63.97 -4.75
C SER B 341 -54.44 63.90 -3.24
N VAL B 342 -53.61 64.49 -2.38
CA VAL B 342 -53.94 64.46 -0.97
C VAL B 342 -55.26 65.21 -0.74
N LYS B 343 -55.45 66.31 -1.47
CA LYS B 343 -56.67 67.13 -1.36
C LYS B 343 -57.91 66.30 -1.71
N LEU B 344 -57.81 65.55 -2.80
CA LEU B 344 -58.91 64.71 -3.23
C LEU B 344 -59.15 63.60 -2.21
N THR B 345 -58.11 63.26 -1.44
CA THR B 345 -58.25 62.22 -0.44
C THR B 345 -58.93 62.78 0.81
N LYS B 346 -58.47 63.96 1.25
CA LYS B 346 -59.06 64.63 2.42
C LYS B 346 -60.57 64.76 2.16
N ALA B 347 -60.91 64.88 0.88
CA ALA B 347 -62.30 64.99 0.45
C ALA B 347 -63.19 63.87 1.02
N VAL B 348 -62.83 62.62 0.73
CA VAL B 348 -63.61 61.46 1.20
C VAL B 348 -64.02 61.60 2.68
N ALA B 349 -63.05 61.96 3.52
CA ALA B 349 -63.30 62.13 4.96
C ALA B 349 -64.45 63.10 5.14
N GLU B 350 -64.38 64.21 4.40
CA GLU B 350 -65.41 65.25 4.44
C GLU B 350 -66.75 64.70 3.95
N ALA B 351 -66.78 64.19 2.71
CA ALA B 351 -68.01 63.62 2.15
C ALA B 351 -68.69 62.71 3.17
N ILE B 352 -67.90 61.84 3.80
CA ILE B 352 -68.41 60.91 4.81
C ILE B 352 -68.94 61.67 6.03
N GLN B 353 -68.16 62.66 6.48
CA GLN B 353 -68.56 63.48 7.62
C GLN B 353 -69.85 64.22 7.30
N ALA B 354 -70.13 64.34 6.00
CA ALA B 354 -71.33 65.01 5.53
C ALA B 354 -72.32 64.03 4.88
N LYS B 355 -72.41 62.81 5.42
CA LYS B 355 -73.34 61.80 4.93
C LYS B 355 -73.46 61.56 3.42
N ASP B 356 -72.77 62.34 2.59
CA ASP B 356 -72.87 62.12 1.14
C ASP B 356 -71.97 60.92 0.79
N PHE B 357 -72.53 59.74 0.97
CA PHE B 357 -71.83 58.49 0.73
C PHE B 357 -71.46 58.17 -0.73
N LYS B 358 -72.36 58.48 -1.67
CA LYS B 358 -72.08 58.23 -3.09
C LYS B 358 -70.84 59.01 -3.57
N ARG B 359 -70.64 60.21 -3.01
CA ARG B 359 -69.49 61.03 -3.39
C ARG B 359 -68.22 60.34 -2.91
N ALA B 360 -68.21 59.90 -1.65
CA ALA B 360 -67.04 59.21 -1.08
C ALA B 360 -66.69 57.99 -1.92
N MET B 361 -67.70 57.19 -2.20
CA MET B 361 -67.55 55.99 -2.98
C MET B 361 -66.97 56.25 -4.36
N SER B 362 -67.15 57.46 -4.90
CA SER B 362 -66.63 57.78 -6.23
C SER B 362 -65.14 58.13 -6.17
N LEU B 363 -64.71 58.67 -5.04
CA LEU B 363 -63.31 59.06 -4.86
C LEU B 363 -62.37 57.88 -4.68
N ARG B 364 -62.92 56.68 -4.47
CA ARG B 364 -62.11 55.48 -4.30
C ARG B 364 -61.51 55.06 -5.66
N ASP B 365 -61.05 53.80 -5.75
CA ASP B 365 -60.44 53.31 -6.99
C ASP B 365 -61.42 53.04 -8.13
N THR B 366 -60.89 53.22 -9.34
CA THR B 366 -61.62 53.05 -10.59
C THR B 366 -62.66 51.93 -10.63
N GLU B 367 -62.56 50.94 -9.75
CA GLU B 367 -63.55 49.87 -9.77
C GLU B 367 -64.15 49.48 -8.42
N PHE B 368 -64.05 50.38 -7.45
CA PHE B 368 -64.57 50.13 -6.12
C PHE B 368 -66.07 49.80 -6.11
N ILE B 369 -66.84 50.67 -6.77
CA ILE B 369 -68.28 50.51 -6.83
C ILE B 369 -68.71 49.23 -7.54
N GLU B 370 -68.07 48.93 -8.65
CA GLU B 370 -68.41 47.74 -9.43
C GLU B 370 -68.35 46.50 -8.54
N HIS B 371 -67.28 46.40 -7.73
CA HIS B 371 -67.11 45.29 -6.82
C HIS B 371 -68.27 45.22 -5.84
N LEU B 372 -68.59 46.36 -5.26
CA LEU B 372 -69.69 46.42 -4.30
C LEU B 372 -70.96 45.82 -4.92
N ASN B 373 -71.32 46.31 -6.10
CA ASN B 373 -72.52 45.82 -6.74
C ASN B 373 -72.42 44.34 -6.97
N ASN B 374 -71.30 43.90 -7.54
CA ASN B 374 -71.08 42.48 -7.79
C ASN B 374 -71.22 41.64 -6.53
N PHE B 375 -70.65 42.11 -5.41
CA PHE B 375 -70.74 41.36 -4.17
C PHE B 375 -72.20 41.18 -3.86
N MET B 376 -72.91 42.31 -3.81
CA MET B 376 -74.35 42.34 -3.52
C MET B 376 -75.10 41.26 -4.28
N ALA B 377 -74.93 41.26 -5.59
CA ALA B 377 -75.62 40.30 -6.43
C ALA B 377 -75.36 38.87 -6.03
N ILE B 378 -74.10 38.45 -6.16
CA ILE B 378 -73.72 37.08 -5.84
C ILE B 378 -74.01 36.68 -4.39
N ASN B 379 -74.04 37.66 -3.50
CA ASN B 379 -74.32 37.35 -2.11
C ASN B 379 -75.80 37.02 -1.98
N SER B 380 -76.62 37.82 -2.66
CA SER B 380 -78.07 37.61 -2.63
C SER B 380 -78.35 36.37 -3.44
N ALA B 381 -78.15 36.49 -4.74
CA ALA B 381 -78.32 35.40 -5.68
C ALA B 381 -79.32 34.34 -5.29
N ASP B 382 -80.51 34.38 -5.88
CA ASP B 382 -81.55 33.37 -5.62
C ASP B 382 -82.12 33.22 -4.20
N HIS B 383 -81.56 33.93 -3.22
CA HIS B 383 -82.08 33.85 -1.86
C HIS B 383 -83.23 34.83 -1.68
N ASN B 384 -83.29 35.75 -2.63
CA ASN B 384 -84.31 36.77 -2.71
C ASN B 384 -84.90 36.72 -4.10
N GLU B 385 -86.13 36.21 -4.20
CA GLU B 385 -86.81 36.13 -5.48
C GLU B 385 -86.54 37.36 -6.36
N PRO B 386 -86.31 38.55 -5.73
CA PRO B 386 -86.03 39.81 -6.44
C PRO B 386 -85.66 39.78 -7.91
N LYS B 387 -85.32 38.61 -8.41
CA LYS B 387 -84.98 38.42 -9.80
C LYS B 387 -85.01 39.76 -10.54
N LEU B 388 -84.07 40.65 -10.17
CA LEU B 388 -83.99 41.99 -10.74
C LEU B 388 -84.72 42.19 -12.08
N PRO B 389 -84.46 41.32 -13.09
CA PRO B 389 -85.18 41.51 -14.37
C PRO B 389 -86.55 40.82 -14.40
N LYS B 390 -87.51 41.44 -15.07
CA LYS B 390 -88.84 40.85 -15.23
C LYS B 390 -88.59 39.83 -16.34
N ASP B 391 -89.30 38.70 -16.32
CA ASP B 391 -89.11 37.61 -17.30
C ASP B 391 -88.52 37.99 -18.64
N LYS B 392 -87.24 38.32 -18.55
CA LYS B 392 -86.35 38.69 -19.62
C LYS B 392 -85.17 37.82 -19.19
N ARG B 393 -85.46 36.89 -18.28
CA ARG B 393 -84.47 35.96 -17.73
C ARG B 393 -84.27 34.78 -18.67
N LEU B 394 -83.00 34.56 -19.04
CA LEU B 394 -82.68 33.48 -19.96
C LEU B 394 -82.06 32.30 -19.25
N LYS B 395 -81.86 31.23 -20.02
CA LYS B 395 -81.22 30.00 -19.55
C LYS B 395 -79.84 30.03 -20.21
N ILE B 396 -78.81 30.36 -19.42
CA ILE B 396 -77.44 30.44 -19.90
C ILE B 396 -76.57 29.26 -19.44
N ALA B 397 -75.68 28.80 -20.33
CA ALA B 397 -74.77 27.69 -20.00
C ALA B 397 -73.31 28.16 -19.87
N ILE B 398 -72.60 27.50 -18.96
CA ILE B 398 -71.19 27.78 -18.66
C ILE B 398 -70.35 26.50 -18.82
N VAL B 399 -69.15 26.61 -19.35
CA VAL B 399 -68.30 25.44 -19.53
C VAL B 399 -66.82 25.81 -19.41
N ASN B 400 -65.97 24.83 -19.12
CA ASN B 400 -64.53 25.05 -19.01
C ASN B 400 -63.79 24.29 -20.11
N VAL B 401 -62.87 24.96 -20.77
CA VAL B 401 -62.12 24.29 -21.82
C VAL B 401 -60.68 24.69 -21.70
N GLY B 402 -59.81 23.70 -21.61
CA GLY B 402 -58.40 23.95 -21.50
C GLY B 402 -57.81 23.50 -20.19
N ALA B 403 -56.63 24.01 -19.88
CA ALA B 403 -55.97 23.63 -18.64
C ALA B 403 -56.64 24.31 -17.49
N PRO B 404 -56.53 23.74 -16.29
CA PRO B 404 -57.17 24.40 -15.15
C PRO B 404 -56.36 25.65 -14.85
N ALA B 405 -56.96 26.60 -14.15
CA ALA B 405 -56.26 27.83 -13.83
C ALA B 405 -56.96 28.48 -12.66
N GLY B 406 -56.21 29.16 -11.81
CA GLY B 406 -56.80 29.80 -10.63
C GLY B 406 -57.88 30.82 -10.94
N GLY B 407 -59.07 30.61 -10.37
CA GLY B 407 -60.17 31.53 -10.59
C GLY B 407 -61.28 31.01 -11.49
N ILE B 408 -61.03 29.90 -12.18
CA ILE B 408 -62.05 29.37 -13.04
C ILE B 408 -63.25 28.95 -12.22
N ASN B 409 -63.03 28.34 -11.05
CA ASN B 409 -64.17 27.95 -10.25
C ASN B 409 -64.87 29.20 -9.75
N SER B 410 -64.10 30.26 -9.54
CA SER B 410 -64.68 31.50 -9.07
C SER B 410 -65.60 31.98 -10.18
N ALA B 411 -65.09 32.03 -11.40
CA ALA B 411 -65.90 32.47 -12.53
C ALA B 411 -67.21 31.72 -12.52
N VAL B 412 -67.14 30.39 -12.53
CA VAL B 412 -68.36 29.60 -12.53
C VAL B 412 -69.24 30.06 -11.38
N TYR B 413 -68.80 29.85 -10.15
CA TYR B 413 -69.60 30.26 -9.00
C TYR B 413 -70.22 31.64 -9.16
N SER B 414 -69.40 32.62 -9.55
CA SER B 414 -69.89 33.97 -9.72
C SER B 414 -70.92 34.05 -10.83
N MET B 415 -70.65 33.43 -11.96
CA MET B 415 -71.60 33.45 -13.07
C MET B 415 -72.92 32.83 -12.63
N ALA B 416 -72.83 31.70 -11.95
CA ALA B 416 -74.03 31.04 -11.48
C ALA B 416 -74.82 31.94 -10.54
N THR B 417 -74.26 32.25 -9.37
CA THR B 417 -75.00 33.09 -8.42
C THR B 417 -75.43 34.42 -9.00
N TYR B 418 -74.68 35.00 -9.93
CA TYR B 418 -75.14 36.27 -10.48
C TYR B 418 -76.40 36.03 -11.28
N CYS B 419 -76.45 34.92 -12.01
CA CYS B 419 -77.64 34.54 -12.79
C CYS B 419 -78.85 34.51 -11.87
N MET B 420 -78.66 33.90 -10.70
CA MET B 420 -79.71 33.75 -9.72
C MET B 420 -80.25 35.07 -9.20
N SER B 421 -79.41 36.09 -9.13
CA SER B 421 -79.95 37.37 -8.66
C SER B 421 -80.78 38.00 -9.80
N GLN B 422 -80.55 37.57 -11.03
CA GLN B 422 -81.28 38.11 -12.19
C GLN B 422 -82.53 37.31 -12.54
N GLY B 423 -82.51 36.03 -12.23
CA GLY B 423 -83.65 35.20 -12.56
C GLY B 423 -83.24 34.24 -13.65
N HIS B 424 -82.05 34.42 -14.20
CA HIS B 424 -81.55 33.51 -15.23
C HIS B 424 -81.36 32.14 -14.60
N ARG B 425 -81.48 31.08 -15.41
CA ARG B 425 -81.29 29.70 -14.96
C ARG B 425 -79.92 29.24 -15.50
N PRO B 426 -78.91 29.12 -14.61
CA PRO B 426 -77.56 28.71 -14.99
C PRO B 426 -77.39 27.22 -15.14
N TYR B 427 -76.83 26.83 -16.28
CA TYR B 427 -76.56 25.44 -16.54
C TYR B 427 -75.07 25.25 -16.79
N ALA B 428 -74.49 24.23 -16.15
CA ALA B 428 -73.07 23.92 -16.31
C ALA B 428 -72.87 22.66 -17.17
N ILE B 429 -72.00 22.76 -18.18
CA ILE B 429 -71.70 21.62 -19.04
C ILE B 429 -70.43 20.97 -18.46
N TYR B 430 -70.58 19.85 -17.77
CA TYR B 430 -69.41 19.20 -17.17
C TYR B 430 -68.45 18.57 -18.16
N ASN B 431 -67.17 18.68 -17.85
CA ASN B 431 -66.11 18.14 -18.69
C ASN B 431 -66.15 18.52 -20.15
N GLY B 432 -66.27 19.82 -20.38
CA GLY B 432 -66.31 20.33 -21.74
C GLY B 432 -67.01 19.51 -22.80
N TRP B 433 -66.73 19.85 -24.05
CA TRP B 433 -67.32 19.20 -25.20
C TRP B 433 -67.26 17.67 -25.23
N SER B 434 -66.21 17.08 -24.70
CA SER B 434 -66.16 15.63 -24.75
C SER B 434 -67.17 15.09 -23.75
N GLY B 435 -67.36 15.81 -22.66
CA GLY B 435 -68.28 15.38 -21.64
C GLY B 435 -69.72 15.62 -22.03
N LEU B 436 -69.94 16.55 -22.95
CA LEU B 436 -71.28 16.87 -23.38
C LEU B 436 -71.71 15.81 -24.36
N ALA B 437 -70.99 15.73 -25.46
CA ALA B 437 -71.29 14.78 -26.52
C ALA B 437 -71.35 13.35 -26.05
N ARG B 438 -70.32 12.92 -25.35
CA ARG B 438 -70.25 11.54 -24.88
C ARG B 438 -71.04 11.14 -23.63
N HIS B 439 -71.49 12.12 -22.84
CA HIS B 439 -72.27 11.79 -21.64
C HIS B 439 -73.38 12.78 -21.31
N GLU B 440 -73.78 13.61 -22.27
CA GLU B 440 -74.83 14.59 -22.01
C GLU B 440 -74.59 15.07 -20.56
N SER B 441 -73.50 15.79 -20.35
CA SER B 441 -73.18 16.24 -19.01
C SER B 441 -73.78 17.56 -18.52
N VAL B 442 -74.99 17.92 -18.97
CA VAL B 442 -75.57 19.17 -18.51
C VAL B 442 -76.12 19.00 -17.09
N ARG B 443 -75.98 20.03 -16.26
CA ARG B 443 -76.48 20.00 -14.88
C ARG B 443 -76.95 21.37 -14.46
N SER B 444 -77.80 21.38 -13.45
CA SER B 444 -78.34 22.62 -12.91
C SER B 444 -77.50 23.05 -11.74
N LEU B 445 -76.89 24.23 -11.85
CA LEU B 445 -76.05 24.72 -10.78
C LEU B 445 -76.86 25.20 -9.59
N ASN B 446 -76.90 24.38 -8.54
CA ASN B 446 -77.62 24.71 -7.31
C ASN B 446 -76.75 25.43 -6.30
N TRP B 447 -77.16 26.61 -5.87
CA TRP B 447 -76.39 27.35 -4.90
C TRP B 447 -75.73 26.46 -3.84
N LYS B 448 -76.48 25.56 -3.22
CA LYS B 448 -75.89 24.71 -2.20
C LYS B 448 -74.74 23.82 -2.71
N ASP B 449 -74.86 23.33 -3.94
CA ASP B 449 -73.81 22.49 -4.50
C ASP B 449 -72.50 23.22 -4.77
N MET B 450 -72.55 24.54 -4.78
CA MET B 450 -71.37 25.32 -5.09
C MET B 450 -70.75 26.00 -3.90
N LEU B 451 -71.10 25.57 -2.69
CA LEU B 451 -70.49 26.20 -1.52
C LEU B 451 -68.98 26.03 -1.60
N GLY B 452 -68.22 27.11 -1.39
CA GLY B 452 -66.76 27.04 -1.45
C GLY B 452 -66.13 27.34 -2.82
N TRP B 453 -66.81 26.93 -3.88
CA TRP B 453 -66.32 27.13 -5.22
C TRP B 453 -65.63 28.47 -5.49
N GLN B 454 -66.13 29.53 -4.87
CA GLN B 454 -65.52 30.83 -5.14
C GLN B 454 -64.01 30.79 -4.98
N SER B 455 -63.57 30.02 -3.98
CA SER B 455 -62.14 29.95 -3.68
C SER B 455 -61.50 28.57 -3.73
N ARG B 456 -61.73 27.84 -4.81
CA ARG B 456 -61.12 26.53 -4.89
C ARG B 456 -60.30 26.51 -6.13
N GLY B 457 -59.21 25.77 -6.09
CA GLY B 457 -58.36 25.65 -7.25
C GLY B 457 -58.95 24.53 -8.04
N GLY B 458 -58.23 24.07 -9.05
CA GLY B 458 -58.76 23.00 -9.85
C GLY B 458 -59.96 23.42 -10.67
N SER B 459 -60.78 22.44 -11.04
CA SER B 459 -61.97 22.69 -11.82
C SER B 459 -63.09 21.79 -11.36
N GLU B 460 -64.04 22.36 -10.59
CA GLU B 460 -65.19 21.64 -10.08
C GLU B 460 -65.99 20.97 -11.20
N ILE B 461 -66.27 21.70 -12.27
CA ILE B 461 -67.04 21.12 -13.36
C ILE B 461 -66.17 20.39 -14.39
N GLY B 462 -64.85 20.43 -14.18
CA GLY B 462 -63.90 19.74 -15.05
C GLY B 462 -63.55 20.33 -16.40
N THR B 463 -62.32 20.09 -16.81
CA THR B 463 -61.84 20.61 -18.09
C THR B 463 -60.84 19.74 -18.86
N ASN B 464 -60.88 19.86 -20.18
CA ASN B 464 -59.97 19.14 -21.04
C ASN B 464 -59.68 20.02 -22.26
N ARG B 465 -58.96 19.50 -23.24
CA ARG B 465 -58.64 20.36 -24.37
C ARG B 465 -59.36 19.99 -25.64
N VAL B 466 -60.37 19.13 -25.55
CA VAL B 466 -61.12 18.70 -26.73
C VAL B 466 -61.91 19.86 -27.30
N THR B 467 -61.78 20.07 -28.61
CA THR B 467 -62.52 21.13 -29.27
C THR B 467 -63.88 20.60 -29.76
N PRO B 468 -64.87 21.51 -29.93
CA PRO B 468 -66.18 21.06 -30.38
C PRO B 468 -66.13 20.11 -31.56
N GLU B 469 -65.35 20.45 -32.57
CA GLU B 469 -65.27 19.61 -33.75
C GLU B 469 -64.76 18.22 -33.43
N GLU B 470 -63.94 18.11 -32.40
CA GLU B 470 -63.42 16.82 -32.03
C GLU B 470 -64.44 15.98 -31.32
N ALA B 471 -65.44 16.61 -30.71
CA ALA B 471 -66.45 15.86 -29.98
C ALA B 471 -67.74 15.68 -30.75
N ASP B 472 -67.74 16.04 -32.03
CA ASP B 472 -68.94 15.95 -32.86
C ASP B 472 -69.86 17.14 -32.60
N LEU B 473 -69.77 18.12 -33.48
CA LEU B 473 -70.56 19.34 -33.41
C LEU B 473 -72.05 19.00 -33.28
N GLY B 474 -72.51 18.06 -34.11
CA GLY B 474 -73.91 17.66 -34.06
C GLY B 474 -74.41 17.44 -32.65
N MET B 475 -73.93 16.38 -32.02
CA MET B 475 -74.34 16.06 -30.66
C MET B 475 -74.33 17.30 -29.78
N ILE B 476 -73.40 18.19 -30.05
CA ILE B 476 -73.31 19.41 -29.25
C ILE B 476 -74.57 20.23 -29.50
N ALA B 477 -74.72 20.67 -30.75
CA ALA B 477 -75.85 21.48 -31.18
C ALA B 477 -77.14 20.86 -30.68
N TYR B 478 -77.25 19.55 -30.85
CA TYR B 478 -78.43 18.81 -30.42
C TYR B 478 -78.76 19.12 -28.97
N TYR B 479 -77.93 18.67 -28.05
CA TYR B 479 -78.15 18.92 -26.64
C TYR B 479 -78.40 20.40 -26.38
N PHE B 480 -77.70 21.24 -27.11
CA PHE B 480 -77.88 22.67 -26.95
C PHE B 480 -79.36 23.00 -27.12
N GLN B 481 -79.85 22.72 -28.34
CA GLN B 481 -81.25 22.95 -28.70
C GLN B 481 -82.14 22.31 -27.64
N LYS B 482 -81.82 21.06 -27.30
CA LYS B 482 -82.57 20.32 -26.31
C LYS B 482 -82.74 21.08 -25.02
N TYR B 483 -81.66 21.58 -24.46
CA TYR B 483 -81.81 22.31 -23.21
C TYR B 483 -82.21 23.77 -23.42
N GLU B 484 -82.28 24.20 -24.67
CA GLU B 484 -82.67 25.56 -24.99
C GLU B 484 -81.78 26.58 -24.25
N PHE B 485 -80.53 26.69 -24.68
CA PHE B 485 -79.62 27.63 -24.08
C PHE B 485 -79.75 28.93 -24.85
N ASP B 486 -80.05 30.02 -24.15
CA ASP B 486 -80.17 31.32 -24.81
C ASP B 486 -78.77 31.89 -25.03
N GLY B 487 -77.87 31.52 -24.12
CA GLY B 487 -76.49 31.98 -24.19
C GLY B 487 -75.48 31.03 -23.58
N LEU B 488 -74.26 31.10 -24.09
CA LEU B 488 -73.16 30.25 -23.64
C LEU B 488 -72.06 31.12 -23.05
N ILE B 489 -71.42 30.64 -22.00
CA ILE B 489 -70.30 31.37 -21.39
C ILE B 489 -69.14 30.40 -21.27
N ILE B 490 -68.14 30.57 -22.11
CA ILE B 490 -66.97 29.69 -22.10
C ILE B 490 -65.77 30.22 -21.30
N VAL B 491 -65.35 29.45 -20.30
CA VAL B 491 -64.20 29.84 -19.49
C VAL B 491 -63.01 28.92 -19.75
N GLY B 492 -61.92 29.49 -20.27
CA GLY B 492 -60.75 28.69 -20.58
C GLY B 492 -59.61 29.38 -21.32
N GLY B 493 -58.70 28.58 -21.86
CA GLY B 493 -57.55 29.10 -22.55
C GLY B 493 -57.70 29.10 -24.05
N PHE B 494 -56.59 28.92 -24.77
CA PHE B 494 -56.66 28.96 -26.22
C PHE B 494 -57.54 27.90 -26.85
N GLU B 495 -57.78 26.81 -26.14
CA GLU B 495 -58.64 25.80 -26.73
C GLU B 495 -60.05 26.34 -26.67
N ALA B 496 -60.33 27.01 -25.56
CA ALA B 496 -61.63 27.60 -25.35
C ALA B 496 -61.81 28.77 -26.33
N PHE B 497 -60.70 29.32 -26.81
CA PHE B 497 -60.76 30.40 -27.79
C PHE B 497 -61.25 29.71 -29.05
N GLU B 498 -60.47 28.73 -29.49
CA GLU B 498 -60.77 27.95 -30.68
C GLU B 498 -62.22 27.46 -30.64
N SER B 499 -62.68 27.06 -29.46
CA SER B 499 -64.05 26.60 -29.35
C SER B 499 -64.99 27.70 -29.84
N LEU B 500 -64.99 28.83 -29.13
CA LEU B 500 -65.81 29.98 -29.49
C LEU B 500 -65.80 30.09 -30.99
N HIS B 501 -64.60 30.25 -31.54
CA HIS B 501 -64.45 30.37 -32.98
C HIS B 501 -65.18 29.29 -33.74
N GLN B 502 -65.01 28.04 -33.34
CA GLN B 502 -65.69 26.97 -34.04
C GLN B 502 -67.22 27.08 -33.95
N LEU B 503 -67.74 27.18 -32.73
CA LEU B 503 -69.19 27.28 -32.58
C LEU B 503 -69.76 28.40 -33.44
N GLU B 504 -69.10 29.55 -33.43
CA GLU B 504 -69.58 30.70 -34.21
C GLU B 504 -69.61 30.45 -35.70
N ARG B 505 -68.55 29.91 -36.28
CA ARG B 505 -68.63 29.69 -37.72
C ARG B 505 -69.39 28.41 -38.00
N ALA B 506 -70.06 27.92 -36.97
CA ALA B 506 -70.87 26.73 -37.09
C ALA B 506 -72.30 27.23 -36.97
N ARG B 507 -72.42 28.56 -36.85
CA ARG B 507 -73.70 29.24 -36.72
C ARG B 507 -74.63 28.72 -37.79
N GLU B 508 -74.47 29.24 -38.99
CA GLU B 508 -75.26 28.80 -40.13
C GLU B 508 -74.77 27.36 -40.32
N SER B 509 -75.70 26.42 -40.15
CA SER B 509 -75.47 24.97 -40.26
C SER B 509 -76.05 24.30 -39.03
N TYR B 510 -76.08 25.03 -37.93
CA TYR B 510 -76.64 24.53 -36.67
C TYR B 510 -77.18 25.77 -35.95
N PRO B 511 -78.45 26.13 -36.20
CA PRO B 511 -79.06 27.30 -35.56
C PRO B 511 -79.08 27.36 -34.02
N ALA B 512 -78.64 26.28 -33.36
CA ALA B 512 -78.61 26.28 -31.88
C ALA B 512 -77.49 27.18 -31.35
N PHE B 513 -76.53 27.47 -32.22
CA PHE B 513 -75.39 28.32 -31.89
C PHE B 513 -75.67 29.76 -32.28
N ARG B 514 -76.88 30.00 -32.79
CA ARG B 514 -77.28 31.34 -33.21
C ARG B 514 -77.53 32.21 -31.99
N ILE B 515 -76.88 31.90 -30.87
CA ILE B 515 -77.03 32.66 -29.64
C ILE B 515 -75.73 33.43 -29.34
N PRO B 516 -75.78 34.36 -28.36
CA PRO B 516 -74.58 35.14 -28.01
C PRO B 516 -73.67 34.20 -27.22
N MET B 517 -72.35 34.31 -27.42
CA MET B 517 -71.49 33.39 -26.70
C MET B 517 -70.44 33.94 -25.73
N VAL B 518 -69.50 34.77 -26.14
CA VAL B 518 -68.52 35.31 -25.18
C VAL B 518 -67.56 34.31 -24.46
N LEU B 519 -66.29 34.68 -24.42
CA LEU B 519 -65.25 33.88 -23.78
C LEU B 519 -64.56 34.60 -22.64
N ILE B 520 -64.44 33.94 -21.49
CA ILE B 520 -63.73 34.55 -20.35
C ILE B 520 -62.36 33.89 -20.38
N PRO B 521 -61.33 34.61 -20.88
CA PRO B 521 -59.98 34.02 -20.94
C PRO B 521 -59.43 33.55 -19.60
N ALA B 522 -58.80 32.38 -19.61
CA ALA B 522 -58.19 31.80 -18.42
C ALA B 522 -57.13 30.75 -18.74
N THR B 523 -55.90 31.07 -18.37
CA THR B 523 -54.73 30.24 -18.58
C THR B 523 -53.60 31.00 -17.92
N LEU B 524 -52.78 30.32 -17.12
CA LEU B 524 -51.67 31.01 -16.43
C LEU B 524 -50.67 31.62 -17.43
N SER B 525 -50.75 31.21 -18.69
CA SER B 525 -49.88 31.68 -19.73
C SER B 525 -50.23 33.05 -20.27
N ASN B 526 -51.50 33.42 -20.18
CA ASN B 526 -51.98 34.71 -20.68
C ASN B 526 -51.72 34.81 -22.18
N ASN B 527 -52.06 33.73 -22.89
CA ASN B 527 -51.85 33.64 -24.34
C ASN B 527 -53.11 33.79 -25.18
N VAL B 528 -54.23 34.09 -24.54
CA VAL B 528 -55.47 34.24 -25.26
C VAL B 528 -55.68 35.66 -25.73
N PRO B 529 -55.76 35.86 -27.07
CA PRO B 529 -55.95 37.17 -27.69
C PRO B 529 -57.19 37.85 -27.19
N GLY B 530 -57.17 39.18 -27.18
CA GLY B 530 -58.33 39.93 -26.75
C GLY B 530 -58.34 40.36 -25.30
N THR B 531 -57.20 40.24 -24.62
CA THR B 531 -57.16 40.67 -23.22
C THR B 531 -55.72 40.85 -22.78
N GLU B 532 -55.53 41.48 -21.64
CA GLU B 532 -54.19 41.70 -21.11
C GLU B 532 -54.06 40.91 -19.85
N TYR B 533 -55.13 40.25 -19.45
CA TYR B 533 -55.09 39.45 -18.25
C TYR B 533 -55.99 38.26 -18.28
N SER B 534 -55.46 37.08 -18.55
CA SER B 534 -56.30 35.90 -18.53
C SER B 534 -56.49 35.50 -17.05
N LEU B 535 -57.49 34.70 -16.73
CA LEU B 535 -57.70 34.28 -15.35
C LEU B 535 -56.67 33.21 -14.99
N GLY B 536 -56.22 33.25 -13.75
CA GLY B 536 -55.25 32.27 -13.27
C GLY B 536 -53.82 32.84 -13.25
N SER B 537 -53.60 33.77 -14.16
CA SER B 537 -52.31 34.39 -14.30
C SER B 537 -51.63 34.82 -12.98
N ASP B 538 -52.28 35.68 -12.22
CA ASP B 538 -51.69 36.15 -10.97
C ASP B 538 -51.43 35.00 -10.00
N THR B 539 -52.23 33.94 -10.08
CA THR B 539 -52.03 32.84 -9.17
C THR B 539 -50.75 32.13 -9.55
N ALA B 540 -50.55 31.98 -10.85
CA ALA B 540 -49.36 31.31 -11.39
C ALA B 540 -48.14 32.16 -11.05
N LEU B 541 -48.22 33.43 -11.39
CA LEU B 541 -47.14 34.37 -11.17
C LEU B 541 -46.61 34.28 -9.74
N ASN B 542 -47.51 34.13 -8.79
CA ASN B 542 -47.07 34.06 -7.41
C ASN B 542 -46.45 32.69 -7.12
N ALA B 543 -47.08 31.66 -7.66
CA ALA B 543 -46.63 30.30 -7.47
C ALA B 543 -45.18 30.19 -7.89
N LEU B 544 -44.90 30.73 -9.07
CA LEU B 544 -43.56 30.71 -9.64
C LEU B 544 -42.64 31.60 -8.84
N MET B 545 -43.11 32.80 -8.52
CA MET B 545 -42.29 33.73 -7.76
C MET B 545 -41.82 33.16 -6.42
N GLU B 546 -42.72 32.55 -5.66
CA GLU B 546 -42.32 31.98 -4.39
C GLU B 546 -41.35 30.82 -4.59
N TYR B 547 -41.60 30.02 -5.63
CA TYR B 547 -40.74 28.89 -5.93
C TYR B 547 -39.33 29.44 -6.11
N CYS B 548 -39.20 30.42 -7.01
CA CYS B 548 -37.93 31.08 -7.27
C CYS B 548 -37.22 31.64 -6.04
N ASP B 549 -37.98 32.24 -5.13
CA ASP B 549 -37.40 32.78 -3.92
C ASP B 549 -36.74 31.64 -3.22
N VAL B 550 -37.43 30.53 -3.10
CA VAL B 550 -36.85 29.41 -2.40
C VAL B 550 -35.62 28.84 -3.06
N VAL B 551 -35.66 28.75 -4.38
CA VAL B 551 -34.55 28.21 -5.14
C VAL B 551 -33.34 29.13 -5.11
N LYS B 552 -33.58 30.43 -5.14
CA LYS B 552 -32.48 31.35 -5.10
C LYS B 552 -31.79 31.32 -3.75
N GLN B 553 -32.57 31.12 -2.69
CA GLN B 553 -32.02 31.06 -1.35
C GLN B 553 -31.06 29.90 -1.32
N SER B 554 -31.42 28.84 -2.01
CA SER B 554 -30.58 27.66 -2.09
C SER B 554 -29.27 28.08 -2.71
N ALA B 555 -29.37 28.62 -3.91
CA ALA B 555 -28.21 29.05 -4.66
C ALA B 555 -27.32 29.99 -3.90
N SER B 556 -27.90 30.80 -3.03
CA SER B 556 -27.11 31.75 -2.28
C SER B 556 -26.37 31.05 -1.18
N SER B 557 -26.90 29.91 -0.77
CA SER B 557 -26.30 29.16 0.31
C SER B 557 -25.00 28.48 -0.10
N THR B 558 -24.97 28.00 -1.33
CA THR B 558 -23.80 27.29 -1.85
C THR B 558 -22.73 28.26 -2.29
N ARG B 559 -23.14 29.43 -2.75
CA ARG B 559 -22.26 30.47 -3.26
C ARG B 559 -21.74 30.04 -4.62
N GLY B 560 -21.68 30.98 -5.56
CA GLY B 560 -21.19 30.65 -6.87
C GLY B 560 -22.06 29.60 -7.55
N ARG B 561 -23.35 29.86 -7.56
CA ARG B 561 -24.26 28.95 -8.22
C ARG B 561 -25.47 29.66 -8.75
N ALA B 562 -25.90 29.21 -9.92
CA ALA B 562 -27.09 29.77 -10.57
C ALA B 562 -28.04 28.62 -10.88
N PHE B 563 -29.33 28.93 -10.95
CA PHE B 563 -30.33 27.92 -11.26
C PHE B 563 -31.05 28.29 -12.55
N VAL B 564 -31.23 27.30 -13.43
CA VAL B 564 -31.97 27.54 -14.64
C VAL B 564 -33.33 26.89 -14.33
N VAL B 565 -34.34 27.76 -14.22
CA VAL B 565 -35.69 27.35 -13.87
C VAL B 565 -36.60 27.27 -15.05
N ASP B 566 -37.05 26.05 -15.36
CA ASP B 566 -37.97 25.85 -16.47
C ASP B 566 -39.31 26.53 -16.14
N CYS B 567 -39.79 27.42 -17.01
CA CYS B 567 -41.05 28.16 -16.78
C CYS B 567 -42.12 27.81 -17.79
N GLN B 568 -43.39 27.96 -17.42
CA GLN B 568 -44.48 27.63 -18.32
C GLN B 568 -44.92 28.81 -19.13
N GLY B 569 -45.96 28.60 -19.92
CA GLY B 569 -46.47 29.68 -20.72
C GLY B 569 -46.42 29.42 -22.20
N GLY B 570 -46.19 28.18 -22.60
CA GLY B 570 -46.16 27.90 -24.03
C GLY B 570 -45.30 28.87 -24.84
N ASN B 571 -45.91 29.57 -25.79
CA ASN B 571 -45.13 30.49 -26.58
C ASN B 571 -45.18 31.90 -26.04
N SER B 572 -45.79 32.08 -24.88
CA SER B 572 -45.89 33.39 -24.27
C SER B 572 -44.90 33.60 -23.13
N GLY B 573 -44.06 34.62 -23.28
CA GLY B 573 -43.06 34.93 -22.27
C GLY B 573 -43.61 35.78 -21.13
N TYR B 574 -44.91 35.94 -21.11
CA TYR B 574 -45.52 36.73 -20.07
C TYR B 574 -45.11 36.30 -18.65
N LEU B 575 -45.36 35.03 -18.33
CA LEU B 575 -45.05 34.51 -17.01
C LEU B 575 -43.57 34.61 -16.63
N ALA B 576 -42.70 34.17 -17.53
CA ALA B 576 -41.27 34.24 -17.25
C ALA B 576 -40.84 35.70 -17.00
N THR B 577 -41.35 36.61 -17.82
CA THR B 577 -41.00 38.02 -17.71
C THR B 577 -41.37 38.62 -16.37
N TYR B 578 -42.64 38.57 -16.03
CA TYR B 578 -43.05 39.16 -14.76
C TYR B 578 -42.45 38.43 -13.56
N ALA B 579 -42.32 37.11 -13.65
CA ALA B 579 -41.73 36.36 -12.55
C ALA B 579 -40.31 36.91 -12.35
N SER B 580 -39.59 36.94 -13.46
CA SER B 580 -38.24 37.45 -13.48
C SER B 580 -38.20 38.83 -12.80
N LEU B 581 -39.03 39.75 -13.24
CA LEU B 581 -39.01 41.08 -12.66
C LEU B 581 -39.28 41.02 -11.16
N ALA B 582 -40.22 40.16 -10.76
CA ALA B 582 -40.62 40.04 -9.36
C ALA B 582 -39.61 39.39 -8.41
N VAL B 583 -38.68 38.62 -8.95
CA VAL B 583 -37.69 37.98 -8.07
C VAL B 583 -36.32 38.52 -8.39
N GLY B 584 -36.24 39.45 -9.32
CA GLY B 584 -34.95 40.00 -9.68
C GLY B 584 -34.08 39.00 -10.42
N ALA B 585 -34.68 38.20 -11.28
CA ALA B 585 -33.89 37.21 -12.02
C ALA B 585 -32.82 37.95 -12.81
N GLN B 586 -31.64 37.36 -12.85
CA GLN B 586 -30.53 37.95 -13.55
C GLN B 586 -30.80 37.84 -15.03
N VAL B 587 -31.12 36.63 -15.46
CA VAL B 587 -31.40 36.39 -16.87
C VAL B 587 -32.78 35.74 -17.00
N SER B 588 -33.40 35.94 -18.15
CA SER B 588 -34.68 35.32 -18.44
C SER B 588 -34.77 35.09 -19.96
N TYR B 589 -35.07 33.87 -20.36
CA TYR B 589 -35.19 33.55 -21.78
C TYR B 589 -36.66 33.29 -22.12
N VAL B 590 -37.15 33.89 -23.20
CA VAL B 590 -38.54 33.73 -23.60
C VAL B 590 -38.74 33.20 -25.01
N PRO B 591 -39.90 32.59 -25.28
CA PRO B 591 -40.17 32.04 -26.62
C PRO B 591 -40.04 33.04 -27.73
N GLU B 592 -40.52 34.24 -27.50
CA GLU B 592 -40.46 35.26 -28.52
C GLU B 592 -39.06 35.67 -28.92
N GLU B 593 -38.08 35.46 -28.05
CA GLU B 593 -36.70 35.83 -28.33
C GLU B 593 -35.79 34.66 -28.65
N GLY B 594 -35.98 33.56 -27.94
CA GLY B 594 -35.14 32.39 -28.16
C GLY B 594 -33.87 32.50 -27.34
N ILE B 595 -32.93 31.58 -27.57
CA ILE B 595 -31.68 31.65 -26.83
C ILE B 595 -30.59 31.49 -27.88
N SER B 596 -30.03 32.59 -28.34
CA SER B 596 -28.98 32.50 -29.34
C SER B 596 -27.70 32.15 -28.61
N LEU B 597 -26.90 31.29 -29.21
CA LEU B 597 -25.65 30.94 -28.56
C LEU B 597 -24.83 32.19 -28.17
N GLU B 598 -24.91 33.25 -28.98
CA GLU B 598 -24.14 34.43 -28.64
C GLU B 598 -24.61 35.03 -27.31
N GLN B 599 -25.91 35.22 -27.20
CA GLN B 599 -26.50 35.76 -25.98
C GLN B 599 -26.12 34.88 -24.82
N LEU B 600 -26.16 33.57 -25.06
CA LEU B 600 -25.85 32.62 -24.01
C LEU B 600 -24.43 32.79 -23.52
N SER B 601 -23.52 33.08 -24.44
CA SER B 601 -22.12 33.23 -24.05
C SER B 601 -21.87 34.45 -23.19
N GLU B 602 -22.47 35.56 -23.59
CA GLU B 602 -22.32 36.79 -22.81
C GLU B 602 -22.95 36.65 -21.42
N ASP B 603 -24.15 36.06 -21.38
CA ASP B 603 -24.84 35.88 -20.12
C ASP B 603 -23.96 35.08 -19.21
N ILE B 604 -23.28 34.08 -19.78
CA ILE B 604 -22.39 33.26 -18.99
C ILE B 604 -21.18 34.04 -18.51
N GLU B 605 -20.65 34.95 -19.33
CA GLU B 605 -19.51 35.74 -18.87
C GLU B 605 -19.94 36.70 -17.79
N TYR B 606 -21.02 37.43 -18.07
CA TYR B 606 -21.58 38.38 -17.13
C TYR B 606 -21.82 37.68 -15.80
N LEU B 607 -22.47 36.52 -15.87
CA LEU B 607 -22.74 35.77 -14.67
C LEU B 607 -21.40 35.48 -14.00
N ALA B 608 -20.46 34.99 -14.81
CA ALA B 608 -19.13 34.66 -14.34
C ALA B 608 -18.52 35.77 -13.50
N GLN B 609 -18.47 36.97 -14.06
CA GLN B 609 -17.91 38.09 -13.32
C GLN B 609 -18.73 38.36 -12.09
N SER B 610 -20.05 38.27 -12.18
CA SER B 610 -20.91 38.54 -11.04
C SER B 610 -20.38 37.81 -9.82
N PHE B 611 -20.21 36.50 -9.96
CA PHE B 611 -19.71 35.73 -8.83
C PHE B 611 -18.31 36.12 -8.40
N GLU B 612 -17.48 36.55 -9.32
CA GLU B 612 -16.11 36.91 -8.96
C GLU B 612 -16.20 38.14 -8.09
N LYS B 613 -16.87 39.15 -8.60
CA LYS B 613 -17.05 40.39 -7.86
C LYS B 613 -17.70 40.10 -6.51
N ALA B 614 -18.63 39.13 -6.50
CA ALA B 614 -19.37 38.76 -5.29
C ALA B 614 -18.51 38.06 -4.24
N GLU B 615 -17.35 37.57 -4.64
CA GLU B 615 -16.45 36.86 -3.73
C GLU B 615 -17.27 35.71 -3.12
N GLY B 616 -17.07 35.45 -1.83
CA GLY B 616 -17.83 34.38 -1.21
C GLY B 616 -19.07 34.81 -0.47
N ARG B 617 -19.41 36.09 -0.60
CA ARG B 617 -20.56 36.69 0.08
C ARG B 617 -21.84 35.85 0.12
N GLY B 618 -22.62 36.14 1.16
CA GLY B 618 -23.86 35.43 1.46
C GLY B 618 -25.18 35.50 0.73
N ARG B 619 -25.46 36.51 -0.08
CA ARG B 619 -26.77 36.47 -0.75
C ARG B 619 -26.65 36.77 -2.23
N PHE B 620 -25.69 36.10 -2.87
CA PHE B 620 -25.42 36.30 -4.29
C PHE B 620 -25.82 35.17 -5.22
N GLY B 621 -26.82 34.37 -4.85
CA GLY B 621 -27.25 33.30 -5.73
C GLY B 621 -27.92 33.93 -6.94
N LYS B 622 -27.84 33.29 -8.11
CA LYS B 622 -28.43 33.88 -9.30
C LYS B 622 -29.45 32.96 -9.97
N LEU B 623 -30.47 33.55 -10.59
CA LEU B 623 -31.52 32.79 -11.26
C LEU B 623 -31.61 33.14 -12.73
N ILE B 624 -31.86 32.13 -13.54
CA ILE B 624 -32.04 32.32 -14.96
C ILE B 624 -33.38 31.66 -15.20
N LEU B 625 -34.40 32.46 -15.50
CA LEU B 625 -35.72 31.88 -15.76
C LEU B 625 -35.78 31.61 -17.23
N LYS B 626 -36.23 30.44 -17.59
CA LYS B 626 -36.28 30.10 -18.98
C LYS B 626 -37.61 29.46 -19.37
N SER B 627 -38.40 30.18 -20.14
CA SER B 627 -39.64 29.63 -20.63
C SER B 627 -39.18 28.42 -21.46
N THR B 628 -39.87 27.29 -21.31
CA THR B 628 -39.51 26.09 -22.07
C THR B 628 -39.43 26.33 -23.58
N ASN B 629 -40.42 27.02 -24.14
CA ASN B 629 -40.42 27.27 -25.58
C ASN B 629 -39.41 28.29 -25.98
N ALA B 630 -38.62 28.75 -25.01
CA ALA B 630 -37.56 29.68 -25.35
C ALA B 630 -36.49 28.94 -26.20
N SER B 631 -36.48 27.62 -26.13
CA SER B 631 -35.57 26.80 -26.93
C SER B 631 -35.91 25.32 -26.94
N LYS B 632 -36.08 24.76 -28.14
CA LYS B 632 -36.40 23.33 -28.23
C LYS B 632 -35.14 22.54 -28.16
N ALA B 633 -34.02 23.18 -28.41
CA ALA B 633 -32.74 22.48 -28.37
C ALA B 633 -32.15 22.43 -26.99
N LEU B 634 -32.22 23.54 -26.27
CA LEU B 634 -31.66 23.60 -24.94
C LEU B 634 -32.67 23.60 -23.81
N SER B 635 -32.74 22.49 -23.07
CA SER B 635 -33.66 22.37 -21.94
C SER B 635 -33.05 22.99 -20.70
N ALA B 636 -33.88 23.24 -19.70
CA ALA B 636 -33.37 23.81 -18.48
C ALA B 636 -32.19 22.95 -18.03
N THR B 637 -32.32 21.64 -18.20
CA THR B 637 -31.25 20.72 -17.81
C THR B 637 -30.02 20.89 -18.66
N LYS B 638 -30.19 20.87 -19.97
CA LYS B 638 -29.02 21.02 -20.83
C LYS B 638 -28.35 22.36 -20.70
N LEU B 639 -29.17 23.36 -20.45
CA LEU B 639 -28.71 24.72 -20.30
C LEU B 639 -27.77 24.79 -19.11
N ALA B 640 -28.17 24.20 -17.99
CA ALA B 640 -27.33 24.21 -16.79
C ALA B 640 -25.99 23.53 -17.11
N GLU B 641 -26.06 22.40 -17.80
CA GLU B 641 -24.87 21.68 -18.20
C GLU B 641 -23.96 22.51 -19.07
N VAL B 642 -24.51 23.16 -20.07
CA VAL B 642 -23.69 23.99 -20.92
C VAL B 642 -23.06 25.12 -20.10
N ILE B 643 -23.88 25.87 -19.36
CA ILE B 643 -23.37 26.97 -18.53
C ILE B 643 -22.25 26.47 -17.58
N THR B 644 -22.51 25.37 -16.91
CA THR B 644 -21.53 24.86 -15.99
C THR B 644 -20.21 24.57 -16.67
N ALA B 645 -20.29 24.09 -17.89
CA ALA B 645 -19.10 23.75 -18.66
C ALA B 645 -18.44 25.05 -19.06
N GLU B 646 -19.17 25.87 -19.78
CA GLU B 646 -18.63 27.15 -20.17
C GLU B 646 -18.11 27.87 -18.93
N ALA B 647 -18.78 27.71 -17.79
CA ALA B 647 -18.33 28.38 -16.56
C ALA B 647 -16.87 28.02 -16.31
N ASP B 648 -16.57 26.74 -16.46
CA ASP B 648 -15.20 26.27 -16.29
C ASP B 648 -14.70 26.41 -14.86
N GLY B 649 -15.44 25.85 -13.91
CA GLY B 649 -15.02 25.93 -12.52
C GLY B 649 -15.31 27.24 -11.81
N ARG B 650 -15.46 28.35 -12.54
CA ARG B 650 -15.73 29.63 -11.90
C ARG B 650 -17.03 29.63 -11.07
N PHE B 651 -18.04 28.97 -11.58
CA PHE B 651 -19.34 28.84 -10.91
C PHE B 651 -20.10 27.76 -11.65
N ASP B 652 -21.15 27.21 -11.08
CA ASP B 652 -21.89 26.18 -11.80
C ASP B 652 -23.38 26.53 -11.85
N ALA B 653 -24.16 25.64 -12.48
CA ALA B 653 -25.58 25.84 -12.59
C ALA B 653 -26.32 24.53 -12.50
N LYS B 654 -27.51 24.57 -11.91
CA LYS B 654 -28.35 23.38 -11.78
C LYS B 654 -29.70 23.66 -12.37
N PRO B 655 -30.42 22.62 -12.76
CA PRO B 655 -31.74 22.86 -13.34
C PRO B 655 -32.83 22.84 -12.26
N ALA B 656 -33.98 23.43 -12.58
CA ALA B 656 -35.09 23.46 -11.65
C ALA B 656 -36.37 23.36 -12.45
N TYR B 657 -37.20 22.38 -12.11
CA TYR B 657 -38.45 22.19 -12.82
C TYR B 657 -39.68 22.25 -11.91
N PRO B 658 -40.12 23.47 -11.56
CA PRO B 658 -41.29 23.65 -10.70
C PRO B 658 -42.49 22.97 -11.31
N GLY B 659 -42.49 22.89 -12.63
CA GLY B 659 -43.57 22.21 -13.31
C GLY B 659 -45.00 22.66 -13.12
N HIS B 660 -45.87 21.74 -12.70
CA HIS B 660 -47.27 22.06 -12.52
C HIS B 660 -47.62 22.84 -11.26
N VAL B 661 -46.69 23.01 -10.31
CA VAL B 661 -47.07 23.78 -9.15
C VAL B 661 -47.30 25.16 -9.67
N GLN B 662 -46.88 25.38 -10.91
CA GLN B 662 -47.07 26.68 -11.46
C GLN B 662 -48.55 27.03 -11.59
N GLN B 663 -49.45 26.08 -11.34
CA GLN B 663 -50.88 26.40 -11.41
C GLN B 663 -51.35 26.84 -10.00
N GLY B 664 -50.39 26.81 -9.08
CA GLY B 664 -50.68 27.22 -7.73
C GLY B 664 -51.68 26.31 -7.09
N GLY B 665 -52.05 26.65 -5.85
CA GLY B 665 -53.05 25.88 -5.13
C GLY B 665 -54.34 26.66 -5.11
N LEU B 666 -54.55 27.39 -4.02
CA LEU B 666 -55.73 28.23 -3.84
C LEU B 666 -55.57 29.48 -4.65
N PRO B 667 -56.53 29.75 -5.55
CA PRO B 667 -56.42 30.97 -6.37
C PRO B 667 -56.20 32.20 -5.49
N SER B 668 -55.56 33.22 -6.03
CA SER B 668 -55.26 34.45 -5.30
C SER B 668 -56.42 35.44 -5.26
N PRO B 669 -56.45 36.31 -4.23
CA PRO B 669 -57.51 37.30 -4.10
C PRO B 669 -57.72 38.03 -5.42
N ILE B 670 -56.63 38.42 -6.09
CA ILE B 670 -56.81 39.06 -7.39
C ILE B 670 -57.57 38.12 -8.36
N ASP B 671 -57.04 36.93 -8.60
CA ASP B 671 -57.69 36.01 -9.50
C ASP B 671 -59.14 35.75 -9.15
N ARG B 672 -59.45 35.65 -7.85
CA ARG B 672 -60.81 35.39 -7.43
C ARG B 672 -61.72 36.57 -7.75
N THR B 673 -61.47 37.71 -7.11
CA THR B 673 -62.29 38.89 -7.37
C THR B 673 -62.39 39.23 -8.85
N ARG B 674 -61.29 39.14 -9.59
CA ARG B 674 -61.32 39.47 -11.01
C ARG B 674 -62.17 38.46 -11.77
N ALA B 675 -62.25 37.24 -11.24
CA ALA B 675 -63.04 36.23 -11.91
C ALA B 675 -64.49 36.61 -11.82
N THR B 676 -64.97 36.92 -10.61
CA THR B 676 -66.37 37.30 -10.48
C THR B 676 -66.68 38.56 -11.30
N ARG B 677 -65.69 39.43 -11.49
CA ARG B 677 -65.92 40.64 -12.28
C ARG B 677 -66.12 40.24 -13.73
N MET B 678 -65.23 39.39 -14.24
CA MET B 678 -65.35 38.94 -15.62
C MET B 678 -66.62 38.16 -15.85
N ALA B 679 -67.00 37.37 -14.85
CA ALA B 679 -68.19 36.54 -14.94
C ALA B 679 -69.42 37.39 -15.17
N ILE B 680 -69.63 38.31 -14.25
CA ILE B 680 -70.77 39.19 -14.31
C ILE B 680 -70.82 40.00 -15.61
N LYS B 681 -69.71 40.58 -16.04
CA LYS B 681 -69.77 41.32 -17.30
C LYS B 681 -70.05 40.43 -18.52
N ALA B 682 -69.97 39.12 -18.34
CA ALA B 682 -70.23 38.18 -19.43
C ALA B 682 -71.72 37.92 -19.44
N VAL B 683 -72.29 37.70 -18.26
CA VAL B 683 -73.72 37.47 -18.17
C VAL B 683 -74.33 38.71 -18.82
N GLY B 684 -73.84 39.87 -18.42
CA GLY B 684 -74.31 41.11 -18.98
C GLY B 684 -74.23 41.12 -20.50
N PHE B 685 -73.16 40.57 -21.07
CA PHE B 685 -73.02 40.56 -22.52
C PHE B 685 -74.06 39.66 -23.16
N ILE B 686 -74.37 38.58 -22.47
CA ILE B 686 -75.35 37.63 -22.97
C ILE B 686 -76.73 38.29 -23.07
N LYS B 687 -77.14 38.97 -22.01
CA LYS B 687 -78.43 39.63 -22.00
C LYS B 687 -78.46 40.80 -22.99
N ASP B 688 -77.45 41.67 -22.96
CA ASP B 688 -77.39 42.79 -23.89
C ASP B 688 -77.29 42.40 -25.39
N ASN B 689 -77.04 41.12 -25.70
CA ASN B 689 -76.94 40.72 -27.10
C ASN B 689 -78.03 39.76 -27.54
N GLN B 690 -79.09 39.66 -26.76
CA GLN B 690 -80.19 38.77 -27.13
C GLN B 690 -80.90 39.30 -28.36
N ALA B 691 -81.19 40.59 -28.35
CA ALA B 691 -81.86 41.27 -29.45
C ALA B 691 -81.44 40.77 -30.86
N ALA B 692 -80.34 41.33 -31.38
CA ALA B 692 -79.82 41.00 -32.70
C ALA B 692 -80.08 39.56 -33.15
N ILE B 693 -79.14 38.65 -32.85
CA ILE B 693 -79.28 37.25 -33.26
C ILE B 693 -80.63 36.60 -32.98
N ALA B 694 -81.44 37.20 -32.10
CA ALA B 694 -82.75 36.65 -31.78
C ALA B 694 -83.78 37.00 -32.87
N GLU B 695 -83.94 38.30 -33.14
CA GLU B 695 -84.89 38.77 -34.16
C GLU B 695 -84.49 38.28 -35.55
N ALA B 696 -83.38 37.56 -35.61
CA ALA B 696 -82.88 37.01 -36.84
C ALA B 696 -82.85 35.47 -36.72
N ARG B 697 -82.63 35.00 -35.50
CA ARG B 697 -82.59 33.56 -35.19
C ARG B 697 -83.95 32.94 -35.50
N ALA B 698 -84.68 33.60 -36.40
CA ALA B 698 -85.99 33.13 -36.83
C ALA B 698 -85.77 31.80 -37.54
N ALA B 699 -86.48 31.59 -38.64
CA ALA B 699 -86.32 30.37 -39.42
C ALA B 699 -84.88 30.37 -39.99
N GLU B 700 -84.22 29.21 -39.94
CA GLU B 700 -82.85 29.09 -40.44
C GLU B 700 -82.76 29.42 -41.95
N GLU B 701 -83.56 30.41 -42.36
CA GLU B 701 -83.62 30.85 -43.75
C GLU B 701 -82.45 31.79 -44.05
N ASN B 702 -82.42 32.27 -45.29
CA ASN B 702 -81.38 33.20 -45.76
C ASN B 702 -81.38 34.52 -44.96
N PHE B 703 -82.00 34.48 -43.78
CA PHE B 703 -82.03 35.62 -42.87
C PHE B 703 -80.81 35.54 -41.93
N ASN B 704 -79.98 34.48 -42.09
CA ASN B 704 -78.76 34.32 -41.30
C ASN B 704 -77.61 34.44 -42.29
N ALA B 705 -76.66 35.33 -41.97
CA ALA B 705 -75.46 35.57 -42.80
C ALA B 705 -74.20 35.88 -41.95
N ASP B 706 -73.28 36.66 -42.52
CA ASP B 706 -72.05 37.04 -41.85
C ASP B 706 -71.97 38.54 -41.75
N ASP B 707 -72.87 39.15 -40.98
CA ASP B 707 -72.84 40.59 -40.82
C ASP B 707 -72.35 40.91 -39.42
N LYS B 708 -71.37 41.80 -39.34
CA LYS B 708 -70.79 42.21 -38.08
C LYS B 708 -71.83 42.20 -36.96
N THR B 709 -73.03 42.67 -37.26
CA THR B 709 -74.07 42.71 -36.25
C THR B 709 -74.42 41.37 -35.61
N ILE B 710 -74.33 40.29 -36.39
CA ILE B 710 -74.63 38.97 -35.84
C ILE B 710 -73.36 38.25 -35.35
N SER B 711 -72.26 38.45 -36.05
CA SER B 711 -71.03 37.82 -35.62
C SER B 711 -70.68 38.44 -34.25
N ASP B 712 -70.76 39.77 -34.14
CA ASP B 712 -70.41 40.45 -32.91
C ASP B 712 -71.17 40.05 -31.65
N THR B 713 -71.74 38.87 -31.65
CA THR B 713 -72.43 38.42 -30.44
C THR B 713 -71.62 37.25 -29.91
N ALA B 714 -70.54 36.95 -30.63
CA ALA B 714 -69.61 35.88 -30.28
C ALA B 714 -68.29 36.59 -30.05
N ALA B 715 -68.05 37.05 -28.82
CA ALA B 715 -66.84 37.78 -28.51
C ALA B 715 -66.11 37.35 -27.24
N VAL B 716 -64.93 37.92 -27.03
CA VAL B 716 -64.11 37.62 -25.86
C VAL B 716 -64.17 38.81 -24.90
N VAL B 717 -64.58 38.57 -23.66
CA VAL B 717 -64.61 39.64 -22.68
C VAL B 717 -63.15 39.85 -22.33
N GLY B 718 -62.60 40.98 -22.77
CA GLY B 718 -61.20 41.27 -22.50
C GLY B 718 -61.08 42.36 -21.46
N VAL B 719 -59.87 42.84 -21.26
CA VAL B 719 -59.63 43.88 -20.29
C VAL B 719 -58.37 44.63 -20.72
N LYS B 720 -58.47 45.96 -20.73
CA LYS B 720 -57.34 46.81 -21.08
C LYS B 720 -57.17 47.72 -19.88
N GLY B 721 -56.25 47.34 -18.98
CA GLY B 721 -56.03 48.12 -17.77
C GLY B 721 -57.30 48.43 -16.99
N SER B 722 -57.76 47.47 -16.20
CA SER B 722 -58.97 47.66 -15.39
C SER B 722 -60.16 48.17 -16.25
N HIS B 723 -60.15 47.85 -17.53
CA HIS B 723 -61.19 48.32 -18.44
C HIS B 723 -62.41 47.44 -18.73
N VAL B 724 -62.20 46.46 -19.60
CA VAL B 724 -63.20 45.49 -20.10
C VAL B 724 -63.62 45.94 -21.48
N VAL B 725 -63.24 45.15 -22.47
CA VAL B 725 -63.54 45.43 -23.85
C VAL B 725 -64.23 44.17 -24.34
N TYR B 726 -64.74 44.19 -25.57
CA TYR B 726 -65.38 43.03 -26.17
C TYR B 726 -64.93 43.02 -27.61
N ASN B 727 -64.55 41.85 -28.11
CA ASN B 727 -64.11 41.75 -29.49
C ASN B 727 -64.60 40.46 -30.10
N SER B 728 -65.15 40.58 -31.30
CA SER B 728 -65.67 39.42 -32.01
C SER B 728 -64.57 38.39 -32.15
N ILE B 729 -64.94 37.14 -31.92
CA ILE B 729 -64.00 36.06 -32.04
C ILE B 729 -63.51 36.15 -33.49
N ARG B 730 -64.40 36.58 -34.38
CA ARG B 730 -64.05 36.71 -35.79
C ARG B 730 -62.91 37.72 -35.99
N GLN B 731 -63.04 38.88 -35.34
CA GLN B 731 -62.01 39.92 -35.45
C GLN B 731 -60.65 39.40 -35.01
N LEU B 732 -60.63 38.88 -33.78
CA LEU B 732 -59.44 38.31 -33.14
C LEU B 732 -58.83 37.15 -33.93
N TYR B 733 -59.63 36.12 -34.13
CA TYR B 733 -59.19 34.92 -34.83
C TYR B 733 -58.65 35.17 -36.23
N ASP B 734 -59.25 36.14 -36.92
CA ASP B 734 -58.85 36.41 -38.30
C ASP B 734 -57.75 37.42 -38.53
N TYR B 735 -57.56 38.34 -37.59
CA TYR B 735 -56.54 39.38 -37.78
C TYR B 735 -55.55 39.58 -36.64
N GLU B 736 -55.92 39.17 -35.44
CA GLU B 736 -55.07 39.37 -34.30
C GLU B 736 -54.52 38.08 -33.70
N THR B 737 -54.73 36.95 -34.36
CA THR B 737 -54.25 35.73 -33.79
C THR B 737 -53.21 35.06 -34.65
N GLU B 738 -52.28 34.38 -34.00
CA GLU B 738 -51.24 33.62 -34.66
C GLU B 738 -51.58 32.17 -34.31
N VAL B 739 -52.85 31.82 -34.51
CA VAL B 739 -53.42 30.50 -34.22
C VAL B 739 -52.44 29.32 -34.35
N SER B 740 -51.55 29.40 -35.34
CA SER B 740 -50.58 28.35 -35.57
C SER B 740 -49.79 28.04 -34.31
N MET B 741 -49.58 29.06 -33.49
CA MET B 741 -48.82 28.98 -32.24
C MET B 741 -49.62 29.33 -30.99
N ARG B 742 -50.93 29.16 -31.06
CA ARG B 742 -51.82 29.43 -29.94
C ARG B 742 -51.58 30.69 -29.16
N MET B 743 -51.45 31.82 -29.84
CA MET B 743 -51.30 33.09 -29.12
C MET B 743 -51.35 34.34 -29.99
N PRO B 744 -51.61 35.48 -29.36
CA PRO B 744 -51.71 36.77 -30.05
C PRO B 744 -50.57 37.07 -30.99
N LYS B 745 -50.87 37.85 -32.01
CA LYS B 745 -49.88 38.24 -33.01
C LYS B 745 -48.98 39.34 -32.43
N VAL B 746 -49.55 40.15 -31.56
CA VAL B 746 -48.79 41.24 -30.97
C VAL B 746 -48.53 40.96 -29.49
N ILE B 747 -47.28 41.07 -29.04
CA ILE B 747 -46.99 40.87 -27.62
C ILE B 747 -47.03 42.21 -26.92
N HIS B 748 -47.68 42.28 -25.76
CA HIS B 748 -47.78 43.55 -25.10
C HIS B 748 -46.88 43.80 -23.89
N TRP B 749 -45.76 43.11 -23.77
CA TRP B 749 -44.89 43.35 -22.59
C TRP B 749 -43.40 43.40 -22.85
N GLN B 750 -43.03 43.59 -24.11
CA GLN B 750 -41.64 43.62 -24.50
C GLN B 750 -40.87 44.75 -23.81
N ALA B 751 -41.58 45.81 -23.43
CA ALA B 751 -40.95 46.96 -22.79
C ALA B 751 -40.46 46.70 -21.37
N THR B 752 -41.25 45.97 -20.61
CA THR B 752 -40.86 45.70 -19.24
C THR B 752 -39.70 44.72 -19.20
N ARG B 753 -39.50 43.99 -20.30
CA ARG B 753 -38.40 43.06 -20.40
C ARG B 753 -37.12 43.86 -20.19
N LEU B 754 -37.08 45.01 -20.84
CA LEU B 754 -35.94 45.92 -20.78
C LEU B 754 -35.73 46.45 -19.37
N ILE B 755 -36.82 46.94 -18.78
CA ILE B 755 -36.77 47.47 -17.42
C ILE B 755 -36.06 46.45 -16.55
N ALA B 756 -36.47 45.20 -16.71
CA ALA B 756 -35.93 44.09 -15.97
C ALA B 756 -34.42 43.97 -16.11
N ASP B 757 -33.94 44.02 -17.34
CA ASP B 757 -32.50 43.92 -17.54
C ASP B 757 -31.77 45.03 -16.78
N HIS B 758 -32.26 46.26 -16.91
CA HIS B 758 -31.61 47.41 -16.31
C HIS B 758 -31.47 47.27 -14.81
N LEU B 759 -32.56 46.88 -14.17
CA LEU B 759 -32.59 46.74 -12.72
C LEU B 759 -31.61 45.72 -12.19
N VAL B 760 -31.13 44.86 -13.07
CA VAL B 760 -30.24 43.83 -12.63
C VAL B 760 -28.88 43.93 -13.33
N GLY B 761 -28.76 44.94 -14.20
CA GLY B 761 -27.52 45.20 -14.93
C GLY B 761 -27.12 44.30 -16.10
N ARG B 762 -28.12 43.77 -16.81
CA ARG B 762 -27.85 42.89 -17.92
C ARG B 762 -27.85 43.67 -19.21
N LYS B 763 -27.00 43.25 -20.14
CA LYS B 763 -26.84 43.91 -21.44
C LYS B 763 -27.69 43.56 -22.63
N ARG B 764 -26.97 42.98 -23.60
CA ARG B 764 -27.41 42.57 -24.93
C ARG B 764 -28.84 42.17 -25.11
N LYS C 5 0.04 35.74 -59.45
CA LYS C 5 -0.08 35.64 -60.92
C LYS C 5 0.18 34.24 -61.42
N LYS C 6 1.03 33.49 -60.72
CA LYS C 6 1.41 32.13 -61.13
C LYS C 6 0.25 31.23 -61.53
N LYS C 7 0.24 30.78 -62.78
CA LYS C 7 -0.80 29.87 -63.26
C LYS C 7 -0.23 28.46 -63.25
N ILE C 8 -1.05 27.46 -62.92
CA ILE C 8 -0.59 26.07 -62.91
C ILE C 8 -1.58 25.21 -63.66
N ALA C 9 -1.08 24.17 -64.32
CA ALA C 9 -1.92 23.28 -65.11
C ALA C 9 -1.78 21.85 -64.65
N VAL C 10 -2.92 21.18 -64.51
CA VAL C 10 -2.94 19.78 -64.10
C VAL C 10 -3.51 18.99 -65.23
N MET C 11 -2.87 17.88 -65.53
CA MET C 11 -3.34 17.04 -66.60
C MET C 11 -3.36 15.59 -66.09
N THR C 12 -4.26 14.80 -66.62
CA THR C 12 -4.32 13.42 -66.18
C THR C 12 -4.20 12.54 -67.42
N SER C 13 -3.00 12.00 -67.63
CA SER C 13 -2.72 11.17 -68.79
C SER C 13 -2.43 9.69 -68.51
N GLY C 14 -2.57 8.86 -69.55
CA GLY C 14 -2.30 7.45 -69.41
C GLY C 14 -3.54 6.74 -68.96
N GLY C 15 -3.39 5.51 -68.46
CA GLY C 15 -4.53 4.77 -67.96
C GLY C 15 -5.03 5.46 -66.70
N ASP C 16 -6.34 5.66 -66.59
CA ASP C 16 -6.90 6.33 -65.42
C ASP C 16 -6.83 5.37 -64.25
N SER C 17 -6.88 5.90 -63.03
CA SER C 17 -6.86 5.07 -61.82
C SER C 17 -7.69 5.76 -60.74
N PRO C 18 -8.34 4.97 -59.88
CA PRO C 18 -9.15 5.60 -58.83
C PRO C 18 -8.31 6.49 -57.93
N GLY C 19 -8.72 7.75 -57.81
CA GLY C 19 -7.99 8.67 -56.97
C GLY C 19 -7.51 9.92 -57.71
N MET C 20 -7.43 9.79 -59.04
CA MET C 20 -6.97 10.91 -59.86
C MET C 20 -7.77 12.17 -59.57
N ASN C 21 -9.10 12.04 -59.49
CA ASN C 21 -9.94 13.18 -59.21
C ASN C 21 -9.58 13.80 -57.87
N ALA C 22 -9.31 12.93 -56.91
CA ALA C 22 -8.93 13.37 -55.58
C ALA C 22 -7.69 14.22 -55.75
N ALA C 23 -6.74 13.66 -56.52
CA ALA C 23 -5.46 14.31 -56.81
C ALA C 23 -5.65 15.68 -57.48
N VAL C 24 -6.44 15.71 -58.54
CA VAL C 24 -6.65 16.95 -59.22
C VAL C 24 -7.26 17.99 -58.28
N ARG C 25 -8.30 17.57 -57.57
CA ARG C 25 -8.99 18.48 -56.65
C ARG C 25 -8.04 19.15 -55.65
N ALA C 26 -7.00 18.43 -55.24
CA ALA C 26 -6.06 19.00 -54.29
C ALA C 26 -5.27 20.09 -54.99
N VAL C 27 -4.66 19.71 -56.13
CA VAL C 27 -3.84 20.64 -56.88
C VAL C 27 -4.56 21.93 -57.15
N VAL C 28 -5.80 21.82 -57.60
CA VAL C 28 -6.59 23.02 -57.87
C VAL C 28 -6.67 23.92 -56.64
N ARG C 29 -7.30 23.39 -55.59
CA ARG C 29 -7.48 24.14 -54.37
C ARG C 29 -6.21 24.53 -53.61
N THR C 30 -5.23 23.64 -53.57
CA THR C 30 -4.00 24.01 -52.88
C THR C 30 -3.43 25.20 -53.63
N GLY C 31 -3.54 25.18 -54.96
CA GLY C 31 -3.06 26.26 -55.79
C GLY C 31 -3.84 27.54 -55.54
N ILE C 32 -5.15 27.48 -55.72
CA ILE C 32 -5.97 28.67 -55.47
C ILE C 32 -5.70 29.30 -54.11
N HIS C 33 -5.49 28.44 -53.10
CA HIS C 33 -5.22 28.87 -51.73
C HIS C 33 -3.96 29.72 -51.69
N PHE C 34 -2.91 29.26 -52.35
CA PHE C 34 -1.64 29.98 -52.39
C PHE C 34 -1.64 31.07 -53.46
N GLY C 35 -2.82 31.61 -53.74
CA GLY C 35 -2.90 32.68 -54.73
C GLY C 35 -2.68 32.35 -56.20
N CYS C 36 -2.24 31.14 -56.53
CA CYS C 36 -2.06 30.80 -57.95
C CYS C 36 -3.41 30.70 -58.67
N ASP C 37 -3.33 30.31 -59.94
CA ASP C 37 -4.50 30.10 -60.78
C ASP C 37 -4.29 28.69 -61.30
N VAL C 38 -5.31 27.86 -61.25
CA VAL C 38 -5.09 26.51 -61.75
C VAL C 38 -5.97 26.25 -62.96
N PHE C 39 -5.38 25.55 -63.93
CA PHE C 39 -6.06 25.21 -65.17
C PHE C 39 -6.07 23.70 -65.35
N ALA C 40 -7.22 23.18 -65.76
CA ALA C 40 -7.34 21.75 -66.00
C ALA C 40 -7.01 21.52 -67.46
N VAL C 41 -6.52 20.34 -67.78
CA VAL C 41 -6.19 20.03 -69.15
C VAL C 41 -6.98 18.79 -69.51
N TYR C 42 -7.98 18.95 -70.37
CA TYR C 42 -8.81 17.82 -70.74
C TYR C 42 -8.20 16.85 -71.76
N GLU C 43 -8.62 15.60 -71.71
CA GLU C 43 -8.13 14.55 -72.60
C GLU C 43 -6.64 14.39 -72.64
N GLY C 44 -5.97 14.70 -71.54
CA GLY C 44 -4.54 14.52 -71.47
C GLY C 44 -3.73 15.36 -72.43
N TYR C 45 -2.60 14.80 -72.85
CA TYR C 45 -1.71 15.47 -73.79
C TYR C 45 -2.49 15.96 -74.97
N GLU C 46 -3.38 15.11 -75.47
CA GLU C 46 -4.21 15.47 -76.60
C GLU C 46 -4.74 16.89 -76.35
N GLY C 47 -5.47 17.07 -75.26
CA GLY C 47 -6.03 18.38 -74.97
C GLY C 47 -4.99 19.48 -74.83
N LEU C 48 -3.80 19.08 -74.39
CA LEU C 48 -2.72 20.03 -74.21
C LEU C 48 -2.33 20.56 -75.57
N LEU C 49 -2.37 19.64 -76.52
CA LEU C 49 -2.04 19.93 -77.90
C LEU C 49 -3.12 20.84 -78.47
N ARG C 50 -4.37 20.35 -78.45
CA ARG C 50 -5.52 21.09 -78.98
C ARG C 50 -5.63 22.51 -78.43
N GLY C 51 -4.94 22.80 -77.33
CA GLY C 51 -4.98 24.12 -76.73
C GLY C 51 -6.39 24.61 -76.41
N GLY C 52 -6.51 25.88 -76.04
CA GLY C 52 -7.78 26.53 -75.69
C GLY C 52 -9.03 25.68 -75.61
N LYS C 53 -9.87 25.96 -74.61
CA LYS C 53 -11.10 25.22 -74.38
C LYS C 53 -10.69 23.88 -73.78
N TYR C 54 -9.89 23.12 -74.52
CA TYR C 54 -9.38 21.85 -74.01
C TYR C 54 -8.45 22.12 -72.85
N LEU C 55 -8.49 23.38 -72.38
CA LEU C 55 -7.65 23.85 -71.31
C LEU C 55 -8.53 24.84 -70.56
N LYS C 56 -8.77 24.60 -69.26
CA LYS C 56 -9.69 25.48 -68.50
C LYS C 56 -9.32 25.94 -67.09
N LYS C 57 -9.55 27.23 -66.84
CA LYS C 57 -9.32 27.85 -65.54
C LYS C 57 -10.37 27.28 -64.59
N MET C 58 -9.92 26.63 -63.52
CA MET C 58 -10.79 25.98 -62.53
C MET C 58 -11.17 26.86 -61.36
N ALA C 59 -12.43 26.78 -60.96
CA ALA C 59 -12.91 27.53 -59.81
C ALA C 59 -12.77 26.63 -58.57
N TRP C 60 -12.96 27.19 -57.38
CA TRP C 60 -12.85 26.38 -56.18
C TRP C 60 -13.88 25.26 -56.18
N GLU C 61 -15.11 25.60 -56.52
CA GLU C 61 -16.19 24.63 -56.55
C GLU C 61 -16.15 23.69 -57.77
N ASP C 62 -15.25 23.95 -58.70
CA ASP C 62 -15.19 23.10 -59.88
C ASP C 62 -14.82 21.67 -59.51
N VAL C 63 -14.23 21.51 -58.33
CA VAL C 63 -13.80 20.17 -57.90
C VAL C 63 -14.54 19.63 -56.69
N ARG C 64 -15.62 20.29 -56.29
CA ARG C 64 -16.36 19.81 -55.16
C ARG C 64 -16.92 18.39 -55.40
N GLY C 65 -16.66 17.48 -54.48
CA GLY C 65 -17.15 16.13 -54.64
C GLY C 65 -16.19 15.19 -55.33
N TRP C 66 -15.11 15.74 -55.89
CA TRP C 66 -14.18 14.91 -56.62
C TRP C 66 -13.48 13.85 -55.79
N LEU C 67 -13.68 13.88 -54.48
CA LEU C 67 -13.04 12.89 -53.62
C LEU C 67 -13.70 11.54 -53.78
N SER C 68 -14.94 11.53 -54.25
CA SER C 68 -15.68 10.28 -54.42
C SER C 68 -16.09 9.96 -55.83
N GLU C 69 -15.26 10.36 -56.80
CA GLU C 69 -15.53 10.15 -58.23
C GLU C 69 -14.59 9.17 -58.88
N GLY C 70 -15.12 8.23 -59.66
CA GLY C 70 -14.24 7.26 -60.31
C GLY C 70 -13.38 7.87 -61.39
N GLY C 71 -12.51 7.06 -62.00
CA GLY C 71 -11.62 7.52 -63.06
C GLY C 71 -11.22 8.99 -63.00
N THR C 72 -11.00 9.60 -64.16
CA THR C 72 -10.62 11.01 -64.14
C THR C 72 -11.64 11.85 -64.85
N LEU C 73 -12.11 12.87 -64.14
CA LEU C 73 -13.11 13.77 -64.65
C LEU C 73 -12.55 14.74 -65.68
N ILE C 74 -11.26 14.69 -65.93
CA ILE C 74 -10.78 15.60 -66.94
C ILE C 74 -10.25 14.76 -68.09
N GLY C 75 -10.66 13.49 -68.10
CA GLY C 75 -10.26 12.57 -69.15
C GLY C 75 -8.77 12.32 -69.42
N THR C 76 -8.52 11.31 -70.24
CA THR C 76 -7.16 10.93 -70.57
C THR C 76 -7.17 10.28 -71.95
N ALA C 77 -6.72 11.04 -72.94
CA ALA C 77 -6.66 10.56 -74.32
C ALA C 77 -5.20 10.38 -74.68
N ARG C 78 -4.96 9.67 -75.77
CA ARG C 78 -3.60 9.46 -76.26
C ARG C 78 -3.44 10.43 -77.43
N SER C 79 -2.27 11.05 -77.53
CA SER C 79 -2.03 12.00 -78.61
C SER C 79 -0.81 11.71 -79.49
N MET C 80 -1.04 11.47 -80.78
CA MET C 80 0.03 11.19 -81.74
C MET C 80 0.78 12.50 -82.01
N GLU C 81 -0.02 13.53 -82.31
CA GLU C 81 0.51 14.84 -82.62
C GLU C 81 1.56 15.33 -81.62
N PHE C 82 1.41 14.92 -80.36
CA PHE C 82 2.36 15.36 -79.35
C PHE C 82 3.70 14.71 -79.58
N ARG C 83 3.71 13.57 -80.25
CA ARG C 83 4.96 12.86 -80.52
C ARG C 83 5.89 13.67 -81.43
N LYS C 84 5.33 14.63 -82.17
CA LYS C 84 6.15 15.48 -83.04
C LYS C 84 6.37 16.85 -82.38
N ARG C 85 7.61 17.35 -82.48
CA ARG C 85 7.95 18.65 -81.92
C ARG C 85 6.96 19.77 -82.30
N GLU C 86 6.33 19.64 -83.47
CA GLU C 86 5.37 20.65 -83.89
C GLU C 86 4.31 20.68 -82.81
N GLY C 87 3.77 19.50 -82.50
CA GLY C 87 2.76 19.40 -81.46
C GLY C 87 3.25 19.93 -80.13
N ARG C 88 4.42 19.49 -79.71
CA ARG C 88 4.96 19.98 -78.45
C ARG C 88 5.05 21.50 -78.44
N ARG C 89 5.70 22.06 -79.45
CA ARG C 89 5.80 23.50 -79.55
C ARG C 89 4.36 24.04 -79.56
N GLN C 90 3.50 23.36 -80.31
CA GLN C 90 2.11 23.74 -80.42
C GLN C 90 1.59 24.03 -79.01
N ALA C 91 1.53 22.96 -78.23
CA ALA C 91 1.05 23.03 -76.87
C ALA C 91 1.72 24.16 -76.10
N ALA C 92 3.03 24.08 -76.01
CA ALA C 92 3.81 25.10 -75.29
C ALA C 92 3.28 26.50 -75.58
N GLY C 93 2.77 26.70 -76.79
CA GLY C 93 2.21 28.00 -77.14
C GLY C 93 0.94 28.19 -76.33
N ASN C 94 0.10 27.16 -76.34
CA ASN C 94 -1.17 27.20 -75.63
C ASN C 94 -1.01 27.59 -74.17
N LEU C 95 0.02 27.06 -73.52
CA LEU C 95 0.26 27.34 -72.11
C LEU C 95 0.78 28.74 -71.88
N ILE C 96 1.75 29.12 -72.71
CA ILE C 96 2.35 30.45 -72.65
C ILE C 96 1.25 31.44 -72.96
N SER C 97 0.33 31.05 -73.85
CA SER C 97 -0.80 31.87 -74.20
C SER C 97 -1.63 32.22 -72.97
N GLN C 98 -1.70 31.29 -72.01
CA GLN C 98 -2.49 31.48 -70.81
C GLN C 98 -1.69 31.99 -69.64
N GLY C 99 -0.37 32.07 -69.82
CA GLY C 99 0.51 32.57 -68.78
C GLY C 99 0.86 31.43 -67.86
N ILE C 100 0.84 30.22 -68.41
CA ILE C 100 1.14 29.03 -67.61
C ILE C 100 2.55 28.51 -67.81
N ASP C 101 3.27 28.36 -66.70
CA ASP C 101 4.66 27.89 -66.71
C ASP C 101 4.96 26.82 -65.67
N ALA C 102 3.92 26.06 -65.32
CA ALA C 102 4.02 24.97 -64.35
C ALA C 102 3.03 23.89 -64.75
N LEU C 103 3.52 22.68 -64.90
CA LEU C 103 2.64 21.60 -65.31
C LEU C 103 2.70 20.46 -64.29
N VAL C 104 1.53 20.04 -63.78
CA VAL C 104 1.45 18.93 -62.81
C VAL C 104 0.85 17.73 -63.52
N VAL C 105 1.66 16.73 -63.81
CA VAL C 105 1.12 15.58 -64.50
C VAL C 105 0.90 14.40 -63.57
N CYS C 106 -0.31 13.83 -63.63
CA CYS C 106 -0.66 12.69 -62.79
C CYS C 106 -1.03 11.52 -63.66
N GLY C 107 -0.23 10.47 -63.62
CA GLY C 107 -0.57 9.34 -64.47
C GLY C 107 0.43 8.19 -64.54
N GLY C 108 0.21 7.27 -65.48
CA GLY C 108 1.12 6.14 -65.62
C GLY C 108 2.58 6.53 -65.74
N ASP C 109 3.48 5.55 -65.58
CA ASP C 109 4.92 5.79 -65.68
C ASP C 109 5.26 6.48 -67.00
N GLY C 110 4.60 6.05 -68.08
CA GLY C 110 4.83 6.64 -69.38
C GLY C 110 4.67 8.16 -69.36
N SER C 111 3.43 8.62 -69.21
CA SER C 111 3.15 10.04 -69.16
C SER C 111 4.17 10.81 -68.32
N LEU C 112 4.59 10.22 -67.21
CA LEU C 112 5.55 10.86 -66.34
C LEU C 112 6.85 11.10 -67.08
N THR C 113 7.30 10.12 -67.86
CA THR C 113 8.54 10.27 -68.64
C THR C 113 8.39 11.44 -69.62
N GLY C 114 7.45 11.29 -70.56
CA GLY C 114 7.21 12.32 -71.53
C GLY C 114 7.11 13.71 -70.92
N ALA C 115 6.62 13.78 -69.70
CA ALA C 115 6.48 15.07 -69.05
C ALA C 115 7.84 15.69 -68.78
N ASP C 116 8.90 14.89 -68.76
CA ASP C 116 10.24 15.41 -68.51
C ASP C 116 10.85 15.89 -69.83
N LEU C 117 10.71 15.08 -70.87
CA LEU C 117 11.20 15.42 -72.18
C LEU C 117 10.64 16.77 -72.56
N PHE C 118 9.50 17.09 -71.98
CA PHE C 118 8.86 18.36 -72.27
C PHE C 118 9.62 19.51 -71.54
N ARG C 119 9.84 19.36 -70.23
CA ARG C 119 10.52 20.42 -69.48
C ARG C 119 11.93 20.61 -70.02
N HIS C 120 12.53 19.50 -70.39
CA HIS C 120 13.87 19.52 -70.95
C HIS C 120 13.65 19.63 -72.44
N GLU C 121 13.29 20.83 -72.91
CA GLU C 121 13.00 21.04 -74.32
C GLU C 121 12.07 22.23 -74.46
N TRP C 122 11.68 22.80 -73.33
CA TRP C 122 10.77 23.92 -73.36
C TRP C 122 11.45 25.19 -73.89
N PRO C 123 12.53 25.65 -73.22
CA PRO C 123 13.22 26.86 -73.68
C PRO C 123 13.42 26.84 -75.17
N SER C 124 13.95 25.71 -75.64
CA SER C 124 14.13 25.46 -77.06
C SER C 124 12.84 25.75 -77.86
N LEU C 125 11.73 25.13 -77.46
CA LEU C 125 10.46 25.34 -78.13
C LEU C 125 9.98 26.78 -77.96
N VAL C 126 10.45 27.42 -76.91
CA VAL C 126 10.07 28.78 -76.65
C VAL C 126 10.69 29.69 -77.70
N ASP C 127 11.92 29.38 -78.10
CA ASP C 127 12.63 30.16 -79.12
C ASP C 127 11.86 30.16 -80.43
N GLU C 128 11.53 28.96 -80.89
CA GLU C 128 10.78 28.81 -82.11
C GLU C 128 9.56 29.74 -82.13
N LEU C 129 8.81 29.77 -81.03
CA LEU C 129 7.63 30.60 -80.96
C LEU C 129 8.00 32.08 -81.03
N VAL C 130 9.15 32.44 -80.47
CA VAL C 130 9.62 33.83 -80.47
C VAL C 130 9.88 34.17 -81.92
N ALA C 131 10.50 33.22 -82.61
CA ALA C 131 10.80 33.36 -84.03
C ALA C 131 9.48 33.28 -84.82
N GLU C 132 9.28 32.21 -85.58
CA GLU C 132 8.04 32.05 -86.34
C GLU C 132 6.88 32.77 -85.65
N GLY C 133 6.64 34.03 -86.05
CA GLY C 133 5.57 34.83 -85.46
C GLY C 133 5.29 34.57 -84.00
N ARG C 134 4.18 33.87 -83.76
CA ARG C 134 3.72 33.46 -82.43
C ARG C 134 3.88 34.46 -81.26
N PHE C 135 5.02 34.42 -80.59
CA PHE C 135 5.27 35.30 -79.44
C PHE C 135 6.51 36.21 -79.51
N THR C 136 6.38 37.43 -79.01
CA THR C 136 7.51 38.35 -79.00
C THR C 136 8.51 37.81 -77.96
N LYS C 137 9.75 38.26 -77.99
CA LYS C 137 10.71 37.81 -76.99
C LYS C 137 10.27 38.35 -75.64
N GLU C 138 9.63 39.53 -75.68
CA GLU C 138 9.12 40.26 -74.51
C GLU C 138 8.01 39.48 -73.77
N GLU C 139 7.05 38.97 -74.53
CA GLU C 139 5.93 38.24 -73.96
C GLU C 139 6.40 36.95 -73.35
N VAL C 140 7.14 36.20 -74.13
CA VAL C 140 7.66 34.90 -73.73
C VAL C 140 8.70 35.01 -72.61
N ALA C 141 8.97 36.24 -72.17
CA ALA C 141 9.97 36.51 -71.14
C ALA C 141 9.81 35.79 -69.81
N PRO C 142 8.81 36.19 -68.98
CA PRO C 142 8.62 35.55 -67.69
C PRO C 142 8.28 34.06 -67.73
N TYR C 143 7.65 33.64 -68.81
CA TYR C 143 7.26 32.25 -68.97
C TYR C 143 8.36 31.46 -69.68
N LYS C 144 9.59 31.74 -69.30
CA LYS C 144 10.76 31.13 -69.92
C LYS C 144 11.05 29.66 -69.58
N ASN C 145 11.00 29.33 -68.29
CA ASN C 145 11.26 27.95 -67.84
C ASN C 145 10.03 27.23 -67.33
N LEU C 146 9.96 25.92 -67.61
CA LEU C 146 8.84 25.10 -67.19
C LEU C 146 9.08 24.44 -65.86
N SER C 147 8.03 24.41 -65.04
CA SER C 147 8.09 23.75 -63.75
C SER C 147 7.31 22.46 -63.97
N ILE C 148 7.89 21.34 -63.57
CA ILE C 148 7.20 20.07 -63.74
C ILE C 148 7.21 19.12 -62.58
N VAL C 149 6.00 18.75 -62.14
CA VAL C 149 5.82 17.84 -61.01
C VAL C 149 5.00 16.65 -61.46
N GLY C 150 5.49 15.45 -61.19
CA GLY C 150 4.75 14.26 -61.57
C GLY C 150 4.09 13.57 -60.38
N LEU C 151 2.92 12.97 -60.63
CA LEU C 151 2.16 12.21 -59.62
C LEU C 151 1.89 10.87 -60.29
N VAL C 152 2.23 9.79 -59.61
CA VAL C 152 2.01 8.49 -60.22
C VAL C 152 0.61 7.94 -60.00
N GLY C 153 -0.22 8.01 -61.05
CA GLY C 153 -1.57 7.50 -60.96
C GLY C 153 -1.60 6.17 -61.68
N SER C 154 -1.61 5.08 -60.94
CA SER C 154 -1.65 3.77 -61.56
C SER C 154 -2.08 2.67 -60.59
N ILE C 155 -2.79 1.67 -61.09
CA ILE C 155 -3.22 0.59 -60.23
C ILE C 155 -2.17 -0.51 -60.17
N ASP C 156 -1.11 -0.39 -60.97
CA ASP C 156 -0.09 -1.43 -60.96
C ASP C 156 0.94 -1.30 -59.87
N ASN C 157 1.12 -0.10 -59.31
CA ASN C 157 2.12 0.11 -58.25
C ASN C 157 3.45 -0.47 -58.75
N ASP C 158 3.82 -0.11 -59.97
CA ASP C 158 5.03 -0.58 -60.63
C ASP C 158 6.08 0.53 -60.81
N MET C 159 6.01 1.57 -59.98
CA MET C 159 6.92 2.70 -60.05
C MET C 159 7.98 2.64 -58.96
N SER C 160 9.04 1.89 -59.23
CA SER C 160 10.15 1.76 -58.31
C SER C 160 10.52 3.15 -57.80
N GLY C 161 10.64 3.28 -56.48
CA GLY C 161 10.99 4.56 -55.90
C GLY C 161 9.99 5.00 -54.84
N THR C 162 8.71 4.79 -55.13
CA THR C 162 7.63 5.15 -54.20
C THR C 162 6.95 3.86 -53.76
N ASP C 163 6.56 3.80 -52.50
CA ASP C 163 5.93 2.61 -51.94
C ASP C 163 4.52 2.31 -52.40
N SER C 164 3.83 3.32 -52.89
CA SER C 164 2.46 3.09 -53.30
C SER C 164 2.02 4.05 -54.42
N THR C 165 1.41 3.53 -55.48
CA THR C 165 0.95 4.43 -56.53
C THR C 165 -0.58 4.70 -56.39
N ILE C 166 -1.01 5.94 -56.58
CA ILE C 166 -2.43 6.27 -56.46
C ILE C 166 -3.26 5.29 -57.27
N GLY C 167 -4.26 4.67 -56.62
CA GLY C 167 -5.14 3.73 -57.28
C GLY C 167 -4.75 2.28 -57.10
N ALA C 168 -3.53 1.97 -56.66
CA ALA C 168 -3.16 0.57 -56.52
C ALA C 168 -4.04 -0.15 -55.48
N TYR C 169 -4.25 0.45 -54.32
CA TYR C 169 -5.07 -0.18 -53.30
C TYR C 169 -6.54 -0.30 -53.72
N SER C 170 -7.05 0.70 -54.42
CA SER C 170 -8.42 0.66 -54.91
C SER C 170 -8.62 -0.58 -55.80
N ALA C 171 -7.77 -0.72 -56.82
CA ALA C 171 -7.82 -1.86 -57.71
C ALA C 171 -7.70 -3.16 -56.90
N LEU C 172 -6.84 -3.15 -55.88
CA LEU C 172 -6.65 -4.34 -55.08
C LEU C 172 -7.98 -4.71 -54.47
N GLU C 173 -8.61 -3.69 -53.87
CA GLU C 173 -9.89 -3.84 -53.22
C GLU C 173 -10.86 -4.43 -54.21
N ARG C 174 -10.87 -3.88 -55.43
CA ARG C 174 -11.75 -4.42 -56.46
C ARG C 174 -11.52 -5.89 -56.77
N ILE C 175 -10.26 -6.29 -56.82
CA ILE C 175 -9.94 -7.69 -57.06
C ILE C 175 -10.56 -8.52 -55.95
N CYS C 176 -10.25 -8.17 -54.70
CA CYS C 176 -10.79 -8.92 -53.56
C CYS C 176 -12.28 -9.05 -53.63
N GLU C 177 -12.96 -7.94 -53.95
CA GLU C 177 -14.41 -7.95 -54.04
C GLU C 177 -14.86 -9.06 -54.97
N MET C 178 -14.28 -9.05 -56.18
CA MET C 178 -14.63 -10.05 -57.17
C MET C 178 -14.27 -11.45 -56.74
N VAL C 179 -13.08 -11.64 -56.17
CA VAL C 179 -12.70 -13.01 -55.77
C VAL C 179 -13.61 -13.52 -54.66
N ASP C 180 -13.99 -12.61 -53.74
CA ASP C 180 -14.90 -12.95 -52.65
C ASP C 180 -16.20 -13.52 -53.24
N TYR C 181 -16.73 -12.89 -54.31
CA TYR C 181 -17.95 -13.36 -54.97
C TYR C 181 -17.72 -14.77 -55.47
N ILE C 182 -16.67 -14.90 -56.28
CA ILE C 182 -16.31 -16.20 -56.86
C ILE C 182 -16.27 -17.29 -55.78
N ASP C 183 -15.63 -17.00 -54.65
CA ASP C 183 -15.55 -17.98 -53.57
C ASP C 183 -16.87 -18.70 -53.30
N ALA C 184 -17.97 -17.95 -53.20
CA ALA C 184 -19.26 -18.53 -52.93
C ALA C 184 -19.56 -19.68 -53.85
N THR C 185 -19.52 -19.38 -55.13
CA THR C 185 -19.82 -20.39 -56.15
C THR C 185 -18.76 -21.48 -56.22
N ALA C 186 -17.49 -21.10 -56.18
CA ALA C 186 -16.42 -22.09 -56.21
C ALA C 186 -16.64 -23.12 -55.09
N LYS C 187 -16.89 -22.62 -53.88
CA LYS C 187 -17.12 -23.46 -52.72
C LYS C 187 -18.25 -24.47 -52.99
N SER C 188 -19.37 -24.00 -53.56
CA SER C 188 -20.51 -24.88 -53.85
C SER C 188 -20.15 -26.10 -54.70
N HIS C 189 -19.40 -25.87 -55.78
CA HIS C 189 -19.03 -26.93 -56.70
C HIS C 189 -17.63 -27.49 -56.44
N SER C 190 -17.08 -27.18 -55.28
CA SER C 190 -15.76 -27.66 -54.90
C SER C 190 -14.79 -27.55 -56.06
N ARG C 191 -14.85 -26.46 -56.78
CA ARG C 191 -14.00 -26.25 -57.92
C ARG C 191 -12.71 -25.54 -57.61
N ALA C 192 -12.01 -25.13 -58.68
CA ALA C 192 -10.76 -24.39 -58.58
C ALA C 192 -10.90 -23.28 -59.57
N PHE C 193 -10.60 -22.06 -59.16
CA PHE C 193 -10.67 -20.94 -60.08
C PHE C 193 -9.32 -20.31 -60.34
N VAL C 194 -9.04 -20.05 -61.60
CA VAL C 194 -7.78 -19.40 -61.92
C VAL C 194 -8.22 -18.00 -62.24
N VAL C 195 -7.85 -17.05 -61.40
CA VAL C 195 -8.26 -15.67 -61.59
C VAL C 195 -7.13 -14.82 -62.13
N GLU C 196 -7.40 -14.15 -63.25
CA GLU C 196 -6.39 -13.31 -63.85
C GLU C 196 -6.56 -11.83 -63.49
N VAL C 197 -5.51 -11.23 -62.97
CA VAL C 197 -5.56 -9.82 -62.56
C VAL C 197 -4.55 -8.93 -63.27
N MET C 198 -4.94 -7.69 -63.47
CA MET C 198 -4.11 -6.72 -64.15
C MET C 198 -2.87 -6.55 -63.34
N GLY C 199 -1.96 -5.72 -63.85
CA GLY C 199 -0.71 -5.48 -63.16
C GLY C 199 0.40 -5.17 -64.13
N ARG C 200 0.08 -5.21 -65.43
CA ARG C 200 1.04 -4.93 -66.50
C ARG C 200 2.17 -5.93 -66.30
N HIS C 201 3.36 -5.44 -65.99
CA HIS C 201 4.49 -6.33 -65.77
C HIS C 201 4.87 -6.36 -64.28
N CYS C 202 3.89 -6.08 -63.43
CA CYS C 202 4.11 -6.06 -61.99
C CYS C 202 3.15 -6.99 -61.29
N GLY C 203 3.70 -7.79 -60.38
CA GLY C 203 2.88 -8.74 -59.65
C GLY C 203 2.41 -8.29 -58.29
N TRP C 204 2.59 -7.00 -57.97
CA TRP C 204 2.17 -6.46 -56.68
C TRP C 204 0.71 -6.79 -56.45
N LEU C 205 -0.10 -6.43 -57.44
CA LEU C 205 -1.52 -6.69 -57.40
C LEU C 205 -1.82 -8.16 -57.17
N ALA C 206 -1.16 -9.04 -57.92
CA ALA C 206 -1.42 -10.47 -57.74
C ALA C 206 -0.96 -10.92 -56.37
N LEU C 207 0.27 -10.53 -56.02
CA LEU C 207 0.85 -10.91 -54.75
C LEU C 207 -0.06 -10.47 -53.60
N MET C 208 -0.48 -9.21 -53.57
CA MET C 208 -1.39 -8.78 -52.51
C MET C 208 -2.67 -9.66 -52.49
N ALA C 209 -3.37 -9.68 -53.63
CA ALA C 209 -4.59 -10.44 -53.82
C ALA C 209 -4.37 -11.87 -53.42
N GLY C 210 -3.15 -12.35 -53.59
CA GLY C 210 -2.88 -13.74 -53.27
C GLY C 210 -3.07 -13.96 -51.80
N ILE C 211 -2.38 -13.14 -51.04
CA ILE C 211 -2.42 -13.19 -49.59
C ILE C 211 -3.81 -12.83 -49.12
N ALA C 212 -4.41 -11.77 -49.67
CA ALA C 212 -5.77 -11.35 -49.24
C ALA C 212 -6.94 -12.26 -49.55
N THR C 213 -6.75 -13.29 -50.37
CA THR C 213 -7.88 -14.15 -50.71
C THR C 213 -7.64 -15.58 -50.30
N GLY C 214 -6.58 -15.81 -49.54
CA GLY C 214 -6.30 -17.16 -49.12
C GLY C 214 -6.00 -18.05 -50.31
N ALA C 215 -5.35 -17.48 -51.31
CA ALA C 215 -5.01 -18.21 -52.51
C ALA C 215 -4.17 -19.46 -52.21
N ASP C 216 -4.29 -20.45 -53.08
CA ASP C 216 -3.53 -21.70 -52.96
C ASP C 216 -2.15 -21.51 -53.58
N TYR C 217 -2.04 -20.55 -54.50
CA TYR C 217 -0.80 -20.34 -55.23
C TYR C 217 -0.95 -19.07 -56.01
N ILE C 218 0.18 -18.42 -56.33
CA ILE C 218 0.15 -17.22 -57.14
C ILE C 218 1.18 -17.38 -58.24
N PHE C 219 1.19 -16.41 -59.16
CA PHE C 219 2.12 -16.40 -60.30
C PHE C 219 2.50 -14.96 -60.58
N ILE C 220 3.72 -14.62 -60.23
CA ILE C 220 4.16 -13.26 -60.51
C ILE C 220 5.50 -13.26 -61.24
N PRO C 221 5.71 -12.28 -62.12
CA PRO C 221 6.95 -12.18 -62.87
C PRO C 221 8.19 -12.09 -61.97
N GLU C 222 8.15 -11.18 -61.00
CA GLU C 222 9.28 -10.98 -60.09
C GLU C 222 9.75 -12.28 -59.46
N ARG C 223 9.10 -13.37 -59.81
CA ARG C 223 9.45 -14.69 -59.29
C ARG C 223 9.08 -15.77 -60.30
N ALA C 224 9.54 -15.59 -61.55
CA ALA C 224 9.25 -16.55 -62.60
C ALA C 224 9.25 -17.97 -62.04
N VAL C 225 8.19 -18.72 -62.31
CA VAL C 225 8.14 -20.09 -61.80
C VAL C 225 9.11 -21.01 -62.53
N PRO C 226 9.50 -22.12 -61.87
CA PRO C 226 10.42 -23.11 -62.44
C PRO C 226 9.94 -23.47 -63.83
N HIS C 227 10.59 -22.87 -64.83
CA HIS C 227 10.23 -23.04 -66.23
C HIS C 227 9.55 -24.35 -66.65
N GLY C 228 9.96 -25.48 -66.07
CA GLY C 228 9.32 -26.71 -66.49
C GLY C 228 8.61 -27.51 -65.41
N LYS C 229 9.01 -27.28 -64.16
CA LYS C 229 8.44 -28.00 -63.01
C LYS C 229 7.23 -27.43 -62.24
N TRP C 230 6.88 -26.16 -62.46
CA TRP C 230 5.78 -25.57 -61.70
C TRP C 230 4.42 -26.26 -61.72
N GLN C 231 4.03 -26.91 -62.82
CA GLN C 231 2.71 -27.53 -62.84
C GLN C 231 2.53 -28.66 -61.84
N ASP C 232 3.63 -29.28 -61.44
CA ASP C 232 3.53 -30.32 -60.45
C ASP C 232 3.48 -29.67 -59.07
N GLU C 233 4.41 -28.73 -58.83
CA GLU C 233 4.42 -28.03 -57.55
C GLU C 233 2.99 -27.55 -57.26
N LEU C 234 2.39 -26.90 -58.24
CA LEU C 234 1.03 -26.42 -58.11
C LEU C 234 0.09 -27.57 -57.78
N LYS C 235 0.01 -28.59 -58.64
CA LYS C 235 -0.90 -29.70 -58.39
C LYS C 235 -0.70 -30.24 -56.98
N GLU C 236 0.56 -30.40 -56.62
CA GLU C 236 0.93 -30.90 -55.31
C GLU C 236 0.21 -30.06 -54.27
N VAL C 237 0.50 -28.76 -54.25
CA VAL C 237 -0.12 -27.85 -53.29
C VAL C 237 -1.65 -27.98 -53.22
N CYS C 238 -2.31 -27.73 -54.34
CA CYS C 238 -3.76 -27.85 -54.38
C CYS C 238 -4.25 -29.19 -53.84
N GLN C 239 -3.65 -30.27 -54.30
CA GLN C 239 -4.05 -31.60 -53.86
C GLN C 239 -4.02 -31.71 -52.34
N ARG C 240 -2.86 -31.35 -51.77
CA ARG C 240 -2.63 -31.38 -50.33
C ARG C 240 -3.71 -30.57 -49.60
N HIS C 241 -3.92 -29.33 -50.01
CA HIS C 241 -4.94 -28.51 -49.37
C HIS C 241 -6.31 -29.16 -49.45
N ARG C 242 -6.64 -29.71 -50.61
CA ARG C 242 -7.93 -30.32 -50.78
C ARG C 242 -8.13 -31.53 -49.86
N SER C 243 -7.05 -32.26 -49.62
CA SER C 243 -7.14 -33.43 -48.75
C SER C 243 -7.37 -33.00 -47.32
N LYS C 244 -6.83 -31.84 -46.95
CA LYS C 244 -7.00 -31.31 -45.61
C LYS C 244 -8.43 -30.74 -45.42
N GLY C 245 -9.24 -30.82 -46.46
CA GLY C 245 -10.62 -30.33 -46.35
C GLY C 245 -11.02 -29.14 -47.22
N ARG C 246 -10.06 -28.45 -47.82
CA ARG C 246 -10.39 -27.32 -48.68
C ARG C 246 -11.21 -27.83 -49.84
N ARG C 247 -12.33 -27.17 -50.12
CA ARG C 247 -13.21 -27.59 -51.19
C ARG C 247 -12.87 -26.96 -52.50
N ASN C 248 -12.49 -25.70 -52.49
CA ASN C 248 -12.19 -24.99 -53.71
C ASN C 248 -10.78 -24.46 -53.69
N ASN C 249 -10.19 -24.30 -54.86
CA ASN C 249 -8.84 -23.77 -54.92
C ASN C 249 -8.94 -22.44 -55.62
N THR C 250 -8.02 -21.54 -55.31
CA THR C 250 -8.02 -20.23 -55.90
C THR C 250 -6.57 -19.91 -56.21
N ILE C 251 -6.26 -19.70 -57.49
CA ILE C 251 -4.91 -19.39 -57.92
C ILE C 251 -4.96 -18.05 -58.59
N ILE C 252 -4.13 -17.13 -58.16
CA ILE C 252 -4.14 -15.84 -58.77
C ILE C 252 -2.98 -15.74 -59.74
N VAL C 253 -3.30 -15.40 -60.99
CA VAL C 253 -2.27 -15.29 -62.03
C VAL C 253 -2.15 -13.87 -62.54
N ALA C 254 -0.96 -13.30 -62.44
CA ALA C 254 -0.76 -11.95 -62.93
C ALA C 254 -0.68 -11.93 -64.46
N GLU C 255 -1.08 -10.81 -65.06
CA GLU C 255 -0.98 -10.64 -66.50
C GLU C 255 0.44 -10.95 -66.95
N GLY C 256 1.41 -10.31 -66.30
CA GLY C 256 2.79 -10.50 -66.66
C GLY C 256 3.42 -11.79 -66.15
N ALA C 257 2.61 -12.77 -65.84
CA ALA C 257 3.21 -13.99 -65.34
C ALA C 257 4.05 -14.70 -66.40
N LEU C 258 5.23 -15.19 -65.98
CA LEU C 258 6.15 -15.91 -66.85
C LEU C 258 7.05 -16.85 -66.06
N ASP C 259 7.70 -17.79 -66.74
CA ASP C 259 8.58 -18.74 -66.08
C ASP C 259 10.06 -18.41 -66.21
N ASP C 260 10.91 -19.37 -65.87
CA ASP C 260 12.37 -19.21 -65.93
C ASP C 260 12.83 -18.68 -67.28
N GLN C 261 12.41 -19.41 -68.32
CA GLN C 261 12.75 -19.09 -69.71
C GLN C 261 11.96 -17.93 -70.30
N LEU C 262 11.46 -17.04 -69.45
CA LEU C 262 10.67 -15.90 -69.91
C LEU C 262 9.43 -16.26 -70.77
N ASN C 263 9.01 -17.53 -70.72
CA ASN C 263 7.82 -17.96 -71.45
C ASN C 263 6.64 -17.55 -70.60
N PRO C 264 5.69 -16.83 -71.19
CA PRO C 264 4.52 -16.39 -70.42
C PRO C 264 3.71 -17.55 -69.83
N VAL C 265 3.34 -17.43 -68.55
CA VAL C 265 2.53 -18.47 -67.89
C VAL C 265 1.09 -17.97 -67.96
N THR C 266 0.28 -18.69 -68.70
CA THR C 266 -1.11 -18.31 -68.91
C THR C 266 -2.16 -18.88 -67.98
N ALA C 267 -3.18 -18.06 -67.77
CA ALA C 267 -4.29 -18.45 -66.95
C ALA C 267 -4.67 -19.85 -67.36
N ASN C 268 -4.76 -20.08 -68.67
CA ASN C 268 -5.14 -21.40 -69.17
C ASN C 268 -4.04 -22.42 -69.05
N ASP C 269 -2.79 -21.96 -69.05
CA ASP C 269 -1.67 -22.87 -68.88
C ASP C 269 -1.95 -23.45 -67.51
N VAL C 270 -2.20 -22.55 -66.56
CA VAL C 270 -2.50 -22.92 -65.20
C VAL C 270 -3.76 -23.78 -65.16
N LYS C 271 -4.80 -23.33 -65.84
CA LYS C 271 -6.04 -24.09 -65.87
C LYS C 271 -5.79 -25.50 -66.38
N ASP C 272 -5.12 -25.62 -67.53
CA ASP C 272 -4.85 -26.94 -68.09
C ASP C 272 -4.24 -27.88 -67.04
N ALA C 273 -3.18 -27.40 -66.39
CA ALA C 273 -2.46 -28.16 -65.37
C ALA C 273 -3.41 -28.74 -64.34
N LEU C 274 -4.31 -27.88 -63.84
CA LEU C 274 -5.30 -28.28 -62.82
C LEU C 274 -6.29 -29.28 -63.39
N ILE C 275 -6.67 -29.06 -64.66
CA ILE C 275 -7.60 -29.96 -65.33
C ILE C 275 -6.93 -31.32 -65.36
N GLU C 276 -5.63 -31.30 -65.63
CA GLU C 276 -4.87 -32.54 -65.68
C GLU C 276 -4.95 -33.30 -64.37
N LEU C 277 -4.85 -32.59 -63.25
CA LEU C 277 -4.94 -33.21 -61.94
C LEU C 277 -6.34 -33.76 -61.70
N GLY C 278 -7.29 -33.33 -62.53
CA GLY C 278 -8.64 -33.84 -62.37
C GLY C 278 -9.64 -32.96 -61.64
N LEU C 279 -9.31 -31.68 -61.46
CA LEU C 279 -10.17 -30.75 -60.76
C LEU C 279 -11.06 -29.96 -61.72
N ASP C 280 -12.32 -29.77 -61.34
CA ASP C 280 -13.28 -28.97 -62.12
C ASP C 280 -12.69 -27.56 -62.10
N THR C 281 -12.14 -27.12 -63.22
CA THR C 281 -11.49 -25.83 -63.23
C THR C 281 -12.04 -24.76 -64.15
N LYS C 282 -12.11 -23.52 -63.66
CA LYS C 282 -12.57 -22.39 -64.46
C LYS C 282 -11.55 -21.23 -64.45
N VAL C 283 -11.62 -20.37 -65.47
CA VAL C 283 -10.73 -19.22 -65.57
C VAL C 283 -11.56 -17.96 -65.63
N THR C 284 -11.19 -16.95 -64.85
CA THR C 284 -11.92 -15.71 -64.83
C THR C 284 -10.95 -14.61 -65.02
N ILE C 285 -11.24 -13.70 -65.95
CA ILE C 285 -10.34 -12.58 -66.18
C ILE C 285 -11.17 -11.41 -65.73
N LEU C 286 -10.81 -10.84 -64.57
CA LEU C 286 -11.56 -9.72 -64.02
C LEU C 286 -11.64 -8.54 -64.98
N GLY C 287 -10.57 -8.30 -65.71
CA GLY C 287 -10.65 -7.18 -66.62
C GLY C 287 -10.70 -5.83 -65.94
N HIS C 288 -11.27 -4.84 -66.63
CA HIS C 288 -11.33 -3.47 -66.13
C HIS C 288 -12.11 -3.13 -64.86
N VAL C 289 -12.77 -4.11 -64.25
CA VAL C 289 -13.47 -3.81 -63.03
C VAL C 289 -12.39 -3.30 -62.07
N GLN C 290 -11.14 -3.64 -62.38
CA GLN C 290 -9.98 -3.26 -61.56
C GLN C 290 -9.57 -1.81 -61.76
N ARG C 291 -10.31 -1.09 -62.61
CA ARG C 291 -9.95 0.29 -62.92
C ARG C 291 -11.02 1.26 -62.52
N GLY C 292 -12.23 0.73 -62.34
CA GLY C 292 -13.34 1.58 -61.97
C GLY C 292 -13.59 1.67 -60.48
N GLY C 293 -14.74 2.22 -60.11
CA GLY C 293 -15.06 2.34 -58.71
C GLY C 293 -14.39 3.58 -58.20
N THR C 294 -14.82 4.06 -57.05
CA THR C 294 -14.26 5.25 -56.46
C THR C 294 -12.96 4.85 -55.78
N ALA C 295 -12.28 5.83 -55.20
CA ALA C 295 -11.03 5.57 -54.50
C ALA C 295 -11.30 5.11 -53.06
N VAL C 296 -10.55 4.11 -52.62
CA VAL C 296 -10.71 3.63 -51.28
C VAL C 296 -10.05 4.69 -50.36
N ALA C 297 -10.23 4.60 -49.05
CA ALA C 297 -9.65 5.59 -48.14
C ALA C 297 -8.16 5.81 -48.37
N HIS C 298 -7.42 4.75 -48.62
CA HIS C 298 -5.99 4.93 -48.85
C HIS C 298 -5.67 5.83 -50.04
N ASP C 299 -6.30 5.58 -51.19
CA ASP C 299 -6.03 6.39 -52.36
C ASP C 299 -6.55 7.81 -52.23
N ARG C 300 -7.71 7.99 -51.65
CA ARG C 300 -8.21 9.35 -51.49
C ARG C 300 -7.19 10.13 -50.65
N TRP C 301 -6.72 9.48 -49.57
CA TRP C 301 -5.76 10.06 -48.65
C TRP C 301 -4.44 10.38 -49.40
N LEU C 302 -3.91 9.34 -50.07
CA LEU C 302 -2.65 9.43 -50.81
C LEU C 302 -2.74 10.50 -51.86
N ALA C 303 -3.78 10.43 -52.68
CA ALA C 303 -3.96 11.41 -53.73
C ALA C 303 -4.13 12.86 -53.23
N THR C 304 -4.85 13.04 -52.14
CA THR C 304 -5.05 14.40 -51.65
C THR C 304 -3.75 14.99 -51.13
N LEU C 305 -2.98 14.21 -50.40
CA LEU C 305 -1.75 14.75 -49.86
C LEU C 305 -0.74 15.00 -50.98
N GLN C 306 -0.47 13.98 -51.77
CA GLN C 306 0.48 14.14 -52.86
C GLN C 306 0.09 15.30 -53.75
N GLY C 307 -1.20 15.50 -53.96
CA GLY C 307 -1.63 16.62 -54.78
C GLY C 307 -1.23 17.93 -54.13
N VAL C 308 -1.36 18.02 -52.82
CA VAL C 308 -0.99 19.25 -52.12
C VAL C 308 0.51 19.50 -52.17
N ASP C 309 1.30 18.44 -52.11
CA ASP C 309 2.73 18.64 -52.16
C ASP C 309 3.20 19.05 -53.53
N ALA C 310 2.54 18.57 -54.59
CA ALA C 310 2.90 18.92 -55.96
C ALA C 310 2.78 20.42 -56.15
N VAL C 311 1.73 21.03 -55.60
CA VAL C 311 1.59 22.46 -55.72
C VAL C 311 2.74 23.12 -54.97
N LYS C 312 2.95 22.74 -53.72
CA LYS C 312 4.03 23.31 -52.91
C LYS C 312 5.40 23.15 -53.60
N ALA C 313 5.64 21.99 -54.19
CA ALA C 313 6.90 21.74 -54.88
C ALA C 313 7.03 22.69 -56.05
N VAL C 314 5.91 22.94 -56.73
CA VAL C 314 5.90 23.85 -57.87
C VAL C 314 6.31 25.24 -57.41
N LEU C 315 5.71 25.71 -56.31
CA LEU C 315 5.99 27.03 -55.77
C LEU C 315 7.41 27.12 -55.28
N GLU C 316 8.02 25.96 -55.03
CA GLU C 316 9.40 25.90 -54.54
C GLU C 316 10.37 25.63 -55.67
N PHE C 317 9.85 25.48 -56.88
CA PHE C 317 10.71 25.19 -58.02
C PHE C 317 11.81 26.23 -58.17
N THR C 318 12.89 25.83 -58.83
CA THR C 318 14.01 26.72 -59.11
C THR C 318 14.54 26.31 -60.49
N PRO C 319 15.30 27.20 -61.15
CA PRO C 319 15.81 26.81 -62.47
C PRO C 319 16.50 25.44 -62.48
N GLU C 320 17.49 25.26 -61.59
CA GLU C 320 18.26 24.02 -61.55
C GLU C 320 17.65 22.79 -60.86
N THR C 321 16.58 22.96 -60.07
CA THR C 321 16.00 21.78 -59.41
C THR C 321 15.50 20.84 -60.49
N PRO C 322 15.81 19.55 -60.38
CA PRO C 322 15.33 18.64 -61.43
C PRO C 322 13.85 18.30 -61.25
N SER C 323 13.27 17.66 -62.26
CA SER C 323 11.87 17.30 -62.23
C SER C 323 11.54 16.34 -61.11
N PRO C 324 10.75 16.79 -60.12
CA PRO C 324 10.35 15.99 -58.98
C PRO C 324 9.14 15.09 -59.24
N LEU C 325 9.16 13.93 -58.63
CA LEU C 325 8.07 12.97 -58.74
C LEU C 325 7.68 12.83 -57.29
N ILE C 326 6.41 13.08 -56.97
CA ILE C 326 5.96 12.97 -55.57
C ILE C 326 5.67 11.53 -55.20
N GLY C 327 6.25 11.05 -54.12
CA GLY C 327 6.01 9.67 -53.72
C GLY C 327 5.69 9.51 -52.24
N ILE C 328 5.88 8.29 -51.73
CA ILE C 328 5.64 8.01 -50.33
C ILE C 328 6.64 6.94 -49.87
N LEU C 329 7.35 7.19 -48.76
CA LEU C 329 8.34 6.20 -48.36
C LEU C 329 8.33 5.61 -46.95
N GLU C 330 8.09 6.42 -45.92
CA GLU C 330 8.04 5.83 -44.60
C GLU C 330 6.66 6.26 -44.19
N ASN C 331 5.74 6.10 -45.13
CA ASN C 331 4.34 6.49 -44.98
C ASN C 331 4.27 8.00 -44.77
N LYS C 332 5.31 8.69 -45.25
CA LYS C 332 5.40 10.13 -45.19
C LYS C 332 5.56 10.50 -46.66
N ILE C 333 5.12 11.69 -47.07
CA ILE C 333 5.25 12.05 -48.47
C ILE C 333 6.58 12.68 -48.80
N ILE C 334 7.22 12.15 -49.84
CA ILE C 334 8.53 12.58 -50.29
C ILE C 334 8.56 12.97 -51.77
N ARG C 335 9.61 13.67 -52.16
CA ARG C 335 9.81 14.06 -53.55
C ARG C 335 11.07 13.32 -54.00
N MET C 336 11.13 12.94 -55.27
CA MET C 336 12.29 12.23 -55.76
C MET C 336 12.54 12.63 -57.21
N PRO C 337 13.80 12.56 -57.65
CA PRO C 337 14.11 12.92 -59.05
C PRO C 337 13.39 11.97 -59.99
N LEU C 338 12.44 12.53 -60.74
CA LEU C 338 11.63 11.77 -61.67
C LEU C 338 12.46 10.90 -62.62
N VAL C 339 13.50 11.49 -63.19
CA VAL C 339 14.36 10.79 -64.14
C VAL C 339 14.96 9.53 -63.53
N GLU C 340 15.29 9.62 -62.26
CA GLU C 340 15.86 8.49 -61.54
C GLU C 340 14.86 7.34 -61.50
N SER C 341 13.68 7.62 -60.94
CA SER C 341 12.63 6.62 -60.83
C SER C 341 12.24 6.01 -62.17
N VAL C 342 12.12 6.81 -63.22
CA VAL C 342 11.77 6.24 -64.54
C VAL C 342 12.83 5.22 -64.95
N LYS C 343 14.10 5.52 -64.69
CA LYS C 343 15.20 4.62 -65.03
C LYS C 343 15.16 3.34 -64.16
N LEU C 344 15.07 3.53 -62.86
CA LEU C 344 15.03 2.42 -61.91
C LEU C 344 13.87 1.48 -62.28
N THR C 345 12.73 2.05 -62.70
CA THR C 345 11.57 1.23 -63.06
C THR C 345 11.81 0.63 -64.45
N LYS C 346 12.42 1.43 -65.31
CA LYS C 346 12.73 0.99 -66.68
C LYS C 346 13.66 -0.21 -66.55
N SER C 347 14.58 -0.12 -65.60
CA SER C 347 15.56 -1.18 -65.37
C SER C 347 14.99 -2.51 -64.89
N VAL C 348 13.78 -2.49 -64.32
CA VAL C 348 13.16 -3.71 -63.80
C VAL C 348 13.01 -4.74 -64.94
N ALA C 349 12.60 -4.23 -66.11
CA ALA C 349 12.41 -5.08 -67.28
C ALA C 349 13.76 -5.66 -67.65
N THR C 350 14.75 -4.76 -67.71
CA THR C 350 16.12 -5.11 -68.03
C THR C 350 16.52 -6.39 -67.30
N ALA C 351 16.40 -6.40 -65.97
CA ALA C 351 16.79 -7.60 -65.19
C ALA C 351 15.93 -8.82 -65.52
N ILE C 352 14.69 -8.58 -65.93
CA ILE C 352 13.80 -9.68 -66.29
C ILE C 352 14.22 -10.26 -67.64
N GLU C 353 14.69 -9.40 -68.55
CA GLU C 353 15.16 -9.84 -69.86
C GLU C 353 16.39 -10.75 -69.65
N ASN C 354 17.22 -10.39 -68.67
CA ASN C 354 18.43 -11.16 -68.36
C ASN C 354 18.17 -12.13 -67.21
N LYS C 355 16.99 -12.75 -67.23
CA LYS C 355 16.57 -13.70 -66.19
C LYS C 355 17.14 -13.48 -64.78
N ASP C 356 17.41 -12.22 -64.43
CA ASP C 356 17.93 -11.92 -63.11
C ASP C 356 16.80 -11.36 -62.25
N PHE C 357 15.86 -12.26 -61.96
CA PHE C 357 14.67 -11.95 -61.17
C PHE C 357 15.00 -11.33 -59.81
N ASP C 358 16.02 -11.88 -59.14
CA ASP C 358 16.44 -11.34 -57.86
C ASP C 358 16.66 -9.84 -57.98
N LYS C 359 17.44 -9.42 -58.98
CA LYS C 359 17.69 -7.99 -59.17
C LYS C 359 16.35 -7.27 -59.31
N ALA C 360 15.50 -7.84 -60.15
CA ALA C 360 14.19 -7.27 -60.44
C ALA C 360 13.36 -7.02 -59.17
N ILE C 361 13.08 -8.11 -58.45
CA ILE C 361 12.27 -8.07 -57.24
C ILE C 361 12.71 -7.04 -56.20
N SER C 362 14.00 -6.79 -56.11
CA SER C 362 14.50 -5.82 -55.15
C SER C 362 14.15 -4.40 -55.59
N LEU C 363 13.72 -4.25 -56.84
CA LEU C 363 13.38 -2.93 -57.36
C LEU C 363 11.95 -2.50 -57.03
N ARG C 364 11.13 -3.48 -56.65
CA ARG C 364 9.73 -3.23 -56.33
C ARG C 364 9.68 -2.48 -54.99
N ASP C 365 8.47 -2.16 -54.53
CA ASP C 365 8.28 -1.41 -53.27
C ASP C 365 8.97 -1.98 -52.02
N THR C 366 9.16 -1.12 -51.02
CA THR C 366 9.80 -1.47 -49.77
C THR C 366 9.42 -2.81 -49.16
N GLU C 367 8.15 -3.16 -49.19
CA GLU C 367 7.70 -4.40 -48.58
C GLU C 367 7.50 -5.62 -49.47
N PHE C 368 7.68 -5.47 -50.77
CA PHE C 368 7.46 -6.56 -51.71
C PHE C 368 8.07 -7.93 -51.36
N ILE C 369 9.38 -7.99 -51.13
CA ILE C 369 9.99 -9.28 -50.81
C ILE C 369 9.37 -9.90 -49.56
N GLU C 370 9.17 -9.06 -48.54
CA GLU C 370 8.59 -9.53 -47.30
C GLU C 370 7.29 -10.26 -47.58
N LEU C 371 6.36 -9.54 -48.21
CA LEU C 371 5.04 -10.07 -48.54
C LEU C 371 5.16 -11.46 -49.15
N TYR C 372 5.90 -11.54 -50.27
CA TYR C 372 6.09 -12.81 -50.97
C TYR C 372 6.55 -13.92 -50.02
N GLU C 373 7.46 -13.57 -49.13
CA GLU C 373 7.96 -14.54 -48.18
C GLU C 373 6.79 -14.97 -47.30
N ASN C 374 6.05 -13.97 -46.79
CA ASN C 374 4.88 -14.20 -45.94
C ASN C 374 3.96 -15.19 -46.65
N PHE C 375 3.59 -14.88 -47.87
CA PHE C 375 2.71 -15.75 -48.65
C PHE C 375 3.12 -17.20 -48.73
N LEU C 376 4.42 -17.44 -48.91
CA LEU C 376 4.89 -18.81 -49.05
C LEU C 376 4.80 -19.59 -47.77
N SER C 377 5.32 -18.99 -46.69
CA SER C 377 5.35 -19.62 -45.38
C SER C 377 3.97 -19.86 -44.79
N THR C 378 3.00 -19.12 -45.30
CA THR C 378 1.63 -19.22 -44.86
C THR C 378 0.75 -20.14 -45.78
N THR C 379 1.27 -20.49 -46.95
CA THR C 379 0.48 -21.27 -47.90
C THR C 379 1.10 -22.48 -48.58
N VAL C 380 2.39 -22.39 -48.92
CA VAL C 380 3.04 -23.47 -49.63
C VAL C 380 3.89 -24.40 -48.78
N LYS C 381 4.47 -23.87 -47.71
CA LYS C 381 5.33 -24.63 -46.81
C LYS C 381 4.61 -25.51 -45.82
N ASP C 382 3.32 -25.77 -46.04
CA ASP C 382 2.58 -26.61 -45.12
C ASP C 382 2.83 -28.04 -45.53
N ASP C 383 3.94 -28.25 -46.24
CA ASP C 383 4.42 -29.54 -46.77
C ASP C 383 5.04 -30.41 -45.68
N GLY C 384 5.34 -29.81 -44.53
CA GLY C 384 5.97 -30.52 -43.44
C GLY C 384 7.42 -30.16 -43.66
N SER C 385 7.69 -29.92 -44.94
CA SER C 385 8.98 -29.53 -45.44
C SER C 385 9.51 -28.40 -44.61
N GLU C 386 9.42 -27.19 -45.18
CA GLU C 386 9.85 -25.95 -44.52
C GLU C 386 9.70 -26.01 -43.02
N LEU C 387 10.55 -25.22 -42.39
CA LEU C 387 10.65 -25.15 -40.95
C LEU C 387 9.61 -25.97 -40.18
N LEU C 388 9.92 -27.24 -39.97
CA LEU C 388 9.07 -28.09 -39.15
C LEU C 388 10.04 -28.34 -37.96
N PRO C 389 10.45 -27.26 -37.24
CA PRO C 389 11.37 -27.32 -36.11
C PRO C 389 11.50 -28.67 -35.43
N VAL C 390 12.71 -28.97 -34.99
CA VAL C 390 12.98 -30.21 -34.33
C VAL C 390 11.90 -30.53 -33.27
N SER C 391 12.20 -30.25 -32.02
CA SER C 391 11.24 -30.45 -30.95
C SER C 391 11.63 -29.44 -29.91
N ASP C 392 11.27 -28.23 -30.31
CA ASP C 392 11.40 -27.00 -29.57
C ASP C 392 10.28 -26.33 -30.39
N ARG C 393 9.25 -27.14 -30.58
CA ARG C 393 8.01 -26.77 -31.25
C ARG C 393 7.25 -26.24 -30.06
N LEU C 394 6.30 -25.36 -30.31
CA LEU C 394 5.60 -24.78 -29.19
C LEU C 394 4.10 -24.78 -29.16
N ASN C 395 3.59 -24.57 -27.94
CA ASN C 395 2.17 -24.43 -27.67
C ASN C 395 1.96 -22.89 -27.58
N ILE C 396 1.32 -22.32 -28.60
CA ILE C 396 1.08 -20.89 -28.61
C ILE C 396 -0.38 -20.63 -28.42
N GLY C 397 -0.70 -19.78 -27.45
CA GLY C 397 -2.09 -19.45 -27.19
C GLY C 397 -2.46 -18.18 -27.92
N ILE C 398 -3.74 -18.03 -28.23
CA ILE C 398 -4.24 -16.83 -28.92
C ILE C 398 -5.57 -16.34 -28.31
N VAL C 399 -5.59 -15.08 -27.87
CA VAL C 399 -6.83 -14.45 -27.33
C VAL C 399 -7.22 -13.15 -28.01
N HIS C 400 -8.52 -12.85 -28.06
CA HIS C 400 -8.96 -11.58 -28.60
C HIS C 400 -9.42 -10.69 -27.44
N VAL C 401 -8.74 -9.59 -27.17
CA VAL C 401 -9.16 -8.72 -26.10
C VAL C 401 -9.61 -7.34 -26.59
N GLY C 402 -10.93 -7.09 -26.53
CA GLY C 402 -11.48 -5.80 -26.95
C GLY C 402 -12.73 -5.93 -27.79
N ALA C 403 -13.22 -4.79 -28.28
CA ALA C 403 -14.40 -4.78 -29.16
C ALA C 403 -13.98 -5.41 -30.49
N PRO C 404 -14.91 -6.06 -31.20
CA PRO C 404 -14.54 -6.69 -32.48
C PRO C 404 -13.88 -5.79 -33.52
N SER C 405 -12.92 -6.35 -34.24
CA SER C 405 -12.23 -5.63 -35.31
C SER C 405 -12.52 -6.52 -36.51
N ALA C 406 -11.99 -6.18 -37.69
CA ALA C 406 -12.27 -6.99 -38.88
C ALA C 406 -11.15 -7.87 -39.33
N ALA C 407 -9.99 -7.76 -38.69
CA ALA C 407 -8.85 -8.55 -39.08
C ALA C 407 -8.48 -9.65 -38.08
N LEU C 408 -9.23 -9.78 -36.98
CA LEU C 408 -8.91 -10.80 -35.99
C LEU C 408 -8.83 -12.22 -36.55
N ASN C 409 -9.84 -12.61 -37.31
CA ASN C 409 -9.84 -13.94 -37.86
C ASN C 409 -8.71 -14.11 -38.87
N ALA C 410 -8.60 -13.17 -39.81
CA ALA C 410 -7.55 -13.26 -40.80
C ALA C 410 -6.21 -13.44 -40.09
N ALA C 411 -5.94 -12.63 -39.08
CA ALA C 411 -4.69 -12.71 -38.32
C ALA C 411 -4.58 -14.01 -37.55
N THR C 412 -5.62 -14.38 -36.83
CA THR C 412 -5.58 -15.64 -36.10
C THR C 412 -5.26 -16.73 -37.11
N ARG C 413 -5.87 -16.65 -38.28
CA ARG C 413 -5.61 -17.64 -39.31
C ARG C 413 -4.13 -17.71 -39.72
N ALA C 414 -3.55 -16.58 -40.10
CA ALA C 414 -2.16 -16.55 -40.51
C ALA C 414 -1.32 -17.19 -39.43
N ALA C 415 -1.52 -16.77 -38.19
CA ALA C 415 -0.76 -17.33 -37.11
C ALA C 415 -0.99 -18.86 -36.99
N THR C 416 -2.22 -19.34 -37.10
CA THR C 416 -2.44 -20.77 -37.00
C THR C 416 -1.69 -21.54 -38.11
N LEU C 417 -1.89 -21.14 -39.35
CA LEU C 417 -1.23 -21.84 -40.45
C LEU C 417 0.27 -21.90 -40.21
N TYR C 418 0.88 -20.73 -39.98
CA TYR C 418 2.30 -20.67 -39.73
C TYR C 418 2.67 -21.67 -38.63
N CYS C 419 1.97 -21.60 -37.52
CA CYS C 419 2.26 -22.48 -36.40
C CYS C 419 2.26 -23.90 -36.90
N LEU C 420 1.18 -24.32 -37.53
CA LEU C 420 1.13 -25.68 -38.00
C LEU C 420 2.31 -25.99 -38.93
N SER C 421 2.69 -25.02 -39.75
CA SER C 421 3.80 -25.20 -40.68
C SER C 421 5.01 -25.72 -39.90
N HIS C 422 5.42 -24.99 -38.86
CA HIS C 422 6.55 -25.36 -38.01
C HIS C 422 6.30 -26.49 -37.04
N GLY C 423 5.04 -26.91 -36.93
CA GLY C 423 4.74 -27.99 -36.01
C GLY C 423 4.40 -27.50 -34.62
N HIS C 424 4.12 -26.20 -34.51
CA HIS C 424 3.71 -25.63 -33.22
C HIS C 424 2.24 -25.98 -33.05
N LYS C 425 1.73 -25.88 -31.84
CA LYS C 425 0.31 -26.17 -31.62
C LYS C 425 -0.33 -24.84 -31.24
N PRO C 426 -1.20 -24.33 -32.11
CA PRO C 426 -1.88 -23.06 -31.88
C PRO C 426 -3.19 -23.28 -31.11
N TYR C 427 -3.32 -22.58 -29.99
CA TYR C 427 -4.50 -22.73 -29.18
C TYR C 427 -5.33 -21.46 -29.23
N ALA C 428 -6.66 -21.64 -29.24
CA ALA C 428 -7.58 -20.52 -29.26
C ALA C 428 -8.18 -20.41 -27.88
N ILE C 429 -7.90 -19.29 -27.19
CA ILE C 429 -8.45 -19.07 -25.85
C ILE C 429 -9.83 -18.48 -26.10
N MET C 430 -10.86 -19.32 -26.10
CA MET C 430 -12.21 -18.84 -26.37
C MET C 430 -12.70 -17.68 -25.51
N ASN C 431 -13.43 -16.76 -26.15
CA ASN C 431 -14.05 -15.63 -25.46
C ASN C 431 -13.20 -14.80 -24.53
N GLY C 432 -12.04 -14.37 -25.01
CA GLY C 432 -11.22 -13.55 -24.15
C GLY C 432 -11.01 -14.07 -22.74
N PHE C 433 -10.34 -13.25 -21.94
CA PHE C 433 -10.02 -13.61 -20.58
C PHE C 433 -11.20 -13.95 -19.71
N SER C 434 -12.26 -13.18 -19.83
CA SER C 434 -13.44 -13.44 -19.03
C SER C 434 -13.88 -14.88 -19.35
N GLY C 435 -13.76 -15.27 -20.61
CA GLY C 435 -14.18 -16.60 -20.99
C GLY C 435 -13.29 -17.69 -20.41
N LEU C 436 -11.99 -17.44 -20.44
CA LEU C 436 -11.06 -18.42 -19.93
C LEU C 436 -11.37 -18.65 -18.46
N ILE C 437 -11.37 -17.54 -17.71
CA ILE C 437 -11.64 -17.59 -16.30
C ILE C 437 -12.94 -18.33 -15.98
N GLN C 438 -14.01 -18.00 -16.69
CA GLN C 438 -15.26 -18.66 -16.43
C GLN C 438 -15.35 -20.11 -16.91
N THR C 439 -14.54 -20.51 -17.89
CA THR C 439 -14.71 -21.86 -18.43
C THR C 439 -13.46 -22.68 -18.76
N GLY C 440 -12.30 -22.00 -18.73
CA GLY C 440 -11.05 -22.67 -19.05
C GLY C 440 -11.03 -23.31 -20.45
N GLU C 441 -11.94 -22.86 -21.32
CA GLU C 441 -12.05 -23.37 -22.69
C GLU C 441 -10.91 -22.96 -23.59
N VAL C 442 -10.09 -23.91 -23.96
CA VAL C 442 -8.98 -23.63 -24.85
C VAL C 442 -8.89 -24.73 -25.91
N LYS C 443 -9.41 -24.49 -27.11
CA LYS C 443 -9.40 -25.48 -28.17
C LYS C 443 -8.22 -25.33 -29.14
N GLU C 444 -7.65 -26.47 -29.50
CA GLU C 444 -6.53 -26.51 -30.41
C GLU C 444 -7.07 -26.30 -31.81
N LEU C 445 -6.47 -25.37 -32.55
CA LEU C 445 -6.89 -25.05 -33.91
C LEU C 445 -6.28 -25.95 -34.99
N SER C 446 -7.13 -26.38 -35.94
CA SER C 446 -6.69 -27.23 -37.04
C SER C 446 -6.65 -26.46 -38.36
N TRP C 447 -5.91 -26.97 -39.32
CA TRP C 447 -5.80 -26.31 -40.60
C TRP C 447 -7.17 -25.93 -41.19
N ILE C 448 -8.07 -26.89 -41.24
CA ILE C 448 -9.38 -26.67 -41.80
C ILE C 448 -10.29 -25.77 -40.96
N ASP C 449 -10.03 -25.68 -39.65
CA ASP C 449 -10.81 -24.81 -38.75
C ASP C 449 -10.65 -23.36 -39.16
N VAL C 450 -9.41 -23.00 -39.47
CA VAL C 450 -9.08 -21.66 -39.82
C VAL C 450 -9.38 -21.29 -41.30
N GLU C 451 -10.01 -22.20 -42.02
CA GLU C 451 -10.38 -21.99 -43.43
C GLU C 451 -11.31 -20.81 -43.67
N ASN C 452 -11.02 -20.02 -44.68
CA ASN C 452 -11.86 -18.87 -45.02
C ASN C 452 -11.93 -17.77 -43.97
N TRP C 453 -11.04 -17.81 -43.00
CA TRP C 453 -11.06 -16.80 -41.98
C TRP C 453 -10.43 -15.52 -42.50
N HIS C 454 -9.70 -15.66 -43.61
CA HIS C 454 -8.97 -14.54 -44.20
C HIS C 454 -9.84 -13.37 -44.58
N ASN C 455 -11.12 -13.59 -44.74
CA ASN C 455 -11.96 -12.47 -45.13
C ASN C 455 -13.22 -12.37 -44.27
N LEU C 456 -13.19 -13.06 -43.13
CA LEU C 456 -14.30 -13.11 -42.20
C LEU C 456 -14.12 -12.07 -41.11
N GLY C 457 -15.01 -11.10 -41.05
CA GLY C 457 -14.90 -10.07 -40.05
C GLY C 457 -15.38 -10.61 -38.71
N GLY C 458 -15.33 -9.80 -37.66
CA GLY C 458 -15.74 -10.25 -36.34
C GLY C 458 -14.66 -11.13 -35.71
N SER C 459 -15.05 -11.96 -34.74
CA SER C 459 -14.13 -12.83 -34.05
C SER C 459 -14.79 -14.18 -33.88
N GLU C 460 -14.35 -15.16 -34.66
CA GLU C 460 -14.92 -16.49 -34.57
C GLU C 460 -14.73 -17.18 -33.23
N ILE C 461 -13.69 -16.81 -32.48
CA ILE C 461 -13.42 -17.47 -31.20
C ILE C 461 -13.96 -16.67 -30.04
N GLY C 462 -14.47 -15.47 -30.35
CA GLY C 462 -15.05 -14.63 -29.32
C GLY C 462 -14.07 -13.60 -28.84
N THR C 463 -14.52 -12.38 -28.66
CA THR C 463 -13.67 -11.28 -28.18
C THR C 463 -14.51 -10.36 -27.29
N ASN C 464 -13.91 -9.86 -26.20
CA ASN C 464 -14.66 -8.98 -25.32
C ASN C 464 -13.69 -8.10 -24.55
N ARG C 465 -14.18 -7.03 -23.94
CA ARG C 465 -13.28 -6.10 -23.25
C ARG C 465 -12.74 -6.50 -21.89
N SER C 466 -13.23 -7.60 -21.31
CA SER C 466 -12.70 -8.01 -20.03
C SER C 466 -11.15 -8.02 -20.05
N VAL C 467 -10.53 -7.51 -18.99
CA VAL C 467 -9.07 -7.53 -18.92
C VAL C 467 -8.53 -8.64 -18.02
N ALA C 468 -7.24 -8.93 -18.18
CA ALA C 468 -6.57 -9.99 -17.42
C ALA C 468 -6.68 -9.89 -15.91
N SER C 469 -6.66 -8.66 -15.41
CA SER C 469 -6.74 -8.46 -13.98
C SER C 469 -8.04 -8.94 -13.35
N GLU C 470 -8.98 -9.39 -14.16
CA GLU C 470 -10.22 -9.83 -13.55
C GLU C 470 -10.01 -11.04 -12.61
N ASP C 471 -8.89 -11.76 -12.76
CA ASP C 471 -8.54 -12.94 -11.95
C ASP C 471 -7.23 -13.50 -12.51
N LEU C 472 -6.21 -12.65 -12.47
CA LEU C 472 -4.86 -12.96 -12.95
C LEU C 472 -4.37 -14.37 -12.60
N GLY C 473 -4.85 -14.91 -11.49
CA GLY C 473 -4.45 -16.22 -11.04
C GLY C 473 -5.07 -17.36 -11.81
N THR C 474 -6.39 -17.36 -11.93
CA THR C 474 -7.05 -18.41 -12.65
C THR C 474 -6.57 -18.41 -14.10
N ILE C 475 -6.21 -17.23 -14.58
CA ILE C 475 -5.71 -17.16 -15.95
C ILE C 475 -4.42 -17.96 -15.94
N ALA C 476 -3.47 -17.53 -15.13
CA ALA C 476 -2.18 -18.20 -15.03
C ALA C 476 -2.37 -19.69 -14.84
N TYR C 477 -3.40 -20.06 -14.09
CA TYR C 477 -3.67 -21.46 -13.85
C TYR C 477 -3.86 -22.20 -15.15
N TYR C 478 -4.67 -21.64 -16.04
CA TYR C 478 -4.94 -22.29 -17.33
C TYR C 478 -3.82 -22.20 -18.35
N PHE C 479 -3.06 -21.11 -18.32
CA PHE C 479 -1.94 -20.97 -19.25
C PHE C 479 -1.02 -22.14 -18.97
N GLN C 480 -0.86 -22.45 -17.68
CA GLN C 480 -0.02 -23.57 -17.27
C GLN C 480 -0.68 -24.91 -17.62
N LYS C 481 -1.92 -25.08 -17.19
CA LYS C 481 -2.62 -26.32 -17.47
C LYS C 481 -2.50 -26.69 -18.91
N ASN C 482 -2.47 -25.67 -19.77
CA ASN C 482 -2.38 -25.90 -21.20
C ASN C 482 -0.96 -25.86 -21.73
N LYS C 483 0.00 -25.91 -20.83
CA LYS C 483 1.42 -25.88 -21.20
C LYS C 483 1.73 -24.85 -22.29
N LEU C 484 1.26 -23.62 -22.17
CA LEU C 484 1.54 -22.63 -23.21
C LEU C 484 2.96 -22.12 -23.11
N ASP C 485 3.58 -21.89 -24.26
CA ASP C 485 4.96 -21.41 -24.31
C ASP C 485 4.94 -19.97 -24.73
N GLY C 486 3.83 -19.58 -25.31
CA GLY C 486 3.74 -18.20 -25.75
C GLY C 486 2.31 -17.77 -25.84
N LEU C 487 2.11 -16.46 -25.91
CA LEU C 487 0.77 -15.90 -25.98
C LEU C 487 0.64 -14.76 -27.00
N ILE C 488 -0.38 -14.82 -27.84
CA ILE C 488 -0.61 -13.72 -28.78
C ILE C 488 -1.94 -13.08 -28.37
N ILE C 489 -1.89 -11.77 -28.13
CA ILE C 489 -3.09 -11.03 -27.77
C ILE C 489 -3.49 -10.17 -28.95
N LEU C 490 -4.68 -10.40 -29.47
CA LEU C 490 -5.20 -9.62 -30.57
C LEU C 490 -6.24 -8.67 -29.99
N GLY C 491 -6.00 -7.35 -30.07
CA GLY C 491 -6.98 -6.44 -29.50
C GLY C 491 -6.63 -4.99 -29.31
N GLY C 492 -7.47 -4.26 -28.60
CA GLY C 492 -7.23 -2.85 -28.45
C GLY C 492 -6.63 -2.42 -27.13
N PHE C 493 -7.04 -1.27 -26.63
CA PHE C 493 -6.46 -0.82 -25.39
C PHE C 493 -6.58 -1.88 -24.28
N GLU C 494 -7.74 -2.54 -24.15
CA GLU C 494 -7.89 -3.55 -23.11
C GLU C 494 -6.83 -4.62 -23.27
N GLY C 495 -6.45 -4.88 -24.52
CA GLY C 495 -5.41 -5.86 -24.80
C GLY C 495 -4.07 -5.33 -24.32
N PHE C 496 -3.83 -4.06 -24.64
CA PHE C 496 -2.62 -3.36 -24.24
C PHE C 496 -2.56 -3.31 -22.70
N ARG C 497 -3.67 -2.96 -22.07
CA ARG C 497 -3.73 -2.90 -20.62
C ARG C 497 -3.48 -4.31 -20.12
N SER C 498 -4.12 -5.31 -20.71
CA SER C 498 -3.89 -6.69 -20.28
C SER C 498 -2.43 -7.15 -20.42
N LEU C 499 -1.78 -6.78 -21.50
CA LEU C 499 -0.42 -7.22 -21.67
C LEU C 499 0.40 -6.66 -20.53
N LYS C 500 0.17 -5.40 -20.20
CA LYS C 500 0.90 -4.78 -19.09
C LYS C 500 0.61 -5.59 -17.84
N GLN C 501 -0.66 -5.75 -17.56
CA GLN C 501 -1.06 -6.51 -16.41
C GLN C 501 -0.30 -7.82 -16.31
N LEU C 502 -0.26 -8.56 -17.40
CA LEU C 502 0.44 -9.84 -17.38
C LEU C 502 1.93 -9.68 -17.14
N ARG C 503 2.53 -8.63 -17.67
CA ARG C 503 3.96 -8.42 -17.48
C ARG C 503 4.24 -8.32 -15.98
N ASP C 504 3.45 -7.48 -15.31
CA ASP C 504 3.59 -7.31 -13.88
C ASP C 504 3.37 -8.64 -13.13
N GLY C 505 2.32 -9.35 -13.51
CA GLY C 505 2.01 -10.61 -12.86
C GLY C 505 3.13 -11.64 -12.86
N ARG C 506 4.21 -11.36 -13.58
CA ARG C 506 5.33 -12.30 -13.68
C ARG C 506 5.98 -12.62 -12.37
N THR C 507 6.13 -11.60 -11.53
CA THR C 507 6.72 -11.84 -10.23
C THR C 507 5.90 -12.92 -9.51
N GLN C 508 4.59 -12.77 -9.45
CA GLN C 508 3.73 -13.71 -8.74
C GLN C 508 3.29 -14.93 -9.54
N HIS C 509 3.59 -14.94 -10.82
CA HIS C 509 3.17 -16.05 -11.63
C HIS C 509 4.23 -16.44 -12.65
N PRO C 510 5.01 -17.48 -12.34
CA PRO C 510 6.08 -17.94 -13.23
C PRO C 510 5.61 -18.13 -14.70
N ILE C 511 4.45 -18.75 -14.92
CA ILE C 511 3.98 -19.00 -16.28
C ILE C 511 3.89 -17.79 -17.20
N PHE C 512 3.65 -16.60 -16.64
CA PHE C 512 3.59 -15.38 -17.45
C PHE C 512 4.97 -14.94 -17.93
N ASN C 513 5.96 -15.82 -17.79
CA ASN C 513 7.30 -15.45 -18.25
C ASN C 513 7.51 -15.91 -19.66
N ILE C 514 6.52 -16.66 -20.17
CA ILE C 514 6.56 -17.11 -21.55
C ILE C 514 6.48 -15.81 -22.35
N PRO C 515 6.94 -15.81 -23.60
CA PRO C 515 6.89 -14.58 -24.39
C PRO C 515 5.43 -14.19 -24.61
N MET C 516 5.15 -12.89 -24.62
CA MET C 516 3.78 -12.43 -24.83
C MET C 516 3.83 -11.19 -25.65
N CYS C 517 3.11 -11.17 -26.76
CA CYS C 517 3.07 -9.96 -27.58
C CYS C 517 1.65 -9.60 -28.00
N LEU C 518 1.42 -8.30 -28.20
CA LEU C 518 0.11 -7.79 -28.58
C LEU C 518 0.13 -7.30 -30.02
N ILE C 519 -0.85 -7.70 -30.82
CA ILE C 519 -0.99 -7.21 -32.19
C ILE C 519 -2.17 -6.22 -32.02
N PRO C 520 -1.89 -4.91 -31.98
CA PRO C 520 -2.99 -3.97 -31.81
C PRO C 520 -4.07 -4.22 -32.82
N ALA C 521 -5.32 -4.22 -32.38
CA ALA C 521 -6.46 -4.43 -33.24
C ALA C 521 -7.61 -3.60 -32.70
N THR C 522 -8.07 -2.64 -33.50
CA THR C 522 -9.15 -1.78 -33.09
C THR C 522 -9.43 -0.76 -34.16
N VAL C 523 -10.68 -0.40 -34.36
CA VAL C 523 -11.01 0.57 -35.39
C VAL C 523 -10.46 1.94 -34.99
N SER C 524 -10.31 2.14 -33.70
CA SER C 524 -9.89 3.41 -33.11
C SER C 524 -8.47 3.85 -33.33
N ASN C 525 -7.57 2.89 -33.51
CA ASN C 525 -6.14 3.21 -33.64
C ASN C 525 -5.72 3.97 -32.38
N ASN C 526 -6.15 3.52 -31.22
CA ASN C 526 -5.85 4.17 -29.95
C ASN C 526 -4.89 3.37 -29.10
N VAL C 527 -4.12 2.49 -29.73
CA VAL C 527 -3.17 1.67 -28.99
C VAL C 527 -1.81 2.31 -29.07
N PRO C 528 -1.28 2.76 -27.93
CA PRO C 528 0.02 3.42 -27.84
C PRO C 528 1.19 2.68 -28.46
N GLY C 529 2.10 3.44 -29.04
CA GLY C 529 3.28 2.82 -29.60
C GLY C 529 3.26 2.46 -31.06
N THR C 530 2.07 2.32 -31.64
CA THR C 530 1.99 1.99 -33.05
C THR C 530 1.13 3.02 -33.76
N GLU C 531 1.39 3.20 -35.05
CA GLU C 531 0.62 4.15 -35.85
C GLU C 531 -0.52 3.45 -36.60
N TYR C 532 -0.59 2.13 -36.50
CA TYR C 532 -1.63 1.42 -37.20
C TYR C 532 -2.15 0.15 -36.53
N SER C 533 -3.35 0.21 -35.96
CA SER C 533 -3.90 -0.99 -35.36
C SER C 533 -4.65 -1.73 -36.47
N LEU C 534 -4.78 -3.05 -36.38
CA LEU C 534 -5.48 -3.76 -37.42
C LEU C 534 -6.94 -3.36 -37.40
N GLY C 535 -7.59 -3.40 -38.56
CA GLY C 535 -9.00 -3.05 -38.65
C GLY C 535 -9.24 -1.59 -38.91
N VAL C 536 -8.20 -0.77 -38.77
CA VAL C 536 -8.35 0.67 -39.00
C VAL C 536 -8.72 0.97 -40.43
N ASP C 537 -7.99 0.38 -41.36
CA ASP C 537 -8.29 0.65 -42.73
C ASP C 537 -9.71 0.23 -43.02
N THR C 538 -10.11 -0.93 -42.49
CA THR C 538 -11.47 -1.38 -42.74
C THR C 538 -12.48 -0.35 -42.22
N CYS C 539 -12.23 0.18 -41.07
CA CYS C 539 -13.13 1.17 -40.55
C CYS C 539 -13.20 2.37 -41.51
N LEU C 540 -12.05 2.99 -41.76
CA LEU C 540 -11.99 4.18 -42.60
C LEU C 540 -12.80 4.01 -43.88
N ASN C 541 -12.71 2.84 -44.50
CA ASN C 541 -13.46 2.60 -45.71
C ASN C 541 -14.95 2.51 -45.44
N ALA C 542 -15.33 1.80 -44.38
CA ALA C 542 -16.72 1.70 -44.02
C ALA C 542 -17.24 3.12 -43.84
N LEU C 543 -16.42 3.99 -43.26
CA LEU C 543 -16.88 5.35 -43.10
C LEU C 543 -16.98 6.09 -44.43
N VAL C 544 -16.10 5.77 -45.37
CA VAL C 544 -16.15 6.38 -46.71
C VAL C 544 -17.48 5.99 -47.35
N ASN C 545 -17.69 4.69 -47.51
CA ASN C 545 -18.94 4.21 -48.08
C ASN C 545 -20.11 4.80 -47.36
N TYR C 546 -20.01 4.87 -46.03
CA TYR C 546 -21.10 5.45 -45.27
C TYR C 546 -21.31 6.89 -45.66
N THR C 547 -20.30 7.74 -45.47
CA THR C 547 -20.46 9.15 -45.79
C THR C 547 -20.81 9.37 -47.26
N ASP C 548 -20.22 8.59 -48.16
CA ASP C 548 -20.53 8.76 -49.57
C ASP C 548 -22.02 8.73 -49.79
N ASP C 549 -22.72 7.83 -49.10
CA ASP C 549 -24.17 7.71 -49.24
C ASP C 549 -24.94 8.80 -48.55
N ILE C 550 -24.61 9.14 -47.31
CA ILE C 550 -25.41 10.19 -46.73
C ILE C 550 -25.04 11.52 -47.35
N LYS C 551 -23.82 11.60 -47.92
CA LYS C 551 -23.38 12.83 -48.56
C LYS C 551 -24.33 13.05 -49.72
N GLN C 552 -24.60 11.97 -50.45
CA GLN C 552 -25.51 12.00 -51.58
C GLN C 552 -26.95 12.33 -51.18
N SER C 553 -27.32 11.99 -49.94
CA SER C 553 -28.67 12.26 -49.47
C SER C 553 -28.87 13.74 -49.19
N ALA C 554 -27.82 14.41 -48.76
CA ALA C 554 -27.85 15.83 -48.47
C ALA C 554 -27.87 16.63 -49.78
N SER C 555 -27.11 16.15 -50.75
CA SER C 555 -27.02 16.79 -52.05
C SER C 555 -28.41 16.73 -52.73
N ALA C 556 -29.12 15.62 -52.53
CA ALA C 556 -30.44 15.44 -53.10
C ALA C 556 -31.45 16.48 -52.63
N THR C 557 -31.53 16.65 -51.32
CA THR C 557 -32.49 17.60 -50.76
C THR C 557 -32.00 19.04 -50.79
N ARG C 558 -30.78 19.26 -51.26
CA ARG C 558 -30.22 20.59 -51.35
C ARG C 558 -30.04 21.28 -50.01
N ARG C 559 -29.16 22.29 -49.96
CA ARG C 559 -28.86 23.06 -48.74
C ARG C 559 -29.02 22.33 -47.39
N ARG C 560 -28.16 21.34 -47.15
CA ARG C 560 -28.23 20.54 -45.93
C ARG C 560 -26.89 20.02 -45.37
N VAL C 561 -26.72 20.16 -44.06
CA VAL C 561 -25.52 19.73 -43.37
C VAL C 561 -25.75 18.49 -42.51
N PHE C 562 -24.79 17.58 -42.51
CA PHE C 562 -24.92 16.38 -41.68
C PHE C 562 -23.84 16.40 -40.58
N VAL C 563 -24.23 16.17 -39.33
CA VAL C 563 -23.21 16.10 -38.27
C VAL C 563 -22.99 14.61 -38.05
N CYS C 564 -21.81 14.16 -38.45
CA CYS C 564 -21.50 12.75 -38.38
C CYS C 564 -20.54 12.39 -37.26
N GLU C 565 -20.99 11.50 -36.38
CA GLU C 565 -20.23 11.05 -35.23
C GLU C 565 -19.50 9.75 -35.50
N VAL C 566 -18.19 9.86 -35.42
CA VAL C 566 -17.26 8.79 -35.70
C VAL C 566 -16.73 8.18 -34.40
N GLN C 567 -16.35 6.90 -34.44
CA GLN C 567 -15.83 6.23 -33.24
C GLN C 567 -14.37 6.57 -33.00
N GLY C 568 -13.66 5.75 -32.23
CA GLY C 568 -12.27 6.06 -31.95
C GLY C 568 -12.01 6.47 -30.49
N GLY C 569 -13.04 6.34 -29.65
CA GLY C 569 -12.91 6.71 -28.26
C GLY C 569 -12.38 8.12 -28.03
N HIS C 570 -11.25 8.22 -27.32
CA HIS C 570 -10.65 9.51 -27.03
C HIS C 570 -9.47 9.72 -27.95
N SER C 571 -9.59 9.23 -29.17
CA SER C 571 -8.52 9.43 -30.14
C SER C 571 -9.13 9.82 -31.47
N GLY C 572 -8.99 11.10 -31.80
CA GLY C 572 -9.54 11.62 -33.04
C GLY C 572 -8.85 11.24 -34.35
N TYR C 573 -7.89 10.34 -34.30
CA TYR C 573 -7.20 9.93 -35.51
C TYR C 573 -8.21 9.61 -36.59
N ILE C 574 -9.15 8.72 -36.30
CA ILE C 574 -10.12 8.36 -37.31
C ILE C 574 -10.87 9.62 -37.69
N ALA C 575 -11.30 10.40 -36.71
CA ALA C 575 -12.01 11.62 -37.05
C ALA C 575 -11.18 12.47 -37.98
N SER C 576 -9.93 12.73 -37.66
CA SER C 576 -9.13 13.57 -38.54
C SER C 576 -9.01 13.01 -39.96
N PHE C 577 -8.53 11.79 -40.08
CA PHE C 577 -8.37 11.15 -41.38
C PHE C 577 -9.67 11.19 -42.17
N THR C 578 -10.79 10.89 -41.53
CA THR C 578 -12.09 10.91 -42.20
C THR C 578 -12.39 12.29 -42.72
N GLY C 579 -12.25 13.28 -41.85
CA GLY C 579 -12.50 14.64 -42.26
C GLY C 579 -11.70 15.03 -43.49
N LEU C 580 -10.45 14.60 -43.58
CA LEU C 580 -9.61 14.93 -44.74
C LEU C 580 -10.14 14.30 -46.04
N ILE C 581 -10.39 12.99 -46.06
CA ILE C 581 -10.87 12.33 -47.26
C ILE C 581 -12.38 12.47 -47.45
N THR C 582 -12.93 13.48 -46.81
CA THR C 582 -14.37 13.74 -46.83
C THR C 582 -14.64 15.20 -47.18
N GLY C 583 -13.63 16.03 -46.98
CA GLY C 583 -13.82 17.43 -47.28
C GLY C 583 -14.65 18.09 -46.21
N ALA C 584 -14.78 17.43 -45.06
CA ALA C 584 -15.56 17.99 -43.96
C ALA C 584 -15.13 19.42 -43.66
N VAL C 585 -16.11 20.29 -43.51
CA VAL C 585 -15.85 21.70 -43.25
C VAL C 585 -15.48 21.91 -41.78
N SER C 586 -15.75 20.93 -40.96
CA SER C 586 -15.40 21.06 -39.56
C SER C 586 -15.19 19.70 -38.93
N VAL C 587 -14.06 19.53 -38.26
CA VAL C 587 -13.75 18.26 -37.61
C VAL C 587 -13.54 18.47 -36.11
N TYR C 588 -14.51 18.03 -35.29
CA TYR C 588 -14.38 18.20 -33.84
C TYR C 588 -13.80 16.97 -33.21
N THR C 589 -12.56 17.10 -32.74
CA THR C 589 -11.86 15.99 -32.09
C THR C 589 -11.68 16.31 -30.62
N PRO C 590 -11.23 15.33 -29.83
CA PRO C 590 -11.04 15.59 -28.40
C PRO C 590 -9.77 16.41 -28.20
N GLU C 591 -8.87 16.29 -29.16
CA GLU C 591 -7.61 17.00 -29.12
C GLU C 591 -7.88 18.49 -29.35
N LYS C 592 -8.94 18.81 -30.09
CA LYS C 592 -9.30 20.20 -30.41
C LYS C 592 -10.51 20.74 -29.62
N LYS C 593 -10.28 21.82 -28.88
CA LYS C 593 -11.30 22.42 -28.04
C LYS C 593 -12.60 22.74 -28.76
N ILE C 594 -13.74 22.41 -28.12
CA ILE C 594 -15.09 22.67 -28.64
C ILE C 594 -15.90 23.69 -27.80
N ASP C 595 -15.56 24.97 -27.81
CA ASP C 595 -16.31 25.94 -27.04
C ASP C 595 -17.29 26.72 -27.93
N LEU C 596 -18.14 27.54 -27.33
CA LEU C 596 -19.07 28.33 -28.12
C LEU C 596 -18.31 29.09 -29.19
N ALA C 597 -17.10 29.51 -28.87
CA ALA C 597 -16.31 30.22 -29.86
C ALA C 597 -16.26 29.38 -31.14
N SER C 598 -15.75 28.15 -31.01
CA SER C 598 -15.61 27.27 -32.16
C SER C 598 -16.90 27.05 -32.89
N ILE C 599 -17.95 26.64 -32.17
CA ILE C 599 -19.26 26.39 -32.79
C ILE C 599 -19.71 27.51 -33.68
N ARG C 600 -19.54 28.73 -33.19
CA ARG C 600 -19.89 29.89 -33.96
C ARG C 600 -19.01 30.00 -35.22
N GLU C 601 -17.69 29.87 -35.11
CA GLU C 601 -16.86 29.97 -36.32
C GLU C 601 -17.36 28.93 -37.31
N ASP C 602 -18.01 27.89 -36.78
CA ASP C 602 -18.54 26.80 -37.61
C ASP C 602 -19.84 27.18 -38.22
N ILE C 603 -20.73 27.72 -37.42
CA ILE C 603 -21.99 28.17 -38.00
C ILE C 603 -21.66 29.15 -39.13
N THR C 604 -20.76 30.09 -38.84
CA THR C 604 -20.27 31.06 -39.81
C THR C 604 -19.85 30.37 -41.10
N LEU C 605 -18.73 29.65 -41.08
CA LEU C 605 -18.30 28.97 -42.29
C LEU C 605 -19.49 28.39 -43.06
N LEU C 606 -20.38 27.70 -42.34
CA LEU C 606 -21.56 27.10 -42.99
C LEU C 606 -22.38 28.18 -43.67
N LYS C 607 -23.21 28.90 -42.92
CA LYS C 607 -24.03 29.99 -43.48
C LYS C 607 -23.34 30.67 -44.67
N GLU C 608 -22.16 31.24 -44.42
CA GLU C 608 -21.40 31.86 -45.46
C GLU C 608 -21.36 30.88 -46.63
N ASN C 609 -20.66 29.76 -46.48
CA ASN C 609 -20.59 28.76 -47.55
C ASN C 609 -21.91 28.61 -48.27
N PHE C 610 -22.99 28.51 -47.51
CA PHE C 610 -24.30 28.34 -48.12
C PHE C 610 -24.80 29.53 -48.92
N ARG C 611 -24.37 30.74 -48.60
CA ARG C 611 -24.85 31.90 -49.36
C ARG C 611 -24.68 31.67 -50.87
N HIS C 612 -23.61 30.95 -51.23
CA HIS C 612 -23.27 30.64 -52.63
C HIS C 612 -24.13 29.50 -53.23
N ASP C 613 -23.72 28.25 -52.94
CA ASP C 613 -24.38 27.02 -53.42
C ASP C 613 -24.78 27.12 -54.91
N LYS C 614 -26.07 27.33 -55.18
CA LYS C 614 -26.62 27.44 -56.52
C LYS C 614 -26.37 26.15 -57.34
N GLY C 615 -25.09 25.81 -57.52
CA GLY C 615 -24.72 24.61 -58.26
C GLY C 615 -25.56 23.41 -57.82
N GLU C 616 -25.95 23.40 -56.54
CA GLU C 616 -26.78 22.33 -55.97
C GLU C 616 -26.29 20.95 -56.40
N ASN C 617 -27.20 20.16 -56.97
CA ASN C 617 -26.92 18.79 -57.42
C ASN C 617 -25.99 18.03 -56.49
N ARG C 618 -24.70 18.37 -56.51
CA ARG C 618 -23.70 17.73 -55.65
C ARG C 618 -23.16 18.80 -54.69
N ASN C 619 -24.02 19.27 -53.77
CA ASN C 619 -23.59 20.30 -52.85
C ASN C 619 -23.76 20.07 -51.34
N GLY C 620 -23.98 18.83 -50.92
CA GLY C 620 -24.16 18.55 -49.49
C GLY C 620 -22.91 18.63 -48.64
N LYS C 621 -22.97 19.36 -47.52
CA LYS C 621 -21.81 19.52 -46.62
C LYS C 621 -21.92 18.77 -45.29
N LEU C 622 -20.77 18.40 -44.71
CA LEU C 622 -20.77 17.66 -43.45
C LEU C 622 -19.67 17.96 -42.46
N LEU C 623 -20.00 17.71 -41.19
CA LEU C 623 -19.10 17.87 -40.03
C LEU C 623 -18.70 16.51 -39.46
N VAL C 624 -17.43 16.37 -39.11
CA VAL C 624 -16.99 15.10 -38.54
C VAL C 624 -16.66 15.34 -37.10
N ARG C 625 -17.47 14.73 -36.22
CA ARG C 625 -17.29 14.85 -34.78
C ARG C 625 -16.96 13.53 -34.15
N ASN C 626 -15.92 13.56 -33.36
CA ASN C 626 -15.46 12.37 -32.65
C ASN C 626 -16.35 11.96 -31.44
N GLU C 627 -16.56 10.66 -31.33
CA GLU C 627 -17.38 10.02 -30.30
C GLU C 627 -17.38 10.65 -28.92
N GLN C 628 -16.23 11.08 -28.45
CA GLN C 628 -16.12 11.71 -27.14
C GLN C 628 -15.76 13.20 -27.24
N ALA C 629 -15.76 13.75 -28.46
CA ALA C 629 -15.38 15.14 -28.70
C ALA C 629 -15.72 16.10 -27.55
N SER C 630 -16.96 16.06 -27.09
CA SER C 630 -17.40 16.89 -25.96
C SER C 630 -18.58 16.30 -25.21
N SER C 631 -18.37 16.01 -23.94
CA SER C 631 -19.42 15.43 -23.12
C SER C 631 -20.66 16.33 -23.09
N VAL C 632 -20.47 17.64 -23.10
CA VAL C 632 -21.60 18.53 -23.08
C VAL C 632 -22.26 18.57 -24.46
N TYR C 633 -21.50 18.96 -25.50
CA TYR C 633 -22.02 19.04 -26.84
C TYR C 633 -22.05 17.71 -27.54
N SER C 634 -23.19 17.05 -27.39
CA SER C 634 -23.40 15.75 -28.02
C SER C 634 -23.75 15.93 -29.49
N THR C 635 -23.60 14.87 -30.27
CA THR C 635 -23.90 14.99 -31.68
C THR C 635 -25.23 15.67 -31.96
N GLN C 636 -26.22 15.35 -31.13
CA GLN C 636 -27.56 15.94 -31.23
C GLN C 636 -27.62 17.42 -30.82
N LEU C 637 -27.13 17.74 -29.64
CA LEU C 637 -27.15 19.11 -29.23
C LEU C 637 -26.45 19.94 -30.34
N LEU C 638 -25.31 19.42 -30.84
CA LEU C 638 -24.55 20.12 -31.85
C LEU C 638 -25.43 20.34 -33.04
N ALA C 639 -26.10 19.30 -33.49
CA ALA C 639 -26.95 19.44 -34.67
C ALA C 639 -28.10 20.42 -34.52
N ASP C 640 -28.72 20.42 -33.35
CA ASP C 640 -29.82 21.34 -33.08
C ASP C 640 -29.37 22.77 -32.85
N ILE C 641 -28.27 22.94 -32.13
CA ILE C 641 -27.75 24.26 -31.93
C ILE C 641 -27.53 24.82 -33.33
N ILE C 642 -26.97 24.02 -34.23
CA ILE C 642 -26.71 24.48 -35.59
C ILE C 642 -27.98 24.82 -36.37
N SER C 643 -28.99 23.96 -36.34
CA SER C 643 -30.24 24.24 -37.04
C SER C 643 -30.76 25.60 -36.66
N GLU C 644 -31.07 25.72 -35.38
CA GLU C 644 -31.55 26.97 -34.81
C GLU C 644 -30.80 28.22 -35.30
N ALA C 645 -29.52 28.12 -35.66
CA ALA C 645 -28.82 29.30 -36.11
C ALA C 645 -29.04 29.47 -37.60
N SER C 646 -29.28 28.36 -38.29
CA SER C 646 -29.46 28.39 -39.73
C SER C 646 -30.60 29.32 -40.07
N LYS C 647 -31.62 29.29 -39.21
CA LYS C 647 -32.80 30.12 -39.43
C LYS C 647 -33.33 29.76 -40.81
N GLY C 648 -33.83 28.53 -40.96
CA GLY C 648 -34.37 28.07 -42.23
C GLY C 648 -33.49 28.21 -43.46
N LYS C 649 -32.30 28.80 -43.37
CA LYS C 649 -31.49 28.93 -44.56
C LYS C 649 -31.00 27.56 -45.04
N PHE C 650 -30.79 26.62 -44.12
CA PHE C 650 -30.33 25.28 -44.50
C PHE C 650 -30.73 24.29 -43.43
N GLY C 651 -30.67 23.00 -43.74
CA GLY C 651 -31.06 22.01 -42.77
C GLY C 651 -29.94 21.17 -42.21
N VAL C 652 -30.19 20.56 -41.06
CA VAL C 652 -29.20 19.74 -40.38
C VAL C 652 -29.71 18.35 -40.00
N ARG C 653 -28.83 17.37 -40.06
CA ARG C 653 -29.19 16.03 -39.70
C ARG C 653 -27.96 15.41 -39.05
N THR C 654 -28.21 14.37 -38.26
CA THR C 654 -27.13 13.70 -37.56
C THR C 654 -26.88 12.34 -38.17
N ALA C 655 -25.64 11.88 -38.09
CA ALA C 655 -25.26 10.57 -38.64
C ALA C 655 -24.39 9.87 -37.62
N ILE C 656 -24.79 8.68 -37.21
CA ILE C 656 -24.01 7.95 -36.24
C ILE C 656 -23.82 6.53 -36.74
N PRO C 657 -22.95 6.34 -37.74
CA PRO C 657 -22.65 5.04 -38.35
C PRO C 657 -22.78 3.99 -37.29
N GLY C 658 -21.96 4.19 -36.27
CA GLY C 658 -21.97 3.29 -35.15
C GLY C 658 -21.12 2.06 -35.34
N HIS C 659 -21.64 0.90 -34.93
CA HIS C 659 -20.92 -0.36 -35.03
C HIS C 659 -20.58 -0.88 -36.41
N VAL C 660 -21.08 -0.26 -37.47
CA VAL C 660 -20.71 -0.73 -38.81
C VAL C 660 -19.27 -0.37 -39.07
N GLN C 661 -18.75 0.54 -38.26
CA GLN C 661 -17.38 0.94 -38.46
C GLN C 661 -16.48 -0.25 -38.17
N GLN C 662 -17.01 -1.26 -37.50
CA GLN C 662 -16.22 -2.45 -37.19
C GLN C 662 -16.06 -3.27 -38.47
N GLY C 663 -16.86 -2.92 -39.48
CA GLY C 663 -16.82 -3.61 -40.75
C GLY C 663 -17.56 -4.92 -40.90
N GLY C 664 -17.65 -5.41 -42.11
CA GLY C 664 -18.30 -6.68 -42.32
C GLY C 664 -17.20 -7.62 -42.72
N VAL C 665 -16.48 -7.22 -43.77
CA VAL C 665 -15.37 -7.98 -44.31
C VAL C 665 -14.14 -7.09 -44.23
N PRO C 666 -13.01 -7.66 -43.85
CA PRO C 666 -11.81 -6.82 -43.78
C PRO C 666 -11.39 -6.32 -45.17
N SER C 667 -10.87 -5.10 -45.21
CA SER C 667 -10.40 -4.52 -46.46
C SER C 667 -9.14 -5.25 -46.83
N SER C 668 -8.75 -5.21 -48.09
CA SER C 668 -7.53 -5.90 -48.54
C SER C 668 -6.30 -5.51 -47.73
N LYS C 669 -6.17 -4.24 -47.34
CA LYS C 669 -5.02 -3.84 -46.56
C LYS C 669 -4.98 -4.57 -45.21
N ASP C 670 -6.13 -4.58 -44.51
CA ASP C 670 -6.18 -5.25 -43.24
C ASP C 670 -5.91 -6.74 -43.42
N ARG C 671 -6.44 -7.33 -44.49
CA ARG C 671 -6.22 -8.75 -44.68
C ARG C 671 -4.75 -9.11 -44.87
N VAL C 672 -4.00 -8.23 -45.52
CA VAL C 672 -2.59 -8.52 -45.72
C VAL C 672 -1.78 -8.19 -44.47
N THR C 673 -2.00 -7.01 -43.89
CA THR C 673 -1.27 -6.65 -42.68
C THR C 673 -1.45 -7.70 -41.60
N ALA C 674 -2.67 -8.18 -41.41
CA ALA C 674 -2.93 -9.20 -40.41
C ALA C 674 -2.00 -10.41 -40.59
N SER C 675 -1.78 -10.81 -41.83
CA SER C 675 -0.90 -11.95 -42.13
C SER C 675 0.55 -11.62 -41.78
N ARG C 676 0.99 -10.42 -42.15
CA ARG C 676 2.34 -10.05 -41.82
C ARG C 676 2.55 -10.11 -40.33
N PHE C 677 1.83 -9.23 -39.64
CA PHE C 677 1.93 -9.15 -38.20
C PHE C 677 1.73 -10.48 -37.50
N ALA C 678 0.74 -11.26 -37.89
CA ALA C 678 0.56 -12.53 -37.21
C ALA C 678 1.84 -13.34 -37.26
N VAL C 679 2.41 -13.53 -38.45
CA VAL C 679 3.64 -14.31 -38.52
C VAL C 679 4.78 -13.65 -37.74
N LYS C 680 5.03 -12.36 -37.96
CA LYS C 680 6.09 -11.71 -37.22
C LYS C 680 6.03 -12.05 -35.73
N CYS C 681 4.82 -12.21 -35.19
CA CYS C 681 4.66 -12.55 -33.78
C CYS C 681 5.03 -13.98 -33.46
N ILE C 682 4.62 -14.93 -34.29
CA ILE C 682 4.99 -16.31 -34.01
C ILE C 682 6.50 -16.37 -33.98
N LYS C 683 7.15 -15.66 -34.91
CA LYS C 683 8.60 -15.62 -34.97
C LYS C 683 9.16 -15.10 -33.64
N PHE C 684 8.70 -13.92 -33.24
CA PHE C 684 9.11 -13.28 -31.99
C PHE C 684 8.96 -14.24 -30.82
N ILE C 685 7.91 -15.05 -30.82
CA ILE C 685 7.73 -15.98 -29.73
C ILE C 685 8.85 -17.02 -29.82
N GLU C 686 9.04 -17.56 -31.01
CA GLU C 686 10.09 -18.54 -31.22
C GLU C 686 11.43 -18.00 -30.71
N GLN C 687 11.85 -16.86 -31.24
CA GLN C 687 13.11 -16.26 -30.84
C GLN C 687 13.27 -16.25 -29.33
N TRP C 688 12.35 -15.61 -28.59
CA TRP C 688 12.43 -15.56 -27.13
C TRP C 688 12.41 -16.92 -26.50
N ASN C 689 11.61 -17.81 -27.04
CA ASN C 689 11.56 -19.13 -26.45
C ASN C 689 12.95 -19.77 -26.51
N LYS C 690 13.67 -19.52 -27.59
CA LYS C 690 15.00 -20.11 -27.71
C LYS C 690 16.00 -19.30 -26.92
N LYS C 691 15.76 -17.99 -26.84
CA LYS C 691 16.66 -17.08 -26.12
C LYS C 691 16.56 -17.32 -24.61
N ASN C 692 15.84 -18.37 -24.22
CA ASN C 692 15.69 -18.74 -22.81
C ASN C 692 15.95 -20.24 -22.65
N GLU C 693 17.19 -20.58 -22.30
CA GLU C 693 17.56 -21.98 -22.14
C GLU C 693 18.11 -22.26 -20.75
N GLU C 720 14.32 -7.83 -19.04
CA GLU C 720 13.74 -9.09 -19.49
C GLU C 720 12.29 -8.94 -19.87
N ASP C 721 11.80 -7.71 -19.78
CA ASP C 721 10.40 -7.46 -20.12
C ASP C 721 10.31 -7.36 -21.61
N ASP C 722 11.46 -7.28 -22.26
CA ASP C 722 11.47 -7.21 -23.70
C ASP C 722 10.77 -8.43 -24.32
N SER C 723 10.44 -9.44 -23.52
CA SER C 723 9.76 -10.61 -24.05
C SER C 723 8.24 -10.37 -24.04
N ALA C 724 7.85 -9.24 -23.48
CA ALA C 724 6.46 -8.88 -23.40
C ALA C 724 6.31 -7.57 -24.15
N ALA C 725 6.20 -7.67 -25.46
CA ALA C 725 6.10 -6.48 -26.30
C ALA C 725 4.82 -6.34 -27.15
N VAL C 726 4.77 -5.17 -27.83
CA VAL C 726 3.68 -4.84 -28.72
C VAL C 726 4.29 -4.68 -30.09
N ILE C 727 3.75 -5.34 -31.11
CA ILE C 727 4.28 -5.21 -32.47
C ILE C 727 3.76 -3.87 -32.96
N CYS C 728 4.69 -3.02 -33.35
CA CYS C 728 4.34 -1.68 -33.77
C CYS C 728 4.82 -1.31 -35.15
N VAL C 729 4.13 -0.33 -35.72
CA VAL C 729 4.45 0.20 -37.01
C VAL C 729 4.55 1.67 -36.74
N ASN C 730 5.65 2.25 -37.18
CA ASN C 730 5.91 3.67 -37.04
C ASN C 730 6.50 4.02 -38.37
N GLY C 731 5.83 4.93 -39.07
CA GLY C 731 6.29 5.34 -40.39
C GLY C 731 6.88 4.18 -41.19
N SER C 732 6.06 3.16 -41.48
CA SER C 732 6.55 2.03 -42.26
C SER C 732 7.43 1.00 -41.56
N HIS C 733 8.15 1.40 -40.50
CA HIS C 733 9.04 0.46 -39.79
C HIS C 733 8.31 -0.35 -38.74
N VAL C 734 8.35 -1.67 -38.85
CA VAL C 734 7.68 -2.49 -37.85
C VAL C 734 8.67 -3.08 -36.85
N SER C 735 8.33 -3.02 -35.57
CA SER C 735 9.21 -3.50 -34.51
C SER C 735 8.43 -3.93 -33.27
N PHE C 736 9.13 -4.47 -32.29
CA PHE C 736 8.51 -4.88 -31.02
C PHE C 736 8.91 -3.92 -29.90
N LYS C 737 7.93 -3.46 -29.15
CA LYS C 737 8.21 -2.54 -28.09
C LYS C 737 7.78 -3.08 -26.75
N PRO C 738 8.71 -3.16 -25.80
CA PRO C 738 8.42 -3.68 -24.46
C PRO C 738 7.22 -2.95 -23.85
N ILE C 739 6.26 -3.74 -23.38
CA ILE C 739 5.06 -3.17 -22.83
C ILE C 739 5.31 -2.19 -21.70
N ALA C 740 6.37 -2.36 -20.93
CA ALA C 740 6.60 -1.45 -19.81
C ALA C 740 7.03 -0.04 -20.19
N ASN C 741 8.08 0.08 -20.99
CA ASN C 741 8.55 1.41 -21.43
C ASN C 741 7.39 2.16 -22.07
N LEU C 742 6.50 1.40 -22.68
CA LEU C 742 5.34 1.91 -23.39
C LEU C 742 4.22 2.39 -22.49
N TRP C 743 3.97 1.68 -21.40
CA TRP C 743 2.90 2.05 -20.48
C TRP C 743 3.34 3.29 -19.70
N GLU C 744 3.81 4.26 -20.46
CA GLU C 744 4.25 5.57 -19.99
C GLU C 744 4.45 6.44 -21.29
N ASN C 745 3.50 6.20 -22.21
CA ASN C 745 3.31 6.83 -23.53
C ASN C 745 1.80 6.72 -23.64
N GLU C 746 1.21 6.15 -22.58
CA GLU C 746 -0.21 5.91 -22.47
C GLU C 746 -0.89 6.98 -21.63
N THR C 747 -2.23 6.99 -21.68
CA THR C 747 -3.02 7.93 -20.88
C THR C 747 -3.85 6.98 -20.01
N ASN C 748 -3.23 5.87 -19.62
CA ASN C 748 -3.80 4.80 -18.79
C ASN C 748 -5.20 5.03 -18.20
N VAL C 749 -5.32 4.77 -16.89
CA VAL C 749 -6.57 4.92 -16.13
C VAL C 749 -7.14 6.36 -16.26
N GLU C 750 -7.35 6.78 -17.51
CA GLU C 750 -7.88 8.10 -17.78
C GLU C 750 -8.63 8.06 -19.12
N LEU C 751 -7.98 8.59 -20.16
CA LEU C 751 -8.57 8.67 -21.50
C LEU C 751 -8.30 7.47 -22.42
N ARG C 752 -7.54 6.49 -21.93
CA ARG C 752 -7.17 5.29 -22.70
C ARG C 752 -6.87 5.57 -24.17
N LYS C 753 -5.63 6.00 -24.41
CA LYS C 753 -5.12 6.34 -25.73
C LYS C 753 -3.61 6.61 -25.69
N GLY C 754 -2.95 6.54 -26.84
CA GLY C 754 -1.53 6.82 -26.88
C GLY C 754 -1.32 8.33 -26.78
N PHE C 755 -0.37 8.75 -25.93
CA PHE C 755 -0.06 10.16 -25.71
C PHE C 755 -0.01 11.11 -26.93
N GLU C 756 0.81 10.78 -27.93
CA GLU C 756 0.97 11.66 -29.10
C GLU C 756 -0.05 11.58 -30.23
N VAL C 757 0.09 12.52 -31.16
CA VAL C 757 -0.77 12.66 -32.34
C VAL C 757 0.04 12.99 -33.61
N HIS C 758 0.01 12.07 -34.57
CA HIS C 758 0.71 12.22 -35.87
C HIS C 758 -0.29 12.43 -37.07
N TRP C 759 -1.03 13.54 -37.02
CA TRP C 759 -2.00 13.89 -38.06
C TRP C 759 -2.29 15.39 -38.08
N ALA C 760 -1.76 16.12 -37.11
CA ALA C 760 -2.01 17.56 -37.04
C ALA C 760 -1.65 18.28 -38.34
N GLU C 761 -0.99 17.56 -39.24
CA GLU C 761 -0.61 18.12 -40.54
C GLU C 761 -1.82 17.91 -41.46
N TYR C 762 -2.35 16.68 -41.46
CA TYR C 762 -3.53 16.35 -42.25
C TYR C 762 -4.47 17.53 -42.03
N ASN C 763 -4.89 17.65 -40.77
CA ASN C 763 -5.82 18.67 -40.34
C ASN C 763 -5.65 20.05 -40.93
N LYS C 764 -4.50 20.71 -40.75
CA LYS C 764 -4.35 22.07 -41.30
C LYS C 764 -4.55 22.11 -42.82
N ILE C 765 -4.09 21.06 -43.52
CA ILE C 765 -4.26 20.94 -44.96
C ILE C 765 -5.77 20.82 -45.18
N GLY C 766 -6.33 19.80 -44.54
CA GLY C 766 -7.75 19.54 -44.63
C GLY C 766 -8.55 20.81 -44.45
N ASP C 767 -8.09 21.67 -43.54
CA ASP C 767 -8.77 22.91 -43.26
C ASP C 767 -8.79 23.92 -44.40
N ILE C 768 -7.99 23.61 -45.42
CA ILE C 768 -7.89 24.46 -46.60
C ILE C 768 -8.78 23.86 -47.68
N LEU C 769 -8.50 22.63 -48.05
CA LEU C 769 -9.28 21.99 -49.11
C LEU C 769 -10.74 21.89 -48.70
N SER C 770 -10.99 21.66 -47.43
CA SER C 770 -12.36 21.54 -46.95
C SER C 770 -13.14 22.76 -47.37
N GLY C 771 -12.50 23.90 -47.25
CA GLY C 771 -13.15 25.15 -47.60
C GLY C 771 -13.35 26.02 -46.37
N ARG C 772 -12.91 25.54 -45.20
CA ARG C 772 -13.05 26.25 -43.93
C ARG C 772 -12.48 27.68 -43.90
N LEU C 773 -11.15 27.79 -43.98
CA LEU C 773 -10.46 29.07 -43.97
C LEU C 773 -10.97 30.02 -45.02
N LYS C 774 -11.29 29.46 -46.19
CA LYS C 774 -11.83 30.23 -47.30
C LYS C 774 -13.12 30.91 -46.79
N LEU C 775 -13.97 30.13 -46.13
CA LEU C 775 -15.22 30.65 -45.55
C LEU C 775 -14.92 31.63 -44.40
N ARG C 776 -13.84 31.36 -43.66
CA ARG C 776 -13.43 32.22 -42.56
C ARG C 776 -13.13 33.60 -43.11
N ALA C 777 -12.36 33.64 -44.20
CA ALA C 777 -12.01 34.91 -44.85
C ALA C 777 -13.24 35.77 -45.23
N GLU C 778 -14.14 35.20 -46.02
CA GLU C 778 -15.34 35.91 -46.44
C GLU C 778 -16.04 36.57 -45.25
N VAL C 779 -16.06 35.90 -44.12
CA VAL C 779 -16.72 36.45 -42.95
C VAL C 779 -15.98 37.66 -42.37
N ALA C 780 -14.88 38.02 -43.00
CA ALA C 780 -14.12 39.19 -42.57
C ALA C 780 -13.43 39.81 -43.78
N PRO D 2 -45.45 -40.51 -34.83
CA PRO D 2 -44.39 -41.21 -35.60
C PRO D 2 -43.78 -40.28 -36.66
N GLN D 3 -43.10 -39.26 -36.13
CA GLN D 3 -42.40 -38.22 -36.87
C GLN D 3 -41.77 -38.58 -38.21
N LYS D 4 -42.35 -38.05 -39.29
CA LYS D 4 -41.87 -38.23 -40.66
C LYS D 4 -40.67 -37.29 -40.96
N ALA D 5 -40.20 -37.29 -42.21
CA ALA D 5 -39.05 -36.45 -42.53
C ALA D 5 -39.00 -35.95 -43.95
N ILE D 6 -38.46 -34.75 -44.09
CA ILE D 6 -38.30 -34.09 -45.37
C ILE D 6 -36.81 -33.79 -45.50
N ALA D 7 -36.31 -33.82 -46.73
CA ALA D 7 -34.90 -33.54 -46.96
C ALA D 7 -34.71 -32.65 -48.18
N VAL D 8 -33.68 -31.80 -48.13
CA VAL D 8 -33.39 -30.90 -49.24
C VAL D 8 -32.02 -31.13 -49.81
N MET D 9 -31.92 -30.82 -51.09
CA MET D 9 -30.66 -30.93 -51.80
C MET D 9 -30.64 -29.87 -52.88
N THR D 10 -29.46 -29.32 -53.13
CA THR D 10 -29.37 -28.35 -54.20
C THR D 10 -28.63 -29.06 -55.34
N SER D 11 -29.19 -29.00 -56.54
CA SER D 11 -28.59 -29.65 -57.69
C SER D 11 -28.45 -28.66 -58.83
N GLY D 12 -27.46 -28.89 -59.70
CA GLY D 12 -27.25 -28.00 -60.82
C GLY D 12 -26.41 -26.83 -60.39
N GLY D 13 -26.35 -25.80 -61.24
CA GLY D 13 -25.55 -24.63 -60.93
C GLY D 13 -26.12 -23.94 -59.69
N ASP D 14 -25.23 -23.58 -58.77
CA ASP D 14 -25.65 -22.92 -57.55
C ASP D 14 -26.12 -21.53 -57.93
N ALA D 15 -26.89 -20.89 -57.05
CA ALA D 15 -27.40 -19.56 -57.32
C ALA D 15 -27.64 -18.88 -56.00
N PRO D 16 -27.34 -17.57 -55.92
CA PRO D 16 -27.52 -16.78 -54.70
C PRO D 16 -28.93 -16.90 -54.17
N GLY D 17 -29.06 -17.38 -52.93
CA GLY D 17 -30.38 -17.54 -52.34
C GLY D 17 -30.71 -18.98 -52.02
N MET D 18 -29.86 -19.92 -52.45
CA MET D 18 -30.13 -21.34 -52.18
C MET D 18 -30.08 -21.55 -50.68
N ASN D 19 -29.12 -20.88 -50.03
CA ASN D 19 -28.98 -21.02 -48.60
C ASN D 19 -30.23 -20.52 -47.91
N SER D 20 -30.78 -19.41 -48.38
CA SER D 20 -32.00 -18.90 -47.76
C SER D 20 -33.08 -19.96 -47.94
N ASN D 21 -33.08 -20.58 -49.12
CA ASN D 21 -34.06 -21.62 -49.42
C ASN D 21 -33.88 -22.79 -48.46
N VAL D 22 -32.67 -23.33 -48.41
CA VAL D 22 -32.39 -24.44 -47.52
C VAL D 22 -32.82 -24.11 -46.09
N ARG D 23 -32.43 -22.92 -45.64
CA ARG D 23 -32.73 -22.49 -44.28
C ARG D 23 -34.21 -22.51 -44.02
N ALA D 24 -35.02 -21.95 -44.90
CA ALA D 24 -36.45 -21.95 -44.65
C ALA D 24 -36.98 -23.38 -44.64
N ILE D 25 -36.66 -24.16 -45.65
CA ILE D 25 -37.12 -25.56 -45.68
C ILE D 25 -36.78 -26.30 -44.36
N VAL D 26 -35.54 -26.21 -43.92
CA VAL D 26 -35.13 -26.86 -42.67
C VAL D 26 -36.01 -26.44 -41.47
N ARG D 27 -36.15 -25.12 -41.29
CA ARG D 27 -36.95 -24.54 -40.19
C ARG D 27 -38.44 -24.87 -40.35
N SER D 28 -39.00 -24.63 -41.54
CA SER D 28 -40.41 -24.92 -41.78
C SER D 28 -40.70 -26.39 -41.49
N ALA D 29 -39.79 -27.27 -41.88
CA ALA D 29 -40.03 -28.68 -41.60
C ALA D 29 -40.05 -28.91 -40.09
N ILE D 30 -39.01 -28.47 -39.40
CA ILE D 30 -38.95 -28.67 -37.95
C ILE D 30 -40.15 -28.02 -37.27
N PHE D 31 -40.59 -26.89 -37.81
CA PHE D 31 -41.74 -26.18 -37.25
C PHE D 31 -42.99 -27.05 -37.35
N LYS D 32 -43.26 -27.56 -38.55
CA LYS D 32 -44.41 -28.43 -38.81
C LYS D 32 -44.31 -29.74 -38.03
N GLY D 33 -43.14 -30.02 -37.44
CA GLY D 33 -42.95 -31.22 -36.66
C GLY D 33 -42.25 -32.39 -37.35
N CYS D 34 -41.73 -32.16 -38.55
CA CYS D 34 -41.01 -33.21 -39.26
C CYS D 34 -39.55 -33.13 -38.82
N ARG D 35 -38.76 -34.09 -39.25
CA ARG D 35 -37.35 -34.09 -38.93
C ARG D 35 -36.75 -33.55 -40.20
N ALA D 36 -35.74 -32.70 -40.06
CA ALA D 36 -35.14 -32.08 -41.23
C ALA D 36 -33.90 -32.77 -41.66
N PHE D 37 -33.80 -33.02 -42.95
CA PHE D 37 -32.61 -33.65 -43.50
C PHE D 37 -32.04 -32.89 -44.67
N VAL D 38 -30.71 -32.83 -44.68
CA VAL D 38 -29.98 -32.16 -45.72
C VAL D 38 -29.14 -33.19 -46.50
N VAL D 39 -29.22 -33.15 -47.83
CA VAL D 39 -28.43 -34.04 -48.65
C VAL D 39 -27.20 -33.34 -49.18
N MET D 40 -26.02 -33.81 -48.82
CA MET D 40 -24.81 -33.15 -49.28
C MET D 40 -24.48 -33.50 -50.75
N GLU D 41 -23.75 -32.60 -51.41
CA GLU D 41 -23.31 -32.74 -52.79
C GLU D 41 -24.34 -33.24 -53.80
N GLY D 42 -25.53 -32.65 -53.81
CA GLY D 42 -26.55 -33.07 -54.77
C GLY D 42 -26.93 -34.54 -54.79
N TYR D 43 -27.35 -35.01 -55.96
CA TYR D 43 -27.74 -36.41 -56.14
C TYR D 43 -26.63 -37.39 -55.77
N GLU D 44 -25.36 -36.98 -55.95
CA GLU D 44 -24.25 -37.85 -55.62
C GLU D 44 -24.48 -38.23 -54.18
N GLY D 45 -24.88 -37.23 -53.40
CA GLY D 45 -25.16 -37.45 -51.99
C GLY D 45 -26.11 -38.60 -51.75
N LEU D 46 -27.04 -38.81 -52.67
CA LEU D 46 -27.99 -39.89 -52.54
C LEU D 46 -27.34 -41.23 -52.87
N VAL D 47 -26.41 -41.24 -53.82
CA VAL D 47 -25.75 -42.49 -54.15
C VAL D 47 -24.93 -42.84 -52.93
N ARG D 48 -24.07 -41.93 -52.50
CA ARG D 48 -23.32 -42.21 -51.29
C ARG D 48 -24.45 -42.17 -50.27
N GLY D 49 -24.25 -42.62 -49.04
CA GLY D 49 -25.37 -42.55 -48.11
C GLY D 49 -25.13 -42.29 -46.63
N GLY D 50 -26.08 -42.77 -45.83
CA GLY D 50 -26.01 -42.62 -44.38
C GLY D 50 -25.66 -41.21 -43.97
N PRO D 51 -25.30 -40.98 -42.70
CA PRO D 51 -24.96 -39.62 -42.27
C PRO D 51 -23.79 -39.11 -43.11
N GLU D 52 -23.42 -37.85 -42.87
CA GLU D 52 -22.34 -37.22 -43.64
C GLU D 52 -22.87 -36.78 -45.01
N TYR D 53 -23.69 -37.59 -45.66
CA TYR D 53 -24.24 -37.19 -46.96
C TYR D 53 -25.74 -36.95 -46.90
N ILE D 54 -26.43 -37.67 -46.03
CA ILE D 54 -27.85 -37.44 -45.83
C ILE D 54 -27.90 -37.25 -44.31
N LYS D 55 -27.51 -36.05 -43.89
CA LYS D 55 -27.41 -35.65 -42.50
C LYS D 55 -28.63 -34.93 -41.93
N GLU D 56 -29.07 -35.35 -40.75
CA GLU D 56 -30.23 -34.74 -40.09
C GLU D 56 -29.81 -33.40 -39.51
N PHE D 57 -30.59 -32.37 -39.81
CA PHE D 57 -30.30 -31.00 -39.36
C PHE D 57 -31.21 -30.55 -38.24
N HIS D 58 -30.72 -29.61 -37.45
CA HIS D 58 -31.46 -29.07 -36.33
C HIS D 58 -31.56 -27.57 -36.45
N TRP D 59 -32.62 -27.01 -35.88
CA TRP D 59 -32.88 -25.59 -35.93
C TRP D 59 -31.63 -24.71 -36.05
N GLU D 60 -30.74 -24.79 -35.07
CA GLU D 60 -29.52 -23.98 -35.04
C GLU D 60 -28.50 -24.21 -36.19
N ASP D 61 -28.68 -25.28 -36.95
CA ASP D 61 -27.74 -25.59 -38.01
C ASP D 61 -27.78 -24.67 -39.24
N VAL D 62 -28.93 -24.05 -39.52
CA VAL D 62 -29.00 -23.13 -40.65
C VAL D 62 -28.92 -21.68 -40.15
N ARG D 63 -28.54 -21.53 -38.91
CA ARG D 63 -28.42 -20.22 -38.31
C ARG D 63 -27.51 -19.38 -39.18
N GLY D 64 -27.94 -18.17 -39.47
CA GLY D 64 -27.13 -17.25 -40.25
C GLY D 64 -27.09 -17.46 -41.73
N TRP D 65 -27.56 -18.61 -42.19
CA TRP D 65 -27.52 -18.94 -43.61
C TRP D 65 -28.08 -17.93 -44.61
N SER D 66 -29.14 -17.23 -44.25
CA SER D 66 -29.72 -16.27 -45.17
C SER D 66 -28.68 -15.23 -45.66
N ALA D 67 -27.51 -15.19 -45.04
CA ALA D 67 -26.52 -14.22 -45.46
C ALA D 67 -25.25 -14.84 -46.04
N GLU D 68 -25.37 -16.02 -46.63
CA GLU D 68 -24.22 -16.68 -47.20
C GLU D 68 -24.44 -17.12 -48.63
N GLY D 69 -23.38 -17.00 -49.44
CA GLY D 69 -23.44 -17.35 -50.84
C GLY D 69 -23.42 -18.82 -51.18
N GLY D 70 -23.78 -19.14 -52.41
CA GLY D 70 -23.77 -20.51 -52.86
C GLY D 70 -24.65 -21.41 -52.03
N THR D 71 -24.34 -22.70 -52.03
CA THR D 71 -25.06 -23.71 -51.26
C THR D 71 -24.14 -24.26 -50.20
N ASN D 72 -24.52 -24.12 -48.95
CA ASN D 72 -23.68 -24.68 -47.93
C ASN D 72 -23.79 -26.21 -47.98
N ILE D 73 -24.85 -26.76 -48.56
CA ILE D 73 -24.92 -28.22 -48.60
C ILE D 73 -24.34 -28.76 -49.89
N GLY D 74 -23.76 -27.87 -50.68
CA GLY D 74 -23.12 -28.28 -51.92
C GLY D 74 -23.96 -28.85 -53.03
N THR D 75 -23.33 -28.94 -54.20
CA THR D 75 -23.95 -29.46 -55.41
C THR D 75 -22.85 -30.05 -56.29
N ALA D 76 -23.07 -31.26 -56.78
CA ALA D 76 -22.09 -31.92 -57.62
C ALA D 76 -22.72 -32.42 -58.91
N ARG D 77 -21.88 -32.78 -59.88
CA ARG D 77 -22.35 -33.29 -61.16
C ARG D 77 -22.76 -34.73 -60.91
N CYS D 78 -23.97 -35.12 -61.29
CA CYS D 78 -24.38 -36.49 -61.01
C CYS D 78 -23.97 -37.52 -62.05
N MET D 79 -23.10 -38.43 -61.62
CA MET D 79 -22.59 -39.50 -62.47
C MET D 79 -23.44 -40.74 -62.20
N GLU D 80 -23.12 -41.38 -61.08
CA GLU D 80 -23.75 -42.59 -60.56
C GLU D 80 -25.28 -42.63 -60.62
N PHE D 81 -25.92 -41.50 -60.40
CA PHE D 81 -27.37 -41.46 -60.42
C PHE D 81 -27.96 -41.70 -61.81
N LYS D 82 -27.14 -41.63 -62.85
CA LYS D 82 -27.64 -41.84 -64.22
C LYS D 82 -27.97 -43.33 -64.38
N LYS D 83 -27.13 -44.17 -63.79
CA LYS D 83 -27.29 -45.62 -63.80
C LYS D 83 -28.38 -46.05 -62.80
N ARG D 84 -28.97 -47.21 -63.03
CA ARG D 84 -30.01 -47.67 -62.12
C ARG D 84 -29.46 -48.04 -60.76
N GLU D 85 -28.28 -48.64 -60.71
CA GLU D 85 -27.72 -48.98 -59.40
C GLU D 85 -27.58 -47.71 -58.55
N GLY D 86 -27.30 -46.58 -59.22
CA GLY D 86 -27.17 -45.33 -58.49
C GLY D 86 -28.53 -44.97 -57.93
N ARG D 87 -29.50 -44.84 -58.83
CA ARG D 87 -30.86 -44.52 -58.44
C ARG D 87 -31.39 -45.52 -57.41
N LEU D 88 -30.89 -46.76 -57.44
CA LEU D 88 -31.36 -47.75 -56.50
C LEU D 88 -30.77 -47.42 -55.13
N LEU D 89 -29.48 -47.16 -55.11
CA LEU D 89 -28.80 -46.80 -53.87
C LEU D 89 -29.44 -45.56 -53.26
N GLY D 90 -29.80 -44.61 -54.13
CA GLY D 90 -30.42 -43.40 -53.67
C GLY D 90 -31.63 -43.74 -52.83
N ALA D 91 -32.55 -44.50 -53.41
CA ALA D 91 -33.75 -44.91 -52.70
C ALA D 91 -33.40 -45.62 -51.40
N GLN D 92 -32.48 -46.57 -51.44
CA GLN D 92 -32.12 -47.26 -50.21
C GLN D 92 -31.75 -46.24 -49.13
N HIS D 93 -30.70 -45.47 -49.38
CA HIS D 93 -30.23 -44.46 -48.43
C HIS D 93 -31.30 -43.54 -47.89
N LEU D 94 -32.23 -43.11 -48.75
CA LEU D 94 -33.30 -42.25 -48.27
C LEU D 94 -34.10 -43.05 -47.27
N ILE D 95 -34.53 -44.22 -47.72
CA ILE D 95 -35.33 -45.12 -46.89
C ILE D 95 -34.62 -45.45 -45.60
N GLU D 96 -33.32 -45.71 -45.68
CA GLU D 96 -32.54 -46.01 -44.49
C GLU D 96 -32.52 -44.78 -43.56
N ALA D 97 -32.74 -43.58 -44.10
CA ALA D 97 -32.74 -42.38 -43.27
C ALA D 97 -34.17 -42.02 -42.84
N GLY D 98 -35.15 -42.78 -43.35
CA GLY D 98 -36.54 -42.54 -43.02
C GLY D 98 -37.09 -41.36 -43.78
N VAL D 99 -36.42 -41.00 -44.85
CA VAL D 99 -36.85 -39.87 -45.65
C VAL D 99 -37.66 -40.29 -46.86
N ASP D 100 -38.94 -39.90 -46.90
CA ASP D 100 -39.80 -40.24 -48.03
C ASP D 100 -40.40 -38.97 -48.64
N ALA D 101 -39.81 -37.84 -48.25
CA ALA D 101 -40.21 -36.52 -48.73
C ALA D 101 -38.94 -35.82 -49.15
N LEU D 102 -38.79 -35.60 -50.46
CA LEU D 102 -37.60 -34.96 -50.99
C LEU D 102 -37.87 -33.64 -51.67
N ILE D 103 -37.20 -32.58 -51.23
CA ILE D 103 -37.34 -31.25 -51.85
C ILE D 103 -36.01 -30.88 -52.51
N VAL D 104 -36.05 -30.62 -53.81
CA VAL D 104 -34.82 -30.23 -54.47
C VAL D 104 -34.91 -28.84 -55.10
N CYS D 105 -33.86 -28.06 -54.86
CA CYS D 105 -33.76 -26.70 -55.36
C CYS D 105 -32.63 -26.67 -56.39
N GLY D 106 -32.96 -26.17 -57.57
CA GLY D 106 -31.98 -26.10 -58.62
C GLY D 106 -32.64 -25.83 -59.96
N GLY D 107 -31.88 -26.11 -61.02
CA GLY D 107 -32.35 -25.89 -62.39
C GLY D 107 -33.33 -26.95 -62.82
N ASP D 108 -34.08 -26.67 -63.87
CA ASP D 108 -35.10 -27.60 -64.37
C ASP D 108 -34.53 -28.99 -64.65
N GLY D 109 -33.34 -29.04 -65.25
CA GLY D 109 -32.75 -30.33 -65.50
C GLY D 109 -32.80 -31.14 -64.21
N SER D 110 -32.41 -30.51 -63.10
CA SER D 110 -32.41 -31.17 -61.79
C SER D 110 -33.82 -31.47 -61.31
N LEU D 111 -34.75 -30.59 -61.64
CA LEU D 111 -36.12 -30.79 -61.24
C LEU D 111 -36.68 -32.07 -61.84
N THR D 112 -36.63 -32.19 -63.17
CA THR D 112 -37.14 -33.39 -63.85
C THR D 112 -36.51 -34.66 -63.30
N GLY D 113 -35.19 -34.62 -63.10
CA GLY D 113 -34.53 -35.79 -62.55
C GLY D 113 -35.26 -36.25 -61.30
N ALA D 114 -35.73 -35.28 -60.52
CA ALA D 114 -36.44 -35.58 -59.29
C ALA D 114 -37.75 -36.33 -59.61
N ASP D 115 -38.53 -35.78 -60.54
CA ASP D 115 -39.78 -36.38 -60.94
C ASP D 115 -39.56 -37.83 -61.37
N LEU D 116 -38.72 -38.04 -62.37
CA LEU D 116 -38.44 -39.39 -62.85
C LEU D 116 -38.17 -40.32 -61.68
N PHE D 117 -37.32 -39.87 -60.78
CA PHE D 117 -36.97 -40.66 -59.61
C PHE D 117 -38.24 -41.04 -58.87
N ARG D 118 -39.15 -40.07 -58.76
CA ARG D 118 -40.42 -40.27 -58.09
C ARG D 118 -41.24 -41.37 -58.72
N SER D 119 -41.37 -41.31 -60.04
CA SER D 119 -42.11 -42.33 -60.77
C SER D 119 -41.40 -43.68 -60.69
N GLU D 120 -40.09 -43.64 -60.76
CA GLU D 120 -39.30 -44.86 -60.70
C GLU D 120 -39.22 -45.45 -59.29
N TRP D 121 -39.67 -44.67 -58.30
CA TRP D 121 -39.60 -45.11 -56.91
C TRP D 121 -40.25 -46.46 -56.69
N PRO D 122 -41.57 -46.58 -56.96
CA PRO D 122 -42.20 -47.89 -56.75
C PRO D 122 -41.33 -49.02 -57.29
N SER D 123 -40.93 -48.88 -58.55
CA SER D 123 -40.10 -49.88 -59.20
C SER D 123 -38.84 -50.20 -58.39
N LEU D 124 -38.19 -49.17 -57.86
CA LEU D 124 -36.96 -49.33 -57.09
C LEU D 124 -37.15 -50.04 -55.75
N ILE D 125 -38.09 -49.56 -54.95
CA ILE D 125 -38.32 -50.20 -53.67
C ILE D 125 -38.66 -51.69 -53.85
N GLU D 126 -39.35 -52.02 -54.95
CA GLU D 126 -39.68 -53.42 -55.21
C GLU D 126 -38.41 -54.22 -55.34
N GLU D 127 -37.51 -53.78 -56.21
CA GLU D 127 -36.25 -54.48 -56.36
C GLU D 127 -35.54 -54.49 -55.03
N LEU D 128 -35.56 -53.36 -54.35
CA LEU D 128 -34.92 -53.26 -53.04
C LEU D 128 -35.45 -54.34 -52.12
N LEU D 129 -36.77 -54.51 -52.10
CA LEU D 129 -37.35 -55.54 -51.26
C LEU D 129 -36.89 -56.92 -51.74
N LYS D 130 -37.21 -57.23 -52.99
CA LYS D 130 -36.86 -58.50 -53.61
C LYS D 130 -35.36 -58.61 -53.63
N THR D 131 -34.73 -58.58 -52.46
CA THR D 131 -33.28 -58.65 -52.33
C THR D 131 -32.83 -58.08 -50.99
N ASN D 132 -33.79 -57.85 -50.10
CA ASN D 132 -33.53 -57.27 -48.79
C ASN D 132 -33.20 -55.77 -48.88
N ARG D 133 -32.01 -55.38 -48.43
CA ARG D 133 -31.62 -53.97 -48.46
C ARG D 133 -32.56 -53.11 -47.60
N ILE D 134 -33.87 -53.31 -47.76
CA ILE D 134 -34.87 -52.60 -46.98
C ILE D 134 -35.83 -53.63 -46.37
N SER D 135 -36.16 -53.47 -45.10
CA SER D 135 -37.05 -54.42 -44.43
C SER D 135 -38.47 -54.33 -45.01
N ASN D 136 -39.32 -55.29 -44.67
CA ASN D 136 -40.68 -55.27 -45.17
C ASN D 136 -41.36 -54.08 -44.47
N GLU D 137 -41.02 -53.93 -43.18
CA GLU D 137 -41.54 -52.86 -42.34
C GLU D 137 -41.33 -51.51 -43.01
N GLN D 138 -40.16 -51.34 -43.61
CA GLN D 138 -39.78 -50.12 -44.32
C GLN D 138 -40.58 -49.92 -45.62
N TYR D 139 -40.59 -50.97 -46.44
CA TYR D 139 -41.28 -50.99 -47.72
C TYR D 139 -42.68 -50.37 -47.63
N GLU D 140 -43.47 -50.91 -46.71
CA GLU D 140 -44.83 -50.46 -46.46
C GLU D 140 -44.77 -49.00 -45.99
N ARG D 141 -44.02 -48.80 -44.92
CA ARG D 141 -43.83 -47.51 -44.29
C ARG D 141 -43.58 -46.33 -45.25
N MET D 142 -43.00 -46.60 -46.42
CA MET D 142 -42.73 -45.53 -47.36
C MET D 142 -42.60 -45.99 -48.79
N LYS D 143 -43.70 -46.53 -49.33
CA LYS D 143 -43.69 -47.04 -50.70
C LYS D 143 -43.91 -45.95 -51.74
N HIS D 144 -43.99 -44.70 -51.28
CA HIS D 144 -44.18 -43.58 -52.18
C HIS D 144 -43.23 -42.45 -51.87
N LEU D 145 -42.72 -41.82 -52.92
CA LEU D 145 -41.81 -40.70 -52.74
C LEU D 145 -42.55 -39.40 -53.05
N ASN D 146 -42.51 -38.47 -52.11
CA ASN D 146 -43.14 -37.19 -52.35
C ASN D 146 -42.06 -36.17 -52.57
N ILE D 147 -42.16 -35.42 -53.66
CA ILE D 147 -41.16 -34.41 -53.94
C ILE D 147 -41.78 -33.09 -54.28
N CYS D 148 -40.93 -32.06 -54.28
CA CYS D 148 -41.34 -30.74 -54.66
C CYS D 148 -40.13 -30.02 -55.17
N GLY D 149 -40.34 -29.17 -56.17
CA GLY D 149 -39.21 -28.47 -56.70
C GLY D 149 -39.21 -27.02 -56.32
N THR D 150 -38.01 -26.45 -56.31
CA THR D 150 -37.80 -25.05 -56.01
C THR D 150 -36.76 -24.70 -57.03
N VAL D 151 -37.08 -23.81 -57.97
CA VAL D 151 -36.14 -23.48 -59.03
C VAL D 151 -35.20 -22.33 -58.69
N GLY D 152 -33.92 -22.67 -58.61
CA GLY D 152 -32.89 -21.69 -58.31
C GLY D 152 -31.96 -21.58 -59.51
N SER D 153 -31.80 -20.38 -60.03
CA SER D 153 -30.93 -20.18 -61.19
C SER D 153 -30.77 -18.69 -61.43
N ILE D 154 -29.60 -18.26 -61.91
CA ILE D 154 -29.46 -16.83 -62.14
C ILE D 154 -29.99 -16.44 -63.52
N ASP D 155 -30.29 -17.44 -64.34
CA ASP D 155 -30.75 -17.17 -65.70
C ASP D 155 -32.17 -16.67 -65.88
N ASN D 156 -33.06 -17.03 -64.97
CA ASN D 156 -34.46 -16.63 -65.06
C ASN D 156 -35.03 -17.08 -66.39
N ASP D 157 -34.87 -18.36 -66.67
CA ASP D 157 -35.37 -18.88 -67.92
C ASP D 157 -36.31 -20.08 -67.77
N MET D 158 -37.02 -20.16 -66.65
CA MET D 158 -37.96 -21.24 -66.43
C MET D 158 -39.31 -20.53 -66.63
N SER D 159 -39.97 -20.88 -67.73
CA SER D 159 -41.23 -20.26 -68.14
C SER D 159 -42.41 -20.05 -67.22
N THR D 160 -42.70 -20.96 -66.32
CA THR D 160 -43.87 -20.76 -65.46
C THR D 160 -43.65 -19.89 -64.22
N THR D 161 -42.42 -19.43 -64.00
CA THR D 161 -42.12 -18.54 -62.86
C THR D 161 -41.50 -17.21 -63.34
N ASP D 162 -41.89 -16.11 -62.69
CA ASP D 162 -41.41 -14.78 -63.06
C ASP D 162 -39.96 -14.52 -62.68
N ALA D 163 -39.53 -15.12 -61.58
CA ALA D 163 -38.17 -14.93 -61.12
C ALA D 163 -37.60 -16.21 -60.53
N THR D 164 -36.49 -16.67 -61.07
CA THR D 164 -35.85 -17.86 -60.52
C THR D 164 -35.04 -17.38 -59.32
N ILE D 165 -34.84 -18.25 -58.35
CA ILE D 165 -34.09 -17.80 -57.19
C ILE D 165 -32.68 -17.52 -57.66
N GLY D 166 -32.18 -16.32 -57.39
CA GLY D 166 -30.83 -15.95 -57.79
C GLY D 166 -30.75 -14.95 -58.93
N ALA D 167 -31.75 -14.96 -59.80
CA ALA D 167 -31.78 -14.06 -60.95
C ALA D 167 -31.44 -12.61 -60.62
N TYR D 168 -32.21 -11.99 -59.75
CA TYR D 168 -31.98 -10.60 -59.37
C TYR D 168 -30.64 -10.38 -58.67
N SER D 169 -30.12 -11.43 -58.05
CA SER D 169 -28.82 -11.29 -57.40
C SER D 169 -27.79 -11.19 -58.52
N ALA D 170 -27.92 -12.05 -59.52
CA ALA D 170 -27.00 -12.03 -60.66
C ALA D 170 -27.07 -10.67 -61.30
N LEU D 171 -28.29 -10.16 -61.50
CA LEU D 171 -28.51 -8.86 -62.11
C LEU D 171 -27.79 -7.77 -61.32
N ASP D 172 -27.78 -7.93 -59.99
CA ASP D 172 -27.09 -6.97 -59.12
C ASP D 172 -25.58 -7.02 -59.38
N ARG D 173 -25.07 -8.23 -59.46
CA ARG D 173 -23.65 -8.41 -59.69
C ARG D 173 -23.24 -7.79 -61.02
N ILE D 174 -24.08 -7.99 -62.04
CA ILE D 174 -23.85 -7.46 -63.38
C ILE D 174 -23.82 -5.93 -63.36
N CYS D 175 -24.86 -5.32 -62.84
CA CYS D 175 -24.89 -3.89 -62.82
C CYS D 175 -23.75 -3.29 -62.00
N LYS D 176 -23.21 -4.05 -61.05
CA LYS D 176 -22.14 -3.51 -60.24
C LYS D 176 -20.86 -3.47 -61.02
N ALA D 177 -20.64 -4.49 -61.86
CA ALA D 177 -19.43 -4.59 -62.67
C ALA D 177 -19.48 -3.54 -63.77
N ILE D 178 -20.64 -3.39 -64.40
CA ILE D 178 -20.75 -2.40 -65.44
C ILE D 178 -20.54 -1.01 -64.85
N ASP D 179 -21.06 -0.74 -63.65
CA ASP D 179 -20.87 0.57 -63.07
C ASP D 179 -19.39 0.83 -62.84
N TYR D 180 -18.63 -0.20 -62.54
CA TYR D 180 -17.19 0.02 -62.37
C TYR D 180 -16.64 0.32 -63.76
N VAL D 181 -16.84 -0.61 -64.71
CA VAL D 181 -16.36 -0.44 -66.09
C VAL D 181 -16.69 0.92 -66.68
N GLU D 182 -17.84 1.44 -66.33
CA GLU D 182 -18.24 2.71 -66.88
C GLU D 182 -17.26 3.82 -66.52
N ALA D 183 -16.77 3.82 -65.29
CA ALA D 183 -15.91 4.91 -64.87
C ALA D 183 -14.57 4.96 -65.57
N THR D 184 -13.95 3.81 -65.82
CA THR D 184 -12.69 3.88 -66.51
C THR D 184 -13.02 4.19 -67.98
N ALA D 185 -14.12 3.64 -68.46
CA ALA D 185 -14.55 3.85 -69.82
C ALA D 185 -14.73 5.35 -70.06
N ASN D 186 -15.37 6.03 -69.13
CA ASN D 186 -15.60 7.46 -69.28
C ASN D 186 -14.28 8.25 -69.29
N SER D 187 -13.27 7.71 -68.63
CA SER D 187 -11.97 8.38 -68.56
C SER D 187 -11.36 8.47 -69.97
N HIS D 188 -11.41 7.36 -70.68
CA HIS D 188 -10.86 7.24 -72.02
C HIS D 188 -11.91 7.32 -73.13
N SER D 189 -13.12 7.74 -72.79
CA SER D 189 -14.20 7.82 -73.76
C SER D 189 -14.20 6.56 -74.59
N ARG D 190 -14.02 5.43 -73.92
CA ARG D 190 -13.97 4.15 -74.60
C ARG D 190 -15.30 3.46 -74.83
N ALA D 191 -15.20 2.24 -75.35
CA ALA D 191 -16.35 1.42 -75.65
C ALA D 191 -16.08 0.05 -75.11
N PHE D 192 -17.05 -0.50 -74.40
CA PHE D 192 -16.92 -1.83 -73.82
C PHE D 192 -18.04 -2.78 -74.23
N VAL D 193 -17.63 -4.01 -74.50
CA VAL D 193 -18.54 -5.06 -74.87
C VAL D 193 -18.56 -6.01 -73.65
N VAL D 194 -19.62 -5.92 -72.86
CA VAL D 194 -19.69 -6.73 -71.66
C VAL D 194 -20.44 -8.03 -71.87
N GLU D 195 -19.70 -9.12 -71.88
CA GLU D 195 -20.32 -10.40 -72.08
C GLU D 195 -20.95 -10.85 -70.77
N VAL D 196 -22.25 -11.07 -70.81
CA VAL D 196 -23.02 -11.44 -69.63
C VAL D 196 -23.53 -12.88 -69.67
N MET D 197 -23.84 -13.49 -68.52
CA MET D 197 -24.34 -14.88 -68.48
C MET D 197 -25.81 -14.98 -68.87
N GLY D 198 -26.44 -16.11 -68.55
CA GLY D 198 -27.84 -16.29 -68.86
C GLY D 198 -28.10 -17.49 -69.75
N ARG D 199 -27.05 -18.21 -70.12
CA ARG D 199 -27.17 -19.39 -70.97
C ARG D 199 -27.89 -19.03 -72.26
N ASN D 200 -29.14 -19.45 -72.39
CA ASN D 200 -29.91 -19.15 -73.59
C ASN D 200 -30.98 -18.10 -73.39
N CYS D 201 -31.01 -17.52 -72.20
CA CYS D 201 -31.99 -16.52 -71.89
C CYS D 201 -31.30 -15.17 -71.97
N GLY D 202 -32.08 -14.12 -72.23
CA GLY D 202 -31.50 -12.80 -72.31
C GLY D 202 -32.04 -11.86 -71.25
N TRP D 203 -32.74 -12.43 -70.28
CA TRP D 203 -33.32 -11.65 -69.19
C TRP D 203 -32.29 -10.76 -68.47
N LEU D 204 -31.13 -11.33 -68.17
CA LEU D 204 -30.08 -10.60 -67.50
C LEU D 204 -29.52 -9.49 -68.37
N ALA D 205 -29.17 -9.81 -69.62
CA ALA D 205 -28.61 -8.80 -70.51
C ALA D 205 -29.58 -7.62 -70.69
N LEU D 206 -30.85 -7.93 -70.92
CA LEU D 206 -31.89 -6.91 -71.08
C LEU D 206 -31.98 -5.99 -69.85
N LEU D 207 -32.41 -6.54 -68.72
CA LEU D 207 -32.53 -5.74 -67.48
C LEU D 207 -31.26 -4.93 -67.21
N ALA D 208 -30.10 -5.56 -67.39
CA ALA D 208 -28.82 -4.89 -67.17
C ALA D 208 -28.72 -3.68 -68.07
N GLY D 209 -28.93 -3.90 -69.37
CA GLY D 209 -28.86 -2.80 -70.32
C GLY D 209 -29.75 -1.64 -69.97
N ILE D 210 -30.97 -1.95 -69.53
CA ILE D 210 -31.94 -0.93 -69.14
C ILE D 210 -31.41 -0.14 -67.93
N ALA D 211 -30.95 -0.91 -66.95
CA ALA D 211 -30.40 -0.41 -65.71
C ALA D 211 -29.12 0.41 -65.87
N THR D 212 -28.24 -0.06 -66.74
CA THR D 212 -26.98 0.62 -66.95
C THR D 212 -26.98 1.60 -68.11
N SER D 213 -28.13 1.75 -68.78
CA SER D 213 -28.27 2.63 -69.96
C SER D 213 -27.26 2.28 -71.04
N ALA D 214 -27.16 0.99 -71.36
CA ALA D 214 -26.22 0.53 -72.36
C ALA D 214 -26.66 1.10 -73.70
N ASP D 215 -25.75 1.22 -74.66
CA ASP D 215 -26.13 1.76 -75.96
C ASP D 215 -26.84 0.72 -76.81
N TYR D 216 -26.59 -0.55 -76.52
CA TYR D 216 -27.17 -1.62 -77.32
C TYR D 216 -27.05 -2.99 -76.63
N ILE D 217 -28.09 -3.79 -76.72
CA ILE D 217 -28.04 -5.11 -76.11
C ILE D 217 -28.23 -6.17 -77.20
N PHE D 218 -27.56 -7.30 -77.03
CA PHE D 218 -27.65 -8.42 -77.95
C PHE D 218 -28.28 -9.57 -77.21
N ILE D 219 -29.59 -9.73 -77.32
CA ILE D 219 -30.28 -10.82 -76.64
C ILE D 219 -30.78 -11.84 -77.67
N PRO D 220 -30.81 -13.13 -77.29
CA PRO D 220 -31.26 -14.23 -78.17
C PRO D 220 -32.76 -14.32 -78.47
N GLU D 221 -33.59 -13.60 -77.74
CA GLU D 221 -35.03 -13.66 -77.99
C GLU D 221 -35.43 -12.72 -79.12
N LYS D 222 -34.52 -11.85 -79.54
CA LYS D 222 -34.81 -10.93 -80.63
C LYS D 222 -33.55 -10.93 -81.47
N PRO D 223 -33.32 -12.04 -82.21
CA PRO D 223 -32.15 -12.24 -83.09
C PRO D 223 -32.13 -11.18 -84.18
N ALA D 224 -33.33 -10.72 -84.55
CA ALA D 224 -33.52 -9.70 -85.58
C ALA D 224 -32.22 -9.10 -86.09
N THR D 225 -31.65 -9.64 -87.18
CA THR D 225 -30.42 -9.07 -87.72
C THR D 225 -29.71 -9.64 -88.96
N SER D 226 -28.57 -10.29 -88.66
CA SER D 226 -27.63 -10.92 -89.60
C SER D 226 -26.73 -9.79 -90.12
N SER D 227 -27.37 -8.79 -90.72
CA SER D 227 -26.68 -7.64 -91.27
C SER D 227 -27.28 -6.42 -90.63
N GLU D 228 -28.45 -6.63 -90.03
CA GLU D 228 -29.18 -5.55 -89.37
C GLU D 228 -28.46 -4.99 -88.14
N TRP D 229 -28.00 -5.90 -87.28
CA TRP D 229 -27.37 -5.49 -86.06
C TRP D 229 -26.15 -4.60 -86.27
N GLN D 230 -25.33 -4.87 -87.28
CA GLN D 230 -24.17 -4.01 -87.45
C GLN D 230 -24.63 -2.60 -87.75
N ASP D 231 -25.66 -2.46 -88.57
CA ASP D 231 -26.12 -1.10 -88.89
C ASP D 231 -26.93 -0.56 -87.72
N GLN D 232 -27.84 -1.39 -87.22
CA GLN D 232 -28.71 -1.02 -86.10
C GLN D 232 -27.84 -0.40 -84.99
N MET D 233 -26.86 -1.16 -84.51
CA MET D 233 -25.96 -0.73 -83.45
C MET D 233 -25.09 0.46 -83.82
N CYS D 234 -24.35 0.34 -84.91
CA CYS D 234 -23.48 1.44 -85.33
C CYS D 234 -24.21 2.76 -85.40
N ASP D 235 -25.43 2.74 -85.91
CA ASP D 235 -26.21 3.96 -86.04
C ASP D 235 -26.47 4.66 -84.71
N ILE D 236 -27.15 3.96 -83.79
CA ILE D 236 -27.50 4.53 -82.48
C ILE D 236 -26.25 4.83 -81.64
N VAL D 237 -25.22 4.02 -81.79
CA VAL D 237 -24.00 4.30 -81.05
C VAL D 237 -23.48 5.64 -81.54
N SER D 238 -23.27 5.74 -82.86
CA SER D 238 -22.77 6.96 -83.49
C SER D 238 -23.54 8.19 -83.07
N LYS D 239 -24.86 8.10 -83.10
CA LYS D 239 -25.69 9.22 -82.71
C LYS D 239 -25.41 9.59 -81.26
N HIS D 240 -25.32 8.56 -80.41
CA HIS D 240 -25.05 8.79 -78.99
C HIS D 240 -23.71 9.45 -78.77
N ARG D 241 -22.65 8.83 -79.29
CA ARG D 241 -21.32 9.37 -79.11
C ARG D 241 -21.20 10.78 -79.66
N SER D 242 -21.62 10.98 -80.90
CA SER D 242 -21.54 12.30 -81.51
C SER D 242 -22.34 13.35 -80.73
N ARG D 243 -23.36 12.93 -80.00
CA ARG D 243 -24.13 13.91 -79.27
C ARG D 243 -23.64 14.17 -77.82
N GLY D 244 -22.51 13.57 -77.46
CA GLY D 244 -21.97 13.80 -76.12
C GLY D 244 -21.49 12.60 -75.31
N LYS D 245 -22.29 11.55 -75.24
CA LYS D 245 -21.90 10.39 -74.46
C LYS D 245 -20.46 9.95 -74.77
N ARG D 246 -19.58 10.04 -73.77
CA ARG D 246 -18.18 9.67 -73.90
C ARG D 246 -17.96 8.17 -73.89
N THR D 247 -18.92 7.43 -73.36
CA THR D 247 -18.78 5.99 -73.26
C THR D 247 -19.74 5.25 -74.14
N THR D 248 -19.39 4.00 -74.39
CA THR D 248 -20.23 3.12 -75.19
C THR D 248 -20.23 1.75 -74.51
N ILE D 249 -21.41 1.39 -74.00
CA ILE D 249 -21.56 0.11 -73.33
C ILE D 249 -22.54 -0.77 -74.09
N VAL D 250 -22.03 -1.88 -74.62
CA VAL D 250 -22.86 -2.81 -75.39
C VAL D 250 -22.97 -4.15 -74.66
N VAL D 251 -24.14 -4.38 -74.08
CA VAL D 251 -24.35 -5.61 -73.33
C VAL D 251 -24.68 -6.73 -74.30
N VAL D 252 -23.92 -7.82 -74.20
CA VAL D 252 -24.07 -8.99 -75.09
C VAL D 252 -24.41 -10.32 -74.39
N ALA D 253 -25.65 -10.78 -74.51
CA ALA D 253 -26.00 -12.03 -73.84
C ALA D 253 -25.00 -13.09 -74.25
N GLU D 254 -24.57 -13.94 -73.33
CA GLU D 254 -23.59 -14.95 -73.72
C GLU D 254 -24.14 -15.82 -74.83
N GLY D 255 -25.46 -16.04 -74.82
CA GLY D 255 -26.05 -16.87 -75.86
C GLY D 255 -26.79 -16.15 -76.98
N ALA D 256 -26.33 -14.95 -77.33
CA ALA D 256 -26.98 -14.20 -78.39
C ALA D 256 -26.68 -14.86 -79.74
N ILE D 257 -27.60 -14.67 -80.68
CA ILE D 257 -27.50 -15.23 -82.02
C ILE D 257 -28.11 -14.22 -82.99
N ALA D 258 -27.92 -14.45 -84.29
CA ALA D 258 -28.52 -13.58 -85.29
C ALA D 258 -29.81 -14.27 -85.75
N ALA D 259 -30.58 -13.63 -86.61
CA ALA D 259 -31.83 -14.22 -87.06
C ALA D 259 -31.63 -15.57 -87.74
N ASP D 260 -30.45 -15.80 -88.29
CA ASP D 260 -30.18 -17.07 -88.95
C ASP D 260 -29.76 -18.14 -87.95
N LEU D 261 -30.05 -17.89 -86.67
CA LEU D 261 -29.70 -18.82 -85.59
C LEU D 261 -28.19 -18.99 -85.33
N THR D 262 -27.34 -18.35 -86.13
CA THR D 262 -25.90 -18.46 -85.91
C THR D 262 -25.53 -17.57 -84.73
N PRO D 263 -24.54 -17.99 -83.92
CA PRO D 263 -24.17 -17.17 -82.77
C PRO D 263 -23.44 -15.87 -83.07
N ILE D 264 -23.69 -14.90 -82.20
CA ILE D 264 -23.07 -13.57 -82.25
C ILE D 264 -22.20 -13.50 -80.99
N SER D 265 -20.88 -13.40 -81.17
CA SER D 265 -19.97 -13.34 -80.04
C SER D 265 -19.53 -11.91 -79.71
N PRO D 266 -18.97 -11.72 -78.50
CA PRO D 266 -18.51 -10.40 -78.10
C PRO D 266 -17.48 -9.91 -79.11
N SER D 267 -16.65 -10.83 -79.58
CA SER D 267 -15.61 -10.50 -80.56
C SER D 267 -16.29 -9.92 -81.77
N ASP D 268 -17.27 -10.66 -82.28
CA ASP D 268 -18.00 -10.22 -83.45
C ASP D 268 -18.40 -8.74 -83.28
N VAL D 269 -18.94 -8.41 -82.13
CA VAL D 269 -19.37 -7.04 -81.85
C VAL D 269 -18.19 -6.10 -81.67
N HIS D 270 -17.11 -6.61 -81.07
CA HIS D 270 -15.89 -5.82 -80.84
C HIS D 270 -15.35 -5.30 -82.18
N LYS D 271 -15.09 -6.23 -83.08
CA LYS D 271 -14.58 -5.97 -84.41
C LYS D 271 -15.35 -4.85 -85.07
N VAL D 272 -16.66 -5.04 -85.18
CA VAL D 272 -17.49 -4.03 -85.80
C VAL D 272 -17.28 -2.66 -85.16
N LEU D 273 -17.31 -2.58 -83.83
CA LEU D 273 -17.12 -1.31 -83.14
C LEU D 273 -15.80 -0.63 -83.54
N VAL D 274 -14.77 -1.45 -83.69
CA VAL D 274 -13.45 -0.96 -84.04
C VAL D 274 -13.31 -0.69 -85.53
N ASP D 275 -13.64 -1.68 -86.35
CA ASP D 275 -13.54 -1.54 -87.81
C ASP D 275 -14.44 -0.47 -88.41
N ARG D 276 -15.74 -0.63 -88.23
CA ARG D 276 -16.72 0.28 -88.77
C ARG D 276 -16.72 1.68 -88.15
N LEU D 277 -16.84 1.75 -86.83
CA LEU D 277 -16.89 3.03 -86.11
C LEU D 277 -15.51 3.51 -85.68
N GLY D 278 -14.54 2.61 -85.73
CA GLY D 278 -13.17 2.94 -85.37
C GLY D 278 -12.92 3.52 -84.00
N LEU D 279 -13.55 2.96 -82.98
CA LEU D 279 -13.36 3.45 -81.62
C LEU D 279 -12.68 2.40 -80.73
N ASP D 280 -11.91 2.90 -79.77
CA ASP D 280 -11.17 2.09 -78.80
C ASP D 280 -12.15 1.17 -78.07
N THR D 281 -11.97 -0.14 -78.27
CA THR D 281 -12.90 -1.08 -77.68
C THR D 281 -12.25 -2.20 -76.89
N ARG D 282 -12.92 -2.62 -75.83
CA ARG D 282 -12.43 -3.72 -75.01
C ARG D 282 -13.59 -4.67 -74.74
N ILE D 283 -13.26 -5.93 -74.51
CA ILE D 283 -14.28 -6.92 -74.23
C ILE D 283 -14.13 -7.29 -72.77
N THR D 284 -15.26 -7.47 -72.09
CA THR D 284 -15.22 -7.83 -70.69
C THR D 284 -16.11 -9.03 -70.49
N THR D 285 -15.59 -10.11 -69.93
CA THR D 285 -16.44 -11.26 -69.65
C THR D 285 -16.54 -11.47 -68.13
N LEU D 286 -17.65 -11.01 -67.55
CA LEU D 286 -17.86 -11.10 -66.12
C LEU D 286 -17.71 -12.51 -65.57
N GLY D 287 -18.09 -13.51 -66.33
CA GLY D 287 -17.94 -14.86 -65.82
C GLY D 287 -18.72 -15.14 -64.56
N HIS D 288 -18.19 -16.02 -63.72
CA HIS D 288 -18.90 -16.38 -62.50
C HIS D 288 -19.12 -15.37 -61.37
N VAL D 289 -18.58 -14.17 -61.44
CA VAL D 289 -18.87 -13.28 -60.34
C VAL D 289 -20.37 -13.21 -60.31
N GLN D 290 -20.99 -13.40 -61.47
CA GLN D 290 -22.44 -13.35 -61.60
C GLN D 290 -23.12 -14.45 -60.81
N ARG D 291 -22.35 -15.47 -60.44
CA ARG D 291 -22.90 -16.57 -59.68
C ARG D 291 -22.66 -16.43 -58.20
N GLY D 292 -21.70 -15.58 -57.85
CA GLY D 292 -21.37 -15.42 -56.44
C GLY D 292 -22.10 -14.32 -55.71
N GLY D 293 -21.56 -13.97 -54.55
CA GLY D 293 -22.16 -12.93 -53.75
C GLY D 293 -23.25 -13.46 -52.84
N THR D 294 -23.69 -12.61 -51.92
CA THR D 294 -24.74 -12.99 -50.99
C THR D 294 -26.06 -12.67 -51.71
N ALA D 295 -27.11 -13.39 -51.40
CA ALA D 295 -28.37 -13.12 -52.06
C ALA D 295 -28.92 -11.73 -51.72
N VAL D 296 -29.41 -11.06 -52.76
CA VAL D 296 -30.01 -9.74 -52.65
C VAL D 296 -31.29 -9.91 -51.81
N ALA D 297 -31.70 -8.86 -51.11
CA ALA D 297 -32.92 -8.94 -50.29
C ALA D 297 -34.05 -9.68 -50.99
N TYR D 298 -34.35 -9.30 -52.22
CA TYR D 298 -35.42 -9.93 -53.00
C TYR D 298 -35.23 -11.44 -53.08
N ASP D 299 -34.03 -11.88 -53.39
CA ASP D 299 -33.80 -13.31 -53.47
C ASP D 299 -33.94 -13.96 -52.11
N ARG D 300 -33.35 -13.39 -51.07
CA ARG D 300 -33.49 -13.98 -49.74
C ARG D 300 -34.96 -14.12 -49.43
N ILE D 301 -35.68 -13.01 -49.47
CA ILE D 301 -37.12 -13.05 -49.18
C ILE D 301 -37.89 -14.00 -50.09
N LEU D 302 -37.53 -14.06 -51.37
CA LEU D 302 -38.25 -14.95 -52.28
C LEU D 302 -37.98 -16.40 -51.93
N ALA D 303 -36.70 -16.74 -51.79
CA ALA D 303 -36.32 -18.10 -51.47
C ALA D 303 -36.84 -18.51 -50.09
N THR D 304 -36.90 -17.56 -49.17
CA THR D 304 -37.41 -17.90 -47.84
C THR D 304 -38.90 -18.31 -47.90
N LEU D 305 -39.70 -17.59 -48.69
CA LEU D 305 -41.13 -17.88 -48.79
C LEU D 305 -41.39 -19.15 -49.57
N GLN D 306 -40.69 -19.30 -50.68
CA GLN D 306 -40.86 -20.47 -51.52
C GLN D 306 -40.48 -21.72 -50.75
N GLY D 307 -39.42 -21.61 -49.96
CA GLY D 307 -38.98 -22.74 -49.18
C GLY D 307 -40.10 -23.17 -48.26
N LEU D 308 -40.69 -22.22 -47.56
CA LEU D 308 -41.77 -22.51 -46.64
C LEU D 308 -42.90 -23.25 -47.37
N GLU D 309 -43.32 -22.72 -48.51
CA GLU D 309 -44.37 -23.31 -49.31
C GLU D 309 -43.95 -24.69 -49.84
N ALA D 310 -42.70 -24.81 -50.23
CA ALA D 310 -42.21 -26.08 -50.74
C ALA D 310 -42.44 -27.20 -49.71
N VAL D 311 -42.28 -26.89 -48.43
CA VAL D 311 -42.51 -27.89 -47.43
C VAL D 311 -44.01 -28.19 -47.41
N ASN D 312 -44.83 -27.15 -47.40
CA ASN D 312 -46.27 -27.36 -47.39
C ASN D 312 -46.68 -28.25 -48.51
N ALA D 313 -46.10 -28.05 -49.69
CA ALA D 313 -46.43 -28.85 -50.86
C ALA D 313 -46.12 -30.35 -50.76
N VAL D 314 -44.90 -30.71 -50.40
CA VAL D 314 -44.58 -32.13 -50.29
C VAL D 314 -45.37 -32.74 -49.15
N LEU D 315 -45.66 -31.94 -48.13
CA LEU D 315 -46.41 -32.47 -47.01
C LEU D 315 -47.85 -32.79 -47.38
N GLU D 316 -48.38 -32.17 -48.43
CA GLU D 316 -49.75 -32.47 -48.82
C GLU D 316 -49.83 -33.15 -50.19
N SER D 317 -48.69 -33.61 -50.69
CA SER D 317 -48.69 -34.31 -51.97
C SER D 317 -49.12 -35.75 -51.68
N THR D 318 -49.75 -36.38 -52.68
CA THR D 318 -50.21 -37.75 -52.54
C THR D 318 -49.80 -38.53 -53.79
N PRO D 319 -49.90 -39.87 -53.73
CA PRO D 319 -49.52 -40.68 -54.88
C PRO D 319 -50.18 -40.26 -56.19
N ASP D 320 -51.33 -39.58 -56.11
CA ASP D 320 -52.02 -39.16 -57.32
C ASP D 320 -51.75 -37.71 -57.75
N THR D 321 -51.19 -36.91 -56.84
CA THR D 321 -50.88 -35.51 -57.17
C THR D 321 -49.65 -35.39 -58.04
N PRO D 322 -49.74 -34.60 -59.13
CA PRO D 322 -48.59 -34.43 -60.01
C PRO D 322 -47.50 -33.70 -59.24
N SER D 323 -46.25 -33.98 -59.59
CA SER D 323 -45.12 -33.35 -58.92
C SER D 323 -45.17 -31.82 -59.00
N PRO D 324 -45.24 -31.15 -57.83
CA PRO D 324 -45.31 -29.68 -57.71
C PRO D 324 -43.95 -28.99 -57.85
N LEU D 325 -44.03 -27.68 -57.95
CA LEU D 325 -42.87 -26.82 -58.08
C LEU D 325 -43.32 -25.42 -57.67
N ILE D 326 -42.59 -24.76 -56.78
CA ILE D 326 -43.03 -23.43 -56.37
C ILE D 326 -42.46 -22.32 -57.25
N ALA D 327 -43.31 -21.34 -57.56
CA ALA D 327 -42.90 -20.23 -58.41
C ALA D 327 -43.54 -18.92 -57.96
N VAL D 328 -43.37 -17.87 -58.76
CA VAL D 328 -43.97 -16.59 -58.43
C VAL D 328 -44.64 -16.06 -59.66
N ASN D 329 -45.87 -15.56 -59.49
CA ASN D 329 -46.61 -14.95 -60.58
C ASN D 329 -47.19 -13.68 -59.99
N GLU D 330 -47.00 -12.55 -60.67
CA GLU D 330 -47.50 -11.30 -60.14
C GLU D 330 -47.19 -11.28 -58.65
N ASN D 331 -45.90 -11.20 -58.32
CA ASN D 331 -45.47 -11.22 -56.93
C ASN D 331 -46.47 -11.93 -56.03
N LYS D 332 -46.68 -13.21 -56.32
CA LYS D 332 -47.58 -14.08 -55.55
C LYS D 332 -46.94 -15.49 -55.60
N ILE D 333 -46.66 -16.06 -54.43
CA ILE D 333 -46.05 -17.38 -54.33
C ILE D 333 -47.06 -18.46 -54.69
N VAL D 334 -46.77 -19.23 -55.72
CA VAL D 334 -47.72 -20.24 -56.16
C VAL D 334 -47.12 -21.58 -56.56
N ARG D 335 -48.00 -22.57 -56.67
CA ARG D 335 -47.59 -23.90 -57.07
C ARG D 335 -47.85 -24.10 -58.56
N LYS D 336 -46.96 -24.83 -59.21
CA LYS D 336 -47.06 -25.14 -60.64
C LYS D 336 -46.65 -26.60 -60.87
N PRO D 337 -47.26 -27.26 -61.85
CA PRO D 337 -46.91 -28.65 -62.12
C PRO D 337 -45.55 -28.76 -62.81
N LEU D 338 -44.66 -29.47 -62.13
CA LEU D 338 -43.28 -29.70 -62.56
C LEU D 338 -43.18 -29.95 -64.07
N MET D 339 -43.89 -30.97 -64.54
CA MET D 339 -43.88 -31.34 -65.95
C MET D 339 -44.30 -30.24 -66.90
N GLU D 340 -45.54 -29.78 -66.80
CA GLU D 340 -46.02 -28.71 -67.66
C GLU D 340 -44.97 -27.60 -67.69
N SER D 341 -44.50 -27.20 -66.51
CA SER D 341 -43.50 -26.15 -66.37
C SER D 341 -42.24 -26.42 -67.20
N VAL D 342 -41.61 -27.59 -67.01
CA VAL D 342 -40.41 -27.89 -67.79
C VAL D 342 -40.78 -28.03 -69.26
N LYS D 343 -41.95 -28.57 -69.54
CA LYS D 343 -42.42 -28.74 -70.91
C LYS D 343 -42.53 -27.36 -71.56
N LEU D 344 -43.16 -26.44 -70.85
CA LEU D 344 -43.32 -25.09 -71.36
C LEU D 344 -41.97 -24.45 -71.59
N THR D 345 -40.97 -24.86 -70.82
CA THR D 345 -39.65 -24.28 -70.96
C THR D 345 -38.95 -24.86 -72.17
N LYS D 346 -39.04 -26.18 -72.33
CA LYS D 346 -38.43 -26.86 -73.46
C LYS D 346 -38.98 -26.16 -74.71
N ALA D 347 -40.22 -25.69 -74.60
CA ALA D 347 -40.86 -25.00 -75.69
C ALA D 347 -39.98 -23.91 -76.26
N VAL D 348 -39.61 -22.93 -75.43
CA VAL D 348 -38.79 -21.80 -75.87
C VAL D 348 -37.65 -22.22 -76.80
N ALA D 349 -36.91 -23.25 -76.39
CA ALA D 349 -35.81 -23.74 -77.19
C ALA D 349 -36.33 -24.04 -78.60
N GLU D 350 -37.43 -24.80 -78.66
CA GLU D 350 -38.04 -25.19 -79.91
C GLU D 350 -38.41 -23.97 -80.74
N ALA D 351 -39.26 -23.11 -80.16
CA ALA D 351 -39.70 -21.90 -80.83
C ALA D 351 -38.51 -21.18 -81.46
N ILE D 352 -37.43 -21.07 -80.68
CA ILE D 352 -36.22 -20.40 -81.15
C ILE D 352 -35.59 -21.16 -82.30
N GLN D 353 -35.53 -22.49 -82.14
CA GLN D 353 -34.97 -23.37 -83.18
C GLN D 353 -35.80 -23.28 -84.47
N ALA D 354 -37.05 -22.82 -84.34
CA ALA D 354 -37.96 -22.67 -85.46
C ALA D 354 -38.29 -21.20 -85.76
N LYS D 355 -37.27 -20.36 -85.65
CA LYS D 355 -37.38 -18.93 -85.90
C LYS D 355 -38.59 -18.14 -85.40
N ASP D 356 -39.52 -18.78 -84.69
CA ASP D 356 -40.70 -18.05 -84.17
C ASP D 356 -40.34 -17.35 -82.86
N PHE D 357 -39.68 -16.21 -83.01
CA PHE D 357 -39.22 -15.43 -81.89
C PHE D 357 -40.30 -14.85 -81.00
N LYS D 358 -41.40 -14.37 -81.57
CA LYS D 358 -42.47 -13.80 -80.75
C LYS D 358 -43.02 -14.82 -79.75
N ARG D 359 -43.03 -16.09 -80.17
CA ARG D 359 -43.53 -17.16 -79.32
C ARG D 359 -42.61 -17.35 -78.12
N ALA D 360 -41.31 -17.45 -78.40
CA ALA D 360 -40.33 -17.63 -77.33
C ALA D 360 -40.45 -16.47 -76.37
N MET D 361 -40.53 -15.28 -76.92
CA MET D 361 -40.65 -14.09 -76.09
C MET D 361 -41.87 -14.11 -75.17
N SER D 362 -42.93 -14.77 -75.57
CA SER D 362 -44.12 -14.83 -74.75
C SER D 362 -43.95 -15.79 -73.57
N LEU D 363 -43.14 -16.83 -73.77
CA LEU D 363 -42.89 -17.85 -72.75
C LEU D 363 -42.03 -17.38 -71.55
N ARG D 364 -41.37 -16.23 -71.71
CA ARG D 364 -40.52 -15.66 -70.64
C ARG D 364 -41.41 -15.15 -69.51
N ASP D 365 -40.89 -14.23 -68.69
CA ASP D 365 -41.65 -13.71 -67.55
C ASP D 365 -42.69 -12.67 -67.92
N THR D 366 -43.71 -12.60 -67.07
CA THR D 366 -44.84 -11.69 -67.20
C THR D 366 -44.52 -10.28 -67.73
N GLU D 367 -43.29 -9.82 -67.58
CA GLU D 367 -42.98 -8.49 -68.07
C GLU D 367 -41.74 -8.39 -68.95
N PHE D 368 -41.33 -9.51 -69.54
CA PHE D 368 -40.14 -9.53 -70.39
C PHE D 368 -40.24 -8.57 -71.58
N ILE D 369 -41.31 -8.72 -72.33
CA ILE D 369 -41.53 -7.90 -73.50
C ILE D 369 -41.65 -6.43 -73.19
N GLU D 370 -42.37 -6.12 -72.12
CA GLU D 370 -42.54 -4.72 -71.74
C GLU D 370 -41.17 -4.04 -71.60
N HIS D 371 -40.25 -4.70 -70.89
CA HIS D 371 -38.91 -4.16 -70.69
C HIS D 371 -38.24 -3.89 -72.02
N LEU D 372 -38.27 -4.87 -72.91
CA LEU D 372 -37.66 -4.72 -74.24
C LEU D 372 -38.15 -3.46 -74.97
N ASN D 373 -39.47 -3.31 -75.04
CA ASN D 373 -40.03 -2.15 -75.69
C ASN D 373 -39.52 -0.91 -74.98
N ASN D 374 -39.66 -0.88 -73.65
CA ASN D 374 -39.17 0.27 -72.88
C ASN D 374 -37.70 0.56 -73.20
N PHE D 375 -36.85 -0.46 -73.18
CA PHE D 375 -35.45 -0.22 -73.48
C PHE D 375 -35.37 0.54 -74.79
N MET D 376 -35.85 -0.10 -75.83
CA MET D 376 -35.88 0.48 -77.18
C MET D 376 -36.22 1.97 -77.18
N ALA D 377 -37.31 2.32 -76.53
CA ALA D 377 -37.73 3.69 -76.52
C ALA D 377 -36.68 4.61 -75.95
N ILE D 378 -36.41 4.47 -74.66
CA ILE D 378 -35.44 5.32 -73.97
C ILE D 378 -34.07 5.28 -74.62
N ASN D 379 -33.74 4.18 -75.28
CA ASN D 379 -32.44 4.07 -75.94
C ASN D 379 -32.36 4.95 -77.18
N SER D 380 -33.42 4.93 -77.98
CA SER D 380 -33.51 5.74 -79.19
C SER D 380 -33.75 7.17 -78.74
N ALA D 381 -34.88 7.37 -78.08
CA ALA D 381 -35.26 8.66 -77.53
C ALA D 381 -34.59 9.88 -78.16
N ASP D 382 -35.34 10.59 -79.00
CA ASP D 382 -34.83 11.81 -79.67
C ASP D 382 -33.64 11.69 -80.63
N HIS D 383 -32.97 10.54 -80.69
CA HIS D 383 -31.86 10.37 -81.62
C HIS D 383 -32.39 10.03 -82.99
N ASN D 384 -33.65 9.62 -83.00
CA ASN D 384 -34.36 9.28 -84.21
C ASN D 384 -35.63 10.08 -84.20
N GLU D 385 -35.71 11.03 -85.13
CA GLU D 385 -36.89 11.87 -85.27
C GLU D 385 -38.17 11.06 -85.14
N PRO D 386 -38.15 9.77 -85.56
CA PRO D 386 -39.29 8.85 -85.49
C PRO D 386 -40.50 9.21 -84.65
N LYS D 387 -40.35 10.21 -83.78
CA LYS D 387 -41.42 10.71 -82.94
C LYS D 387 -42.72 9.88 -83.14
N LEU D 388 -42.65 8.61 -82.74
CA LEU D 388 -43.75 7.65 -82.89
C LEU D 388 -45.14 8.28 -83.10
N PRO D 389 -45.53 9.25 -82.27
CA PRO D 389 -46.85 9.83 -82.52
C PRO D 389 -46.80 11.01 -83.50
N LYS D 390 -47.85 11.16 -84.31
CA LYS D 390 -47.93 12.29 -85.23
C LYS D 390 -48.29 13.40 -84.25
N ASP D 391 -48.00 14.66 -84.59
CA ASP D 391 -48.28 15.76 -83.66
C ASP D 391 -49.50 15.70 -82.75
N LYS D 392 -49.35 14.77 -81.81
CA LYS D 392 -50.29 14.45 -80.75
C LYS D 392 -49.29 14.50 -79.58
N ARG D 393 -48.13 15.09 -79.86
CA ARG D 393 -47.09 15.21 -78.86
C ARG D 393 -47.34 16.39 -77.94
N LEU D 394 -47.41 16.13 -76.63
CA LEU D 394 -47.63 17.19 -75.66
C LEU D 394 -46.35 17.63 -74.97
N LYS D 395 -46.50 18.67 -74.15
CA LYS D 395 -45.43 19.23 -73.35
C LYS D 395 -45.78 18.81 -71.92
N ILE D 396 -45.02 17.84 -71.41
CA ILE D 396 -45.22 17.28 -70.07
C ILE D 396 -44.13 17.66 -69.06
N ALA D 397 -44.55 17.96 -67.84
CA ALA D 397 -43.63 18.33 -66.79
C ALA D 397 -43.51 17.25 -65.72
N ILE D 398 -42.30 17.14 -65.18
CA ILE D 398 -41.96 16.16 -64.16
C ILE D 398 -41.38 16.91 -62.95
N VAL D 399 -41.63 16.40 -61.75
CA VAL D 399 -41.13 17.05 -60.54
C VAL D 399 -40.95 16.04 -59.39
N ASN D 400 -40.04 16.35 -58.45
CA ASN D 400 -39.81 15.48 -57.29
C ASN D 400 -40.30 16.14 -56.00
N VAL D 401 -41.00 15.39 -55.17
CA VAL D 401 -41.48 15.94 -53.91
C VAL D 401 -41.36 14.89 -52.82
N GLY D 402 -40.74 15.29 -51.70
CA GLY D 402 -40.54 14.39 -50.58
C GLY D 402 -39.09 14.03 -50.36
N ALA D 403 -38.80 12.94 -49.68
CA ALA D 403 -37.41 12.54 -49.44
C ALA D 403 -36.82 11.89 -50.66
N PRO D 404 -35.50 11.97 -50.81
CA PRO D 404 -34.94 11.34 -52.01
C PRO D 404 -35.14 9.86 -51.87
N ALA D 405 -35.00 9.10 -52.94
CA ALA D 405 -35.20 7.67 -52.87
C ALA D 405 -34.59 7.03 -54.11
N GLY D 406 -34.07 5.81 -53.97
CA GLY D 406 -33.42 5.15 -55.09
C GLY D 406 -34.34 4.95 -56.24
N GLY D 407 -33.96 5.41 -57.43
CA GLY D 407 -34.81 5.25 -58.61
C GLY D 407 -35.54 6.51 -59.08
N ILE D 408 -35.58 7.54 -58.25
CA ILE D 408 -36.24 8.74 -58.68
C ILE D 408 -35.50 9.31 -59.89
N ASN D 409 -34.17 9.35 -59.85
CA ASN D 409 -33.48 9.86 -61.01
C ASN D 409 -33.72 8.98 -62.23
N SER D 410 -33.89 7.68 -62.03
CA SER D 410 -34.16 6.79 -63.16
C SER D 410 -35.51 7.15 -63.71
N ALA D 411 -36.48 7.41 -62.83
CA ALA D 411 -37.82 7.78 -63.27
C ALA D 411 -37.70 9.00 -64.14
N VAL D 412 -37.09 10.05 -63.64
CA VAL D 412 -36.92 11.25 -64.44
C VAL D 412 -36.28 10.93 -65.77
N TYR D 413 -35.05 10.42 -65.76
CA TYR D 413 -34.35 10.07 -66.98
C TYR D 413 -35.22 9.26 -67.93
N SER D 414 -35.83 8.20 -67.42
CA SER D 414 -36.70 7.36 -68.25
C SER D 414 -37.90 8.14 -68.81
N MET D 415 -38.55 8.95 -67.99
CA MET D 415 -39.69 9.73 -68.47
C MET D 415 -39.26 10.71 -69.56
N ALA D 416 -38.12 11.35 -69.36
CA ALA D 416 -37.59 12.31 -70.33
C ALA D 416 -37.27 11.62 -71.63
N THR D 417 -36.34 10.68 -71.61
CA THR D 417 -36.01 9.99 -72.84
C THR D 417 -37.22 9.31 -73.50
N TYR D 418 -38.20 8.85 -72.73
CA TYR D 418 -39.33 8.21 -73.40
C TYR D 418 -40.08 9.28 -74.16
N CYS D 419 -40.31 10.43 -73.52
CA CYS D 419 -41.00 11.52 -74.18
C CYS D 419 -40.37 11.81 -75.54
N MET D 420 -39.05 11.83 -75.54
CA MET D 420 -38.28 12.11 -76.73
C MET D 420 -38.49 11.09 -77.83
N SER D 421 -38.83 9.86 -77.49
CA SER D 421 -39.06 8.89 -78.56
C SER D 421 -40.47 9.11 -79.12
N GLN D 422 -41.32 9.77 -78.33
CA GLN D 422 -42.70 10.06 -78.74
C GLN D 422 -42.81 11.39 -79.45
N GLY D 423 -41.99 12.35 -79.05
CA GLY D 423 -42.05 13.65 -79.65
C GLY D 423 -42.49 14.65 -78.60
N HIS D 424 -42.92 14.14 -77.45
CA HIS D 424 -43.33 15.04 -76.37
C HIS D 424 -42.09 15.84 -75.95
N ARG D 425 -42.31 17.05 -75.42
CA ARG D 425 -41.24 17.93 -74.94
C ARG D 425 -41.27 17.84 -73.40
N PRO D 426 -40.25 17.19 -72.80
CA PRO D 426 -40.19 17.03 -71.35
C PRO D 426 -39.60 18.24 -70.65
N TYR D 427 -40.29 18.70 -69.60
CA TYR D 427 -39.83 19.83 -68.80
C TYR D 427 -39.70 19.39 -67.34
N ALA D 428 -38.58 19.72 -66.72
CA ALA D 428 -38.35 19.38 -65.31
C ALA D 428 -38.55 20.59 -64.42
N ILE D 429 -39.28 20.44 -63.32
CA ILE D 429 -39.48 21.53 -62.37
C ILE D 429 -38.48 21.32 -61.25
N TYR D 430 -37.37 22.06 -61.24
CA TYR D 430 -36.36 21.86 -60.20
C TYR D 430 -36.77 22.28 -58.80
N ASN D 431 -36.34 21.49 -57.83
CA ASN D 431 -36.63 21.73 -56.43
C ASN D 431 -38.07 21.95 -56.08
N GLY D 432 -38.91 21.07 -56.63
CA GLY D 432 -40.33 21.12 -56.34
C GLY D 432 -40.99 22.48 -56.31
N TRP D 433 -42.19 22.51 -55.73
CA TRP D 433 -43.00 23.72 -55.64
C TRP D 433 -42.31 24.97 -55.08
N SER D 434 -41.47 24.82 -54.07
CA SER D 434 -40.78 25.96 -53.50
C SER D 434 -39.79 26.49 -54.53
N GLY D 435 -39.24 25.56 -55.32
CA GLY D 435 -38.28 25.90 -56.36
C GLY D 435 -38.96 26.50 -57.57
N LEU D 436 -40.24 26.19 -57.74
CA LEU D 436 -41.00 26.73 -58.86
C LEU D 436 -41.44 28.14 -58.56
N ALA D 437 -42.23 28.27 -57.51
CA ALA D 437 -42.76 29.55 -57.13
C ALA D 437 -41.70 30.58 -56.83
N ARG D 438 -40.69 30.20 -56.05
CA ARG D 438 -39.65 31.15 -55.68
C ARG D 438 -38.55 31.43 -56.68
N HIS D 439 -38.38 30.56 -57.67
CA HIS D 439 -37.33 30.77 -58.66
C HIS D 439 -37.67 30.35 -60.09
N GLU D 440 -38.96 30.21 -60.40
CA GLU D 440 -39.37 29.79 -61.74
C GLU D 440 -38.31 28.81 -62.19
N SER D 441 -38.31 27.63 -61.58
CA SER D 441 -37.29 26.64 -61.89
C SER D 441 -37.58 25.65 -62.99
N VAL D 442 -38.32 26.04 -64.01
CA VAL D 442 -38.57 25.11 -65.10
C VAL D 442 -37.33 25.01 -66.03
N ARG D 443 -37.01 23.81 -66.48
CA ARG D 443 -35.88 23.61 -67.38
C ARG D 443 -36.21 22.57 -68.42
N SER D 444 -35.51 22.61 -69.53
CA SER D 444 -35.76 21.66 -70.58
C SER D 444 -34.78 20.53 -70.43
N LEU D 445 -35.30 19.33 -70.26
CA LEU D 445 -34.44 18.17 -70.09
C LEU D 445 -33.76 17.72 -71.37
N ASN D 446 -32.48 18.05 -71.53
CA ASN D 446 -31.71 17.67 -72.72
C ASN D 446 -31.04 16.33 -72.53
N TRP D 447 -31.16 15.46 -73.52
CA TRP D 447 -30.55 14.16 -73.41
C TRP D 447 -29.13 14.22 -72.87
N LYS D 448 -28.27 15.05 -73.45
CA LYS D 448 -26.89 15.16 -72.99
C LYS D 448 -26.76 15.50 -71.50
N ASP D 449 -27.60 16.41 -71.01
CA ASP D 449 -27.56 16.80 -69.60
C ASP D 449 -27.91 15.70 -68.62
N MET D 450 -28.56 14.65 -69.10
CA MET D 450 -28.98 13.56 -68.23
C MET D 450 -28.14 12.31 -68.32
N LEU D 451 -26.98 12.38 -68.96
CA LEU D 451 -26.15 11.18 -69.05
C LEU D 451 -25.87 10.65 -67.65
N GLY D 452 -26.08 9.35 -67.43
CA GLY D 452 -25.81 8.80 -66.11
C GLY D 452 -26.98 8.80 -65.14
N TRP D 453 -27.92 9.75 -65.29
CA TRP D 453 -29.06 9.81 -64.39
C TRP D 453 -29.76 8.49 -64.16
N GLN D 454 -29.76 7.61 -65.14
CA GLN D 454 -30.46 6.35 -64.93
C GLN D 454 -29.98 5.63 -63.70
N SER D 455 -28.72 5.82 -63.36
CA SER D 455 -28.24 5.09 -62.22
C SER D 455 -27.60 5.95 -61.17
N ARG D 456 -28.23 7.04 -60.81
CA ARG D 456 -27.64 7.86 -59.80
C ARG D 456 -28.57 7.90 -58.63
N GLY D 457 -27.99 8.00 -57.43
CA GLY D 457 -28.82 8.07 -56.25
C GLY D 457 -29.13 9.53 -56.11
N GLY D 458 -29.53 9.96 -54.94
CA GLY D 458 -29.84 11.37 -54.79
C GLY D 458 -30.94 11.83 -55.74
N SER D 459 -31.03 13.13 -55.94
CA SER D 459 -32.03 13.72 -56.80
C SER D 459 -31.43 14.83 -57.65
N GLU D 460 -31.16 14.52 -58.90
CA GLU D 460 -30.59 15.49 -59.82
C GLU D 460 -31.40 16.78 -59.90
N ILE D 461 -32.73 16.68 -59.98
CA ILE D 461 -33.53 17.90 -60.10
C ILE D 461 -33.93 18.49 -58.75
N GLY D 462 -33.57 17.79 -57.68
CA GLY D 462 -33.88 18.30 -56.36
C GLY D 462 -35.26 18.04 -55.82
N THR D 463 -35.34 17.86 -54.50
CA THR D 463 -36.61 17.62 -53.86
C THR D 463 -36.70 18.08 -52.43
N ASN D 464 -37.89 18.51 -52.05
CA ASN D 464 -38.13 18.92 -50.66
C ASN D 464 -39.53 18.46 -50.25
N ARG D 465 -40.02 18.94 -49.12
CA ARG D 465 -41.32 18.50 -48.66
C ARG D 465 -42.35 19.59 -48.72
N VAL D 466 -42.01 20.69 -49.37
CA VAL D 466 -42.97 21.77 -49.47
C VAL D 466 -44.13 21.38 -50.38
N THR D 467 -45.36 21.56 -49.90
CA THR D 467 -46.56 21.27 -50.68
C THR D 467 -46.95 22.49 -51.50
N PRO D 468 -47.74 22.30 -52.57
CA PRO D 468 -48.16 23.42 -53.42
C PRO D 468 -48.74 24.59 -52.64
N GLU D 469 -49.68 24.31 -51.74
CA GLU D 469 -50.30 25.35 -50.95
C GLU D 469 -49.29 26.16 -50.15
N GLU D 470 -48.22 25.52 -49.73
CA GLU D 470 -47.21 26.24 -48.96
C GLU D 470 -46.35 27.14 -49.84
N ALA D 471 -46.31 26.85 -51.14
CA ALA D 471 -45.49 27.65 -52.04
C ALA D 471 -46.30 28.67 -52.81
N ASP D 472 -47.59 28.76 -52.49
CA ASP D 472 -48.46 29.69 -53.20
C ASP D 472 -48.97 29.05 -54.52
N LEU D 473 -50.18 28.52 -54.46
CA LEU D 473 -50.79 27.88 -55.62
C LEU D 473 -50.75 28.80 -56.84
N GLY D 474 -51.14 30.06 -56.64
CA GLY D 474 -51.13 31.01 -57.72
C GLY D 474 -49.87 30.96 -58.57
N MET D 475 -48.75 31.36 -57.98
CA MET D 475 -47.50 31.34 -58.71
C MET D 475 -47.32 30.03 -59.46
N ILE D 476 -47.75 28.94 -58.84
CA ILE D 476 -47.64 27.63 -59.45
C ILE D 476 -48.47 27.65 -60.74
N ALA D 477 -49.77 27.78 -60.57
CA ALA D 477 -50.69 27.79 -61.70
C ALA D 477 -50.21 28.73 -62.80
N TYR D 478 -49.71 29.89 -62.39
CA TYR D 478 -49.22 30.87 -63.33
C TYR D 478 -48.17 30.27 -64.26
N TYR D 479 -47.02 29.94 -63.69
CA TYR D 479 -45.93 29.35 -64.46
C TYR D 479 -46.39 28.15 -65.26
N PHE D 480 -47.33 27.40 -64.70
CA PHE D 480 -47.87 26.26 -65.39
C PHE D 480 -48.44 26.74 -66.72
N GLN D 481 -49.43 27.63 -66.61
CA GLN D 481 -50.09 28.20 -67.78
C GLN D 481 -49.03 28.74 -68.72
N LYS D 482 -48.13 29.55 -68.17
CA LYS D 482 -47.06 30.13 -68.96
C LYS D 482 -46.31 29.12 -69.83
N TYR D 483 -45.84 28.03 -69.24
CA TYR D 483 -45.11 27.04 -70.01
C TYR D 483 -46.03 26.12 -70.78
N GLU D 484 -47.32 26.22 -70.50
CA GLU D 484 -48.30 25.40 -71.19
C GLU D 484 -48.02 23.92 -71.02
N PHE D 485 -48.25 23.41 -69.81
CA PHE D 485 -48.02 22.01 -69.55
C PHE D 485 -49.33 21.27 -69.81
N ASP D 486 -49.28 20.28 -70.71
CA ASP D 486 -50.44 19.49 -71.04
C ASP D 486 -50.66 18.46 -69.94
N GLY D 487 -49.54 18.05 -69.32
CA GLY D 487 -49.56 17.07 -68.26
C GLY D 487 -48.39 17.14 -67.27
N LEU D 488 -48.68 16.74 -66.04
CA LEU D 488 -47.72 16.74 -64.95
C LEU D 488 -47.41 15.33 -64.51
N ILE D 489 -46.18 15.06 -64.15
CA ILE D 489 -45.80 13.74 -63.66
C ILE D 489 -45.04 13.97 -62.35
N ILE D 490 -45.67 13.64 -61.23
CA ILE D 490 -45.04 13.83 -59.94
C ILE D 490 -44.41 12.57 -59.36
N VAL D 491 -43.12 12.65 -59.05
CA VAL D 491 -42.41 11.50 -58.49
C VAL D 491 -42.04 11.81 -57.06
N GLY D 492 -42.51 10.99 -56.12
CA GLY D 492 -42.21 11.24 -54.72
C GLY D 492 -43.02 10.48 -53.69
N GLY D 493 -42.88 10.88 -52.43
CA GLY D 493 -43.59 10.19 -51.36
C GLY D 493 -44.93 10.75 -50.95
N PHE D 494 -45.26 10.66 -49.67
CA PHE D 494 -46.55 11.14 -49.23
C PHE D 494 -46.79 12.60 -49.43
N GLU D 495 -45.72 13.41 -49.53
CA GLU D 495 -45.90 14.84 -49.74
C GLU D 495 -46.27 14.99 -51.17
N ALA D 496 -45.71 14.12 -52.00
CA ALA D 496 -46.01 14.15 -53.42
C ALA D 496 -47.45 13.67 -53.60
N PHE D 497 -47.93 12.85 -52.68
CA PHE D 497 -49.31 12.36 -52.74
C PHE D 497 -50.15 13.60 -52.52
N GLU D 498 -50.00 14.20 -51.33
CA GLU D 498 -50.70 15.42 -50.92
C GLU D 498 -50.69 16.46 -52.02
N SER D 499 -49.55 16.63 -52.68
CA SER D 499 -49.48 17.59 -53.75
C SER D 499 -50.56 17.23 -54.78
N LEU D 500 -50.44 16.06 -55.40
CA LEU D 500 -51.42 15.62 -56.39
C LEU D 500 -52.77 16.06 -55.90
N HIS D 501 -53.14 15.58 -54.73
CA HIS D 501 -54.40 15.92 -54.14
C HIS D 501 -54.71 17.41 -54.17
N GLN D 502 -53.78 18.24 -53.70
CA GLN D 502 -54.02 19.68 -53.70
C GLN D 502 -54.23 20.23 -55.11
N LEU D 503 -53.31 19.93 -56.02
CA LEU D 503 -53.43 20.43 -57.39
C LEU D 503 -54.77 20.04 -58.02
N GLU D 504 -55.24 18.82 -57.76
CA GLU D 504 -56.50 18.35 -58.31
C GLU D 504 -57.71 19.06 -57.72
N ARG D 505 -57.73 19.26 -56.41
CA ARG D 505 -58.89 19.94 -55.86
C ARG D 505 -58.69 21.45 -55.96
N ALA D 506 -57.74 21.83 -56.80
CA ALA D 506 -57.44 23.24 -57.07
C ALA D 506 -57.80 23.44 -58.53
N ARG D 507 -58.31 22.36 -59.13
CA ARG D 507 -58.73 22.32 -60.53
C ARG D 507 -59.62 23.54 -60.83
N GLU D 508 -60.87 23.44 -60.38
CA GLU D 508 -61.80 24.54 -60.56
C GLU D 508 -61.20 25.55 -59.57
N SER D 509 -60.78 26.70 -60.11
CA SER D 509 -60.17 27.81 -59.38
C SER D 509 -58.91 28.21 -60.12
N TYR D 510 -58.25 27.25 -60.73
CA TYR D 510 -57.05 27.49 -61.51
C TYR D 510 -57.08 26.48 -62.64
N PRO D 511 -57.64 26.86 -63.79
CA PRO D 511 -57.73 25.97 -64.94
C PRO D 511 -56.44 25.38 -65.49
N ALA D 512 -55.30 25.86 -65.01
CA ALA D 512 -54.00 25.34 -65.48
C ALA D 512 -53.79 23.91 -65.00
N PHE D 513 -54.52 23.53 -63.96
CA PHE D 513 -54.43 22.21 -63.37
C PHE D 513 -55.47 21.29 -63.98
N ARG D 514 -56.19 21.82 -64.96
CA ARG D 514 -57.23 21.05 -65.61
C ARG D 514 -56.60 20.03 -66.56
N ILE D 515 -55.36 19.63 -66.27
CA ILE D 515 -54.67 18.63 -67.08
C ILE D 515 -54.53 17.30 -66.35
N PRO D 516 -54.13 16.24 -67.06
CA PRO D 516 -53.96 14.92 -66.42
C PRO D 516 -52.72 15.01 -65.51
N MET D 517 -52.70 14.31 -64.38
CA MET D 517 -51.52 14.44 -63.57
C MET D 517 -50.75 13.19 -63.16
N VAL D 518 -51.33 12.24 -62.45
CA VAL D 518 -50.51 11.03 -62.10
C VAL D 518 -49.27 11.16 -61.17
N LEU D 519 -49.18 10.25 -60.22
CA LEU D 519 -48.09 10.21 -59.25
C LEU D 519 -47.36 8.90 -59.32
N ILE D 520 -46.03 8.96 -59.38
CA ILE D 520 -45.23 7.74 -59.37
C ILE D 520 -44.73 7.70 -57.93
N PRO D 521 -45.33 6.87 -57.06
CA PRO D 521 -44.90 6.78 -55.66
C PRO D 521 -43.40 6.47 -55.45
N ALA D 522 -42.80 7.11 -54.45
CA ALA D 522 -41.38 6.90 -54.19
C ALA D 522 -40.99 7.32 -52.78
N THR D 523 -40.58 6.34 -52.01
CA THR D 523 -40.16 6.56 -50.65
C THR D 523 -39.73 5.18 -50.13
N LEU D 524 -38.58 5.10 -49.50
CA LEU D 524 -38.13 3.83 -49.00
C LEU D 524 -39.10 3.27 -48.01
N SER D 525 -40.02 4.09 -47.54
CA SER D 525 -41.01 3.65 -46.56
C SER D 525 -42.17 2.86 -47.12
N ASN D 526 -42.47 3.06 -48.39
CA ASN D 526 -43.60 2.36 -49.01
C ASN D 526 -44.92 2.68 -48.28
N ASN D 527 -45.12 3.95 -47.95
CA ASN D 527 -46.30 4.42 -47.24
C ASN D 527 -47.31 5.19 -48.12
N VAL D 528 -47.05 5.22 -49.42
CA VAL D 528 -47.94 5.92 -50.34
C VAL D 528 -49.03 5.00 -50.83
N PRO D 529 -50.30 5.36 -50.55
CA PRO D 529 -51.49 4.60 -50.93
C PRO D 529 -51.61 4.44 -52.45
N GLY D 530 -52.18 3.34 -52.88
CA GLY D 530 -52.35 3.12 -54.30
C GLY D 530 -51.31 2.22 -54.90
N THR D 531 -50.41 1.70 -54.11
CA THR D 531 -49.39 0.82 -54.67
C THR D 531 -48.85 -0.16 -53.65
N GLU D 532 -48.16 -1.18 -54.13
CA GLU D 532 -47.58 -2.17 -53.24
C GLU D 532 -46.06 -2.01 -53.25
N TYR D 533 -45.59 -1.10 -54.10
CA TYR D 533 -44.18 -0.87 -54.20
C TYR D 533 -43.80 0.54 -54.59
N SER D 534 -43.39 1.37 -53.65
CA SER D 534 -42.97 2.71 -54.05
C SER D 534 -41.50 2.61 -54.56
N LEU D 535 -41.06 3.61 -55.32
CA LEU D 535 -39.69 3.55 -55.80
C LEU D 535 -38.74 3.84 -54.65
N GLY D 536 -37.57 3.21 -54.65
CA GLY D 536 -36.60 3.41 -53.58
C GLY D 536 -36.69 2.30 -52.53
N SER D 537 -37.83 1.64 -52.45
CA SER D 537 -38.00 0.58 -51.48
C SER D 537 -36.90 -0.51 -51.48
N ASP D 538 -36.74 -1.22 -52.60
CA ASP D 538 -35.75 -2.31 -52.68
C ASP D 538 -34.31 -1.82 -52.37
N THR D 539 -34.01 -0.60 -52.79
CA THR D 539 -32.71 -0.05 -52.51
C THR D 539 -32.55 0.08 -50.99
N ALA D 540 -33.55 0.63 -50.30
CA ALA D 540 -33.46 0.78 -48.82
C ALA D 540 -33.42 -0.62 -48.13
N LEU D 541 -34.30 -1.51 -48.56
CA LEU D 541 -34.33 -2.83 -48.00
C LEU D 541 -32.95 -3.49 -48.06
N ASN D 542 -32.24 -3.31 -49.16
CA ASN D 542 -30.92 -3.90 -49.27
C ASN D 542 -29.92 -3.17 -48.36
N ALA D 543 -30.04 -1.85 -48.32
CA ALA D 543 -29.16 -1.03 -47.52
C ALA D 543 -29.24 -1.45 -46.08
N LEU D 544 -30.48 -1.62 -45.61
CA LEU D 544 -30.71 -1.98 -44.23
C LEU D 544 -30.28 -3.39 -43.99
N MET D 545 -30.66 -4.30 -44.88
CA MET D 545 -30.26 -5.71 -44.73
C MET D 545 -28.75 -5.87 -44.54
N GLU D 546 -27.97 -5.29 -45.46
CA GLU D 546 -26.53 -5.37 -45.36
C GLU D 546 -26.02 -4.80 -44.06
N TYR D 547 -26.52 -3.63 -43.66
CA TYR D 547 -26.13 -3.03 -42.40
C TYR D 547 -26.34 -4.06 -41.30
N CYS D 548 -27.53 -4.62 -41.25
CA CYS D 548 -27.85 -5.62 -40.25
C CYS D 548 -26.92 -6.80 -40.31
N ASP D 549 -26.59 -7.29 -41.49
CA ASP D 549 -25.68 -8.42 -41.58
C ASP D 549 -24.41 -8.10 -40.81
N VAL D 550 -23.86 -6.94 -41.09
CA VAL D 550 -22.63 -6.49 -40.47
C VAL D 550 -22.76 -6.36 -38.97
N VAL D 551 -23.88 -5.81 -38.53
CA VAL D 551 -24.09 -5.61 -37.10
C VAL D 551 -24.24 -6.91 -36.34
N LYS D 552 -24.92 -7.87 -36.96
CA LYS D 552 -25.12 -9.12 -36.27
C LYS D 552 -23.81 -9.89 -36.17
N GLN D 553 -22.96 -9.73 -37.17
CA GLN D 553 -21.66 -10.40 -37.16
C GLN D 553 -20.98 -9.93 -35.89
N SER D 554 -21.06 -8.63 -35.67
CA SER D 554 -20.49 -7.99 -34.49
C SER D 554 -20.99 -8.71 -33.25
N ALA D 555 -22.30 -8.65 -33.06
CA ALA D 555 -22.95 -9.28 -31.93
C ALA D 555 -22.53 -10.73 -31.75
N SER D 556 -22.36 -11.46 -32.85
CA SER D 556 -21.97 -12.84 -32.72
C SER D 556 -20.55 -12.94 -32.18
N SER D 557 -19.76 -11.90 -32.44
CA SER D 557 -18.36 -11.88 -32.00
C SER D 557 -18.18 -11.78 -30.52
N THR D 558 -19.06 -11.04 -29.88
CA THR D 558 -18.99 -10.83 -28.45
C THR D 558 -19.64 -11.94 -27.66
N ARG D 559 -20.61 -12.60 -28.27
CA ARG D 559 -21.36 -13.69 -27.64
C ARG D 559 -22.26 -13.12 -26.56
N GLY D 560 -23.49 -13.61 -26.53
CA GLY D 560 -24.44 -13.11 -25.54
C GLY D 560 -24.69 -11.63 -25.76
N ARG D 561 -25.09 -11.26 -26.97
CA ARG D 561 -25.36 -9.86 -27.22
C ARG D 561 -26.33 -9.66 -28.32
N ALA D 562 -27.23 -8.70 -28.13
CA ALA D 562 -28.26 -8.39 -29.09
C ALA D 562 -28.16 -6.95 -29.49
N PHE D 563 -28.62 -6.62 -30.69
CA PHE D 563 -28.57 -5.24 -31.12
C PHE D 563 -29.99 -4.76 -31.44
N VAL D 564 -30.29 -3.54 -30.97
CA VAL D 564 -31.57 -2.93 -31.26
C VAL D 564 -31.25 -1.92 -32.37
N VAL D 565 -31.78 -2.18 -33.56
CA VAL D 565 -31.52 -1.33 -34.72
C VAL D 565 -32.72 -0.46 -35.03
N ASP D 566 -32.49 0.83 -34.95
CA ASP D 566 -33.52 1.80 -35.24
C ASP D 566 -33.76 1.75 -36.76
N CYS D 567 -35.00 1.53 -37.19
CA CYS D 567 -35.34 1.46 -38.62
C CYS D 567 -36.17 2.63 -39.09
N GLN D 568 -36.22 2.86 -40.40
CA GLN D 568 -37.03 3.95 -40.92
C GLN D 568 -38.37 3.45 -41.44
N GLY D 569 -39.13 4.34 -42.06
CA GLY D 569 -40.43 3.97 -42.59
C GLY D 569 -41.60 4.68 -41.94
N GLY D 570 -41.32 5.73 -41.18
CA GLY D 570 -42.40 6.44 -40.54
C GLY D 570 -43.40 5.55 -39.81
N ASN D 571 -44.65 5.51 -40.25
CA ASN D 571 -45.64 4.70 -39.56
C ASN D 571 -45.80 3.39 -40.28
N SER D 572 -44.92 3.15 -41.25
CA SER D 572 -44.99 1.90 -42.01
C SER D 572 -43.94 0.88 -41.61
N GLY D 573 -44.40 -0.28 -41.15
CA GLY D 573 -43.51 -1.33 -40.73
C GLY D 573 -43.02 -2.17 -41.89
N TYR D 574 -43.29 -1.73 -43.11
CA TYR D 574 -42.87 -2.48 -44.27
C TYR D 574 -41.36 -2.75 -44.27
N LEU D 575 -40.55 -1.70 -44.22
CA LEU D 575 -39.12 -1.86 -44.21
C LEU D 575 -38.64 -2.80 -43.09
N ALA D 576 -38.96 -2.49 -41.85
CA ALA D 576 -38.53 -3.34 -40.75
C ALA D 576 -38.96 -4.78 -40.94
N THR D 577 -40.18 -4.98 -41.42
CA THR D 577 -40.63 -6.33 -41.59
C THR D 577 -39.79 -7.12 -42.57
N TYR D 578 -39.70 -6.66 -43.81
CA TYR D 578 -38.94 -7.41 -44.80
C TYR D 578 -37.45 -7.50 -44.46
N ALA D 579 -36.89 -6.41 -43.98
CA ALA D 579 -35.49 -6.43 -43.57
C ALA D 579 -35.36 -7.58 -42.59
N SER D 580 -36.17 -7.54 -41.54
CA SER D 580 -36.20 -8.56 -40.52
C SER D 580 -36.31 -9.96 -41.16
N LEU D 581 -37.19 -10.12 -42.13
CA LEU D 581 -37.32 -11.44 -42.74
C LEU D 581 -36.07 -11.83 -43.50
N ALA D 582 -35.44 -10.85 -44.13
CA ALA D 582 -34.25 -11.08 -44.91
C ALA D 582 -32.99 -11.38 -44.13
N VAL D 583 -32.91 -10.92 -42.89
CA VAL D 583 -31.73 -11.15 -42.09
C VAL D 583 -32.05 -12.06 -40.94
N GLY D 584 -33.25 -12.61 -40.93
CA GLY D 584 -33.62 -13.49 -39.84
C GLY D 584 -33.54 -12.80 -38.49
N ALA D 585 -34.09 -11.60 -38.37
CA ALA D 585 -34.05 -10.88 -37.10
C ALA D 585 -34.90 -11.68 -36.14
N GLN D 586 -34.49 -11.72 -34.88
CA GLN D 586 -35.20 -12.48 -33.87
C GLN D 586 -36.50 -11.79 -33.53
N VAL D 587 -36.40 -10.50 -33.28
CA VAL D 587 -37.56 -9.70 -32.96
C VAL D 587 -37.62 -8.51 -33.87
N SER D 588 -38.83 -8.00 -34.08
CA SER D 588 -39.00 -6.81 -34.89
C SER D 588 -40.24 -6.06 -34.34
N TYR D 589 -40.07 -4.76 -34.06
CA TYR D 589 -41.15 -3.93 -33.56
C TYR D 589 -41.60 -2.95 -34.61
N VAL D 590 -42.90 -2.89 -34.90
CA VAL D 590 -43.42 -1.97 -35.91
C VAL D 590 -44.41 -0.94 -35.39
N PRO D 591 -44.59 0.16 -36.13
CA PRO D 591 -45.51 1.20 -35.68
C PRO D 591 -46.94 0.71 -35.56
N GLU D 592 -47.37 -0.14 -36.48
CA GLU D 592 -48.74 -0.63 -36.43
C GLU D 592 -49.07 -1.46 -35.18
N GLU D 593 -48.07 -2.00 -34.51
CA GLU D 593 -48.27 -2.86 -33.34
C GLU D 593 -47.84 -2.24 -32.05
N GLY D 594 -46.79 -1.40 -32.10
CA GLY D 594 -46.27 -0.78 -30.89
C GLY D 594 -45.41 -1.72 -30.08
N ILE D 595 -44.92 -1.28 -28.91
CA ILE D 595 -44.13 -2.18 -28.07
C ILE D 595 -44.73 -2.25 -26.67
N SER D 596 -45.57 -3.26 -26.44
CA SER D 596 -46.23 -3.40 -25.13
C SER D 596 -45.24 -3.94 -24.17
N LEU D 597 -45.21 -3.37 -22.97
CA LEU D 597 -44.27 -3.86 -21.97
C LEU D 597 -44.36 -5.36 -21.80
N GLU D 598 -45.55 -5.93 -22.04
CA GLU D 598 -45.68 -7.38 -21.87
C GLU D 598 -44.88 -8.15 -22.91
N GLN D 599 -45.06 -7.74 -24.15
CA GLN D 599 -44.36 -8.35 -25.26
C GLN D 599 -42.86 -8.22 -25.04
N LEU D 600 -42.44 -7.03 -24.65
CA LEU D 600 -41.03 -6.75 -24.41
C LEU D 600 -40.48 -7.72 -23.41
N SER D 601 -41.24 -7.98 -22.34
CA SER D 601 -40.77 -8.87 -21.30
C SER D 601 -40.55 -10.29 -21.80
N GLU D 602 -41.53 -10.83 -22.50
CA GLU D 602 -41.39 -12.17 -23.06
C GLU D 602 -40.20 -12.23 -24.04
N ASP D 603 -40.13 -11.28 -24.97
CA ASP D 603 -39.03 -11.25 -25.93
C ASP D 603 -37.73 -11.27 -25.14
N ILE D 604 -37.65 -10.51 -24.06
CA ILE D 604 -36.42 -10.52 -23.29
C ILE D 604 -36.15 -11.88 -22.68
N GLU D 605 -37.19 -12.61 -22.28
CA GLU D 605 -36.95 -13.92 -21.70
C GLU D 605 -36.56 -14.89 -22.78
N TYR D 606 -37.33 -14.90 -23.86
CA TYR D 606 -37.05 -15.76 -25.01
C TYR D 606 -35.59 -15.54 -25.43
N LEU D 607 -35.22 -14.28 -25.65
CA LEU D 607 -33.86 -13.93 -26.01
C LEU D 607 -32.91 -14.53 -24.99
N ALA D 608 -33.22 -14.30 -23.71
CA ALA D 608 -32.43 -14.80 -22.58
C ALA D 608 -32.09 -16.29 -22.72
N GLN D 609 -33.13 -17.10 -22.89
CA GLN D 609 -32.93 -18.52 -23.03
C GLN D 609 -32.09 -18.82 -24.25
N SER D 610 -32.39 -18.16 -25.36
CA SER D 610 -31.66 -18.36 -26.61
C SER D 610 -30.18 -18.36 -26.32
N PHE D 611 -29.72 -17.35 -25.60
CA PHE D 611 -28.30 -17.26 -25.30
C PHE D 611 -27.81 -18.32 -24.35
N GLU D 612 -28.68 -18.78 -23.46
CA GLU D 612 -28.28 -19.80 -22.51
C GLU D 612 -28.09 -21.07 -23.33
N LYS D 613 -29.13 -21.46 -24.07
CA LYS D 613 -29.09 -22.64 -24.90
C LYS D 613 -27.92 -22.57 -25.91
N ALA D 614 -27.58 -21.35 -26.31
CA ALA D 614 -26.51 -21.12 -27.28
C ALA D 614 -25.12 -21.33 -26.71
N GLU D 615 -25.04 -21.31 -25.38
CA GLU D 615 -23.76 -21.46 -24.69
C GLU D 615 -22.85 -20.38 -25.26
N GLY D 616 -21.57 -20.66 -25.37
CA GLY D 616 -20.65 -19.65 -25.88
C GLY D 616 -20.47 -19.70 -27.39
N ARG D 617 -21.20 -20.58 -28.05
CA ARG D 617 -21.05 -20.74 -29.49
C ARG D 617 -20.83 -19.47 -30.33
N GLY D 618 -20.22 -19.68 -31.50
CA GLY D 618 -19.84 -18.62 -32.41
C GLY D 618 -20.72 -17.81 -33.34
N ARG D 619 -21.94 -18.25 -33.67
CA ARG D 619 -22.74 -17.39 -34.55
C ARG D 619 -24.17 -17.20 -34.02
N PHE D 620 -24.24 -16.87 -32.74
CA PHE D 620 -25.51 -16.68 -32.08
C PHE D 620 -25.94 -15.24 -31.74
N GLY D 621 -25.36 -14.26 -32.42
CA GLY D 621 -25.73 -12.87 -32.17
C GLY D 621 -27.20 -12.71 -32.48
N LYS D 622 -27.88 -11.76 -31.83
CA LYS D 622 -29.30 -11.57 -32.11
C LYS D 622 -29.65 -10.13 -32.46
N LEU D 623 -30.56 -9.97 -33.42
CA LEU D 623 -31.01 -8.63 -33.83
C LEU D 623 -32.47 -8.39 -33.48
N ILE D 624 -32.77 -7.16 -33.12
CA ILE D 624 -34.12 -6.74 -32.79
C ILE D 624 -34.32 -5.52 -33.68
N LEU D 625 -35.10 -5.64 -34.73
CA LEU D 625 -35.33 -4.48 -35.60
C LEU D 625 -36.47 -3.67 -35.01
N LYS D 626 -36.28 -2.36 -34.92
CA LYS D 626 -37.31 -1.56 -34.32
C LYS D 626 -37.60 -0.29 -35.10
N SER D 627 -38.75 -0.24 -35.76
CA SER D 627 -39.13 0.96 -36.50
C SER D 627 -39.19 2.03 -35.45
N THR D 628 -38.69 3.21 -35.75
CA THR D 628 -38.73 4.25 -34.73
C THR D 628 -40.15 4.46 -34.22
N ASN D 629 -41.08 4.69 -35.13
CA ASN D 629 -42.43 4.93 -34.68
C ASN D 629 -43.09 3.79 -33.95
N ALA D 630 -42.39 2.69 -33.74
CA ALA D 630 -42.99 1.57 -33.04
C ALA D 630 -43.14 1.96 -31.57
N SER D 631 -42.55 3.09 -31.18
CA SER D 631 -42.66 3.55 -29.81
C SER D 631 -42.01 4.90 -29.58
N LYS D 632 -42.84 5.86 -29.16
CA LYS D 632 -42.32 7.20 -28.91
C LYS D 632 -41.64 7.26 -27.55
N ALA D 633 -41.98 6.29 -26.69
CA ALA D 633 -41.42 6.23 -25.35
C ALA D 633 -40.09 5.56 -25.29
N LEU D 634 -39.96 4.44 -25.98
CA LEU D 634 -38.73 3.69 -26.00
C LEU D 634 -37.90 3.79 -27.28
N SER D 635 -36.74 4.44 -27.20
CA SER D 635 -35.87 4.57 -28.37
C SER D 635 -34.97 3.36 -28.44
N ALA D 636 -34.33 3.15 -29.59
CA ALA D 636 -33.46 2.00 -29.76
C ALA D 636 -32.49 2.05 -28.60
N THR D 637 -32.03 3.25 -28.29
CA THR D 637 -31.08 3.39 -27.21
C THR D 637 -31.69 2.97 -25.91
N LYS D 638 -32.80 3.57 -25.53
CA LYS D 638 -33.43 3.20 -24.27
C LYS D 638 -33.83 1.76 -24.24
N LEU D 639 -34.31 1.25 -25.37
CA LEU D 639 -34.74 -0.13 -25.46
C LEU D 639 -33.59 -1.05 -25.03
N ALA D 640 -32.40 -0.79 -25.58
CA ALA D 640 -31.19 -1.57 -25.27
C ALA D 640 -30.95 -1.55 -23.77
N GLU D 641 -31.04 -0.36 -23.18
CA GLU D 641 -30.84 -0.17 -21.75
C GLU D 641 -31.81 -0.98 -20.89
N VAL D 642 -33.08 -0.95 -21.28
CA VAL D 642 -34.08 -1.71 -20.57
C VAL D 642 -33.76 -3.20 -20.69
N ILE D 643 -33.61 -3.70 -21.93
CA ILE D 643 -33.28 -5.12 -22.14
C ILE D 643 -32.00 -5.49 -21.34
N THR D 644 -30.98 -4.69 -21.48
CA THR D 644 -29.77 -4.97 -20.77
C THR D 644 -30.02 -5.09 -19.26
N ALA D 645 -30.88 -4.24 -18.73
CA ALA D 645 -31.17 -4.29 -17.29
C ALA D 645 -32.04 -5.50 -17.01
N GLU D 646 -33.14 -5.60 -17.72
CA GLU D 646 -34.01 -6.74 -17.55
C GLU D 646 -33.23 -8.04 -17.76
N ALA D 647 -32.25 -8.01 -18.67
CA ALA D 647 -31.45 -9.19 -18.95
C ALA D 647 -30.86 -9.68 -17.64
N ASP D 648 -30.26 -8.74 -16.91
CA ASP D 648 -29.66 -9.04 -15.61
C ASP D 648 -28.38 -9.85 -15.71
N GLY D 649 -27.45 -9.40 -16.52
CA GLY D 649 -26.17 -10.07 -16.67
C GLY D 649 -26.18 -11.29 -17.58
N ARG D 650 -27.35 -11.87 -17.83
CA ARG D 650 -27.42 -13.05 -18.69
C ARG D 650 -26.93 -12.76 -20.12
N PHE D 651 -27.19 -11.54 -20.60
CA PHE D 651 -26.79 -11.10 -21.93
C PHE D 651 -27.05 -9.62 -21.96
N ASP D 652 -26.48 -8.88 -22.90
CA ASP D 652 -26.79 -7.44 -22.91
C ASP D 652 -27.24 -7.02 -24.30
N ALA D 653 -27.46 -5.72 -24.47
CA ALA D 653 -27.93 -5.20 -25.75
C ALA D 653 -27.44 -3.79 -26.01
N LYS D 654 -27.11 -3.51 -27.28
CA LYS D 654 -26.65 -2.18 -27.67
C LYS D 654 -27.55 -1.58 -28.77
N PRO D 655 -27.55 -0.28 -28.88
CA PRO D 655 -28.39 0.34 -29.90
C PRO D 655 -27.60 0.48 -31.21
N ALA D 656 -28.30 0.69 -32.31
CA ALA D 656 -27.65 0.90 -33.58
C ALA D 656 -28.52 1.81 -34.43
N TYR D 657 -27.94 2.90 -34.90
CA TYR D 657 -28.69 3.83 -35.70
C TYR D 657 -28.18 3.99 -37.14
N PRO D 658 -28.44 3.02 -38.03
CA PRO D 658 -27.98 3.14 -39.41
C PRO D 658 -28.38 4.47 -40.01
N GLY D 659 -29.45 5.02 -39.49
CA GLY D 659 -29.90 6.32 -39.97
C GLY D 659 -30.20 6.50 -41.44
N HIS D 660 -29.56 7.51 -42.02
CA HIS D 660 -29.77 7.82 -43.43
C HIS D 660 -29.12 6.91 -44.42
N VAL D 661 -28.24 6.01 -44.01
CA VAL D 661 -27.68 5.13 -45.04
C VAL D 661 -28.80 4.28 -45.56
N GLN D 662 -29.93 4.33 -44.86
CA GLN D 662 -31.06 3.54 -45.27
C GLN D 662 -31.59 3.94 -46.67
N GLN D 663 -31.16 5.11 -47.15
CA GLN D 663 -31.56 5.55 -48.45
C GLN D 663 -30.68 4.88 -49.45
N GLY D 664 -29.66 4.17 -48.97
CA GLY D 664 -28.76 3.49 -49.88
C GLY D 664 -27.88 4.45 -50.67
N GLY D 665 -27.11 3.89 -51.60
CA GLY D 665 -26.24 4.73 -52.39
C GLY D 665 -26.77 4.72 -53.78
N LEU D 666 -26.19 3.85 -54.60
CA LEU D 666 -26.61 3.69 -55.98
C LEU D 666 -27.84 2.83 -55.98
N PRO D 667 -28.91 3.29 -56.64
CA PRO D 667 -30.17 2.54 -56.72
C PRO D 667 -29.95 1.12 -57.25
N SER D 668 -30.79 0.19 -56.80
CA SER D 668 -30.68 -1.21 -57.18
C SER D 668 -31.25 -1.52 -58.54
N PRO D 669 -30.75 -2.56 -59.20
CA PRO D 669 -31.30 -2.88 -60.51
C PRO D 669 -32.84 -2.94 -60.46
N ILE D 670 -33.41 -3.47 -59.38
CA ILE D 670 -34.87 -3.53 -59.35
C ILE D 670 -35.39 -2.11 -59.35
N ASP D 671 -34.97 -1.30 -58.39
CA ASP D 671 -35.43 0.07 -58.36
C ASP D 671 -35.24 0.83 -59.68
N ARG D 672 -34.13 0.57 -60.38
CA ARG D 672 -33.87 1.27 -61.62
C ARG D 672 -34.82 0.84 -62.71
N THR D 673 -34.80 -0.45 -63.04
CA THR D 673 -35.68 -0.94 -64.09
C THR D 673 -37.14 -0.68 -63.76
N ARG D 674 -37.55 -0.85 -62.52
CA ARG D 674 -38.94 -0.60 -62.17
C ARG D 674 -39.27 0.89 -62.31
N ALA D 675 -38.29 1.75 -62.17
CA ALA D 675 -38.54 3.17 -62.28
C ALA D 675 -38.88 3.47 -63.73
N THR D 676 -38.05 3.02 -64.66
CA THR D 676 -38.34 3.32 -66.04
C THR D 676 -39.67 2.67 -66.46
N ARG D 677 -40.10 1.61 -65.77
CA ARG D 677 -41.37 1.01 -66.13
C ARG D 677 -42.53 1.91 -65.67
N MET D 678 -42.45 2.38 -64.44
CA MET D 678 -43.48 3.27 -63.91
C MET D 678 -43.51 4.58 -64.67
N ALA D 679 -42.32 5.09 -65.01
CA ALA D 679 -42.20 6.35 -65.73
C ALA D 679 -42.93 6.27 -67.06
N ILE D 680 -42.65 5.23 -67.83
CA ILE D 680 -43.27 5.09 -69.14
C ILE D 680 -44.79 4.93 -69.05
N LYS D 681 -45.27 4.11 -68.13
CA LYS D 681 -46.72 3.96 -68.04
C LYS D 681 -47.37 5.24 -67.55
N ALA D 682 -46.59 6.19 -67.05
CA ALA D 682 -47.15 7.44 -66.56
C ALA D 682 -47.30 8.38 -67.75
N VAL D 683 -46.29 8.39 -68.62
CA VAL D 683 -46.36 9.20 -69.81
C VAL D 683 -47.59 8.68 -70.54
N GLY D 684 -47.71 7.36 -70.62
CA GLY D 684 -48.85 6.76 -71.28
C GLY D 684 -50.15 7.25 -70.69
N PHE D 685 -50.20 7.39 -69.37
CA PHE D 685 -51.42 7.84 -68.72
C PHE D 685 -51.71 9.27 -69.12
N ILE D 686 -50.66 10.07 -69.26
CA ILE D 686 -50.81 11.46 -69.63
C ILE D 686 -51.48 11.58 -70.99
N LYS D 687 -50.92 10.91 -71.97
CA LYS D 687 -51.46 10.94 -73.33
C LYS D 687 -52.86 10.31 -73.37
N ASP D 688 -53.04 9.16 -72.75
CA ASP D 688 -54.34 8.52 -72.76
C ASP D 688 -55.44 9.30 -72.01
N ASN D 689 -55.07 10.36 -71.31
CA ASN D 689 -56.10 11.11 -70.59
C ASN D 689 -56.17 12.54 -71.04
N GLN D 690 -55.73 12.80 -72.26
CA GLN D 690 -55.81 14.14 -72.78
C GLN D 690 -57.26 14.45 -73.15
N ALA D 691 -57.90 13.48 -73.80
CA ALA D 691 -59.28 13.62 -74.24
C ALA D 691 -60.20 14.34 -73.24
N ALA D 692 -60.73 13.59 -72.28
CA ALA D 692 -61.65 14.11 -71.26
C ALA D 692 -61.43 15.56 -70.84
N ILE D 693 -60.60 15.78 -69.82
CA ILE D 693 -60.36 17.13 -69.34
C ILE D 693 -60.06 18.15 -70.42
N ALA D 694 -59.70 17.69 -71.63
CA ALA D 694 -59.38 18.60 -72.74
C ALA D 694 -60.65 19.20 -73.35
N GLU D 695 -61.50 18.33 -73.92
CA GLU D 695 -62.75 18.75 -74.53
C GLU D 695 -63.67 19.47 -73.51
N ALA D 696 -63.19 19.55 -72.27
CA ALA D 696 -63.93 20.21 -71.21
C ALA D 696 -63.08 21.37 -70.71
N ARG D 697 -61.75 21.24 -70.79
CA ARG D 697 -60.82 22.29 -70.36
C ARG D 697 -61.06 23.54 -71.19
N ALA D 698 -62.22 23.62 -71.81
CA ALA D 698 -62.59 24.78 -72.60
C ALA D 698 -62.58 26.02 -71.67
N ALA D 699 -63.57 26.90 -71.84
CA ALA D 699 -63.67 28.09 -70.99
C ALA D 699 -63.93 27.62 -69.55
N GLU D 700 -63.27 28.25 -68.58
CA GLU D 700 -63.45 27.88 -67.17
C GLU D 700 -64.89 28.05 -66.69
N GLU D 701 -65.83 27.78 -67.59
CA GLU D 701 -67.25 27.90 -67.31
C GLU D 701 -67.75 26.72 -66.51
N ASN D 702 -69.05 26.74 -66.22
CA ASN D 702 -69.70 25.68 -65.45
C ASN D 702 -69.63 24.33 -66.16
N PHE D 703 -68.66 24.20 -67.06
CA PHE D 703 -68.43 22.97 -67.79
C PHE D 703 -67.37 22.15 -67.05
N ASN D 704 -66.90 22.70 -65.93
CA ASN D 704 -65.92 22.02 -65.07
C ASN D 704 -66.58 21.72 -63.73
N ALA D 705 -66.60 20.43 -63.37
CA ALA D 705 -67.20 19.99 -62.11
C ALA D 705 -66.36 18.88 -61.42
N ASP D 706 -67.07 18.04 -60.65
CA ASP D 706 -66.48 16.93 -59.91
C ASP D 706 -67.09 15.63 -60.39
N ASP D 707 -66.83 15.29 -61.64
CA ASP D 707 -67.34 14.04 -62.20
C ASP D 707 -66.19 13.07 -62.36
N LYS D 708 -66.40 11.86 -61.85
CA LYS D 708 -65.41 10.82 -61.93
C LYS D 708 -64.58 10.93 -63.22
N THR D 709 -65.23 11.17 -64.34
CA THR D 709 -64.52 11.27 -65.62
C THR D 709 -63.42 12.34 -65.70
N ILE D 710 -63.58 13.45 -64.97
CA ILE D 710 -62.54 14.48 -64.98
C ILE D 710 -61.58 14.31 -63.80
N SER D 711 -62.10 13.87 -62.66
CA SER D 711 -61.27 13.65 -61.49
C SER D 711 -60.31 12.50 -61.80
N ASP D 712 -60.83 11.45 -62.43
CA ASP D 712 -60.01 10.29 -62.78
C ASP D 712 -58.85 10.52 -63.76
N THR D 713 -58.41 11.76 -63.90
CA THR D 713 -57.27 12.04 -64.76
C THR D 713 -56.15 12.45 -63.83
N ALA D 714 -56.48 12.44 -62.53
CA ALA D 714 -55.55 12.78 -61.44
C ALA D 714 -55.43 11.51 -60.59
N ALA D 715 -54.51 10.62 -60.99
CA ALA D 715 -54.34 9.35 -60.31
C ALA D 715 -52.90 8.97 -59.96
N VAL D 716 -52.78 7.88 -59.20
CA VAL D 716 -51.49 7.36 -58.80
C VAL D 716 -51.22 6.08 -59.57
N VAL D 717 -50.09 6.03 -60.28
CA VAL D 717 -49.76 4.81 -61.00
C VAL D 717 -49.34 3.86 -59.91
N GLY D 718 -50.07 2.79 -59.74
CA GLY D 718 -49.70 1.85 -58.71
C GLY D 718 -49.29 0.55 -59.35
N VAL D 719 -49.10 -0.46 -58.52
CA VAL D 719 -48.71 -1.78 -58.95
C VAL D 719 -49.26 -2.79 -57.97
N LYS D 720 -49.90 -3.82 -58.51
CA LYS D 720 -50.43 -4.91 -57.70
C LYS D 720 -49.77 -6.14 -58.27
N GLY D 721 -48.64 -6.53 -57.68
CA GLY D 721 -47.91 -7.69 -58.17
C GLY D 721 -47.57 -7.65 -59.66
N SER D 722 -46.53 -6.90 -60.01
CA SER D 722 -46.10 -6.81 -61.41
C SER D 722 -47.25 -6.37 -62.33
N HIS D 723 -48.26 -5.72 -61.75
CA HIS D 723 -49.44 -5.31 -62.50
C HIS D 723 -49.52 -3.95 -63.17
N VAL D 724 -49.76 -2.93 -62.35
CA VAL D 724 -49.93 -1.52 -62.73
C VAL D 724 -51.42 -1.20 -62.75
N VAL D 725 -51.83 -0.41 -61.77
CA VAL D 725 -53.21 -0.01 -61.63
C VAL D 725 -53.20 1.51 -61.67
N TYR D 726 -54.38 2.12 -61.67
CA TYR D 726 -54.52 3.59 -61.66
C TYR D 726 -55.68 3.91 -60.74
N ASN D 727 -55.50 4.86 -59.85
CA ASN D 727 -56.58 5.21 -58.93
C ASN D 727 -56.60 6.68 -58.71
N SER D 728 -57.80 7.26 -58.77
CA SER D 728 -57.94 8.69 -58.62
C SER D 728 -57.42 9.10 -57.27
N ILE D 729 -56.72 10.23 -57.26
CA ILE D 729 -56.18 10.73 -56.02
C ILE D 729 -57.36 10.91 -55.07
N ARG D 730 -58.52 11.29 -55.64
CA ARG D 730 -59.73 11.48 -54.83
C ARG D 730 -60.18 10.18 -54.19
N GLN D 731 -60.13 9.07 -54.93
CA GLN D 731 -60.54 7.78 -54.37
C GLN D 731 -59.67 7.42 -53.17
N LEU D 732 -58.36 7.41 -53.40
CA LEU D 732 -57.34 7.10 -52.39
C LEU D 732 -57.35 8.04 -51.19
N TYR D 733 -57.22 9.33 -51.47
CA TYR D 733 -57.19 10.37 -50.43
C TYR D 733 -58.45 10.42 -49.56
N ASP D 734 -59.61 10.12 -50.15
CA ASP D 734 -60.88 10.20 -49.40
C ASP D 734 -61.38 8.92 -48.75
N TYR D 735 -60.94 7.77 -49.24
CA TYR D 735 -61.41 6.51 -48.65
C TYR D 735 -60.34 5.49 -48.24
N GLU D 736 -59.16 5.57 -48.85
CA GLU D 736 -58.09 4.63 -48.57
C GLU D 736 -56.85 5.19 -47.90
N THR D 737 -56.94 6.44 -47.44
CA THR D 737 -55.82 7.09 -46.80
C THR D 737 -56.09 7.48 -45.37
N GLU D 738 -55.03 7.42 -44.56
CA GLU D 738 -55.11 7.79 -43.16
C GLU D 738 -54.21 9.02 -43.05
N VAL D 739 -54.43 9.93 -43.98
CA VAL D 739 -53.67 11.19 -44.10
C VAL D 739 -53.11 11.77 -42.81
N SER D 740 -53.86 11.67 -41.73
CA SER D 740 -53.38 12.17 -40.46
C SER D 740 -52.03 11.57 -40.08
N MET D 741 -51.74 10.37 -40.59
CA MET D 741 -50.50 9.66 -40.27
C MET D 741 -49.70 9.30 -41.51
N ARG D 742 -49.88 10.09 -42.54
CA ARG D 742 -49.17 9.85 -43.78
C ARG D 742 -49.05 8.41 -44.24
N MET D 743 -50.15 7.67 -44.32
CA MET D 743 -50.10 6.33 -44.86
C MET D 743 -51.43 5.63 -45.06
N PRO D 744 -51.46 4.60 -45.93
CA PRO D 744 -52.67 3.85 -46.24
C PRO D 744 -53.42 3.37 -45.02
N LYS D 745 -54.74 3.24 -45.17
CA LYS D 745 -55.61 2.82 -44.09
C LYS D 745 -55.52 1.32 -43.84
N VAL D 746 -55.18 0.55 -44.86
CA VAL D 746 -55.06 -0.89 -44.71
C VAL D 746 -53.61 -1.31 -45.00
N ILE D 747 -53.01 -2.09 -44.10
CA ILE D 747 -51.63 -2.58 -44.31
C ILE D 747 -51.64 -3.93 -45.04
N HIS D 748 -50.86 -4.06 -46.11
CA HIS D 748 -50.87 -5.31 -46.87
C HIS D 748 -49.79 -6.37 -46.56
N TRP D 749 -49.11 -6.28 -45.41
CA TRP D 749 -48.05 -7.27 -45.11
C TRP D 749 -48.05 -7.85 -43.68
N GLN D 750 -49.18 -7.78 -43.02
CA GLN D 750 -49.27 -8.33 -41.68
C GLN D 750 -49.06 -9.86 -41.67
N ALA D 751 -49.33 -10.51 -42.80
CA ALA D 751 -49.19 -11.95 -42.87
C ALA D 751 -47.76 -12.45 -42.76
N THR D 752 -46.87 -11.81 -43.52
CA THR D 752 -45.47 -12.20 -43.51
C THR D 752 -44.81 -11.93 -42.14
N ARG D 753 -45.36 -10.99 -41.38
CA ARG D 753 -44.79 -10.73 -40.07
C ARG D 753 -44.84 -12.05 -39.31
N LEU D 754 -45.92 -12.79 -39.51
CA LEU D 754 -46.11 -14.07 -38.82
C LEU D 754 -45.09 -15.08 -39.29
N ILE D 755 -44.98 -15.21 -40.61
CA ILE D 755 -44.03 -16.15 -41.21
C ILE D 755 -42.70 -15.92 -40.52
N ALA D 756 -42.29 -14.66 -40.49
CA ALA D 756 -41.02 -14.30 -39.89
C ALA D 756 -40.87 -14.83 -38.48
N ASP D 757 -41.89 -14.66 -37.64
CA ASP D 757 -41.80 -15.14 -36.27
C ASP D 757 -41.57 -16.64 -36.25
N HIS D 758 -42.31 -17.36 -37.07
CA HIS D 758 -42.18 -18.81 -37.12
C HIS D 758 -40.79 -19.28 -37.47
N LEU D 759 -40.20 -18.68 -38.51
CA LEU D 759 -38.85 -19.05 -38.98
C LEU D 759 -37.76 -18.90 -37.93
N VAL D 760 -37.99 -18.03 -36.98
CA VAL D 760 -37.01 -17.75 -35.94
C VAL D 760 -37.48 -18.26 -34.55
N GLY D 761 -38.67 -18.86 -34.50
CA GLY D 761 -39.20 -19.40 -33.27
C GLY D 761 -39.77 -18.47 -32.21
N ARG D 762 -40.27 -17.30 -32.63
CA ARG D 762 -40.84 -16.33 -31.67
C ARG D 762 -42.35 -16.54 -31.47
N LYS D 763 -42.84 -16.27 -30.26
CA LYS D 763 -44.26 -16.45 -29.91
C LYS D 763 -45.26 -15.34 -30.22
N ARG D 764 -45.95 -14.83 -29.19
CA ARG D 764 -46.95 -13.77 -29.36
C ARG D 764 -46.30 -12.40 -29.51
N GLN E 3 74.41 2.65 -17.84
CA GLN E 3 73.23 1.72 -17.85
C GLN E 3 72.00 2.24 -17.07
N LYS E 4 71.63 1.57 -15.98
CA LYS E 4 70.45 1.96 -15.18
C LYS E 4 70.60 2.95 -13.97
N LYS E 5 69.50 3.08 -13.20
CA LYS E 5 69.38 3.88 -11.95
C LYS E 5 69.11 5.40 -11.91
N LYS E 6 67.90 5.81 -11.48
CA LYS E 6 67.53 7.25 -11.31
C LYS E 6 67.62 7.61 -9.82
N LYS E 7 68.53 8.53 -9.50
CA LYS E 7 68.71 8.99 -8.11
C LYS E 7 68.00 10.32 -7.90
N ILE E 8 67.32 10.46 -6.76
CA ILE E 8 66.60 11.70 -6.45
C ILE E 8 67.01 12.21 -5.09
N ALA E 9 67.09 13.53 -4.97
CA ALA E 9 67.49 14.15 -3.72
C ALA E 9 66.42 15.09 -3.18
N VAL E 10 66.14 14.98 -1.89
CA VAL E 10 65.17 15.86 -1.23
C VAL E 10 65.86 16.71 -0.22
N MET E 11 65.56 17.99 -0.28
CA MET E 11 66.15 18.94 0.63
C MET E 11 64.99 19.68 1.33
N THR E 12 65.24 20.15 2.54
CA THR E 12 64.22 20.86 3.28
C THR E 12 64.82 22.22 3.69
N SER E 13 64.57 23.24 2.88
CA SER E 13 65.15 24.57 3.13
C SER E 13 64.19 25.63 3.62
N GLY E 14 64.72 26.68 4.24
CA GLY E 14 63.87 27.76 4.72
C GLY E 14 63.39 27.49 6.11
N GLY E 15 62.34 28.19 6.53
CA GLY E 15 61.80 27.96 7.86
C GLY E 15 61.16 26.59 7.82
N ASP E 16 61.32 25.81 8.87
CA ASP E 16 60.72 24.49 8.91
C ASP E 16 59.24 24.67 9.19
N SER E 17 58.45 23.63 8.92
CA SER E 17 57.01 23.68 9.21
C SER E 17 56.52 22.26 9.47
N PRO E 18 55.56 22.09 10.39
CA PRO E 18 55.01 20.76 10.71
C PRO E 18 54.54 20.07 9.45
N GLY E 19 54.97 18.82 9.24
CA GLY E 19 54.59 18.09 8.03
C GLY E 19 55.73 17.83 7.05
N MET E 20 56.85 18.56 7.16
CA MET E 20 57.97 18.36 6.26
C MET E 20 58.48 16.92 6.32
N ASN E 21 58.65 16.38 7.52
CA ASN E 21 59.09 15.01 7.65
C ASN E 21 58.13 14.09 6.90
N ALA E 22 56.85 14.33 7.06
CA ALA E 22 55.86 13.53 6.37
C ALA E 22 56.08 13.64 4.87
N ALA E 23 56.48 14.84 4.45
CA ALA E 23 56.72 15.13 3.04
C ALA E 23 57.91 14.33 2.54
N VAL E 24 59.04 14.46 3.24
CA VAL E 24 60.25 13.74 2.89
C VAL E 24 59.98 12.25 2.86
N ARG E 25 59.37 11.73 3.92
CA ARG E 25 59.08 10.30 4.00
C ARG E 25 58.35 9.78 2.78
N ALA E 26 57.54 10.63 2.17
CA ALA E 26 56.80 10.19 1.00
C ALA E 26 57.74 10.10 -0.20
N VAL E 27 58.46 11.18 -0.44
CA VAL E 27 59.41 11.24 -1.55
C VAL E 27 60.37 10.08 -1.53
N VAL E 28 60.91 9.78 -0.36
CA VAL E 28 61.83 8.68 -0.19
C VAL E 28 61.16 7.43 -0.65
N ARG E 29 60.20 6.98 0.12
CA ARG E 29 59.52 5.74 -0.23
C ARG E 29 58.84 5.67 -1.55
N THR E 30 58.32 6.79 -2.04
CA THR E 30 57.63 6.75 -3.34
C THR E 30 58.69 6.51 -4.38
N GLY E 31 59.88 7.06 -4.15
CA GLY E 31 60.98 6.86 -5.06
C GLY E 31 61.44 5.41 -5.02
N ILE E 32 61.83 4.95 -3.83
CA ILE E 32 62.28 3.59 -3.67
C ILE E 32 61.32 2.63 -4.36
N HIS E 33 60.04 2.88 -4.19
CA HIS E 33 59.02 2.02 -4.76
C HIS E 33 59.12 1.95 -6.26
N PHE E 34 59.39 3.08 -6.88
CA PHE E 34 59.51 3.17 -8.32
C PHE E 34 60.94 2.87 -8.76
N GLY E 35 61.62 2.08 -7.94
CA GLY E 35 62.99 1.69 -8.24
C GLY E 35 64.04 2.75 -8.20
N CYS E 36 63.68 4.01 -7.92
CA CYS E 36 64.71 5.04 -7.86
C CYS E 36 65.54 4.89 -6.59
N ASP E 37 66.47 5.81 -6.40
CA ASP E 37 67.30 5.85 -5.21
C ASP E 37 67.08 7.27 -4.68
N VAL E 38 66.85 7.41 -3.38
CA VAL E 38 66.61 8.75 -2.87
C VAL E 38 67.66 9.16 -1.85
N PHE E 39 68.12 10.39 -2.00
CA PHE E 39 69.13 10.93 -1.11
C PHE E 39 68.63 12.13 -0.35
N ALA E 40 68.89 12.15 0.96
CA ALA E 40 68.51 13.28 1.82
C ALA E 40 69.63 14.32 1.75
N VAL E 41 69.28 15.58 1.89
CA VAL E 41 70.29 16.61 1.88
C VAL E 41 70.16 17.33 3.23
N TYR E 42 71.10 17.10 4.12
CA TYR E 42 70.99 17.72 5.43
C TYR E 42 71.31 19.20 5.44
N GLU E 43 70.77 19.91 6.41
CA GLU E 43 70.97 21.35 6.55
C GLU E 43 70.70 22.19 5.29
N GLY E 44 69.71 21.76 4.50
CA GLY E 44 69.34 22.52 3.32
C GLY E 44 70.43 22.78 2.31
N TYR E 45 70.35 23.93 1.67
CA TYR E 45 71.32 24.33 0.65
C TYR E 45 72.75 24.21 1.17
N GLU E 46 72.96 24.66 2.41
CA GLU E 46 74.26 24.56 3.03
C GLU E 46 74.78 23.16 2.80
N GLY E 47 74.06 22.16 3.30
CA GLY E 47 74.47 20.79 3.13
C GLY E 47 74.63 20.38 1.68
N LEU E 48 73.88 21.01 0.79
CA LEU E 48 73.97 20.70 -0.63
C LEU E 48 75.34 21.17 -1.07
N LEU E 49 75.74 22.32 -0.54
CA LEU E 49 77.02 22.93 -0.84
C LEU E 49 78.15 22.02 -0.34
N ARG E 50 78.12 21.75 0.97
CA ARG E 50 79.11 20.91 1.63
C ARG E 50 79.30 19.53 0.98
N GLY E 51 78.42 19.18 0.05
CA GLY E 51 78.54 17.88 -0.60
C GLY E 51 78.71 16.74 0.38
N GLY E 52 78.97 15.54 -0.15
CA GLY E 52 79.17 14.31 0.60
C GLY E 52 78.89 14.28 2.10
N LYS E 53 78.31 13.19 2.58
CA LYS E 53 77.99 13.07 4.02
C LYS E 53 76.79 13.97 4.31
N TYR E 54 76.92 15.26 4.04
CA TYR E 54 75.80 16.18 4.21
C TYR E 54 74.78 15.83 3.13
N LEU E 55 74.99 14.68 2.51
CA LEU E 55 74.14 14.16 1.44
C LEU E 55 74.14 12.67 1.71
N LYS E 56 72.97 12.06 1.83
CA LYS E 56 72.89 10.65 2.17
C LYS E 56 71.83 9.76 1.51
N LYS E 57 72.25 8.55 1.11
CA LYS E 57 71.36 7.57 0.50
C LYS E 57 70.41 7.11 1.59
N MET E 58 69.10 7.23 1.35
CA MET E 58 68.07 6.85 2.34
C MET E 58 67.48 5.47 2.18
N ALA E 59 67.37 4.76 3.29
CA ALA E 59 66.81 3.42 3.31
C ALA E 59 65.30 3.55 3.46
N TRP E 60 64.56 2.46 3.27
CA TRP E 60 63.11 2.51 3.43
C TRP E 60 62.73 2.85 4.86
N GLU E 61 63.40 2.19 5.80
CA GLU E 61 63.16 2.38 7.23
C GLU E 61 63.80 3.66 7.75
N ASP E 62 64.59 4.34 6.92
CA ASP E 62 65.23 5.56 7.39
C ASP E 62 64.21 6.62 7.76
N VAL E 63 62.98 6.48 7.24
CA VAL E 63 61.92 7.44 7.50
C VAL E 63 60.74 6.88 8.29
N ARG E 64 60.88 5.69 8.88
CA ARG E 64 59.76 5.13 9.65
C ARG E 64 59.42 6.05 10.81
N GLY E 65 58.13 6.35 10.93
CA GLY E 65 57.62 7.20 11.99
C GLY E 65 57.73 8.68 11.75
N TRP E 66 58.21 9.06 10.58
CA TRP E 66 58.36 10.48 10.27
C TRP E 66 57.05 11.23 10.14
N LEU E 67 55.95 10.48 10.12
CA LEU E 67 54.63 11.08 10.02
C LEU E 67 54.26 11.83 11.28
N SER E 68 54.84 11.43 12.41
CA SER E 68 54.55 12.08 13.69
C SER E 68 55.74 12.79 14.34
N GLU E 69 56.55 13.47 13.52
CA GLU E 69 57.71 14.19 14.01
C GLU E 69 57.65 15.68 13.73
N GLY E 70 58.09 16.48 14.66
CA GLY E 70 58.06 17.91 14.42
C GLY E 70 59.15 18.34 13.45
N GLY E 71 59.27 19.65 13.27
CA GLY E 71 60.26 20.21 12.36
C GLY E 71 60.66 19.33 11.20
N THR E 72 61.88 19.54 10.73
CA THR E 72 62.43 18.72 9.66
C THR E 72 63.65 17.99 10.19
N LEU E 73 63.56 16.66 10.18
CA LEU E 73 64.63 15.82 10.64
C LEU E 73 65.90 15.88 9.76
N ILE E 74 65.85 16.56 8.63
CA ILE E 74 67.06 16.63 7.86
C ILE E 74 67.53 18.08 7.88
N GLY E 75 67.05 18.80 8.90
CA GLY E 75 67.44 20.18 9.13
C GLY E 75 67.31 21.17 8.01
N THR E 76 67.51 22.44 8.35
CA THR E 76 67.43 23.52 7.39
C THR E 76 68.34 24.66 7.84
N ALA E 77 69.46 24.80 7.15
CA ALA E 77 70.41 25.87 7.44
C ALA E 77 70.45 26.85 6.26
N ARG E 78 70.93 28.07 6.54
CA ARG E 78 71.04 29.10 5.51
C ARG E 78 72.46 29.03 4.98
N SER E 79 72.65 29.21 3.68
CA SER E 79 73.99 29.10 3.09
C SER E 79 74.40 30.28 2.22
N MET E 80 75.41 31.04 2.67
CA MET E 80 75.92 32.18 1.90
C MET E 80 76.63 31.70 0.64
N GLU E 81 77.54 30.74 0.82
CA GLU E 81 78.31 30.18 -0.28
C GLU E 81 77.46 29.80 -1.49
N PHE E 82 76.21 29.38 -1.26
CA PHE E 82 75.34 29.00 -2.38
C PHE E 82 75.01 30.21 -3.26
N ARG E 83 75.02 31.40 -2.66
CA ARG E 83 74.72 32.63 -3.37
C ARG E 83 75.72 32.89 -4.50
N LYS E 84 76.94 32.35 -4.37
CA LYS E 84 77.96 32.51 -5.40
C LYS E 84 77.99 31.30 -6.34
N ARG E 85 78.07 31.55 -7.64
CA ARG E 85 78.11 30.49 -8.65
C ARG E 85 79.13 29.39 -8.33
N GLU E 86 80.17 29.74 -7.57
CA GLU E 86 81.19 28.75 -7.19
C GLU E 86 80.47 27.68 -6.37
N GLY E 87 79.76 28.11 -5.33
CA GLY E 87 79.02 27.18 -4.50
C GLY E 87 78.00 26.37 -5.31
N ARG E 88 77.19 27.04 -6.12
CA ARG E 88 76.20 26.33 -6.90
C ARG E 88 76.92 25.25 -7.71
N ARG E 89 77.92 25.65 -8.48
CA ARG E 89 78.70 24.71 -9.29
C ARG E 89 79.23 23.62 -8.36
N GLN E 90 79.69 24.07 -7.20
CA GLN E 90 80.23 23.18 -6.17
C GLN E 90 79.26 22.03 -5.94
N ALA E 91 78.07 22.40 -5.45
CA ALA E 91 77.00 21.45 -5.15
C ALA E 91 76.70 20.58 -6.36
N ALA E 92 76.40 21.23 -7.49
CA ALA E 92 76.10 20.52 -8.73
C ALA E 92 77.06 19.37 -8.89
N GLY E 93 78.30 19.60 -8.48
CA GLY E 93 79.30 18.56 -8.59
C GLY E 93 78.93 17.40 -7.69
N ASN E 94 78.68 17.73 -6.43
CA ASN E 94 78.31 16.75 -5.41
C ASN E 94 77.17 15.84 -5.84
N LEU E 95 76.16 16.41 -6.49
CA LEU E 95 75.00 15.63 -6.97
C LEU E 95 75.41 14.73 -8.14
N ILE E 96 76.09 15.35 -9.10
CA ILE E 96 76.55 14.63 -10.27
C ILE E 96 77.45 13.50 -9.78
N SER E 97 78.20 13.80 -8.73
CA SER E 97 79.11 12.84 -8.10
C SER E 97 78.40 11.58 -7.62
N GLN E 98 77.13 11.72 -7.26
CA GLN E 98 76.34 10.59 -6.76
C GLN E 98 75.40 10.02 -7.83
N GLY E 99 75.35 10.68 -8.97
CA GLY E 99 74.50 10.21 -10.05
C GLY E 99 73.10 10.75 -9.86
N ILE E 100 73.03 11.95 -9.30
CA ILE E 100 71.76 12.61 -9.02
C ILE E 100 71.45 13.71 -10.02
N ASP E 101 70.26 13.64 -10.61
CA ASP E 101 69.80 14.62 -11.60
C ASP E 101 68.32 15.04 -11.40
N ALA E 102 67.87 14.91 -10.15
CA ALA E 102 66.51 15.26 -9.75
C ALA E 102 66.53 15.81 -8.32
N LEU E 103 66.08 17.03 -8.17
CA LEU E 103 66.04 17.66 -6.87
C LEU E 103 64.62 18.05 -6.39
N VAL E 104 64.20 17.51 -5.26
CA VAL E 104 62.89 17.82 -4.72
C VAL E 104 63.08 18.76 -3.53
N VAL E 105 62.75 20.03 -3.72
CA VAL E 105 62.87 21.01 -2.64
C VAL E 105 61.54 21.32 -1.97
N CYS E 106 61.52 21.22 -0.66
CA CYS E 106 60.32 21.47 0.12
C CYS E 106 60.54 22.58 1.16
N GLY E 107 60.04 23.77 0.89
CA GLY E 107 60.23 24.83 1.85
C GLY E 107 59.48 26.11 1.58
N GLY E 108 59.90 27.19 2.26
CA GLY E 108 59.29 28.50 2.10
C GLY E 108 59.33 28.98 0.66
N ASP E 109 58.56 30.03 0.36
CA ASP E 109 58.51 30.56 -1.00
C ASP E 109 59.93 30.84 -1.52
N GLY E 110 60.77 31.42 -0.69
CA GLY E 110 62.14 31.72 -1.08
C GLY E 110 62.85 30.51 -1.66
N SER E 111 63.18 29.54 -0.81
CA SER E 111 63.86 28.32 -1.24
C SER E 111 63.36 27.81 -2.58
N LEU E 112 62.04 27.92 -2.76
CA LEU E 112 61.41 27.46 -3.98
C LEU E 112 61.94 28.25 -5.18
N THR E 113 62.13 29.56 -5.00
CA THR E 113 62.64 30.42 -6.08
C THR E 113 64.04 29.97 -6.47
N GLY E 114 64.95 30.10 -5.50
CA GLY E 114 66.34 29.72 -5.69
C GLY E 114 66.49 28.34 -6.31
N ALA E 115 65.54 27.46 -6.06
CA ALA E 115 65.62 26.13 -6.63
C ALA E 115 65.42 26.14 -8.15
N ASP E 116 64.78 27.20 -8.68
CA ASP E 116 64.55 27.27 -10.13
C ASP E 116 65.81 27.84 -10.79
N LEU E 117 66.35 28.91 -10.21
CA LEU E 117 67.54 29.54 -10.73
C LEU E 117 68.61 28.48 -10.88
N PHE E 118 68.52 27.46 -10.05
CA PHE E 118 69.48 26.36 -10.10
C PHE E 118 69.29 25.50 -11.35
N ARG E 119 68.09 24.96 -11.56
CA ARG E 119 67.84 24.13 -12.75
C ARG E 119 68.08 24.97 -14.00
N HIS E 120 67.68 26.23 -13.91
CA HIS E 120 67.88 27.15 -15.02
C HIS E 120 69.26 27.73 -14.77
N GLU E 121 70.29 26.92 -15.02
CA GLU E 121 71.69 27.33 -14.80
C GLU E 121 72.55 26.09 -14.58
N TRP E 122 71.92 24.92 -14.59
CA TRP E 122 72.64 23.69 -14.36
C TRP E 122 73.56 23.28 -15.51
N PRO E 123 73.02 23.08 -16.71
CA PRO E 123 73.89 22.69 -17.83
C PRO E 123 75.11 23.60 -17.89
N SER E 124 74.87 24.90 -17.73
CA SER E 124 75.94 25.90 -17.71
C SER E 124 77.04 25.46 -16.73
N LEU E 125 76.67 25.28 -15.46
CA LEU E 125 77.58 24.85 -14.40
C LEU E 125 78.17 23.48 -14.70
N VAL E 126 77.46 22.70 -15.51
CA VAL E 126 77.91 21.38 -15.88
C VAL E 126 79.12 21.50 -16.80
N ASP E 127 79.11 22.53 -17.65
CA ASP E 127 80.21 22.78 -18.59
C ASP E 127 81.47 23.06 -17.79
N GLU E 128 81.36 24.01 -16.86
CA GLU E 128 82.47 24.37 -15.99
C GLU E 128 83.15 23.14 -15.40
N LEU E 129 82.36 22.21 -14.88
CA LEU E 129 82.88 20.97 -14.28
C LEU E 129 83.59 20.06 -15.31
N VAL E 130 83.07 20.05 -16.54
CA VAL E 130 83.63 19.27 -17.63
C VAL E 130 85.00 19.89 -17.86
N ALA E 131 85.00 21.23 -17.91
CA ALA E 131 86.21 22.01 -18.08
C ALA E 131 87.05 21.81 -16.83
N GLU E 132 87.28 22.88 -16.07
CA GLU E 132 88.08 22.81 -14.84
C GLU E 132 88.04 21.42 -14.23
N GLY E 133 89.03 20.61 -14.60
CA GLY E 133 89.15 19.24 -14.11
C GLY E 133 87.82 18.54 -13.89
N ARG E 134 87.47 18.43 -12.61
CA ARG E 134 86.21 17.84 -12.12
C ARG E 134 85.66 16.59 -12.86
N PHE E 135 84.87 16.82 -13.91
CA PHE E 135 84.26 15.72 -14.66
C PHE E 135 84.46 15.73 -16.18
N THR E 136 84.57 14.52 -16.72
CA THR E 136 84.75 14.29 -18.17
C THR E 136 83.41 14.62 -18.85
N LYS E 137 83.46 14.95 -20.14
CA LYS E 137 82.23 15.25 -20.87
C LYS E 137 81.41 13.95 -20.90
N GLU E 138 82.13 12.83 -20.85
CA GLU E 138 81.55 11.49 -20.86
C GLU E 138 80.75 11.13 -19.58
N GLU E 139 81.32 11.44 -18.42
CA GLU E 139 80.65 11.15 -17.14
C GLU E 139 79.41 12.04 -17.00
N VAL E 140 79.64 13.34 -17.16
CA VAL E 140 78.61 14.36 -17.04
C VAL E 140 77.56 14.23 -18.15
N ALA E 141 77.61 13.12 -18.90
CA ALA E 141 76.69 12.90 -20.03
C ALA E 141 75.21 12.73 -19.65
N PRO E 142 74.85 11.58 -19.05
CA PRO E 142 73.47 11.30 -18.64
C PRO E 142 72.87 12.29 -17.62
N TYR E 143 73.73 12.83 -16.77
CA TYR E 143 73.35 13.78 -15.74
C TYR E 143 73.41 15.19 -16.30
N LYS E 144 73.03 15.36 -17.56
CA LYS E 144 73.06 16.64 -18.25
C LYS E 144 72.04 17.70 -17.78
N ASN E 145 70.77 17.32 -17.67
CA ASN E 145 69.72 18.26 -17.24
C ASN E 145 69.18 17.97 -15.86
N LEU E 146 68.75 19.03 -15.17
CA LEU E 146 68.22 18.89 -13.81
C LEU E 146 66.71 18.77 -13.80
N SER E 147 66.20 17.95 -12.88
CA SER E 147 64.78 17.79 -12.71
C SER E 147 64.46 18.48 -11.39
N ILE E 148 63.50 19.40 -11.39
CA ILE E 148 63.17 20.11 -10.17
C ILE E 148 61.70 20.18 -9.80
N VAL E 149 61.39 19.76 -8.59
CA VAL E 149 60.02 19.79 -8.10
C VAL E 149 60.01 20.52 -6.77
N GLY E 150 59.11 21.49 -6.62
CA GLY E 150 59.00 22.20 -5.36
C GLY E 150 57.79 21.72 -4.56
N LEU E 151 57.87 21.85 -3.24
CA LEU E 151 56.79 21.53 -2.33
C LEU E 151 56.77 22.72 -1.38
N VAL E 152 55.60 23.29 -1.13
CA VAL E 152 55.56 24.46 -0.25
C VAL E 152 55.41 24.12 1.24
N GLY E 153 56.52 24.19 1.97
CA GLY E 153 56.48 23.93 3.40
C GLY E 153 56.51 25.26 4.13
N SER E 154 55.36 25.68 4.66
CA SER E 154 55.29 26.97 5.34
C SER E 154 54.04 27.07 6.17
N ILE E 155 54.11 27.76 7.29
CA ILE E 155 52.96 27.90 8.15
C ILE E 155 52.15 29.12 7.77
N ASP E 156 52.71 29.94 6.87
CA ASP E 156 52.06 31.17 6.42
C ASP E 156 51.01 31.03 5.35
N ASN E 157 51.02 29.92 4.61
CA ASN E 157 50.03 29.74 3.54
C ASN E 157 49.94 31.01 2.69
N ASP E 158 51.10 31.57 2.37
CA ASP E 158 51.22 32.79 1.60
C ASP E 158 51.72 32.53 0.19
N MET E 159 51.45 31.33 -0.33
CA MET E 159 51.90 30.98 -1.67
C MET E 159 50.77 30.97 -2.68
N SER E 160 50.47 32.15 -3.24
CA SER E 160 49.40 32.28 -4.23
C SER E 160 49.55 31.18 -5.25
N GLY E 161 48.46 30.49 -5.54
CA GLY E 161 48.53 29.41 -6.50
C GLY E 161 47.99 28.13 -5.90
N THR E 162 48.31 27.88 -4.64
CA THR E 162 47.83 26.66 -3.99
C THR E 162 46.96 27.06 -2.81
N ASP E 163 45.91 26.31 -2.54
CA ASP E 163 44.99 26.61 -1.45
C ASP E 163 45.51 26.40 -0.02
N SER E 164 46.54 25.57 0.12
CA SER E 164 47.04 25.23 1.43
C SER E 164 48.54 24.89 1.37
N THR E 165 49.33 25.46 2.24
CA THR E 165 50.75 25.14 2.25
C THR E 165 50.98 24.20 3.40
N ILE E 166 51.87 23.22 3.22
CA ILE E 166 52.15 22.26 4.29
C ILE E 166 52.55 22.96 5.60
N GLY E 167 51.79 22.68 6.66
CA GLY E 167 52.07 23.27 7.95
C GLY E 167 51.18 24.41 8.41
N ALA E 168 50.50 25.08 7.48
CA ALA E 168 49.63 26.18 7.85
C ALA E 168 48.54 25.75 8.84
N TYR E 169 47.90 24.63 8.57
CA TYR E 169 46.87 24.19 9.51
C TYR E 169 47.41 23.79 10.87
N SER E 170 48.64 23.30 10.86
CA SER E 170 49.29 22.87 12.08
C SER E 170 49.51 24.10 12.93
N ALA E 171 50.11 25.13 12.32
CA ALA E 171 50.39 26.38 13.03
C ALA E 171 49.09 26.95 13.59
N LEU E 172 48.06 27.00 12.74
CA LEU E 172 46.76 27.49 13.15
C LEU E 172 46.32 26.78 14.43
N GLU E 173 46.28 25.46 14.36
CA GLU E 173 45.87 24.63 15.49
C GLU E 173 46.65 25.08 16.70
N ARG E 174 47.95 25.32 16.54
CA ARG E 174 48.75 25.75 17.68
C ARG E 174 48.27 27.09 18.22
N ILE E 175 48.00 28.05 17.33
CA ILE E 175 47.49 29.34 17.78
C ILE E 175 46.21 29.11 18.62
N CYS E 176 45.27 28.34 18.08
CA CYS E 176 44.04 28.03 18.78
C CYS E 176 44.27 27.45 20.15
N GLU E 177 45.19 26.50 20.25
CA GLU E 177 45.51 25.91 21.54
C GLU E 177 45.91 27.02 22.49
N MET E 178 46.87 27.84 22.06
CA MET E 178 47.35 28.91 22.93
C MET E 178 46.26 29.89 23.35
N VAL E 179 45.43 30.32 22.39
CA VAL E 179 44.39 31.28 22.70
C VAL E 179 43.38 30.64 23.65
N ASP E 180 43.02 29.39 23.40
CA ASP E 180 42.09 28.71 24.29
C ASP E 180 42.57 28.80 25.72
N TYR E 181 43.88 28.66 25.97
CA TYR E 181 44.46 28.73 27.32
C TYR E 181 44.20 30.13 27.80
N ILE E 182 44.67 31.10 27.03
CA ILE E 182 44.50 32.49 27.39
C ILE E 182 43.04 32.81 27.82
N ASP E 183 42.08 32.30 27.06
CA ASP E 183 40.68 32.55 27.40
C ASP E 183 40.35 32.29 28.86
N ALA E 184 40.82 31.18 29.41
CA ALA E 184 40.49 30.88 30.79
C ALA E 184 40.85 32.04 31.72
N THR E 185 42.11 32.46 31.66
CA THR E 185 42.54 33.52 32.52
C THR E 185 41.91 34.86 32.15
N ALA E 186 41.80 35.15 30.85
CA ALA E 186 41.20 36.42 30.41
C ALA E 186 39.77 36.54 30.95
N LYS E 187 39.04 35.44 30.90
CA LYS E 187 37.68 35.40 31.39
C LYS E 187 37.63 35.72 32.87
N SER E 188 38.55 35.16 33.63
CA SER E 188 38.57 35.42 35.06
C SER E 188 38.69 36.91 35.44
N HIS E 189 39.60 37.62 34.77
CA HIS E 189 39.88 39.01 35.05
C HIS E 189 39.12 39.95 34.12
N SER E 190 38.20 39.39 33.37
CA SER E 190 37.39 40.16 32.42
C SER E 190 38.26 41.13 31.66
N ARG E 191 39.39 40.64 31.15
CA ARG E 191 40.35 41.46 30.42
C ARG E 191 40.22 41.39 28.90
N ALA E 192 41.15 42.02 28.22
CA ALA E 192 41.17 42.03 26.78
C ALA E 192 42.59 41.65 26.39
N PHE E 193 42.74 40.61 25.59
CA PHE E 193 44.06 40.20 25.16
C PHE E 193 44.29 40.48 23.70
N VAL E 194 45.44 41.05 23.40
CA VAL E 194 45.84 41.33 22.05
C VAL E 194 46.85 40.24 21.75
N VAL E 195 46.50 39.30 20.90
CA VAL E 195 47.38 38.17 20.57
C VAL E 195 48.11 38.29 19.24
N GLU E 196 49.43 38.24 19.26
CA GLU E 196 50.18 38.39 18.02
C GLU E 196 50.59 37.08 17.36
N VAL E 197 50.19 36.90 16.11
CA VAL E 197 50.51 35.66 15.43
C VAL E 197 51.38 35.81 14.22
N MET E 198 52.07 34.73 13.93
CA MET E 198 52.97 34.70 12.80
C MET E 198 52.16 34.74 11.55
N GLY E 199 52.86 34.85 10.41
CA GLY E 199 52.21 34.90 9.13
C GLY E 199 53.04 35.71 8.18
N ARG E 200 54.17 36.24 8.63
CA ARG E 200 55.02 37.02 7.73
C ARG E 200 54.17 38.18 7.22
N HIS E 201 53.90 38.24 5.92
CA HIS E 201 53.08 39.32 5.39
C HIS E 201 51.72 38.76 4.96
N CYS E 202 51.32 37.68 5.60
CA CYS E 202 50.06 37.04 5.25
C CYS E 202 49.11 36.93 6.45
N GLY E 203 47.87 37.32 6.24
CA GLY E 203 46.90 37.30 7.31
C GLY E 203 46.08 36.04 7.42
N TRP E 204 46.30 35.07 6.53
CA TRP E 204 45.55 33.82 6.58
C TRP E 204 45.49 33.24 8.00
N LEU E 205 46.64 33.17 8.66
CA LEU E 205 46.74 32.65 10.02
C LEU E 205 45.91 33.47 10.99
N ALA E 206 46.00 34.79 10.89
CA ALA E 206 45.24 35.67 11.78
C ALA E 206 43.75 35.48 11.51
N LEU E 207 43.40 35.62 10.25
CA LEU E 207 42.05 35.49 9.80
C LEU E 207 41.40 34.18 10.23
N MET E 208 42.10 33.07 10.09
CA MET E 208 41.51 31.81 10.52
C MET E 208 41.37 31.85 12.03
N ALA E 209 42.44 32.24 12.70
CA ALA E 209 42.46 32.30 14.14
C ALA E 209 41.35 33.18 14.64
N GLY E 210 41.11 34.25 13.90
CA GLY E 210 40.08 35.19 14.30
C GLY E 210 38.74 34.51 14.43
N ILE E 211 38.38 33.79 13.37
CA ILE E 211 37.12 33.08 13.30
C ILE E 211 37.11 31.93 14.27
N ALA E 212 38.26 31.26 14.41
CA ALA E 212 38.36 30.09 15.28
C ALA E 212 38.41 30.34 16.77
N THR E 213 38.65 31.57 17.17
CA THR E 213 38.71 31.86 18.57
C THR E 213 37.56 32.75 19.04
N GLY E 214 36.67 33.13 18.14
CA GLY E 214 35.56 34.00 18.52
C GLY E 214 36.06 35.41 18.76
N ALA E 215 37.13 35.77 18.06
CA ALA E 215 37.72 37.08 18.22
C ALA E 215 36.73 38.23 18.10
N ASP E 216 37.07 39.36 18.71
CA ASP E 216 36.23 40.55 18.66
C ASP E 216 36.65 41.34 17.44
N TYR E 217 37.87 41.12 16.97
CA TYR E 217 38.38 41.92 15.87
C TYR E 217 39.69 41.34 15.43
N ILE E 218 40.05 41.54 14.16
CA ILE E 218 41.33 41.05 13.67
C ILE E 218 42.04 42.18 12.93
N PHE E 219 43.30 41.96 12.56
CA PHE E 219 44.12 42.94 11.85
C PHE E 219 44.98 42.21 10.85
N ILE E 220 44.61 42.26 9.58
CA ILE E 220 45.39 41.59 8.55
C ILE E 220 45.75 42.54 7.42
N PRO E 221 46.98 42.45 6.93
CA PRO E 221 47.43 43.32 5.84
C PRO E 221 46.53 43.37 4.60
N GLU E 222 46.02 42.21 4.17
CA GLU E 222 45.17 42.17 2.98
C GLU E 222 43.92 43.06 3.12
N ARG E 223 43.80 43.71 4.27
CA ARG E 223 42.66 44.56 4.55
C ARG E 223 43.11 45.67 5.49
N ALA E 224 44.13 46.42 5.08
CA ALA E 224 44.69 47.51 5.88
C ALA E 224 43.58 48.30 6.53
N VAL E 225 43.67 48.46 7.85
CA VAL E 225 42.63 49.16 8.56
C VAL E 225 42.62 50.66 8.27
N PRO E 226 41.45 51.30 8.44
CA PRO E 226 41.31 52.74 8.20
C PRO E 226 42.47 53.46 8.91
N HIS E 227 43.46 53.84 8.12
CA HIS E 227 44.66 54.49 8.62
C HIS E 227 44.53 55.32 9.91
N GLY E 228 43.46 56.09 10.08
CA GLY E 228 43.37 56.87 11.29
C GLY E 228 42.14 56.57 12.15
N LYS E 229 41.14 55.91 11.57
CA LYS E 229 39.91 55.65 12.29
C LYS E 229 39.69 54.30 12.99
N TRP E 230 40.58 53.33 12.78
CA TRP E 230 40.37 52.01 13.38
C TRP E 230 40.30 51.88 14.89
N GLN E 231 41.04 52.69 15.62
CA GLN E 231 41.01 52.57 17.07
C GLN E 231 39.64 52.81 17.67
N ASP E 232 38.82 53.61 17.01
CA ASP E 232 37.49 53.83 17.53
C ASP E 232 36.59 52.66 17.13
N GLU E 233 36.69 52.25 15.87
CA GLU E 233 35.87 51.14 15.38
C GLU E 233 36.10 49.99 16.35
N LEU E 234 37.37 49.79 16.68
CA LEU E 234 37.74 48.72 17.59
C LEU E 234 37.08 48.91 18.97
N LYS E 235 37.32 50.05 19.61
CA LYS E 235 36.77 50.31 20.94
C LYS E 235 35.25 50.10 20.93
N GLU E 236 34.62 50.63 19.88
CA GLU E 236 33.19 50.55 19.67
C GLU E 236 32.79 49.08 19.78
N VAL E 237 33.37 48.25 18.92
CA VAL E 237 33.06 46.82 18.91
C VAL E 237 33.25 46.12 20.25
N CYS E 238 34.42 46.29 20.83
CA CYS E 238 34.66 45.65 22.12
C CYS E 238 33.63 46.13 23.14
N GLN E 239 33.43 47.45 23.23
CA GLN E 239 32.47 48.03 24.16
C GLN E 239 31.09 47.36 24.00
N ARG E 240 30.60 47.38 22.77
CA ARG E 240 29.33 46.77 22.47
C ARG E 240 29.21 45.32 22.97
N HIS E 241 30.22 44.50 22.68
CA HIS E 241 30.19 43.10 23.10
C HIS E 241 30.24 42.96 24.62
N ARG E 242 31.03 43.79 25.26
CA ARG E 242 31.14 43.74 26.71
C ARG E 242 29.80 44.07 27.32
N SER E 243 29.08 45.01 26.70
CA SER E 243 27.78 45.39 27.25
C SER E 243 26.74 44.30 27.08
N LYS E 244 26.92 43.47 26.07
CA LYS E 244 26.03 42.36 25.85
C LYS E 244 26.39 41.21 26.82
N GLY E 245 27.41 41.43 27.63
CA GLY E 245 27.81 40.43 28.60
C GLY E 245 29.18 39.79 28.40
N ARG E 246 29.87 40.11 27.31
CA ARG E 246 31.16 39.51 27.11
C ARG E 246 32.09 40.00 28.17
N ARG E 247 32.79 39.08 28.85
CA ARG E 247 33.73 39.44 29.90
C ARG E 247 35.11 39.85 29.41
N ASN E 248 35.64 39.09 28.46
CA ASN E 248 36.96 39.35 27.92
C ASN E 248 36.90 39.55 26.42
N ASN E 249 37.82 40.31 25.89
CA ASN E 249 37.88 40.56 24.46
C ASN E 249 39.14 39.90 23.96
N THR E 250 39.13 39.49 22.70
CA THR E 250 40.26 38.82 22.11
C THR E 250 40.48 39.38 20.71
N ILE E 251 41.59 40.04 20.48
CA ILE E 251 41.88 40.65 19.19
C ILE E 251 43.07 39.94 18.66
N ILE E 252 43.01 39.48 17.42
CA ILE E 252 44.13 38.79 16.83
C ILE E 252 44.85 39.72 15.88
N VAL E 253 46.12 39.97 16.14
CA VAL E 253 46.89 40.89 15.30
C VAL E 253 47.94 40.20 14.51
N ALA E 254 47.90 40.32 13.19
CA ALA E 254 48.93 39.68 12.38
C ALA E 254 50.27 40.44 12.42
N GLU E 255 51.37 39.69 12.27
CA GLU E 255 52.69 40.30 12.28
C GLU E 255 52.73 41.36 11.21
N GLY E 256 52.23 41.01 10.03
CA GLY E 256 52.26 41.94 8.91
C GLY E 256 51.13 42.94 8.86
N ALA E 257 50.48 43.17 9.99
CA ALA E 257 49.37 44.11 10.07
C ALA E 257 49.80 45.54 9.82
N LEU E 258 49.04 46.21 8.97
CA LEU E 258 49.28 47.61 8.63
C LEU E 258 47.98 48.35 8.20
N ASP E 259 48.02 49.67 8.24
CA ASP E 259 46.85 50.48 7.91
C ASP E 259 46.88 50.96 6.46
N ASP E 260 45.95 51.87 6.13
CA ASP E 260 45.82 52.49 4.80
C ASP E 260 47.14 53.03 4.25
N GLN E 261 47.81 53.83 5.08
CA GLN E 261 49.06 54.47 4.73
C GLN E 261 50.28 53.57 4.92
N LEU E 262 50.07 52.26 4.88
CA LEU E 262 51.16 51.30 5.02
C LEU E 262 51.95 51.38 6.32
N ASN E 263 51.39 52.07 7.31
CA ASN E 263 52.01 52.17 8.63
C ASN E 263 51.70 50.90 9.37
N PRO E 264 52.71 50.23 9.90
CA PRO E 264 52.44 48.99 10.62
C PRO E 264 51.52 49.17 11.84
N VAL E 265 50.53 48.31 11.97
CA VAL E 265 49.66 48.39 13.12
C VAL E 265 50.22 47.35 14.09
N THR E 266 50.66 47.84 15.23
CA THR E 266 51.27 47.02 16.26
C THR E 266 50.39 46.48 17.35
N ALA E 267 50.78 45.32 17.85
CA ALA E 267 50.05 44.70 18.93
C ALA E 267 49.88 45.72 20.03
N ASN E 268 50.90 46.54 20.27
CA ASN E 268 50.80 47.55 21.33
C ASN E 268 49.97 48.72 20.90
N ASP E 269 50.02 49.02 19.60
CA ASP E 269 49.22 50.10 19.05
C ASP E 269 47.81 49.73 19.44
N VAL E 270 47.47 48.47 19.16
CA VAL E 270 46.18 47.93 19.48
C VAL E 270 45.96 47.94 20.98
N LYS E 271 46.98 47.54 21.74
CA LYS E 271 46.86 47.53 23.19
C LYS E 271 46.62 48.94 23.75
N ASP E 272 47.39 49.91 23.28
CA ASP E 272 47.22 51.27 23.76
C ASP E 272 45.76 51.70 23.60
N ALA E 273 45.25 51.56 22.39
CA ALA E 273 43.87 51.90 22.09
C ALA E 273 42.90 51.31 23.08
N LEU E 274 43.05 50.02 23.36
CA LEU E 274 42.16 49.39 24.31
C LEU E 274 42.36 49.90 25.75
N ILE E 275 43.60 50.28 26.06
CA ILE E 275 43.94 50.80 27.38
C ILE E 275 43.19 52.12 27.49
N GLU E 276 43.16 52.85 26.38
CA GLU E 276 42.51 54.14 26.34
C GLU E 276 41.05 54.00 26.70
N LEU E 277 40.36 53.01 26.11
CA LEU E 277 38.94 52.82 26.40
C LEU E 277 38.73 52.46 27.87
N GLY E 278 39.80 52.07 28.55
CA GLY E 278 39.64 51.72 29.94
C GLY E 278 39.63 50.24 30.27
N LEU E 279 39.96 49.37 29.32
CA LEU E 279 39.97 47.94 29.59
C LEU E 279 41.36 47.43 30.04
N ASP E 280 41.35 46.49 30.98
CA ASP E 280 42.58 45.86 31.50
C ASP E 280 43.16 45.10 30.32
N THR E 281 44.24 45.58 29.75
CA THR E 281 44.76 44.96 28.55
C THR E 281 46.16 44.38 28.54
N LYS E 282 46.29 43.19 27.99
CA LYS E 282 47.58 42.49 27.91
C LYS E 282 47.90 42.15 26.47
N VAL E 283 49.17 41.94 26.18
CA VAL E 283 49.57 41.58 24.83
C VAL E 283 50.33 40.28 24.88
N THR E 284 50.05 39.38 23.96
CA THR E 284 50.74 38.10 23.95
C THR E 284 51.33 37.82 22.59
N ILE E 285 52.62 37.56 22.53
CA ILE E 285 53.23 37.22 21.25
C ILE E 285 53.52 35.72 21.33
N LEU E 286 52.69 34.91 20.68
CA LEU E 286 52.88 33.47 20.73
C LEU E 286 54.26 33.02 20.27
N GLY E 287 54.85 33.74 19.33
CA GLY E 287 56.16 33.35 18.88
C GLY E 287 56.21 31.97 18.25
N HIS E 288 57.37 31.33 18.31
CA HIS E 288 57.56 30.02 17.66
C HIS E 288 56.77 28.79 18.05
N VAL E 289 55.93 28.88 19.08
CA VAL E 289 55.12 27.71 19.42
C VAL E 289 54.31 27.40 18.16
N GLN E 290 54.25 28.35 17.25
CA GLN E 290 53.50 28.22 16.03
C GLN E 290 54.29 27.43 14.98
N ARG E 291 55.53 27.08 15.30
CA ARG E 291 56.36 26.36 14.35
C ARG E 291 56.63 24.91 14.74
N GLY E 292 56.52 24.61 16.04
CA GLY E 292 56.78 23.27 16.51
C GLY E 292 55.55 22.38 16.55
N GLY E 293 55.65 21.28 17.31
CA GLY E 293 54.53 20.36 17.40
C GLY E 293 54.45 19.51 16.16
N THR E 294 53.81 18.34 16.25
CA THR E 294 53.73 17.46 15.10
C THR E 294 52.76 18.01 14.07
N ALA E 295 52.58 17.30 12.97
CA ALA E 295 51.66 17.77 11.94
C ALA E 295 50.28 17.31 12.28
N VAL E 296 49.29 18.16 12.02
CA VAL E 296 47.90 17.80 12.27
C VAL E 296 47.44 16.97 11.08
N ALA E 297 46.36 16.22 11.25
CA ALA E 297 45.86 15.34 10.21
C ALA E 297 45.89 15.96 8.84
N HIS E 298 45.51 17.20 8.73
CA HIS E 298 45.49 17.78 7.42
C HIS E 298 46.86 17.90 6.80
N ASP E 299 47.85 18.32 7.59
CA ASP E 299 49.20 18.48 7.05
C ASP E 299 49.87 17.14 6.79
N ARG E 300 49.58 16.15 7.61
CA ARG E 300 50.19 14.85 7.39
C ARG E 300 49.66 14.41 6.03
N TRP E 301 48.35 14.42 5.92
CA TRP E 301 47.69 14.03 4.68
C TRP E 301 48.19 14.83 3.47
N LEU E 302 48.24 16.15 3.59
CA LEU E 302 48.68 16.97 2.48
C LEU E 302 50.12 16.66 2.11
N ALA E 303 51.00 16.65 3.09
CA ALA E 303 52.41 16.40 2.85
C ALA E 303 52.64 15.04 2.21
N THR E 304 51.98 14.01 2.74
CA THR E 304 52.17 12.67 2.20
C THR E 304 51.78 12.58 0.75
N LEU E 305 50.61 13.09 0.39
CA LEU E 305 50.18 13.02 -1.01
C LEU E 305 51.04 13.90 -1.89
N GLN E 306 51.31 15.12 -1.48
CA GLN E 306 52.14 15.98 -2.31
C GLN E 306 53.51 15.35 -2.51
N GLY E 307 54.04 14.73 -1.46
CA GLY E 307 55.35 14.11 -1.56
C GLY E 307 55.35 13.07 -2.67
N VAL E 308 54.35 12.21 -2.65
CA VAL E 308 54.22 11.18 -3.66
C VAL E 308 54.10 11.77 -5.06
N ASP E 309 53.40 12.87 -5.22
CA ASP E 309 53.27 13.38 -6.56
C ASP E 309 54.58 13.98 -7.04
N ALA E 310 55.36 14.54 -6.12
CA ALA E 310 56.64 15.14 -6.52
C ALA E 310 57.51 14.09 -7.20
N VAL E 311 57.52 12.88 -6.63
CA VAL E 311 58.30 11.79 -7.22
C VAL E 311 57.71 11.45 -8.59
N LYS E 312 56.41 11.24 -8.68
CA LYS E 312 55.79 10.92 -9.97
C LYS E 312 56.05 12.03 -10.99
N ALA E 313 56.02 13.28 -10.54
CA ALA E 313 56.27 14.41 -11.42
C ALA E 313 57.71 14.35 -11.95
N VAL E 314 58.63 13.98 -11.06
CA VAL E 314 60.04 13.86 -11.40
C VAL E 314 60.23 12.78 -12.47
N LEU E 315 59.59 11.62 -12.27
CA LEU E 315 59.69 10.53 -13.23
C LEU E 315 59.05 10.86 -14.56
N GLU E 316 58.19 11.90 -14.57
CA GLU E 316 57.51 12.31 -15.78
C GLU E 316 58.18 13.53 -16.39
N PHE E 317 59.24 14.00 -15.76
CA PHE E 317 59.94 15.17 -16.28
C PHE E 317 60.34 14.98 -17.73
N THR E 318 60.60 16.08 -18.40
CA THR E 318 61.04 16.05 -19.79
C THR E 318 61.92 17.29 -19.91
N PRO E 319 62.72 17.39 -20.97
CA PRO E 319 63.58 18.58 -21.12
C PRO E 319 62.83 19.90 -21.05
N GLU E 320 61.79 20.05 -21.87
CA GLU E 320 61.05 21.30 -21.92
C GLU E 320 59.99 21.57 -20.84
N THR E 321 59.60 20.57 -20.05
CA THR E 321 58.59 20.82 -19.01
C THR E 321 59.20 21.78 -18.02
N PRO E 322 58.47 22.84 -17.67
CA PRO E 322 59.01 23.79 -16.70
C PRO E 322 58.97 23.25 -15.27
N SER E 323 59.70 23.90 -14.38
CA SER E 323 59.75 23.47 -13.00
C SER E 323 58.37 23.55 -12.35
N PRO E 324 57.86 22.40 -11.92
CA PRO E 324 56.56 22.24 -11.28
C PRO E 324 56.58 22.46 -9.78
N LEU E 325 55.51 23.06 -9.27
CA LEU E 325 55.34 23.29 -7.85
C LEU E 325 54.09 22.49 -7.56
N ILE E 326 54.16 21.61 -6.59
CA ILE E 326 53.00 20.80 -6.25
C ILE E 326 52.04 21.59 -5.32
N GLY E 327 50.78 21.69 -5.73
CA GLY E 327 49.80 22.40 -4.94
C GLY E 327 48.52 21.62 -4.75
N ILE E 328 47.46 22.31 -4.33
CA ILE E 328 46.16 21.69 -4.11
C ILE E 328 45.13 22.73 -4.52
N LEU E 329 44.10 22.32 -5.27
CA LEU E 329 43.10 23.29 -5.68
C LEU E 329 41.62 23.06 -5.50
N GLU E 330 41.14 21.85 -5.71
CA GLU E 330 39.72 21.61 -5.47
C GLU E 330 39.84 20.43 -4.52
N ASN E 331 40.74 20.62 -3.55
CA ASN E 331 41.03 19.58 -2.59
C ASN E 331 41.60 18.36 -3.34
N LYS E 332 42.18 18.62 -4.49
CA LYS E 332 42.79 17.58 -5.28
C LYS E 332 44.19 18.13 -5.52
N ILE E 333 45.18 17.24 -5.63
CA ILE E 333 46.54 17.69 -5.84
C ILE E 333 46.84 18.01 -7.29
N ILE E 334 47.43 19.16 -7.49
CA ILE E 334 47.75 19.64 -8.82
C ILE E 334 49.19 20.05 -8.92
N ARG E 335 49.64 20.27 -10.15
CA ARG E 335 51.00 20.72 -10.38
C ARG E 335 50.85 22.07 -11.03
N MET E 336 51.80 22.97 -10.83
CA MET E 336 51.70 24.28 -11.42
C MET E 336 53.09 24.83 -11.71
N PRO E 337 53.25 25.63 -12.78
CA PRO E 337 54.56 26.20 -13.11
C PRO E 337 55.07 27.05 -11.95
N LEU E 338 56.13 26.57 -11.31
CA LEU E 338 56.71 27.24 -10.16
C LEU E 338 57.01 28.73 -10.35
N VAL E 339 57.60 29.07 -11.48
CA VAL E 339 57.93 30.46 -11.77
C VAL E 339 56.68 31.36 -11.72
N GLU E 340 55.55 30.83 -12.16
CA GLU E 340 54.29 31.56 -12.14
C GLU E 340 53.89 31.87 -10.71
N SER E 341 53.79 30.82 -9.90
CA SER E 341 53.40 31.00 -8.51
C SER E 341 54.33 31.96 -7.77
N VAL E 342 55.64 31.88 -8.01
CA VAL E 342 56.54 32.79 -7.34
C VAL E 342 56.26 34.24 -7.74
N LYS E 343 55.90 34.47 -9.00
CA LYS E 343 55.60 35.84 -9.45
C LYS E 343 54.27 36.31 -8.87
N LEU E 344 53.26 35.47 -8.99
CA LEU E 344 51.95 35.81 -8.45
C LEU E 344 52.08 36.19 -6.98
N THR E 345 52.88 35.44 -6.23
CA THR E 345 53.03 35.71 -4.80
C THR E 345 53.94 36.89 -4.58
N LYS E 346 54.90 37.06 -5.48
CA LYS E 346 55.82 38.18 -5.38
C LYS E 346 55.01 39.44 -5.62
N SER E 347 53.99 39.31 -6.47
CA SER E 347 53.12 40.42 -6.83
C SER E 347 52.22 40.90 -5.70
N VAL E 348 51.93 40.02 -4.74
CA VAL E 348 51.07 40.39 -3.61
C VAL E 348 51.62 41.64 -2.92
N ALA E 349 52.92 41.65 -2.69
CA ALA E 349 53.56 42.76 -2.04
C ALA E 349 53.36 44.00 -2.88
N THR E 350 53.69 43.87 -4.16
CA THR E 350 53.57 44.95 -5.13
C THR E 350 52.27 45.74 -4.92
N ALA E 351 51.15 45.02 -4.92
CA ALA E 351 49.83 45.62 -4.74
C ALA E 351 49.72 46.32 -3.39
N ILE E 352 50.37 45.75 -2.38
CA ILE E 352 50.36 46.32 -1.05
C ILE E 352 51.21 47.60 -0.99
N GLU E 353 52.25 47.66 -1.82
CA GLU E 353 53.09 48.85 -1.88
C GLU E 353 52.24 49.97 -2.50
N ASN E 354 51.42 49.60 -3.49
CA ASN E 354 50.57 50.58 -4.15
C ASN E 354 49.19 50.57 -3.50
N LYS E 355 49.14 50.53 -2.18
CA LYS E 355 47.88 50.52 -1.45
C LYS E 355 46.70 49.92 -2.21
N ASP E 356 46.94 48.92 -3.05
CA ASP E 356 45.84 48.31 -3.79
C ASP E 356 45.48 46.98 -3.16
N PHE E 357 45.04 47.06 -1.92
CA PHE E 357 44.68 45.91 -1.13
C PHE E 357 43.73 44.98 -1.82
N ASP E 358 42.76 45.54 -2.53
CA ASP E 358 41.79 44.71 -3.26
C ASP E 358 42.54 43.75 -4.20
N LYS E 359 43.56 44.27 -4.90
CA LYS E 359 44.31 43.44 -5.81
C LYS E 359 45.00 42.35 -5.01
N ALA E 360 45.64 42.75 -3.92
CA ALA E 360 46.34 41.82 -3.06
C ALA E 360 45.48 40.67 -2.57
N ILE E 361 44.39 40.99 -1.88
CA ILE E 361 43.50 39.98 -1.31
C ILE E 361 43.02 38.91 -2.30
N SER E 362 42.81 39.31 -3.54
CA SER E 362 42.35 38.34 -4.53
C SER E 362 43.44 37.33 -4.92
N LEU E 363 44.67 37.63 -4.52
CA LEU E 363 45.81 36.74 -4.80
C LEU E 363 45.98 35.64 -3.74
N ARG E 364 45.36 35.80 -2.58
CA ARG E 364 45.43 34.79 -1.53
C ARG E 364 44.62 33.56 -1.95
N ASP E 365 44.53 32.55 -1.09
CA ASP E 365 43.81 31.34 -1.45
C ASP E 365 42.35 31.48 -1.91
N THR E 366 41.85 30.44 -2.56
CA THR E 366 40.49 30.39 -3.07
C THR E 366 39.41 30.88 -2.11
N GLU E 367 39.52 30.54 -0.83
CA GLU E 367 38.52 30.90 0.15
C GLU E 367 38.79 32.11 1.03
N PHE E 368 39.92 32.78 0.85
CA PHE E 368 40.25 33.93 1.72
C PHE E 368 39.17 35.03 1.88
N ILE E 369 38.74 35.63 0.75
CA ILE E 369 37.75 36.70 0.79
C ILE E 369 36.48 36.21 1.45
N GLU E 370 36.06 34.99 1.13
CA GLU E 370 34.84 34.45 1.75
C GLU E 370 34.97 34.50 3.26
N LEU E 371 36.04 33.89 3.78
CA LEU E 371 36.30 33.83 5.20
C LEU E 371 36.21 35.22 5.86
N TYR E 372 36.99 36.17 5.32
CA TYR E 372 36.98 37.52 5.87
C TYR E 372 35.57 38.07 5.97
N GLU E 373 34.76 37.78 4.95
CA GLU E 373 33.39 38.24 4.91
C GLU E 373 32.66 37.57 6.07
N ASN E 374 32.79 36.25 6.14
CA ASN E 374 32.17 35.46 7.20
C ASN E 374 32.51 36.07 8.56
N PHE E 375 33.78 36.40 8.75
CA PHE E 375 34.20 36.95 10.00
C PHE E 375 33.49 38.24 10.36
N LEU E 376 33.34 39.13 9.39
CA LEU E 376 32.70 40.43 9.66
C LEU E 376 31.24 40.29 10.01
N SER E 377 30.51 39.55 9.20
CA SER E 377 29.08 39.39 9.42
C SER E 377 28.71 38.63 10.66
N THR E 378 29.68 37.95 11.23
CA THR E 378 29.48 37.12 12.42
C THR E 378 30.01 37.80 13.69
N THR E 379 30.73 38.91 13.52
CA THR E 379 31.36 39.60 14.65
C THR E 379 31.28 41.12 14.72
N VAL E 380 31.43 41.79 13.59
CA VAL E 380 31.39 43.26 13.58
C VAL E 380 30.05 43.94 13.25
N LYS E 381 29.24 43.29 12.42
CA LYS E 381 27.94 43.79 12.00
C LYS E 381 26.78 43.56 12.97
N ASP E 382 27.09 43.28 14.23
CA ASP E 382 26.04 43.10 15.21
C ASP E 382 25.68 44.49 15.70
N ASP E 383 26.04 45.49 14.89
CA ASP E 383 25.81 46.90 15.15
C ASP E 383 24.33 47.29 14.98
N GLY E 384 23.57 46.42 14.34
CA GLY E 384 22.18 46.71 14.07
C GLY E 384 22.27 47.25 12.66
N SER E 385 23.44 47.84 12.41
CA SER E 385 23.83 48.42 11.14
C SER E 385 23.58 47.41 10.03
N GLU E 386 24.65 46.76 9.60
CA GLU E 386 24.53 45.75 8.57
C GLU E 386 23.22 44.97 8.61
N LEU E 387 22.87 44.48 7.43
CA LEU E 387 21.65 43.74 7.21
C LEU E 387 20.82 43.47 8.46
N LEU E 388 19.93 44.41 8.74
CA LEU E 388 18.99 44.29 9.83
C LEU E 388 17.73 44.35 9.01
N PRO E 389 17.54 43.37 8.09
CA PRO E 389 16.37 43.29 7.21
C PRO E 389 15.13 43.99 7.71
N VAL E 390 14.41 44.58 6.77
CA VAL E 390 13.20 45.29 7.08
C VAL E 390 12.34 44.51 8.06
N SER E 391 11.34 43.82 7.55
CA SER E 391 10.47 43.00 8.39
C SER E 391 9.97 41.92 7.47
N ASP E 392 10.91 41.01 7.27
CA ASP E 392 10.82 39.80 6.51
C ASP E 392 12.07 39.18 7.16
N ARG E 393 12.11 39.35 8.47
CA ARG E 393 13.10 38.89 9.39
C ARG E 393 12.43 37.60 9.75
N LEU E 394 13.18 36.59 10.17
CA LEU E 394 12.54 35.32 10.45
C LEU E 394 12.79 34.64 11.78
N ASN E 395 11.96 33.61 12.01
CA ASN E 395 12.04 32.74 13.16
C ASN E 395 12.68 31.44 12.59
N ILE E 396 13.96 31.24 12.88
CA ILE E 396 14.66 30.07 12.39
C ILE E 396 14.92 29.08 13.51
N GLY E 397 14.42 27.86 13.36
CA GLY E 397 14.65 26.84 14.37
C GLY E 397 15.96 26.13 14.10
N ILE E 398 16.52 25.52 15.14
CA ILE E 398 17.78 24.80 15.03
C ILE E 398 17.76 23.52 15.89
N VAL E 399 18.03 22.37 15.27
CA VAL E 399 18.08 21.08 15.99
C VAL E 399 19.34 20.26 15.78
N HIS E 400 19.66 19.41 16.75
CA HIS E 400 20.81 18.54 16.60
C HIS E 400 20.32 17.08 16.47
N VAL E 401 20.45 16.50 15.29
CA VAL E 401 20.02 15.12 15.14
C VAL E 401 21.23 14.22 14.94
N GLY E 402 21.46 13.36 15.92
CA GLY E 402 22.57 12.40 15.85
C GLY E 402 23.47 12.27 17.08
N ALA E 403 24.51 11.44 16.97
CA ALA E 403 25.46 11.32 18.06
C ALA E 403 26.20 12.65 18.06
N PRO E 404 26.74 13.05 19.20
CA PRO E 404 27.47 14.34 19.30
C PRO E 404 28.71 14.47 18.45
N SER E 405 28.89 15.64 17.85
CA SER E 405 30.03 15.96 16.98
C SER E 405 30.72 17.10 17.73
N ALA E 406 31.78 17.67 17.20
CA ALA E 406 32.47 18.72 17.94
C ALA E 406 32.21 20.11 17.40
N ALA E 407 31.49 20.22 16.29
CA ALA E 407 31.26 21.56 15.77
C ALA E 407 29.81 22.06 15.86
N LEU E 408 28.94 21.27 16.49
CA LEU E 408 27.54 21.69 16.66
C LEU E 408 27.43 23.06 17.31
N ASN E 409 27.97 23.19 18.52
CA ASN E 409 27.92 24.48 19.19
C ASN E 409 28.58 25.57 18.35
N ALA E 410 29.77 25.37 17.82
CA ALA E 410 30.37 26.44 17.02
C ALA E 410 29.47 26.84 15.88
N ALA E 411 28.85 25.85 15.25
CA ALA E 411 27.96 26.13 14.12
C ALA E 411 26.71 26.85 14.62
N THR E 412 26.07 26.27 15.63
CA THR E 412 24.88 26.86 16.19
C THR E 412 25.23 28.29 16.55
N ARG E 413 26.44 28.50 17.02
CA ARG E 413 26.80 29.85 17.38
C ARG E 413 26.85 30.78 16.19
N ALA E 414 27.48 30.36 15.11
CA ALA E 414 27.60 31.24 13.94
C ALA E 414 26.25 31.58 13.42
N ALA E 415 25.36 30.60 13.40
CA ALA E 415 23.99 30.81 12.95
C ALA E 415 23.24 31.81 13.88
N THR E 416 23.33 31.62 15.19
CA THR E 416 22.67 32.54 16.10
C THR E 416 23.15 33.99 15.88
N LEU E 417 24.45 34.20 15.97
CA LEU E 417 24.98 35.53 15.78
C LEU E 417 24.48 36.15 14.52
N TYR E 418 24.62 35.43 13.40
CA TYR E 418 24.19 35.96 12.09
C TYR E 418 22.71 36.31 12.12
N CYS E 419 21.88 35.37 12.52
CA CYS E 419 20.46 35.65 12.63
C CYS E 419 20.30 36.99 13.35
N LEU E 420 20.75 37.06 14.61
CA LEU E 420 20.64 38.28 15.40
C LEU E 420 21.09 39.50 14.59
N SER E 421 22.18 39.36 13.87
CA SER E 421 22.70 40.46 13.09
C SER E 421 21.60 41.01 12.19
N HIS E 422 20.85 40.12 11.53
CA HIS E 422 19.76 40.48 10.60
C HIS E 422 18.40 40.70 11.23
N GLY E 423 18.30 40.42 12.51
CA GLY E 423 17.03 40.64 13.14
C GLY E 423 16.17 39.40 13.09
N HIS E 424 16.77 38.27 12.76
CA HIS E 424 16.02 37.03 12.76
C HIS E 424 16.00 36.54 14.19
N LYS E 425 15.07 35.66 14.52
CA LYS E 425 15.02 35.14 15.89
C LYS E 425 15.39 33.65 15.77
N PRO E 426 16.54 33.28 16.34
CA PRO E 426 17.01 31.92 16.31
C PRO E 426 16.50 31.13 17.50
N TYR E 427 15.87 30.01 17.21
CA TYR E 427 15.34 29.18 18.26
C TYR E 427 16.14 27.90 18.38
N ALA E 428 16.21 27.37 19.58
CA ALA E 428 16.92 26.15 19.80
C ALA E 428 15.90 25.08 20.12
N ILE E 429 15.77 24.09 19.24
CA ILE E 429 14.84 23.02 19.52
C ILE E 429 15.63 22.06 20.43
N MET E 430 15.39 22.18 21.72
CA MET E 430 16.10 21.35 22.67
C MET E 430 16.00 19.83 22.45
N ASN E 431 17.11 19.13 22.73
CA ASN E 431 17.21 17.68 22.65
C ASN E 431 16.64 17.00 21.42
N GLY E 432 16.97 17.53 20.24
CA GLY E 432 16.48 16.91 19.02
C GLY E 432 15.00 16.60 18.99
N PHE E 433 14.54 15.99 17.92
CA PHE E 433 13.14 15.67 17.75
C PHE E 433 12.46 14.92 18.90
N SER E 434 13.13 13.92 19.48
CA SER E 434 12.49 13.18 20.57
C SER E 434 12.16 14.18 21.66
N GLY E 435 13.06 15.13 21.86
CA GLY E 435 12.86 16.13 22.88
C GLY E 435 11.70 17.06 22.60
N LEU E 436 11.59 17.53 21.36
CA LEU E 436 10.50 18.41 21.04
C LEU E 436 9.20 17.67 21.23
N ILE E 437 9.10 16.49 20.65
CA ILE E 437 7.89 15.71 20.77
C ILE E 437 7.50 15.54 22.22
N GLN E 438 8.44 15.10 23.04
CA GLN E 438 8.15 14.88 24.45
C GLN E 438 7.92 16.14 25.28
N THR E 439 8.43 17.29 24.85
CA THR E 439 8.32 18.48 25.70
C THR E 439 8.03 19.83 25.04
N GLY E 440 8.05 19.88 23.73
CA GLY E 440 7.78 21.13 23.06
C GLY E 440 8.73 22.26 23.46
N GLU E 441 9.82 21.93 24.14
CA GLU E 441 10.79 22.95 24.53
C GLU E 441 11.56 23.54 23.36
N VAL E 442 11.33 24.83 23.10
CA VAL E 442 12.00 25.57 22.04
C VAL E 442 12.37 26.92 22.64
N LYS E 443 13.64 27.12 23.00
CA LYS E 443 14.11 28.38 23.62
C LYS E 443 14.80 29.37 22.67
N GLU E 444 14.42 30.63 22.75
CA GLU E 444 15.01 31.66 21.91
C GLU E 444 16.43 31.93 22.35
N LEU E 445 17.38 31.88 21.41
CA LEU E 445 18.79 32.11 21.73
C LEU E 445 19.20 33.57 21.73
N SER E 446 19.98 33.94 22.72
CA SER E 446 20.46 35.31 22.89
C SER E 446 21.95 35.39 22.62
N TRP E 447 22.41 36.56 22.20
CA TRP E 447 23.81 36.76 21.92
C TRP E 447 24.74 36.21 23.01
N ILE E 448 24.42 36.45 24.26
CA ILE E 448 25.29 35.99 25.30
C ILE E 448 25.18 34.49 25.54
N ASP E 449 24.04 33.90 25.20
CA ASP E 449 23.83 32.46 25.41
C ASP E 449 24.82 31.61 24.63
N VAL E 450 25.10 32.10 23.44
CA VAL E 450 25.96 31.43 22.50
C VAL E 450 27.44 31.76 22.69
N GLU E 451 27.76 32.46 23.77
CA GLU E 451 29.13 32.87 24.08
C GLU E 451 30.07 31.72 24.35
N ASN E 452 31.25 31.75 23.72
CA ASN E 452 32.26 30.70 23.91
C ASN E 452 31.85 29.33 23.41
N TRP E 453 30.85 29.31 22.55
CA TRP E 453 30.38 28.06 21.99
C TRP E 453 31.30 27.69 20.86
N HIS E 454 32.06 28.67 20.38
CA HIS E 454 32.97 28.47 19.27
C HIS E 454 34.01 27.38 19.43
N ASN E 455 34.32 26.98 20.65
CA ASN E 455 35.32 25.94 20.87
C ASN E 455 34.84 24.90 21.87
N LEU E 456 33.53 24.86 22.08
CA LEU E 456 32.90 23.95 23.02
C LEU E 456 32.44 22.70 22.29
N GLY E 457 32.99 21.54 22.64
CA GLY E 457 32.58 20.31 21.97
C GLY E 457 31.24 19.88 22.45
N GLY E 458 30.76 18.76 21.95
CA GLY E 458 29.45 18.25 22.38
C GLY E 458 28.30 19.11 21.89
N SER E 459 27.12 18.94 22.47
CA SER E 459 25.95 19.73 22.11
C SER E 459 25.30 20.37 23.34
N GLU E 460 25.44 21.68 23.48
CA GLU E 460 24.85 22.37 24.63
C GLU E 460 23.31 22.25 24.67
N ILE E 461 22.65 22.21 23.50
CA ILE E 461 21.19 22.13 23.48
C ILE E 461 20.66 20.72 23.51
N GLY E 462 21.53 19.75 23.30
CA GLY E 462 21.10 18.36 23.33
C GLY E 462 21.05 17.80 21.93
N THR E 463 21.47 16.56 21.78
CA THR E 463 21.48 15.92 20.48
C THR E 463 21.24 14.43 20.64
N ASN E 464 20.39 13.85 19.84
CA ASN E 464 20.17 12.41 19.95
C ASN E 464 19.69 11.84 18.62
N ARG E 465 19.84 10.53 18.43
CA ARG E 465 19.50 9.86 17.16
C ARG E 465 18.03 9.79 16.75
N SER E 466 17.12 10.04 17.67
CA SER E 466 15.70 10.02 17.32
C SER E 466 15.40 10.72 15.98
N VAL E 467 14.58 10.12 15.14
CA VAL E 467 14.30 10.77 13.87
C VAL E 467 12.92 11.40 13.91
N ALA E 468 12.68 12.32 12.98
CA ALA E 468 11.39 13.03 12.89
C ALA E 468 10.16 12.13 12.73
N SER E 469 10.31 11.00 12.05
CA SER E 469 9.17 10.12 11.85
C SER E 469 8.68 9.58 13.15
N GLU E 470 9.32 9.95 14.25
CA GLU E 470 8.87 9.42 15.53
C GLU E 470 7.47 9.92 15.88
N ASP E 471 7.10 11.07 15.32
CA ASP E 471 5.78 11.68 15.50
C ASP E 471 5.72 12.98 14.65
N LEU E 472 5.84 12.76 13.34
CA LEU E 472 5.86 13.83 12.35
C LEU E 472 4.81 14.88 12.62
N GLY E 473 3.69 14.45 13.21
CA GLY E 473 2.59 15.36 13.49
C GLY E 473 2.89 16.38 14.57
N THR E 474 3.06 15.88 15.80
CA THR E 474 3.39 16.73 16.93
C THR E 474 4.58 17.63 16.58
N ILE E 475 5.54 17.12 15.82
CA ILE E 475 6.66 17.96 15.46
C ILE E 475 6.03 19.12 14.69
N ALA E 476 5.32 18.80 13.61
CA ALA E 476 4.70 19.81 12.79
C ALA E 476 3.99 20.80 13.69
N TYR E 477 3.16 20.26 14.57
CA TYR E 477 2.43 21.08 15.52
C TYR E 477 3.28 22.19 16.14
N TYR E 478 4.42 21.84 16.73
CA TYR E 478 5.29 22.83 17.37
C TYR E 478 6.01 23.73 16.41
N PHE E 479 6.31 23.25 15.22
CA PHE E 479 7.01 24.10 14.26
C PHE E 479 6.11 25.31 14.05
N GLN E 480 4.81 25.01 13.95
CA GLN E 480 3.78 26.03 13.72
C GLN E 480 3.53 26.91 14.94
N LYS E 481 3.33 26.27 16.10
CA LYS E 481 3.11 26.98 17.33
C LYS E 481 4.17 28.00 17.54
N ASN E 482 5.39 27.68 17.16
CA ASN E 482 6.54 28.56 17.30
C ASN E 482 6.76 29.45 16.09
N LYS E 483 5.80 29.50 15.18
CA LYS E 483 5.91 30.33 13.99
C LYS E 483 7.28 30.27 13.29
N LEU E 484 7.82 29.08 13.08
CA LEU E 484 9.12 28.96 12.42
C LEU E 484 8.99 29.23 10.92
N ASP E 485 9.97 29.91 10.34
CA ASP E 485 9.97 30.19 8.91
C ASP E 485 11.02 29.35 8.21
N GLY E 486 11.90 28.77 9.02
CA GLY E 486 12.96 27.93 8.51
C GLY E 486 13.49 27.01 9.57
N LEU E 487 14.25 26.02 9.12
CA LEU E 487 14.84 25.03 10.00
C LEU E 487 16.25 24.66 9.60
N ILE E 488 17.15 24.59 10.57
CA ILE E 488 18.50 24.15 10.30
C ILE E 488 18.67 22.88 11.15
N ILE E 489 19.04 21.79 10.49
CA ILE E 489 19.27 20.52 11.17
C ILE E 489 20.77 20.31 11.13
N LEU E 490 21.35 20.06 12.30
CA LEU E 490 22.77 19.81 12.46
C LEU E 490 22.89 18.35 12.89
N GLY E 491 23.56 17.54 12.06
CA GLY E 491 23.72 16.13 12.41
C GLY E 491 24.20 15.20 11.32
N GLY E 492 24.04 13.91 11.61
CA GLY E 492 24.49 12.89 10.70
C GLY E 492 23.43 12.22 9.87
N PHE E 493 23.58 10.93 9.63
CA PHE E 493 22.62 10.25 8.79
C PHE E 493 21.20 10.49 9.28
N GLU E 494 20.93 10.23 10.57
CA GLU E 494 19.58 10.43 11.13
C GLU E 494 19.07 11.82 10.81
N GLY E 495 19.97 12.79 10.70
CA GLY E 495 19.53 14.13 10.36
C GLY E 495 19.13 14.14 8.90
N PHE E 496 19.95 13.47 8.10
CA PHE E 496 19.69 13.35 6.67
C PHE E 496 18.37 12.59 6.46
N ARG E 497 18.17 11.54 7.23
CA ARG E 497 16.96 10.76 7.11
C ARG E 497 15.78 11.63 7.50
N SER E 498 15.94 12.37 8.57
CA SER E 498 14.87 13.24 9.02
C SER E 498 14.56 14.33 8.00
N LEU E 499 15.57 14.89 7.34
CA LEU E 499 15.27 15.94 6.39
C LEU E 499 14.41 15.33 5.30
N LYS E 500 14.74 14.11 4.90
CA LYS E 500 13.96 13.47 3.86
C LYS E 500 12.57 13.33 4.42
N GLN E 501 12.47 12.72 5.59
CA GLN E 501 11.17 12.54 6.19
C GLN E 501 10.36 13.83 6.16
N LEU E 502 10.94 14.94 6.60
CA LEU E 502 10.18 16.18 6.59
C LEU E 502 9.77 16.62 5.18
N ARG E 503 10.62 16.39 4.19
CA ARG E 503 10.28 16.78 2.81
C ARG E 503 9.01 16.07 2.41
N ASP E 504 8.95 14.77 2.65
CA ASP E 504 7.77 14.01 2.31
C ASP E 504 6.57 14.46 3.15
N GLY E 505 6.80 14.78 4.41
CA GLY E 505 5.71 15.23 5.24
C GLY E 505 4.99 16.49 4.77
N ARG E 506 5.58 17.20 3.81
CA ARG E 506 4.98 18.42 3.30
C ARG E 506 3.54 18.27 2.77
N THR E 507 3.28 17.19 2.06
CA THR E 507 1.95 17.02 1.53
C THR E 507 0.97 17.07 2.72
N GLN E 508 1.21 16.26 3.74
CA GLN E 508 0.33 16.23 4.90
C GLN E 508 0.54 17.32 5.98
N HIS E 509 1.56 18.17 5.82
CA HIS E 509 1.83 19.21 6.82
C HIS E 509 2.35 20.49 6.19
N PRO E 510 1.46 21.45 5.95
CA PRO E 510 1.87 22.72 5.33
C PRO E 510 3.10 23.39 5.96
N ILE E 511 3.21 23.35 7.28
CA ILE E 511 4.34 24.02 7.95
C ILE E 511 5.74 23.57 7.51
N PHE E 512 5.84 22.33 7.04
CA PHE E 512 7.09 21.77 6.56
C PHE E 512 7.48 22.37 5.20
N ASN E 513 6.72 23.35 4.74
CA ASN E 513 7.04 23.94 3.47
C ASN E 513 8.01 25.07 3.65
N ILE E 514 8.35 25.35 4.90
CA ILE E 514 9.31 26.40 5.19
C ILE E 514 10.63 25.81 4.69
N PRO E 515 11.62 26.66 4.37
CA PRO E 515 12.89 26.12 3.90
C PRO E 515 13.54 25.25 4.99
N MET E 516 14.17 24.15 4.59
CA MET E 516 14.82 23.29 5.55
C MET E 516 16.12 22.75 4.97
N CYS E 517 17.24 22.97 5.64
CA CYS E 517 18.52 22.46 5.14
C CYS E 517 19.26 21.76 6.24
N LEU E 518 20.10 20.80 5.85
CA LEU E 518 20.93 20.02 6.79
C LEU E 518 22.39 20.42 6.66
N ILE E 519 23.09 20.58 7.79
CA ILE E 519 24.53 20.87 7.78
C ILE E 519 24.99 19.51 8.29
N PRO E 520 25.60 18.69 7.43
CA PRO E 520 26.03 17.37 7.90
C PRO E 520 27.04 17.51 9.01
N ALA E 521 26.91 16.69 10.04
CA ALA E 521 27.82 16.76 11.16
C ALA E 521 27.90 15.40 11.79
N THR E 522 29.11 14.83 11.75
CA THR E 522 29.34 13.51 12.29
C THR E 522 30.78 13.17 12.03
N VAL E 523 31.42 12.47 12.95
CA VAL E 523 32.81 12.08 12.79
C VAL E 523 32.93 11.13 11.59
N SER E 524 31.87 10.38 11.37
CA SER E 524 31.81 9.39 10.31
C SER E 524 31.87 9.81 8.87
N ASN E 525 31.56 11.06 8.59
CA ASN E 525 31.56 11.50 7.21
C ASN E 525 30.72 10.55 6.37
N ASN E 526 29.62 10.07 6.93
CA ASN E 526 28.77 9.14 6.23
C ASN E 526 27.45 9.76 5.80
N VAL E 527 27.44 11.06 5.48
CA VAL E 527 26.23 11.73 5.02
C VAL E 527 26.32 12.01 3.52
N PRO E 528 25.48 11.33 2.76
CA PRO E 528 25.37 11.39 1.31
C PRO E 528 25.39 12.77 0.73
N GLY E 529 26.10 12.96 -0.39
CA GLY E 529 26.09 14.27 -1.03
C GLY E 529 27.28 15.14 -0.79
N THR E 530 27.89 15.02 0.38
CA THR E 530 29.03 15.84 0.72
C THR E 530 30.29 15.02 1.03
N GLU E 531 31.44 15.63 0.79
CA GLU E 531 32.71 15.00 1.05
C GLU E 531 33.23 15.33 2.45
N TYR E 532 32.55 16.23 3.15
CA TYR E 532 33.00 16.62 4.48
C TYR E 532 31.96 16.94 5.51
N SER E 533 31.63 16.02 6.41
CA SER E 533 30.66 16.40 7.43
C SER E 533 31.42 17.18 8.51
N LEU E 534 30.72 17.91 9.38
CA LEU E 534 31.44 18.67 10.41
C LEU E 534 31.86 17.77 11.54
N GLY E 535 33.04 18.04 12.07
CA GLY E 535 33.56 17.25 13.16
C GLY E 535 34.53 16.19 12.69
N VAL E 536 34.56 15.91 11.39
CA VAL E 536 35.48 14.92 10.85
C VAL E 536 36.94 15.26 11.14
N ASP E 537 37.34 16.50 10.85
CA ASP E 537 38.72 16.85 11.11
C ASP E 537 39.06 16.72 12.58
N THR E 538 38.11 16.97 13.45
CA THR E 538 38.40 16.86 14.86
C THR E 538 38.62 15.40 15.19
N CYS E 539 37.81 14.54 14.58
CA CYS E 539 37.94 13.10 14.82
C CYS E 539 39.31 12.63 14.31
N LEU E 540 39.64 12.94 13.06
CA LEU E 540 40.91 12.54 12.49
C LEU E 540 42.08 12.88 13.42
N ASN E 541 42.06 14.09 13.98
CA ASN E 541 43.12 14.50 14.87
C ASN E 541 43.08 13.74 16.18
N ALA E 542 41.91 13.65 16.81
CA ALA E 542 41.85 12.90 18.05
C ALA E 542 42.47 11.56 17.79
N LEU E 543 42.16 10.93 16.64
CA LEU E 543 42.75 9.62 16.30
C LEU E 543 44.27 9.72 16.15
N VAL E 544 44.76 10.76 15.45
CA VAL E 544 46.20 10.95 15.30
C VAL E 544 46.76 10.94 16.72
N ASN E 545 46.40 11.91 17.54
CA ASN E 545 46.94 11.93 18.89
C ASN E 545 46.80 10.60 19.60
N TYR E 546 45.71 9.89 19.36
CA TYR E 546 45.52 8.63 20.02
C TYR E 546 46.54 7.63 19.53
N THR E 547 46.59 7.44 18.22
CA THR E 547 47.53 6.49 17.71
C THR E 547 48.97 6.92 18.03
N ASP E 548 49.32 8.18 17.85
CA ASP E 548 50.67 8.60 18.21
C ASP E 548 51.09 8.10 19.60
N ASP E 549 50.15 8.01 20.52
CA ASP E 549 50.51 7.55 21.86
C ASP E 549 50.59 6.03 21.96
N ILE E 550 49.58 5.30 21.49
CA ILE E 550 49.73 3.86 21.62
C ILE E 550 50.87 3.42 20.70
N LYS E 551 51.06 4.11 19.58
CA LYS E 551 52.12 3.74 18.66
C LYS E 551 53.38 3.74 19.50
N GLN E 552 53.56 4.78 20.29
CA GLN E 552 54.74 4.88 21.14
C GLN E 552 54.83 3.82 22.25
N SER E 553 53.71 3.20 22.58
CA SER E 553 53.71 2.17 23.61
C SER E 553 54.22 0.84 23.05
N ALA E 554 53.96 0.61 21.77
CA ALA E 554 54.39 -0.61 21.09
C ALA E 554 55.90 -0.53 20.83
N SER E 555 56.33 0.65 20.38
CA SER E 555 57.74 0.89 20.09
C SER E 555 58.55 0.63 21.36
N ALA E 556 58.00 0.99 22.51
CA ALA E 556 58.66 0.81 23.80
C ALA E 556 58.92 -0.66 24.14
N THR E 557 57.86 -1.47 24.07
CA THR E 557 57.99 -2.90 24.38
C THR E 557 58.62 -3.75 23.25
N ARG E 558 58.89 -3.14 22.10
CA ARG E 558 59.52 -3.87 20.98
C ARG E 558 58.66 -4.97 20.35
N ARG E 559 58.86 -5.19 19.06
CA ARG E 559 58.11 -6.20 18.33
C ARG E 559 56.66 -6.36 18.82
N ARG E 560 55.81 -5.38 18.46
CA ARG E 560 54.40 -5.37 18.86
C ARG E 560 53.48 -4.65 17.87
N VAL E 561 52.34 -5.26 17.57
CA VAL E 561 51.33 -4.73 16.66
C VAL E 561 50.05 -4.34 17.40
N PHE E 562 49.42 -3.26 16.96
CA PHE E 562 48.15 -2.83 17.57
C PHE E 562 47.04 -2.90 16.54
N VAL E 563 45.92 -3.54 16.89
CA VAL E 563 44.79 -3.56 15.97
C VAL E 563 43.91 -2.48 16.56
N CYS E 564 43.80 -1.37 15.85
CA CYS E 564 43.03 -0.25 16.33
C CYS E 564 41.70 -0.04 15.59
N GLU E 565 40.61 -0.16 16.34
CA GLU E 565 39.25 -0.02 15.80
C GLU E 565 38.84 1.42 15.78
N VAL E 566 38.43 1.85 14.61
CA VAL E 566 38.06 3.22 14.38
C VAL E 566 36.54 3.30 14.12
N GLN E 567 35.92 4.46 14.37
CA GLN E 567 34.49 4.61 14.14
C GLN E 567 34.15 4.93 12.69
N GLY E 568 32.89 5.33 12.45
CA GLY E 568 32.47 5.67 11.10
C GLY E 568 31.37 4.78 10.54
N GLY E 569 30.80 3.94 11.39
CA GLY E 569 29.74 3.04 10.96
C GLY E 569 30.15 2.17 9.78
N HIS E 570 29.35 2.17 8.72
CA HIS E 570 29.64 1.40 7.52
C HIS E 570 30.31 2.28 6.47
N SER E 571 31.13 3.22 6.92
CA SER E 571 31.84 4.11 6.02
C SER E 571 33.30 4.17 6.45
N GLY E 572 34.14 3.47 5.70
CA GLY E 572 35.55 3.41 6.03
C GLY E 572 36.32 4.68 5.71
N TYR E 573 35.64 5.79 5.41
CA TYR E 573 36.37 7.01 5.11
C TYR E 573 37.40 7.35 6.18
N ILE E 574 36.98 7.33 7.42
CA ILE E 574 37.87 7.67 8.49
C ILE E 574 38.94 6.63 8.54
N ALA E 575 38.54 5.37 8.53
CA ALA E 575 39.53 4.29 8.54
C ALA E 575 40.59 4.47 7.43
N SER E 576 40.17 4.69 6.18
CA SER E 576 41.15 4.89 5.15
C SER E 576 42.07 6.03 5.47
N PHE E 577 41.52 7.23 5.65
CA PHE E 577 42.31 8.44 5.94
C PHE E 577 43.28 8.25 7.10
N THR E 578 42.79 7.66 8.19
CA THR E 578 43.64 7.41 9.35
C THR E 578 44.80 6.52 8.94
N GLY E 579 44.49 5.41 8.28
CA GLY E 579 45.53 4.51 7.82
C GLY E 579 46.63 5.29 7.10
N LEU E 580 46.23 6.12 6.14
CA LEU E 580 47.19 6.89 5.36
C LEU E 580 48.12 7.71 6.20
N ILE E 581 47.59 8.52 7.09
CA ILE E 581 48.46 9.35 7.93
C ILE E 581 49.04 8.63 9.18
N THR E 582 48.83 7.33 9.21
CA THR E 582 49.31 6.56 10.33
C THR E 582 50.41 5.59 9.88
N GLY E 583 50.43 5.28 8.59
CA GLY E 583 51.40 4.33 8.08
C GLY E 583 50.95 2.91 8.40
N ALA E 584 49.67 2.75 8.70
CA ALA E 584 49.13 1.44 9.03
C ALA E 584 49.49 0.46 7.93
N VAL E 585 49.96 -0.73 8.30
CA VAL E 585 50.36 -1.74 7.32
C VAL E 585 49.15 -2.46 6.76
N SER E 586 48.02 -2.28 7.43
CA SER E 586 46.82 -2.91 6.97
C SER E 586 45.60 -2.13 7.46
N VAL E 587 44.68 -1.85 6.54
CA VAL E 587 43.46 -1.16 6.89
C VAL E 587 42.22 -2.00 6.48
N TYR E 588 41.45 -2.44 7.47
CA TYR E 588 40.26 -3.23 7.18
C TYR E 588 38.99 -2.36 7.15
N THR E 589 38.42 -2.19 5.96
CA THR E 589 37.22 -1.36 5.80
C THR E 589 36.10 -2.23 5.32
N PRO E 590 34.86 -1.72 5.33
CA PRO E 590 33.70 -2.48 4.88
C PRO E 590 33.67 -2.57 3.36
N GLU E 591 34.28 -1.57 2.71
CA GLU E 591 34.37 -1.50 1.26
C GLU E 591 35.31 -2.56 0.67
N LYS E 592 36.28 -3.03 1.46
CA LYS E 592 37.28 -4.02 1.04
C LYS E 592 37.07 -5.34 1.77
N LYS E 593 36.91 -6.43 1.01
CA LYS E 593 36.67 -7.77 1.57
C LYS E 593 37.72 -8.22 2.59
N ILE E 594 37.28 -8.90 3.67
CA ILE E 594 38.19 -9.39 4.70
C ILE E 594 38.00 -10.89 4.82
N ASP E 595 38.67 -11.66 3.98
CA ASP E 595 38.53 -13.12 4.10
C ASP E 595 39.84 -13.75 4.57
N LEU E 596 39.81 -15.07 4.83
CA LEU E 596 41.02 -15.77 5.28
C LEU E 596 42.18 -15.38 4.34
N ALA E 597 41.86 -15.20 3.09
CA ALA E 597 42.89 -14.82 2.16
C ALA E 597 43.58 -13.55 2.63
N SER E 598 42.84 -12.45 2.71
CA SER E 598 43.40 -11.18 3.14
C SER E 598 44.09 -11.25 4.52
N ILE E 599 43.44 -11.78 5.55
CA ILE E 599 44.09 -11.85 6.84
C ILE E 599 45.45 -12.51 6.69
N ARG E 600 45.54 -13.52 5.85
CA ARG E 600 46.80 -14.22 5.64
C ARG E 600 47.83 -13.32 5.00
N GLU E 601 47.44 -12.64 3.95
CA GLU E 601 48.35 -11.70 3.32
C GLU E 601 48.77 -10.63 4.30
N ASP E 602 48.01 -10.45 5.36
CA ASP E 602 48.37 -9.47 6.37
C ASP E 602 49.34 -10.10 7.35
N ILE E 603 49.01 -11.28 7.86
CA ILE E 603 49.90 -11.96 8.79
C ILE E 603 51.26 -11.97 8.09
N THR E 604 51.24 -12.22 6.79
CA THR E 604 52.47 -12.26 6.01
C THR E 604 53.28 -10.98 6.15
N LEU E 605 52.78 -9.89 5.59
CA LEU E 605 53.48 -8.61 5.66
C LEU E 605 54.03 -8.37 7.04
N LEU E 606 53.22 -8.57 8.07
CA LEU E 606 53.71 -8.39 9.42
C LEU E 606 54.90 -9.36 9.62
N LYS E 607 54.64 -10.64 9.89
CA LYS E 607 55.71 -11.63 10.12
C LYS E 607 56.96 -11.20 9.38
N GLU E 608 56.80 -11.06 8.07
CA GLU E 608 57.91 -10.66 7.22
C GLU E 608 58.55 -9.39 7.74
N ASN E 609 57.85 -8.27 7.59
CA ASN E 609 58.35 -6.99 8.09
C ASN E 609 59.12 -7.13 9.45
N PHE E 610 58.58 -7.94 10.36
CA PHE E 610 59.20 -8.16 11.67
C PHE E 610 60.53 -8.92 11.63
N ARG E 611 60.74 -9.76 10.62
CA ARG E 611 62.01 -10.48 10.53
C ARG E 611 63.16 -9.45 10.58
N HIS E 612 62.90 -8.24 10.11
CA HIS E 612 63.91 -7.17 10.08
C HIS E 612 64.08 -6.41 11.39
N ASP E 613 63.13 -5.51 11.68
CA ASP E 613 63.13 -4.70 12.90
C ASP E 613 64.52 -4.24 13.30
N LYS E 614 65.09 -4.84 14.36
CA LYS E 614 66.42 -4.51 14.88
C LYS E 614 66.50 -3.06 15.37
N GLY E 615 66.34 -2.10 14.46
CA GLY E 615 66.40 -0.70 14.82
C GLY E 615 65.59 -0.45 16.09
N GLU E 616 64.55 -1.26 16.30
CA GLU E 616 63.68 -1.13 17.49
C GLU E 616 63.30 0.32 17.80
N ASN E 617 63.55 0.72 19.04
CA ASN E 617 63.24 2.08 19.50
C ASN E 617 61.89 2.59 18.96
N ARG E 618 61.89 3.05 17.71
CA ARG E 618 60.67 3.53 17.09
C ARG E 618 60.26 2.53 16.02
N ASN E 619 59.78 1.36 16.44
CA ASN E 619 59.39 0.31 15.48
C ASN E 619 57.99 -0.29 15.61
N GLY E 620 57.12 0.33 16.44
CA GLY E 620 55.75 -0.16 16.65
C GLY E 620 54.85 -0.09 15.41
N LYS E 621 54.16 -1.19 15.09
CA LYS E 621 53.30 -1.24 13.92
C LYS E 621 51.81 -1.35 14.28
N LEU E 622 50.93 -0.86 13.40
CA LEU E 622 49.50 -0.97 13.67
C LEU E 622 48.58 -1.17 12.50
N LEU E 623 47.44 -1.80 12.79
CA LEU E 623 46.42 -2.08 11.80
C LEU E 623 45.21 -1.19 12.09
N VAL E 624 44.58 -0.66 11.05
CA VAL E 624 43.40 0.18 11.26
C VAL E 624 42.18 -0.58 10.75
N ARG E 625 41.31 -0.92 11.70
CA ARG E 625 40.10 -1.63 11.37
C ARG E 625 38.87 -0.79 11.67
N ASN E 626 38.00 -0.67 10.68
CA ASN E 626 36.76 0.06 10.83
C ASN E 626 35.75 -0.72 11.65
N GLU E 627 35.01 0.03 12.44
CA GLU E 627 33.97 -0.45 13.34
C GLU E 627 33.07 -1.57 12.85
N GLN E 628 32.67 -1.54 11.58
CA GLN E 628 31.79 -2.57 11.05
C GLN E 628 32.44 -3.40 9.97
N ALA E 629 33.75 -3.24 9.84
CA ALA E 629 34.54 -3.97 8.84
C ALA E 629 34.06 -5.39 8.54
N SER E 630 33.85 -6.19 9.59
CA SER E 630 33.37 -7.56 9.44
C SER E 630 32.67 -8.01 10.71
N SER E 631 31.44 -8.46 10.55
CA SER E 631 30.65 -8.91 11.68
C SER E 631 31.30 -10.13 12.27
N VAL E 632 31.99 -10.87 11.42
CA VAL E 632 32.67 -12.07 11.85
C VAL E 632 34.06 -11.79 12.44
N TYR E 633 34.90 -11.07 11.69
CA TYR E 633 36.22 -10.73 12.23
C TYR E 633 36.25 -9.48 13.11
N SER E 634 35.96 -9.67 14.40
CA SER E 634 35.90 -8.59 15.37
C SER E 634 37.30 -8.14 15.65
N THR E 635 37.45 -6.91 16.07
CA THR E 635 38.77 -6.42 16.39
C THR E 635 39.52 -7.45 17.24
N GLN E 636 38.85 -8.05 18.22
CA GLN E 636 39.47 -9.02 19.11
C GLN E 636 39.85 -10.29 18.35
N LEU E 637 38.89 -10.86 17.62
CA LEU E 637 39.16 -12.08 16.87
C LEU E 637 40.35 -11.84 15.95
N LEU E 638 40.36 -10.71 15.31
CA LEU E 638 41.45 -10.38 14.42
C LEU E 638 42.78 -10.28 15.15
N ALA E 639 42.79 -9.69 16.33
CA ALA E 639 44.02 -9.56 17.09
C ALA E 639 44.51 -10.92 17.54
N ASP E 640 43.60 -11.76 18.03
CA ASP E 640 43.97 -13.10 18.51
C ASP E 640 44.42 -14.04 17.35
N ILE E 641 43.72 -13.97 16.23
CA ILE E 641 44.06 -14.80 15.09
C ILE E 641 45.50 -14.48 14.71
N ILE E 642 45.86 -13.22 14.72
CA ILE E 642 47.22 -12.81 14.37
C ILE E 642 48.29 -13.20 15.41
N SER E 643 47.99 -13.05 16.72
CA SER E 643 48.94 -13.46 17.77
C SER E 643 49.25 -14.91 17.50
N GLU E 644 48.20 -15.73 17.46
CA GLU E 644 48.37 -17.16 17.26
C GLU E 644 49.25 -17.49 16.08
N ALA E 645 49.28 -16.60 15.11
CA ALA E 645 50.14 -16.83 13.92
C ALA E 645 51.51 -16.29 14.17
N SER E 646 51.64 -15.31 15.04
CA SER E 646 52.96 -14.74 15.32
C SER E 646 53.88 -15.82 15.87
N LYS E 647 53.32 -16.70 16.70
CA LYS E 647 54.08 -17.75 17.36
C LYS E 647 55.23 -17.09 18.11
N GLY E 648 54.88 -16.37 19.17
CA GLY E 648 55.85 -15.69 19.99
C GLY E 648 56.82 -14.76 19.28
N LYS E 649 56.78 -14.69 17.96
CA LYS E 649 57.71 -13.79 17.27
C LYS E 649 57.40 -12.32 17.58
N PHE E 650 56.13 -11.99 17.83
CA PHE E 650 55.72 -10.62 18.14
C PHE E 650 54.39 -10.60 18.89
N GLY E 651 54.10 -9.47 19.55
CA GLY E 651 52.87 -9.34 20.32
C GLY E 651 51.79 -8.49 19.70
N VAL E 652 50.55 -8.78 20.05
CA VAL E 652 49.41 -8.03 19.53
C VAL E 652 48.52 -7.46 20.63
N ARG E 653 47.99 -6.28 20.38
CA ARG E 653 47.10 -5.61 21.32
C ARG E 653 46.02 -4.92 20.52
N THR E 654 44.86 -4.76 21.13
CA THR E 654 43.74 -4.11 20.50
C THR E 654 43.62 -2.68 21.02
N ALA E 655 43.05 -1.80 20.21
CA ALA E 655 42.85 -0.41 20.61
C ALA E 655 41.50 0.03 20.11
N ILE E 656 40.70 0.51 21.04
CA ILE E 656 39.37 0.98 20.68
C ILE E 656 39.13 2.37 21.26
N PRO E 657 39.77 3.40 20.66
CA PRO E 657 39.63 4.79 21.11
C PRO E 657 38.21 4.99 21.62
N GLY E 658 37.25 4.67 20.76
CA GLY E 658 35.89 4.83 21.19
C GLY E 658 35.37 6.27 21.08
N HIS E 659 34.51 6.62 22.02
CA HIS E 659 33.86 7.91 22.04
C HIS E 659 34.73 9.14 22.07
N VAL E 660 36.04 8.97 22.31
CA VAL E 660 36.90 10.17 22.28
C VAL E 660 37.04 10.68 20.88
N GLN E 661 36.72 9.86 19.89
CA GLN E 661 36.83 10.29 18.52
C GLN E 661 35.85 11.44 18.27
N GLN E 662 34.87 11.59 19.18
CA GLN E 662 33.88 12.65 19.06
C GLN E 662 34.55 13.97 19.32
N GLY E 663 35.61 13.95 20.12
CA GLY E 663 36.34 15.17 20.40
C GLY E 663 36.08 15.85 21.73
N GLY E 664 36.99 16.71 22.13
CA GLY E 664 36.78 17.43 23.37
C GLY E 664 36.50 18.83 22.89
N VAL E 665 37.47 19.32 22.13
CA VAL E 665 37.40 20.65 21.56
C VAL E 665 37.48 20.60 20.04
N PRO E 666 36.59 21.31 19.34
CA PRO E 666 36.72 21.24 17.89
C PRO E 666 38.06 21.77 17.38
N SER E 667 38.57 21.11 16.33
CA SER E 667 39.83 21.50 15.72
C SER E 667 39.63 22.79 14.95
N SER E 668 40.70 23.55 14.78
CA SER E 668 40.56 24.81 14.09
C SER E 668 39.81 24.69 12.77
N LYS E 669 40.00 23.62 12.01
CA LYS E 669 39.31 23.54 10.74
C LYS E 669 37.80 23.43 10.93
N ASP E 670 37.39 22.56 11.85
CA ASP E 670 35.97 22.39 12.12
C ASP E 670 35.37 23.68 12.68
N ARG E 671 36.12 24.43 13.48
CA ARG E 671 35.59 25.67 14.02
C ARG E 671 35.29 26.64 12.91
N VAL E 672 36.20 26.76 11.96
CA VAL E 672 35.98 27.67 10.86
C VAL E 672 34.90 27.17 9.89
N THR E 673 34.93 25.89 9.54
CA THR E 673 33.94 25.38 8.61
C THR E 673 32.52 25.57 9.11
N ALA E 674 32.30 25.29 10.39
CA ALA E 674 30.97 25.44 10.97
C ALA E 674 30.45 26.88 10.79
N SER E 675 31.33 27.85 10.97
CA SER E 675 30.92 29.24 10.81
C SER E 675 30.58 29.56 9.36
N ARG E 676 31.30 29.01 8.41
CA ARG E 676 30.97 29.28 7.01
C ARG E 676 29.67 28.60 6.69
N PHE E 677 29.59 27.32 7.01
CA PHE E 677 28.38 26.57 6.70
C PHE E 677 27.15 27.08 7.38
N ALA E 678 27.26 27.48 8.64
CA ALA E 678 26.12 27.99 9.39
C ALA E 678 25.56 29.22 8.68
N VAL E 679 26.43 30.15 8.33
CA VAL E 679 25.95 31.33 7.65
C VAL E 679 25.30 30.99 6.30
N LYS E 680 26.00 30.23 5.47
CA LYS E 680 25.47 29.87 4.18
C LYS E 680 24.06 29.34 4.28
N CYS E 681 23.75 28.66 5.38
CA CYS E 681 22.41 28.12 5.56
C CYS E 681 21.37 29.17 5.95
N ILE E 682 21.77 30.15 6.76
CA ILE E 682 20.81 31.17 7.12
C ILE E 682 20.49 31.87 5.83
N LYS E 683 21.51 32.22 5.04
CA LYS E 683 21.26 32.88 3.76
C LYS E 683 20.27 32.08 2.90
N PHE E 684 20.53 30.78 2.76
CA PHE E 684 19.69 29.86 1.98
C PHE E 684 18.27 29.90 2.46
N ILE E 685 18.08 30.03 3.77
CA ILE E 685 16.73 30.12 4.29
C ILE E 685 16.15 31.44 3.81
N GLU E 686 16.93 32.51 3.95
CA GLU E 686 16.48 33.82 3.52
C GLU E 686 16.07 33.76 2.08
N GLN E 687 16.98 33.38 1.22
CA GLN E 687 16.65 33.32 -0.20
C GLN E 687 15.34 32.59 -0.50
N TRP E 688 15.13 31.39 0.04
CA TRP E 688 13.88 30.70 -0.22
C TRP E 688 12.68 31.38 0.39
N ASN E 689 12.85 31.93 1.58
CA ASN E 689 11.72 32.60 2.19
C ASN E 689 11.24 33.75 1.31
N LYS E 690 12.18 34.45 0.67
CA LYS E 690 11.77 35.56 -0.18
C LYS E 690 11.31 35.01 -1.51
N LYS E 691 11.89 33.88 -1.95
CA LYS E 691 11.52 33.28 -3.23
C LYS E 691 10.11 32.70 -3.17
N ASN E 692 9.43 32.90 -2.05
CA ASN E 692 8.05 32.44 -1.88
C ASN E 692 7.21 33.58 -1.35
N GLU E 693 6.51 34.26 -2.25
CA GLU E 693 5.67 35.38 -1.87
C GLU E 693 4.21 35.14 -2.25
N GLU E 720 10.04 21.90 -6.30
CA GLU E 720 9.96 22.80 -5.16
C GLU E 720 10.61 22.19 -3.93
N ASP E 721 11.23 21.03 -4.11
CA ASP E 721 11.89 20.37 -3.01
C ASP E 721 13.26 20.98 -2.85
N ASP E 722 13.65 21.77 -3.82
CA ASP E 722 14.93 22.41 -3.75
C ASP E 722 15.07 23.21 -2.48
N SER E 723 13.96 23.48 -1.82
CA SER E 723 13.96 24.27 -0.60
C SER E 723 14.33 23.40 0.60
N ALA E 724 14.38 22.10 0.38
CA ALA E 724 14.75 21.16 1.43
C ALA E 724 16.09 20.46 1.04
N ALA E 725 17.19 21.19 1.14
CA ALA E 725 18.51 20.69 0.76
C ALA E 725 19.51 20.38 1.88
N VAL E 726 20.67 19.89 1.44
CA VAL E 726 21.80 19.54 2.30
C VAL E 726 22.94 20.39 1.78
N ILE E 727 23.64 21.10 2.67
CA ILE E 727 24.77 21.92 2.22
C ILE E 727 25.89 20.92 2.00
N CYS E 728 26.48 21.02 0.82
CA CYS E 728 27.51 20.08 0.47
C CYS E 728 28.83 20.67 0.03
N VAL E 729 29.89 19.89 0.24
CA VAL E 729 31.22 20.28 -0.21
C VAL E 729 31.63 19.12 -1.06
N ASN E 730 32.09 19.44 -2.26
CA ASN E 730 32.56 18.43 -3.17
C ASN E 730 33.77 19.11 -3.77
N GLY E 731 34.91 18.49 -3.53
CA GLY E 731 36.14 19.05 -4.04
C GLY E 731 36.13 20.55 -3.94
N SER E 732 36.16 21.08 -2.72
CA SER E 732 36.22 22.52 -2.57
C SER E 732 34.96 23.33 -2.87
N HIS E 733 34.10 22.83 -3.76
CA HIS E 733 32.89 23.55 -4.13
C HIS E 733 31.72 23.27 -3.20
N VAL E 734 31.19 24.32 -2.57
CA VAL E 734 30.06 24.16 -1.67
C VAL E 734 28.77 24.61 -2.32
N SER E 735 27.75 23.76 -2.19
CA SER E 735 26.47 23.98 -2.81
C SER E 735 25.34 23.30 -2.02
N PHE E 736 24.09 23.55 -2.42
CA PHE E 736 22.97 22.93 -1.74
C PHE E 736 22.39 21.86 -2.64
N LYS E 737 22.08 20.71 -2.08
CA LYS E 737 21.52 19.65 -2.90
C LYS E 737 20.15 19.21 -2.37
N PRO E 738 19.13 19.21 -3.23
CA PRO E 738 17.79 18.81 -2.80
C PRO E 738 17.79 17.41 -2.17
N ILE E 739 17.24 17.33 -0.95
CA ILE E 739 17.24 16.08 -0.25
C ILE E 739 16.64 14.88 -1.00
N ALA E 740 15.71 15.08 -1.94
CA ALA E 740 15.17 13.90 -2.61
C ALA E 740 16.08 13.31 -3.70
N ASN E 741 16.61 14.12 -4.61
CA ASN E 741 17.51 13.60 -5.66
C ASN E 741 18.62 12.83 -4.97
N LEU E 742 18.91 13.25 -3.73
CA LEU E 742 19.97 12.69 -2.91
C LEU E 742 19.64 11.39 -2.24
N TRP E 743 18.42 11.24 -1.77
CA TRP E 743 18.02 10.01 -1.10
C TRP E 743 17.88 8.87 -2.13
N GLU E 744 18.89 8.79 -3.02
CA GLU E 744 19.05 7.79 -4.08
C GLU E 744 20.52 7.92 -4.55
N ASN E 745 21.37 8.17 -3.55
CA ASN E 745 22.82 8.31 -3.59
C ASN E 745 23.11 7.79 -2.21
N GLU E 746 22.07 7.30 -1.56
CA GLU E 746 22.16 6.77 -0.21
C GLU E 746 22.09 5.24 -0.23
N THR E 747 22.42 4.63 0.90
CA THR E 747 22.32 3.18 1.03
C THR E 747 21.22 3.10 2.11
N ASN E 748 20.13 3.79 1.77
CA ASN E 748 18.97 3.87 2.62
C ASN E 748 19.13 2.88 3.73
N VAL E 749 19.34 3.41 4.92
CA VAL E 749 19.54 2.61 6.13
C VAL E 749 20.50 1.44 5.97
N GLU E 750 20.13 0.37 5.26
CA GLU E 750 21.08 -0.72 5.16
C GLU E 750 22.43 -0.08 4.87
N LEU E 751 23.14 0.20 5.95
CA LEU E 751 24.46 0.83 5.96
C LEU E 751 24.48 2.33 6.29
N ARG E 752 23.37 3.02 6.07
CA ARG E 752 23.30 4.44 6.44
C ARG E 752 24.45 5.30 5.95
N LYS E 753 24.75 5.27 4.66
CA LYS E 753 25.86 6.05 4.14
C LYS E 753 25.58 6.39 2.68
N GLY E 754 26.31 7.37 2.16
CA GLY E 754 26.16 7.69 0.74
C GLY E 754 26.76 6.53 -0.04
N PHE E 755 26.47 6.44 -1.33
CA PHE E 755 27.04 5.37 -2.15
C PHE E 755 28.45 5.78 -2.51
N GLU E 756 28.62 7.04 -2.86
CA GLU E 756 29.93 7.50 -3.28
C GLU E 756 31.01 7.16 -2.31
N VAL E 757 32.22 7.07 -2.86
CA VAL E 757 33.37 6.75 -2.07
C VAL E 757 34.51 7.56 -2.62
N HIS E 758 34.50 8.85 -2.30
CA HIS E 758 35.52 9.77 -2.75
C HIS E 758 36.92 9.50 -2.18
N TRP E 759 36.99 8.73 -1.10
CA TRP E 759 38.26 8.45 -0.43
C TRP E 759 39.12 7.29 -0.92
N ALA E 760 38.93 6.85 -2.15
CA ALA E 760 39.69 5.73 -2.66
C ALA E 760 41.14 6.03 -3.03
N GLU E 761 41.43 7.18 -3.63
CA GLU E 761 42.82 7.49 -3.99
C GLU E 761 43.77 7.32 -2.80
N TYR E 762 43.27 7.64 -1.61
CA TYR E 762 44.05 7.56 -0.38
C TYR E 762 44.55 6.16 -0.06
N ASN E 763 43.77 5.16 -0.45
CA ASN E 763 44.18 3.78 -0.23
C ASN E 763 45.18 3.39 -1.29
N LYS E 764 44.98 3.91 -2.50
CA LYS E 764 45.92 3.66 -3.57
C LYS E 764 47.31 4.10 -3.07
N ILE E 765 47.45 5.38 -2.76
CA ILE E 765 48.71 5.90 -2.25
C ILE E 765 49.13 5.16 -0.96
N GLY E 766 48.14 4.81 -0.15
CA GLY E 766 48.41 4.12 1.09
C GLY E 766 49.19 2.84 0.87
N ASP E 767 48.72 2.05 -0.11
CA ASP E 767 49.32 0.78 -0.47
C ASP E 767 50.79 0.92 -0.92
N ILE E 768 51.12 2.03 -1.56
CA ILE E 768 52.50 2.23 -1.96
C ILE E 768 53.35 2.45 -0.71
N LEU E 769 53.01 3.47 0.09
CA LEU E 769 53.80 3.79 1.27
C LEU E 769 53.83 2.77 2.41
N SER E 770 52.96 1.76 2.33
CA SER E 770 52.93 0.72 3.35
C SER E 770 53.67 -0.53 2.90
N GLY E 771 54.25 -0.47 1.70
CA GLY E 771 54.97 -1.61 1.17
C GLY E 771 54.07 -2.71 0.63
N ARG E 772 52.77 -2.64 0.90
CA ARG E 772 51.85 -3.66 0.42
C ARG E 772 52.09 -3.94 -1.07
N LEU E 773 52.09 -2.88 -1.87
CA LEU E 773 52.31 -3.05 -3.30
C LEU E 773 53.60 -3.78 -3.51
N LYS E 774 54.61 -3.36 -2.75
CA LYS E 774 55.96 -3.92 -2.75
C LYS E 774 56.00 -5.45 -2.57
N LEU E 775 55.72 -5.92 -1.35
CA LEU E 775 55.71 -7.37 -1.05
C LEU E 775 54.92 -8.08 -2.14
N ARG E 776 53.77 -7.54 -2.49
CA ARG E 776 52.96 -8.15 -3.53
C ARG E 776 53.76 -8.45 -4.79
N ALA E 777 53.87 -7.48 -5.69
CA ALA E 777 54.61 -7.65 -6.95
C ALA E 777 55.81 -8.58 -6.81
N GLU E 778 56.51 -8.47 -5.69
CA GLU E 778 57.66 -9.32 -5.40
C GLU E 778 57.29 -10.78 -5.63
N VAL E 779 56.00 -11.03 -5.89
CA VAL E 779 55.53 -12.38 -6.13
C VAL E 779 55.52 -12.69 -7.63
N ALA E 780 56.12 -13.82 -7.96
CA ALA E 780 56.24 -14.30 -9.35
C ALA E 780 56.69 -15.78 -9.32
N GLN F 3 20.76 27.01 58.57
CA GLN F 3 20.75 28.46 58.96
C GLN F 3 22.06 29.14 58.59
N LYS F 4 23.17 28.57 59.05
CA LYS F 4 24.45 29.22 58.79
C LYS F 4 24.91 29.13 57.37
N ALA F 5 25.84 30.00 56.99
CA ALA F 5 26.31 30.03 55.62
C ALA F 5 27.78 30.41 55.42
N ILE F 6 28.38 29.78 54.42
CA ILE F 6 29.76 30.04 54.09
C ILE F 6 29.75 30.61 52.66
N ALA F 7 30.76 31.40 52.31
CA ALA F 7 30.83 32.00 50.99
C ALA F 7 32.24 31.99 50.49
N VAL F 8 32.41 31.83 49.18
CA VAL F 8 33.76 31.81 48.60
C VAL F 8 33.94 32.88 47.58
N MET F 9 35.19 33.30 47.42
CA MET F 9 35.53 34.30 46.42
C MET F 9 36.97 34.00 45.99
N THR F 10 37.30 34.41 44.78
CA THR F 10 38.64 34.21 44.29
C THR F 10 39.17 35.58 44.04
N SER F 11 40.30 35.88 44.60
CA SER F 11 40.82 37.21 44.43
C SER F 11 42.24 37.11 43.95
N GLY F 12 42.70 38.15 43.29
CA GLY F 12 44.05 38.15 42.78
C GLY F 12 44.12 37.46 41.46
N GLY F 13 45.33 37.16 40.99
CA GLY F 13 45.50 36.48 39.73
C GLY F 13 44.83 35.13 39.79
N ASP F 14 44.09 34.79 38.75
CA ASP F 14 43.40 33.51 38.73
C ASP F 14 44.48 32.48 38.54
N ALA F 15 44.15 31.24 38.86
CA ALA F 15 45.10 30.15 38.66
C ALA F 15 44.32 28.86 38.40
N PRO F 16 44.84 28.01 37.51
CA PRO F 16 44.21 26.74 37.16
C PRO F 16 43.94 25.97 38.40
N GLY F 17 42.67 25.68 38.67
CA GLY F 17 42.31 24.91 39.85
C GLY F 17 41.39 25.65 40.82
N MET F 18 41.19 26.95 40.61
CA MET F 18 40.32 27.69 41.52
C MET F 18 38.91 27.13 41.46
N ASN F 19 38.50 26.72 40.26
CA ASN F 19 37.18 26.14 40.06
C ASN F 19 37.04 24.87 40.86
N SER F 20 38.07 24.03 40.85
CA SER F 20 38.00 22.79 41.64
C SER F 20 37.87 23.16 43.13
N ASN F 21 38.55 24.23 43.51
CA ASN F 21 38.51 24.72 44.88
C ASN F 21 37.09 25.19 45.18
N VAL F 22 36.58 26.13 44.38
CA VAL F 22 35.23 26.63 44.61
C VAL F 22 34.23 25.48 44.67
N ARG F 23 34.36 24.55 43.73
CA ARG F 23 33.45 23.41 43.67
C ARG F 23 33.45 22.61 44.97
N ALA F 24 34.61 22.32 45.55
CA ALA F 24 34.64 21.53 46.79
C ALA F 24 34.10 22.32 47.93
N ILE F 25 34.43 23.60 47.99
CA ILE F 25 33.93 24.48 49.05
C ILE F 25 32.39 24.53 49.05
N VAL F 26 31.82 24.76 47.86
CA VAL F 26 30.37 24.81 47.72
C VAL F 26 29.74 23.50 48.18
N ARG F 27 30.23 22.38 47.63
CA ARG F 27 29.70 21.07 48.00
C ARG F 27 29.89 20.74 49.47
N SER F 28 31.13 20.87 49.95
CA SER F 28 31.46 20.58 51.36
C SER F 28 30.55 21.38 52.27
N ALA F 29 30.34 22.65 51.93
CA ALA F 29 29.47 23.47 52.73
C ALA F 29 28.07 22.85 52.76
N ILE F 30 27.48 22.63 51.59
CA ILE F 30 26.14 22.07 51.51
C ILE F 30 26.08 20.70 52.19
N PHE F 31 27.16 19.95 52.12
CA PHE F 31 27.21 18.62 52.73
C PHE F 31 27.10 18.74 54.25
N LYS F 32 27.87 19.66 54.82
CA LYS F 32 27.89 19.92 56.26
C LYS F 32 26.57 20.48 56.76
N GLY F 33 25.73 20.96 55.85
CA GLY F 33 24.47 21.52 56.29
C GLY F 33 24.40 23.04 56.22
N CYS F 34 25.43 23.66 55.66
CA CYS F 34 25.42 25.11 55.54
C CYS F 34 24.81 25.49 54.22
N ARG F 35 24.60 26.77 54.03
CA ARG F 35 24.08 27.25 52.77
C ARG F 35 25.36 27.74 52.09
N ALA F 36 25.46 27.49 50.78
CA ALA F 36 26.65 27.87 50.03
C ALA F 36 26.45 29.19 49.35
N PHE F 37 27.47 30.03 49.37
CA PHE F 37 27.39 31.31 48.69
C PHE F 37 28.64 31.54 47.87
N VAL F 38 28.46 32.23 46.77
CA VAL F 38 29.56 32.54 45.89
C VAL F 38 29.63 34.05 45.72
N VAL F 39 30.83 34.60 45.74
CA VAL F 39 30.98 36.02 45.60
C VAL F 39 31.60 36.27 44.25
N MET F 40 30.85 36.96 43.39
CA MET F 40 31.30 37.27 42.07
C MET F 40 32.30 38.43 42.06
N GLU F 41 33.18 38.42 41.07
CA GLU F 41 34.19 39.46 40.86
C GLU F 41 35.05 39.88 42.05
N GLY F 42 35.42 38.92 42.90
CA GLY F 42 36.27 39.23 44.05
C GLY F 42 35.72 40.15 45.11
N TYR F 43 36.57 41.00 45.70
CA TYR F 43 36.14 41.94 46.74
C TYR F 43 35.11 42.93 46.22
N GLU F 44 35.24 43.32 44.94
CA GLU F 44 34.30 44.26 44.34
C GLU F 44 32.90 43.71 44.59
N GLY F 45 32.76 42.41 44.41
CA GLY F 45 31.49 41.76 44.62
C GLY F 45 30.99 42.04 46.01
N LEU F 46 31.90 42.26 46.96
CA LEU F 46 31.47 42.56 48.31
C LEU F 46 30.96 43.99 48.38
N VAL F 47 31.64 44.92 47.72
CA VAL F 47 31.17 46.31 47.70
C VAL F 47 29.76 46.37 47.06
N ARG F 48 29.64 45.82 45.86
CA ARG F 48 28.34 45.74 45.18
C ARG F 48 27.70 44.65 45.99
N GLY F 49 26.39 44.47 45.93
CA GLY F 49 25.87 43.41 46.78
C GLY F 49 24.68 42.59 46.38
N GLY F 50 23.92 42.18 47.39
CA GLY F 50 22.73 41.40 47.16
C GLY F 50 22.98 40.28 46.18
N PRO F 51 21.91 39.67 45.65
CA PRO F 51 22.13 38.57 44.69
C PRO F 51 22.89 39.08 43.48
N GLU F 52 23.22 38.17 42.57
CA GLU F 52 23.97 38.56 41.39
C GLU F 52 25.46 38.67 41.76
N TYR F 53 25.77 39.27 42.91
CA TYR F 53 27.18 39.38 43.31
C TYR F 53 27.52 38.55 44.52
N ILE F 54 26.54 38.30 45.37
CA ILE F 54 26.74 37.44 46.53
C ILE F 54 25.56 36.50 46.41
N LYS F 55 25.71 35.59 45.43
CA LYS F 55 24.71 34.59 45.03
C LYS F 55 24.75 33.25 45.73
N GLU F 56 23.59 32.76 46.16
CA GLU F 56 23.54 31.47 46.83
C GLU F 56 23.63 30.38 45.78
N PHE F 57 24.52 29.42 46.01
CA PHE F 57 24.71 28.28 45.09
C PHE F 57 24.13 26.98 45.62
N HIS F 58 23.77 26.11 44.69
CA HIS F 58 23.20 24.81 45.00
C HIS F 58 24.06 23.71 44.41
N TRP F 59 24.00 22.56 45.03
CA TRP F 59 24.79 21.42 44.60
C TRP F 59 25.12 21.37 43.11
N GLU F 60 24.08 21.39 42.27
CA GLU F 60 24.22 21.31 40.82
C GLU F 60 24.92 22.49 40.17
N ASP F 61 25.07 23.59 40.90
CA ASP F 61 25.68 24.77 40.28
C ASP F 61 27.17 24.69 39.99
N VAL F 62 27.91 23.83 40.67
CA VAL F 62 29.33 23.72 40.41
C VAL F 62 29.60 22.47 39.59
N ARG F 63 28.52 21.84 39.12
CA ARG F 63 28.59 20.65 38.30
C ARG F 63 29.59 20.83 37.14
N GLY F 64 30.49 19.86 37.00
CA GLY F 64 31.48 19.88 35.94
C GLY F 64 32.60 20.87 36.07
N TRP F 65 32.58 21.68 37.12
CA TRP F 65 33.60 22.71 37.34
C TRP F 65 35.04 22.26 37.43
N SER F 66 35.26 21.06 37.97
CA SER F 66 36.62 20.57 38.11
C SER F 66 37.36 20.54 36.81
N ALA F 67 36.63 20.58 35.70
CA ALA F 67 37.29 20.57 34.41
C ALA F 67 37.34 21.89 33.63
N GLU F 68 37.23 23.03 34.32
CA GLU F 68 37.26 24.34 33.65
C GLU F 68 38.30 25.29 34.19
N GLY F 69 38.93 26.04 33.30
CA GLY F 69 39.97 26.96 33.75
C GLY F 69 39.51 28.22 34.42
N GLY F 70 40.49 29.02 34.86
CA GLY F 70 40.19 30.28 35.54
C GLY F 70 39.18 30.18 36.68
N THR F 71 38.52 31.29 36.95
CA THR F 71 37.52 31.33 38.01
C THR F 71 36.15 31.54 37.41
N ASN F 72 35.23 30.60 37.59
CA ASN F 72 33.90 30.84 37.06
C ASN F 72 33.20 31.97 37.83
N ILE F 73 33.64 32.26 39.04
CA ILE F 73 33.01 33.31 39.82
C ILE F 73 33.77 34.61 39.65
N GLY F 74 34.83 34.54 38.86
CA GLY F 74 35.62 35.73 38.56
C GLY F 74 36.47 36.37 39.63
N THR F 75 37.27 37.35 39.23
CA THR F 75 38.15 38.04 40.13
C THR F 75 38.44 39.43 39.57
N ALA F 76 38.23 40.48 40.37
CA ALA F 76 38.49 41.85 39.92
C ALA F 76 39.49 42.60 40.80
N ARG F 77 40.05 43.69 40.25
CA ARG F 77 41.01 44.50 40.99
C ARG F 77 40.16 45.30 41.97
N CYS F 78 40.47 45.23 43.26
CA CYS F 78 39.67 45.94 44.27
C CYS F 78 40.01 47.43 44.44
N MET F 79 39.04 48.28 44.10
CA MET F 79 39.18 49.73 44.22
C MET F 79 38.49 50.18 45.51
N GLU F 80 37.17 50.13 45.45
CA GLU F 80 36.26 50.50 46.53
C GLU F 80 36.59 49.87 47.89
N PHE F 81 37.04 48.61 47.90
CA PHE F 81 37.33 47.94 49.17
C PHE F 81 38.54 48.54 49.91
N LYS F 82 39.28 49.43 49.25
CA LYS F 82 40.42 50.05 49.91
C LYS F 82 39.85 51.03 50.94
N LYS F 83 38.85 51.81 50.49
CA LYS F 83 38.17 52.80 51.31
C LYS F 83 37.30 52.17 52.40
N ARG F 84 37.08 52.88 53.50
CA ARG F 84 36.27 52.34 54.58
C ARG F 84 34.82 52.12 54.16
N GLU F 85 34.28 53.03 53.34
CA GLU F 85 32.89 52.86 52.90
C GLU F 85 32.74 51.56 52.13
N GLY F 86 33.78 51.20 51.38
CA GLY F 86 33.76 49.96 50.62
C GLY F 86 33.70 48.79 51.57
N ARG F 87 34.65 48.74 52.50
CA ARG F 87 34.68 47.69 53.51
C ARG F 87 33.40 47.72 54.33
N LEU F 88 32.82 48.90 54.53
CA LEU F 88 31.59 48.95 55.30
C LEU F 88 30.51 48.23 54.51
N LEU F 89 30.36 48.61 53.24
CA LEU F 89 29.38 47.97 52.35
C LEU F 89 29.55 46.44 52.31
N GLY F 90 30.80 46.02 52.20
CA GLY F 90 31.12 44.61 52.16
C GLY F 90 30.47 43.90 53.33
N ALA F 91 30.72 44.40 54.54
CA ALA F 91 30.14 43.79 55.73
C ALA F 91 28.61 43.81 55.70
N GLN F 92 28.03 44.92 55.25
CA GLN F 92 26.56 45.01 55.18
C GLN F 92 26.02 43.89 54.31
N HIS F 93 26.48 43.87 53.06
CA HIS F 93 26.05 42.86 52.09
C HIS F 93 26.23 41.44 52.59
N LEU F 94 27.36 41.12 53.22
CA LEU F 94 27.54 39.77 53.73
C LEU F 94 26.44 39.51 54.74
N ILE F 95 26.33 40.40 55.72
CA ILE F 95 25.32 40.28 56.76
C ILE F 95 23.92 40.20 56.16
N GLU F 96 23.64 41.04 55.17
CA GLU F 96 22.33 41.01 54.53
C GLU F 96 22.07 39.61 53.94
N ALA F 97 23.14 38.93 53.51
CA ALA F 97 23.02 37.60 52.91
C ALA F 97 23.04 36.51 53.96
N GLY F 98 23.33 36.86 55.20
CA GLY F 98 23.39 35.88 56.28
C GLY F 98 24.69 35.11 56.25
N VAL F 99 25.71 35.71 55.66
CA VAL F 99 27.01 35.10 55.54
C VAL F 99 27.98 35.69 56.54
N ASP F 100 28.42 34.88 57.50
CA ASP F 100 29.38 35.33 58.50
C ASP F 100 30.61 34.42 58.47
N ALA F 101 30.72 33.65 57.40
CA ALA F 101 31.83 32.75 57.18
C ALA F 101 32.31 33.01 55.75
N LEU F 102 33.54 33.49 55.63
CA LEU F 102 34.08 33.80 54.33
C LEU F 102 35.37 33.05 54.01
N ILE F 103 35.39 32.35 52.88
CA ILE F 103 36.59 31.64 52.45
C ILE F 103 37.09 32.30 51.15
N VAL F 104 38.34 32.74 51.12
CA VAL F 104 38.82 33.33 49.89
C VAL F 104 40.02 32.56 49.39
N CYS F 105 40.05 32.37 48.07
CA CYS F 105 41.13 31.66 47.37
C CYS F 105 41.87 32.61 46.44
N GLY F 106 43.17 32.75 46.66
CA GLY F 106 43.93 33.65 45.81
C GLY F 106 45.35 33.85 46.30
N GLY F 107 45.93 35.00 45.94
CA GLY F 107 47.28 35.33 46.35
C GLY F 107 47.34 35.87 47.78
N ASP F 108 48.52 35.82 48.38
CA ASP F 108 48.66 36.28 49.77
C ASP F 108 48.11 37.68 49.96
N GLY F 109 48.38 38.56 49.00
CA GLY F 109 47.89 39.92 49.09
C GLY F 109 46.41 39.86 49.43
N SER F 110 45.69 39.04 48.68
CA SER F 110 44.26 38.89 48.90
C SER F 110 43.96 38.19 50.22
N LEU F 111 44.85 37.31 50.68
CA LEU F 111 44.68 36.60 51.94
C LEU F 111 44.71 37.58 53.12
N THR F 112 45.72 38.45 53.15
CA THR F 112 45.82 39.42 54.23
C THR F 112 44.62 40.35 54.20
N GLY F 113 44.21 40.75 53.00
CA GLY F 113 43.06 41.63 52.89
C GLY F 113 41.88 41.09 53.69
N ALA F 114 41.68 39.78 53.61
CA ALA F 114 40.60 39.10 54.31
C ALA F 114 40.79 39.19 55.82
N ASP F 115 42.01 38.90 56.29
CA ASP F 115 42.30 38.95 57.72
C ASP F 115 41.99 40.34 58.26
N LEU F 116 42.58 41.37 57.66
CA LEU F 116 42.34 42.73 58.12
C LEU F 116 40.83 42.90 58.24
N PHE F 117 40.12 42.56 57.16
CA PHE F 117 38.69 42.67 57.15
C PHE F 117 38.12 42.03 58.38
N ARG F 118 38.56 40.83 58.67
CA ARG F 118 38.08 40.10 59.82
C ARG F 118 38.25 40.91 61.14
N SER F 119 39.44 41.49 61.33
CA SER F 119 39.73 42.27 62.53
C SER F 119 38.88 43.51 62.56
N GLU F 120 38.79 44.16 61.41
CA GLU F 120 38.01 45.38 61.27
C GLU F 120 36.49 45.11 61.31
N TRP F 121 36.09 43.85 61.33
CA TRP F 121 34.67 43.54 61.33
C TRP F 121 33.91 44.12 62.51
N PRO F 122 34.31 43.77 63.75
CA PRO F 122 33.54 44.34 64.87
C PRO F 122 33.37 45.84 64.68
N SER F 123 34.46 46.54 64.39
CA SER F 123 34.40 47.98 64.18
C SER F 123 33.35 48.39 63.14
N LEU F 124 33.25 47.60 62.07
CA LEU F 124 32.30 47.87 60.99
C LEU F 124 30.84 47.66 61.39
N ILE F 125 30.50 46.47 61.85
CA ILE F 125 29.14 46.21 62.28
C ILE F 125 28.68 47.25 63.33
N GLU F 126 29.60 47.76 64.14
CA GLU F 126 29.21 48.75 65.14
C GLU F 126 28.69 49.98 64.40
N GLU F 127 29.47 50.49 63.45
CA GLU F 127 29.04 51.66 62.70
C GLU F 127 27.76 51.29 62.01
N LEU F 128 27.78 50.15 61.35
CA LEU F 128 26.59 49.67 60.67
C LEU F 128 25.37 49.78 61.59
N LEU F 129 25.47 49.28 62.82
CA LEU F 129 24.37 49.35 63.78
C LEU F 129 24.05 50.81 64.11
N LYS F 130 25.08 51.56 64.56
CA LYS F 130 24.94 52.96 64.94
C LYS F 130 24.64 53.74 63.69
N THR F 131 23.56 53.37 63.01
CA THR F 131 23.18 54.03 61.77
C THR F 131 22.21 53.15 60.97
N ASN F 132 21.72 52.09 61.63
CA ASN F 132 20.78 51.13 61.04
C ASN F 132 21.48 50.19 60.05
N ARG F 133 21.10 50.24 58.79
CA ARG F 133 21.75 49.37 57.80
C ARG F 133 21.58 47.87 58.16
N ILE F 134 21.83 47.53 59.43
CA ILE F 134 21.66 46.15 59.90
C ILE F 134 20.76 46.20 61.13
N SER F 135 19.87 45.24 61.29
CA SER F 135 18.99 45.26 62.47
C SER F 135 19.80 44.90 63.71
N ASN F 136 19.18 45.00 64.89
CA ASN F 136 19.88 44.65 66.11
C ASN F 136 19.98 43.12 66.10
N GLU F 137 18.89 42.49 65.63
CA GLU F 137 18.79 41.04 65.52
C GLU F 137 19.98 40.49 64.76
N GLN F 138 20.34 41.17 63.68
CA GLN F 138 21.47 40.80 62.83
C GLN F 138 22.80 40.91 63.55
N TYR F 139 23.06 42.11 64.09
CA TYR F 139 24.27 42.45 64.83
C TYR F 139 24.67 41.32 65.76
N GLU F 140 23.74 40.92 66.62
CA GLU F 140 23.97 39.85 67.60
C GLU F 140 24.27 38.56 66.84
N ARG F 141 23.32 38.19 65.99
CA ARG F 141 23.40 36.98 65.17
C ARG F 141 24.74 36.75 64.48
N MET F 142 25.49 37.81 64.18
CA MET F 142 26.78 37.64 63.51
C MET F 142 27.78 38.77 63.72
N LYS F 143 28.17 38.96 64.96
CA LYS F 143 29.12 40.02 65.31
C LYS F 143 30.57 39.59 65.08
N HIS F 144 30.74 38.39 64.54
CA HIS F 144 32.09 37.90 64.24
C HIS F 144 32.19 37.33 62.83
N LEU F 145 33.28 37.66 62.14
CA LEU F 145 33.51 37.14 60.81
C LEU F 145 34.58 36.06 60.90
N ASN F 146 34.24 34.88 60.37
CA ASN F 146 35.20 33.78 60.38
C ASN F 146 35.69 33.61 58.97
N ILE F 147 37.00 33.53 58.79
CA ILE F 147 37.51 33.36 57.45
C ILE F 147 38.53 32.25 57.41
N CYS F 148 38.91 31.87 56.19
CA CYS F 148 39.91 30.86 55.97
C CYS F 148 40.50 31.13 54.62
N GLY F 149 41.80 30.93 54.50
CA GLY F 149 42.44 31.17 53.23
C GLY F 149 42.77 29.90 52.48
N THR F 150 42.95 30.06 51.18
CA THR F 150 43.29 28.98 50.29
C THR F 150 44.12 29.73 49.29
N VAL F 151 45.39 29.36 49.19
CA VAL F 151 46.28 30.07 48.27
C VAL F 151 46.35 29.46 46.89
N GLY F 152 45.87 30.24 45.92
CA GLY F 152 45.89 29.82 44.52
C GLY F 152 46.80 30.73 43.74
N SER F 153 47.85 30.16 43.15
CA SER F 153 48.82 30.94 42.39
C SER F 153 49.72 30.03 41.56
N ILE F 154 50.07 30.45 40.35
CA ILE F 154 50.95 29.60 39.54
C ILE F 154 52.41 29.78 39.98
N ASP F 155 52.69 30.82 40.76
CA ASP F 155 54.07 31.11 41.18
C ASP F 155 54.71 30.24 42.25
N ASN F 156 53.88 29.58 43.06
CA ASN F 156 54.39 28.71 44.13
C ASN F 156 55.44 29.47 44.91
N ASP F 157 55.06 30.62 45.45
CA ASP F 157 55.99 31.44 46.22
C ASP F 157 55.47 31.83 47.61
N MET F 158 54.54 31.05 48.13
CA MET F 158 54.00 31.31 49.45
C MET F 158 54.74 30.28 50.31
N SER F 159 55.62 30.80 51.17
CA SER F 159 56.51 30.00 52.01
C SER F 159 56.05 28.86 52.90
N THR F 160 54.88 28.94 53.52
CA THR F 160 54.46 27.83 54.39
C THR F 160 53.80 26.64 53.69
N THR F 161 53.61 26.72 52.38
CA THR F 161 53.00 25.61 51.62
C THR F 161 53.92 25.14 50.49
N ASP F 162 53.90 23.85 50.23
CA ASP F 162 54.79 23.30 49.20
C ASP F 162 54.34 23.56 47.77
N ALA F 163 53.02 23.58 47.59
CA ALA F 163 52.46 23.80 46.29
C ALA F 163 51.23 24.70 46.33
N THR F 164 51.29 25.79 45.60
CA THR F 164 50.16 26.69 45.55
C THR F 164 49.24 26.08 44.49
N ILE F 165 47.94 26.25 44.63
CA ILE F 165 47.04 25.70 43.64
C ILE F 165 47.35 26.38 42.32
N GLY F 166 47.57 25.57 41.28
CA GLY F 166 47.87 26.09 39.95
C GLY F 166 49.35 26.04 39.54
N ALA F 167 50.22 25.95 40.53
CA ALA F 167 51.64 25.91 40.26
C ALA F 167 51.95 24.86 39.23
N TYR F 168 51.59 23.61 39.54
CA TYR F 168 51.93 22.53 38.62
C TYR F 168 51.28 22.63 37.26
N SER F 169 50.10 23.23 37.19
CA SER F 169 49.43 23.40 35.91
C SER F 169 50.24 24.37 35.09
N ALA F 170 50.64 25.47 35.70
CA ALA F 170 51.47 26.43 34.99
C ALA F 170 52.72 25.70 34.45
N LEU F 171 53.32 24.85 35.29
CA LEU F 171 54.51 24.11 34.93
C LEU F 171 54.23 23.28 33.71
N ASP F 172 53.06 22.67 33.70
CA ASP F 172 52.65 21.83 32.56
C ASP F 172 52.59 22.66 31.30
N ARG F 173 51.97 23.82 31.42
CA ARG F 173 51.85 24.75 30.30
C ARG F 173 53.24 25.12 29.80
N ILE F 174 54.14 25.42 30.73
CA ILE F 174 55.50 25.81 30.36
C ILE F 174 56.24 24.73 29.60
N CYS F 175 56.20 23.52 30.14
CA CYS F 175 56.89 22.40 29.51
C CYS F 175 56.30 22.07 28.16
N LYS F 176 55.00 22.29 27.99
CA LYS F 176 54.35 22.04 26.70
C LYS F 176 54.85 23.01 25.61
N ALA F 177 55.02 24.27 25.99
CA ALA F 177 55.49 25.29 25.06
C ALA F 177 56.94 25.06 24.67
N ILE F 178 57.75 24.70 25.66
CA ILE F 178 59.15 24.47 25.41
C ILE F 178 59.27 23.26 24.52
N ASP F 179 58.45 22.25 24.76
CA ASP F 179 58.53 21.07 23.91
C ASP F 179 58.23 21.42 22.46
N TYR F 180 57.33 22.37 22.24
CA TYR F 180 57.00 22.79 20.87
C TYR F 180 58.20 23.55 20.31
N VAL F 181 58.67 24.53 21.07
CA VAL F 181 59.81 25.35 20.65
C VAL F 181 61.01 24.48 20.30
N GLU F 182 61.22 23.45 21.10
CA GLU F 182 62.33 22.55 20.89
C GLU F 182 62.38 21.99 19.47
N ALA F 183 61.23 21.58 18.93
CA ALA F 183 61.21 21.01 17.58
C ALA F 183 61.64 21.93 16.47
N THR F 184 61.24 23.18 16.51
CA THR F 184 61.66 24.01 15.42
C THR F 184 63.12 24.37 15.67
N ALA F 185 63.48 24.48 16.95
CA ALA F 185 64.86 24.80 17.31
C ALA F 185 65.78 23.73 16.75
N ASN F 186 65.40 22.48 16.95
CA ASN F 186 66.20 21.37 16.47
C ASN F 186 66.41 21.45 14.97
N SER F 187 65.36 21.84 14.26
CA SER F 187 65.43 21.94 12.82
C SER F 187 66.52 22.90 12.39
N HIS F 188 66.68 23.98 13.14
CA HIS F 188 67.65 25.01 12.80
C HIS F 188 68.85 25.04 13.73
N SER F 189 68.94 24.06 14.61
CA SER F 189 70.04 24.00 15.57
C SER F 189 70.19 25.38 16.19
N ARG F 190 69.05 25.96 16.55
CA ARG F 190 68.99 27.28 17.15
C ARG F 190 69.02 27.30 18.65
N ALA F 191 69.00 28.53 19.15
CA ALA F 191 69.01 28.79 20.57
C ALA F 191 67.80 29.65 20.91
N PHE F 192 67.11 29.29 21.98
CA PHE F 192 65.95 30.04 22.43
C PHE F 192 66.03 30.48 23.88
N VAL F 193 65.66 31.73 24.13
CA VAL F 193 65.64 32.24 25.47
C VAL F 193 64.15 32.33 25.84
N VAL F 194 63.67 31.35 26.58
CA VAL F 194 62.26 31.33 26.97
C VAL F 194 61.95 32.05 28.28
N GLU F 195 61.25 33.17 28.19
CA GLU F 195 60.88 33.96 29.33
C GLU F 195 59.65 33.36 29.99
N VAL F 196 59.81 32.95 31.23
CA VAL F 196 58.74 32.30 31.98
C VAL F 196 58.23 33.12 33.17
N MET F 197 56.98 32.94 33.56
CA MET F 197 56.43 33.72 34.69
C MET F 197 56.97 33.31 36.03
N GLY F 198 56.30 33.73 37.09
CA GLY F 198 56.70 33.39 38.43
C GLY F 198 56.85 34.59 39.33
N ARG F 199 56.75 35.79 38.76
CA ARG F 199 56.90 37.01 39.52
C ARG F 199 58.31 37.04 40.06
N ASN F 200 58.45 36.91 41.38
CA ASN F 200 59.77 36.95 42.00
C ASN F 200 60.31 35.59 42.41
N CYS F 201 59.53 34.56 42.16
CA CYS F 201 59.92 33.20 42.49
C CYS F 201 60.53 32.54 41.26
N GLY F 202 61.35 31.53 41.48
CA GLY F 202 61.97 30.86 40.35
C GLY F 202 61.59 29.40 40.30
N TRP F 203 60.58 29.04 41.09
CA TRP F 203 60.12 27.67 41.12
C TRP F 203 59.76 27.11 39.74
N LEU F 204 59.04 27.92 38.94
CA LEU F 204 58.64 27.50 37.59
C LEU F 204 59.84 27.36 36.65
N ALA F 205 60.71 28.37 36.59
CA ALA F 205 61.87 28.29 35.70
C ALA F 205 62.78 27.09 36.04
N LEU F 206 62.99 26.84 37.33
CA LEU F 206 63.81 25.72 37.79
C LEU F 206 63.22 24.38 37.34
N LEU F 207 62.05 24.02 37.88
CA LEU F 207 61.36 22.79 37.51
C LEU F 207 61.22 22.62 35.99
N ALA F 208 60.99 23.73 35.28
CA ALA F 208 60.85 23.65 33.82
C ALA F 208 62.20 23.25 33.21
N GLY F 209 63.25 23.97 33.59
CA GLY F 209 64.58 23.66 33.07
C GLY F 209 65.01 22.21 33.29
N ILE F 210 64.67 21.67 34.45
CA ILE F 210 64.97 20.29 34.81
C ILE F 210 64.24 19.35 33.89
N ALA F 211 62.94 19.61 33.74
CA ALA F 211 62.02 18.80 32.93
C ALA F 211 62.27 18.87 31.43
N THR F 212 62.73 20.03 30.96
CA THR F 212 62.98 20.24 29.56
C THR F 212 64.43 20.15 29.19
N SER F 213 65.28 19.88 30.17
CA SER F 213 66.74 19.77 29.96
C SER F 213 67.31 21.02 29.31
N ALA F 214 66.98 22.16 29.89
CA ALA F 214 67.47 23.41 29.37
C ALA F 214 68.96 23.46 29.66
N ASP F 215 69.71 24.20 28.85
CA ASP F 215 71.14 24.31 29.06
C ASP F 215 71.49 25.24 30.22
N TYR F 216 70.58 26.13 30.58
CA TYR F 216 70.88 27.05 31.65
C TYR F 216 69.62 27.75 32.09
N ILE F 217 69.49 27.96 33.39
CA ILE F 217 68.33 28.63 33.92
C ILE F 217 68.77 29.90 34.68
N PHE F 218 67.92 30.90 34.68
CA PHE F 218 68.23 32.13 35.36
C PHE F 218 67.15 32.29 36.40
N ILE F 219 67.41 31.92 37.64
CA ILE F 219 66.40 32.11 38.65
C ILE F 219 66.87 33.20 39.60
N PRO F 220 65.94 33.90 40.28
CA PRO F 220 66.26 34.98 41.22
C PRO F 220 66.76 34.54 42.59
N GLU F 221 66.59 33.27 42.95
CA GLU F 221 67.04 32.80 44.25
C GLU F 221 68.55 32.53 44.29
N LYS F 222 69.16 32.43 43.11
CA LYS F 222 70.60 32.19 43.01
C LYS F 222 71.12 33.16 41.97
N PRO F 223 71.13 34.47 42.33
CA PRO F 223 71.59 35.57 41.48
C PRO F 223 73.02 35.35 41.04
N ALA F 224 73.78 34.70 41.91
CA ALA F 224 75.18 34.40 41.65
C ALA F 224 75.66 34.80 40.24
N THR F 225 76.30 35.96 40.13
CA THR F 225 76.81 36.40 38.83
C THR F 225 77.45 37.78 38.60
N SER F 226 76.70 38.60 37.85
CA SER F 226 77.05 39.94 37.40
C SER F 226 77.92 39.75 36.14
N SER F 227 79.01 39.00 36.28
CA SER F 227 79.93 38.74 35.18
C SER F 227 80.07 37.23 35.09
N GLU F 228 79.65 36.58 36.16
CA GLU F 228 79.72 35.13 36.26
C GLU F 228 78.78 34.43 35.28
N TRP F 229 77.54 34.89 35.22
CA TRP F 229 76.57 34.24 34.37
C TRP F 229 77.00 34.22 32.91
N GLN F 230 77.52 35.33 32.37
CA GLN F 230 77.92 35.26 30.96
C GLN F 230 78.93 34.15 30.70
N ASP F 231 79.89 33.98 31.59
CA ASP F 231 80.88 32.93 31.37
C ASP F 231 80.29 31.59 31.74
N GLN F 232 79.61 31.56 32.88
CA GLN F 232 78.96 30.35 33.39
C GLN F 232 78.15 29.72 32.26
N MET F 233 77.21 30.49 31.72
CA MET F 233 76.33 30.04 30.65
C MET F 233 77.05 29.72 29.34
N CYS F 234 77.83 30.68 28.83
CA CYS F 234 78.54 30.45 27.59
C CYS F 234 79.35 29.17 27.62
N ASP F 235 80.01 28.92 28.74
CA ASP F 235 80.83 27.74 28.88
C ASP F 235 80.04 26.43 28.67
N ILE F 236 79.10 26.16 29.57
CA ILE F 236 78.32 24.93 29.46
C ILE F 236 77.53 24.83 28.16
N VAL F 237 77.10 25.96 27.60
CA VAL F 237 76.38 25.90 26.34
C VAL F 237 77.34 25.40 25.27
N SER F 238 78.47 26.11 25.14
CA SER F 238 79.52 25.78 24.17
C SER F 238 79.83 24.30 24.21
N LYS F 239 80.11 23.82 25.41
CA LYS F 239 80.42 22.42 25.61
C LYS F 239 79.26 21.56 25.09
N HIS F 240 78.03 21.90 25.50
CA HIS F 240 76.87 21.14 25.06
C HIS F 240 76.73 21.11 23.54
N ARG F 241 76.78 22.29 22.93
CA ARG F 241 76.63 22.40 21.49
C ARG F 241 77.72 21.68 20.73
N SER F 242 78.95 21.96 21.13
CA SER F 242 80.14 21.36 20.52
C SER F 242 80.15 19.83 20.65
N ARG F 243 79.49 19.31 21.67
CA ARG F 243 79.45 17.86 21.83
C ARG F 243 78.25 17.20 21.11
N GLY F 244 77.45 17.99 20.39
CA GLY F 244 76.33 17.40 19.67
C GLY F 244 74.94 18.04 19.76
N LYS F 245 74.51 18.42 20.96
CA LYS F 245 73.20 19.04 21.11
C LYS F 245 73.01 20.16 20.07
N ARG F 246 72.00 19.99 19.21
CA ARG F 246 71.68 20.96 18.14
C ARG F 246 71.00 22.21 18.69
N THR F 247 70.25 22.02 19.76
CA THR F 247 69.48 23.09 20.37
C THR F 247 70.06 23.67 21.64
N THR F 248 69.64 24.89 21.93
CA THR F 248 70.08 25.55 23.14
C THR F 248 68.86 26.26 23.72
N ILE F 249 68.41 25.77 24.86
CA ILE F 249 67.24 26.31 25.52
C ILE F 249 67.63 26.88 26.87
N VAL F 250 67.56 28.19 27.00
CA VAL F 250 67.90 28.86 28.24
C VAL F 250 66.61 29.37 28.86
N VAL F 251 66.20 28.79 29.99
CA VAL F 251 64.98 29.22 30.68
C VAL F 251 65.31 30.41 31.60
N VAL F 252 64.64 31.53 31.41
CA VAL F 252 64.88 32.74 32.20
C VAL F 252 63.66 33.21 32.99
N ALA F 253 63.72 33.11 34.32
CA ALA F 253 62.62 33.54 35.19
C ALA F 253 62.32 34.99 34.89
N GLU F 254 61.05 35.33 34.78
CA GLU F 254 60.74 36.71 34.46
C GLU F 254 61.38 37.65 35.48
N GLY F 255 61.52 37.19 36.72
CA GLY F 255 62.10 38.03 37.76
C GLY F 255 63.52 37.74 38.16
N ALA F 256 64.34 37.28 37.21
CA ALA F 256 65.72 36.97 37.50
C ALA F 256 66.52 38.26 37.63
N ILE F 257 67.55 38.19 38.48
CA ILE F 257 68.44 39.30 38.75
C ILE F 257 69.86 38.81 38.87
N ALA F 258 70.82 39.73 38.90
CA ALA F 258 72.22 39.37 39.04
C ALA F 258 72.49 39.52 40.54
N ALA F 259 73.69 39.14 40.99
CA ALA F 259 74.02 39.24 42.42
C ALA F 259 73.93 40.67 42.95
N ASP F 260 74.12 41.67 42.08
CA ASP F 260 74.04 43.07 42.51
C ASP F 260 72.58 43.54 42.62
N LEU F 261 71.65 42.60 42.54
CA LEU F 261 70.22 42.89 42.60
C LEU F 261 69.61 43.54 41.35
N THR F 262 70.44 43.90 40.38
CA THR F 262 69.91 44.50 39.16
C THR F 262 69.24 43.37 38.38
N PRO F 263 68.24 43.70 37.56
CA PRO F 263 67.56 42.65 36.80
C PRO F 263 68.30 42.14 35.56
N ILE F 264 68.06 40.87 35.25
CA ILE F 264 68.64 40.20 34.09
C ILE F 264 67.45 39.90 33.17
N SER F 265 67.45 40.48 31.99
CA SER F 265 66.35 40.27 31.07
C SER F 265 66.66 39.23 30.02
N PRO F 266 65.62 38.76 29.30
CA PRO F 266 65.79 37.77 28.23
C PRO F 266 66.68 38.34 27.15
N SER F 267 66.53 39.64 26.92
CA SER F 267 67.32 40.33 25.92
C SER F 267 68.77 40.25 26.35
N ASP F 268 69.03 40.62 27.61
CA ASP F 268 70.38 40.57 28.15
C ASP F 268 71.05 39.26 27.75
N VAL F 269 70.34 38.16 28.01
CA VAL F 269 70.85 36.83 27.70
C VAL F 269 70.92 36.57 26.20
N HIS F 270 69.93 37.05 25.45
CA HIS F 270 69.90 36.89 23.99
C HIS F 270 71.19 37.45 23.38
N LYS F 271 71.45 38.72 23.70
CA LYS F 271 72.63 39.44 23.23
C LYS F 271 73.89 38.60 23.43
N VAL F 272 74.11 38.18 24.68
CA VAL F 272 75.29 37.38 25.00
C VAL F 272 75.39 36.13 24.14
N LEU F 273 74.29 35.38 24.02
CA LEU F 273 74.30 34.17 23.19
C LEU F 273 74.72 34.51 21.76
N VAL F 274 74.23 35.63 21.25
CA VAL F 274 74.53 36.02 19.89
C VAL F 274 75.93 36.63 19.73
N ASP F 275 76.20 37.66 20.53
CA ASP F 275 77.48 38.35 20.48
C ASP F 275 78.67 37.46 20.80
N ARG F 276 78.68 36.89 22.00
CA ARG F 276 79.76 36.03 22.48
C ARG F 276 79.89 34.67 21.78
N LEU F 277 78.80 33.92 21.73
CA LEU F 277 78.81 32.60 21.11
C LEU F 277 78.41 32.61 19.64
N GLY F 278 77.90 33.76 19.19
CA GLY F 278 77.48 33.93 17.81
C GLY F 278 76.54 32.90 17.21
N LEU F 279 75.49 32.57 17.95
CA LEU F 279 74.53 31.60 17.44
C LEU F 279 73.16 32.23 17.25
N ASP F 280 72.42 31.65 16.30
CA ASP F 280 71.07 32.10 15.94
C ASP F 280 70.18 32.00 17.16
N THR F 281 69.74 33.16 17.66
CA THR F 281 68.92 33.17 18.86
C THR F 281 67.60 33.91 18.77
N ARG F 282 66.59 33.39 19.45
CA ARG F 282 65.27 33.98 19.48
C ARG F 282 64.78 34.03 20.91
N ILE F 283 63.98 35.03 21.23
CA ILE F 283 63.41 35.15 22.57
C ILE F 283 61.92 34.79 22.49
N THR F 284 61.42 34.05 23.46
CA THR F 284 60.04 33.66 23.45
C THR F 284 59.46 34.05 24.79
N THR F 285 58.33 34.76 24.80
CA THR F 285 57.76 35.08 26.10
C THR F 285 56.38 34.44 26.18
N LEU F 286 56.31 33.32 26.87
CA LEU F 286 55.10 32.55 27.02
C LEU F 286 53.87 33.32 27.50
N GLY F 287 54.09 34.33 28.32
CA GLY F 287 52.95 35.08 28.78
C GLY F 287 51.88 34.27 29.50
N HIS F 288 50.66 34.79 29.46
CA HIS F 288 49.56 34.18 30.15
C HIS F 288 49.07 32.81 29.75
N VAL F 289 49.65 32.18 28.73
CA VAL F 289 49.14 30.85 28.43
C VAL F 289 49.44 30.07 29.71
N GLN F 290 50.47 30.52 30.45
CA GLN F 290 50.90 29.89 31.70
C GLN F 290 49.83 29.96 32.77
N ARG F 291 48.88 30.87 32.57
CA ARG F 291 47.78 31.09 33.50
C ARG F 291 46.51 30.38 33.11
N GLY F 292 46.40 30.01 31.84
CA GLY F 292 45.19 29.33 31.38
C GLY F 292 45.29 27.82 31.38
N GLY F 293 44.36 27.18 30.68
CA GLY F 293 44.38 25.74 30.61
C GLY F 293 43.51 25.21 31.72
N THR F 294 43.19 23.95 31.66
CA THR F 294 42.38 23.38 32.70
C THR F 294 43.38 22.93 33.76
N ALA F 295 42.91 22.74 34.98
CA ALA F 295 43.82 22.29 36.04
C ALA F 295 44.26 20.84 35.83
N VAL F 296 45.57 20.64 36.01
CA VAL F 296 46.25 19.36 35.91
C VAL F 296 45.70 18.48 37.05
N ALA F 297 45.69 17.16 36.89
CA ALA F 297 45.17 16.29 37.96
C ALA F 297 45.65 16.65 39.38
N TYR F 298 46.94 16.90 39.53
CA TYR F 298 47.47 17.26 40.83
C TYR F 298 46.75 18.51 41.35
N ASP F 299 46.62 19.55 40.53
CA ASP F 299 45.94 20.74 40.98
C ASP F 299 44.45 20.46 41.31
N ARG F 300 43.75 19.74 40.45
CA ARG F 300 42.36 19.47 40.76
C ARG F 300 42.28 18.81 42.11
N ILE F 301 42.92 17.66 42.25
CA ILE F 301 42.91 16.94 43.52
C ILE F 301 43.38 17.80 44.73
N LEU F 302 44.44 18.56 44.56
CA LEU F 302 44.92 19.37 45.64
C LEU F 302 43.84 20.34 46.02
N ALA F 303 43.37 21.09 45.03
CA ALA F 303 42.34 22.09 45.26
C ALA F 303 41.07 21.51 45.84
N THR F 304 40.74 20.29 45.43
CA THR F 304 39.55 19.66 45.92
C THR F 304 39.65 19.32 47.38
N LEU F 305 40.82 18.86 47.81
CA LEU F 305 40.98 18.51 49.21
C LEU F 305 41.14 19.74 50.08
N GLN F 306 41.89 20.72 49.61
CA GLN F 306 42.07 21.93 50.39
C GLN F 306 40.74 22.64 50.61
N GLY F 307 39.89 22.64 49.58
CA GLY F 307 38.58 23.27 49.69
C GLY F 307 37.74 22.61 50.77
N LEU F 308 37.80 21.29 50.81
CA LEU F 308 37.05 20.57 51.83
C LEU F 308 37.57 21.01 53.21
N GLU F 309 38.89 21.02 53.37
CA GLU F 309 39.46 21.41 54.65
C GLU F 309 39.14 22.88 54.96
N ALA F 310 39.24 23.76 53.98
CA ALA F 310 38.95 25.17 54.22
C ALA F 310 37.57 25.32 54.83
N VAL F 311 36.62 24.49 54.42
CA VAL F 311 35.31 24.61 55.02
C VAL F 311 35.38 24.18 56.49
N ASN F 312 36.06 23.07 56.76
CA ASN F 312 36.19 22.59 58.14
C ASN F 312 36.81 23.64 59.03
N ALA F 313 37.83 24.32 58.53
CA ALA F 313 38.52 25.36 59.27
C ALA F 313 37.63 26.53 59.66
N VAL F 314 36.96 27.17 58.71
CA VAL F 314 36.09 28.30 59.05
C VAL F 314 34.95 27.87 59.94
N LEU F 315 34.53 26.63 59.80
CA LEU F 315 33.44 26.13 60.61
C LEU F 315 33.82 25.94 62.06
N GLU F 316 35.11 25.76 62.33
CA GLU F 316 35.53 25.57 63.70
C GLU F 316 36.37 26.71 64.22
N SER F 317 36.49 27.77 63.44
CA SER F 317 37.26 28.94 63.88
C SER F 317 36.38 29.70 64.88
N THR F 318 37.04 30.37 65.82
CA THR F 318 36.35 31.15 66.84
C THR F 318 36.97 32.55 66.92
N PRO F 319 36.29 33.45 67.65
CA PRO F 319 36.82 34.79 67.76
C PRO F 319 38.27 34.86 68.23
N ASP F 320 38.71 33.84 68.95
CA ASP F 320 40.09 33.86 69.46
C ASP F 320 41.10 33.10 68.58
N THR F 321 40.60 32.25 67.68
CA THR F 321 41.48 31.50 66.79
C THR F 321 42.06 32.41 65.70
N PRO F 322 43.39 32.36 65.50
CA PRO F 322 44.01 33.20 64.47
C PRO F 322 43.54 32.72 63.11
N SER F 323 43.44 33.65 62.17
CA SER F 323 42.98 33.32 60.83
C SER F 323 43.81 32.23 60.16
N PRO F 324 43.15 31.10 59.83
CA PRO F 324 43.76 29.94 59.19
C PRO F 324 43.98 30.11 57.71
N LEU F 325 44.67 29.13 57.15
CA LEU F 325 45.00 29.08 55.75
C LEU F 325 45.35 27.63 55.47
N ILE F 326 44.84 27.03 54.40
CA ILE F 326 45.18 25.64 54.12
C ILE F 326 46.36 25.48 53.16
N ALA F 327 47.28 24.61 53.54
CA ALA F 327 48.48 24.34 52.76
C ALA F 327 48.83 22.84 52.63
N VAL F 328 49.99 22.56 52.02
CA VAL F 328 50.42 21.18 51.89
C VAL F 328 51.88 21.11 52.29
N ASN F 329 52.18 20.15 53.16
CA ASN F 329 53.54 19.90 53.63
C ASN F 329 53.73 18.39 53.51
N GLU F 330 54.80 17.98 52.82
CA GLU F 330 55.06 16.55 52.61
C GLU F 330 53.71 15.92 52.23
N ASN F 331 53.22 16.28 51.05
CA ASN F 331 51.92 15.79 50.58
C ASN F 331 50.99 15.39 51.74
N LYS F 332 50.65 16.39 52.55
CA LYS F 332 49.74 16.23 53.67
C LYS F 332 49.03 17.57 53.77
N ILE F 333 47.70 17.55 53.71
CA ILE F 333 46.89 18.77 53.78
C ILE F 333 46.88 19.31 55.21
N VAL F 334 47.36 20.53 55.39
CA VAL F 334 47.42 21.09 56.74
C VAL F 334 47.03 22.55 56.88
N ARG F 335 46.70 22.95 58.11
CA ARG F 335 46.34 24.33 58.37
C ARG F 335 47.56 25.09 58.82
N LYS F 336 47.67 26.33 58.39
CA LYS F 336 48.76 27.22 58.75
C LYS F 336 48.20 28.60 59.13
N PRO F 337 48.85 29.31 60.08
CA PRO F 337 48.33 30.63 60.44
C PRO F 337 48.57 31.65 59.33
N LEU F 338 47.48 32.26 58.88
CA LEU F 338 47.52 33.25 57.81
C LEU F 338 48.69 34.22 57.96
N MET F 339 48.73 34.93 59.08
CA MET F 339 49.77 35.92 59.35
C MET F 339 51.20 35.40 59.26
N GLU F 340 51.55 34.43 60.11
CA GLU F 340 52.90 33.87 60.12
C GLU F 340 53.29 33.53 58.70
N SER F 341 52.35 32.90 58.00
CA SER F 341 52.52 32.50 56.61
C SER F 341 52.87 33.66 55.69
N VAL F 342 52.07 34.71 55.72
CA VAL F 342 52.39 35.86 54.89
C VAL F 342 53.67 36.54 55.39
N LYS F 343 53.86 36.56 56.71
CA LYS F 343 55.06 37.17 57.31
C LYS F 343 56.29 36.43 56.80
N LEU F 344 56.24 35.10 56.86
CA LEU F 344 57.33 34.27 56.41
C LEU F 344 57.61 34.48 54.93
N THR F 345 56.58 34.88 54.19
CA THR F 345 56.73 35.13 52.76
C THR F 345 57.37 36.49 52.53
N LYS F 346 56.89 37.51 53.24
CA LYS F 346 57.43 38.86 53.10
C LYS F 346 58.93 38.75 53.37
N ALA F 347 59.28 37.76 54.18
CA ALA F 347 60.67 37.48 54.54
C ALA F 347 61.56 37.35 53.30
N VAL F 348 61.27 36.36 52.47
CA VAL F 348 62.04 36.11 51.24
C VAL F 348 62.44 37.40 50.53
N ALA F 349 61.44 38.28 50.31
CA ALA F 349 61.66 39.57 49.65
C ALA F 349 62.80 40.30 50.35
N GLU F 350 62.71 40.35 51.69
CA GLU F 350 63.72 40.99 52.52
C GLU F 350 65.09 40.33 52.35
N ALA F 351 65.17 39.04 52.64
CA ALA F 351 66.41 38.27 52.50
C ALA F 351 67.10 38.59 51.15
N ILE F 352 66.33 38.58 50.08
CA ILE F 352 66.85 38.87 48.75
C ILE F 352 67.34 40.31 48.64
N GLN F 353 66.54 41.25 49.19
CA GLN F 353 66.89 42.67 49.18
C GLN F 353 68.16 42.89 50.00
N ALA F 354 68.49 41.90 50.84
CA ALA F 354 69.68 41.96 51.68
C ALA F 354 70.71 40.90 51.29
N LYS F 355 70.86 40.66 49.99
CA LYS F 355 71.81 39.68 49.45
C LYS F 355 71.97 38.31 50.10
N ASP F 356 71.23 38.02 51.16
CA ASP F 356 71.32 36.72 51.82
C ASP F 356 70.47 35.71 51.06
N PHE F 357 71.05 35.20 49.98
CA PHE F 357 70.36 34.27 49.10
C PHE F 357 70.00 32.91 49.66
N LYS F 358 70.90 32.34 50.46
CA LYS F 358 70.65 31.03 51.07
C LYS F 358 69.42 31.04 51.97
N ARG F 359 69.19 32.17 52.65
CA ARG F 359 68.05 32.31 53.56
C ARG F 359 66.79 32.24 52.73
N ALA F 360 66.75 33.02 51.65
CA ALA F 360 65.58 33.05 50.75
C ALA F 360 65.28 31.65 50.23
N MET F 361 66.33 30.99 49.77
CA MET F 361 66.20 29.66 49.23
C MET F 361 65.61 28.68 50.24
N SER F 362 65.80 28.94 51.53
CA SER F 362 65.28 28.04 52.56
C SER F 362 63.79 28.24 52.79
N LEU F 363 63.31 29.47 52.54
CA LEU F 363 61.90 29.81 52.71
C LEU F 363 60.96 29.26 51.63
N ARG F 364 61.54 28.74 50.54
CA ARG F 364 60.75 28.16 49.43
C ARG F 364 60.18 26.81 49.88
N ASP F 365 59.81 25.98 48.91
CA ASP F 365 59.22 24.68 49.23
C ASP F 365 60.21 23.62 49.74
N THR F 366 59.66 22.68 50.49
CA THR F 366 60.42 21.59 51.09
C THR F 366 61.50 20.98 50.22
N GLU F 367 61.40 21.08 48.90
CA GLU F 367 62.43 20.49 48.04
C GLU F 367 62.99 21.37 46.93
N PHE F 368 62.91 22.69 47.13
CA PHE F 368 63.39 23.65 46.14
C PHE F 368 64.88 23.48 45.87
N ILE F 369 65.66 23.52 46.95
CA ILE F 369 67.12 23.42 46.87
C ILE F 369 67.59 22.12 46.27
N GLU F 370 66.95 21.01 46.67
CA GLU F 370 67.36 19.72 46.15
C GLU F 370 67.30 19.76 44.62
N HIS F 371 66.20 20.31 44.08
CA HIS F 371 66.04 20.38 42.63
C HIS F 371 67.16 21.18 42.00
N LEU F 372 67.49 22.30 42.61
CA LEU F 372 68.54 23.13 42.05
C LEU F 372 69.81 22.34 41.91
N ASN F 373 70.23 21.70 43.01
CA ASN F 373 71.45 20.91 43.01
C ASN F 373 71.36 19.85 41.94
N ASN F 374 70.25 19.12 41.92
CA ASN F 374 70.06 18.09 40.91
C ASN F 374 70.19 18.67 39.50
N PHE F 375 69.59 19.84 39.26
CA PHE F 375 69.69 20.41 37.92
C PHE F 375 71.17 20.63 37.59
N MET F 376 71.86 21.35 38.46
CA MET F 376 73.28 21.63 38.31
C MET F 376 74.07 20.40 37.87
N ALA F 377 73.92 19.30 38.61
CA ALA F 377 74.62 18.05 38.31
C ALA F 377 74.37 17.58 36.91
N ILE F 378 73.16 17.10 36.67
CA ILE F 378 72.76 16.59 35.36
C ILE F 378 73.01 17.55 34.22
N ASN F 379 73.06 18.84 34.51
CA ASN F 379 73.31 19.82 33.46
C ASN F 379 74.80 19.79 33.13
N SER F 380 75.64 19.72 34.16
CA SER F 380 77.08 19.69 33.95
C SER F 380 77.39 18.31 33.39
N ALA F 381 77.18 17.32 34.24
CA ALA F 381 77.40 15.94 33.90
C ALA F 381 78.41 15.69 32.80
N ASP F 382 79.61 15.26 33.17
CA ASP F 382 80.67 14.91 32.21
C ASP F 382 81.22 16.01 31.28
N HIS F 383 80.69 17.22 31.34
CA HIS F 383 81.19 18.28 30.47
C HIS F 383 82.30 19.01 31.20
N ASN F 384 82.34 18.74 32.49
CA ASN F 384 83.33 19.30 33.38
C ASN F 384 83.90 18.14 34.14
N GLU F 385 85.16 17.81 33.82
CA GLU F 385 85.87 16.74 34.50
C GLU F 385 85.60 16.74 36.01
N PRO F 386 85.32 17.93 36.62
CA PRO F 386 85.04 18.04 38.05
C PRO F 386 84.69 16.79 38.86
N LYS F 387 84.34 15.70 38.17
CA LYS F 387 84.02 14.43 38.81
C LYS F 387 84.07 14.61 40.33
N LEU F 388 83.13 15.39 40.86
CA LEU F 388 83.06 15.69 42.28
C LEU F 388 83.80 14.71 43.21
N PRO F 389 83.58 13.38 43.07
CA PRO F 389 84.31 12.46 43.96
C PRO F 389 85.70 12.12 43.42
N LYS F 390 86.67 11.96 44.33
CA LYS F 390 88.02 11.55 43.94
C LYS F 390 87.80 10.06 43.71
N ASP F 391 88.57 9.44 42.83
CA ASP F 391 88.39 8.03 42.52
C ASP F 391 87.82 7.08 43.57
N LYS F 392 86.52 7.32 43.78
CA LYS F 392 85.63 6.60 44.68
C LYS F 392 84.44 6.41 43.71
N ARG F 393 84.72 6.66 42.42
CA ARG F 393 83.72 6.54 41.35
C ARG F 393 83.56 5.12 40.91
N LEU F 394 82.34 4.61 41.01
CA LEU F 394 82.06 3.24 40.65
C LEU F 394 81.47 3.13 39.26
N LYS F 395 81.30 1.89 38.81
CA LYS F 395 80.70 1.56 37.53
C LYS F 395 79.31 1.02 37.93
N ILE F 396 78.27 1.80 37.68
CA ILE F 396 76.91 1.42 38.04
C ILE F 396 76.07 1.06 36.81
N ALA F 397 75.16 0.11 36.97
CA ALA F 397 74.29 -0.29 35.88
C ALA F 397 72.83 0.05 36.19
N ILE F 398 72.09 0.37 35.12
CA ILE F 398 70.69 0.73 35.21
C ILE F 398 69.91 -0.17 34.25
N VAL F 399 68.69 -0.54 34.64
CA VAL F 399 67.87 -1.41 33.78
C VAL F 399 66.36 -1.17 34.01
N ASN F 400 65.55 -1.52 33.02
CA ASN F 400 64.10 -1.37 33.11
C ASN F 400 63.41 -2.72 33.09
N VAL F 401 62.45 -2.90 33.99
CA VAL F 401 61.72 -4.15 34.03
C VAL F 401 60.26 -3.85 34.30
N GLY F 402 59.37 -4.46 33.53
CA GLY F 402 57.94 -4.27 33.70
C GLY F 402 57.35 -3.47 32.55
N ALA F 403 56.15 -2.95 32.74
CA ALA F 403 55.53 -2.13 31.69
C ALA F 403 56.26 -0.79 31.58
N PRO F 404 56.10 -0.12 30.44
CA PRO F 404 56.78 1.17 30.36
C PRO F 404 55.93 2.13 31.19
N ALA F 405 56.49 3.28 31.56
CA ALA F 405 55.76 4.28 32.34
C ALA F 405 56.41 5.63 32.19
N GLY F 406 55.61 6.68 32.24
CA GLY F 406 56.15 8.00 32.08
C GLY F 406 57.20 8.34 33.11
N GLY F 407 58.38 8.76 32.64
CA GLY F 407 59.45 9.12 33.55
C GLY F 407 60.59 8.13 33.64
N ILE F 408 60.37 6.90 33.19
CA ILE F 408 61.43 5.93 33.21
C ILE F 408 62.62 6.44 32.38
N ASN F 409 62.37 7.01 31.19
CA ASN F 409 63.49 7.50 30.41
C ASN F 409 64.16 8.61 31.17
N SER F 410 63.38 9.44 31.84
CA SER F 410 63.94 10.55 32.63
C SER F 410 64.87 9.91 33.67
N ALA F 411 64.36 8.93 34.39
CA ALA F 411 65.14 8.23 35.41
C ALA F 411 66.49 7.85 34.83
N VAL F 412 66.47 7.08 33.75
CA VAL F 412 67.70 6.67 33.14
C VAL F 412 68.53 7.93 32.86
N TYR F 413 68.03 8.83 32.01
CA TYR F 413 68.78 10.03 31.66
C TYR F 413 69.38 10.70 32.89
N SER F 414 68.56 10.92 33.89
CA SER F 414 69.07 11.58 35.08
C SER F 414 70.15 10.75 35.75
N MET F 415 69.91 9.45 35.89
CA MET F 415 70.89 8.58 36.53
C MET F 415 72.23 8.65 35.81
N ALA F 416 72.20 8.50 34.49
CA ALA F 416 73.40 8.56 33.67
C ALA F 416 74.10 9.90 33.84
N THR F 417 73.45 10.99 33.45
CA THR F 417 74.11 12.28 33.59
C THR F 417 74.59 12.58 35.01
N TYR F 418 73.87 12.12 36.04
CA TYR F 418 74.32 12.40 37.41
C TYR F 418 75.63 11.68 37.68
N CYS F 419 75.71 10.43 37.21
CA CYS F 419 76.93 9.62 37.36
C CYS F 419 78.10 10.37 36.76
N MET F 420 77.88 10.90 35.57
CA MET F 420 78.90 11.67 34.89
C MET F 420 79.42 12.87 35.69
N SER F 421 78.58 13.50 36.50
CA SER F 421 79.06 14.63 37.28
C SER F 421 79.90 14.12 38.45
N GLN F 422 79.71 12.86 38.82
CA GLN F 422 80.46 12.25 39.93
C GLN F 422 81.73 11.58 39.44
N GLY F 423 81.69 11.04 38.23
CA GLY F 423 82.84 10.33 37.70
C GLY F 423 82.49 8.85 37.56
N HIS F 424 81.31 8.45 38.06
CA HIS F 424 80.85 7.08 37.94
C HIS F 424 80.66 6.78 36.44
N ARG F 425 80.80 5.53 36.05
CA ARG F 425 80.61 5.16 34.66
C ARG F 425 79.27 4.46 34.59
N PRO F 426 78.31 5.06 33.89
CA PRO F 426 76.98 4.46 33.76
C PRO F 426 76.84 3.47 32.60
N TYR F 427 76.30 2.30 32.93
CA TYR F 427 76.06 1.25 31.96
C TYR F 427 74.56 0.91 31.99
N ALA F 428 73.97 0.79 30.81
CA ALA F 428 72.56 0.48 30.69
C ALA F 428 72.40 -0.93 30.14
N ILE F 429 71.56 -1.72 30.80
CA ILE F 429 71.29 -3.08 30.37
C ILE F 429 70.06 -3.03 29.48
N TYR F 430 70.21 -3.11 28.16
CA TYR F 430 69.05 -3.07 27.30
C TYR F 430 68.13 -4.28 27.36
N ASN F 431 66.84 -4.02 27.21
CA ASN F 431 65.80 -5.02 27.24
C ASN F 431 65.81 -5.97 28.42
N GLY F 432 66.09 -5.40 29.58
CA GLY F 432 66.09 -6.17 30.79
C GLY F 432 66.86 -7.48 30.78
N TRP F 433 66.51 -8.34 31.72
CA TRP F 433 67.14 -9.64 31.87
C TRP F 433 67.17 -10.53 30.62
N SER F 434 66.06 -10.60 29.89
CA SER F 434 66.03 -11.43 28.69
C SER F 434 66.99 -10.86 27.67
N GLY F 435 67.17 -9.56 27.68
CA GLY F 435 68.07 -8.92 26.74
C GLY F 435 69.51 -9.06 27.19
N LEU F 436 69.72 -9.27 28.48
CA LEU F 436 71.09 -9.39 28.98
C LEU F 436 71.61 -10.80 28.71
N ALA F 437 70.88 -11.77 29.24
CA ALA F 437 71.24 -13.16 29.08
C ALA F 437 71.31 -13.62 27.62
N ARG F 438 70.25 -13.34 26.85
CA ARG F 438 70.18 -13.76 25.45
C ARG F 438 70.97 -12.92 24.44
N HIS F 439 71.40 -11.72 24.79
CA HIS F 439 72.15 -10.93 23.83
C HIS F 439 73.24 -10.07 24.42
N GLU F 440 73.63 -10.33 25.69
CA GLU F 440 74.66 -9.52 26.35
C GLU F 440 74.40 -8.06 25.91
N SER F 441 73.29 -7.49 26.39
CA SER F 441 72.92 -6.14 25.98
C SER F 441 73.45 -4.97 26.80
N VAL F 442 74.66 -5.07 27.33
CA VAL F 442 75.20 -3.96 28.10
C VAL F 442 75.73 -2.90 27.13
N ARG F 443 75.51 -1.63 27.45
CA ARG F 443 75.95 -0.54 26.57
C ARG F 443 76.35 0.66 27.44
N SER F 444 77.27 1.46 26.93
CA SER F 444 77.73 2.64 27.66
C SER F 444 76.86 3.83 27.28
N LEU F 445 76.23 4.41 28.30
CA LEU F 445 75.36 5.54 28.09
C LEU F 445 76.17 6.82 27.82
N ASN F 446 76.25 7.21 26.56
CA ASN F 446 76.98 8.41 26.18
C ASN F 446 76.04 9.60 26.25
N TRP F 447 76.50 10.71 26.82
CA TRP F 447 75.66 11.89 26.90
C TRP F 447 74.94 12.19 25.59
N LYS F 448 75.69 12.29 24.50
CA LYS F 448 75.10 12.58 23.19
C LYS F 448 73.99 11.63 22.75
N ASP F 449 74.15 10.34 23.05
CA ASP F 449 73.14 9.36 22.69
C ASP F 449 71.82 9.54 23.42
N MET F 450 71.86 10.25 24.53
CA MET F 450 70.66 10.42 25.33
C MET F 450 69.95 11.76 25.18
N LEU F 451 70.38 12.60 24.24
CA LEU F 451 69.72 13.88 24.07
C LEU F 451 68.22 13.67 23.93
N GLY F 452 67.43 14.44 24.67
CA GLY F 452 66.00 14.28 24.58
C GLY F 452 65.37 13.27 25.53
N TRP F 453 66.12 12.27 25.93
CA TRP F 453 65.60 11.25 26.82
C TRP F 453 64.90 11.80 28.03
N GLN F 454 65.33 12.94 28.54
CA GLN F 454 64.69 13.46 29.74
C GLN F 454 63.19 13.56 29.61
N SER F 455 62.72 13.85 28.41
CA SER F 455 61.29 14.01 28.23
C SER F 455 60.66 13.13 27.17
N ARG F 456 61.00 11.85 27.15
CA ARG F 456 60.41 10.96 26.16
C ARG F 456 59.62 9.91 26.86
N GLY F 457 58.54 9.51 26.20
CA GLY F 457 57.71 8.48 26.77
C GLY F 457 58.38 7.20 26.35
N GLY F 458 57.65 6.10 26.45
CA GLY F 458 58.19 4.83 26.05
C GLY F 458 59.43 4.47 26.83
N SER F 459 60.21 3.54 26.30
CA SER F 459 61.42 3.09 26.95
C SER F 459 62.60 2.99 26.01
N GLU F 460 63.50 3.98 26.06
CA GLU F 460 64.67 3.99 25.18
C GLU F 460 65.51 2.72 25.29
N ILE F 461 65.76 2.24 26.51
CA ILE F 461 66.57 1.04 26.66
C ILE F 461 65.77 -0.25 26.66
N GLY F 462 64.46 -0.16 26.47
CA GLY F 462 63.66 -1.38 26.41
C GLY F 462 63.30 -2.05 27.72
N THR F 463 62.09 -2.58 27.76
CA THR F 463 61.60 -3.26 28.94
C THR F 463 60.61 -4.38 28.65
N ASN F 464 60.65 -5.39 29.52
CA ASN F 464 59.73 -6.52 29.40
C ASN F 464 59.47 -7.03 30.82
N ARG F 465 58.68 -8.09 30.96
CA ARG F 465 58.34 -8.59 32.28
C ARG F 465 59.11 -9.84 32.72
N VAL F 466 60.17 -10.18 31.97
CA VAL F 466 60.95 -11.36 32.29
C VAL F 466 61.75 -11.14 33.56
N THR F 467 61.61 -12.02 34.54
CA THR F 467 62.35 -11.92 35.79
C THR F 467 63.72 -12.58 35.61
N PRO F 468 64.68 -12.25 36.48
CA PRO F 468 66.02 -12.83 36.38
C PRO F 468 66.02 -14.35 36.26
N GLU F 469 65.27 -15.03 37.14
CA GLU F 469 65.21 -16.48 37.11
C GLU F 469 64.75 -17.03 35.78
N GLU F 470 63.85 -16.33 35.12
CA GLU F 470 63.37 -16.79 33.83
C GLU F 470 64.42 -16.64 32.72
N ALA F 471 65.38 -15.76 32.92
CA ALA F 471 66.40 -15.51 31.90
C ALA F 471 67.71 -16.21 32.19
N ASP F 472 67.74 -16.97 33.28
CA ASP F 472 68.93 -17.72 33.69
C ASP F 472 69.83 -16.82 34.52
N LEU F 473 69.70 -16.95 35.83
CA LEU F 473 70.48 -16.15 36.78
C LEU F 473 71.96 -16.19 36.42
N GLY F 474 72.48 -17.40 36.13
CA GLY F 474 73.88 -17.55 35.79
C GLY F 474 74.41 -16.54 34.79
N MET F 475 73.89 -16.62 33.56
CA MET F 475 74.30 -15.71 32.49
C MET F 475 74.27 -14.28 33.01
N ILE F 476 73.29 -13.98 33.86
CA ILE F 476 73.18 -12.65 34.43
C ILE F 476 74.43 -12.39 35.27
N ALA F 477 74.57 -13.17 36.33
CA ALA F 477 75.70 -13.04 37.23
C ALA F 477 77.00 -12.97 36.45
N TYR F 478 77.12 -13.84 35.45
CA TYR F 478 78.33 -13.85 34.64
C TYR F 478 78.66 -12.47 34.10
N TYR F 479 77.84 -11.98 33.16
CA TYR F 479 78.02 -10.67 32.55
C TYR F 479 78.23 -9.57 33.59
N PHE F 480 77.52 -9.69 34.70
CA PHE F 480 77.64 -8.72 35.79
C PHE F 480 79.11 -8.68 36.17
N GLN F 481 79.62 -9.83 36.62
CA GLN F 481 81.01 -9.99 37.03
C GLN F 481 81.91 -9.48 35.91
N LYS F 482 81.60 -9.89 34.69
CA LYS F 482 82.38 -9.49 33.54
C LYS F 482 82.51 -7.98 33.44
N TYR F 483 81.39 -7.26 33.51
CA TYR F 483 81.46 -5.80 33.38
C TYR F 483 81.83 -5.12 34.67
N GLU F 484 81.90 -5.90 35.74
CA GLU F 484 82.30 -5.36 37.04
C GLU F 484 81.40 -4.22 37.45
N PHE F 485 80.16 -4.56 37.77
CA PHE F 485 79.20 -3.56 38.22
C PHE F 485 79.28 -3.45 39.74
N ASP F 486 79.59 -2.25 40.22
CA ASP F 486 79.67 -2.01 41.65
C ASP F 486 78.26 -1.89 42.22
N GLY F 487 77.35 -1.41 41.37
CA GLY F 487 75.97 -1.23 41.78
C GLY F 487 74.98 -1.31 40.64
N LEU F 488 73.76 -1.71 41.00
CA LEU F 488 72.67 -1.84 40.04
C LEU F 488 71.58 -0.88 40.45
N ILE F 489 70.89 -0.32 39.46
CA ILE F 489 69.77 0.59 39.70
C ILE F 489 68.61 0.08 38.84
N ILE F 490 67.61 -0.51 39.49
CA ILE F 490 66.48 -1.03 38.73
C ILE F 490 65.27 -0.10 38.68
N VAL F 491 64.81 0.21 37.48
CA VAL F 491 63.65 1.08 37.31
C VAL F 491 62.53 0.27 36.67
N GLY F 492 61.40 0.16 37.39
CA GLY F 492 60.27 -0.60 36.89
C GLY F 492 59.19 -0.88 37.91
N GLY F 493 58.25 -1.75 37.52
CA GLY F 493 57.13 -2.10 38.37
C GLY F 493 57.28 -3.31 39.29
N PHE F 494 56.19 -4.02 39.53
CA PHE F 494 56.27 -5.15 40.41
C PHE F 494 57.18 -6.25 39.92
N GLU F 495 57.40 -6.36 38.62
CA GLU F 495 58.32 -7.38 38.12
C GLU F 495 59.72 -6.94 38.53
N ALA F 496 59.95 -5.64 38.48
CA ALA F 496 61.23 -5.08 38.87
C ALA F 496 61.38 -5.21 40.38
N PHE F 497 60.26 -5.35 41.07
CA PHE F 497 60.29 -5.50 42.50
C PHE F 497 60.85 -6.90 42.71
N GLU F 498 60.16 -7.86 42.10
CA GLU F 498 60.52 -9.28 42.13
C GLU F 498 61.97 -9.51 41.75
N SER F 499 62.44 -8.78 40.74
CA SER F 499 63.83 -8.92 40.32
C SER F 499 64.72 -8.60 41.50
N LEU F 500 64.64 -7.38 42.02
CA LEU F 500 65.46 -7.00 43.17
C LEU F 500 65.48 -8.16 44.15
N HIS F 501 64.30 -8.56 44.60
CA HIS F 501 64.17 -9.67 45.52
C HIS F 501 64.97 -10.89 45.09
N GLN F 502 64.79 -11.32 43.85
CA GLN F 502 65.53 -12.50 43.34
C GLN F 502 67.05 -12.28 43.36
N LEU F 503 67.54 -11.20 42.76
CA LEU F 503 68.97 -10.95 42.75
C LEU F 503 69.57 -10.96 44.16
N GLU F 504 68.85 -10.38 45.13
CA GLU F 504 69.35 -10.31 46.51
C GLU F 504 69.38 -11.68 47.17
N ARG F 505 68.32 -12.45 46.98
CA ARG F 505 68.21 -13.77 47.56
C ARG F 505 69.12 -14.73 46.77
N ALA F 506 69.83 -14.19 45.80
CA ALA F 506 70.73 -14.95 44.96
C ALA F 506 72.14 -14.52 45.32
N ARG F 507 72.22 -13.64 46.30
CA ARG F 507 73.49 -13.10 46.80
C ARG F 507 74.46 -14.27 47.03
N GLU F 508 74.29 -15.00 48.12
CA GLU F 508 75.18 -16.14 48.30
C GLU F 508 74.69 -17.11 47.23
N SER F 509 75.62 -17.52 46.37
CA SER F 509 75.39 -18.45 45.27
C SER F 509 75.97 -17.80 44.01
N TYR F 510 75.98 -16.48 44.00
CA TYR F 510 76.53 -15.71 42.90
C TYR F 510 76.99 -14.39 43.52
N PRO F 511 78.27 -14.32 43.93
CA PRO F 511 78.84 -13.13 44.56
C PRO F 511 78.86 -11.84 43.72
N ALA F 512 78.41 -11.92 42.46
CA ALA F 512 78.36 -10.75 41.58
C ALA F 512 77.20 -9.82 41.99
N PHE F 513 76.27 -10.38 42.75
CA PHE F 513 75.11 -9.66 43.24
C PHE F 513 75.38 -9.18 44.67
N ARG F 514 76.60 -9.40 45.13
CA ARG F 514 76.99 -8.97 46.45
C ARG F 514 77.21 -7.44 46.43
N ILE F 515 76.47 -6.75 45.57
CA ILE F 515 76.58 -5.29 45.47
C ILE F 515 75.27 -4.62 45.94
N PRO F 516 75.30 -3.27 46.14
CA PRO F 516 74.10 -2.55 46.58
C PRO F 516 73.15 -2.51 45.37
N MET F 517 71.84 -2.61 45.58
CA MET F 517 71.00 -2.61 44.41
C MET F 517 69.94 -1.53 44.24
N VAL F 518 68.98 -1.38 45.14
CA VAL F 518 67.97 -0.30 44.98
C VAL F 518 67.04 -0.30 43.75
N LEU F 519 65.74 -0.11 44.03
CA LEU F 519 64.70 -0.07 43.00
C LEU F 519 63.99 1.26 42.96
N ILE F 520 63.80 1.81 41.76
CA ILE F 520 63.08 3.06 41.60
C ILE F 520 61.73 2.61 41.08
N PRO F 521 60.71 2.51 41.94
CA PRO F 521 59.38 2.06 41.51
C PRO F 521 58.80 2.89 40.34
N ALA F 522 58.19 2.20 39.39
CA ALA F 522 57.59 2.84 38.21
C ALA F 522 56.56 1.97 37.53
N THR F 523 55.32 2.43 37.62
CA THR F 523 54.15 1.77 37.04
C THR F 523 52.99 2.73 37.25
N LEU F 524 52.20 2.94 36.23
CA LEU F 524 51.08 3.85 36.36
C LEU F 524 50.08 3.37 37.42
N SER F 525 50.20 2.11 37.83
CA SER F 525 49.27 1.57 38.83
C SER F 525 49.62 1.93 40.26
N ASN F 526 50.88 2.28 40.51
CA ASN F 526 51.34 2.61 41.86
C ASN F 526 51.09 1.43 42.82
N ASN F 527 51.46 0.23 42.38
CA ASN F 527 51.26 -1.01 43.15
C ASN F 527 52.54 -1.58 43.75
N VAL F 528 53.65 -0.87 43.61
CA VAL F 528 54.90 -1.34 44.14
C VAL F 528 55.07 -0.91 45.59
N PRO F 529 55.28 -1.88 46.51
CA PRO F 529 55.45 -1.62 47.94
C PRO F 529 56.69 -0.81 48.25
N GLY F 530 56.63 -0.01 49.29
CA GLY F 530 57.77 0.77 49.67
C GLY F 530 57.72 2.21 49.20
N THR F 531 56.61 2.63 48.60
CA THR F 531 56.51 4.01 48.16
C THR F 531 55.06 4.43 48.04
N GLU F 532 54.83 5.74 48.01
CA GLU F 532 53.49 6.29 47.88
C GLU F 532 53.33 6.83 46.47
N TYR F 533 54.43 6.85 45.74
CA TYR F 533 54.38 7.35 44.38
C TYR F 533 55.32 6.66 43.38
N SER F 534 54.82 5.70 42.61
CA SER F 534 55.68 5.08 41.61
C SER F 534 55.77 6.01 40.40
N LEU F 535 56.87 5.95 39.65
CA LEU F 535 57.03 6.83 38.49
C LEU F 535 56.00 6.48 37.43
N GLY F 536 55.57 7.51 36.71
CA GLY F 536 54.59 7.31 35.65
C GLY F 536 53.17 7.50 36.10
N SER F 537 52.96 7.51 37.42
CA SER F 537 51.62 7.64 37.98
C SER F 537 50.88 8.91 37.56
N ASP F 538 51.49 10.07 37.83
CA ASP F 538 50.88 11.36 37.50
C ASP F 538 50.58 11.46 36.02
N THR F 539 51.47 10.91 35.20
CA THR F 539 51.25 10.93 33.76
C THR F 539 50.00 10.10 33.36
N ALA F 540 49.80 8.95 33.99
CA ALA F 540 48.64 8.14 33.68
C ALA F 540 47.42 8.83 34.21
N LEU F 541 47.49 9.30 35.45
CA LEU F 541 46.36 9.98 36.08
C LEU F 541 45.81 11.12 35.21
N ASN F 542 46.70 11.88 34.60
CA ASN F 542 46.24 12.95 33.75
C ASN F 542 45.65 12.43 32.45
N ALA F 543 46.30 11.41 31.90
CA ALA F 543 45.88 10.77 30.66
C ALA F 543 44.43 10.26 30.83
N LEU F 544 44.21 9.53 31.91
CA LEU F 544 42.90 9.01 32.18
C LEU F 544 41.90 10.12 32.44
N MET F 545 42.32 11.16 33.15
CA MET F 545 41.45 12.29 33.48
C MET F 545 40.93 13.03 32.26
N GLU F 546 41.83 13.44 31.39
CA GLU F 546 41.41 14.13 30.19
C GLU F 546 40.51 13.22 29.36
N TYR F 547 40.82 11.94 29.28
CA TYR F 547 39.98 11.03 28.51
C TYR F 547 38.56 11.18 29.10
N CYS F 548 38.44 10.92 30.40
CA CYS F 548 37.19 11.02 31.11
C CYS F 548 36.48 12.34 30.89
N ASP F 549 37.23 13.44 30.84
CA ASP F 549 36.59 14.72 30.61
C ASP F 549 35.84 14.65 29.29
N VAL F 550 36.54 14.24 28.25
CA VAL F 550 35.97 14.13 26.93
C VAL F 550 34.75 13.20 26.87
N VAL F 551 34.85 12.04 27.49
CA VAL F 551 33.75 11.09 27.47
C VAL F 551 32.52 11.61 28.18
N LYS F 552 32.72 12.35 29.27
CA LYS F 552 31.59 12.88 30.03
C LYS F 552 30.86 13.97 29.25
N GLN F 553 31.63 14.80 28.55
CA GLN F 553 31.07 15.85 27.72
C GLN F 553 30.13 15.14 26.77
N SER F 554 30.59 14.01 26.22
CA SER F 554 29.77 13.22 25.33
C SER F 554 28.47 12.89 26.04
N ALA F 555 28.59 12.21 27.17
CA ALA F 555 27.42 11.82 27.92
C ALA F 555 26.48 12.98 28.21
N SER F 556 27.05 14.17 28.40
CA SER F 556 26.24 15.32 28.72
C SER F 556 25.50 15.82 27.51
N SER F 557 26.01 15.48 26.34
CA SER F 557 25.38 15.90 25.11
C SER F 557 24.12 15.13 24.76
N THR F 558 24.10 13.84 25.11
CA THR F 558 22.95 12.98 24.81
C THR F 558 21.87 13.10 25.89
N ARG F 559 22.30 13.44 27.10
CA ARG F 559 21.40 13.56 28.24
C ARG F 559 20.88 12.19 28.64
N GLY F 560 20.80 11.95 29.94
CA GLY F 560 20.32 10.68 30.44
C GLY F 560 21.24 9.56 30.04
N ARG F 561 22.53 9.77 30.23
CA ARG F 561 23.53 8.76 29.88
C ARG F 561 24.73 8.77 30.78
N ALA F 562 25.21 7.57 31.11
CA ALA F 562 26.37 7.40 31.96
C ALA F 562 27.36 6.52 31.22
N PHE F 563 28.64 6.70 31.50
CA PHE F 563 29.68 5.89 30.85
C PHE F 563 30.43 5.04 31.87
N VAL F 564 30.60 3.76 31.56
CA VAL F 564 31.40 2.91 32.41
C VAL F 564 32.77 2.86 31.72
N VAL F 565 33.76 3.44 32.37
CA VAL F 565 35.10 3.52 31.83
C VAL F 565 36.03 2.52 32.45
N ASP F 566 36.55 1.62 31.62
CA ASP F 566 37.46 0.61 32.10
C ASP F 566 38.78 1.33 32.49
N CYS F 567 39.26 1.10 33.73
CA CYS F 567 40.49 1.75 34.19
C CYS F 567 41.56 0.75 34.53
N GLN F 568 42.82 1.17 34.43
CA GLN F 568 43.96 0.32 34.71
C GLN F 568 44.37 0.33 36.17
N GLY F 569 45.45 -0.38 36.50
CA GLY F 569 45.92 -0.42 37.86
C GLY F 569 45.94 -1.78 38.50
N GLY F 570 45.85 -2.84 37.71
CA GLY F 570 45.87 -4.17 38.28
C GLY F 570 44.97 -4.33 39.50
N ASN F 571 45.55 -4.64 40.64
CA ASN F 571 44.75 -4.82 41.84
C ASN F 571 44.78 -3.58 42.71
N SER F 572 45.31 -2.49 42.16
CA SER F 572 45.37 -1.26 42.92
C SER F 572 44.39 -0.21 42.44
N GLY F 573 43.44 0.15 43.31
CA GLY F 573 42.44 1.14 42.97
C GLY F 573 42.96 2.58 43.02
N TYR F 574 44.27 2.73 43.16
CA TYR F 574 44.83 4.07 43.23
C TYR F 574 44.42 4.93 42.04
N LEU F 575 44.70 4.48 40.82
CA LEU F 575 44.35 5.24 39.61
C LEU F 575 42.88 5.58 39.53
N ALA F 576 42.03 4.55 39.61
CA ALA F 576 40.61 4.78 39.53
C ALA F 576 40.14 5.85 40.53
N THR F 577 40.56 5.69 41.79
CA THR F 577 40.18 6.63 42.85
C THR F 577 40.55 8.08 42.57
N TYR F 578 41.82 8.39 42.41
CA TYR F 578 42.20 9.75 42.12
C TYR F 578 41.62 10.26 40.81
N ALA F 579 41.56 9.40 39.79
CA ALA F 579 40.95 9.83 38.53
C ALA F 579 39.51 10.29 38.85
N SER F 580 38.77 9.39 39.48
CA SER F 580 37.42 9.64 39.90
C SER F 580 37.32 11.00 40.64
N LEU F 581 38.20 11.21 41.60
CA LEU F 581 38.17 12.45 42.35
C LEU F 581 38.41 13.70 41.50
N ALA F 582 39.33 13.59 40.53
CA ALA F 582 39.65 14.73 39.68
C ALA F 582 38.63 15.05 38.64
N VAL F 583 37.77 14.10 38.31
CA VAL F 583 36.77 14.38 37.28
C VAL F 583 35.39 14.41 37.87
N GLY F 584 35.32 14.13 39.15
CA GLY F 584 34.04 14.14 39.80
C GLY F 584 33.22 12.96 39.36
N ALA F 585 33.83 11.78 39.23
CA ALA F 585 33.08 10.59 38.83
C ALA F 585 31.99 10.34 39.86
N GLN F 586 30.82 9.96 39.39
CA GLN F 586 29.70 9.70 40.27
C GLN F 586 30.01 8.45 41.09
N VAL F 587 30.38 7.39 40.40
CA VAL F 587 30.71 6.11 41.01
C VAL F 587 32.10 5.71 40.56
N SER F 588 32.70 4.79 41.31
CA SER F 588 34.01 4.25 40.98
C SER F 588 34.12 2.92 41.69
N TYR F 589 34.45 1.87 40.94
CA TYR F 589 34.59 0.52 41.49
C TYR F 589 36.07 0.10 41.50
N VAL F 590 36.53 -0.41 42.62
CA VAL F 590 37.93 -0.80 42.69
C VAL F 590 38.18 -2.28 43.02
N PRO F 591 39.41 -2.75 42.79
CA PRO F 591 39.73 -4.15 43.06
C PRO F 591 39.58 -4.49 44.53
N GLU F 592 40.07 -3.62 45.39
CA GLU F 592 40.02 -3.87 46.81
C GLU F 592 38.61 -4.05 47.35
N GLU F 593 37.63 -3.46 46.68
CA GLU F 593 36.24 -3.54 47.15
C GLU F 593 35.35 -4.49 46.37
N GLY F 594 35.57 -4.57 45.04
CA GLY F 594 34.76 -5.42 44.19
C GLY F 594 33.47 -4.67 43.84
N ILE F 595 32.55 -5.34 43.16
CA ILE F 595 31.26 -4.76 42.79
C ILE F 595 30.18 -5.72 43.29
N SER F 596 29.62 -5.44 44.44
CA SER F 596 28.58 -6.32 44.95
C SER F 596 27.28 -6.01 44.20
N LEU F 597 26.52 -7.03 43.83
CA LEU F 597 25.26 -6.77 43.16
C LEU F 597 24.41 -5.78 43.97
N GLU F 598 24.48 -5.83 45.29
CA GLU F 598 23.68 -4.89 46.04
C GLU F 598 24.16 -3.47 45.78
N GLN F 599 25.47 -3.27 45.88
CA GLN F 599 26.03 -1.94 45.65
C GLN F 599 25.64 -1.43 44.28
N LEU F 600 25.73 -2.31 43.27
CA LEU F 600 25.38 -1.99 41.89
C LEU F 600 23.93 -1.57 41.79
N SER F 601 23.03 -2.27 42.46
CA SER F 601 21.64 -1.90 42.38
C SER F 601 21.39 -0.51 42.93
N GLU F 602 21.98 -0.18 44.08
CA GLU F 602 21.77 1.14 44.65
C GLU F 602 22.32 2.22 43.74
N ASP F 603 23.53 2.00 43.25
CA ASP F 603 24.16 2.95 42.37
C ASP F 603 23.24 3.19 41.21
N ILE F 604 22.64 2.12 40.70
CA ILE F 604 21.75 2.32 39.58
C ILE F 604 20.53 3.16 39.96
N GLU F 605 19.98 2.95 41.15
CA GLU F 605 18.84 3.77 41.52
C GLU F 605 19.25 5.23 41.72
N TYR F 606 20.33 5.44 42.47
CA TYR F 606 20.87 6.77 42.72
C TYR F 606 21.04 7.44 41.36
N LEU F 607 21.82 6.80 40.50
CA LEU F 607 22.05 7.31 39.15
C LEU F 607 20.68 7.66 38.56
N ALA F 608 19.77 6.69 38.59
CA ALA F 608 18.42 6.87 38.05
C ALA F 608 17.79 8.18 38.46
N GLN F 609 17.75 8.42 39.77
CA GLN F 609 17.17 9.65 40.29
C GLN F 609 17.94 10.86 39.80
N SER F 610 19.26 10.79 39.86
CA SER F 610 20.06 11.90 39.40
C SER F 610 19.54 12.43 38.07
N PHE F 611 19.30 11.52 37.13
CA PHE F 611 18.84 11.94 35.81
C PHE F 611 17.44 12.50 35.81
N GLU F 612 16.59 11.97 36.67
CA GLU F 612 15.22 12.44 36.76
C GLU F 612 15.27 13.89 37.24
N LYS F 613 15.91 14.10 38.39
CA LYS F 613 16.04 15.43 38.97
C LYS F 613 16.74 16.38 37.99
N ALA F 614 17.64 15.83 37.17
CA ALA F 614 18.39 16.62 36.20
C ALA F 614 17.54 17.08 35.04
N GLU F 615 16.41 16.41 34.83
CA GLU F 615 15.52 16.73 33.73
C GLU F 615 16.34 16.62 32.43
N GLY F 616 16.11 17.51 31.50
CA GLY F 616 16.86 17.42 30.26
C GLY F 616 18.08 18.32 30.23
N ARG F 617 18.41 18.91 31.37
CA ARG F 617 19.55 19.82 31.42
C ARG F 617 20.85 19.41 30.73
N GLY F 618 21.58 20.44 30.32
CA GLY F 618 22.80 20.31 29.56
C GLY F 618 24.14 19.80 30.04
N ARG F 619 24.41 19.72 31.35
CA ARG F 619 25.70 19.19 31.77
C ARG F 619 25.58 18.18 32.87
N PHE F 620 24.68 17.21 32.66
CA PHE F 620 24.46 16.17 33.65
C PHE F 620 24.95 14.80 33.28
N GLY F 621 25.98 14.72 32.44
CA GLY F 621 26.51 13.43 32.06
C GLY F 621 27.15 12.79 33.30
N LYS F 622 27.07 11.47 33.43
CA LYS F 622 27.65 10.80 34.58
C LYS F 622 28.68 9.74 34.20
N LEU F 623 29.73 9.64 35.01
CA LEU F 623 30.77 8.66 34.79
C LEU F 623 30.82 7.65 35.92
N ILE F 624 31.19 6.43 35.57
CA ILE F 624 31.39 5.39 36.54
C ILE F 624 32.76 4.88 36.13
N LEU F 625 33.78 5.11 36.95
CA LEU F 625 35.13 4.61 36.64
C LEU F 625 35.22 3.25 37.30
N LYS F 626 35.68 2.26 36.55
CA LYS F 626 35.74 0.91 37.09
C LYS F 626 37.06 0.28 36.78
N SER F 627 37.84 0.00 37.82
CA SER F 627 39.12 -0.67 37.64
C SER F 627 38.73 -2.06 37.12
N THR F 628 39.47 -2.55 36.13
CA THR F 628 39.18 -3.85 35.58
C THR F 628 39.07 -4.93 36.66
N ASN F 629 40.08 -5.02 37.51
CA ASN F 629 40.05 -6.03 38.56
C ASN F 629 39.02 -5.83 39.63
N ALA F 630 38.23 -4.77 39.51
CA ALA F 630 37.15 -4.54 40.45
C ALA F 630 36.13 -5.67 40.28
N SER F 631 36.21 -6.40 39.16
CA SER F 631 35.32 -7.54 38.89
C SER F 631 35.70 -8.33 37.66
N LYS F 632 35.89 -9.63 37.84
CA LYS F 632 36.24 -10.52 36.74
C LYS F 632 34.93 -10.87 36.01
N ALA F 633 33.82 -10.83 36.72
CA ALA F 633 32.52 -11.19 36.15
C ALA F 633 31.95 -10.10 35.29
N LEU F 634 31.94 -8.90 35.83
CA LEU F 634 31.36 -7.77 35.11
C LEU F 634 32.36 -6.85 34.42
N SER F 635 32.35 -6.87 33.10
CA SER F 635 33.27 -6.02 32.35
C SER F 635 32.62 -4.68 32.14
N ALA F 636 33.43 -3.68 31.82
CA ALA F 636 32.90 -2.35 31.57
C ALA F 636 31.71 -2.51 30.62
N THR F 637 31.90 -3.34 29.60
CA THR F 637 30.83 -3.57 28.63
C THR F 637 29.59 -4.24 29.23
N LYS F 638 29.77 -5.36 29.92
CA LYS F 638 28.64 -6.03 30.52
C LYS F 638 28.02 -5.12 31.56
N LEU F 639 28.85 -4.40 32.30
CA LEU F 639 28.36 -3.50 33.32
C LEU F 639 27.38 -2.53 32.71
N ALA F 640 27.76 -1.92 31.59
CA ALA F 640 26.90 -0.96 30.91
C ALA F 640 25.58 -1.60 30.52
N GLU F 641 25.62 -2.83 30.02
CA GLU F 641 24.42 -3.56 29.62
C GLU F 641 23.48 -3.77 30.81
N VAL F 642 24.04 -4.25 31.92
CA VAL F 642 23.23 -4.49 33.11
C VAL F 642 22.60 -3.19 33.55
N ILE F 643 23.39 -2.13 33.72
CA ILE F 643 22.85 -0.84 34.14
C ILE F 643 21.74 -0.36 33.22
N THR F 644 21.98 -0.41 31.91
CA THR F 644 20.98 0.03 30.94
C THR F 644 19.73 -0.81 31.06
N ALA F 645 19.88 -2.10 31.33
CA ALA F 645 18.72 -2.97 31.50
C ALA F 645 18.02 -2.60 32.81
N GLU F 646 18.78 -2.63 33.91
CA GLU F 646 18.23 -2.27 35.21
C GLU F 646 17.64 -0.87 35.12
N ALA F 647 18.25 -0.01 34.31
CA ALA F 647 17.77 1.36 34.15
C ALA F 647 16.32 1.34 33.72
N ASP F 648 16.04 0.48 32.76
CA ASP F 648 14.69 0.33 32.26
C ASP F 648 14.14 1.56 31.53
N GLY F 649 14.93 2.11 30.61
CA GLY F 649 14.49 3.26 29.83
C GLY F 649 14.71 4.63 30.44
N ARG F 650 14.83 4.69 31.76
CA ARG F 650 15.02 5.94 32.49
C ARG F 650 16.32 6.62 32.11
N PHE F 651 17.32 5.84 31.71
CA PHE F 651 18.62 6.36 31.28
C PHE F 651 19.43 5.15 30.83
N ASP F 652 20.47 5.35 30.04
CA ASP F 652 21.25 4.21 29.61
C ASP F 652 22.74 4.41 29.93
N ALA F 653 23.55 3.43 29.56
CA ALA F 653 24.97 3.51 29.81
C ALA F 653 25.76 2.84 28.70
N LYS F 654 26.94 3.36 28.42
CA LYS F 654 27.80 2.79 27.39
C LYS F 654 29.20 2.50 27.93
N PRO F 655 29.89 1.54 27.33
CA PRO F 655 31.22 1.29 27.86
C PRO F 655 32.24 2.21 27.23
N ALA F 656 33.43 2.27 27.82
CA ALA F 656 34.54 3.08 27.30
C ALA F 656 35.86 2.45 27.69
N TYR F 657 36.68 2.13 26.71
CA TYR F 657 37.94 1.49 27.01
C TYR F 657 39.15 2.28 26.57
N PRO F 658 39.52 3.31 27.33
CA PRO F 658 40.69 4.13 26.97
C PRO F 658 41.94 3.25 26.80
N GLY F 659 41.92 2.08 27.45
CA GLY F 659 43.02 1.14 27.33
C GLY F 659 44.43 1.63 27.54
N HIS F 660 45.28 1.45 26.53
CA HIS F 660 46.67 1.86 26.64
C HIS F 660 47.00 3.36 26.62
N VAL F 661 46.08 4.23 26.21
CA VAL F 661 46.45 5.66 26.28
C VAL F 661 46.68 6.02 27.75
N GLN F 662 46.30 5.12 28.64
CA GLN F 662 46.48 5.39 30.03
C GLN F 662 47.96 5.52 30.37
N GLN F 663 48.83 5.18 29.43
CA GLN F 663 50.23 5.33 29.70
C GLN F 663 50.62 6.73 29.29
N GLY F 664 49.67 7.45 28.72
CA GLY F 664 49.94 8.80 28.30
C GLY F 664 50.99 8.86 27.20
N GLY F 665 51.30 10.06 26.75
CA GLY F 665 52.28 10.21 25.70
C GLY F 665 53.56 10.71 26.33
N LEU F 666 53.72 12.02 26.32
CA LEU F 666 54.88 12.64 26.90
C LEU F 666 54.73 12.66 28.42
N PRO F 667 55.75 12.20 29.15
CA PRO F 667 55.61 12.22 30.60
C PRO F 667 55.37 13.64 31.13
N SER F 668 54.70 13.73 32.27
CA SER F 668 54.40 15.03 32.88
C SER F 668 55.54 15.72 33.62
N PRO F 669 55.48 17.04 33.75
CA PRO F 669 56.57 17.70 34.47
C PRO F 669 56.76 17.06 35.86
N ILE F 670 55.67 16.63 36.48
CA ILE F 670 55.87 16.02 37.78
C ILE F 670 56.69 14.74 37.57
N ASP F 671 56.16 13.81 36.79
CA ASP F 671 56.87 12.57 36.53
C ASP F 671 58.30 12.77 36.05
N ARG F 672 58.57 13.81 35.27
CA ARG F 672 59.93 14.00 34.84
C ARG F 672 60.79 14.45 35.99
N THR F 673 60.45 15.56 36.62
CA THR F 673 61.27 16.06 37.72
C THR F 673 61.40 15.03 38.81
N ARG F 674 60.30 14.39 39.16
CA ARG F 674 60.38 13.42 40.23
C ARG F 674 61.29 12.24 39.85
N ALA F 675 61.38 11.95 38.57
CA ALA F 675 62.21 10.85 38.16
C ALA F 675 63.66 11.21 38.46
N THR F 676 64.12 12.35 37.96
CA THR F 676 65.51 12.74 38.20
C THR F 676 65.79 12.85 39.71
N ARG F 677 64.77 13.10 40.51
CA ARG F 677 65.01 13.20 41.93
C ARG F 677 65.25 11.78 42.43
N MET F 678 64.40 10.84 42.02
CA MET F 678 64.56 9.46 42.45
C MET F 678 65.87 8.88 41.94
N ALA F 679 66.20 9.19 40.70
CA ALA F 679 67.43 8.66 40.11
C ALA F 679 68.64 9.06 40.93
N ILE F 680 68.80 10.35 41.18
CA ILE F 680 69.92 10.84 41.94
C ILE F 680 70.02 10.27 43.36
N LYS F 681 68.91 10.16 44.08
CA LYS F 681 68.98 9.61 45.42
C LYS F 681 69.30 8.12 45.39
N ALA F 682 69.16 7.50 44.22
CA ALA F 682 69.47 6.07 44.10
C ALA F 682 70.96 5.93 43.87
N VAL F 683 71.53 6.79 43.03
CA VAL F 683 72.96 6.74 42.80
C VAL F 683 73.56 6.99 44.17
N GLY F 684 72.99 7.94 44.91
CA GLY F 684 73.48 8.23 46.25
C GLY F 684 73.45 7.02 47.16
N PHE F 685 72.40 6.21 47.07
CA PHE F 685 72.30 5.03 47.90
C PHE F 685 73.38 4.03 47.51
N ILE F 686 73.67 3.95 46.22
CA ILE F 686 74.69 3.05 45.69
C ILE F 686 76.05 3.36 46.31
N LYS F 687 76.46 4.62 46.24
CA LYS F 687 77.74 5.02 46.81
C LYS F 687 77.73 4.88 48.34
N ASP F 688 76.66 5.31 48.98
CA ASP F 688 76.58 5.22 50.43
C ASP F 688 76.55 3.80 50.98
N ASN F 689 76.36 2.81 50.12
CA ASN F 689 76.34 1.44 50.60
C ASN F 689 77.42 0.56 50.05
N GLN F 690 78.51 1.17 49.60
CA GLN F 690 79.62 0.39 49.07
C GLN F 690 80.33 -0.29 50.24
N ALA F 691 80.56 0.49 51.29
CA ALA F 691 81.22 -0.01 52.50
C ALA F 691 80.83 -1.44 52.88
N ALA F 692 79.74 -1.57 53.63
CA ALA F 692 79.26 -2.86 54.08
C ALA F 692 79.58 -4.05 53.16
N ILE F 693 78.64 -4.39 52.27
CA ILE F 693 78.85 -5.53 51.37
C ILE F 693 80.21 -5.58 50.69
N ALA F 694 80.97 -4.48 50.72
CA ALA F 694 82.28 -4.47 50.10
C ALA F 694 83.31 -5.20 50.98
N GLU F 695 83.55 -4.66 52.16
CA GLU F 695 84.50 -5.23 53.13
C GLU F 695 84.13 -6.67 53.50
N ALA F 696 83.02 -7.14 52.95
CA ALA F 696 82.55 -8.49 53.20
C ALA F 696 82.53 -9.25 51.88
N ARG F 697 82.29 -8.53 50.79
CA ARG F 697 82.25 -9.13 49.45
C ARG F 697 83.63 -9.71 49.14
N ALA F 698 84.37 -10.04 50.20
CA ALA F 698 85.70 -10.64 50.09
C ALA F 698 85.50 -12.00 49.42
N ALA F 699 86.26 -12.99 49.87
CA ALA F 699 86.13 -14.33 49.28
C ALA F 699 84.72 -14.83 49.58
N GLU F 700 84.06 -15.47 48.61
CA GLU F 700 82.70 -15.98 48.81
C GLU F 700 82.64 -17.03 49.96
N GLU F 701 83.42 -16.77 51.01
CA GLU F 701 83.49 -17.66 52.16
C GLU F 701 82.32 -17.40 53.09
N ASN F 702 82.29 -18.15 54.19
CA ASN F 702 81.26 -18.04 55.22
C ASN F 702 81.21 -16.63 55.85
N PHE F 703 81.75 -15.65 55.13
CA PHE F 703 81.75 -14.25 55.56
C PHE F 703 80.51 -13.55 54.94
N ASN F 704 79.73 -14.32 54.18
CA ASN F 704 78.51 -13.80 53.57
C ASN F 704 77.34 -14.56 54.21
N ALA F 705 76.42 -13.81 54.81
CA ALA F 705 75.23 -14.39 55.45
C ALA F 705 73.95 -13.58 55.16
N ASP F 706 73.03 -13.58 56.14
CA ASP F 706 71.76 -12.85 56.04
C ASP F 706 71.62 -11.88 57.20
N ASP F 707 72.53 -10.92 57.26
CA ASP F 707 72.45 -9.94 58.33
C ASP F 707 71.90 -8.63 57.77
N LYS F 708 70.93 -8.09 58.48
CA LYS F 708 70.31 -6.84 58.10
C LYS F 708 71.35 -5.92 57.47
N THR F 709 72.55 -5.86 58.03
CA THR F 709 73.57 -4.98 57.47
C THR F 709 73.96 -5.24 56.02
N ILE F 710 73.89 -6.49 55.57
CA ILE F 710 74.21 -6.79 54.18
C ILE F 710 72.95 -6.84 53.33
N SER F 711 71.85 -7.29 53.91
CA SER F 711 70.60 -7.34 53.16
C SER F 711 70.15 -5.89 52.87
N ASP F 712 70.30 -5.01 53.86
CA ASP F 712 69.90 -3.62 53.72
C ASP F 712 70.65 -2.79 52.69
N THR F 713 71.26 -3.45 51.72
CA THR F 713 71.93 -2.70 50.69
C THR F 713 71.13 -3.01 49.42
N ALA F 714 70.06 -3.76 49.62
CA ALA F 714 69.15 -4.15 48.54
C ALA F 714 67.78 -3.59 48.94
N ALA F 715 67.54 -2.32 48.60
CA ALA F 715 66.27 -1.66 48.95
C ALA F 715 65.56 -0.92 47.83
N VAL F 716 64.39 -0.40 48.18
CA VAL F 716 63.54 0.35 47.27
C VAL F 716 63.56 1.79 47.71
N VAL F 717 63.91 2.71 46.81
CA VAL F 717 63.90 4.13 47.14
C VAL F 717 62.43 4.46 47.10
N GLY F 718 61.86 4.76 48.26
CA GLY F 718 60.45 5.09 48.31
C GLY F 718 60.28 6.56 48.56
N VAL F 719 59.05 6.96 48.83
CA VAL F 719 58.76 8.35 49.11
C VAL F 719 57.55 8.40 50.01
N LYS F 720 57.65 9.15 51.11
CA LYS F 720 56.51 9.29 52.00
C LYS F 720 56.26 10.79 52.03
N GLY F 721 55.40 11.28 51.13
CA GLY F 721 55.12 12.70 51.08
C GLY F 721 56.38 13.54 50.92
N SER F 722 56.87 13.66 49.69
CA SER F 722 58.08 14.46 49.39
C SER F 722 59.26 14.11 50.30
N HIS F 723 59.26 12.88 50.81
CA HIS F 723 60.30 12.43 51.74
C HIS F 723 61.54 11.72 51.21
N VAL F 724 61.34 10.46 50.88
CA VAL F 724 62.38 9.53 50.39
C VAL F 724 62.85 8.67 51.56
N VAL F 725 62.50 7.40 51.48
CA VAL F 725 62.83 6.46 52.52
C VAL F 725 63.54 5.35 51.78
N TYR F 726 64.04 4.36 52.52
CA TYR F 726 64.74 3.22 51.95
C TYR F 726 64.36 2.00 52.73
N ASN F 727 63.92 0.95 52.05
CA ASN F 727 63.53 -0.26 52.74
C ASN F 727 64.07 -1.51 52.05
N SER F 728 64.65 -2.40 52.86
CA SER F 728 65.20 -3.61 52.32
C SER F 728 64.12 -4.35 51.53
N ILE F 729 64.53 -4.89 50.39
CA ILE F 729 63.59 -5.65 49.59
C ILE F 729 63.08 -6.76 50.48
N ARG F 730 63.97 -7.27 51.34
CA ARG F 730 63.64 -8.34 52.27
C ARG F 730 62.46 -7.96 53.18
N GLN F 731 62.57 -6.79 53.81
CA GLN F 731 61.53 -6.29 54.71
C GLN F 731 60.19 -6.23 53.98
N LEU F 732 60.19 -5.51 52.86
CA LEU F 732 59.00 -5.33 52.04
C LEU F 732 58.41 -6.64 51.51
N TYR F 733 59.24 -7.42 50.82
CA TYR F 733 58.83 -8.67 50.21
C TYR F 733 58.30 -9.70 51.20
N ASP F 734 58.90 -9.72 52.38
CA ASP F 734 58.51 -10.68 53.41
C ASP F 734 57.40 -10.27 54.38
N TYR F 735 57.19 -8.98 54.60
CA TYR F 735 56.15 -8.57 55.55
C TYR F 735 55.14 -7.53 55.06
N GLU F 736 55.48 -6.80 54.02
CA GLU F 736 54.59 -5.75 53.52
C GLU F 736 54.08 -5.97 52.12
N THR F 737 54.31 -7.16 51.57
CA THR F 737 53.84 -7.45 50.22
C THR F 737 52.81 -8.57 50.21
N GLU F 738 51.94 -8.51 49.21
CA GLU F 738 50.92 -9.52 49.00
C GLU F 738 51.28 -10.07 47.62
N VAL F 739 52.56 -10.42 47.47
CA VAL F 739 53.15 -10.93 46.21
C VAL F 739 52.22 -11.75 45.33
N SER F 740 51.38 -12.56 45.95
CA SER F 740 50.41 -13.36 45.21
C SER F 740 49.56 -12.50 44.25
N MET F 741 49.33 -11.24 44.64
CA MET F 741 48.53 -10.30 43.88
C MET F 741 49.29 -9.06 43.40
N ARG F 742 50.60 -9.18 43.33
CA ARG F 742 51.46 -8.10 42.87
C ARG F 742 51.19 -6.70 43.45
N MET F 743 51.12 -6.58 44.76
CA MET F 743 50.91 -5.27 45.38
C MET F 743 50.94 -5.28 46.89
N PRO F 744 51.18 -4.09 47.51
CA PRO F 744 51.25 -3.88 48.96
C PRO F 744 50.10 -4.46 49.77
N LYS F 745 50.42 -4.90 50.98
CA LYS F 745 49.43 -5.51 51.87
C LYS F 745 48.48 -4.44 52.46
N VAL F 746 49.00 -3.23 52.64
CA VAL F 746 48.20 -2.12 53.18
C VAL F 746 48.02 -1.03 52.14
N ILE F 747 46.76 -0.67 51.85
CA ILE F 747 46.43 0.39 50.88
C ILE F 747 46.42 1.73 51.61
N HIS F 748 47.04 2.75 51.01
CA HIS F 748 47.09 4.04 51.69
C HIS F 748 46.16 5.17 51.22
N TRP F 749 45.06 4.85 50.56
CA TRP F 749 44.15 5.90 50.07
C TRP F 749 42.65 5.65 50.30
N GLN F 750 42.31 4.66 51.12
CA GLN F 750 40.91 4.33 51.37
C GLN F 750 40.11 5.50 51.95
N ALA F 751 40.83 6.51 52.43
CA ALA F 751 40.19 7.66 53.05
C ALA F 751 39.62 8.63 52.03
N THR F 752 40.41 8.93 51.02
CA THR F 752 39.93 9.86 50.02
C THR F 752 38.80 9.21 49.21
N ARG F 753 38.68 7.89 49.23
CA ARG F 753 37.61 7.21 48.51
C ARG F 753 36.30 7.78 49.03
N LEU F 754 36.27 7.97 50.35
CA LEU F 754 35.12 8.49 51.07
C LEU F 754 34.85 9.96 50.76
N ILE F 755 35.92 10.75 50.74
CA ILE F 755 35.81 12.17 50.43
C ILE F 755 35.08 12.26 49.09
N ALA F 756 35.57 11.45 48.15
CA ALA F 756 35.04 11.40 46.80
C ALA F 756 33.54 11.18 46.76
N ASP F 757 33.06 10.15 47.46
CA ASP F 757 31.63 9.89 47.51
C ASP F 757 30.84 11.09 47.97
N HIS F 758 31.27 11.70 49.08
CA HIS F 758 30.61 12.88 49.66
C HIS F 758 30.50 14.05 48.68
N LEU F 759 31.60 14.36 47.99
CA LEU F 759 31.60 15.48 47.03
C LEU F 759 30.61 15.30 45.89
N VAL F 760 30.17 14.07 45.70
CA VAL F 760 29.29 13.78 44.60
C VAL F 760 27.93 13.26 45.10
N GLY F 761 27.81 13.10 46.41
CA GLY F 761 26.54 12.65 46.98
C GLY F 761 26.20 11.17 46.97
N ARG F 762 27.21 10.31 46.88
CA ARG F 762 26.97 8.87 46.85
C ARG F 762 26.98 8.25 48.26
N LYS F 763 26.17 7.20 48.44
CA LYS F 763 26.05 6.52 49.73
C LYS F 763 27.02 5.41 50.06
N ARG F 764 26.54 4.16 50.15
CA ARG F 764 27.41 3.05 50.52
C ARG F 764 28.64 3.05 49.63
N LYS G 5 2.85 -31.05 62.31
CA LYS G 5 1.71 -31.38 63.23
C LYS G 5 1.07 -32.67 62.75
N LYS G 6 0.66 -32.67 61.49
CA LYS G 6 0.07 -33.84 60.85
C LYS G 6 1.20 -34.70 60.27
N LYS G 7 1.22 -35.98 60.61
CA LYS G 7 2.25 -36.87 60.08
C LYS G 7 1.64 -37.69 58.95
N ILE G 8 2.42 -37.87 57.87
CA ILE G 8 1.98 -38.64 56.73
C ILE G 8 3.00 -39.70 56.38
N ALA G 9 2.52 -40.85 55.93
CA ALA G 9 3.38 -41.97 55.58
C ALA G 9 3.19 -42.46 54.14
N VAL G 10 4.30 -42.57 53.40
CA VAL G 10 4.32 -43.04 52.01
C VAL G 10 4.94 -44.41 51.93
N MET G 11 4.24 -45.29 51.26
CA MET G 11 4.71 -46.63 51.12
C MET G 11 4.71 -46.99 49.64
N THR G 12 5.65 -47.83 49.23
CA THR G 12 5.71 -48.21 47.84
C THR G 12 5.58 -49.73 47.75
N SER G 13 4.38 -50.19 47.45
CA SER G 13 4.08 -51.61 47.39
C SER G 13 3.83 -52.19 46.00
N GLY G 14 3.98 -53.52 45.88
CA GLY G 14 3.75 -54.21 44.63
C GLY G 14 4.96 -54.20 43.73
N GLY G 15 4.78 -54.44 42.44
CA GLY G 15 5.92 -54.40 41.54
C GLY G 15 6.38 -52.96 41.44
N ASP G 16 7.68 -52.73 41.49
CA ASP G 16 8.19 -51.36 41.39
C ASP G 16 8.02 -50.88 39.96
N SER G 17 8.20 -49.58 39.75
CA SER G 17 8.10 -49.04 38.40
C SER G 17 8.88 -47.72 38.32
N PRO G 18 9.48 -47.43 37.17
CA PRO G 18 10.25 -46.19 37.05
C PRO G 18 9.38 -45.00 37.42
N GLY G 19 9.90 -44.09 38.24
CA GLY G 19 9.14 -42.93 38.63
C GLY G 19 8.71 -42.93 40.09
N MET G 20 8.66 -44.09 40.74
CA MET G 20 8.23 -44.16 42.13
C MET G 20 9.04 -43.23 43.01
N ASN G 21 10.36 -43.26 42.88
CA ASN G 21 11.17 -42.38 43.71
C ASN G 21 10.72 -40.95 43.50
N ALA G 22 10.48 -40.58 42.26
CA ALA G 22 10.05 -39.24 41.96
C ALA G 22 8.75 -38.98 42.69
N ALA G 23 7.91 -40.00 42.74
CA ALA G 23 6.62 -39.91 43.42
C ALA G 23 6.77 -39.68 44.91
N VAL G 24 7.63 -40.48 45.53
CA VAL G 24 7.87 -40.37 46.96
C VAL G 24 8.50 -39.03 47.29
N ARG G 25 9.55 -38.68 46.57
CA ARG G 25 10.23 -37.40 46.78
C ARG G 25 9.25 -36.23 46.80
N ALA G 26 8.19 -36.31 46.01
CA ALA G 26 7.21 -35.25 45.96
C ALA G 26 6.44 -35.22 47.27
N VAL G 27 5.81 -36.35 47.59
CA VAL G 27 5.03 -36.48 48.81
C VAL G 27 5.78 -36.05 50.06
N VAL G 28 7.06 -36.42 50.16
CA VAL G 28 7.86 -36.02 51.30
C VAL G 28 7.93 -34.50 51.37
N ARG G 29 8.51 -33.89 50.34
CA ARG G 29 8.69 -32.47 50.30
C ARG G 29 7.44 -31.61 50.25
N THR G 30 6.39 -32.09 49.58
CA THR G 30 5.15 -31.33 49.52
C THR G 30 4.63 -31.27 50.93
N GLY G 31 4.75 -32.39 51.64
CA GLY G 31 4.31 -32.46 53.03
C GLY G 31 5.12 -31.52 53.90
N ILE G 32 6.42 -31.76 53.99
CA ILE G 32 7.28 -30.89 54.77
C ILE G 32 6.92 -29.42 54.51
N HIS G 33 6.78 -29.05 53.23
CA HIS G 33 6.45 -27.67 52.89
C HIS G 33 5.20 -27.18 53.60
N PHE G 34 4.18 -28.03 53.62
CA PHE G 34 2.93 -27.69 54.27
C PHE G 34 2.99 -28.05 55.75
N GLY G 35 4.18 -27.87 56.32
CA GLY G 35 4.37 -28.12 57.73
C GLY G 35 4.16 -29.52 58.25
N CYS G 36 3.65 -30.46 57.46
CA CYS G 36 3.48 -31.82 57.97
C CYS G 36 4.84 -32.52 58.25
N ASP G 37 4.75 -33.77 58.65
CA ASP G 37 5.92 -34.59 58.89
C ASP G 37 5.67 -35.82 58.03
N VAL G 38 6.66 -36.19 57.23
CA VAL G 38 6.45 -37.35 56.37
C VAL G 38 7.37 -38.52 56.75
N PHE G 39 6.79 -39.71 56.76
CA PHE G 39 7.49 -40.94 57.10
C PHE G 39 7.52 -41.93 55.96
N ALA G 40 8.70 -42.47 55.68
CA ALA G 40 8.85 -43.47 54.64
C ALA G 40 8.54 -44.85 55.23
N VAL G 41 8.02 -45.76 54.45
CA VAL G 41 7.74 -47.08 54.94
C VAL G 41 8.51 -48.08 54.07
N TYR G 42 9.57 -48.63 54.62
CA TYR G 42 10.39 -49.55 53.86
C TYR G 42 9.78 -50.90 53.64
N GLU G 43 10.17 -51.53 52.54
CA GLU G 43 9.69 -52.85 52.16
C GLU G 43 8.18 -53.01 52.12
N GLY G 44 7.49 -51.95 51.71
CA GLY G 44 6.05 -52.03 51.60
C GLY G 44 5.27 -52.43 52.83
N TYR G 45 4.15 -53.12 52.62
CA TYR G 45 3.30 -53.55 53.72
C TYR G 45 4.09 -54.29 54.76
N GLU G 46 5.03 -55.10 54.28
CA GLU G 46 5.88 -55.85 55.17
C GLU G 46 6.42 -54.88 56.20
N GLY G 47 7.15 -53.87 55.74
CA GLY G 47 7.71 -52.90 56.66
C GLY G 47 6.68 -52.18 57.52
N LEU G 48 5.48 -52.01 57.00
CA LEU G 48 4.42 -51.33 57.74
C LEU G 48 4.12 -52.23 58.93
N LEU G 49 4.06 -53.53 58.64
CA LEU G 49 3.79 -54.56 59.61
C LEU G 49 4.88 -54.52 60.70
N ARG G 50 6.12 -54.73 60.28
CA ARG G 50 7.29 -54.72 61.14
C ARG G 50 7.41 -53.47 62.02
N GLY G 51 6.60 -52.44 61.75
CA GLY G 51 6.66 -51.22 62.56
C GLY G 51 8.07 -50.71 62.77
N GLY G 52 8.21 -49.65 63.56
CA GLY G 52 9.48 -49.01 63.88
C GLY G 52 10.75 -49.35 63.10
N LYS G 53 11.54 -48.32 62.79
CA LYS G 53 12.77 -48.52 62.02
C LYS G 53 12.38 -48.79 60.58
N TYR G 54 11.51 -49.79 60.36
CA TYR G 54 10.99 -50.11 59.03
C TYR G 54 10.01 -49.01 58.65
N LEU G 55 10.06 -47.94 59.44
CA LEU G 55 9.20 -46.77 59.29
C LEU G 55 10.11 -45.59 59.68
N LYS G 56 10.24 -44.59 58.81
CA LYS G 56 11.17 -43.51 59.11
C LYS G 56 10.79 -42.07 58.76
N LYS G 57 11.09 -41.14 59.68
CA LYS G 57 10.84 -39.72 59.52
C LYS G 57 11.84 -39.28 58.45
N MET G 58 11.32 -38.69 57.35
CA MET G 58 12.14 -38.23 56.22
C MET G 58 12.51 -36.75 56.24
N ALA G 59 13.78 -36.46 55.99
CA ALA G 59 14.28 -35.10 55.96
C ALA G 59 14.07 -34.54 54.56
N TRP G 60 14.29 -33.25 54.37
CA TRP G 60 14.14 -32.65 53.05
C TRP G 60 15.16 -33.22 52.08
N GLU G 61 16.42 -33.31 52.52
CA GLU G 61 17.49 -33.83 51.70
C GLU G 61 17.46 -35.36 51.60
N ASP G 62 16.54 -36.00 52.30
CA ASP G 62 16.50 -37.45 52.29
C ASP G 62 16.09 -37.98 50.97
N VAL G 63 15.54 -37.10 50.13
CA VAL G 63 15.11 -37.47 48.77
C VAL G 63 15.79 -36.72 47.67
N ARG G 64 16.87 -36.00 47.95
CA ARG G 64 17.55 -35.28 46.88
C ARG G 64 18.08 -36.25 45.82
N GLY G 65 17.84 -35.92 44.54
CA GLY G 65 18.29 -36.75 43.43
C GLY G 65 17.38 -37.92 43.11
N TRP G 66 16.27 -38.06 43.84
CA TRP G 66 15.38 -39.19 43.61
C TRP G 66 14.63 -39.15 42.29
N LEU G 67 14.75 -38.02 41.59
CA LEU G 67 14.09 -37.87 40.30
C LEU G 67 14.76 -38.77 39.27
N SER G 68 16.07 -39.00 39.43
CA SER G 68 16.81 -39.83 38.50
C SER G 68 17.27 -41.19 39.01
N GLU G 69 16.44 -41.84 39.82
CA GLU G 69 16.76 -43.14 40.41
C GLU G 69 15.83 -44.27 39.97
N GLY G 70 16.41 -45.44 39.73
CA GLY G 70 15.59 -46.57 39.33
C GLY G 70 14.65 -47.06 40.44
N GLY G 71 13.90 -48.13 40.14
CA GLY G 71 12.95 -48.73 41.06
C GLY G 71 12.55 -47.82 42.21
N THR G 72 12.27 -48.43 43.37
CA THR G 72 11.89 -47.68 44.55
C THR G 72 12.96 -47.82 45.62
N LEU G 73 13.52 -46.69 46.02
CA LEU G 73 14.54 -46.64 47.03
C LEU G 73 14.05 -46.98 48.43
N ILE G 74 12.76 -47.24 48.60
CA ILE G 74 12.31 -47.59 49.91
C ILE G 74 11.76 -48.98 49.82
N GLY G 75 12.19 -49.68 48.77
CA GLY G 75 11.80 -51.07 48.55
C GLY G 75 10.34 -51.44 48.50
N THR G 76 10.07 -52.71 48.20
CA THR G 76 8.72 -53.20 48.10
C THR G 76 8.74 -54.70 48.32
N ALA G 77 8.33 -55.13 49.50
CA ALA G 77 8.27 -56.55 49.80
C ALA G 77 6.82 -56.98 49.90
N ARG G 78 6.59 -58.29 49.85
CA ARG G 78 5.25 -58.86 49.97
C ARG G 78 5.10 -59.33 51.43
N SER G 79 3.94 -59.07 52.04
CA SER G 79 3.75 -59.45 53.43
C SER G 79 2.54 -60.34 53.71
N MET G 80 2.79 -61.57 54.14
CA MET G 80 1.69 -62.51 54.46
C MET G 80 0.96 -62.01 55.72
N GLU G 81 1.75 -61.72 56.75
CA GLU G 81 1.25 -61.26 58.03
C GLU G 81 0.22 -60.14 57.89
N PHE G 82 0.33 -59.34 56.84
CA PHE G 82 -0.63 -58.26 56.66
C PHE G 82 -2.01 -58.82 56.32
N ARG G 83 -2.01 -60.00 55.71
CA ARG G 83 -3.26 -60.65 55.35
C ARG G 83 -4.14 -60.97 56.58
N LYS G 84 -3.53 -61.13 57.75
CA LYS G 84 -4.29 -61.38 58.97
C LYS G 84 -4.52 -60.08 59.75
N ARG G 85 -5.75 -59.88 60.24
CA ARG G 85 -6.13 -58.69 60.99
C ARG G 85 -5.12 -58.36 62.10
N GLU G 86 -4.47 -59.40 62.62
CA GLU G 86 -3.48 -59.19 63.67
C GLU G 86 -2.46 -58.21 63.07
N GLY G 87 -1.91 -58.59 61.91
CA GLY G 87 -0.92 -57.76 61.23
C GLY G 87 -1.42 -56.37 60.96
N ARG G 88 -2.62 -56.27 60.40
CA ARG G 88 -3.18 -54.96 60.12
C ARG G 88 -3.21 -54.14 61.42
N ARG G 89 -3.84 -54.71 62.45
CA ARG G 89 -3.94 -54.04 63.75
C ARG G 89 -2.51 -53.72 64.16
N GLN G 90 -1.65 -54.73 64.02
CA GLN G 90 -0.25 -54.60 64.36
C GLN G 90 0.29 -53.27 63.82
N ALA G 91 0.30 -53.18 62.49
CA ALA G 91 0.77 -52.00 61.79
C ALA G 91 0.07 -50.73 62.31
N ALA G 92 -1.26 -50.74 62.23
CA ALA G 92 -2.06 -49.61 62.69
C ALA G 92 -1.47 -49.01 63.96
N GLY G 93 -1.00 -49.91 64.83
CA GLY G 93 -0.39 -49.47 66.07
C GLY G 93 0.87 -48.67 65.81
N ASN G 94 1.72 -49.23 64.94
CA ASN G 94 3.00 -48.62 64.59
C ASN G 94 2.84 -47.19 64.09
N LEU G 95 1.78 -46.95 63.32
CA LEU G 95 1.49 -45.62 62.76
C LEU G 95 1.00 -44.72 63.89
N ILE G 96 -0.02 -45.22 64.58
CA ILE G 96 -0.60 -44.49 65.70
C ILE G 96 0.54 -44.17 66.66
N SER G 97 1.49 -45.10 66.79
CA SER G 97 2.65 -44.92 67.67
C SER G 97 3.49 -43.68 67.31
N GLN G 98 3.49 -43.36 66.02
CA GLN G 98 4.25 -42.22 65.52
C GLN G 98 3.41 -40.96 65.33
N GLY G 99 2.11 -41.10 65.52
CA GLY G 99 1.22 -39.96 65.36
C GLY G 99 0.92 -39.81 63.89
N ILE G 100 0.74 -40.94 63.22
CA ILE G 100 0.45 -40.96 61.80
C ILE G 100 -0.98 -41.40 61.54
N ASP G 101 -1.69 -40.58 60.78
CA ASP G 101 -3.09 -40.83 60.43
C ASP G 101 -3.38 -40.53 58.96
N ALA G 102 -2.34 -40.62 58.13
CA ALA G 102 -2.43 -40.42 56.68
C ALA G 102 -1.47 -41.35 55.93
N LEU G 103 -2.03 -42.20 55.09
CA LEU G 103 -1.22 -43.16 54.34
C LEU G 103 -1.28 -42.96 52.82
N VAL G 104 -0.15 -42.62 52.21
CA VAL G 104 -0.07 -42.43 50.75
C VAL G 104 0.55 -43.67 50.13
N VAL G 105 -0.26 -44.50 49.48
CA VAL G 105 0.26 -45.71 48.86
C VAL G 105 0.45 -45.60 47.37
N CYS G 106 1.67 -45.89 46.91
CA CYS G 106 2.00 -45.82 45.47
C CYS G 106 2.41 -47.19 44.93
N GLY G 107 1.55 -47.79 44.10
CA GLY G 107 1.89 -49.11 43.59
C GLY G 107 0.91 -49.71 42.60
N GLY G 108 1.07 -51.01 42.36
CA GLY G 108 0.20 -51.72 41.44
C GLY G 108 -1.25 -51.67 41.86
N ASP G 109 -2.15 -52.06 40.96
CA ASP G 109 -3.57 -52.04 41.26
C ASP G 109 -3.87 -52.79 42.56
N GLY G 110 -3.19 -53.91 42.76
CA GLY G 110 -3.37 -54.69 43.96
C GLY G 110 -3.21 -53.82 45.19
N SER G 111 -1.97 -53.42 45.42
CA SER G 111 -1.67 -52.61 46.59
C SER G 111 -2.71 -51.55 46.84
N LEU G 112 -3.20 -50.94 45.77
CA LEU G 112 -4.19 -49.89 45.86
C LEU G 112 -5.50 -50.37 46.51
N THR G 113 -5.89 -51.60 46.17
CA THR G 113 -7.11 -52.19 46.75
C THR G 113 -6.94 -52.36 48.28
N GLY G 114 -5.99 -53.22 48.64
CA GLY G 114 -5.73 -53.48 50.03
C GLY G 114 -5.64 -52.21 50.82
N ALA G 115 -5.19 -51.13 50.18
CA ALA G 115 -5.05 -49.87 50.89
C ALA G 115 -6.39 -49.24 51.26
N ASP G 116 -7.48 -49.74 50.71
CA ASP G 116 -8.81 -49.21 51.05
C ASP G 116 -9.37 -50.05 52.20
N LEU G 117 -9.25 -51.37 52.04
CA LEU G 117 -9.71 -52.30 53.06
C LEU G 117 -9.12 -51.86 54.38
N PHE G 118 -7.94 -51.24 54.31
CA PHE G 118 -7.28 -50.78 55.53
C PHE G 118 -8.02 -49.60 56.17
N ARG G 119 -8.18 -48.52 55.42
CA ARG G 119 -8.85 -47.32 55.94
C ARG G 119 -10.26 -47.73 56.37
N HIS G 120 -10.88 -48.59 55.55
CA HIS G 120 -12.20 -49.10 55.86
C HIS G 120 -11.99 -50.32 56.74
N GLU G 121 -11.60 -50.04 57.99
CA GLU G 121 -11.31 -51.10 58.96
C GLU G 121 -10.38 -50.56 60.03
N TRP G 122 -9.97 -49.30 59.87
CA TRP G 122 -9.05 -48.71 60.83
C TRP G 122 -9.67 -48.45 62.20
N PRO G 123 -10.73 -47.62 62.28
CA PRO G 123 -11.36 -47.34 63.59
C PRO G 123 -11.56 -48.66 64.35
N SER G 124 -12.11 -49.65 63.64
CA SER G 124 -12.33 -50.99 64.17
C SER G 124 -11.04 -51.48 64.90
N LEU G 125 -9.95 -51.54 64.13
CA LEU G 125 -8.67 -51.96 64.67
C LEU G 125 -8.20 -51.02 65.74
N VAL G 126 -8.67 -49.77 65.68
CA VAL G 126 -8.26 -48.80 66.70
C VAL G 126 -8.84 -49.19 68.06
N ASP G 127 -10.08 -49.71 68.04
CA ASP G 127 -10.76 -50.15 69.26
C ASP G 127 -9.94 -51.23 69.97
N GLU G 128 -9.60 -52.28 69.21
CA GLU G 128 -8.80 -53.38 69.74
C GLU G 128 -7.58 -52.88 70.53
N LEU G 129 -6.84 -51.93 69.94
CA LEU G 129 -5.64 -51.36 70.56
C LEU G 129 -5.95 -50.60 71.87
N VAL G 130 -7.10 -49.93 71.88
CA VAL G 130 -7.58 -49.19 73.05
C VAL G 130 -7.76 -50.29 74.07
N ALA G 131 -8.48 -51.34 73.64
CA ALA G 131 -8.75 -52.52 74.46
C ALA G 131 -7.42 -53.20 74.79
N GLU G 132 -7.23 -54.42 74.31
CA GLU G 132 -5.99 -55.13 74.56
C GLU G 132 -4.84 -54.12 74.75
N GLY G 133 -4.56 -53.81 76.02
CA GLY G 133 -3.50 -52.89 76.41
C GLY G 133 -3.24 -51.81 75.40
N ARG G 134 -2.11 -51.94 74.70
CA ARG G 134 -1.68 -51.04 73.61
C ARG G 134 -1.83 -49.52 73.79
N PHE G 135 -3.03 -49.00 73.50
CA PHE G 135 -3.27 -47.57 73.62
C PHE G 135 -4.52 -47.17 74.39
N THR G 136 -4.42 -46.04 75.09
CA THR G 136 -5.53 -45.50 75.86
C THR G 136 -6.53 -44.89 74.86
N LYS G 137 -7.80 -44.79 75.26
CA LYS G 137 -8.82 -44.20 74.38
C LYS G 137 -8.38 -42.74 74.12
N GLU G 138 -7.73 -42.16 75.14
CA GLU G 138 -7.24 -40.77 75.14
C GLU G 138 -6.15 -40.50 74.09
N GLU G 139 -5.15 -41.39 74.01
CA GLU G 139 -4.05 -41.26 73.05
C GLU G 139 -4.60 -41.48 71.63
N VAL G 140 -5.27 -42.61 71.46
CA VAL G 140 -5.84 -43.00 70.19
C VAL G 140 -6.96 -42.04 69.76
N ALA G 141 -7.13 -40.94 70.50
CA ALA G 141 -8.17 -39.95 70.20
C ALA G 141 -8.06 -39.25 68.84
N PRO G 142 -7.11 -38.30 68.69
CA PRO G 142 -6.92 -37.55 67.43
C PRO G 142 -6.62 -38.43 66.19
N TYR G 143 -5.97 -39.57 66.45
CA TYR G 143 -5.59 -40.51 65.41
C TYR G 143 -6.68 -41.54 65.19
N LYS G 144 -7.93 -41.06 65.24
CA LYS G 144 -9.10 -41.91 65.07
C LYS G 144 -9.38 -42.42 63.65
N ASN G 145 -9.38 -41.51 62.67
CA ASN G 145 -9.65 -41.90 61.28
C ASN G 145 -8.41 -41.87 60.38
N LEU G 146 -8.39 -42.76 59.40
CA LEU G 146 -7.27 -42.87 58.45
C LEU G 146 -7.52 -42.10 57.17
N SER G 147 -6.48 -41.41 56.71
CA SER G 147 -6.53 -40.66 55.46
C SER G 147 -5.77 -41.53 54.45
N ILE G 148 -6.39 -41.82 53.30
CA ILE G 148 -5.76 -42.67 52.27
C ILE G 148 -5.82 -42.16 50.84
N VAL G 149 -4.62 -42.02 50.26
CA VAL G 149 -4.45 -41.55 48.89
C VAL G 149 -3.66 -42.57 48.10
N GLY G 150 -4.20 -43.00 46.96
CA GLY G 150 -3.48 -43.95 46.13
C GLY G 150 -2.81 -43.29 44.92
N LEU G 151 -1.66 -43.83 44.50
CA LEU G 151 -0.93 -43.38 43.32
C LEU G 151 -0.68 -44.67 42.56
N VAL G 152 -0.95 -44.67 41.25
CA VAL G 152 -0.75 -45.90 40.51
C VAL G 152 0.67 -45.99 39.92
N GLY G 153 1.48 -46.85 40.52
CA GLY G 153 2.84 -47.07 40.07
C GLY G 153 2.86 -48.40 39.36
N SER G 154 2.77 -48.35 38.03
CA SER G 154 2.77 -49.59 37.27
C SER G 154 3.21 -49.32 35.85
N ILE G 155 3.86 -50.30 35.23
CA ILE G 155 4.31 -50.14 33.85
C ILE G 155 3.23 -50.66 32.90
N ASP G 156 2.24 -51.38 33.44
CA ASP G 156 1.19 -51.94 32.62
C ASP G 156 0.09 -51.01 32.22
N ASN G 157 0.04 -49.83 32.84
CA ASN G 157 -1.02 -48.86 32.49
C ASN G 157 -2.37 -49.58 32.31
N ASP G 158 -2.69 -50.43 33.28
CA ASP G 158 -3.91 -51.24 33.27
C ASP G 158 -4.91 -50.83 34.34
N MET G 159 -4.84 -49.57 34.76
CA MET G 159 -5.75 -49.05 35.78
C MET G 159 -6.83 -48.18 35.15
N SER G 160 -7.90 -48.83 34.69
CA SER G 160 -9.02 -48.12 34.06
C SER G 160 -9.40 -46.98 34.96
N GLY G 161 -9.50 -45.79 34.40
CA GLY G 161 -9.84 -44.62 35.19
C GLY G 161 -8.85 -43.51 34.94
N THR G 162 -7.57 -43.87 34.85
CA THR G 162 -6.52 -42.88 34.60
C THR G 162 -5.87 -43.18 33.24
N ASP G 163 -5.54 -42.13 32.51
CA ASP G 163 -4.95 -42.28 31.19
C ASP G 163 -3.54 -42.84 31.17
N SER G 164 -2.80 -42.61 32.24
CA SER G 164 -1.42 -43.05 32.26
C SER G 164 -0.94 -43.44 33.66
N THR G 165 -0.36 -44.62 33.81
CA THR G 165 0.15 -45.04 35.12
C THR G 165 1.66 -44.77 35.25
N ILE G 166 2.10 -44.21 36.36
CA ILE G 166 3.53 -43.94 36.55
C ILE G 166 4.38 -45.14 36.15
N GLY G 167 5.29 -44.90 35.21
CA GLY G 167 6.18 -45.94 34.75
C GLY G 167 5.88 -46.61 33.43
N ALA G 168 4.63 -46.54 32.97
CA ALA G 168 4.23 -47.16 31.69
C ALA G 168 5.05 -46.65 30.48
N TYR G 169 5.20 -45.33 30.39
CA TYR G 169 5.99 -44.76 29.32
C TYR G 169 7.47 -45.12 29.43
N SER G 170 7.96 -45.25 30.66
CA SER G 170 9.36 -45.63 30.87
C SER G 170 9.56 -47.05 30.30
N ALA G 171 8.73 -47.97 30.74
CA ALA G 171 8.87 -49.34 30.28
C ALA G 171 8.76 -49.35 28.75
N LEU G 172 7.86 -48.54 28.20
CA LEU G 172 7.66 -48.51 26.75
C LEU G 172 8.99 -48.20 26.11
N GLU G 173 9.56 -47.09 26.57
CA GLU G 173 10.82 -46.60 26.07
C GLU G 173 11.81 -47.74 26.10
N ARG G 174 11.87 -48.47 27.20
CA ARG G 174 12.79 -49.60 27.30
C ARG G 174 12.51 -50.62 26.21
N ILE G 175 11.23 -50.90 25.96
CA ILE G 175 10.88 -51.86 24.93
C ILE G 175 11.44 -51.40 23.60
N CYS G 176 11.21 -50.14 23.27
CA CYS G 176 11.69 -49.59 22.01
C CYS G 176 13.19 -49.72 21.87
N GLU G 177 13.92 -49.38 22.94
CA GLU G 177 15.37 -49.48 22.91
C GLU G 177 15.75 -50.93 22.55
N MET G 178 15.25 -51.88 23.32
CA MET G 178 15.58 -53.25 23.03
C MET G 178 15.22 -53.63 21.57
N VAL G 179 14.01 -53.31 21.12
CA VAL G 179 13.64 -53.69 19.76
C VAL G 179 14.53 -53.00 18.75
N ASP G 180 14.81 -51.71 18.96
CA ASP G 180 15.72 -51.00 18.07
C ASP G 180 17.02 -51.77 17.91
N TYR G 181 17.52 -52.39 18.98
CA TYR G 181 18.77 -53.16 18.91
C TYR G 181 18.52 -54.31 17.97
N ILE G 182 17.54 -55.12 18.34
CA ILE G 182 17.18 -56.29 17.58
C ILE G 182 17.12 -55.98 16.09
N ASP G 183 16.53 -54.85 15.77
CA ASP G 183 16.40 -54.45 14.39
C ASP G 183 17.68 -54.58 13.59
N ALA G 184 18.78 -54.09 14.10
CA ALA G 184 20.02 -54.19 13.33
C ALA G 184 20.36 -55.62 12.94
N THR G 185 20.33 -56.53 13.90
CA THR G 185 20.69 -57.89 13.61
C THR G 185 19.63 -58.60 12.79
N ALA G 186 18.36 -58.31 13.07
CA ALA G 186 17.24 -58.91 12.34
C ALA G 186 17.33 -58.54 10.85
N LYS G 187 17.65 -57.28 10.58
CA LYS G 187 17.81 -56.76 9.23
C LYS G 187 18.91 -57.51 8.50
N SER G 188 20.07 -57.70 9.15
CA SER G 188 21.23 -58.40 8.58
C SER G 188 20.87 -59.80 8.06
N HIS G 189 20.14 -60.57 8.86
CA HIS G 189 19.80 -61.94 8.49
C HIS G 189 18.43 -62.04 7.86
N SER G 190 17.84 -60.90 7.54
CA SER G 190 16.50 -60.89 6.94
C SER G 190 15.57 -61.84 7.67
N ARG G 191 15.58 -61.80 9.00
CA ARG G 191 14.75 -62.68 9.83
C ARG G 191 13.46 -62.06 10.33
N ALA G 192 12.76 -62.80 11.17
CA ALA G 192 11.54 -62.30 11.75
C ALA G 192 11.68 -62.54 13.21
N PHE G 193 11.50 -61.50 14.03
CA PHE G 193 11.58 -61.66 15.47
C PHE G 193 10.22 -61.49 16.11
N VAL G 194 9.88 -62.45 17.01
CA VAL G 194 8.66 -62.37 17.78
C VAL G 194 9.15 -61.87 19.13
N VAL G 195 8.75 -60.66 19.50
CA VAL G 195 9.20 -60.06 20.77
C VAL G 195 8.14 -60.04 21.86
N GLU G 196 8.37 -60.74 22.96
CA GLU G 196 7.41 -60.77 24.04
C GLU G 196 7.56 -59.63 25.04
N VAL G 197 6.50 -58.88 25.26
CA VAL G 197 6.60 -57.77 26.22
C VAL G 197 5.65 -57.92 27.40
N MET G 198 6.05 -57.33 28.51
CA MET G 198 5.25 -57.36 29.72
C MET G 198 3.96 -56.56 29.52
N GLY G 199 3.11 -56.60 30.54
CA GLY G 199 1.86 -55.89 30.49
C GLY G 199 0.79 -56.59 31.29
N ARG G 200 1.15 -57.72 31.89
CA ARG G 200 0.21 -58.48 32.70
C ARG G 200 -0.93 -58.84 31.77
N HIS G 201 -2.12 -58.36 32.05
CA HIS G 201 -3.23 -58.68 31.19
C HIS G 201 -3.63 -57.46 30.39
N CYS G 202 -2.66 -56.61 30.08
CA CYS G 202 -2.96 -55.40 29.34
C CYS G 202 -2.02 -55.26 28.15
N GLY G 203 -2.61 -54.95 27.00
CA GLY G 203 -1.82 -54.80 25.79
C GLY G 203 -1.37 -53.39 25.45
N TRP G 204 -1.64 -52.41 26.32
CA TRP G 204 -1.21 -51.03 26.06
C TRP G 204 0.26 -50.99 25.65
N LEU G 205 1.11 -51.62 26.46
CA LEU G 205 2.54 -51.71 26.20
C LEU G 205 2.81 -52.35 24.84
N ALA G 206 2.17 -53.47 24.54
CA ALA G 206 2.41 -54.12 23.24
C ALA G 206 1.94 -53.20 22.11
N LEU G 207 0.72 -52.70 22.23
CA LEU G 207 0.11 -51.82 21.26
C LEU G 207 0.97 -50.60 21.04
N MET G 208 1.45 -49.97 22.09
CA MET G 208 2.30 -48.79 21.86
C MET G 208 3.58 -49.20 21.12
N ALA G 209 4.23 -50.24 21.61
CA ALA G 209 5.45 -50.75 21.03
C ALA G 209 5.21 -51.20 19.59
N GLY G 210 4.02 -51.72 19.31
CA GLY G 210 3.72 -52.15 17.96
C GLY G 210 3.83 -50.96 17.00
N ILE G 211 3.17 -49.87 17.37
CA ILE G 211 3.19 -48.67 16.56
C ILE G 211 4.58 -48.06 16.53
N ALA G 212 5.24 -48.06 17.66
CA ALA G 212 6.53 -47.43 17.80
C ALA G 212 7.73 -48.15 17.22
N THR G 213 7.55 -49.39 16.80
CA THR G 213 8.66 -50.12 16.24
C THR G 213 8.41 -50.51 14.80
N GLY G 214 7.31 -50.05 14.23
CA GLY G 214 7.00 -50.42 12.86
C GLY G 214 6.67 -51.90 12.76
N ALA G 215 6.12 -52.46 13.82
CA ALA G 215 5.78 -53.87 13.83
C ALA G 215 4.92 -54.28 12.64
N ASP G 216 5.00 -55.55 12.27
CA ASP G 216 4.21 -56.07 11.18
C ASP G 216 2.89 -56.53 11.72
N TYR G 217 2.82 -56.79 13.02
CA TYR G 217 1.59 -57.32 13.59
C TYR G 217 1.73 -57.27 15.08
N ILE G 218 0.61 -57.25 15.81
CA ILE G 218 0.70 -57.30 17.27
C ILE G 218 -0.25 -58.33 17.76
N PHE G 219 -0.24 -58.57 19.06
CA PHE G 219 -1.13 -59.54 19.69
C PHE G 219 -1.48 -59.00 21.07
N ILE G 220 -2.70 -58.50 21.23
CA ILE G 220 -3.10 -58.00 22.52
C ILE G 220 -4.42 -58.67 22.92
N PRO G 221 -4.63 -58.87 24.22
CA PRO G 221 -5.86 -59.49 24.74
C PRO G 221 -7.14 -58.69 24.44
N GLU G 222 -7.08 -57.37 24.61
CA GLU G 222 -8.26 -56.55 24.36
C GLU G 222 -8.78 -56.73 22.94
N ARG G 223 -8.11 -57.59 22.18
CA ARG G 223 -8.49 -57.84 20.79
C ARG G 223 -8.15 -59.27 20.42
N ALA G 224 -8.60 -60.22 21.22
CA ALA G 224 -8.32 -61.64 20.99
C ALA G 224 -8.33 -61.97 19.52
N VAL G 225 -7.29 -62.59 19.03
CA VAL G 225 -7.25 -62.87 17.60
C VAL G 225 -8.18 -64.00 17.21
N PRO G 226 -8.60 -64.04 15.93
CA PRO G 226 -9.48 -65.07 15.41
C PRO G 226 -8.96 -66.46 15.86
N HIS G 227 -9.55 -66.97 16.93
CA HIS G 227 -9.20 -68.23 17.53
C HIS G 227 -8.50 -69.26 16.66
N GLY G 228 -8.88 -69.41 15.40
CA GLY G 228 -8.13 -70.40 14.61
C GLY G 228 -7.53 -69.89 13.30
N LYS G 229 -7.93 -68.69 12.91
CA LYS G 229 -7.51 -68.11 11.65
C LYS G 229 -6.35 -67.11 11.65
N TRP G 230 -5.90 -66.68 12.83
CA TRP G 230 -4.80 -65.68 12.89
C TRP G 230 -3.41 -66.03 12.32
N GLN G 231 -3.04 -67.31 12.32
CA GLN G 231 -1.73 -67.68 11.78
C GLN G 231 -1.60 -67.45 10.27
N ASP G 232 -2.71 -67.45 9.55
CA ASP G 232 -2.62 -67.19 8.14
C ASP G 232 -2.66 -65.69 7.92
N GLU G 233 -3.52 -64.99 8.66
CA GLU G 233 -3.61 -63.54 8.50
C GLU G 233 -2.21 -62.99 8.73
N LEU G 234 -1.53 -63.55 9.72
CA LEU G 234 -0.16 -63.17 10.08
C LEU G 234 0.82 -63.47 8.95
N LYS G 235 0.90 -64.74 8.55
CA LYS G 235 1.80 -65.10 7.46
C LYS G 235 1.55 -64.20 6.25
N GLU G 236 0.27 -64.04 5.88
CA GLU G 236 -0.17 -63.20 4.77
C GLU G 236 0.49 -61.82 4.87
N VAL G 237 0.28 -61.15 6.00
CA VAL G 237 0.86 -59.84 6.21
C VAL G 237 2.38 -59.84 6.06
N CYS G 238 3.06 -60.70 6.82
CA CYS G 238 4.50 -60.72 6.72
C CYS G 238 4.96 -60.93 5.30
N GLN G 239 4.39 -61.96 4.66
CA GLN G 239 4.73 -62.28 3.29
C GLN G 239 4.62 -61.01 2.44
N ARG G 240 3.42 -60.44 2.37
CA ARG G 240 3.19 -59.25 1.58
C ARG G 240 4.26 -58.19 1.86
N HIS G 241 4.55 -57.93 3.14
CA HIS G 241 5.53 -56.92 3.44
C HIS G 241 6.91 -57.28 2.91
N ARG G 242 7.26 -58.56 3.04
CA ARG G 242 8.58 -58.98 2.62
C ARG G 242 8.70 -58.79 1.14
N SER G 243 7.62 -59.03 0.44
CA SER G 243 7.67 -58.91 -1.00
C SER G 243 7.77 -57.46 -1.43
N LYS G 244 7.39 -56.54 -0.56
CA LYS G 244 7.48 -55.14 -0.93
C LYS G 244 8.88 -54.68 -0.64
N GLY G 245 9.69 -55.60 -0.12
CA GLY G 245 11.08 -55.27 0.18
C GLY G 245 11.51 -55.39 1.62
N ARG G 246 10.56 -55.51 2.52
CA ARG G 246 10.94 -55.61 3.90
C ARG G 246 11.85 -56.83 4.06
N ARG G 247 12.96 -56.67 4.77
CA ARG G 247 13.87 -57.78 5.02
C ARG G 247 13.48 -58.54 6.27
N ASN G 248 13.22 -57.82 7.35
CA ASN G 248 12.90 -58.49 8.59
C ASN G 248 11.49 -58.14 9.04
N ASN G 249 10.89 -59.05 9.80
CA ASN G 249 9.56 -58.83 10.32
C ASN G 249 9.73 -58.72 11.82
N THR G 250 8.81 -57.99 12.43
CA THR G 250 8.81 -57.77 13.87
C THR G 250 7.37 -57.88 14.36
N ILE G 251 7.10 -58.85 15.19
CA ILE G 251 5.76 -59.03 15.72
C ILE G 251 5.84 -58.82 17.22
N ILE G 252 5.00 -57.98 17.77
CA ILE G 252 5.09 -57.79 19.21
C ILE G 252 3.98 -58.58 19.89
N VAL G 253 4.34 -59.46 20.81
CA VAL G 253 3.35 -60.30 21.49
C VAL G 253 3.23 -59.96 22.95
N ALA G 254 2.03 -59.61 23.40
CA ALA G 254 1.86 -59.28 24.81
C ALA G 254 1.79 -60.56 25.66
N GLU G 255 2.19 -60.47 26.92
CA GLU G 255 2.13 -61.63 27.82
C GLU G 255 0.70 -62.15 27.85
N GLY G 256 -0.25 -61.23 28.04
CA GLY G 256 -1.63 -61.63 28.13
C GLY G 256 -2.32 -61.88 26.80
N ALA G 257 -1.55 -62.13 25.76
CA ALA G 257 -2.15 -62.38 24.47
C ALA G 257 -2.97 -63.66 24.53
N LEU G 258 -4.14 -63.63 23.89
CA LEU G 258 -5.04 -64.78 23.80
C LEU G 258 -6.00 -64.65 22.60
N ASP G 259 -6.62 -65.76 22.21
CA ASP G 259 -7.53 -65.73 21.08
C ASP G 259 -9.01 -65.70 21.49
N ASP G 260 -9.89 -65.87 20.51
CA ASP G 260 -11.35 -65.89 20.68
C ASP G 260 -11.76 -66.75 21.83
N GLN G 261 -11.35 -68.01 21.77
CA GLN G 261 -11.69 -69.00 22.78
C GLN G 261 -10.92 -68.86 24.07
N LEU G 262 -10.26 -67.71 24.27
CA LEU G 262 -9.49 -67.49 25.50
C LEU G 262 -8.26 -68.41 25.68
N ASN G 263 -7.79 -68.99 24.57
CA ASN G 263 -6.59 -69.82 24.58
C ASN G 263 -5.45 -68.82 24.47
N PRO G 264 -4.45 -68.95 25.32
CA PRO G 264 -3.33 -68.01 25.25
C PRO G 264 -2.55 -68.13 23.97
N VAL G 265 -2.24 -67.00 23.35
CA VAL G 265 -1.44 -67.01 22.13
C VAL G 265 -0.03 -66.71 22.55
N THR G 266 0.81 -67.74 22.44
CA THR G 266 2.22 -67.72 22.81
C THR G 266 3.24 -67.22 21.81
N ALA G 267 4.29 -66.58 22.32
CA ALA G 267 5.37 -66.10 21.48
C ALA G 267 5.80 -67.25 20.56
N ASN G 268 5.89 -68.46 21.09
CA ASN G 268 6.27 -69.60 20.24
C ASN G 268 5.16 -70.06 19.33
N ASP G 269 3.90 -69.86 19.73
CA ASP G 269 2.78 -70.23 18.84
C ASP G 269 3.03 -69.37 17.60
N VAL G 270 3.16 -68.06 17.83
CA VAL G 270 3.45 -67.09 16.79
C VAL G 270 4.71 -67.54 16.03
N LYS G 271 5.79 -67.84 16.75
CA LYS G 271 7.02 -68.30 16.09
C LYS G 271 6.78 -69.52 15.17
N ASP G 272 6.12 -70.55 15.70
CA ASP G 272 5.88 -71.74 14.92
C ASP G 272 5.22 -71.39 13.59
N ALA G 273 4.19 -70.57 13.65
CA ALA G 273 3.44 -70.14 12.46
C ALA G 273 4.36 -69.54 11.45
N LEU G 274 5.22 -68.63 11.90
CA LEU G 274 6.15 -68.01 10.98
C LEU G 274 7.17 -69.05 10.44
N ILE G 275 7.63 -69.96 11.31
CA ILE G 275 8.58 -70.95 10.86
C ILE G 275 7.89 -71.71 9.75
N GLU G 276 6.60 -71.98 9.96
CA GLU G 276 5.85 -72.70 8.96
C GLU G 276 5.87 -71.99 7.62
N LEU G 277 5.70 -70.68 7.61
CA LEU G 277 5.72 -69.97 6.33
C LEU G 277 7.14 -70.00 5.70
N GLY G 278 8.11 -70.46 6.49
CA GLY G 278 9.47 -70.58 6.02
C GLY G 278 10.45 -69.47 6.30
N LEU G 279 10.12 -68.64 7.29
CA LEU G 279 11.00 -67.55 7.65
C LEU G 279 11.93 -67.95 8.82
N ASP G 280 13.18 -67.47 8.78
CA ASP G 280 14.16 -67.70 9.85
C ASP G 280 13.56 -66.92 11.03
N THR G 281 13.06 -67.63 12.03
CA THR G 281 12.40 -66.95 13.13
C THR G 281 12.96 -67.13 14.52
N LYS G 282 13.03 -66.04 15.25
CA LYS G 282 13.56 -66.08 16.62
C LYS G 282 12.53 -65.48 17.60
N VAL G 283 12.68 -65.81 18.88
CA VAL G 283 11.77 -65.29 19.90
C VAL G 283 12.53 -64.60 21.01
N THR G 284 12.20 -63.36 21.32
CA THR G 284 12.93 -62.71 22.38
C THR G 284 12.01 -62.32 23.49
N ILE G 285 12.37 -62.65 24.73
CA ILE G 285 11.55 -62.27 25.84
C ILE G 285 12.34 -61.20 26.58
N LEU G 286 11.99 -59.94 26.43
CA LEU G 286 12.74 -58.87 27.08
C LEU G 286 12.79 -58.99 28.59
N GLY G 287 11.80 -59.64 29.19
CA GLY G 287 11.82 -59.72 30.64
C GLY G 287 11.90 -58.39 31.40
N HIS G 288 12.54 -58.42 32.56
CA HIS G 288 12.60 -57.25 33.41
C HIS G 288 13.39 -56.03 33.01
N VAL G 289 13.94 -56.02 31.80
CA VAL G 289 14.65 -54.82 31.39
C VAL G 289 13.57 -53.74 31.30
N GLN G 290 12.32 -54.21 31.26
CA GLN G 290 11.15 -53.34 31.16
C GLN G 290 10.75 -52.71 32.49
N ARG G 291 11.44 -53.10 33.56
CA ARG G 291 11.13 -52.58 34.89
C ARG G 291 12.23 -51.69 35.41
N GLY G 292 13.42 -51.82 34.83
CA GLY G 292 14.53 -51.02 35.30
C GLY G 292 14.69 -49.67 34.60
N GLY G 293 15.83 -49.05 34.81
CA GLY G 293 16.09 -47.78 34.17
C GLY G 293 15.45 -46.67 34.94
N THR G 294 15.96 -45.46 34.77
CA THR G 294 15.41 -44.31 35.45
C THR G 294 14.11 -43.94 34.76
N ALA G 295 13.40 -42.97 35.31
CA ALA G 295 12.12 -42.58 34.74
C ALA G 295 12.36 -41.65 33.58
N VAL G 296 11.50 -41.76 32.56
CA VAL G 296 11.58 -40.88 31.39
C VAL G 296 10.84 -39.58 31.76
N ALA G 297 11.14 -38.49 31.04
CA ALA G 297 10.54 -37.20 31.36
C ALA G 297 9.06 -37.29 31.68
N HIS G 298 8.31 -38.07 30.93
CA HIS G 298 6.89 -38.14 31.23
C HIS G 298 6.63 -38.68 32.62
N ASP G 299 7.26 -39.82 32.98
CA ASP G 299 7.01 -40.39 34.31
C ASP G 299 7.54 -39.48 35.41
N ARG G 300 8.71 -38.87 35.24
CA ARG G 300 9.19 -37.99 36.29
C ARG G 300 8.13 -36.92 36.50
N TRP G 301 7.77 -36.24 35.41
CA TRP G 301 6.73 -35.22 35.44
C TRP G 301 5.43 -35.76 36.11
N LEU G 302 4.92 -36.87 35.60
CA LEU G 302 3.67 -37.44 36.14
C LEU G 302 3.74 -37.76 37.61
N ALA G 303 4.81 -38.45 38.00
CA ALA G 303 4.98 -38.85 39.38
C ALA G 303 5.13 -37.62 40.24
N THR G 304 5.96 -36.67 39.83
CA THR G 304 6.13 -35.48 40.66
C THR G 304 4.81 -34.76 40.91
N LEU G 305 4.05 -34.50 39.87
CA LEU G 305 2.78 -33.80 40.06
C LEU G 305 1.82 -34.64 40.85
N GLN G 306 1.56 -35.86 40.44
CA GLN G 306 0.64 -36.68 41.21
C GLN G 306 1.04 -36.77 42.69
N GLY G 307 2.34 -36.79 42.96
CA GLY G 307 2.81 -36.89 44.32
C GLY G 307 2.35 -35.68 45.11
N VAL G 308 2.55 -34.50 44.55
CA VAL G 308 2.15 -33.26 45.19
C VAL G 308 0.64 -33.19 45.43
N ASP G 309 -0.15 -33.72 44.51
CA ASP G 309 -1.58 -33.66 44.71
C ASP G 309 -2.01 -34.62 45.81
N ALA G 310 -1.32 -35.75 45.94
CA ALA G 310 -1.66 -36.69 47.00
C ALA G 310 -1.56 -36.01 48.37
N VAL G 311 -0.50 -35.23 48.57
CA VAL G 311 -0.34 -34.52 49.84
C VAL G 311 -1.49 -33.54 50.00
N LYS G 312 -1.72 -32.70 48.99
CA LYS G 312 -2.80 -31.74 49.05
C LYS G 312 -4.15 -32.42 49.28
N ALA G 313 -4.36 -33.56 48.65
CA ALA G 313 -5.60 -34.30 48.81
C ALA G 313 -5.75 -34.78 50.24
N VAL G 314 -4.61 -35.12 50.85
CA VAL G 314 -4.57 -35.62 52.23
C VAL G 314 -4.96 -34.49 53.18
N LEU G 315 -4.39 -33.32 52.98
CA LEU G 315 -4.70 -32.16 53.79
C LEU G 315 -6.16 -31.74 53.64
N GLU G 316 -6.79 -32.17 52.55
CA GLU G 316 -8.18 -31.80 52.29
C GLU G 316 -9.12 -32.91 52.66
N PHE G 317 -8.57 -33.98 53.22
CA PHE G 317 -9.40 -35.11 53.60
C PHE G 317 -10.47 -34.68 54.58
N THR G 318 -11.53 -35.47 54.65
CA THR G 318 -12.63 -35.22 55.57
C THR G 318 -13.12 -36.60 55.98
N PRO G 319 -13.96 -36.67 57.01
CA PRO G 319 -14.43 -38.00 57.41
C PRO G 319 -15.15 -38.75 56.29
N GLU G 320 -16.10 -38.09 55.64
CA GLU G 320 -16.87 -38.76 54.60
C GLU G 320 -16.28 -38.84 53.20
N THR G 321 -15.22 -38.09 52.88
CA THR G 321 -14.66 -38.18 51.53
C THR G 321 -14.12 -39.58 51.35
N PRO G 322 -14.45 -40.22 50.23
CA PRO G 322 -13.95 -41.58 50.02
C PRO G 322 -12.47 -41.59 49.61
N SER G 323 -11.85 -42.77 49.65
CA SER G 323 -10.45 -42.90 49.30
C SER G 323 -10.20 -42.51 47.85
N PRO G 324 -9.42 -41.44 47.65
CA PRO G 324 -9.07 -40.91 46.34
C PRO G 324 -7.84 -41.58 45.76
N LEU G 325 -7.88 -41.76 44.44
CA LEU G 325 -6.80 -42.33 43.63
C LEU G 325 -6.45 -41.16 42.72
N ILE G 326 -5.20 -40.76 42.73
CA ILE G 326 -4.81 -39.66 41.86
C ILE G 326 -4.58 -40.17 40.43
N GLY G 327 -5.26 -39.55 39.46
CA GLY G 327 -5.13 -39.94 38.07
C GLY G 327 -4.81 -38.77 37.16
N ILE G 328 -5.00 -38.97 35.85
CA ILE G 328 -4.73 -37.91 34.87
C ILE G 328 -5.74 -38.14 33.76
N LEU G 329 -6.41 -37.08 33.31
CA LEU G 329 -7.42 -37.28 32.30
C LEU G 329 -7.46 -36.41 31.04
N GLU G 330 -7.16 -35.14 31.15
CA GLU G 330 -7.16 -34.35 29.93
C GLU G 330 -5.78 -33.75 30.07
N ASN G 331 -4.87 -34.66 30.40
CA ASN G 331 -3.48 -34.34 30.62
C ASN G 331 -3.38 -33.37 31.80
N LYS G 332 -4.42 -33.39 32.63
CA LYS G 332 -4.47 -32.55 33.81
C LYS G 332 -4.60 -33.57 34.93
N ILE G 333 -4.18 -33.23 36.14
CA ILE G 333 -4.28 -34.18 37.23
C ILE G 333 -5.61 -34.15 37.91
N ILE G 334 -6.17 -35.32 38.12
CA ILE G 334 -7.46 -35.45 38.74
C ILE G 334 -7.49 -36.44 39.86
N ARG G 335 -8.58 -36.43 40.63
CA ARG G 335 -8.73 -37.36 41.75
C ARG G 335 -9.95 -38.16 41.40
N MET G 336 -10.04 -39.40 41.87
CA MET G 336 -11.19 -40.25 41.57
C MET G 336 -11.39 -41.29 42.68
N PRO G 337 -12.64 -41.63 42.99
CA PRO G 337 -12.89 -42.62 44.04
C PRO G 337 -12.16 -43.92 43.71
N LEU G 338 -11.14 -44.23 44.50
CA LEU G 338 -10.33 -45.44 44.32
C LEU G 338 -11.16 -46.72 44.15
N VAL G 339 -12.16 -46.91 45.00
CA VAL G 339 -12.98 -48.10 44.93
C VAL G 339 -13.60 -48.30 43.55
N GLU G 340 -13.98 -47.20 42.93
CA GLU G 340 -14.57 -47.25 41.60
C GLU G 340 -13.55 -47.80 40.59
N SER G 341 -12.38 -47.17 40.55
CA SER G 341 -11.33 -47.57 39.64
C SER G 341 -10.96 -49.03 39.79
N VAL G 342 -10.86 -49.49 41.03
CA VAL G 342 -10.52 -50.89 41.25
C VAL G 342 -11.57 -51.85 40.69
N LYS G 343 -12.84 -51.44 40.75
CA LYS G 343 -13.92 -52.28 40.23
C LYS G 343 -13.90 -52.20 38.70
N LEU G 344 -13.81 -50.98 38.18
CA LEU G 344 -13.78 -50.78 36.75
C LEU G 344 -12.68 -51.64 36.16
N THR G 345 -11.50 -51.60 36.77
CA THR G 345 -10.40 -52.38 36.22
C THR G 345 -10.61 -53.86 36.47
N LYS G 346 -11.18 -54.19 37.62
CA LYS G 346 -11.45 -55.57 38.00
C LYS G 346 -12.44 -56.16 36.98
N SER G 347 -13.30 -55.29 36.46
CA SER G 347 -14.31 -55.72 35.50
C SER G 347 -13.75 -56.07 34.14
N VAL G 348 -12.60 -55.49 33.79
CA VAL G 348 -11.97 -55.75 32.50
C VAL G 348 -11.78 -57.23 32.26
N ALA G 349 -11.35 -57.92 33.30
CA ALA G 349 -11.14 -59.36 33.24
C ALA G 349 -12.49 -60.04 33.00
N THR G 350 -13.47 -59.61 33.79
CA THR G 350 -14.83 -60.12 33.69
C THR G 350 -15.25 -60.19 32.23
N ALA G 351 -15.17 -59.06 31.53
CA ALA G 351 -15.55 -59.01 30.12
C ALA G 351 -14.75 -60.04 29.32
N ILE G 352 -13.47 -60.15 29.66
CA ILE G 352 -12.58 -61.06 28.97
C ILE G 352 -13.01 -62.49 29.21
N GLU G 353 -13.52 -62.78 30.41
CA GLU G 353 -13.97 -64.13 30.74
C GLU G 353 -15.19 -64.49 29.90
N ASN G 354 -16.03 -63.48 29.62
CA ASN G 354 -17.23 -63.67 28.81
C ASN G 354 -16.94 -63.22 27.40
N LYS G 355 -15.78 -63.59 26.87
CA LYS G 355 -15.39 -63.23 25.52
C LYS G 355 -15.95 -61.90 25.00
N ASP G 356 -16.19 -60.96 25.89
CA ASP G 356 -16.76 -59.71 25.43
C ASP G 356 -15.66 -58.67 25.35
N PHE G 357 -14.78 -58.90 24.39
CA PHE G 357 -13.64 -58.03 24.16
C PHE G 357 -14.01 -56.57 23.92
N ASP G 358 -15.07 -56.33 23.19
CA ASP G 358 -15.52 -54.97 22.94
C ASP G 358 -15.72 -54.23 24.26
N LYS G 359 -16.35 -54.89 25.22
CA LYS G 359 -16.59 -54.28 26.52
C LYS G 359 -15.25 -53.99 27.18
N ALA G 360 -14.38 -54.99 27.18
CA ALA G 360 -13.06 -54.85 27.78
C ALA G 360 -12.27 -53.64 27.25
N ILE G 361 -12.04 -53.62 25.94
CA ILE G 361 -11.26 -52.55 25.30
C ILE G 361 -11.73 -51.13 25.64
N SER G 362 -13.03 -50.95 25.81
CA SER G 362 -13.55 -49.63 26.13
C SER G 362 -13.15 -49.21 27.53
N LEU G 363 -12.76 -50.17 28.34
CA LEU G 363 -12.33 -49.89 29.71
C LEU G 363 -10.88 -49.39 29.83
N ARG G 364 -10.10 -49.56 28.76
CA ARG G 364 -8.71 -49.12 28.74
C ARG G 364 -8.65 -47.58 28.64
N ASP G 365 -7.46 -46.99 28.61
CA ASP G 365 -7.32 -45.53 28.57
C ASP G 365 -8.07 -44.84 27.45
N THR G 366 -8.17 -43.53 27.59
CA THR G 366 -8.88 -42.68 26.64
C THR G 366 -8.50 -42.90 25.18
N GLU G 367 -7.22 -43.12 24.91
CA GLU G 367 -6.76 -43.28 23.54
C GLU G 367 -6.54 -44.70 23.02
N PHE G 368 -6.72 -45.69 23.86
CA PHE G 368 -6.53 -47.06 23.42
C PHE G 368 -7.20 -47.47 22.09
N ILE G 369 -8.52 -47.42 21.97
CA ILE G 369 -9.13 -47.82 20.72
C ILE G 369 -8.56 -47.03 19.55
N GLU G 370 -8.36 -45.74 19.73
CA GLU G 370 -7.84 -44.95 18.62
C GLU G 370 -6.57 -45.58 18.10
N LEU G 371 -5.58 -45.69 18.98
CA LEU G 371 -4.28 -46.26 18.66
C LEU G 371 -4.41 -47.56 17.89
N TYR G 372 -5.13 -48.53 18.45
CA TYR G 372 -5.28 -49.80 17.78
C TYR G 372 -5.74 -49.66 16.32
N GLU G 373 -6.65 -48.70 16.09
CA GLU G 373 -7.18 -48.43 14.78
C GLU G 373 -6.06 -47.87 13.93
N ASN G 374 -5.34 -46.90 14.48
CA ASN G 374 -4.19 -46.28 13.81
C ASN G 374 -3.20 -47.37 13.34
N PHE G 375 -2.90 -48.30 14.25
CA PHE G 375 -1.99 -49.37 13.94
C PHE G 375 -2.46 -50.21 12.77
N LEU G 376 -3.74 -50.54 12.74
CA LEU G 376 -4.23 -51.39 11.67
C LEU G 376 -4.17 -50.74 10.30
N SER G 377 -4.62 -49.51 10.21
CA SER G 377 -4.67 -48.79 8.96
C SER G 377 -3.34 -48.37 8.45
N THR G 378 -2.32 -48.51 9.30
CA THR G 378 -0.98 -48.11 8.95
C THR G 378 -0.10 -49.32 8.71
N THR G 379 -0.60 -50.51 9.04
CA THR G 379 0.17 -51.75 8.91
C THR G 379 -0.46 -52.99 8.28
N VAL G 380 -1.72 -53.25 8.57
CA VAL G 380 -2.39 -54.43 8.04
C VAL G 380 -3.30 -54.24 6.79
N LYS G 381 -3.85 -53.04 6.62
CA LYS G 381 -4.74 -52.73 5.50
C LYS G 381 -4.05 -52.35 4.17
N ASP G 382 -2.76 -52.62 4.07
CA ASP G 382 -2.03 -52.31 2.85
C ASP G 382 -2.32 -53.46 1.89
N ASP G 383 -3.43 -54.13 2.14
CA ASP G 383 -3.90 -55.27 1.37
C ASP G 383 -4.52 -54.81 0.05
N GLY G 384 -4.79 -53.51 -0.05
CA GLY G 384 -5.44 -52.98 -1.22
C GLY G 384 -6.90 -53.03 -0.81
N SER G 385 -7.14 -53.95 0.13
CA SER G 385 -8.44 -54.20 0.73
C SER G 385 -8.99 -52.89 1.29
N GLU G 386 -8.88 -52.75 2.58
CA GLU G 386 -9.32 -51.55 3.26
C GLU G 386 -9.19 -50.31 2.38
N LEU G 387 -10.03 -49.35 2.71
CA LEU G 387 -10.12 -48.11 2.01
C LEU G 387 -9.06 -47.93 0.93
N LEU G 388 -9.43 -48.36 -0.27
CA LEU G 388 -8.62 -48.18 -1.46
C LEU G 388 -9.64 -47.36 -2.25
N PRO G 389 -10.04 -46.17 -1.75
CA PRO G 389 -11.01 -45.30 -2.39
C PRO G 389 -11.15 -45.43 -3.89
N VAL G 390 -12.38 -45.35 -4.36
CA VAL G 390 -12.71 -45.45 -5.77
C VAL G 390 -11.69 -44.70 -6.64
N SER G 391 -12.03 -43.49 -7.05
CA SER G 391 -11.11 -42.67 -7.81
C SER G 391 -11.48 -41.22 -7.50
N ASP G 392 -11.06 -40.88 -6.30
CA ASP G 392 -11.18 -39.59 -5.68
C ASP G 392 -10.01 -39.85 -4.69
N ARG G 393 -9.00 -40.48 -5.30
CA ARG G 393 -7.76 -40.82 -4.68
C ARG G 393 -7.04 -39.52 -4.92
N LEU G 394 -6.01 -39.22 -4.14
CA LEU G 394 -5.34 -37.94 -4.31
C LEU G 394 -3.84 -37.96 -4.34
N ASN G 395 -3.31 -36.82 -4.75
CA ASN G 395 -1.89 -36.58 -4.77
C ASN G 395 -1.70 -35.66 -3.55
N ILE G 396 -1.03 -36.18 -2.51
CA ILE G 396 -0.79 -35.39 -1.30
C ILE G 396 0.68 -35.04 -1.18
N GLY G 397 0.97 -33.76 -1.08
CA GLY G 397 2.36 -33.35 -0.95
C GLY G 397 2.77 -33.26 0.51
N ILE G 398 4.07 -33.42 0.77
CA ILE G 398 4.59 -33.36 2.13
C ILE G 398 5.91 -32.59 2.17
N VAL G 399 5.97 -31.56 3.02
CA VAL G 399 7.17 -30.74 3.22
C VAL G 399 7.60 -30.59 4.69
N HIS G 400 8.89 -30.34 4.88
CA HIS G 400 9.37 -30.14 6.21
C HIS G 400 9.84 -28.69 6.33
N VAL G 401 9.10 -27.87 7.06
CA VAL G 401 9.55 -26.49 7.24
C VAL G 401 10.05 -26.22 8.68
N GLY G 402 11.35 -25.96 8.79
CA GLY G 402 11.96 -25.67 10.10
C GLY G 402 13.21 -26.45 10.44
N ALA G 403 13.78 -26.19 11.61
CA ALA G 403 14.98 -26.93 12.04
C ALA G 403 14.53 -28.36 12.25
N PRO G 404 15.46 -29.31 12.21
CA PRO G 404 15.13 -30.73 12.40
C PRO G 404 14.53 -31.11 13.76
N SER G 405 13.55 -32.00 13.71
CA SER G 405 12.86 -32.51 14.90
C SER G 405 13.14 -34.01 14.79
N ALA G 406 12.63 -34.82 15.70
CA ALA G 406 12.90 -36.24 15.66
C ALA G 406 11.74 -37.10 15.16
N ALA G 407 10.58 -36.49 14.96
CA ALA G 407 9.42 -37.27 14.53
C ALA G 407 8.99 -37.05 13.08
N LEU G 408 9.70 -36.17 12.36
CA LEU G 408 9.40 -35.92 10.94
C LEU G 408 9.31 -37.20 10.11
N ASN G 409 10.35 -38.03 10.13
CA ASN G 409 10.33 -39.23 9.33
C ASN G 409 9.23 -40.17 9.80
N ALA G 410 9.08 -40.34 11.09
CA ALA G 410 8.05 -41.25 11.54
C ALA G 410 6.68 -40.76 11.07
N ALA G 411 6.51 -39.45 11.08
CA ALA G 411 5.25 -38.87 10.67
C ALA G 411 5.08 -39.07 9.20
N THR G 412 6.07 -38.60 8.45
CA THR G 412 6.03 -38.73 7.01
C THR G 412 5.72 -40.17 6.69
N ARG G 413 6.40 -41.09 7.36
CA ARG G 413 6.15 -42.50 7.10
C ARG G 413 4.70 -42.91 7.30
N ALA G 414 4.10 -42.54 8.43
CA ALA G 414 2.70 -42.87 8.75
C ALA G 414 1.80 -42.34 7.65
N ALA G 415 1.96 -41.07 7.34
CA ALA G 415 1.21 -40.47 6.24
C ALA G 415 1.39 -41.29 4.95
N THR G 416 2.63 -41.49 4.49
CA THR G 416 2.88 -42.27 3.29
C THR G 416 2.16 -43.61 3.30
N LEU G 417 2.36 -44.41 4.33
CA LEU G 417 1.72 -45.72 4.37
C LEU G 417 0.22 -45.62 4.26
N TYR G 418 -0.35 -44.67 4.98
CA TYR G 418 -1.79 -44.46 4.95
C TYR G 418 -2.23 -44.09 3.51
N CYS G 419 -1.60 -43.05 2.95
CA CYS G 419 -1.90 -42.67 1.58
C CYS G 419 -1.89 -43.92 0.70
N LEU G 420 -0.78 -44.68 0.69
CA LEU G 420 -0.75 -45.86 -0.17
C LEU G 420 -1.92 -46.80 0.14
N SER G 421 -2.25 -46.93 1.41
CA SER G 421 -3.34 -47.81 1.79
C SER G 421 -4.57 -47.44 0.98
N HIS G 422 -4.91 -46.15 0.94
CA HIS G 422 -6.08 -45.66 0.20
C HIS G 422 -5.91 -45.46 -1.30
N GLY G 423 -4.70 -45.55 -1.80
CA GLY G 423 -4.54 -45.39 -3.23
C GLY G 423 -4.17 -43.98 -3.54
N HIS G 424 -3.83 -43.20 -2.52
CA HIS G 424 -3.38 -41.81 -2.73
C HIS G 424 -1.90 -41.84 -3.17
N LYS G 425 -1.43 -40.75 -3.73
CA LYS G 425 -0.04 -40.71 -4.13
C LYS G 425 0.63 -39.66 -3.24
N PRO G 426 1.51 -40.13 -2.35
CA PRO G 426 2.22 -39.25 -1.44
C PRO G 426 3.47 -38.71 -2.08
N TYR G 427 3.62 -37.40 -2.08
CA TYR G 427 4.80 -36.81 -2.66
C TYR G 427 5.65 -36.14 -1.62
N ALA G 428 6.95 -36.19 -1.80
CA ALA G 428 7.85 -35.57 -0.85
C ALA G 428 8.40 -34.33 -1.50
N ILE G 429 8.14 -33.18 -0.91
CA ILE G 429 8.69 -31.96 -1.47
C ILE G 429 10.08 -31.83 -0.86
N MET G 430 11.10 -32.24 -1.60
CA MET G 430 12.48 -32.20 -1.08
C MET G 430 12.99 -30.84 -0.60
N ASN G 431 13.71 -30.86 0.49
CA ASN G 431 14.33 -29.67 1.05
C ASN G 431 13.48 -28.44 1.30
N GLY G 432 12.26 -28.66 1.78
CA GLY G 432 11.41 -27.53 2.07
C GLY G 432 11.23 -26.56 0.93
N PHE G 433 10.52 -25.48 1.20
CA PHE G 433 10.21 -24.50 0.19
C PHE G 433 11.40 -23.95 -0.57
N SER G 434 12.48 -23.63 0.14
CA SER G 434 13.65 -23.10 -0.55
C SER G 434 14.06 -24.12 -1.61
N GLY G 435 13.96 -25.40 -1.27
CA GLY G 435 14.34 -26.45 -2.19
C GLY G 435 13.43 -26.57 -3.40
N LEU G 436 12.13 -26.54 -3.16
CA LEU G 436 11.18 -26.63 -4.26
C LEU G 436 11.41 -25.46 -5.21
N ILE G 437 11.48 -24.25 -4.66
CA ILE G 437 11.69 -23.10 -5.49
C ILE G 437 12.95 -23.28 -6.33
N GLN G 438 14.06 -23.57 -5.67
CA GLN G 438 15.34 -23.75 -6.35
C GLN G 438 15.48 -24.96 -7.30
N THR G 439 14.65 -25.99 -7.15
CA THR G 439 14.82 -27.18 -7.98
C THR G 439 13.57 -27.93 -8.42
N GLY G 440 12.41 -27.55 -7.91
CA GLY G 440 11.20 -28.24 -8.29
C GLY G 440 11.18 -29.74 -8.03
N GLU G 441 12.14 -30.23 -7.23
CA GLU G 441 12.20 -31.65 -6.91
C GLU G 441 11.05 -32.13 -6.03
N VAL G 442 10.24 -33.04 -6.55
CA VAL G 442 9.09 -33.58 -5.82
C VAL G 442 8.97 -35.07 -6.12
N LYS G 443 9.56 -35.92 -5.29
CA LYS G 443 9.55 -37.36 -5.53
C LYS G 443 8.40 -38.14 -4.92
N GLU G 444 7.86 -39.07 -5.70
CA GLU G 444 6.76 -39.88 -5.24
C GLU G 444 7.33 -40.93 -4.33
N LEU G 445 6.77 -41.05 -3.12
CA LEU G 445 7.24 -42.02 -2.13
C LEU G 445 6.62 -43.38 -2.33
N SER G 446 7.40 -44.42 -2.11
CA SER G 446 6.94 -45.79 -2.25
C SER G 446 6.99 -46.48 -0.90
N TRP G 447 6.17 -47.50 -0.73
CA TRP G 447 6.14 -48.24 0.53
C TRP G 447 7.52 -48.52 1.13
N ILE G 448 8.45 -49.01 0.30
CA ILE G 448 9.78 -49.35 0.81
C ILE G 448 10.68 -48.15 1.09
N ASP G 449 10.44 -47.04 0.42
CA ASP G 449 11.23 -45.85 0.66
C ASP G 449 11.14 -45.41 2.10
N VAL G 450 9.95 -45.55 2.65
CA VAL G 450 9.65 -45.09 3.98
C VAL G 450 9.95 -46.12 5.05
N GLU G 451 10.59 -47.20 4.66
CA GLU G 451 10.94 -48.27 5.61
C GLU G 451 11.88 -47.79 6.70
N ASN G 452 11.65 -48.26 7.92
CA ASN G 452 12.50 -47.90 9.06
C ASN G 452 12.59 -46.42 9.38
N TRP G 453 11.69 -45.64 8.81
CA TRP G 453 11.68 -44.23 9.10
C TRP G 453 11.13 -44.01 10.50
N HIS G 454 10.30 -44.95 10.96
CA HIS G 454 9.64 -44.86 12.26
C HIS G 454 10.49 -44.51 13.43
N ASN G 455 11.78 -44.76 13.38
CA ASN G 455 12.66 -44.47 14.51
C ASN G 455 13.91 -43.77 14.04
N LEU G 456 13.83 -43.12 12.90
CA LEU G 456 14.93 -42.39 12.28
C LEU G 456 14.85 -40.89 12.54
N GLY G 457 15.70 -40.37 13.37
CA GLY G 457 15.67 -38.94 13.67
C GLY G 457 16.03 -38.15 12.46
N GLY G 458 16.01 -36.82 12.58
CA GLY G 458 16.33 -35.91 11.47
C GLY G 458 15.28 -35.86 10.37
N SER G 459 15.68 -35.38 9.19
CA SER G 459 14.77 -35.30 8.03
C SER G 459 15.35 -35.94 6.74
N GLU G 460 14.92 -37.15 6.43
CA GLU G 460 15.42 -37.83 5.25
C GLU G 460 15.16 -37.05 3.97
N ILE G 461 14.09 -36.27 3.90
CA ILE G 461 13.83 -35.56 2.66
C ILE G 461 14.36 -34.17 2.62
N GLY G 462 14.82 -33.65 3.78
CA GLY G 462 15.36 -32.30 3.86
C GLY G 462 14.39 -31.38 4.54
N THR G 463 14.89 -30.51 5.40
CA THR G 463 14.06 -29.58 6.14
C THR G 463 14.87 -28.34 6.43
N ASN G 464 14.29 -27.17 6.22
CA ASN G 464 15.01 -25.94 6.49
C ASN G 464 14.02 -24.81 6.81
N ARG G 465 14.53 -23.70 7.34
CA ARG G 465 13.65 -22.65 7.80
C ARG G 465 13.02 -21.75 6.76
N SER G 466 13.49 -21.83 5.52
CA SER G 466 12.94 -20.99 4.46
C SER G 466 11.42 -21.04 4.47
N VAL G 467 10.78 -19.88 4.31
CA VAL G 467 9.32 -19.85 4.31
C VAL G 467 8.76 -19.69 2.91
N ALA G 468 7.49 -20.05 2.77
CA ALA G 468 6.79 -19.98 1.48
C ALA G 468 6.87 -18.61 0.79
N SER G 469 6.83 -17.54 1.57
CA SER G 469 6.88 -16.20 1.02
C SER G 469 8.15 -15.95 0.24
N GLU G 470 9.07 -16.89 0.27
CA GLU G 470 10.31 -16.64 -0.45
C GLU G 470 10.05 -16.47 -1.95
N ASP G 471 8.98 -17.10 -2.44
CA ASP G 471 8.58 -17.04 -3.86
C ASP G 471 7.27 -17.78 -3.98
N LEU G 472 6.26 -17.26 -3.30
CA LEU G 472 4.92 -17.82 -3.30
C LEU G 472 4.43 -18.33 -4.67
N GLY G 473 4.85 -17.60 -5.72
CA GLY G 473 4.49 -17.92 -7.09
C GLY G 473 5.05 -19.24 -7.60
N THR G 474 6.38 -19.33 -7.69
CA THR G 474 7.02 -20.56 -8.14
C THR G 474 6.50 -21.77 -7.34
N ILE G 475 6.25 -21.56 -6.04
CA ILE G 475 5.76 -22.64 -5.22
C ILE G 475 4.42 -23.07 -5.80
N ALA G 476 3.52 -22.11 -6.00
CA ALA G 476 2.20 -22.39 -6.57
C ALA G 476 2.36 -23.13 -7.88
N TYR G 477 3.33 -22.66 -8.68
CA TYR G 477 3.61 -23.26 -9.96
C TYR G 477 3.83 -24.78 -9.88
N TYR G 478 4.69 -25.20 -8.95
CA TYR G 478 4.98 -26.62 -8.78
C TYR G 478 3.88 -27.40 -8.14
N PHE G 479 3.17 -26.81 -7.18
CA PHE G 479 2.06 -27.55 -6.56
C PHE G 479 1.12 -27.99 -7.68
N GLN G 480 0.89 -27.07 -8.64
CA GLN G 480 0.01 -27.32 -9.78
C GLN G 480 0.64 -28.33 -10.76
N LYS G 481 1.90 -28.08 -11.13
CA LYS G 481 2.60 -28.99 -12.04
C LYS G 481 2.56 -30.40 -11.56
N ASN G 482 2.52 -30.55 -10.24
CA ASN G 482 2.51 -31.86 -9.63
C ASN G 482 1.10 -32.34 -9.31
N LYS G 483 0.11 -31.55 -9.74
CA LYS G 483 -1.29 -31.89 -9.53
C LYS G 483 -1.66 -32.21 -8.08
N LEU G 484 -1.11 -31.44 -7.14
CA LEU G 484 -1.39 -31.71 -5.73
C LEU G 484 -2.84 -31.37 -5.29
N ASP G 485 -3.44 -32.29 -4.54
CA ASP G 485 -4.80 -32.08 -4.05
C ASP G 485 -4.76 -31.65 -2.62
N GLY G 486 -3.66 -31.94 -1.95
CA GLY G 486 -3.50 -31.59 -0.56
C GLY G 486 -2.04 -31.39 -0.20
N LEU G 487 -1.81 -30.80 0.97
CA LEU G 487 -0.49 -30.51 1.43
C LEU G 487 -0.35 -30.73 2.93
N ILE G 488 0.69 -31.45 3.35
CA ILE G 488 0.93 -31.63 4.78
C ILE G 488 2.25 -30.93 5.07
N ILE G 489 2.24 -29.97 5.98
CA ILE G 489 3.46 -29.28 6.37
C ILE G 489 3.89 -29.77 7.76
N LEU G 490 5.12 -30.28 7.85
CA LEU G 490 5.68 -30.77 9.09
C LEU G 490 6.73 -29.75 9.51
N GLY G 491 6.52 -29.11 10.65
CA GLY G 491 7.47 -28.10 11.08
C GLY G 491 7.11 -27.23 12.27
N GLY G 492 7.92 -26.20 12.49
CA GLY G 492 7.70 -25.32 13.61
C GLY G 492 7.06 -23.98 13.28
N PHE G 493 7.60 -22.89 13.83
CA PHE G 493 6.97 -21.62 13.57
C PHE G 493 7.01 -21.26 12.08
N GLU G 494 8.14 -21.48 11.43
CA GLU G 494 8.23 -21.17 10.02
C GLU G 494 7.17 -21.92 9.24
N GLY G 495 6.82 -23.11 9.70
CA GLY G 495 5.80 -23.87 9.03
C GLY G 495 4.47 -23.19 9.25
N PHE G 496 4.24 -22.79 10.50
CA PHE G 496 3.03 -22.10 10.91
C PHE G 496 2.94 -20.80 10.14
N ARG G 497 4.05 -20.08 10.06
CA ARG G 497 4.06 -18.84 9.31
C ARG G 497 3.73 -19.13 7.84
N SER G 498 4.35 -20.17 7.31
CA SER G 498 4.14 -20.52 5.92
C SER G 498 2.69 -20.90 5.64
N LEU G 499 2.08 -21.70 6.52
CA LEU G 499 0.69 -22.09 6.26
C LEU G 499 -0.15 -20.86 6.20
N LYS G 500 0.15 -19.86 7.02
CA LYS G 500 -0.61 -18.60 7.00
C LYS G 500 -0.38 -17.99 5.64
N GLN G 501 0.90 -17.89 5.29
CA GLN G 501 1.24 -17.33 4.00
C GLN G 501 0.49 -17.97 2.83
N LEU G 502 0.40 -19.29 2.80
CA LEU G 502 -0.31 -19.93 1.71
C LEU G 502 -1.79 -19.62 1.77
N ARG G 503 -2.37 -19.51 2.96
CA ARG G 503 -3.80 -19.21 3.08
C ARG G 503 -4.07 -17.89 2.38
N ASP G 504 -3.26 -16.89 2.70
CA ASP G 504 -3.43 -15.60 2.07
C ASP G 504 -3.23 -15.70 0.57
N GLY G 505 -2.21 -16.44 0.16
CA GLY G 505 -1.92 -16.59 -1.26
C GLY G 505 -3.06 -17.18 -2.09
N ARG G 506 -4.10 -17.67 -1.45
CA ARG G 506 -5.23 -18.23 -2.18
C ARG G 506 -5.91 -17.24 -3.13
N THR G 507 -6.05 -16.00 -2.72
CA THR G 507 -6.71 -15.05 -3.61
C THR G 507 -5.93 -15.01 -4.93
N GLN G 508 -4.62 -14.87 -4.86
CA GLN G 508 -3.78 -14.78 -6.06
C GLN G 508 -3.31 -16.11 -6.66
N HIS G 509 -3.60 -17.24 -6.02
CA HIS G 509 -3.16 -18.55 -6.53
C HIS G 509 -4.20 -19.63 -6.29
N PRO G 510 -5.02 -19.90 -7.29
CA PRO G 510 -6.04 -20.93 -7.15
C PRO G 510 -5.57 -22.24 -6.57
N ILE G 511 -4.35 -22.68 -6.92
CA ILE G 511 -3.88 -23.98 -6.43
C ILE G 511 -3.75 -24.13 -4.92
N PHE G 512 -3.56 -23.03 -4.22
CA PHE G 512 -3.48 -23.09 -2.77
C PHE G 512 -4.87 -23.30 -2.14
N ASN G 513 -5.87 -23.60 -2.93
CA ASN G 513 -7.18 -23.79 -2.34
C ASN G 513 -7.35 -25.23 -1.99
N ILE G 514 -6.28 -25.99 -2.18
CA ILE G 514 -6.34 -27.41 -1.84
C ILE G 514 -6.21 -27.39 -0.32
N PRO G 515 -6.75 -28.39 0.36
CA PRO G 515 -6.66 -28.44 1.81
C PRO G 515 -5.18 -28.42 2.23
N MET G 516 -4.86 -27.64 3.25
CA MET G 516 -3.48 -27.59 3.71
C MET G 516 -3.46 -27.56 5.23
N CYS G 517 -2.75 -28.49 5.84
CA CYS G 517 -2.66 -28.51 7.29
C CYS G 517 -1.22 -28.63 7.76
N LEU G 518 -0.99 -28.16 8.99
CA LEU G 518 0.33 -28.20 9.62
C LEU G 518 0.33 -29.16 10.81
N ILE G 519 1.37 -30.00 10.88
CA ILE G 519 1.52 -30.91 12.00
C ILE G 519 2.68 -30.19 12.67
N PRO G 520 2.44 -29.52 13.82
CA PRO G 520 3.55 -28.82 14.48
C PRO G 520 4.67 -29.80 14.85
N ALA G 521 5.90 -29.36 14.68
CA ALA G 521 7.01 -30.24 14.94
C ALA G 521 8.15 -29.34 15.31
N THR G 522 8.64 -29.48 16.53
CA THR G 522 9.75 -28.64 16.98
C THR G 522 10.03 -28.98 18.41
N VAL G 523 11.29 -28.91 18.81
CA VAL G 523 11.62 -29.23 20.18
C VAL G 523 11.04 -28.16 21.10
N SER G 524 10.95 -26.94 20.59
CA SER G 524 10.50 -25.76 21.32
C SER G 524 9.08 -25.68 21.80
N ASN G 525 8.18 -26.43 21.18
CA ASN G 525 6.76 -26.37 21.54
C ASN G 525 6.29 -24.94 21.46
N ASN G 526 6.77 -24.20 20.46
CA ASN G 526 6.44 -22.80 20.26
C ASN G 526 5.47 -22.54 19.13
N VAL G 527 4.66 -23.54 18.78
CA VAL G 527 3.68 -23.36 17.72
C VAL G 527 2.29 -23.12 18.31
N PRO G 528 1.73 -21.93 18.09
CA PRO G 528 0.44 -21.44 18.57
C PRO G 528 -0.70 -22.39 18.34
N GLY G 529 -1.63 -22.48 19.28
CA GLY G 529 -2.78 -23.33 19.09
C GLY G 529 -2.73 -24.71 19.73
N THR G 530 -1.53 -25.29 19.78
CA THR G 530 -1.38 -26.64 20.34
C THR G 530 -0.49 -26.68 21.57
N GLU G 531 -0.71 -27.68 22.41
CA GLU G 531 0.05 -27.87 23.63
C GLU G 531 1.23 -28.84 23.43
N TYR G 532 1.26 -29.48 22.28
CA TYR G 532 2.31 -30.42 22.01
C TYR G 532 2.81 -30.52 20.59
N SER G 533 3.95 -29.93 20.28
CA SER G 533 4.46 -30.08 18.94
C SER G 533 5.27 -31.41 18.93
N LEU G 534 5.42 -32.07 17.78
CA LEU G 534 6.18 -33.33 17.72
C LEU G 534 7.65 -33.05 17.96
N GLY G 535 8.30 -34.02 18.61
CA GLY G 535 9.71 -33.95 18.93
C GLY G 535 10.00 -33.41 20.32
N VAL G 536 8.99 -32.83 20.96
CA VAL G 536 9.13 -32.27 22.30
C VAL G 536 9.48 -33.34 23.33
N ASP G 537 8.70 -34.40 23.38
CA ASP G 537 9.05 -35.43 24.31
C ASP G 537 10.49 -35.92 24.06
N THR G 538 10.89 -36.07 22.80
CA THR G 538 12.25 -36.53 22.50
C THR G 538 13.26 -35.53 23.10
N CYS G 539 12.99 -34.23 22.96
CA CYS G 539 13.86 -33.18 23.49
C CYS G 539 13.94 -33.29 25.00
N LEU G 540 12.79 -33.22 25.64
CA LEU G 540 12.76 -33.31 27.09
C LEU G 540 13.64 -34.45 27.58
N ASN G 541 13.48 -35.62 26.98
CA ASN G 541 14.31 -36.75 27.37
C ASN G 541 15.79 -36.55 27.08
N ALA G 542 16.12 -36.04 25.92
CA ALA G 542 17.52 -35.81 25.64
C ALA G 542 18.06 -34.95 26.76
N LEU G 543 17.28 -33.98 27.20
CA LEU G 543 17.74 -33.10 28.26
C LEU G 543 17.85 -33.83 29.59
N VAL G 544 16.88 -34.69 29.90
CA VAL G 544 16.96 -35.49 31.12
C VAL G 544 18.29 -36.24 31.14
N ASN G 545 18.54 -37.06 30.12
CA ASN G 545 19.79 -37.78 30.02
C ASN G 545 21.00 -36.86 30.10
N TYR G 546 20.92 -35.72 29.44
CA TYR G 546 22.04 -34.79 29.47
C TYR G 546 22.27 -34.29 30.87
N THR G 547 21.24 -33.77 31.50
CA THR G 547 21.41 -33.26 32.84
C THR G 547 21.78 -34.38 33.81
N ASP G 548 21.17 -35.55 33.67
CA ASP G 548 21.52 -36.65 34.55
C ASP G 548 23.01 -36.89 34.59
N ASP G 549 23.67 -36.71 33.45
CA ASP G 549 25.11 -36.89 33.39
C ASP G 549 25.88 -35.72 33.95
N ILE G 550 25.63 -34.49 33.52
CA ILE G 550 26.43 -33.41 34.10
C ILE G 550 26.09 -33.27 35.56
N LYS G 551 24.85 -33.60 35.93
CA LYS G 551 24.41 -33.50 37.33
C LYS G 551 25.38 -34.37 38.11
N GLN G 552 25.65 -35.55 37.58
CA GLN G 552 26.56 -36.46 38.24
C GLN G 552 28.02 -35.94 38.27
N SER G 553 28.38 -35.07 37.33
CA SER G 553 29.74 -34.53 37.29
C SER G 553 29.98 -33.50 38.41
N ALA G 554 28.94 -32.73 38.72
CA ALA G 554 29.01 -31.73 39.76
C ALA G 554 29.05 -32.44 41.14
N SER G 555 28.20 -33.45 41.30
CA SER G 555 28.16 -34.21 42.55
C SER G 555 29.55 -34.82 42.85
N ALA G 556 30.26 -35.20 41.79
CA ALA G 556 31.60 -35.82 41.90
C ALA G 556 32.62 -34.87 42.50
N THR G 557 32.71 -33.67 41.95
CA THR G 557 33.65 -32.68 42.44
C THR G 557 33.17 -31.90 43.70
N ARG G 558 31.94 -32.18 44.15
CA ARG G 558 31.31 -31.54 45.33
C ARG G 558 31.14 -30.00 45.17
N ARG G 559 30.19 -29.45 45.95
CA ARG G 559 29.89 -28.01 45.95
C ARG G 559 30.11 -27.37 44.58
N ARG G 560 29.18 -27.62 43.67
CA ARG G 560 29.26 -27.10 42.31
C ARG G 560 27.90 -26.93 41.63
N VAL G 561 27.71 -25.78 41.00
CA VAL G 561 26.47 -25.45 40.30
C VAL G 561 26.67 -25.39 38.81
N PHE G 562 25.69 -25.88 38.07
CA PHE G 562 25.75 -25.85 36.63
C PHE G 562 24.65 -24.95 36.09
N VAL G 563 25.01 -24.01 35.20
CA VAL G 563 23.99 -23.16 34.59
C VAL G 563 23.81 -23.82 33.25
N CYS G 564 22.63 -24.36 33.04
CA CYS G 564 22.37 -25.07 31.80
C CYS G 564 21.37 -24.36 30.90
N GLU G 565 21.84 -24.03 29.70
CA GLU G 565 21.05 -23.34 28.69
C GLU G 565 20.29 -24.32 27.82
N VAL G 566 18.98 -24.11 27.81
CA VAL G 566 18.05 -24.95 27.09
C VAL G 566 17.48 -24.22 25.87
N GLN G 567 17.10 -24.96 24.83
CA GLN G 567 16.52 -24.34 23.63
C GLN G 567 15.04 -23.98 23.81
N GLY G 568 14.36 -23.66 22.71
CA GLY G 568 12.96 -23.29 22.79
C GLY G 568 12.69 -21.85 22.36
N GLY G 569 13.71 -21.21 21.79
CA GLY G 569 13.57 -19.84 21.32
C GLY G 569 13.04 -18.93 22.40
N HIS G 570 11.92 -18.26 22.15
CA HIS G 570 11.32 -17.36 23.14
C HIS G 570 10.16 -18.03 23.84
N SER G 571 10.26 -19.34 24.01
CA SER G 571 9.23 -20.10 24.71
C SER G 571 9.88 -20.98 25.77
N GLY G 572 9.80 -20.54 27.03
CA GLY G 572 10.40 -21.31 28.09
C GLY G 572 9.65 -22.58 28.47
N TYR G 573 8.72 -23.06 27.65
CA TYR G 573 8.00 -24.29 28.01
C TYR G 573 9.02 -25.36 28.35
N ILE G 574 9.96 -25.56 27.44
CA ILE G 574 10.95 -26.59 27.67
C ILE G 574 11.65 -26.29 28.97
N ALA G 575 12.19 -25.08 29.07
CA ALA G 575 12.87 -24.66 30.29
C ALA G 575 12.02 -24.97 31.51
N SER G 576 10.77 -24.55 31.54
CA SER G 576 9.97 -24.84 32.71
C SER G 576 9.88 -26.32 33.03
N PHE G 577 9.36 -27.11 32.07
CA PHE G 577 9.21 -28.55 32.22
C PHE G 577 10.53 -29.19 32.71
N THR G 578 11.65 -28.90 32.04
CA THR G 578 12.94 -29.45 32.45
C THR G 578 13.22 -29.10 33.91
N GLY G 579 13.13 -27.81 34.25
CA GLY G 579 13.35 -27.43 35.62
C GLY G 579 12.59 -28.33 36.59
N LEU G 580 11.30 -28.53 36.32
CA LEU G 580 10.49 -29.32 37.22
C LEU G 580 11.02 -30.71 37.44
N ILE G 581 11.35 -31.44 36.37
CA ILE G 581 11.85 -32.82 36.48
C ILE G 581 13.35 -32.93 36.72
N THR G 582 13.97 -31.80 36.99
CA THR G 582 15.38 -31.73 37.27
C THR G 582 15.62 -31.27 38.73
N GLY G 583 14.63 -30.62 39.32
CA GLY G 583 14.79 -30.11 40.68
C GLY G 583 15.64 -28.85 40.65
N ALA G 584 15.75 -28.22 39.48
CA ALA G 584 16.55 -27.00 39.32
C ALA G 584 16.11 -26.00 40.36
N VAL G 585 17.07 -25.35 41.00
CA VAL G 585 16.79 -24.38 42.05
C VAL G 585 16.36 -23.04 41.47
N SER G 586 16.68 -22.82 40.20
CA SER G 586 16.32 -21.58 39.55
C SER G 586 16.12 -21.81 38.06
N VAL G 587 14.99 -21.34 37.55
CA VAL G 587 14.68 -21.49 36.13
C VAL G 587 14.48 -20.12 35.47
N TYR G 588 15.42 -19.72 34.62
CA TYR G 588 15.31 -18.43 33.96
C TYR G 588 14.65 -18.52 32.60
N THR G 589 13.41 -18.02 32.51
CA THR G 589 12.64 -18.05 31.28
C THR G 589 12.43 -16.65 30.75
N PRO G 590 11.93 -16.52 29.52
CA PRO G 590 11.69 -15.18 28.95
C PRO G 590 10.40 -14.58 29.55
N GLU G 591 9.51 -15.47 30.00
CA GLU G 591 8.24 -15.11 30.61
C GLU G 591 8.45 -14.50 31.99
N LYS G 592 9.57 -14.83 32.63
CA LYS G 592 9.88 -14.33 33.99
C LYS G 592 11.07 -13.38 33.94
N LYS G 593 10.88 -12.19 34.48
CA LYS G 593 11.92 -11.16 34.51
C LYS G 593 13.24 -11.63 35.17
N ILE G 594 14.36 -11.23 34.58
CA ILE G 594 15.67 -11.55 35.13
C ILE G 594 16.44 -10.25 35.41
N ASP G 595 16.22 -9.63 36.56
CA ASP G 595 16.94 -8.40 36.91
C ASP G 595 17.92 -8.68 38.06
N LEU G 596 18.72 -7.69 38.44
CA LEU G 596 19.67 -7.90 39.51
C LEU G 596 18.95 -8.43 40.74
N ALA G 597 17.70 -8.05 40.88
CA ALA G 597 16.92 -8.50 42.01
C ALA G 597 16.88 -10.02 42.03
N SER G 598 16.36 -10.61 40.94
CA SER G 598 16.26 -12.06 40.84
C SER G 598 17.62 -12.76 40.97
N ILE G 599 18.64 -12.30 40.24
CA ILE G 599 19.93 -12.96 40.32
C ILE G 599 20.38 -13.05 41.76
N ARG G 600 20.15 -11.97 42.51
CA ARG G 600 20.52 -11.96 43.92
C ARG G 600 19.76 -12.97 44.76
N GLU G 601 18.45 -12.99 44.63
CA GLU G 601 17.67 -13.98 45.36
C GLU G 601 18.19 -15.39 44.98
N ASP G 602 18.75 -15.52 43.78
CA ASP G 602 19.25 -16.81 43.34
C ASP G 602 20.56 -17.08 44.03
N ILE G 603 21.49 -16.12 43.96
CA ILE G 603 22.78 -16.31 44.60
C ILE G 603 22.48 -16.71 46.02
N THR G 604 21.50 -16.03 46.62
CA THR G 604 21.10 -16.34 47.99
C THR G 604 20.73 -17.82 48.18
N LEU G 605 19.62 -18.25 47.57
CA LEU G 605 19.21 -19.65 47.68
C LEU G 605 20.42 -20.60 47.58
N LEU G 606 21.25 -20.42 46.55
CA LEU G 606 22.45 -21.24 46.38
C LEU G 606 23.33 -21.16 47.64
N LYS G 607 24.06 -20.04 47.79
CA LYS G 607 24.93 -19.82 48.96
C LYS G 607 24.35 -20.50 50.18
N GLU G 608 23.11 -20.11 50.50
CA GLU G 608 22.41 -20.67 51.64
C GLU G 608 22.41 -22.20 51.51
N ASN G 609 21.64 -22.70 50.56
CA ASN G 609 21.58 -24.14 50.35
C ASN G 609 22.96 -24.78 50.58
N PHE G 610 24.01 -24.19 50.02
CA PHE G 610 25.34 -24.76 50.19
C PHE G 610 25.94 -24.76 51.60
N ARG G 611 25.53 -23.81 52.45
CA ARG G 611 26.03 -23.79 53.82
C ARG G 611 25.81 -25.17 54.48
N HIS G 612 24.82 -25.91 53.97
CA HIS G 612 24.51 -27.25 54.50
C HIS G 612 25.35 -28.37 53.86
N ASP G 613 24.93 -28.80 52.66
CA ASP G 613 25.59 -29.86 51.90
C ASP G 613 26.02 -31.05 52.79
N LYS G 614 27.32 -31.16 53.04
CA LYS G 614 27.90 -32.22 53.86
C LYS G 614 27.65 -33.60 53.24
N GLY G 615 26.37 -33.98 53.11
CA GLY G 615 26.03 -35.26 52.53
C GLY G 615 26.86 -35.51 51.27
N GLU G 616 27.25 -34.43 50.59
CA GLU G 616 28.04 -34.52 49.36
C GLU G 616 27.54 -35.64 48.43
N ASN G 617 28.48 -36.51 48.03
CA ASN G 617 28.21 -37.63 47.13
C ASN G 617 27.26 -37.23 46.01
N ARG G 618 25.95 -37.21 46.30
CA ARG G 618 24.93 -36.83 45.33
C ARG G 618 24.40 -35.45 45.75
N ASN G 619 25.20 -34.40 45.55
CA ASN G 619 24.76 -33.08 45.96
C ASN G 619 24.92 -31.94 44.92
N GLY G 620 25.13 -32.28 43.65
CA GLY G 620 25.27 -31.25 42.62
C GLY G 620 23.98 -30.49 42.33
N LYS G 621 24.05 -29.16 42.25
CA LYS G 621 22.87 -28.34 41.98
C LYS G 621 22.93 -27.64 40.61
N LEU G 622 21.75 -27.38 40.01
CA LEU G 622 21.73 -26.70 38.70
C LEU G 622 20.60 -25.70 38.41
N LEU G 623 20.93 -24.76 37.54
CA LEU G 623 20.02 -23.71 37.10
C LEU G 623 19.62 -23.97 35.62
N VAL G 624 18.34 -23.76 35.33
CA VAL G 624 17.84 -23.95 33.98
C VAL G 624 17.50 -22.58 33.35
N ARG G 625 18.33 -22.21 32.38
CA ARG G 625 18.15 -20.95 31.66
C ARG G 625 17.81 -21.13 30.21
N ASN G 626 16.68 -20.56 29.83
CA ASN G 626 16.21 -20.59 28.46
C ASN G 626 17.07 -19.74 27.52
N GLU G 627 17.28 -20.29 26.33
CA GLU G 627 18.08 -19.75 25.24
C GLU G 627 18.02 -18.25 25.04
N GLN G 628 16.84 -17.65 25.15
CA GLN G 628 16.73 -16.21 24.94
C GLN G 628 16.35 -15.49 26.23
N ALA G 629 16.35 -16.22 27.34
CA ALA G 629 16.00 -15.69 28.67
C ALA G 629 16.29 -14.19 28.82
N SER G 630 17.53 -13.79 28.53
CA SER G 630 17.93 -12.40 28.61
C SER G 630 19.07 -12.09 27.69
N SER G 631 18.86 -11.15 26.79
CA SER G 631 19.89 -10.77 25.86
C SER G 631 21.09 -10.27 26.63
N VAL G 632 20.85 -9.70 27.80
CA VAL G 632 21.94 -9.17 28.58
C VAL G 632 22.62 -10.21 29.45
N TYR G 633 21.83 -10.98 30.17
CA TYR G 633 22.41 -12.00 31.02
C TYR G 633 22.56 -13.31 30.28
N SER G 634 23.69 -13.46 29.58
CA SER G 634 23.99 -14.64 28.81
C SER G 634 24.29 -15.76 29.77
N THR G 635 24.24 -16.99 29.30
CA THR G 635 24.52 -18.11 30.18
C THR G 635 25.89 -17.92 30.84
N GLN G 636 26.85 -17.42 30.07
CA GLN G 636 28.18 -17.19 30.60
C GLN G 636 28.20 -16.10 31.63
N LEU G 637 27.67 -14.93 31.30
CA LEU G 637 27.66 -13.82 32.27
C LEU G 637 26.98 -14.28 33.57
N LEU G 638 25.86 -14.97 33.44
CA LEU G 638 25.16 -15.47 34.59
C LEU G 638 26.03 -16.40 35.43
N ALA G 639 26.70 -17.36 34.83
CA ALA G 639 27.57 -18.25 35.60
C ALA G 639 28.74 -17.52 36.24
N ASP G 640 29.34 -16.56 35.54
CA ASP G 640 30.48 -15.79 36.07
C ASP G 640 30.02 -14.84 37.19
N ILE G 641 28.87 -14.21 37.02
CA ILE G 641 28.37 -13.30 38.03
C ILE G 641 28.18 -14.12 39.31
N ILE G 642 27.65 -15.33 39.17
CA ILE G 642 27.45 -16.17 40.33
C ILE G 642 28.74 -16.70 40.98
N SER G 643 29.73 -17.10 40.17
CA SER G 643 31.01 -17.58 40.70
C SER G 643 31.54 -16.47 41.56
N GLU G 644 31.63 -15.29 40.97
CA GLU G 644 32.15 -14.13 41.67
C GLU G 644 31.53 -13.90 43.04
N ALA G 645 30.24 -14.22 43.18
CA ALA G 645 29.58 -14.06 44.48
C ALA G 645 29.82 -15.23 45.42
N SER G 646 30.05 -16.42 44.87
CA SER G 646 30.31 -17.62 45.66
C SER G 646 31.48 -17.36 46.60
N LYS G 647 32.46 -16.64 46.09
CA LYS G 647 33.66 -16.35 46.86
C LYS G 647 34.21 -17.69 47.33
N GLY G 648 34.72 -18.45 46.37
CA GLY G 648 35.30 -19.75 46.63
C GLY G 648 34.46 -20.75 47.40
N LYS G 649 33.28 -20.36 47.86
CA LYS G 649 32.45 -21.31 48.63
C LYS G 649 31.95 -22.47 47.76
N PHE G 650 31.77 -22.23 46.47
CA PHE G 650 31.33 -23.25 45.54
C PHE G 650 31.71 -22.86 44.13
N GLY G 651 31.61 -23.83 43.22
CA GLY G 651 31.96 -23.57 41.84
C GLY G 651 30.79 -23.55 40.90
N VAL G 652 31.03 -22.99 39.71
CA VAL G 652 30.00 -22.93 38.71
C VAL G 652 30.53 -23.29 37.32
N ARG G 653 29.67 -23.95 36.55
CA ARG G 653 30.00 -24.34 35.20
C ARG G 653 28.77 -24.11 34.34
N THR G 654 28.98 -23.91 33.05
CA THR G 654 27.88 -23.69 32.11
C THR G 654 27.66 -24.96 31.32
N ALA G 655 26.43 -25.16 30.88
CA ALA G 655 26.07 -26.32 30.09
C ALA G 655 25.18 -25.86 28.94
N ILE G 656 25.59 -26.17 27.72
CA ILE G 656 24.80 -25.79 26.55
C ILE G 656 24.65 -27.02 25.65
N PRO G 657 23.76 -27.98 26.03
CA PRO G 657 23.49 -29.21 25.28
C PRO G 657 23.56 -28.89 23.79
N GLY G 658 22.81 -27.87 23.42
CA GLY G 658 22.78 -27.46 22.03
C GLY G 658 21.94 -28.37 21.16
N HIS G 659 22.42 -28.57 19.93
CA HIS G 659 21.73 -29.36 18.95
C HIS G 659 21.40 -30.82 19.27
N VAL G 660 21.83 -31.33 20.41
CA VAL G 660 21.47 -32.71 20.73
C VAL G 660 20.03 -32.76 21.19
N GLN G 661 19.48 -31.59 21.52
CA GLN G 661 18.10 -31.51 21.97
C GLN G 661 17.15 -31.90 20.84
N GLN G 662 17.67 -31.86 19.61
CA GLN G 662 16.92 -32.24 18.42
C GLN G 662 16.76 -33.75 18.36
N GLY G 663 17.58 -34.44 19.13
CA GLY G 663 17.48 -35.89 19.18
C GLY G 663 18.30 -36.70 18.18
N GLY G 664 18.39 -37.99 18.46
CA GLY G 664 19.08 -38.92 17.59
C GLY G 664 17.96 -39.80 17.09
N VAL G 665 17.24 -40.39 18.03
CA VAL G 665 16.13 -41.28 17.75
C VAL G 665 14.91 -40.76 18.48
N PRO G 666 13.76 -40.73 17.81
CA PRO G 666 12.56 -40.24 18.50
C PRO G 666 12.12 -41.12 19.66
N SER G 667 11.61 -40.48 20.70
CA SER G 667 11.13 -41.21 21.87
C SER G 667 9.87 -41.99 21.50
N SER G 668 9.52 -43.01 22.27
CA SER G 668 8.35 -43.79 21.91
C SER G 668 7.10 -42.90 21.85
N LYS G 669 7.02 -41.87 22.67
CA LYS G 669 5.82 -41.04 22.62
C LYS G 669 5.75 -40.30 21.28
N ASP G 670 6.85 -39.66 20.88
CA ASP G 670 6.88 -38.96 19.62
C ASP G 670 6.62 -39.93 18.47
N ARG G 671 7.16 -41.14 18.54
CA ARG G 671 6.94 -42.05 17.43
C ARG G 671 5.48 -42.38 17.30
N VAL G 672 4.78 -42.51 18.43
CA VAL G 672 3.37 -42.87 18.36
C VAL G 672 2.51 -41.69 17.94
N THR G 673 2.75 -40.54 18.53
CA THR G 673 1.99 -39.35 18.21
C THR G 673 2.09 -39.00 16.73
N ALA G 674 3.30 -39.08 16.17
CA ALA G 674 3.49 -38.78 14.75
C ALA G 674 2.54 -39.63 13.90
N SER G 675 2.44 -40.90 14.25
CA SER G 675 1.59 -41.81 13.52
C SER G 675 0.13 -41.41 13.62
N ARG G 676 -0.28 -40.98 14.80
CA ARG G 676 -1.66 -40.58 14.98
C ARG G 676 -1.90 -39.32 14.17
N PHE G 677 -1.14 -38.29 14.50
CA PHE G 677 -1.30 -37.04 13.81
C PHE G 677 -1.20 -37.14 12.29
N ALA G 678 -0.23 -37.90 11.78
CA ALA G 678 -0.08 -38.02 10.34
C ALA G 678 -1.37 -38.57 9.74
N VAL G 679 -1.90 -39.64 10.29
CA VAL G 679 -3.12 -40.13 9.71
C VAL G 679 -4.25 -39.11 9.82
N LYS G 680 -4.46 -38.55 11.01
CA LYS G 680 -5.53 -37.55 11.18
C LYS G 680 -5.48 -36.46 10.11
N CYS G 681 -4.29 -36.12 9.63
CA CYS G 681 -4.21 -35.13 8.57
C CYS G 681 -4.55 -35.69 7.19
N ILE G 682 -4.27 -36.96 6.93
CA ILE G 682 -4.59 -37.45 5.61
C ILE G 682 -6.09 -37.43 5.59
N LYS G 683 -6.71 -37.88 6.69
CA LYS G 683 -8.17 -37.88 6.76
C LYS G 683 -8.74 -36.47 6.52
N PHE G 684 -8.21 -35.51 7.24
CA PHE G 684 -8.62 -34.12 7.12
C PHE G 684 -8.53 -33.67 5.68
N ILE G 685 -7.52 -34.14 4.94
CA ILE G 685 -7.39 -33.73 3.55
C ILE G 685 -8.51 -34.41 2.76
N GLU G 686 -8.70 -35.68 3.03
CA GLU G 686 -9.73 -36.39 2.34
C GLU G 686 -11.06 -35.69 2.52
N GLN G 687 -11.43 -35.43 3.76
CA GLN G 687 -12.71 -34.78 4.05
C GLN G 687 -12.89 -33.49 3.27
N TRP G 688 -11.94 -32.58 3.35
CA TRP G 688 -12.10 -31.35 2.61
C TRP G 688 -12.11 -31.56 1.13
N ASN G 689 -11.33 -32.51 0.64
CA ASN G 689 -11.33 -32.71 -0.78
C ASN G 689 -12.70 -33.12 -1.28
N LYS G 690 -13.42 -33.89 -0.47
CA LYS G 690 -14.76 -34.33 -0.85
C LYS G 690 -15.77 -33.23 -0.56
N LYS G 691 -15.52 -32.46 0.49
CA LYS G 691 -16.40 -31.37 0.87
C LYS G 691 -16.35 -30.24 -0.16
N ASN G 692 -15.63 -30.48 -1.25
CA ASN G 692 -15.52 -29.51 -2.33
C ASN G 692 -15.79 -30.21 -3.66
N GLU G 693 -17.03 -30.11 -4.12
CA GLU G 693 -17.42 -30.74 -5.39
C GLU G 693 -17.99 -29.73 -6.40
N GLU G 720 -14.17 -20.43 4.69
CA GLU G 720 -13.53 -21.46 3.86
C GLU G 720 -12.06 -21.68 4.18
N ASP G 721 -11.53 -20.92 5.14
CA ASP G 721 -10.15 -21.05 5.53
C ASP G 721 -10.02 -22.26 6.41
N ASP G 722 -11.16 -22.75 6.88
CA ASP G 722 -11.15 -23.92 7.70
C ASP G 722 -10.45 -25.09 7.02
N SER G 723 -10.11 -24.94 5.75
CA SER G 723 -9.43 -26.02 5.03
C SER G 723 -7.93 -25.86 5.20
N ALA G 724 -7.52 -24.73 5.77
CA ALA G 724 -6.10 -24.50 6.01
C ALA G 724 -5.90 -24.40 7.53
N ALA G 725 -5.88 -25.55 8.19
CA ALA G 725 -5.73 -25.61 9.64
C ALA G 725 -4.41 -26.21 10.15
N VAL G 726 -4.29 -26.23 11.48
CA VAL G 726 -3.17 -26.79 12.21
C VAL G 726 -3.76 -27.87 13.10
N ILE G 727 -3.22 -29.08 13.09
CA ILE G 727 -3.79 -30.13 13.95
C ILE G 727 -3.28 -29.75 15.33
N CYS G 728 -4.20 -29.65 16.27
CA CYS G 728 -3.80 -29.28 17.61
C CYS G 728 -4.21 -30.26 18.70
N VAL G 729 -3.46 -30.17 19.81
CA VAL G 729 -3.75 -30.94 21.00
C VAL G 729 -3.85 -29.89 22.09
N ASN G 730 -4.94 -29.97 22.84
CA ASN G 730 -5.18 -29.10 23.95
C ASN G 730 -5.74 -30.05 24.98
N GLY G 731 -5.02 -30.17 26.10
CA GLY G 731 -5.43 -31.07 27.14
C GLY G 731 -6.07 -32.35 26.61
N SER G 732 -5.26 -33.18 25.96
CA SER G 732 -5.78 -34.43 25.44
C SER G 732 -6.75 -34.40 24.24
N HIS G 733 -7.40 -33.27 23.97
CA HIS G 733 -8.34 -33.22 22.85
C HIS G 733 -7.64 -32.72 21.58
N VAL G 734 -7.66 -33.53 20.53
CA VAL G 734 -7.00 -33.11 19.28
C VAL G 734 -8.02 -32.65 18.27
N SER G 735 -7.72 -31.53 17.63
CA SER G 735 -8.64 -30.93 16.67
C SER G 735 -7.88 -30.10 15.63
N PHE G 736 -8.59 -29.62 14.60
CA PHE G 736 -7.97 -28.79 13.58
C PHE G 736 -8.38 -27.33 13.78
N LYS G 737 -7.43 -26.41 13.72
CA LYS G 737 -7.77 -25.02 13.95
C LYS G 737 -7.37 -24.16 12.79
N PRO G 738 -8.34 -23.46 12.18
CA PRO G 738 -8.04 -22.60 11.05
C PRO G 738 -6.84 -21.67 11.28
N ILE G 739 -5.89 -21.72 10.37
CA ILE G 739 -4.68 -20.92 10.50
C ILE G 739 -4.92 -19.42 10.72
N ALA G 740 -6.02 -18.89 10.21
CA ALA G 740 -6.29 -17.46 10.36
C ALA G 740 -6.71 -17.03 11.77
N ASN G 741 -7.75 -17.63 12.32
CA ASN G 741 -8.19 -17.27 13.68
C ASN G 741 -7.01 -17.43 14.61
N LEU G 742 -6.09 -18.31 14.23
CA LEU G 742 -4.92 -18.61 15.02
C LEU G 742 -3.81 -17.59 14.90
N TRP G 743 -3.62 -17.04 13.70
CA TRP G 743 -2.56 -16.07 13.51
C TRP G 743 -2.97 -14.75 14.18
N GLU G 744 -3.42 -14.89 15.43
CA GLU G 744 -3.85 -13.81 16.32
C GLU G 744 -3.99 -14.40 17.76
N ASN G 745 -3.09 -15.35 18.01
CA ASN G 745 -2.89 -16.10 19.25
C ASN G 745 -1.39 -16.26 19.13
N GLU G 746 -0.84 -15.56 18.13
CA GLU G 746 0.58 -15.59 17.84
C GLU G 746 1.29 -14.31 18.24
N THR G 747 2.61 -14.38 18.39
CA THR G 747 3.41 -13.21 18.71
C THR G 747 4.08 -12.97 17.34
N ASN G 748 3.19 -12.97 16.33
CA ASN G 748 3.47 -12.77 14.89
C ASN G 748 4.76 -12.06 14.58
N VAL G 749 5.83 -12.84 14.43
CA VAL G 749 7.17 -12.33 14.14
C VAL G 749 7.88 -11.95 15.43
N GLU G 750 7.13 -11.35 16.36
CA GLU G 750 7.71 -10.95 17.61
C GLU G 750 8.68 -12.04 18.07
N LEU G 751 8.21 -12.97 18.88
CA LEU G 751 9.10 -14.01 19.37
C LEU G 751 8.86 -15.39 18.78
N ARG G 752 8.07 -15.44 17.73
CA ARG G 752 7.81 -16.70 17.07
C ARG G 752 7.29 -17.72 18.05
N LYS G 753 6.18 -17.40 18.70
CA LYS G 753 5.60 -18.31 19.67
C LYS G 753 4.14 -17.96 19.88
N GLY G 754 3.33 -18.91 20.33
CA GLY G 754 1.94 -18.55 20.59
C GLY G 754 1.95 -17.55 21.74
N PHE G 755 0.80 -17.16 22.24
CA PHE G 755 0.77 -16.20 23.33
C PHE G 755 0.53 -16.96 24.61
N GLU G 756 -0.19 -18.08 24.49
CA GLU G 756 -0.55 -18.92 25.63
C GLU G 756 0.67 -19.48 26.37
N VAL G 757 0.44 -19.90 27.62
CA VAL G 757 1.46 -20.50 28.44
C VAL G 757 0.76 -21.56 29.27
N HIS G 758 0.89 -22.80 28.81
CA HIS G 758 0.28 -24.00 29.40
C HIS G 758 1.26 -24.79 30.29
N TRP G 759 2.26 -24.09 30.80
CA TRP G 759 3.27 -24.74 31.63
C TRP G 759 3.55 -23.95 32.88
N ALA G 760 2.85 -22.82 33.03
CA ALA G 760 3.05 -21.97 34.19
C ALA G 760 2.55 -22.69 35.44
N GLU G 761 1.44 -23.41 35.30
CA GLU G 761 0.91 -24.12 36.44
C GLU G 761 2.02 -24.95 37.08
N TYR G 762 3.13 -25.12 36.37
CA TYR G 762 4.29 -25.91 36.84
C TYR G 762 5.18 -25.24 37.84
N ASN G 763 5.99 -24.30 37.36
CA ASN G 763 6.95 -23.56 38.16
C ASN G 763 6.39 -23.25 39.55
N LYS G 764 5.07 -23.13 39.66
CA LYS G 764 4.42 -22.87 40.94
C LYS G 764 4.86 -24.00 41.88
N ILE G 765 4.61 -25.25 41.46
CA ILE G 765 4.98 -26.44 42.22
C ILE G 765 6.51 -26.57 42.21
N GLY G 766 7.10 -26.20 41.08
CA GLY G 766 8.53 -26.26 40.92
C GLY G 766 9.17 -25.55 42.09
N ASP G 767 8.71 -24.34 42.38
CA ASP G 767 9.24 -23.55 43.50
C ASP G 767 9.11 -24.25 44.87
N ILE G 768 8.06 -25.05 45.03
CA ILE G 768 7.91 -25.77 46.29
C ILE G 768 9.05 -26.76 46.43
N LEU G 769 8.96 -27.82 45.64
CA LEU G 769 9.91 -28.93 45.64
C LEU G 769 11.33 -28.52 45.41
N SER G 770 11.54 -27.46 44.64
CA SER G 770 12.92 -27.04 44.45
C SER G 770 13.40 -26.61 45.83
N GLY G 771 12.74 -25.58 46.37
CA GLY G 771 13.09 -25.04 47.67
C GLY G 771 12.63 -23.60 47.72
N ARG G 772 12.95 -22.86 46.67
CA ARG G 772 12.58 -21.45 46.54
C ARG G 772 11.52 -20.87 47.50
N LEU G 773 10.29 -21.39 47.46
CA LEU G 773 9.20 -20.90 48.31
C LEU G 773 9.46 -21.05 49.81
N LYS G 774 10.28 -22.04 50.18
CA LYS G 774 10.65 -22.25 51.59
C LYS G 774 11.32 -20.96 52.01
N LEU G 775 12.58 -20.86 51.60
CA LEU G 775 13.46 -19.74 51.86
C LEU G 775 12.69 -18.43 51.89
N ARG G 776 11.93 -18.17 50.82
CA ARG G 776 11.12 -16.94 50.80
C ARG G 776 10.14 -17.00 51.99
N PRO H 2 42.93 -53.36 -17.87
CA PRO H 2 41.59 -53.66 -17.26
C PRO H 2 41.74 -53.63 -15.74
N GLN H 3 41.31 -52.50 -15.17
CA GLN H 3 41.37 -52.18 -13.73
C GLN H 3 41.13 -53.37 -12.81
N LYS H 4 41.96 -53.54 -11.77
CA LYS H 4 41.72 -54.66 -10.88
C LYS H 4 40.59 -54.36 -9.89
N ALA H 5 40.16 -55.38 -9.17
CA ALA H 5 39.05 -55.17 -8.27
C ALA H 5 39.00 -56.07 -7.04
N ILE H 6 38.53 -55.50 -5.94
CA ILE H 6 38.42 -56.25 -4.70
C ILE H 6 36.94 -56.24 -4.34
N ALA H 7 36.48 -57.26 -3.61
CA ALA H 7 35.07 -57.33 -3.21
C ALA H 7 34.90 -57.87 -1.81
N VAL H 8 33.96 -57.30 -1.06
CA VAL H 8 33.71 -57.76 0.29
C VAL H 8 32.37 -58.42 0.47
N MET H 9 32.29 -59.32 1.43
CA MET H 9 31.06 -59.99 1.74
C MET H 9 31.08 -60.27 3.24
N THR H 10 29.92 -60.28 3.88
CA THR H 10 29.86 -60.63 5.31
C THR H 10 29.11 -61.94 5.35
N SER H 11 29.69 -62.90 6.04
CA SER H 11 29.09 -64.22 6.12
C SER H 11 29.01 -64.64 7.57
N GLY H 12 28.02 -65.51 7.86
CA GLY H 12 27.83 -65.97 9.23
C GLY H 12 27.05 -64.95 10.04
N GLY H 13 27.03 -65.13 11.36
CA GLY H 13 26.29 -64.22 12.23
C GLY H 13 26.76 -62.80 12.06
N ASP H 14 25.84 -61.84 11.94
CA ASP H 14 26.29 -60.46 11.75
C ASP H 14 26.82 -60.04 13.08
N ALA H 15 27.59 -58.97 13.13
CA ALA H 15 28.13 -58.49 14.39
C ALA H 15 28.33 -57.00 14.27
N PRO H 16 28.11 -56.22 15.36
CA PRO H 16 28.28 -54.75 15.33
C PRO H 16 29.67 -54.40 14.91
N GLY H 17 29.79 -53.61 13.85
CA GLY H 17 31.09 -53.23 13.35
C GLY H 17 31.33 -53.69 11.91
N MET H 18 30.57 -54.66 11.41
CA MET H 18 30.82 -55.12 10.04
C MET H 18 30.74 -53.96 9.05
N ASN H 19 29.76 -53.07 9.27
CA ASN H 19 29.59 -51.94 8.37
C ASN H 19 30.82 -51.08 8.37
N SER H 20 31.41 -50.83 9.52
CA SER H 20 32.63 -50.02 9.56
C SER H 20 33.69 -50.79 8.77
N ASN H 21 33.67 -52.13 8.89
CA ASN H 21 34.64 -52.95 8.16
C ASN H 21 34.45 -52.75 6.67
N VAL H 22 33.24 -53.04 6.17
CA VAL H 22 32.89 -52.86 4.77
C VAL H 22 33.27 -51.47 4.30
N ARG H 23 32.88 -50.46 5.07
CA ARG H 23 33.17 -49.10 4.72
C ARG H 23 34.64 -48.83 4.54
N ALA H 24 35.49 -49.39 5.39
CA ALA H 24 36.92 -49.13 5.20
C ALA H 24 37.44 -49.91 4.00
N ILE H 25 37.05 -51.17 3.89
CA ILE H 25 37.45 -51.98 2.74
C ILE H 25 37.09 -51.34 1.39
N VAL H 26 35.85 -50.87 1.26
CA VAL H 26 35.43 -50.23 0.02
C VAL H 26 36.27 -48.97 -0.24
N ARG H 27 36.42 -48.12 0.79
CA ARG H 27 37.20 -46.89 0.64
C ARG H 27 38.66 -47.18 0.37
N SER H 28 39.25 -48.07 1.17
CA SER H 28 40.65 -48.42 1.02
C SER H 28 40.96 -48.94 -0.36
N ALA H 29 40.06 -49.74 -0.92
CA ALA H 29 40.28 -50.25 -2.28
C ALA H 29 40.24 -49.12 -3.32
N ILE H 30 39.20 -48.30 -3.30
CA ILE H 30 39.10 -47.20 -4.23
C ILE H 30 40.30 -46.27 -4.08
N PHE H 31 40.80 -46.11 -2.86
CA PHE H 31 41.92 -45.22 -2.62
C PHE H 31 43.13 -45.79 -3.34
N LYS H 32 43.35 -47.11 -3.19
CA LYS H 32 44.46 -47.82 -3.81
C LYS H 32 44.34 -47.88 -5.30
N GLY H 33 43.21 -47.43 -5.83
CA GLY H 33 43.05 -47.48 -7.27
C GLY H 33 42.24 -48.66 -7.82
N CYS H 34 41.86 -49.61 -6.97
CA CYS H 34 41.03 -50.72 -7.42
C CYS H 34 39.57 -50.32 -7.50
N ARG H 35 38.76 -51.20 -8.08
CA ARG H 35 37.35 -50.92 -8.17
C ARG H 35 36.83 -51.69 -7.00
N ALA H 36 35.82 -51.14 -6.32
CA ALA H 36 35.26 -51.80 -5.14
C ALA H 36 33.99 -52.56 -5.46
N PHE H 37 33.87 -53.74 -4.90
CA PHE H 37 32.68 -54.50 -5.11
C PHE H 37 32.13 -55.00 -3.79
N VAL H 38 30.82 -55.11 -3.74
CA VAL H 38 30.14 -55.58 -2.55
C VAL H 38 29.33 -56.81 -2.95
N VAL H 39 29.39 -57.83 -2.11
CA VAL H 39 28.64 -59.03 -2.40
C VAL H 39 27.44 -59.12 -1.45
N MET H 40 26.24 -59.02 -2.01
CA MET H 40 25.02 -59.08 -1.23
C MET H 40 24.71 -60.48 -0.77
N GLU H 41 24.02 -60.56 0.38
CA GLU H 41 23.57 -61.81 1.00
C GLU H 41 24.57 -62.95 1.16
N GLY H 42 25.81 -62.62 1.47
CA GLY H 42 26.84 -63.63 1.67
C GLY H 42 27.19 -64.49 0.46
N TYR H 43 27.60 -65.73 0.72
CA TYR H 43 27.94 -66.64 -0.36
C TYR H 43 26.80 -66.82 -1.36
N GLU H 44 25.56 -66.77 -0.86
CA GLU H 44 24.42 -66.92 -1.74
C GLU H 44 24.63 -65.91 -2.85
N GLY H 45 25.10 -64.73 -2.46
CA GLY H 45 25.38 -63.69 -3.44
C GLY H 45 26.32 -64.15 -4.55
N LEU H 46 27.18 -65.10 -4.24
CA LEU H 46 28.09 -65.56 -5.26
C LEU H 46 27.39 -66.50 -6.20
N VAL H 47 26.53 -67.36 -5.65
CA VAL H 47 25.78 -68.30 -6.50
C VAL H 47 24.92 -67.48 -7.45
N ARG H 48 24.10 -66.59 -6.91
CA ARG H 48 23.29 -65.69 -7.74
C ARG H 48 24.38 -64.75 -8.27
N GLY H 49 24.16 -64.02 -9.36
CA GLY H 49 25.27 -63.18 -9.76
C GLY H 49 25.01 -61.82 -10.36
N GLY H 50 25.92 -61.40 -11.23
CA GLY H 50 25.77 -60.12 -11.90
C GLY H 50 25.54 -58.98 -10.94
N PRO H 51 25.08 -57.83 -11.43
CA PRO H 51 24.84 -56.73 -10.50
C PRO H 51 23.72 -57.11 -9.56
N GLU H 52 23.39 -56.24 -8.62
CA GLU H 52 22.34 -56.53 -7.65
C GLU H 52 22.96 -57.42 -6.57
N TYR H 53 23.67 -58.47 -6.95
CA TYR H 53 24.32 -59.33 -5.94
C TYR H 53 25.84 -59.23 -5.82
N ILE H 54 26.51 -58.76 -6.87
CA ILE H 54 27.94 -58.53 -6.80
C ILE H 54 27.97 -57.12 -7.44
N LYS H 55 27.60 -56.13 -6.65
CA LYS H 55 27.48 -54.75 -7.08
C LYS H 55 28.72 -53.90 -6.89
N GLU H 56 29.08 -53.10 -7.88
CA GLU H 56 30.23 -52.22 -7.76
C GLU H 56 29.84 -51.03 -6.91
N PHE H 57 30.68 -50.69 -5.93
CA PHE H 57 30.40 -49.58 -5.04
C PHE H 57 31.30 -48.41 -5.31
N HIS H 58 30.83 -47.23 -4.94
CA HIS H 58 31.59 -46.01 -5.10
C HIS H 58 31.78 -45.34 -3.74
N TRP H 59 32.79 -44.48 -3.66
CA TRP H 59 33.12 -43.78 -2.44
C TRP H 59 31.90 -43.38 -1.57
N GLU H 60 30.96 -42.64 -2.15
CA GLU H 60 29.75 -42.18 -1.42
C GLU H 60 28.80 -43.30 -0.97
N ASP H 61 28.94 -44.49 -1.53
CA ASP H 61 28.03 -45.57 -1.17
C ASP H 61 28.15 -46.15 0.22
N VAL H 62 29.25 -45.89 0.93
CA VAL H 62 29.34 -46.40 2.27
C VAL H 62 29.25 -45.24 3.25
N ARG H 63 28.93 -44.08 2.70
CA ARG H 63 28.77 -42.87 3.47
C ARG H 63 27.90 -43.13 4.71
N GLY H 64 28.40 -42.70 5.85
CA GLY H 64 27.70 -42.83 7.12
C GLY H 64 27.58 -44.21 7.70
N TRP H 65 28.06 -45.21 7.00
CA TRP H 65 27.98 -46.59 7.48
C TRP H 65 28.59 -46.88 8.86
N SER H 66 29.64 -46.18 9.24
CA SER H 66 30.31 -46.43 10.52
C SER H 66 29.32 -46.32 11.65
N ALA H 67 28.16 -45.76 11.39
CA ALA H 67 27.19 -45.60 12.45
C ALA H 67 25.93 -46.44 12.33
N GLU H 68 26.02 -47.56 11.62
CA GLU H 68 24.86 -48.41 11.45
C GLU H 68 25.12 -49.85 11.88
N GLY H 69 24.11 -50.46 12.46
CA GLY H 69 24.24 -51.82 12.94
C GLY H 69 24.19 -52.89 11.87
N GLY H 70 24.49 -54.13 12.26
CA GLY H 70 24.46 -55.24 11.31
C GLY H 70 25.29 -55.06 10.05
N THR H 71 24.90 -55.75 9.00
CA THR H 71 25.58 -55.66 7.71
C THR H 71 24.65 -55.00 6.71
N ASN H 72 25.03 -53.88 6.12
CA ASN H 72 24.13 -53.33 5.15
C ASN H 72 24.15 -54.19 3.90
N ILE H 73 25.18 -55.00 3.71
CA ILE H 73 25.23 -55.83 2.50
C ILE H 73 24.64 -57.18 2.81
N GLY H 74 24.21 -57.35 4.06
CA GLY H 74 23.58 -58.59 4.49
C GLY H 74 24.41 -59.86 4.57
N THR H 75 23.79 -60.93 5.01
CA THR H 75 24.46 -62.22 5.16
C THR H 75 23.39 -63.28 5.23
N ALA H 76 23.51 -64.32 4.41
CA ALA H 76 22.53 -65.40 4.39
C ALA H 76 23.16 -66.75 4.68
N ARG H 77 22.33 -67.75 4.88
CA ARG H 77 22.80 -69.11 5.14
C ARG H 77 23.13 -69.66 3.76
N CYS H 78 24.33 -70.20 3.58
CA CYS H 78 24.71 -70.71 2.27
C CYS H 78 24.24 -72.15 2.01
N MET H 79 23.38 -72.29 1.01
CA MET H 79 22.85 -73.60 0.64
C MET H 79 23.64 -74.09 -0.56
N GLU H 80 23.32 -73.47 -1.70
CA GLU H 80 23.90 -73.71 -3.01
C GLU H 80 25.44 -73.79 -3.06
N PHE H 81 26.12 -72.95 -2.29
CA PHE H 81 27.58 -72.94 -2.27
C PHE H 81 28.18 -74.23 -1.70
N LYS H 82 27.35 -75.10 -1.12
CA LYS H 82 27.85 -76.37 -0.59
C LYS H 82 28.15 -77.29 -1.79
N LYS H 83 27.25 -77.29 -2.76
CA LYS H 83 27.40 -78.08 -3.97
C LYS H 83 28.46 -77.47 -4.89
N ARG H 84 29.06 -78.28 -5.77
CA ARG H 84 30.04 -77.73 -6.67
C ARG H 84 29.43 -76.79 -7.70
N GLU H 85 28.22 -77.06 -8.18
CA GLU H 85 27.65 -76.16 -9.17
C GLU H 85 27.55 -74.75 -8.57
N GLY H 86 27.33 -74.69 -7.25
CA GLY H 86 27.23 -73.42 -6.56
C GLY H 86 28.56 -72.72 -6.56
N ARG H 87 29.58 -73.43 -6.08
CA ARG H 87 30.93 -72.91 -6.03
C ARG H 87 31.45 -72.63 -7.44
N LEU H 88 30.91 -73.30 -8.44
CA LEU H 88 31.35 -73.06 -9.80
C LEU H 88 30.75 -71.72 -10.20
N LEU H 89 29.44 -71.58 -9.98
CA LEU H 89 28.74 -70.34 -10.32
C LEU H 89 29.42 -69.17 -9.62
N GLY H 90 29.78 -69.40 -8.36
CA GLY H 90 30.45 -68.37 -7.59
C GLY H 90 31.63 -67.83 -8.37
N ALA H 91 32.51 -68.74 -8.78
CA ALA H 91 33.67 -68.35 -9.55
C ALA H 91 33.29 -67.64 -10.86
N GLN H 92 32.29 -68.16 -11.57
CA GLN H 92 31.90 -67.54 -12.83
C GLN H 92 31.55 -66.08 -12.62
N HIS H 93 30.56 -65.85 -11.76
CA HIS H 93 30.11 -64.51 -11.45
C HIS H 93 31.24 -63.58 -11.02
N LEU H 94 32.16 -64.06 -10.17
CA LEU H 94 33.24 -63.19 -9.75
C LEU H 94 33.99 -62.81 -10.99
N ILE H 95 34.40 -63.82 -11.75
CA ILE H 95 35.15 -63.59 -12.97
C ILE H 95 34.38 -62.64 -13.87
N GLU H 96 33.09 -62.91 -14.07
CA GLU H 96 32.27 -62.02 -14.93
C GLU H 96 32.29 -60.58 -14.41
N ALA H 97 32.56 -60.40 -13.11
CA ALA H 97 32.61 -59.06 -12.53
C ALA H 97 34.03 -58.51 -12.52
N GLY H 98 34.97 -59.34 -12.94
CA GLY H 98 36.35 -58.90 -12.98
C GLY H 98 36.94 -58.93 -11.59
N VAL H 99 36.30 -59.65 -10.69
CA VAL H 99 36.81 -59.71 -9.34
C VAL H 99 37.61 -60.95 -9.10
N ASP H 100 38.90 -60.78 -8.78
CA ASP H 100 39.79 -61.91 -8.48
C ASP H 100 40.44 -61.75 -7.10
N ALA H 101 39.89 -60.79 -6.34
CA ALA H 101 40.32 -60.46 -5.00
C ALA H 101 39.05 -60.45 -4.12
N LEU H 102 38.99 -61.37 -3.17
CA LEU H 102 37.82 -61.47 -2.32
C LEU H 102 38.13 -61.38 -0.83
N ILE H 103 37.54 -60.41 -0.13
CA ILE H 103 37.72 -60.25 1.32
C ILE H 103 36.39 -60.58 2.00
N VAL H 104 36.40 -61.52 2.93
CA VAL H 104 35.16 -61.83 3.63
C VAL H 104 35.33 -61.62 5.12
N CYS H 105 34.31 -61.02 5.72
CA CYS H 105 34.29 -60.72 7.14
C CYS H 105 33.20 -61.52 7.77
N GLY H 106 33.51 -62.26 8.82
CA GLY H 106 32.52 -63.07 9.46
C GLY H 106 33.19 -64.06 10.40
N GLY H 107 32.46 -65.11 10.74
CA GLY H 107 32.97 -66.15 11.62
C GLY H 107 33.98 -67.09 10.94
N ASP H 108 34.70 -67.84 11.76
CA ASP H 108 35.71 -68.73 11.22
C ASP H 108 35.10 -69.67 10.20
N GLY H 109 33.95 -70.23 10.52
CA GLY H 109 33.32 -71.13 9.58
C GLY H 109 33.32 -70.52 8.21
N SER H 110 32.97 -69.24 8.13
CA SER H 110 32.92 -68.53 6.85
C SER H 110 34.32 -68.31 6.28
N LEU H 111 35.27 -68.11 7.18
CA LEU H 111 36.63 -67.89 6.76
C LEU H 111 37.17 -69.11 6.02
N THR H 112 37.13 -70.28 6.64
CA THR H 112 37.64 -71.48 6.00
C THR H 112 36.94 -71.68 4.67
N GLY H 113 35.64 -71.46 4.63
CA GLY H 113 34.93 -71.63 3.38
C GLY H 113 35.65 -70.90 2.26
N ALA H 114 36.07 -69.67 2.57
CA ALA H 114 36.77 -68.84 1.60
C ALA H 114 38.05 -69.49 1.17
N ASP H 115 38.84 -69.97 2.13
CA ASP H 115 40.10 -70.61 1.81
C ASP H 115 39.87 -71.78 0.85
N LEU H 116 39.03 -72.73 1.25
CA LEU H 116 38.75 -73.87 0.39
C LEU H 116 38.43 -73.42 -1.03
N PHE H 117 37.57 -72.41 -1.11
CA PHE H 117 37.16 -71.86 -2.40
C PHE H 117 38.40 -71.49 -3.18
N ARG H 118 39.28 -70.75 -2.53
CA ARG H 118 40.53 -70.30 -3.10
C ARG H 118 41.33 -71.46 -3.71
N SER H 119 41.53 -72.51 -2.94
CA SER H 119 42.26 -73.67 -3.39
C SER H 119 41.51 -74.35 -4.51
N GLU H 120 40.19 -74.41 -4.38
CA GLU H 120 39.38 -75.06 -5.40
C GLU H 120 39.24 -74.19 -6.67
N TRP H 121 39.71 -72.95 -6.59
CA TRP H 121 39.61 -72.02 -7.71
C TRP H 121 40.21 -72.54 -9.00
N PRO H 122 41.51 -72.85 -9.00
CA PRO H 122 42.09 -73.34 -10.25
C PRO H 122 41.18 -74.41 -10.86
N SER H 123 40.82 -75.41 -10.06
CA SER H 123 39.99 -76.48 -10.55
C SER H 123 38.68 -75.98 -11.17
N LEU H 124 38.09 -74.97 -10.54
CA LEU H 124 36.83 -74.41 -11.03
C LEU H 124 37.01 -73.67 -12.35
N ILE H 125 37.97 -72.77 -12.42
CA ILE H 125 38.15 -72.06 -13.68
C ILE H 125 38.45 -72.99 -14.83
N GLU H 126 39.07 -74.12 -14.53
CA GLU H 126 39.37 -75.08 -15.59
C GLU H 126 38.05 -75.60 -16.15
N GLU H 127 37.19 -76.13 -15.28
CA GLU H 127 35.92 -76.63 -15.76
C GLU H 127 35.21 -75.49 -16.46
N LEU H 128 35.26 -74.31 -15.87
CA LEU H 128 34.61 -73.14 -16.46
C LEU H 128 35.10 -72.94 -17.88
N LEU H 129 36.40 -73.05 -18.09
CA LEU H 129 36.94 -72.89 -19.43
C LEU H 129 36.47 -74.04 -20.31
N LYS H 130 36.76 -75.25 -19.86
CA LYS H 130 36.38 -76.45 -20.59
C LYS H 130 34.86 -76.54 -20.61
N THR H 131 34.23 -75.54 -21.20
CA THR H 131 32.79 -75.48 -21.31
C THR H 131 32.34 -74.03 -21.55
N ASN H 132 33.29 -73.16 -21.86
CA ASN H 132 33.01 -71.75 -22.07
C ASN H 132 32.73 -71.03 -20.75
N ARG H 133 31.55 -70.44 -20.63
CA ARG H 133 31.20 -69.72 -19.42
C ARG H 133 32.13 -68.52 -19.24
N ILE H 134 33.43 -68.75 -19.38
CA ILE H 134 34.45 -67.72 -19.27
C ILE H 134 35.33 -67.81 -20.50
N SER H 135 35.69 -66.66 -21.07
CA SER H 135 36.54 -66.64 -22.26
C SER H 135 37.95 -67.12 -21.90
N ASN H 136 38.79 -67.26 -22.91
CA ASN H 136 40.17 -67.66 -22.67
C ASN H 136 40.86 -66.41 -22.08
N GLU H 137 40.50 -65.25 -22.64
CA GLU H 137 41.04 -63.96 -22.21
C GLU H 137 40.87 -63.82 -20.71
N GLN H 138 39.71 -64.23 -20.21
CA GLN H 138 39.40 -64.18 -18.78
C GLN H 138 40.24 -65.14 -17.95
N TYR H 139 40.19 -66.41 -18.32
CA TYR H 139 40.93 -67.49 -17.66
C TYR H 139 42.34 -67.06 -17.29
N GLU H 140 43.07 -66.56 -18.27
CA GLU H 140 44.43 -66.09 -18.09
C GLU H 140 44.44 -64.92 -17.12
N ARG H 141 43.69 -63.88 -17.50
CA ARG H 141 43.57 -62.64 -16.72
C ARG H 141 43.32 -62.84 -15.22
N MET H 142 42.77 -64.00 -14.81
CA MET H 142 42.52 -64.23 -13.39
C MET H 142 42.40 -65.69 -12.97
N LYS H 143 43.47 -66.42 -13.22
CA LYS H 143 43.48 -67.83 -12.86
C LYS H 143 43.76 -68.05 -11.37
N HIS H 144 43.85 -66.96 -10.62
CA HIS H 144 44.11 -67.11 -9.20
C HIS H 144 43.20 -66.26 -8.33
N LEU H 145 42.74 -66.83 -7.23
CA LEU H 145 41.88 -66.09 -6.32
C LEU H 145 42.64 -65.66 -5.08
N ASN H 146 42.62 -64.36 -4.81
CA ASN H 146 43.29 -63.85 -3.64
C ASN H 146 42.26 -63.47 -2.59
N ILE H 147 42.40 -64.00 -1.38
CA ILE H 147 41.43 -63.67 -0.34
C ILE H 147 42.11 -63.23 0.94
N CYS H 148 41.31 -62.68 1.84
CA CYS H 148 41.79 -62.27 3.15
C CYS H 148 40.59 -62.37 4.07
N GLY H 149 40.85 -62.72 5.31
CA GLY H 149 39.73 -62.82 6.21
C GLY H 149 39.75 -61.70 7.23
N THR H 150 38.56 -61.37 7.71
CA THR H 150 38.35 -60.36 8.72
C THR H 150 37.35 -61.06 9.64
N VAL H 151 37.69 -61.28 10.90
CA VAL H 151 36.77 -62.00 11.76
C VAL H 151 35.83 -61.11 12.54
N GLY H 152 34.54 -61.26 12.24
CA GLY H 152 33.53 -60.49 12.91
C GLY H 152 32.67 -61.44 13.71
N SER H 153 32.53 -61.18 15.01
CA SER H 153 31.73 -62.03 15.88
C SER H 153 31.63 -61.41 17.26
N ILE H 154 30.49 -61.55 17.92
CA ILE H 154 30.34 -61.01 19.27
C ILE H 154 30.90 -61.96 20.32
N ASP H 155 31.16 -63.22 19.93
CA ASP H 155 31.67 -64.21 20.87
C ASP H 155 33.15 -64.13 21.29
N ASN H 156 34.00 -63.48 20.49
CA ASN H 156 35.42 -63.35 20.81
C ASN H 156 35.99 -64.72 21.14
N ASP H 157 35.81 -65.67 20.23
CA ASP H 157 36.32 -67.01 20.44
C ASP H 157 37.22 -67.55 19.34
N MET H 158 37.92 -66.65 18.65
CA MET H 158 38.84 -67.03 17.57
C MET H 158 40.19 -66.81 18.22
N SER H 159 40.89 -67.91 18.46
CA SER H 159 42.16 -67.93 19.16
C SER H 159 43.33 -67.06 18.85
N THR H 160 43.58 -66.77 17.58
CA THR H 160 44.75 -65.95 17.26
C THR H 160 44.53 -64.44 17.35
N THR H 161 43.33 -64.01 17.75
CA THR H 161 43.02 -62.59 17.86
C THR H 161 42.44 -62.29 19.25
N ASP H 162 42.81 -61.13 19.80
CA ASP H 162 42.35 -60.78 21.12
C ASP H 162 40.92 -60.31 21.14
N ALA H 163 40.47 -59.67 20.07
CA ALA H 163 39.10 -59.15 19.99
C ALA H 163 38.48 -59.35 18.61
N THR H 164 37.39 -60.08 18.55
CA THR H 164 36.73 -60.22 17.29
C THR H 164 35.90 -58.93 17.12
N ILE H 165 35.69 -58.48 15.89
CA ILE H 165 34.92 -57.29 15.67
C ILE H 165 33.52 -57.54 16.21
N GLY H 166 33.05 -56.69 17.09
CA GLY H 166 31.71 -56.88 17.64
C GLY H 166 31.63 -57.38 19.08
N ALA H 167 32.69 -58.04 19.51
CA ALA H 167 32.76 -58.55 20.88
C ALA H 167 32.48 -57.45 21.88
N TYR H 168 33.26 -56.38 21.85
CA TYR H 168 33.03 -55.33 22.84
C TYR H 168 31.69 -54.61 22.76
N SER H 169 31.11 -54.54 21.56
CA SER H 169 29.80 -53.94 21.41
C SER H 169 28.80 -54.88 22.10
N ALA H 170 28.88 -56.17 21.79
CA ALA H 170 28.00 -57.08 22.47
C ALA H 170 28.13 -56.86 24.00
N LEU H 171 29.37 -56.82 24.51
CA LEU H 171 29.59 -56.65 25.94
C LEU H 171 28.84 -55.44 26.45
N ASP H 172 28.85 -54.37 25.66
CA ASP H 172 28.18 -53.13 26.01
C ASP H 172 26.71 -53.36 26.13
N ARG H 173 26.16 -54.08 25.17
CA ARG H 173 24.74 -54.38 25.22
C ARG H 173 24.38 -55.16 26.51
N ILE H 174 25.22 -56.14 26.85
CA ILE H 174 24.99 -56.97 28.03
C ILE H 174 25.00 -56.11 29.28
N CYS H 175 26.05 -55.31 29.44
CA CYS H 175 26.14 -54.47 30.62
C CYS H 175 25.02 -53.47 30.74
N LYS H 176 24.43 -53.10 29.61
CA LYS H 176 23.35 -52.14 29.64
C LYS H 176 22.09 -52.81 30.15
N ALA H 177 21.89 -54.06 29.75
CA ALA H 177 20.71 -54.79 30.20
C ALA H 177 20.84 -55.15 31.67
N ILE H 178 22.03 -55.53 32.12
CA ILE H 178 22.18 -55.92 33.50
C ILE H 178 22.01 -54.71 34.36
N ASP H 179 22.49 -53.58 33.88
CA ASP H 179 22.30 -52.37 34.69
C ASP H 179 20.81 -52.03 34.79
N TYR H 180 20.02 -52.39 33.81
CA TYR H 180 18.61 -52.10 33.92
C TYR H 180 18.02 -53.07 34.94
N VAL H 181 18.26 -54.36 34.72
CA VAL H 181 17.74 -55.38 35.60
C VAL H 181 18.13 -55.10 37.05
N GLU H 182 19.35 -54.64 37.24
CA GLU H 182 19.81 -54.37 38.59
C GLU H 182 18.85 -53.47 39.35
N ALA H 183 18.39 -52.40 38.73
CA ALA H 183 17.49 -51.49 39.42
C ALA H 183 16.17 -52.10 39.89
N THR H 184 15.50 -52.91 39.09
CA THR H 184 14.26 -53.46 39.60
C THR H 184 14.59 -54.52 40.63
N ALA H 185 15.73 -55.18 40.43
CA ALA H 185 16.19 -56.24 41.34
C ALA H 185 16.39 -55.62 42.70
N ASN H 186 17.05 -54.48 42.71
CA ASN H 186 17.30 -53.80 43.96
C ASN H 186 16.03 -53.40 44.72
N SER H 187 14.99 -53.08 43.98
CA SER H 187 13.72 -52.69 44.58
C SER H 187 13.14 -53.85 45.39
N HIS H 188 13.24 -55.05 44.84
CA HIS H 188 12.68 -56.24 45.49
C HIS H 188 13.74 -57.13 46.12
N SER H 189 14.96 -56.64 46.18
CA SER H 189 16.06 -57.43 46.76
C SER H 189 16.02 -58.83 46.19
N ARG H 190 15.80 -58.90 44.86
CA ARG H 190 15.73 -60.15 44.14
C ARG H 190 17.02 -60.66 43.59
N ALA H 191 16.90 -61.82 42.95
CA ALA H 191 18.02 -62.50 42.36
C ALA H 191 17.68 -62.71 40.91
N PHE H 192 18.67 -62.52 40.03
CA PHE H 192 18.43 -62.72 38.61
C PHE H 192 19.48 -63.59 37.99
N VAL H 193 19.04 -64.50 37.14
CA VAL H 193 19.96 -65.37 36.43
C VAL H 193 19.92 -64.91 34.97
N VAL H 194 20.93 -64.11 34.60
CA VAL H 194 21.01 -63.58 33.26
C VAL H 194 21.77 -64.48 32.28
N GLU H 195 21.02 -65.01 31.33
CA GLU H 195 21.55 -65.87 30.29
C GLU H 195 22.15 -64.99 29.20
N VAL H 196 23.45 -65.15 28.95
CA VAL H 196 24.18 -64.34 27.97
C VAL H 196 24.72 -65.17 26.81
N MET H 197 24.92 -64.55 25.66
CA MET H 197 25.41 -65.30 24.50
C MET H 197 26.89 -65.62 24.53
N GLY H 198 27.41 -66.03 23.36
CA GLY H 198 28.82 -66.39 23.27
C GLY H 198 29.12 -67.80 22.78
N ARG H 199 28.06 -68.51 22.41
CA ARG H 199 28.19 -69.86 21.91
C ARG H 199 28.92 -70.74 22.89
N ASN H 200 30.17 -71.06 22.61
CA ASN H 200 30.94 -71.90 23.52
C ASN H 200 32.05 -71.16 24.25
N CYS H 201 32.11 -69.85 24.07
CA CYS H 201 33.14 -69.07 24.71
C CYS H 201 32.49 -68.44 25.91
N GLY H 202 33.29 -68.06 26.90
CA GLY H 202 32.73 -67.44 28.08
C GLY H 202 33.29 -66.03 28.24
N TRP H 203 33.92 -65.52 27.19
CA TRP H 203 34.48 -64.18 27.25
C TRP H 203 33.47 -63.11 27.67
N LEU H 204 32.27 -63.16 27.08
CA LEU H 204 31.22 -62.19 27.37
C LEU H 204 30.71 -62.31 28.81
N ALA H 205 30.37 -63.52 29.23
CA ALA H 205 29.87 -63.71 30.59
C ALA H 205 30.88 -63.19 31.61
N LEU H 206 32.14 -63.60 31.48
CA LEU H 206 33.21 -63.16 32.35
C LEU H 206 33.36 -61.65 32.41
N LEU H 207 33.62 -60.99 31.27
CA LEU H 207 33.78 -59.52 31.28
C LEU H 207 32.57 -58.80 31.84
N ALA H 208 31.40 -59.31 31.49
CA ALA H 208 30.14 -58.76 31.97
C ALA H 208 30.12 -58.83 33.51
N GLY H 209 30.22 -60.03 34.05
CA GLY H 209 30.23 -60.20 35.50
C GLY H 209 31.22 -59.31 36.22
N ILE H 210 32.40 -59.12 35.65
CA ILE H 210 33.42 -58.26 36.25
C ILE H 210 32.90 -56.83 36.29
N ALA H 211 32.33 -56.41 35.15
CA ALA H 211 31.81 -55.07 34.96
C ALA H 211 30.53 -54.79 35.71
N THR H 212 29.70 -55.81 35.87
CA THR H 212 28.45 -55.61 36.57
C THR H 212 28.50 -56.06 38.01
N SER H 213 29.65 -56.55 38.45
CA SER H 213 29.81 -57.03 39.82
C SER H 213 28.81 -58.13 40.12
N ALA H 214 28.79 -59.14 39.26
CA ALA H 214 27.89 -60.26 39.44
C ALA H 214 28.39 -61.08 40.61
N ASP H 215 27.48 -61.81 41.26
CA ASP H 215 27.85 -62.61 42.41
C ASP H 215 28.49 -63.90 41.97
N TYR H 216 28.21 -64.32 40.75
CA TYR H 216 28.76 -65.58 40.29
C TYR H 216 28.57 -65.73 38.79
N ILE H 217 29.60 -66.19 38.09
CA ILE H 217 29.49 -66.39 36.64
C ILE H 217 29.67 -67.86 36.35
N PHE H 218 28.98 -68.34 35.32
CA PHE H 218 29.10 -69.73 34.91
C PHE H 218 29.70 -69.71 33.53
N ILE H 219 31.01 -69.90 33.40
CA ILE H 219 31.64 -69.91 32.08
C ILE H 219 32.08 -71.34 31.76
N PRO H 220 32.15 -71.70 30.47
CA PRO H 220 32.54 -73.04 30.03
C PRO H 220 34.03 -73.39 30.11
N GLU H 221 34.88 -72.39 30.25
CA GLU H 221 36.32 -72.60 30.32
C GLU H 221 36.77 -73.03 31.71
N LYS H 222 35.87 -72.93 32.68
CA LYS H 222 36.18 -73.35 34.05
C LYS H 222 34.97 -74.10 34.56
N PRO H 223 34.69 -75.28 34.00
CA PRO H 223 33.54 -76.11 34.38
C PRO H 223 33.58 -76.44 35.85
N ALA H 224 34.79 -76.51 36.39
CA ALA H 224 35.01 -76.84 37.80
C ALA H 224 33.72 -76.94 38.63
N THR H 225 33.20 -78.16 38.77
CA THR H 225 31.99 -78.34 39.57
C THR H 225 31.29 -79.70 39.73
N SER H 226 30.11 -79.74 39.13
CA SER H 226 29.17 -80.84 39.14
C SER H 226 28.30 -80.73 40.43
N SER H 227 28.98 -80.64 41.57
CA SER H 227 28.31 -80.53 42.86
C SER H 227 28.95 -79.31 43.52
N GLU H 228 30.10 -78.94 42.98
CA GLU H 228 30.87 -77.82 43.49
C GLU H 228 30.15 -76.49 43.28
N TRP H 229 29.65 -76.26 42.06
CA TRP H 229 28.99 -74.99 41.78
C TRP H 229 27.83 -74.67 42.68
N GLN H 230 26.98 -75.64 42.99
CA GLN H 230 25.87 -75.33 43.87
C GLN H 230 26.39 -74.80 45.22
N ASP H 231 27.44 -75.42 45.75
CA ASP H 231 27.94 -74.94 47.03
C ASP H 231 28.73 -73.68 46.82
N GLN H 232 29.60 -73.73 45.81
CA GLN H 232 30.45 -72.59 45.47
C GLN H 232 29.60 -71.32 45.42
N MET H 233 28.57 -71.36 44.59
CA MET H 233 27.69 -70.22 44.40
C MET H 233 26.88 -69.88 45.64
N CYS H 234 26.13 -70.86 46.14
CA CYS H 234 25.31 -70.63 47.31
C CYS H 234 26.07 -69.96 48.44
N ASP H 235 27.32 -70.36 48.63
CA ASP H 235 28.12 -69.80 49.70
C ASP H 235 28.40 -68.29 49.55
N ILE H 236 29.00 -67.92 48.44
CA ILE H 236 29.35 -66.52 48.26
C ILE H 236 28.09 -65.66 48.12
N VAL H 237 27.04 -66.24 47.57
CA VAL H 237 25.81 -65.47 47.44
C VAL H 237 25.34 -65.16 48.85
N SER H 238 25.16 -66.21 49.64
CA SER H 238 24.70 -66.06 51.02
C SER H 238 25.52 -65.01 51.74
N LYS H 239 26.83 -65.15 51.67
CA LYS H 239 27.70 -64.21 52.36
C LYS H 239 27.42 -62.80 51.89
N HIS H 240 27.29 -62.64 50.58
CA HIS H 240 27.02 -61.32 50.00
C HIS H 240 25.69 -60.77 50.48
N ARG H 241 24.64 -61.58 50.35
CA ARG H 241 23.30 -61.12 50.75
C ARG H 241 23.22 -60.79 52.21
N SER H 242 23.67 -61.72 53.04
CA SER H 242 23.67 -61.53 54.49
C SER H 242 24.47 -60.31 54.92
N ARG H 243 25.46 -59.95 54.13
CA ARG H 243 26.27 -58.81 54.46
C ARG H 243 25.72 -57.47 53.96
N GLY H 244 24.58 -57.50 53.28
CA GLY H 244 23.99 -56.26 52.79
C GLY H 244 23.48 -56.16 51.37
N LYS H 245 24.21 -56.74 50.42
CA LYS H 245 23.80 -56.68 49.03
C LYS H 245 22.37 -57.17 48.90
N ARG H 246 21.48 -56.26 48.46
CA ARG H 246 20.06 -56.54 48.27
C ARG H 246 19.79 -57.44 47.09
N THR H 247 20.59 -57.26 46.04
CA THR H 247 20.51 -58.00 44.78
C THR H 247 21.52 -59.11 44.54
N THR H 248 21.10 -60.05 43.72
CA THR H 248 21.95 -61.16 43.36
C THR H 248 21.89 -61.37 41.85
N ILE H 249 23.04 -61.14 41.22
CA ILE H 249 23.15 -61.26 39.79
C ILE H 249 24.10 -62.39 39.45
N VAL H 250 23.58 -63.45 38.86
CA VAL H 250 24.38 -64.58 38.45
C VAL H 250 24.45 -64.66 36.94
N VAL H 251 25.58 -64.30 36.35
CA VAL H 251 25.75 -64.35 34.90
C VAL H 251 26.09 -65.78 34.47
N VAL H 252 25.32 -66.32 33.54
CA VAL H 252 25.45 -67.70 33.03
C VAL H 252 25.69 -67.80 31.53
N ALA H 253 26.89 -68.15 31.12
CA ALA H 253 27.21 -68.29 29.69
C ALA H 253 26.23 -69.23 29.02
N GLU H 254 25.68 -68.84 27.89
CA GLU H 254 24.73 -69.74 27.27
C GLU H 254 25.31 -71.14 27.13
N GLY H 255 26.62 -71.25 26.92
CA GLY H 255 27.22 -72.56 26.74
C GLY H 255 27.99 -73.12 27.95
N ALA H 256 27.57 -72.74 29.15
CA ALA H 256 28.22 -73.23 30.35
C ALA H 256 27.95 -74.72 30.55
N ILE H 257 28.92 -75.38 31.15
CA ILE H 257 28.84 -76.80 31.41
C ILE H 257 29.47 -77.08 32.76
N ALA H 258 29.33 -78.32 33.24
CA ALA H 258 29.91 -78.71 34.50
C ALA H 258 31.20 -79.45 34.13
N ALA H 259 31.97 -79.87 35.13
CA ALA H 259 33.22 -80.58 34.85
C ALA H 259 33.01 -81.88 34.07
N ASP H 260 31.83 -82.49 34.22
CA ASP H 260 31.54 -83.72 33.51
C ASP H 260 31.10 -83.46 32.06
N LEU H 261 31.26 -82.22 31.62
CA LEU H 261 30.88 -81.85 30.25
C LEU H 261 29.38 -81.70 30.02
N THR H 262 28.55 -82.06 31.00
CA THR H 262 27.10 -81.93 30.81
C THR H 262 26.79 -80.45 30.93
N PRO H 263 25.74 -79.97 30.24
CA PRO H 263 25.40 -78.55 30.32
C PRO H 263 24.75 -78.07 31.59
N ILE H 264 24.99 -76.80 31.91
CA ILE H 264 24.42 -76.12 33.07
C ILE H 264 23.54 -75.01 32.49
N SER H 265 22.23 -75.12 32.67
CA SER H 265 21.29 -74.13 32.17
C SER H 265 20.89 -73.10 33.23
N PRO H 266 20.28 -71.98 32.79
CA PRO H 266 19.84 -70.91 33.69
C PRO H 266 18.82 -71.47 34.68
N SER H 267 17.99 -72.37 34.18
CA SER H 267 16.99 -72.99 35.03
C SER H 267 17.72 -73.73 36.14
N ASP H 268 18.69 -74.56 35.76
CA ASP H 268 19.46 -75.30 36.73
C ASP H 268 19.87 -74.38 37.87
N VAL H 269 20.40 -73.22 37.50
CA VAL H 269 20.87 -72.28 38.50
C VAL H 269 19.72 -71.64 39.24
N HIS H 270 18.65 -71.34 38.52
CA HIS H 270 17.46 -70.74 39.11
C HIS H 270 16.96 -71.61 40.26
N LYS H 271 16.65 -72.87 39.93
CA LYS H 271 16.17 -73.87 40.90
C LYS H 271 16.98 -73.85 42.17
N VAL H 272 18.29 -73.98 42.06
CA VAL H 272 19.17 -73.97 43.23
C VAL H 272 19.02 -72.66 44.02
N LEU H 273 19.06 -71.52 43.34
CA LEU H 273 18.91 -70.27 44.09
C LEU H 273 17.62 -70.28 44.91
N VAL H 274 16.56 -70.81 44.33
CA VAL H 274 15.27 -70.85 44.99
C VAL H 274 15.17 -71.95 46.03
N ASP H 275 15.42 -73.19 45.61
CA ASP H 275 15.34 -74.33 46.50
C ASP H 275 16.26 -74.22 47.71
N ARG H 276 17.57 -74.21 47.45
CA ARG H 276 18.61 -74.14 48.47
C ARG H 276 18.67 -72.86 49.30
N LEU H 277 18.74 -71.71 48.64
CA LEU H 277 18.80 -70.42 49.33
C LEU H 277 17.40 -69.80 49.56
N GLY H 278 16.39 -70.33 48.88
CA GLY H 278 15.05 -69.82 49.02
C GLY H 278 14.82 -68.34 48.75
N LEU H 279 15.39 -67.85 47.65
CA LEU H 279 15.21 -66.45 47.32
C LEU H 279 14.45 -66.24 46.01
N ASP H 280 13.73 -65.12 45.95
CA ASP H 280 12.93 -64.73 44.81
C ASP H 280 13.84 -64.63 43.56
N THR H 281 13.66 -65.55 42.63
CA THR H 281 14.53 -65.53 41.47
C THR H 281 13.81 -65.47 40.12
N ARG H 282 14.46 -64.84 39.15
CA ARG H 282 13.92 -64.70 37.81
C ARG H 282 15.05 -64.96 36.80
N ILE H 283 14.68 -65.52 35.65
CA ILE H 283 15.64 -65.78 34.60
C ILE H 283 15.47 -64.74 33.51
N THR H 284 16.57 -64.26 32.94
CA THR H 284 16.48 -63.28 31.88
C THR H 284 17.36 -63.74 30.75
N THR H 285 16.83 -63.84 29.54
CA THR H 285 17.69 -64.27 28.46
C THR H 285 17.75 -63.16 27.47
N LEU H 286 18.80 -62.35 27.55
CA LEU H 286 18.97 -61.24 26.65
C LEU H 286 18.76 -61.55 25.14
N GLY H 287 19.13 -62.73 24.69
CA GLY H 287 18.95 -63.01 23.29
C GLY H 287 19.70 -62.04 22.35
N HIS H 288 19.18 -61.86 21.14
CA HIS H 288 19.81 -61.03 20.14
C HIS H 288 20.01 -59.53 20.35
N VAL H 289 19.56 -58.98 21.48
CA VAL H 289 19.83 -57.55 21.61
C VAL H 289 21.35 -57.43 21.61
N GLN H 290 21.99 -58.53 22.03
CA GLN H 290 23.44 -58.67 22.12
C GLN H 290 24.09 -58.59 20.77
N ARG H 291 23.31 -58.84 19.72
CA ARG H 291 23.81 -58.81 18.35
C ARG H 291 23.49 -57.48 17.65
N GLY H 292 22.61 -56.69 18.23
CA GLY H 292 22.25 -55.45 17.60
C GLY H 292 22.98 -54.25 18.12
N GLY H 293 22.41 -53.08 17.84
CA GLY H 293 23.01 -51.84 18.28
C GLY H 293 24.08 -51.37 17.32
N THR H 294 24.49 -50.13 17.45
CA THR H 294 25.54 -49.62 16.59
C THR H 294 26.91 -50.02 17.21
N ALA H 295 27.94 -50.11 16.39
CA ALA H 295 29.20 -50.51 16.97
C ALA H 295 29.76 -49.46 17.93
N VAL H 296 30.30 -49.98 19.02
CA VAL H 296 30.94 -49.20 20.06
C VAL H 296 32.24 -48.62 19.45
N ALA H 297 32.64 -47.42 19.86
CA ALA H 297 33.86 -46.82 19.31
C ALA H 297 35.00 -47.82 19.08
N TYR H 298 35.29 -48.66 20.06
CA TYR H 298 36.36 -49.65 19.90
C TYR H 298 36.14 -50.55 18.67
N ASP H 299 34.92 -51.01 18.48
CA ASP H 299 34.61 -51.85 17.32
C ASP H 299 34.65 -51.02 16.02
N ARG H 300 34.16 -49.81 16.04
CA ARG H 300 34.25 -49.05 14.83
C ARG H 300 35.73 -48.87 14.50
N ILE H 301 36.48 -48.34 15.45
CA ILE H 301 37.91 -48.11 15.20
C ILE H 301 38.67 -49.37 14.80
N LEU H 302 38.41 -50.46 15.51
CA LEU H 302 39.06 -51.72 15.18
C LEU H 302 38.72 -52.16 13.75
N ALA H 303 37.42 -52.28 13.46
CA ALA H 303 36.97 -52.69 12.15
C ALA H 303 37.43 -51.74 11.03
N THR H 304 37.59 -50.47 11.36
CA THR H 304 38.04 -49.56 10.33
C THR H 304 39.46 -49.86 9.94
N LEU H 305 40.33 -50.05 10.93
CA LEU H 305 41.75 -50.35 10.70
C LEU H 305 41.99 -51.72 10.09
N GLN H 306 41.31 -52.74 10.58
CA GLN H 306 41.49 -54.08 10.06
C GLN H 306 41.08 -54.11 8.61
N GLY H 307 40.03 -53.35 8.29
CA GLY H 307 39.50 -53.32 6.96
C GLY H 307 40.51 -52.74 6.00
N LEU H 308 41.21 -51.70 6.46
CA LEU H 308 42.25 -51.09 5.63
C LEU H 308 43.38 -52.11 5.42
N GLU H 309 43.79 -52.80 6.48
CA GLU H 309 44.84 -53.78 6.36
C GLU H 309 44.43 -54.95 5.49
N ALA H 310 43.19 -55.40 5.65
CA ALA H 310 42.71 -56.51 4.85
C ALA H 310 42.93 -56.25 3.35
N VAL H 311 42.70 -55.01 2.91
CA VAL H 311 42.89 -54.66 1.50
C VAL H 311 44.37 -54.81 1.17
N ASN H 312 45.21 -54.28 2.04
CA ASN H 312 46.64 -54.39 1.86
C ASN H 312 47.07 -55.82 1.70
N ALA H 313 46.54 -56.72 2.54
CA ALA H 313 46.85 -58.14 2.46
C ALA H 313 46.47 -58.81 1.15
N VAL H 314 45.20 -58.74 0.72
CA VAL H 314 44.84 -59.40 -0.53
C VAL H 314 45.57 -58.79 -1.69
N LEU H 315 45.90 -57.51 -1.57
CA LEU H 315 46.63 -56.84 -2.63
C LEU H 315 48.05 -57.36 -2.77
N GLU H 316 48.61 -57.92 -1.71
CA GLU H 316 49.95 -58.43 -1.80
C GLU H 316 50.04 -59.93 -1.61
N SER H 317 48.91 -60.61 -1.66
CA SER H 317 48.92 -62.05 -1.53
C SER H 317 49.30 -62.56 -2.91
N THR H 318 49.90 -63.74 -2.95
CA THR H 318 50.33 -64.36 -4.21
C THR H 318 49.93 -65.84 -4.22
N PRO H 319 50.08 -66.50 -5.39
CA PRO H 319 49.72 -67.92 -5.46
C PRO H 319 50.39 -68.79 -4.43
N ASP H 320 51.50 -68.33 -3.89
CA ASP H 320 52.19 -69.14 -2.91
C ASP H 320 52.00 -68.71 -1.45
N THR H 321 51.44 -67.53 -1.24
CA THR H 321 51.19 -67.04 0.11
C THR H 321 49.97 -67.74 0.70
N PRO H 322 50.06 -68.15 1.96
CA PRO H 322 48.94 -68.82 2.63
C PRO H 322 47.89 -67.77 2.91
N SER H 323 46.62 -68.17 2.82
CA SER H 323 45.52 -67.24 3.07
C SER H 323 45.63 -66.56 4.42
N PRO H 324 45.72 -65.23 4.42
CA PRO H 324 45.85 -64.35 5.57
C PRO H 324 44.53 -64.07 6.30
N LEU H 325 44.67 -63.44 7.46
CA LEU H 325 43.53 -63.09 8.27
C LEU H 325 43.95 -61.91 9.17
N ILE H 326 43.13 -60.87 9.30
CA ILE H 326 43.58 -59.76 10.12
C ILE H 326 43.10 -59.83 11.52
N ALA H 327 44.03 -59.65 12.47
CA ALA H 327 43.70 -59.73 13.89
C ALA H 327 44.31 -58.60 14.74
N VAL H 328 44.15 -58.72 16.06
CA VAL H 328 44.75 -57.76 16.99
C VAL H 328 45.45 -58.53 18.10
N ASN H 329 46.68 -58.14 18.40
CA ASN H 329 47.45 -58.76 19.48
C ASN H 329 48.08 -57.58 20.19
N GLU H 330 47.85 -57.48 21.50
CA GLU H 330 48.41 -56.36 22.25
C GLU H 330 48.09 -55.11 21.43
N ASN H 331 46.79 -54.80 21.31
CA ASN H 331 46.34 -53.66 20.51
C ASN H 331 47.30 -53.27 19.40
N LYS H 332 47.55 -54.20 18.50
CA LYS H 332 48.43 -53.98 17.37
C LYS H 332 47.79 -54.80 16.26
N ILE H 333 47.42 -54.12 15.17
CA ILE H 333 46.78 -54.79 14.05
C ILE H 333 47.79 -55.66 13.31
N VAL H 334 47.49 -56.95 13.22
CA VAL H 334 48.41 -57.91 12.58
C VAL H 334 47.80 -58.97 11.68
N ARG H 335 48.64 -59.57 10.85
CA ARG H 335 48.19 -60.62 9.95
C ARG H 335 48.47 -61.99 10.58
N LYS H 336 47.54 -62.93 10.40
CA LYS H 336 47.70 -64.28 10.93
C LYS H 336 47.29 -65.29 9.86
N PRO H 337 47.87 -66.49 9.88
CA PRO H 337 47.44 -67.41 8.83
C PRO H 337 46.06 -68.00 9.12
N LEU H 338 45.15 -67.84 8.18
CA LEU H 338 43.78 -68.32 8.26
C LEU H 338 43.71 -69.73 8.83
N MET H 339 44.37 -70.69 8.15
CA MET H 339 44.35 -72.07 8.60
C MET H 339 44.82 -72.28 10.04
N GLU H 340 46.06 -71.90 10.35
CA GLU H 340 46.60 -72.08 11.68
C GLU H 340 45.59 -71.53 12.68
N SER H 341 45.07 -70.34 12.37
CA SER H 341 44.09 -69.65 13.21
C SER H 341 42.86 -70.47 13.43
N VAL H 342 42.27 -70.96 12.36
CA VAL H 342 41.10 -71.77 12.57
C VAL H 342 41.49 -73.06 13.30
N LYS H 343 42.65 -73.64 12.93
CA LYS H 343 43.15 -74.88 13.54
C LYS H 343 43.31 -74.68 15.06
N LEU H 344 43.95 -73.58 15.42
CA LEU H 344 44.13 -73.27 16.83
C LEU H 344 42.79 -73.09 17.52
N THR H 345 41.76 -72.70 16.78
CA THR H 345 40.45 -72.50 17.38
C THR H 345 39.74 -73.84 17.56
N LYS H 346 39.76 -74.67 16.52
CA LYS H 346 39.16 -75.99 16.60
C LYS H 346 39.74 -76.67 17.85
N ALA H 347 40.97 -76.30 18.16
CA ALA H 347 41.70 -76.83 19.31
C ALA H 347 40.90 -76.71 20.61
N VAL H 348 40.51 -75.49 20.96
CA VAL H 348 39.73 -75.24 22.18
C VAL H 348 38.58 -76.24 22.35
N ALA H 349 37.81 -76.44 21.28
CA ALA H 349 36.72 -77.41 21.35
C ALA H 349 37.25 -78.75 21.83
N GLU H 350 38.34 -79.20 21.20
CA GLU H 350 38.98 -80.47 21.55
C GLU H 350 39.41 -80.48 23.00
N ALA H 351 40.27 -79.53 23.36
CA ALA H 351 40.74 -79.44 24.74
C ALA H 351 39.58 -79.59 25.72
N ILE H 352 38.49 -78.90 25.44
CA ILE H 352 37.30 -78.92 26.30
C ILE H 352 36.64 -80.29 26.29
N GLN H 353 36.58 -80.91 25.11
CA GLN H 353 36.00 -82.24 24.96
C GLN H 353 36.85 -83.27 25.70
N ALA H 354 38.10 -82.91 25.98
CA ALA H 354 39.02 -83.79 26.68
C ALA H 354 39.36 -83.28 28.06
N LYS H 355 38.38 -82.64 28.69
CA LYS H 355 38.55 -82.10 30.04
C LYS H 355 39.80 -81.28 30.38
N ASP H 356 40.69 -81.03 29.41
CA ASP H 356 41.87 -80.23 29.71
C ASP H 356 41.51 -78.75 29.62
N PHE H 357 40.89 -78.26 30.67
CA PHE H 357 40.44 -76.88 30.76
C PHE H 357 41.53 -75.81 30.73
N LYS H 358 42.64 -76.00 31.45
CA LYS H 358 43.72 -75.02 31.42
C LYS H 358 44.20 -74.78 29.96
N ARG H 359 44.19 -75.83 29.15
CA ARG H 359 44.66 -75.69 27.77
C ARG H 359 43.74 -74.77 27.01
N ALA H 360 42.45 -75.05 27.12
CA ALA H 360 41.46 -74.24 26.44
C ALA H 360 41.66 -72.80 26.85
N MET H 361 41.71 -72.61 28.15
CA MET H 361 41.86 -71.29 28.70
C MET H 361 43.06 -70.53 28.17
N SER H 362 44.08 -71.25 27.73
CA SER H 362 45.27 -70.58 27.22
C SER H 362 45.07 -70.13 25.78
N LEU H 363 44.20 -70.83 25.08
CA LEU H 363 43.94 -70.50 23.69
C LEU H 363 43.05 -69.26 23.48
N ARG H 364 42.48 -68.72 24.57
CA ARG H 364 41.65 -67.51 24.53
C ARG H 364 42.53 -66.28 24.32
N ASP H 365 42.00 -65.11 24.63
CA ASP H 365 42.73 -63.87 24.40
C ASP H 365 43.79 -63.58 25.42
N THR H 366 44.78 -62.84 24.96
CA THR H 366 45.93 -62.49 25.75
C THR H 366 45.68 -62.21 27.22
N GLU H 367 44.47 -61.79 27.58
CA GLU H 367 44.22 -61.52 28.98
C GLU H 367 42.97 -62.16 29.59
N PHE H 368 42.54 -63.27 29.01
CA PHE H 368 41.33 -63.96 29.49
C PHE H 368 41.54 -64.44 30.90
N ILE H 369 42.62 -65.16 31.12
CA ILE H 369 42.92 -65.70 32.43
C ILE H 369 43.10 -64.67 33.52
N GLU H 370 43.78 -63.58 33.18
CA GLU H 370 43.99 -62.50 34.13
C GLU H 370 42.64 -62.02 34.66
N HIS H 371 41.70 -61.77 33.76
CA HIS H 371 40.36 -61.35 34.17
C HIS H 371 39.72 -62.38 35.12
N LEU H 372 39.71 -63.64 34.72
CA LEU H 372 39.12 -64.64 35.58
C LEU H 372 39.64 -64.53 37.02
N ASN H 373 40.97 -64.51 37.16
CA ASN H 373 41.57 -64.43 38.47
C ASN H 373 41.11 -63.16 39.14
N ASN H 374 41.17 -62.06 38.42
CA ASN H 374 40.71 -60.81 39.02
C ASN H 374 39.28 -60.91 39.51
N PHE H 375 38.39 -61.43 38.68
CA PHE H 375 37.00 -61.54 39.12
C PHE H 375 36.94 -62.29 40.45
N MET H 376 37.49 -63.49 40.45
CA MET H 376 37.53 -64.32 41.64
C MET H 376 37.93 -63.50 42.87
N ALA H 377 39.04 -62.80 42.77
CA ALA H 377 39.49 -62.02 43.89
C ALA H 377 38.41 -61.06 44.37
N ILE H 378 38.15 -60.02 43.58
CA ILE H 378 37.17 -59.01 43.95
C ILE H 378 35.79 -59.54 44.33
N ASN H 379 35.41 -60.68 43.77
CA ASN H 379 34.13 -61.27 44.11
C ASN H 379 34.20 -61.85 45.52
N SER H 380 35.29 -62.55 45.85
CA SER H 380 35.42 -63.11 47.18
C SER H 380 35.66 -61.94 48.13
N ALA H 381 36.80 -61.30 47.97
CA ALA H 381 37.18 -60.13 48.75
C ALA H 381 36.57 -60.00 50.13
N ASP H 382 37.31 -60.35 51.16
CA ASP H 382 36.84 -60.23 52.57
C ASP H 382 35.65 -61.08 53.03
N HIS H 383 35.04 -61.86 52.13
CA HIS H 383 33.92 -62.72 52.49
C HIS H 383 34.46 -64.06 52.89
N ASN H 384 35.72 -64.27 52.54
CA ASN H 384 36.43 -65.47 52.88
C ASN H 384 37.74 -65.05 53.52
N GLU H 385 37.85 -65.27 54.84
CA GLU H 385 39.05 -64.93 55.59
C GLU H 385 40.30 -65.27 54.77
N PRO H 386 40.22 -66.32 53.92
CA PRO H 386 41.33 -66.74 53.07
C PRO H 386 42.53 -65.80 52.87
N LYS H 387 42.37 -64.53 53.24
CA LYS H 387 43.45 -63.57 53.13
C LYS H 387 44.70 -64.24 52.52
N LEU H 388 44.61 -64.59 51.23
CA LEU H 388 45.69 -65.24 50.53
C LEU H 388 47.10 -65.12 51.11
N PRO H 389 47.57 -63.89 51.41
CA PRO H 389 48.91 -63.77 51.98
C PRO H 389 48.92 -63.98 53.48
N LYS H 390 50.00 -64.58 54.03
CA LYS H 390 50.11 -64.71 55.50
C LYS H 390 50.48 -63.29 55.94
N ASP H 391 50.28 -62.92 57.20
CA ASP H 391 50.61 -61.55 57.62
C ASP H 391 51.82 -60.87 56.94
N LYS H 392 51.55 -60.50 55.70
CA LYS H 392 52.44 -59.79 54.78
C LYS H 392 51.42 -58.80 54.18
N ARG H 393 50.28 -58.67 54.87
CA ARG H 393 49.19 -57.76 54.52
C ARG H 393 49.50 -56.37 55.01
N LEU H 394 49.38 -55.39 54.13
CA LEU H 394 49.73 -54.05 54.51
C LEU H 394 48.48 -53.21 54.58
N LYS H 395 48.66 -51.95 54.96
CA LYS H 395 47.60 -50.96 55.04
C LYS H 395 47.90 -50.01 53.89
N ILE H 396 47.07 -50.09 52.85
CA ILE H 396 47.23 -49.27 51.64
C ILE H 396 46.15 -48.21 51.46
N ALA H 397 46.55 -47.05 50.95
CA ALA H 397 45.63 -45.95 50.75
C ALA H 397 45.46 -45.66 49.26
N ILE H 398 44.26 -45.21 48.91
CA ILE H 398 43.88 -44.90 47.55
C ILE H 398 43.29 -43.48 47.57
N VAL H 399 43.50 -42.72 46.51
CA VAL H 399 42.99 -41.36 46.45
C VAL H 399 42.76 -40.95 44.98
N ASN H 400 41.93 -39.94 44.73
CA ASN H 400 41.67 -39.45 43.38
C ASN H 400 42.14 -38.01 43.26
N VAL H 401 42.78 -37.67 42.15
CA VAL H 401 43.24 -36.32 41.96
C VAL H 401 43.06 -35.93 40.52
N GLY H 402 42.38 -34.80 40.29
CA GLY H 402 42.14 -34.32 38.93
C GLY H 402 40.66 -34.34 38.58
N ALA H 403 40.32 -34.32 37.30
CA ALA H 403 38.92 -34.34 36.93
C ALA H 403 38.39 -35.74 37.09
N PRO H 404 37.08 -35.89 37.21
CA PRO H 404 36.57 -37.25 37.35
C PRO H 404 36.59 -37.89 35.95
N ALA H 405 36.57 -39.22 35.89
CA ALA H 405 36.59 -39.92 34.61
C ALA H 405 36.00 -41.31 34.79
N GLY H 406 35.37 -41.84 33.75
CA GLY H 406 34.78 -43.16 33.87
C GLY H 406 35.77 -44.23 34.26
N GLY H 407 35.41 -44.99 35.27
CA GLY H 407 36.27 -46.07 35.71
C GLY H 407 37.05 -45.83 36.98
N ILE H 408 37.13 -44.57 37.40
CA ILE H 408 37.85 -44.29 38.63
C ILE H 408 37.13 -44.97 39.80
N ASN H 409 35.80 -44.95 39.83
CA ASN H 409 35.15 -45.63 40.92
C ASN H 409 35.43 -47.11 40.84
N SER H 410 35.53 -47.64 39.64
CA SER H 410 35.79 -49.08 39.50
C SER H 410 37.18 -49.37 40.05
N ALA H 411 38.14 -48.48 39.78
CA ALA H 411 39.50 -48.66 40.28
C ALA H 411 39.47 -48.72 41.79
N VAL H 412 38.81 -47.74 42.40
CA VAL H 412 38.69 -47.74 43.83
C VAL H 412 38.05 -49.04 44.26
N TYR H 413 36.82 -49.30 43.82
CA TYR H 413 36.12 -50.54 44.21
C TYR H 413 36.96 -51.80 44.04
N SER H 414 37.60 -51.92 42.88
CA SER H 414 38.43 -53.07 42.61
C SER H 414 39.64 -53.10 43.51
N MET H 415 40.31 -51.96 43.70
CA MET H 415 41.48 -51.92 44.58
C MET H 415 41.08 -52.36 46.01
N ALA H 416 40.05 -51.74 46.56
CA ALA H 416 39.57 -52.09 47.88
C ALA H 416 39.23 -53.58 47.96
N THR H 417 38.28 -54.07 47.18
CA THR H 417 37.94 -55.49 47.30
C THR H 417 39.12 -56.44 47.01
N TYR H 418 40.10 -56.03 46.22
CA TYR H 418 41.22 -56.94 45.93
C TYR H 418 42.06 -57.05 47.18
N CYS H 419 42.32 -55.90 47.81
CA CYS H 419 43.04 -55.84 49.09
C CYS H 419 42.37 -56.82 50.08
N MET H 420 41.04 -56.78 50.13
CA MET H 420 40.29 -57.64 51.03
C MET H 420 40.51 -59.12 50.78
N SER H 421 40.79 -59.50 49.55
CA SER H 421 41.04 -60.91 49.32
C SER H 421 42.46 -61.24 49.77
N GLN H 422 43.30 -60.22 49.89
CA GLN H 422 44.66 -60.44 50.31
C GLN H 422 44.83 -60.35 51.80
N GLY H 423 44.10 -59.45 52.45
CA GLY H 423 44.26 -59.28 53.88
C GLY H 423 44.73 -57.86 54.13
N HIS H 424 45.02 -57.13 53.05
CA HIS H 424 45.44 -55.74 53.17
C HIS H 424 44.23 -54.96 53.66
N ARG H 425 44.48 -53.85 54.35
CA ARG H 425 43.41 -52.99 54.85
C ARG H 425 43.41 -51.78 53.92
N PRO H 426 42.35 -51.61 53.13
CA PRO H 426 42.29 -50.47 52.23
C PRO H 426 41.74 -49.23 52.95
N TYR H 427 42.37 -48.09 52.69
CA TYR H 427 41.93 -46.83 53.28
C TYR H 427 41.80 -45.87 52.15
N ALA H 428 40.70 -45.12 52.13
CA ALA H 428 40.46 -44.14 51.09
C ALA H 428 40.61 -42.73 51.65
N ILE H 429 41.34 -41.88 50.94
CA ILE H 429 41.53 -40.51 51.37
C ILE H 429 40.50 -39.70 50.59
N TYR H 430 39.43 -39.26 51.25
CA TYR H 430 38.39 -38.48 50.57
C TYR H 430 38.79 -37.06 50.12
N ASN H 431 38.23 -36.65 49.01
CA ASN H 431 38.53 -35.35 48.46
C ASN H 431 39.99 -34.93 48.37
N GLY H 432 40.81 -35.86 47.88
CA GLY H 432 42.21 -35.56 47.66
C GLY H 432 42.98 -34.92 48.78
N TRP H 433 44.07 -34.26 48.41
CA TRP H 433 44.96 -33.60 49.35
C TRP H 433 44.31 -32.47 50.16
N SER H 434 43.46 -31.68 49.52
CA SER H 434 42.81 -30.58 50.23
C SER H 434 41.87 -31.19 51.26
N GLY H 435 41.28 -32.31 50.91
CA GLY H 435 40.37 -32.94 51.85
C GLY H 435 41.12 -33.66 52.94
N LEU H 436 42.38 -34.03 52.68
CA LEU H 436 43.16 -34.72 53.71
C LEU H 436 43.69 -33.71 54.73
N ALA H 437 44.42 -32.71 54.23
CA ALA H 437 44.99 -31.69 55.09
C ALA H 437 43.93 -30.94 55.86
N ARG H 438 42.97 -30.36 55.14
CA ARG H 438 41.91 -29.56 55.73
C ARG H 438 40.86 -30.30 56.57
N HIS H 439 40.67 -31.59 56.36
CA HIS H 439 39.66 -32.29 57.13
C HIS H 439 40.02 -33.70 57.58
N GLU H 440 41.28 -34.09 57.47
CA GLU H 440 41.67 -35.46 57.85
C GLU H 440 40.61 -36.42 57.31
N SER H 441 40.52 -36.50 55.99
CA SER H 441 39.50 -37.32 55.35
C SER H 441 39.81 -38.79 55.11
N VAL H 442 40.54 -39.43 56.03
CA VAL H 442 40.83 -40.84 55.84
C VAL H 442 39.66 -41.70 56.33
N ARG H 443 39.25 -42.72 55.56
CA ARG H 443 38.15 -43.61 55.93
C ARG H 443 38.44 -45.04 55.58
N SER H 444 37.76 -45.97 56.22
CA SER H 444 37.97 -47.37 55.92
C SER H 444 36.92 -47.83 54.94
N LEU H 445 37.38 -48.34 53.81
CA LEU H 445 36.48 -48.80 52.76
C LEU H 445 35.80 -50.12 53.12
N ASN H 446 34.53 -50.03 53.51
CA ASN H 446 33.76 -51.22 53.88
C ASN H 446 33.07 -51.78 52.68
N TRP H 447 33.24 -53.08 52.43
CA TRP H 447 32.59 -53.72 51.30
C TRP H 447 31.16 -53.22 51.12
N LYS H 448 30.31 -53.33 52.14
CA LYS H 448 28.93 -52.86 52.04
C LYS H 448 28.79 -51.40 51.55
N ASP H 449 29.65 -50.49 52.02
CA ASP H 449 29.56 -49.09 51.60
C ASP H 449 29.90 -48.85 50.15
N MET H 450 30.46 -49.85 49.49
CA MET H 450 30.86 -49.68 48.10
C MET H 450 29.98 -50.42 47.12
N LEU H 451 28.84 -50.94 47.55
CA LEU H 451 27.99 -51.65 46.61
C LEU H 451 27.66 -50.69 45.46
N GLY H 452 27.73 -51.20 44.24
CA GLY H 452 27.45 -50.34 43.10
C GLY H 452 28.63 -49.58 42.53
N TRP H 453 29.59 -49.25 43.36
CA TRP H 453 30.77 -48.50 42.90
C TRP H 453 31.42 -49.03 41.63
N GLN H 454 31.39 -50.34 41.42
CA GLN H 454 32.08 -50.85 40.24
C GLN H 454 31.60 -50.16 39.00
N SER H 455 30.33 -49.80 38.97
CA SER H 455 29.79 -49.19 37.79
C SER H 455 29.15 -47.81 37.93
N ARG H 456 29.81 -46.91 38.63
CA ARG H 456 29.22 -45.62 38.75
C ARG H 456 30.16 -44.64 38.11
N GLY H 457 29.61 -43.58 37.56
CA GLY H 457 30.47 -42.59 36.98
C GLY H 457 30.76 -41.68 38.14
N GLY H 458 31.25 -40.49 37.85
CA GLY H 458 31.54 -39.57 38.92
C GLY H 458 32.67 -40.05 39.81
N SER H 459 32.71 -39.55 41.04
CA SER H 459 33.75 -39.95 41.97
C SER H 459 33.23 -40.05 43.40
N GLU H 460 32.95 -41.27 43.83
CA GLU H 460 32.42 -41.54 45.17
C GLU H 460 33.24 -40.89 46.27
N ILE H 461 34.56 -41.05 46.23
CA ILE H 461 35.40 -40.47 47.28
C ILE H 461 35.77 -39.02 47.04
N GLY H 462 35.43 -38.50 45.88
CA GLY H 462 35.72 -37.10 45.61
C GLY H 462 37.10 -36.76 45.09
N THR H 463 37.14 -35.83 44.14
CA THR H 463 38.38 -35.39 43.55
C THR H 463 38.46 -33.93 43.18
N ASN H 464 39.68 -33.40 43.19
CA ASN H 464 39.93 -32.02 42.81
C ASN H 464 41.32 -31.90 42.22
N ARG H 465 41.75 -30.67 41.91
CA ARG H 465 43.02 -30.52 41.26
C ARG H 465 44.12 -30.01 42.15
N VAL H 466 43.86 -29.98 43.45
CA VAL H 466 44.85 -29.50 44.42
C VAL H 466 46.03 -30.47 44.56
N THR H 467 47.25 -29.96 44.34
CA THR H 467 48.44 -30.78 44.47
C THR H 467 48.89 -30.82 45.93
N PRO H 468 49.67 -31.85 46.32
CA PRO H 468 50.15 -31.96 47.71
C PRO H 468 50.76 -30.69 48.26
N GLU H 469 51.65 -30.05 47.49
CA GLU H 469 52.27 -28.82 47.94
C GLU H 469 51.26 -27.70 48.27
N GLU H 470 50.19 -27.64 47.48
CA GLU H 470 49.16 -26.63 47.70
C GLU H 470 48.35 -26.89 48.95
N ALA H 471 48.34 -28.14 49.42
CA ALA H 471 47.54 -28.48 50.60
C ALA H 471 48.37 -28.54 51.85
N ASP H 472 49.68 -28.30 51.72
CA ASP H 472 50.60 -28.38 52.86
C ASP H 472 51.12 -29.81 53.03
N LEU H 473 52.30 -30.06 52.47
CA LEU H 473 52.92 -31.37 52.52
C LEU H 473 52.94 -31.94 53.93
N GLY H 474 53.35 -31.10 54.89
CA GLY H 474 53.41 -31.53 56.28
C GLY H 474 52.17 -32.27 56.76
N MET H 475 51.05 -31.55 56.82
CA MET H 475 49.81 -32.16 57.27
C MET H 475 49.62 -33.49 56.56
N ILE H 476 49.97 -33.54 55.28
CA ILE H 476 49.84 -34.75 54.50
C ILE H 476 50.69 -35.85 55.14
N ALA H 477 52.01 -35.64 55.13
CA ALA H 477 52.93 -36.61 55.73
C ALA H 477 52.49 -37.00 57.14
N TYR H 478 52.08 -36.00 57.92
CA TYR H 478 51.64 -36.26 59.27
C TYR H 478 50.58 -37.36 59.29
N TYR H 479 49.39 -37.04 58.78
CA TYR H 479 48.30 -38.00 58.75
C TYR H 479 48.75 -39.33 58.18
N PHE H 480 49.66 -39.27 57.21
CA PHE H 480 50.18 -40.47 56.56
C PHE H 480 50.80 -41.34 57.62
N GLN H 481 51.78 -40.75 58.30
CA GLN H 481 52.46 -41.42 59.39
C GLN H 481 51.45 -41.92 60.41
N LYS H 482 50.51 -41.05 60.77
CA LYS H 482 49.50 -41.40 61.75
C LYS H 482 48.71 -42.65 61.39
N TYR H 483 48.23 -42.75 60.15
CA TYR H 483 47.47 -43.94 59.79
C TYR H 483 48.35 -45.13 59.38
N GLU H 484 49.64 -44.86 59.28
CA GLU H 484 50.62 -45.86 58.93
C GLU H 484 50.25 -46.54 57.63
N PHE H 485 50.42 -45.82 56.52
CA PHE H 485 50.12 -46.35 55.19
C PHE H 485 51.40 -46.96 54.66
N ASP H 486 51.34 -48.24 54.33
CA ASP H 486 52.50 -48.95 53.81
C ASP H 486 52.66 -48.57 52.34
N GLY H 487 51.52 -48.26 51.72
CA GLY H 487 51.50 -47.90 50.30
C GLY H 487 50.36 -46.99 49.87
N LEU H 488 50.66 -46.21 48.83
CA LEU H 488 49.73 -45.24 48.26
C LEU H 488 49.37 -45.63 46.85
N ILE H 489 48.12 -45.49 46.46
CA ILE H 489 47.69 -45.80 45.09
C ILE H 489 46.90 -44.58 44.66
N ILE H 490 47.47 -43.81 43.74
CA ILE H 490 46.81 -42.61 43.25
C ILE H 490 46.12 -42.81 41.89
N VAL H 491 44.83 -42.49 41.84
CA VAL H 491 44.05 -42.62 40.61
C VAL H 491 43.65 -41.23 40.13
N GLY H 492 44.07 -40.86 38.93
CA GLY H 492 43.77 -39.55 38.40
C GLY H 492 44.53 -39.11 37.15
N GLY H 493 44.47 -37.81 36.87
CA GLY H 493 45.08 -37.28 35.67
C GLY H 493 46.44 -36.62 35.85
N PHE H 494 46.72 -35.58 35.08
CA PHE H 494 48.03 -34.95 35.17
C PHE H 494 48.31 -34.34 36.51
N GLU H 495 47.26 -33.97 37.25
CA GLU H 495 47.51 -33.41 38.59
C GLU H 495 47.97 -34.54 39.47
N ALA H 496 47.36 -35.71 39.28
CA ALA H 496 47.70 -36.91 40.03
C ALA H 496 49.12 -37.35 39.64
N PHE H 497 49.55 -36.98 38.44
CA PHE H 497 50.89 -37.31 37.95
C PHE H 497 51.79 -36.48 38.83
N GLU H 498 51.60 -35.16 38.74
CA GLU H 498 52.34 -34.18 39.52
C GLU H 498 52.40 -34.56 40.99
N SER H 499 51.27 -35.01 41.55
CA SER H 499 51.24 -35.39 42.94
C SER H 499 52.28 -36.44 43.21
N LEU H 500 52.20 -37.57 42.48
CA LEU H 500 53.18 -38.64 42.63
C LEU H 500 54.58 -38.01 42.67
N HIS H 501 54.89 -37.26 41.63
CA HIS H 501 56.16 -36.59 41.53
C HIS H 501 56.54 -35.83 42.80
N GLN H 502 55.69 -34.93 43.26
CA GLN H 502 55.96 -34.20 44.48
C GLN H 502 56.15 -35.15 45.69
N LEU H 503 55.18 -36.02 46.00
CA LEU H 503 55.36 -36.91 47.14
C LEU H 503 56.68 -37.65 47.08
N GLU H 504 57.10 -38.05 45.90
CA GLU H 504 58.35 -38.79 45.78
C GLU H 504 59.55 -37.92 46.06
N ARG H 505 59.53 -36.71 45.53
CA ARG H 505 60.60 -35.76 45.67
C ARG H 505 60.51 -35.13 47.06
N ALA H 506 59.60 -35.65 47.85
CA ALA H 506 59.42 -35.16 49.20
C ALA H 506 59.86 -36.29 50.11
N ARG H 507 60.37 -37.35 49.50
CA ARG H 507 60.84 -38.53 50.22
C ARG H 507 61.73 -38.09 51.36
N GLU H 508 63.01 -37.81 51.08
CA GLU H 508 63.83 -37.34 52.17
C GLU H 508 63.27 -35.98 52.47
N SER H 509 62.94 -35.77 53.74
CA SER H 509 62.32 -34.55 54.26
C SER H 509 61.07 -34.99 55.02
N TYR H 510 60.44 -36.04 54.52
CA TYR H 510 59.24 -36.59 55.14
C TYR H 510 59.27 -38.09 54.86
N PRO H 511 59.86 -38.85 55.78
CA PRO H 511 59.97 -40.31 55.66
C PRO H 511 58.66 -41.09 55.59
N ALA H 512 57.51 -40.43 55.71
CA ALA H 512 56.24 -41.17 55.64
C ALA H 512 55.96 -41.52 54.18
N PHE H 513 56.65 -40.80 53.29
CA PHE H 513 56.51 -41.00 51.84
C PHE H 513 57.56 -41.99 51.35
N ARG H 514 58.29 -42.56 52.28
CA ARG H 514 59.31 -43.53 51.93
C ARG H 514 58.65 -44.88 51.64
N ILE H 515 57.40 -44.83 51.16
CA ILE H 515 56.66 -46.05 50.78
C ILE H 515 56.47 -46.10 49.25
N PRO H 516 56.11 -47.28 48.72
CA PRO H 516 55.91 -47.47 47.27
C PRO H 516 54.65 -46.70 46.90
N MET H 517 54.62 -46.04 45.75
CA MET H 517 53.43 -45.27 45.46
C MET H 517 52.57 -45.58 44.22
N VAL H 518 53.10 -45.53 43.01
CA VAL H 518 52.24 -45.88 41.86
C VAL H 518 50.99 -45.08 41.54
N LEU H 519 50.84 -44.76 40.26
CA LEU H 519 49.72 -44.00 39.75
C LEU H 519 48.94 -44.75 38.68
N ILE H 520 47.62 -44.77 38.81
CA ILE H 520 46.75 -45.39 37.80
C ILE H 520 46.27 -44.18 36.99
N PRO H 521 46.82 -43.93 35.79
CA PRO H 521 46.36 -42.77 35.01
C PRO H 521 44.87 -42.82 34.71
N ALA H 522 44.23 -41.66 34.76
CA ALA H 522 42.79 -41.55 34.51
C ALA H 522 42.42 -40.14 34.09
N THR H 523 41.94 -40.02 32.87
CA THR H 523 41.51 -38.74 32.35
C THR H 523 41.04 -38.99 30.93
N LEU H 524 39.89 -38.47 30.56
CA LEU H 524 39.39 -38.71 29.22
C LEU H 524 40.31 -38.16 28.14
N SER H 525 41.28 -37.35 28.51
CA SER H 525 42.22 -36.82 27.53
C SER H 525 43.37 -37.74 27.18
N ASN H 526 43.63 -38.72 28.01
CA ASN H 526 44.72 -39.63 27.76
C ASN H 526 45.99 -38.86 27.57
N ASN H 527 46.25 -37.87 28.44
CA ASN H 527 47.46 -37.02 28.39
C ASN H 527 48.52 -37.31 29.45
N VAL H 528 48.34 -38.38 30.22
CA VAL H 528 49.29 -38.75 31.26
C VAL H 528 50.36 -39.66 30.68
N PRO H 529 51.63 -39.25 30.79
CA PRO H 529 52.79 -39.98 30.31
C PRO H 529 52.92 -41.34 31.00
N GLY H 530 53.47 -42.33 30.32
CA GLY H 530 53.66 -43.61 30.95
C GLY H 530 52.61 -44.62 30.61
N THR H 531 51.69 -44.26 29.73
CA THR H 531 50.65 -45.19 29.33
C THR H 531 50.03 -44.82 27.98
N GLU H 532 49.37 -45.79 27.34
CA GLU H 532 48.73 -45.51 26.06
C GLU H 532 47.24 -45.46 26.29
N TYR H 533 46.82 -45.74 27.52
CA TYR H 533 45.40 -45.73 27.82
C TYR H 533 45.03 -45.30 29.22
N SER H 534 44.71 -44.03 29.45
CA SER H 534 44.29 -43.61 30.79
C SER H 534 42.85 -44.08 31.03
N LEU H 535 42.44 -44.16 32.29
CA LEU H 535 41.09 -44.61 32.58
C LEU H 535 40.12 -43.50 32.22
N GLY H 536 38.94 -43.90 31.74
CA GLY H 536 37.91 -42.95 31.38
C GLY H 536 37.88 -42.64 29.90
N SER H 537 39.00 -42.84 29.22
CA SER H 537 39.11 -42.56 27.81
C SER H 537 38.01 -43.20 26.94
N ASP H 538 37.94 -44.54 26.93
CA ASP H 538 36.95 -45.21 26.09
C ASP H 538 35.55 -44.68 26.36
N THR H 539 35.30 -44.31 27.62
CA THR H 539 33.98 -43.80 28.00
C THR H 539 33.73 -42.44 27.34
N ALA H 540 34.75 -41.58 27.36
CA ALA H 540 34.62 -40.27 26.72
C ALA H 540 34.51 -40.45 25.22
N LEU H 541 35.37 -41.32 24.68
CA LEU H 541 35.39 -41.60 23.26
C LEU H 541 34.00 -41.97 22.76
N ASN H 542 33.29 -42.78 23.51
CA ASN H 542 31.96 -43.17 23.08
C ASN H 542 30.97 -42.07 23.25
N ALA H 543 31.10 -41.30 24.32
CA ALA H 543 30.21 -40.19 24.57
C ALA H 543 30.32 -39.23 23.41
N LEU H 544 31.54 -38.82 23.10
CA LEU H 544 31.75 -37.89 22.00
C LEU H 544 31.25 -38.44 20.67
N MET H 545 31.54 -39.71 20.41
CA MET H 545 31.14 -40.36 19.19
C MET H 545 29.65 -40.29 18.98
N GLU H 546 28.89 -40.76 19.97
CA GLU H 546 27.44 -40.74 19.86
C GLU H 546 26.89 -39.33 19.63
N TYR H 547 27.44 -38.37 20.37
CA TYR H 547 27.03 -36.98 20.21
C TYR H 547 27.20 -36.64 18.71
N CYS H 548 28.43 -36.79 18.22
CA CYS H 548 28.74 -36.52 16.83
C CYS H 548 27.75 -37.22 15.88
N ASP H 549 27.47 -38.50 16.11
CA ASP H 549 26.52 -39.19 15.26
C ASP H 549 25.25 -38.35 15.17
N VAL H 550 24.71 -37.97 16.31
CA VAL H 550 23.49 -37.16 16.36
C VAL H 550 23.62 -35.81 15.64
N VAL H 551 24.70 -35.11 15.90
CA VAL H 551 24.88 -33.82 15.26
C VAL H 551 25.06 -33.91 13.74
N LYS H 552 25.67 -34.98 13.26
CA LYS H 552 25.85 -35.11 11.81
C LYS H 552 24.51 -35.41 11.11
N GLN H 553 23.66 -36.19 11.76
CA GLN H 553 22.35 -36.53 11.24
C GLN H 553 21.64 -35.20 11.03
N SER H 554 21.83 -34.30 12.00
CA SER H 554 21.20 -33.00 11.92
C SER H 554 21.70 -32.37 10.68
N ALA H 555 23.02 -32.24 10.59
CA ALA H 555 23.60 -31.63 9.42
C ALA H 555 23.11 -32.26 8.14
N SER H 556 22.91 -33.57 8.13
CA SER H 556 22.45 -34.23 6.92
C SER H 556 21.03 -33.88 6.56
N SER H 557 20.26 -33.49 7.58
CA SER H 557 18.86 -33.12 7.38
C SER H 557 18.70 -31.78 6.67
N THR H 558 19.58 -30.85 6.99
CA THR H 558 19.53 -29.54 6.39
C THR H 558 20.12 -29.48 5.00
N ARG H 559 21.12 -30.31 4.76
CA ARG H 559 21.85 -30.35 3.48
C ARG H 559 22.72 -29.11 3.29
N GLY H 560 23.98 -29.32 2.90
CA GLY H 560 24.86 -28.20 2.70
C GLY H 560 25.21 -27.59 4.03
N ARG H 561 25.53 -28.44 5.00
CA ARG H 561 25.90 -27.96 6.30
C ARG H 561 26.92 -28.83 7.02
N ALA H 562 27.86 -28.16 7.68
CA ALA H 562 28.91 -28.79 8.43
C ALA H 562 28.88 -28.25 9.86
N PHE H 563 29.25 -29.09 10.82
CA PHE H 563 29.28 -28.71 12.22
C PHE H 563 30.70 -28.68 12.80
N VAL H 564 31.04 -27.61 13.51
CA VAL H 564 32.34 -27.58 14.13
C VAL H 564 32.06 -27.92 15.57
N VAL H 565 32.55 -29.07 15.98
CA VAL H 565 32.34 -29.58 17.33
C VAL H 565 33.54 -29.39 18.22
N ASP H 566 33.35 -28.64 19.27
CA ASP H 566 34.43 -28.39 20.20
C ASP H 566 34.69 -29.72 20.94
N CYS H 567 35.94 -30.17 20.96
CA CYS H 567 36.31 -31.44 21.62
C CYS H 567 37.30 -31.23 22.76
N GLN H 568 37.24 -32.10 23.77
CA GLN H 568 38.14 -31.98 24.91
C GLN H 568 39.46 -32.66 24.71
N GLY H 569 40.27 -32.70 25.77
CA GLY H 569 41.57 -33.34 25.69
C GLY H 569 42.77 -32.44 25.88
N GLY H 570 42.59 -31.25 26.45
CA GLY H 570 43.71 -30.34 26.67
C GLY H 570 44.61 -30.15 25.46
N ASN H 571 45.87 -30.53 25.60
CA ASN H 571 46.79 -30.40 24.49
C ASN H 571 46.94 -31.72 23.77
N SER H 572 46.14 -32.70 24.16
CA SER H 572 46.18 -33.99 23.51
C SER H 572 45.07 -34.14 22.49
N GLY H 573 45.45 -34.43 21.26
CA GLY H 573 44.47 -34.64 20.20
C GLY H 573 44.02 -36.09 20.11
N TYR H 574 44.35 -36.88 21.13
CA TYR H 574 43.97 -38.27 21.14
C TYR H 574 42.48 -38.43 20.96
N LEU H 575 41.69 -37.77 21.81
CA LEU H 575 40.25 -37.84 21.72
C LEU H 575 39.69 -37.39 20.36
N ALA H 576 40.10 -36.19 19.91
CA ALA H 576 39.59 -35.71 18.63
C ALA H 576 39.89 -36.68 17.53
N THR H 577 41.09 -37.21 17.55
CA THR H 577 41.50 -38.12 16.51
C THR H 577 40.69 -39.39 16.42
N TYR H 578 40.63 -40.16 17.50
CA TYR H 578 39.85 -41.38 17.41
C TYR H 578 38.38 -41.10 17.20
N ALA H 579 37.84 -40.09 17.86
CA ALA H 579 36.42 -39.75 17.65
C ALA H 579 36.18 -39.57 16.14
N SER H 580 37.02 -38.71 15.58
CA SER H 580 37.00 -38.38 14.18
C SER H 580 37.06 -39.64 13.34
N LEU H 581 37.96 -40.56 13.68
CA LEU H 581 38.06 -41.78 12.91
C LEU H 581 36.82 -42.63 13.05
N ALA H 582 36.21 -42.61 14.23
CA ALA H 582 35.02 -43.39 14.51
C ALA H 582 33.71 -42.90 13.90
N VAL H 583 33.64 -41.62 13.58
CA VAL H 583 32.41 -41.07 13.03
C VAL H 583 32.66 -40.63 11.62
N GLY H 584 33.86 -40.92 11.13
CA GLY H 584 34.21 -40.50 9.80
C GLY H 584 34.15 -38.99 9.66
N ALA H 585 34.74 -38.25 10.60
CA ALA H 585 34.71 -36.80 10.47
C ALA H 585 35.51 -36.44 9.23
N GLN H 586 35.07 -35.39 8.54
CA GLN H 586 35.75 -34.91 7.34
C GLN H 586 37.11 -34.28 7.75
N VAL H 587 37.05 -33.37 8.68
CA VAL H 587 38.26 -32.68 9.13
C VAL H 587 38.34 -32.84 10.62
N SER H 588 39.53 -32.65 11.15
CA SER H 588 39.76 -32.72 12.59
C SER H 588 41.00 -31.89 12.92
N TYR H 589 40.86 -30.94 13.86
CA TYR H 589 41.96 -30.07 14.23
C TYR H 589 42.49 -30.39 15.62
N VAL H 590 43.78 -30.65 15.74
CA VAL H 590 44.32 -30.98 17.07
C VAL H 590 45.36 -29.96 17.61
N PRO H 591 45.58 -29.98 18.93
CA PRO H 591 46.52 -29.06 19.54
C PRO H 591 47.93 -29.18 18.97
N GLU H 592 48.40 -30.40 18.80
CA GLU H 592 49.72 -30.68 18.30
C GLU H 592 49.96 -30.07 16.95
N GLU H 593 48.92 -29.88 16.16
CA GLU H 593 49.07 -29.32 14.82
C GLU H 593 48.62 -27.86 14.68
N GLY H 594 47.54 -27.49 15.35
CA GLY H 594 47.06 -26.13 15.25
C GLY H 594 46.21 -25.95 14.01
N ILE H 595 45.69 -24.75 13.80
CA ILE H 595 44.88 -24.48 12.62
C ILE H 595 45.49 -23.32 11.81
N SER H 596 46.33 -23.66 10.84
CA SER H 596 46.92 -22.63 10.00
C SER H 596 45.83 -22.11 9.07
N LEU H 597 45.82 -20.82 8.83
CA LEU H 597 44.85 -20.26 7.92
C LEU H 597 44.96 -20.95 6.56
N GLU H 598 46.17 -21.35 6.14
CA GLU H 598 46.24 -22.01 4.85
C GLU H 598 45.43 -23.29 4.86
N GLN H 599 45.67 -24.11 5.87
CA GLN H 599 44.97 -25.36 6.00
C GLN H 599 43.46 -25.12 6.00
N LEU H 600 43.03 -24.12 6.78
CA LEU H 600 41.63 -23.79 6.90
C LEU H 600 41.01 -23.45 5.57
N SER H 601 41.78 -22.78 4.72
CA SER H 601 41.27 -22.39 3.43
C SER H 601 41.02 -23.58 2.52
N GLU H 602 41.97 -24.51 2.49
CA GLU H 602 41.82 -25.70 1.69
C GLU H 602 40.68 -26.58 2.18
N ASP H 603 40.57 -26.74 3.49
CA ASP H 603 39.49 -27.54 4.05
C ASP H 603 38.16 -26.94 3.62
N ILE H 604 38.08 -25.62 3.63
CA ILE H 604 36.86 -24.98 3.23
C ILE H 604 36.58 -25.22 1.75
N GLU H 605 37.60 -25.23 0.90
CA GLU H 605 37.33 -25.48 -0.51
C GLU H 605 36.91 -26.92 -0.75
N TYR H 606 37.64 -27.84 -0.12
CA TYR H 606 37.38 -29.26 -0.21
C TYR H 606 35.95 -29.45 0.25
N LEU H 607 35.64 -28.93 1.42
CA LEU H 607 34.30 -29.05 1.95
C LEU H 607 33.34 -28.53 0.87
N ALA H 608 33.62 -27.32 0.41
CA ALA H 608 32.81 -26.68 -0.60
C ALA H 608 32.44 -27.66 -1.69
N GLN H 609 33.44 -28.18 -2.38
CA GLN H 609 33.21 -29.10 -3.44
C GLN H 609 32.41 -30.29 -3.00
N SER H 610 32.74 -30.84 -1.84
CA SER H 610 32.00 -31.99 -1.33
C SER H 610 30.52 -31.79 -1.43
N PHE H 611 30.05 -30.62 -1.02
CA PHE H 611 28.63 -30.33 -1.07
C PHE H 611 28.08 -30.15 -2.47
N GLU H 612 28.91 -29.58 -3.35
CA GLU H 612 28.48 -29.37 -4.73
C GLU H 612 28.26 -30.73 -5.31
N LYS H 613 29.30 -31.55 -5.28
CA LYS H 613 29.22 -32.91 -5.79
C LYS H 613 28.09 -33.73 -5.13
N ALA H 614 27.75 -33.40 -3.88
CA ALA H 614 26.70 -34.10 -3.15
C ALA H 614 25.31 -33.71 -3.63
N GLU H 615 25.22 -32.54 -4.28
CA GLU H 615 23.93 -32.02 -4.75
C GLU H 615 23.03 -31.92 -3.50
N GLY H 616 21.76 -32.25 -3.64
CA GLY H 616 20.89 -32.13 -2.48
C GLY H 616 20.69 -33.42 -1.72
N ARG H 617 21.47 -34.44 -2.08
CA ARG H 617 21.36 -35.74 -1.44
C ARG H 617 21.21 -35.80 0.08
N GLY H 618 20.57 -36.89 0.51
CA GLY H 618 20.24 -37.11 1.91
C GLY H 618 21.17 -37.40 3.06
N ARG H 619 22.37 -37.91 2.85
CA ARG H 619 23.20 -38.17 4.03
C ARG H 619 24.61 -37.62 3.87
N PHE H 620 24.67 -36.35 3.44
CA PHE H 620 25.94 -35.72 3.21
C PHE H 620 26.34 -34.66 4.23
N GLY H 621 25.85 -34.75 5.46
CA GLY H 621 26.24 -33.76 6.46
C GLY H 621 27.72 -33.93 6.73
N LYS H 622 28.44 -32.87 7.11
CA LYS H 622 29.86 -33.01 7.37
C LYS H 622 30.25 -32.52 8.77
N LEU H 623 31.19 -33.21 9.41
CA LEU H 623 31.65 -32.80 10.73
C LEU H 623 33.13 -32.40 10.74
N ILE H 624 33.44 -31.39 11.52
CA ILE H 624 34.81 -30.93 11.67
C ILE H 624 35.01 -31.03 13.17
N LEU H 625 35.81 -31.99 13.63
CA LEU H 625 36.06 -32.11 15.06
C LEU H 625 37.24 -31.20 15.38
N LYS H 626 37.10 -30.37 16.41
CA LYS H 626 38.17 -29.46 16.70
C LYS H 626 38.46 -29.45 18.16
N SER H 627 39.64 -29.93 18.53
CA SER H 627 40.07 -29.92 19.93
C SER H 627 40.12 -28.41 20.24
N THR H 628 39.76 -28.03 21.47
CA THR H 628 39.78 -26.61 21.84
C THR H 628 41.17 -26.03 21.69
N ASN H 629 42.15 -26.67 22.29
CA ASN H 629 43.52 -26.18 22.21
C ASN H 629 44.13 -26.26 20.83
N ALA H 630 43.33 -26.65 19.84
CA ALA H 630 43.84 -26.69 18.47
C ALA H 630 44.00 -25.24 18.06
N SER H 631 43.39 -24.33 18.82
CA SER H 631 43.54 -22.90 18.53
C SER H 631 42.95 -21.96 19.56
N LYS H 632 43.79 -21.16 20.20
CA LYS H 632 43.31 -20.18 21.17
C LYS H 632 42.58 -19.01 20.49
N ALA H 633 42.88 -18.76 19.22
CA ALA H 633 42.28 -17.67 18.48
C ALA H 633 40.94 -18.04 17.86
N LEU H 634 40.84 -19.20 17.22
CA LEU H 634 39.58 -19.60 16.60
C LEU H 634 38.80 -20.65 17.39
N SER H 635 37.69 -20.23 17.98
CA SER H 635 36.85 -21.13 18.76
C SER H 635 35.91 -21.83 17.80
N ALA H 636 35.28 -22.90 18.27
CA ALA H 636 34.33 -23.63 17.43
C ALA H 636 33.34 -22.64 16.81
N THR H 637 32.88 -21.71 17.63
CA THR H 637 31.92 -20.72 17.19
C THR H 637 32.50 -19.86 16.09
N LYS H 638 33.59 -19.17 16.38
CA LYS H 638 34.21 -18.31 15.39
C LYS H 638 34.57 -19.09 14.15
N LEU H 639 35.07 -20.31 14.33
CA LEU H 639 35.47 -21.15 13.22
C LEU H 639 34.28 -21.34 12.27
N ALA H 640 33.12 -21.63 12.85
CA ALA H 640 31.90 -21.82 12.06
C ALA H 640 31.61 -20.55 11.30
N GLU H 641 31.78 -19.41 11.97
CA GLU H 641 31.55 -18.13 11.33
C GLU H 641 32.47 -17.90 10.14
N VAL H 642 33.76 -18.15 10.34
CA VAL H 642 34.73 -17.98 9.28
C VAL H 642 34.39 -18.94 8.11
N ILE H 643 34.18 -20.21 8.40
CA ILE H 643 33.84 -21.14 7.33
C ILE H 643 32.59 -20.67 6.57
N THR H 644 31.54 -20.34 7.32
CA THR H 644 30.31 -19.90 6.69
C THR H 644 30.56 -18.71 5.80
N ALA H 645 31.41 -17.79 6.24
CA ALA H 645 31.72 -16.61 5.46
C ALA H 645 32.47 -17.02 4.25
N GLU H 646 33.60 -17.71 4.47
CA GLU H 646 34.44 -18.19 3.37
C GLU H 646 33.64 -19.05 2.40
N ALA H 647 32.70 -19.81 2.94
CA ALA H 647 31.85 -20.66 2.12
C ALA H 647 31.18 -19.79 1.06
N ASP H 648 30.65 -18.64 1.48
CA ASP H 648 30.02 -17.71 0.58
C ASP H 648 28.73 -18.24 -0.01
N GLY H 649 27.81 -18.69 0.85
CA GLY H 649 26.53 -19.20 0.40
C GLY H 649 26.50 -20.61 -0.16
N ARG H 650 27.64 -21.15 -0.56
CA ARG H 650 27.71 -22.51 -1.12
C ARG H 650 27.32 -23.56 -0.08
N PHE H 651 27.61 -23.28 1.19
CA PHE H 651 27.27 -24.15 2.33
C PHE H 651 27.56 -23.37 3.60
N ASP H 652 27.01 -23.78 4.74
CA ASP H 652 27.33 -23.05 5.97
C ASP H 652 27.85 -23.99 7.06
N ALA H 653 28.08 -23.44 8.25
CA ALA H 653 28.58 -24.23 9.36
C ALA H 653 28.07 -23.68 10.68
N LYS H 654 27.80 -24.58 11.61
CA LYS H 654 27.34 -24.19 12.92
C LYS H 654 28.27 -24.80 13.97
N PRO H 655 28.38 -24.16 15.15
CA PRO H 655 29.25 -24.70 16.19
C PRO H 655 28.50 -25.73 16.98
N ALA H 656 29.22 -26.47 17.81
CA ALA H 656 28.59 -27.47 18.68
C ALA H 656 29.49 -27.67 19.87
N TYR H 657 28.93 -27.52 21.05
CA TYR H 657 29.73 -27.69 22.24
C TYR H 657 29.21 -28.75 23.18
N PRO H 658 29.50 -30.03 22.88
CA PRO H 658 29.04 -31.13 23.73
C PRO H 658 29.51 -30.90 25.18
N GLY H 659 30.64 -30.23 25.29
CA GLY H 659 31.16 -29.89 26.60
C GLY H 659 31.41 -31.02 27.56
N HIS H 660 30.79 -30.93 28.75
CA HIS H 660 31.01 -31.94 29.77
C HIS H 660 30.36 -33.30 29.58
N VAL H 661 29.46 -33.45 28.61
CA VAL H 661 28.89 -34.78 28.42
C VAL H 661 29.99 -35.69 27.96
N GLN H 662 31.13 -35.11 27.64
CA GLN H 662 32.27 -35.87 27.18
C GLN H 662 32.79 -36.79 28.28
N GLN H 663 32.30 -36.61 29.49
CA GLN H 663 32.77 -37.47 30.56
C GLN H 663 31.89 -38.68 30.59
N GLY H 664 30.84 -38.61 29.79
CA GLY H 664 29.93 -39.74 29.71
C GLY H 664 29.13 -39.90 30.97
N GLY H 665 28.32 -40.95 31.03
CA GLY H 665 27.54 -41.15 32.22
C GLY H 665 28.12 -42.35 32.92
N LEU H 666 27.50 -43.50 32.72
CA LEU H 666 27.98 -44.73 33.29
C LEU H 666 29.22 -45.21 32.53
N PRO H 667 30.33 -45.43 33.22
CA PRO H 667 31.54 -45.89 32.53
C PRO H 667 31.28 -47.13 31.66
N SER H 668 32.04 -47.26 30.56
CA SER H 668 31.89 -48.38 29.63
C SER H 668 32.48 -49.69 30.12
N PRO H 669 31.99 -50.83 29.62
CA PRO H 669 32.56 -52.12 30.07
C PRO H 669 34.10 -52.13 29.90
N ILE H 670 34.59 -51.46 28.87
CA ILE H 670 36.00 -51.40 28.69
C ILE H 670 36.57 -50.64 29.89
N ASP H 671 36.15 -49.40 30.11
CA ASP H 671 36.67 -48.66 31.26
C ASP H 671 36.52 -49.36 32.61
N ARG H 672 35.45 -50.10 32.79
CA ARG H 672 35.27 -50.76 34.05
C ARG H 672 36.23 -51.89 34.19
N THR H 673 36.18 -52.85 33.28
CA THR H 673 37.06 -54.00 33.39
C THR H 673 38.51 -53.58 33.41
N ARG H 674 38.90 -52.62 32.58
CA ARG H 674 40.30 -52.18 32.56
C ARG H 674 40.70 -51.51 33.88
N ALA H 675 39.74 -50.90 34.56
CA ALA H 675 40.03 -50.26 35.83
C ALA H 675 40.36 -51.35 36.83
N THR H 676 39.55 -52.39 36.90
CA THR H 676 39.88 -53.41 37.88
C THR H 676 41.20 -54.10 37.56
N ARG H 677 41.60 -54.11 36.30
CA ARG H 677 42.86 -54.73 35.92
C ARG H 677 43.98 -53.82 36.41
N MET H 678 43.88 -52.54 36.11
CA MET H 678 44.89 -51.61 36.56
C MET H 678 45.01 -51.56 38.09
N ALA H 679 43.88 -51.55 38.79
CA ALA H 679 43.84 -51.49 40.26
C ALA H 679 44.63 -52.64 40.83
N ILE H 680 44.25 -53.84 40.41
CA ILE H 680 44.91 -55.04 40.88
C ILE H 680 46.40 -55.08 40.59
N LYS H 681 46.84 -54.60 39.43
CA LYS H 681 48.25 -54.65 39.19
C LYS H 681 48.99 -53.63 40.02
N ALA H 682 48.26 -52.66 40.53
CA ALA H 682 48.83 -51.61 41.36
C ALA H 682 49.01 -52.12 42.77
N VAL H 683 48.01 -52.86 43.27
CA VAL H 683 48.10 -53.43 44.59
C VAL H 683 49.33 -54.34 44.55
N GLY H 684 49.43 -55.08 43.44
CA GLY H 684 50.56 -55.99 43.24
C GLY H 684 51.89 -55.25 43.28
N PHE H 685 51.94 -54.05 42.73
CA PHE H 685 53.17 -53.25 42.72
C PHE H 685 53.53 -52.83 44.12
N ILE H 686 52.51 -52.48 44.91
CA ILE H 686 52.74 -52.06 46.28
C ILE H 686 53.39 -53.18 47.08
N LYS H 687 52.83 -54.38 47.00
CA LYS H 687 53.39 -55.48 47.77
C LYS H 687 54.75 -55.87 47.24
N ASP H 688 54.89 -55.88 45.92
CA ASP H 688 56.16 -56.24 45.30
C ASP H 688 57.29 -55.24 45.52
N ASN H 689 56.98 -54.06 46.04
CA ASN H 689 58.03 -53.08 46.30
C ASN H 689 58.19 -52.70 47.76
N GLN H 690 57.73 -53.55 48.67
CA GLN H 690 57.85 -53.26 50.09
C GLN H 690 59.29 -53.43 50.50
N ALA H 691 59.93 -54.48 50.01
CA ALA H 691 61.31 -54.78 50.33
C ALA H 691 62.24 -53.58 50.32
N ALA H 692 62.65 -53.14 49.13
CA ALA H 692 63.55 -52.02 48.99
C ALA H 692 63.37 -50.89 49.99
N ILE H 693 62.57 -49.89 49.64
CA ILE H 693 62.38 -48.75 50.54
C ILE H 693 62.14 -49.12 52.00
N ALA H 694 61.77 -50.37 52.26
CA ALA H 694 61.53 -50.79 53.64
C ALA H 694 62.84 -50.95 54.41
N GLU H 695 63.66 -51.90 53.97
CA GLU H 695 64.95 -52.18 54.63
C GLU H 695 65.84 -50.94 54.64
N ALA H 696 65.33 -49.86 54.08
CA ALA H 696 66.06 -48.62 54.03
C ALA H 696 65.24 -47.56 54.76
N ARG H 697 63.90 -47.68 54.72
CA ARG H 697 63.02 -46.72 55.41
C ARG H 697 63.31 -46.79 56.92
N ALA H 698 64.53 -47.21 57.25
CA ALA H 698 64.99 -47.28 58.63
C ALA H 698 64.98 -45.85 59.19
N ALA H 699 65.98 -45.54 60.00
CA ALA H 699 66.10 -44.20 60.57
C ALA H 699 66.30 -43.24 59.40
N GLU H 700 65.61 -42.10 59.42
CA GLU H 700 65.73 -41.11 58.35
C GLU H 700 67.18 -40.60 58.18
N GLU H 701 68.13 -41.52 58.42
CA GLU H 701 69.56 -41.22 58.32
C GLU H 701 70.00 -41.20 56.85
N ASN H 702 71.29 -40.91 56.66
CA ASN H 702 71.91 -40.82 55.34
C ASN H 702 71.78 -42.13 54.59
N PHE H 703 70.87 -42.97 55.08
CA PHE H 703 70.59 -44.25 54.44
C PHE H 703 69.51 -44.09 53.35
N ASN H 704 69.02 -42.85 53.20
CA ASN H 704 68.01 -42.52 52.18
C ASN H 704 68.67 -41.55 51.20
N ALA H 705 68.64 -41.92 49.91
CA ALA H 705 69.20 -41.12 48.82
C ALA H 705 68.32 -41.12 47.57
N ASP H 706 68.98 -40.98 46.42
CA ASP H 706 68.33 -40.97 45.11
C ASP H 706 68.87 -42.09 44.23
N ASP H 707 68.67 -43.32 44.65
CA ASP H 707 69.14 -44.44 43.86
C ASP H 707 67.94 -45.05 43.16
N LYS H 708 68.11 -45.29 41.87
CA LYS H 708 67.05 -45.89 41.07
C LYS H 708 66.29 -46.96 41.90
N THR H 709 67.00 -47.80 42.65
CA THR H 709 66.30 -48.81 43.44
C THR H 709 65.25 -48.25 44.40
N ILE H 710 65.46 -47.06 44.97
CA ILE H 710 64.45 -46.52 45.86
C ILE H 710 63.48 -45.67 45.08
N SER H 711 63.99 -44.95 44.09
CA SER H 711 63.10 -44.09 43.31
C SER H 711 62.09 -44.95 42.55
N ASP H 712 62.55 -46.08 42.03
CA ASP H 712 61.69 -46.97 41.26
C ASP H 712 60.55 -47.63 42.02
N THR H 713 60.17 -47.07 43.15
CA THR H 713 59.06 -47.63 43.90
C THR H 713 57.93 -46.61 43.80
N ALA H 714 58.21 -45.53 43.07
CA ALA H 714 57.25 -44.46 42.83
C ALA H 714 57.09 -44.41 41.31
N ALA H 715 56.15 -45.19 40.79
CA ALA H 715 55.95 -45.27 39.35
C ALA H 715 54.50 -45.16 38.90
N VAL H 716 54.32 -45.22 37.58
CA VAL H 716 53.00 -45.14 36.96
C VAL H 716 52.71 -46.47 36.29
N VAL H 717 51.61 -47.12 36.67
CA VAL H 717 51.23 -48.40 36.08
C VAL H 717 50.74 -47.99 34.72
N GLY H 718 51.46 -48.39 33.69
CA GLY H 718 51.03 -48.02 32.35
C GLY H 718 50.60 -49.24 31.59
N VAL H 719 50.39 -49.07 30.30
CA VAL H 719 49.99 -50.14 29.44
C VAL H 719 50.50 -49.87 28.03
N LYS H 720 51.08 -50.88 27.41
CA LYS H 720 51.54 -50.78 26.03
C LYS H 720 50.84 -51.92 25.32
N GLY H 721 49.67 -51.64 24.74
CA GLY H 721 48.91 -52.69 24.08
C GLY H 721 48.63 -53.91 24.96
N SER H 722 47.60 -53.83 25.82
CA SER H 722 47.24 -54.94 26.69
C SER H 722 48.43 -55.48 27.51
N HIS H 723 49.43 -54.63 27.71
CA HIS H 723 50.64 -55.05 28.40
C HIS H 723 50.79 -54.88 29.91
N VAL H 724 51.00 -53.62 30.30
CA VAL H 724 51.25 -53.20 31.69
C VAL H 724 52.75 -53.10 31.89
N VAL H 725 53.19 -51.86 32.05
CA VAL H 725 54.57 -51.51 32.24
C VAL H 725 54.63 -50.71 33.52
N TYR H 726 55.83 -50.41 34.00
CA TYR H 726 55.96 -49.60 35.19
C TYR H 726 57.09 -48.65 34.92
N ASN H 727 56.97 -47.39 35.30
CA ASN H 727 58.05 -46.44 35.06
C ASN H 727 58.10 -45.45 36.18
N SER H 728 59.31 -45.23 36.68
CA SER H 728 59.52 -44.31 37.78
C SER H 728 58.97 -42.95 37.40
N ILE H 729 58.31 -42.32 38.36
CA ILE H 729 57.77 -40.99 38.12
C ILE H 729 58.98 -40.14 37.75
N ARG H 730 60.12 -40.45 38.35
CA ARG H 730 61.35 -39.70 38.05
C ARG H 730 61.70 -39.79 36.57
N GLN H 731 61.70 -41.00 36.03
CA GLN H 731 62.03 -41.20 34.62
C GLN H 731 61.10 -40.39 33.73
N LEU H 732 59.80 -40.60 33.91
CA LEU H 732 58.76 -39.92 33.13
C LEU H 732 58.79 -38.40 33.27
N TYR H 733 58.72 -37.94 34.51
CA TYR H 733 58.69 -36.51 34.78
C TYR H 733 59.92 -35.77 34.26
N ASP H 734 61.08 -36.40 34.38
CA ASP H 734 62.33 -35.77 33.96
C ASP H 734 62.78 -35.90 32.50
N TYR H 735 62.32 -36.92 31.79
CA TYR H 735 62.74 -37.07 30.40
C TYR H 735 61.62 -37.25 29.37
N GLU H 736 60.47 -37.77 29.82
CA GLU H 736 59.35 -38.05 28.93
C GLU H 736 58.13 -37.18 29.10
N THR H 737 58.25 -36.12 29.89
CA THR H 737 57.11 -35.25 30.10
C THR H 737 57.38 -33.83 29.62
N GLU H 738 56.31 -33.18 29.19
CA GLU H 738 56.37 -31.79 28.75
C GLU H 738 55.47 -31.10 29.78
N VAL H 739 55.82 -31.29 31.05
CA VAL H 739 55.08 -30.75 32.20
C VAL H 739 54.51 -29.34 32.02
N SER H 740 55.24 -28.49 31.29
CA SER H 740 54.78 -27.14 31.02
C SER H 740 53.38 -27.13 30.37
N MET H 741 53.07 -28.17 29.61
CA MET H 741 51.78 -28.27 28.93
C MET H 741 50.98 -29.50 29.32
N ARG H 742 51.25 -30.02 30.49
CA ARG H 742 50.55 -31.19 31.03
C ARG H 742 50.38 -32.42 30.13
N MET H 743 51.46 -32.87 29.49
CA MET H 743 51.36 -34.06 28.66
C MET H 743 52.68 -34.61 28.11
N PRO H 744 52.67 -35.88 27.67
CA PRO H 744 53.85 -36.56 27.12
C PRO H 744 54.58 -35.81 26.03
N LYS H 745 55.91 -35.96 26.01
CA LYS H 745 56.73 -35.28 25.03
C LYS H 745 56.52 -35.89 23.65
N VAL H 746 56.27 -37.20 23.60
CA VAL H 746 56.06 -37.90 22.34
C VAL H 746 54.60 -38.35 22.19
N ILE H 747 53.98 -38.06 21.05
CA ILE H 747 52.58 -38.46 20.78
C ILE H 747 52.59 -39.78 20.02
N HIS H 748 51.76 -40.73 20.45
CA HIS H 748 51.75 -42.06 19.82
C HIS H 748 50.65 -42.44 18.84
N TRP H 749 49.97 -41.47 18.24
CA TRP H 749 48.88 -41.78 17.33
C TRP H 749 48.89 -40.94 16.06
N GLN H 750 50.00 -40.24 15.78
CA GLN H 750 50.08 -39.38 14.59
C GLN H 750 49.86 -40.16 13.30
N ALA H 751 50.06 -41.46 13.35
CA ALA H 751 49.91 -42.27 12.15
C ALA H 751 48.46 -42.50 11.73
N THR H 752 47.59 -42.73 12.70
CA THR H 752 46.19 -42.97 12.40
C THR H 752 45.49 -41.66 11.92
N ARG H 753 46.04 -40.51 12.30
CA ARG H 753 45.53 -39.22 11.86
C ARG H 753 45.51 -39.30 10.34
N LEU H 754 46.57 -39.86 9.76
CA LEU H 754 46.69 -39.98 8.31
C LEU H 754 45.68 -40.95 7.73
N ILE H 755 45.56 -42.12 8.37
CA ILE H 755 44.64 -43.13 7.92
C ILE H 755 43.29 -42.45 7.80
N ALA H 756 42.98 -41.67 8.84
CA ALA H 756 41.73 -40.95 8.91
C ALA H 756 41.48 -40.08 7.68
N ASP H 757 42.45 -39.24 7.34
CA ASP H 757 42.29 -38.38 6.17
C ASP H 757 42.03 -39.17 4.90
N HIS H 758 42.76 -40.27 4.73
CA HIS H 758 42.59 -41.08 3.53
C HIS H 758 41.17 -41.63 3.40
N LEU H 759 40.65 -42.21 4.49
CA LEU H 759 39.33 -42.81 4.46
C LEU H 759 38.24 -41.86 4.09
N VAL H 760 38.50 -40.59 4.31
CA VAL H 760 37.52 -39.59 4.02
C VAL H 760 37.94 -38.70 2.81
N GLY H 761 39.12 -38.95 2.28
CA GLY H 761 39.61 -38.22 1.12
C GLY H 761 40.13 -36.81 1.31
N ARG H 762 40.67 -36.48 2.50
CA ARG H 762 41.19 -35.15 2.80
C ARG H 762 42.68 -35.05 2.52
N LYS H 763 43.16 -33.90 2.07
CA LYS H 763 44.57 -33.74 1.74
C LYS H 763 45.54 -33.46 2.90
N ARG H 764 45.89 -32.20 3.19
CA ARG H 764 46.86 -31.93 4.26
C ARG H 764 46.54 -32.36 5.71
O1 F6P I . -59.31 22.58 21.61
C1 F6P I . -58.75 23.52 22.49
C2 F6P I . -58.96 24.94 21.97
O2 F6P I . -58.42 25.08 20.64
C3 F6P I . -58.30 25.93 22.96
O3 F6P I . -57.01 26.37 22.55
C4 F6P I . -59.34 27.06 23.07
O4 F6P I . -59.25 27.72 24.34
C5 F6P I . -60.68 26.32 22.83
O5 F6P I . -60.36 25.23 21.94
C6 F6P I . -61.71 27.25 22.18
O6 F6P I . -62.93 26.54 21.97
P F6P I . -63.98 27.54 21.26
O1P F6P I . -63.61 28.75 20.48
O2P F6P I . -65.43 26.92 20.95
O3P F6P I . -63.57 26.74 19.94
P1 FDP J . -27.82 14.31 -0.45
O1P FDP J . -27.02 14.46 0.80
O2P FDP J . -28.43 12.83 -0.58
O3P FDP J . -26.91 14.53 -1.77
O1 FDP J . -31.58 14.40 -3.04
C1 FDP J . -30.79 14.25 -1.85
C2 FDP J . -29.88 15.47 -1.71
O2 FDP J . -29.03 15.36 -0.55
C3 FDP J . -30.68 16.77 -1.60
O3 FDP J . -30.71 17.21 -0.23
C4 FDP J . -29.82 17.74 -2.40
O4 FDP J . -30.64 18.83 -2.81
C5 FDP J . -29.44 16.81 -3.55
O5 FDP J . -29.08 15.58 -2.90
C6 FDP J . -28.26 17.30 -4.38
O6 FDP J . -28.47 18.61 -4.93
P2 FDP J . -27.25 19.34 -5.68
O4P FDP J . -27.20 18.95 -7.10
O5P FDP J . -27.46 20.92 -5.48
O6P FDP J . -25.92 18.94 -4.87
O1 F6P K . -51.38 52.68 8.02
C1 F6P K . -52.76 52.34 8.18
C2 F6P K . -52.89 51.17 9.16
O2 F6P K . -52.21 50.01 8.69
C3 F6P K . -54.35 50.79 9.41
O3 F6P K . -54.82 49.80 8.48
C4 F6P K . -54.29 50.34 10.90
O4 F6P K . -55.57 50.44 11.54
C5 F6P K . -53.21 51.32 11.47
O5 F6P K . -52.30 51.50 10.39
C6 F6P K . -52.37 50.72 12.56
O6 F6P K . -51.45 51.74 12.95
P F6P K . -50.43 51.18 14.05
O1P F6P K . -49.64 50.08 13.44
O2P F6P K . -49.43 52.35 14.49
O3P F6P K . -51.24 50.59 15.35
P1 FDP L . -51.51 26.64 -22.22
O1P FDP L . -52.76 26.57 -23.01
O2P FDP L . -51.51 27.88 -21.21
O3P FDP L . -50.22 26.84 -23.17
O1 FDP L . -47.94 26.02 -19.86
C1 FDP L . -48.96 26.03 -20.87
C2 FDP L . -50.18 25.22 -20.39
O2 FDP L . -51.27 25.33 -21.31
C3 FDP L . -50.59 25.67 -18.98
O3 FDP L . -51.87 26.31 -19.07
C4 FDP L . -50.74 24.34 -18.25
O4 FDP L . -50.42 24.55 -16.88
C5 FDP L . -49.63 23.54 -18.93
O5 FDP L . -49.84 23.83 -20.31
C6 FDP L . -49.71 22.02 -18.72
O6 FDP L . -50.85 21.48 -19.40
P2 FDP L . -50.96 19.91 -19.72
O4P FDP L . -52.07 19.61 -20.64
O5P FDP L . -49.53 19.44 -20.31
O6P FDP L . -51.11 19.19 -18.29
O1 F6P M . -2.08 1.55 -66.35
C1 F6P M . -1.72 0.16 -66.31
C2 F6P M . -2.86 -0.75 -66.76
O2 F6P M . -4.04 -0.55 -65.97
C3 F6P M . -2.43 -2.21 -66.69
O3 F6P M . -2.74 -2.82 -65.44
C4 F6P M . -3.16 -2.84 -67.87
O4 F6P M . -2.50 -4.04 -68.29
C5 F6P M . -3.15 -1.69 -68.91
O5 F6P M . -3.23 -0.50 -68.12
C6 F6P M . -4.41 -1.73 -69.77
O6 F6P M . -4.34 -0.66 -70.72
P F6P M . -5.69 -0.65 -71.60
O1P F6P M . -6.84 -0.35 -70.74
O2P F6P M . -5.61 0.51 -72.70
O3P F6P M . -5.91 -2.10 -72.27
P1 FDP N . -12.31 0.98 -28.29
O1P FDP N . -11.80 0.02 -27.30
O2P FDP N . -11.67 0.71 -29.74
O3P FDP N . -11.93 2.50 -27.91
O1 FDP N . -14.91 3.86 -30.43
C1 FDP N . -14.08 3.11 -29.55
C2 FDP N . -14.66 1.70 -29.41
O2 FDP N . -13.92 0.92 -28.46
C3 FDP N . -14.72 0.98 -30.76
O3 FDP N . -13.57 0.15 -30.94
C4 FDP N . -15.95 0.09 -30.54
O4 FDP N . -16.47 -0.35 -31.80
C5 FDP N . -16.86 1.12 -29.89
O5 FDP N . -16.01 1.80 -28.94
C6 FDP N . -18.10 0.49 -29.25
O6 FDP N . -17.72 -0.50 -28.28
P2 FDP N . -18.84 -1.40 -27.56
O4P FDP N . -19.97 -0.58 -27.06
O5P FDP N . -19.29 -2.54 -28.61
O6P FDP N . -18.09 -2.17 -26.37
O1 F6P O . -26.87 -22.11 -64.57
C1 F6P O . -26.76 -21.32 -65.74
C2 F6P O . -25.37 -20.68 -65.82
O2 F6P O . -25.12 -19.84 -64.70
C3 F6P O . -25.21 -19.84 -67.07
O3 F6P O . -25.47 -18.47 -66.78
C4 F6P O . -23.76 -20.15 -67.47
O4 F6P O . -23.56 -19.98 -68.88
C5 F6P O . -23.56 -21.62 -66.96
O5 F6P O . -24.40 -21.70 -65.82
C6 F6P O . -22.12 -21.87 -66.47
O6 F6P O . -22.06 -23.24 -66.04
P F6P O . -20.59 -23.57 -65.48
O1P F6P O . -20.30 -22.73 -64.31
O2P F6P O . -20.53 -25.10 -65.04
O3P F6P O . -19.49 -23.28 -66.61
P1 FDP P . -40.85 9.26 -45.50
O1P FDP P . -41.57 10.23 -46.37
O2P FDP P . -40.55 7.89 -46.28
O3P FDP P . -41.73 8.85 -44.21
O1 FDP P . -38.16 7.29 -42.58
C1 FDP P . -39.14 7.95 -43.38
C2 FDP P . -38.48 9.03 -44.24
O2 FDP P . -39.43 9.80 -44.98
C3 FDP P . -37.43 8.39 -45.15
O3 FDP P . -37.92 8.32 -46.49
C4 FDP P . -36.28 9.41 -45.08
O4 FDP P . -35.05 8.71 -45.32
C5 FDP P . -36.38 9.80 -43.62
O5 FDP P . -37.79 9.94 -43.36
C6 FDP P . -35.62 11.07 -43.27
O6 FDP P . -36.22 12.19 -43.94
P2 FDP P . -35.73 13.69 -43.65
O4P FDP P . -36.34 14.27 -42.44
O5P FDP P . -34.12 13.66 -43.59
O6P FDP P . -36.12 14.50 -44.99
O1 F6P Q . 58.18 31.06 7.57
C1 F6P Q . 57.51 32.23 7.93
C2 F6P Q . 57.77 32.58 9.41
O2 F6P Q . 57.39 31.51 10.25
C3 F6P Q . 56.99 33.84 9.74
O3 F6P Q . 55.73 33.57 10.38
C4 F6P Q . 57.96 34.66 10.61
O4 F6P Q . 57.77 36.06 10.38
C5 F6P Q . 59.36 34.15 10.16
O5 F6P Q . 59.13 32.82 9.63
C6 F6P Q . 60.29 34.00 11.36
O6 F6P Q . 61.57 33.56 10.90
P F6P Q . 62.55 33.32 12.14
O1P F6P Q . 61.98 32.24 12.98
O2P F6P Q . 63.97 32.89 11.57
O3P F6P Q . 62.70 34.65 13.04
P1 FDP R . 27.30 7.66 13.27
O1P FDP R . 28.25 8.66 12.74
O2P FDP R . 27.22 6.33 12.34
O3P FDP R . 25.79 8.24 13.26
O1 FDP R . 30.69 5.17 14.57
C1 FDP R . 29.47 5.76 14.09
C2 FDP R . 28.81 6.57 15.21
O2 FDP R . 27.60 7.18 14.77
C3 FDP R . 29.81 7.59 15.78
O3 FDP R . 29.60 8.88 15.20
C4 FDP R . 29.40 7.60 17.26
O4 FDP R . 30.51 8.08 18.05
C5 FDP R . 29.22 6.10 17.45
O5 FDP R . 28.49 5.68 16.29
C6 FDP R . 28.52 5.74 18.76
O6 FDP R . 27.24 6.36 18.87
P2 FDP R . 26.32 6.11 20.17
O4P FDP R . 24.90 5.84 19.83
O5P FDP R . 26.97 4.88 20.98
O6P FDP R . 26.51 7.43 21.06
O1 F6P S . 49.91 35.94 40.32
C1 F6P S . 51.26 36.03 39.87
C2 F6P S . 51.39 36.23 38.36
O2 F6P S . 50.78 35.20 37.60
C3 F6P S . 52.86 36.31 38.00
O3 F6P S . 53.37 35.08 37.50
C4 F6P S . 52.93 37.46 36.99
O4 F6P S . 54.16 38.17 37.17
C5 F6P S . 51.70 38.31 37.34
O5 F6P S . 50.78 37.43 37.96
C6 F6P S . 51.00 38.87 36.12
O6 F6P S . 49.88 39.63 36.63
P F6P S . 49.08 40.25 35.42
O1P F6P S . 48.53 39.14 34.63
O2P F6P S . 47.88 41.12 35.95
O3P F6P S . 50.04 41.14 34.48
P1 FDP T . 50.81 -3.07 35.79
O1P FDP T . 50.22 -2.79 37.11
O2P FDP T . 50.40 -4.52 35.23
O3P FDP T . 52.43 -3.06 35.84
O1 FDP T . 47.60 -1.08 34.26
C1 FDP T . 48.08 -2.41 33.99
C2 FDP T . 49.55 -2.40 33.56
O2 FDP T . 50.39 -2.01 34.65
C3 FDP T . 49.79 -1.47 32.37
O3 FDP T . 51.01 -0.75 32.58
C4 FDP T . 49.97 -2.43 31.19
O4 FDP T . 49.22 -1.94 30.07
C5 FDP T . 49.35 -3.70 31.76
O5 FDP T . 49.86 -3.70 33.09
C6 FDP T . 49.67 -4.98 30.99
O6 FDP T . 49.59 -4.76 29.58
P2 FDP T . 50.96 -4.49 28.78
O4P FDP T . 51.30 -3.05 28.69
O5P FDP T . 52.10 -5.34 29.53
O6P FDP T . 50.74 -5.17 27.34
O1 F6P U . 3.87 -55.16 37.23
C1 F6P U . 3.36 -55.96 36.19
C2 F6P U . 4.47 -56.85 35.63
O2 F6P U . 5.57 -56.09 35.18
C3 F6P U . 3.84 -57.70 34.51
O3 F6P U . 4.19 -57.25 33.22
C4 F6P U . 4.33 -59.14 34.81
O4 F6P U . 3.37 -60.14 34.46
C5 F6P U . 4.63 -59.05 36.31
O5 F6P U . 4.92 -57.70 36.65
C6 F6P U . 5.79 -59.96 36.69
O6 F6P U . 6.04 -59.77 38.07
P F6P U . 7.18 -60.74 38.53
O1P F6P U . 8.09 -61.44 37.62
O2P F6P U . 7.60 -60.59 40.07
O3P F6P U . 8.12 -59.45 38.29
P1 FDP V . 13.16 -23.40 16.71
O1P FDP V . 12.56 -24.61 17.29
O2P FDP V . 12.80 -22.06 17.52
O3P FDP V . 12.63 -23.14 15.21
O1 FDP V . 16.19 -23.58 19.97
C1 FDP V . 15.19 -23.29 18.99
C2 FDP V . 15.64 -23.87 17.64
O2 FDP V . 14.77 -23.46 16.58
C3 FDP V . 15.75 -25.39 17.70
O3 FDP V . 14.55 -26.00 17.21
C4 FDP V . 16.89 -25.63 16.70
O4 FDP V . 17.47 -26.91 16.93
C5 FDP V . 17.82 -24.51 17.14
O5 FDP V . 16.96 -23.37 17.34
C6 FDP V . 18.92 -24.22 16.12
O6 FDP V . 18.36 -23.91 14.84
P2 FDP V . 19.32 -23.75 13.56
O4P FDP V . 18.69 -22.97 12.48
O5P FDP V . 20.68 -23.06 14.09
O6P FDP V . 19.70 -25.24 13.11
O1 F6P W . 27.75 -65.72 16.41
C1 F6P W . 27.64 -66.35 17.66
C2 F6P W . 26.25 -66.14 18.26
O2 F6P W . 25.93 -64.77 18.44
C3 F6P W . 26.19 -66.84 19.61
O3 F6P W . 26.34 -65.92 20.70
C4 F6P W . 24.82 -67.58 19.58
O4 F6P W . 24.91 -68.82 20.27
C5 F6P W . 24.54 -67.78 18.06
O5 F6P W . 25.29 -66.74 17.40
C6 F6P W . 23.08 -67.56 17.70
O6 F6P W . 22.99 -67.86 16.31
P F6P W . 21.51 -67.62 15.77
O1P F6P W . 21.26 -66.18 15.89
O2P F6P W . 21.46 -68.04 14.24
O3P F6P W . 20.42 -68.44 16.61
P1 FDP X . 42.50 -33.02 31.98
O1P FDP X . 43.23 -32.79 30.71
O2P FDP X . 42.29 -31.66 32.82
O3P FDP X . 43.30 -34.02 32.95
O1 FDP X . 41.18 -31.03 30.31
C1 FDP X . 40.25 -32.09 30.07
C2 FDP X . 39.93 -32.85 31.36
O2 FDP X . 41.04 -33.65 31.79
C3 FDP X . 38.70 -33.75 31.16
O3 FDP X . 38.99 -35.05 31.69
C4 FDP X . 37.63 -33.09 32.02
O4 FDP X . 36.38 -33.08 31.33
C5 FDP X . 38.18 -31.66 32.13
O5 FDP X . 39.57 -31.91 32.39
C6 FDP X . 37.47 -30.89 33.26
O6 FDP X . 38.06 -29.60 33.44
P2 FDP X . 37.64 -28.72 34.72
O4P FDP X . 36.17 -28.65 34.89
O5P FDP X . 38.37 -29.39 36.00
O6P FDP X . 38.34 -27.28 34.50
#